data_8CDA
#
_entry.id   8CDA
#
_cell.length_a   131.910
_cell.length_b   134.180
_cell.length_c   206.800
_cell.angle_alpha   90.000
_cell.angle_beta   90.680
_cell.angle_gamma   90.000
#
_symmetry.space_group_name_H-M   'P 1 21 1'
#
loop_
_entity.id
_entity.type
_entity.pdbx_description
1 polymer 'Probable monooxygenase'
2 non-polymer 'PHOSPHATE ION'
3 non-polymer GLYCEROL
4 water water
#
_entity_poly.entity_id   1
_entity_poly.type   'polypeptide(L)'
_entity_poly.pdbx_seq_one_letter_code
;GMTTATTSPVHAYQGVSDTEFSEWEQVAARVAGELSATALTRDRANQNPIAEIELLRRYGLLSFATAREFGGAGGSLVQA
LQLGRIIAAADGSIGQLLVYHYSNGVWTYILGSPTQREYISRGVGGHGWFQGSVSNPRDPGITVTRTEEGYRVNGKRTFA
TGVAVADLITVLLYEAEPINAIIPSERDGLRFNDDWDNLGQRLTASGSVEFDNVLLRHDEVLTGLDEYSGLDGSRERRDG
LRALFSQLIFVHLYLGIAEGALAAGVAYIRDKGRPWPEAHSTDVTEDPYHQQLLGRLSAGIAAGVALADSATKEFEQALA
FGEAPTEAQWGALAIRVDQAKSVATEISLDVTHNIYQATGARSTANSVGLDIYWRNARTHTTHDPLPYRQREIGRHLLTD
QWPSPRSLNGLGRLAETTQGKKP
;
_entity_poly.pdbx_strand_id   A,B,C,D,E,F,G,H,I,J,K,L,M,N,O,P
#
loop_
_chem_comp.id
_chem_comp.type
_chem_comp.name
_chem_comp.formula
GOL non-polymer GLYCEROL 'C3 H8 O3'
PO4 non-polymer 'PHOSPHATE ION' 'O4 P -3'
#
# COMPACT_ATOMS: atom_id res chain seq x y z
N HIS A 11 51.17 42.85 -64.61
CA HIS A 11 49.99 42.43 -63.86
C HIS A 11 49.14 43.63 -63.43
N ALA A 12 47.97 43.35 -62.85
CA ALA A 12 47.12 44.39 -62.32
C ALA A 12 47.57 44.78 -60.91
N TYR A 13 47.00 45.87 -60.40
CA TYR A 13 47.32 46.39 -59.06
C TYR A 13 48.82 46.68 -58.92
N GLN A 14 49.33 47.48 -59.86
CA GLN A 14 50.76 47.76 -59.90
C GLN A 14 51.18 48.67 -58.75
N GLY A 15 50.37 49.65 -58.42
CA GLY A 15 50.71 50.58 -57.36
C GLY A 15 51.14 51.93 -57.89
N VAL A 16 50.92 52.97 -57.08
CA VAL A 16 51.40 54.30 -57.38
C VAL A 16 52.66 54.56 -56.56
N SER A 17 53.39 55.61 -56.92
CA SER A 17 54.61 55.96 -56.20
C SER A 17 54.29 56.42 -54.78
N ASP A 18 55.34 56.47 -53.96
CA ASP A 18 55.17 56.92 -52.58
C ASP A 18 54.69 58.37 -52.52
N THR A 19 55.25 59.22 -53.39
CA THR A 19 54.86 60.63 -53.40
C THR A 19 53.40 60.79 -53.81
N GLU A 20 52.97 60.04 -54.82
CA GLU A 20 51.59 60.16 -55.28
C GLU A 20 50.60 59.57 -54.27
N PHE A 21 50.99 58.50 -53.58
CA PHE A 21 50.10 57.92 -52.58
C PHE A 21 49.86 58.87 -51.42
N SER A 22 50.88 59.65 -51.04
CA SER A 22 50.68 60.69 -50.03
C SER A 22 49.57 61.64 -50.43
N GLU A 23 49.48 61.96 -51.72
CA GLU A 23 48.41 62.83 -52.20
C GLU A 23 47.06 62.12 -52.14
N TRP A 24 47.03 60.84 -52.48
CA TRP A 24 45.78 60.09 -52.34
C TRP A 24 45.36 59.92 -50.89
N GLU A 25 46.33 59.87 -49.97
CA GLU A 25 45.97 59.87 -48.55
C GLU A 25 45.34 61.18 -48.13
N GLN A 26 45.81 62.29 -48.70
CA GLN A 26 45.19 63.58 -48.43
C GLN A 26 43.78 63.65 -49.02
N VAL A 27 43.56 63.03 -50.17
CA VAL A 27 42.22 62.93 -50.73
C VAL A 27 41.30 62.16 -49.78
N ALA A 28 41.75 60.99 -49.32
CA ALA A 28 40.95 60.21 -48.40
C ALA A 28 40.69 60.96 -47.11
N ALA A 29 41.70 61.68 -46.60
CA ALA A 29 41.51 62.47 -45.38
C ALA A 29 40.48 63.56 -45.60
N ARG A 30 40.47 64.19 -46.78
CA ARG A 30 39.46 65.18 -47.09
C ARG A 30 38.07 64.56 -47.12
N VAL A 31 37.93 63.38 -47.73
CA VAL A 31 36.63 62.71 -47.77
C VAL A 31 36.23 62.26 -46.36
N ALA A 32 37.21 61.81 -45.58
CA ALA A 32 36.92 61.35 -44.22
C ALA A 32 36.37 62.47 -43.35
N GLY A 33 36.93 63.68 -43.48
CA GLY A 33 36.46 64.78 -42.66
C GLY A 33 35.01 65.13 -42.92
N GLU A 34 34.61 65.12 -44.20
CA GLU A 34 33.22 65.44 -44.54
C GLU A 34 32.28 64.32 -44.12
N LEU A 35 32.66 63.07 -44.36
CA LEU A 35 31.85 61.95 -43.90
C LEU A 35 31.73 61.94 -42.38
N SER A 36 32.82 62.28 -41.69
CA SER A 36 32.80 62.21 -40.23
C SER A 36 31.84 63.22 -39.63
N ALA A 37 31.70 64.40 -40.26
CA ALA A 37 30.86 65.45 -39.71
C ALA A 37 29.37 65.15 -39.88
N THR A 38 29.01 64.27 -40.82
CA THR A 38 27.62 63.91 -41.06
C THR A 38 27.32 62.46 -40.74
N ALA A 39 28.24 61.75 -40.06
CA ALA A 39 28.06 60.32 -39.85
C ALA A 39 26.85 60.03 -38.97
N LEU A 40 26.66 60.79 -37.88
CA LEU A 40 25.57 60.49 -36.96
C LEU A 40 24.21 60.78 -37.59
N THR A 41 24.07 61.93 -38.26
CA THR A 41 22.81 62.26 -38.89
C THR A 41 22.43 61.24 -39.95
N ARG A 42 23.40 60.87 -40.81
CA ARG A 42 23.11 59.90 -41.86
C ARG A 42 22.81 58.52 -41.29
N ASP A 43 23.55 58.11 -40.26
CA ASP A 43 23.32 56.81 -39.66
C ASP A 43 21.89 56.71 -39.11
N ARG A 44 21.41 57.76 -38.46
CA ARG A 44 20.06 57.77 -37.94
C ARG A 44 19.02 57.71 -39.06
N ALA A 45 19.29 58.35 -40.20
CA ALA A 45 18.31 58.39 -41.28
C ALA A 45 18.17 57.05 -41.99
N ASN A 46 19.23 56.24 -42.02
CA ASN A 46 19.16 54.88 -42.57
C ASN A 46 18.78 54.88 -44.04
N GLN A 47 19.23 55.88 -44.78
CA GLN A 47 18.93 55.97 -46.21
C GLN A 47 20.05 55.32 -47.03
N ASN A 48 19.69 54.92 -48.26
CA ASN A 48 20.69 54.36 -49.15
C ASN A 48 21.77 55.40 -49.43
N PRO A 49 23.04 55.01 -49.40
CA PRO A 49 24.15 55.97 -49.46
C PRO A 49 24.50 56.45 -50.86
N ILE A 50 23.50 56.96 -51.58
CA ILE A 50 23.73 57.44 -52.93
C ILE A 50 24.69 58.62 -52.92
N ALA A 51 24.41 59.63 -52.10
CA ALA A 51 25.29 60.79 -52.02
C ALA A 51 26.70 60.40 -51.60
N GLU A 52 26.84 59.42 -50.71
CA GLU A 52 28.17 59.03 -50.24
C GLU A 52 28.94 58.31 -51.35
N ILE A 53 28.28 57.45 -52.12
CA ILE A 53 28.93 56.83 -53.26
C ILE A 53 29.35 57.89 -54.28
N GLU A 54 28.51 58.90 -54.48
CA GLU A 54 28.88 59.98 -55.39
C GLU A 54 30.05 60.78 -54.87
N LEU A 55 30.19 60.91 -53.54
CA LEU A 55 31.33 61.60 -52.96
C LEU A 55 32.62 60.81 -53.19
N LEU A 56 32.58 59.50 -53.00
CA LEU A 56 33.73 58.66 -53.29
C LEU A 56 34.09 58.71 -54.77
N ARG A 57 33.07 58.70 -55.64
CA ARG A 57 33.32 58.73 -57.08
C ARG A 57 34.00 60.02 -57.51
N ARG A 58 33.52 61.15 -56.97
CA ARG A 58 34.03 62.45 -57.41
C ARG A 58 35.48 62.67 -57.01
N TYR A 59 35.92 62.07 -55.90
CA TYR A 59 37.30 62.21 -55.45
C TYR A 59 38.23 61.13 -56.03
N GLY A 60 37.75 60.33 -56.98
CA GLY A 60 38.58 59.34 -57.62
C GLY A 60 38.92 58.13 -56.79
N LEU A 61 38.18 57.88 -55.71
CA LEU A 61 38.50 56.73 -54.85
C LEU A 61 37.91 55.43 -55.39
N LEU A 62 36.78 55.49 -56.09
CA LEU A 62 36.21 54.26 -56.64
C LEU A 62 37.09 53.67 -57.73
N SER A 63 37.82 54.51 -58.46
CA SER A 63 38.70 54.07 -59.53
C SER A 63 40.16 53.96 -59.10
N PHE A 64 40.45 54.03 -57.79
CA PHE A 64 41.85 54.05 -57.37
C PHE A 64 42.58 52.76 -57.70
N ALA A 65 41.93 51.62 -57.49
CA ALA A 65 42.56 50.31 -57.69
C ALA A 65 42.41 49.79 -59.12
N THR A 66 42.02 50.63 -60.06
CA THR A 66 41.93 50.26 -61.47
C THR A 66 43.17 50.78 -62.20
N ALA A 67 43.64 49.99 -63.17
CA ALA A 67 44.87 50.34 -63.89
C ALA A 67 44.74 51.68 -64.58
N ARG A 68 45.87 52.39 -64.68
CA ARG A 68 45.89 53.73 -65.26
C ARG A 68 45.47 53.73 -66.72
N GLU A 69 45.61 52.58 -67.41
CA GLU A 69 45.17 52.48 -68.80
C GLU A 69 43.69 52.79 -68.94
N PHE A 70 42.88 52.43 -67.95
CA PHE A 70 41.44 52.59 -68.01
C PHE A 70 40.95 53.86 -67.31
N GLY A 71 41.87 54.73 -66.89
CA GLY A 71 41.50 55.96 -66.20
C GLY A 71 41.58 55.90 -64.70
N GLY A 72 41.97 54.76 -64.13
CA GLY A 72 42.16 54.67 -62.70
C GLY A 72 43.51 55.19 -62.26
N ALA A 73 43.73 55.17 -60.95
CA ALA A 73 45.01 55.61 -60.40
C ALA A 73 46.10 54.56 -60.53
N GLY A 74 45.73 53.28 -60.66
CA GLY A 74 46.72 52.23 -60.73
C GLY A 74 47.32 51.83 -59.40
N GLY A 75 46.63 52.09 -58.30
CA GLY A 75 47.16 51.77 -57.00
C GLY A 75 47.17 50.27 -56.72
N SER A 76 47.94 49.89 -55.71
CA SER A 76 48.01 48.50 -55.30
C SER A 76 46.90 48.18 -54.30
N LEU A 77 46.72 46.89 -54.03
CA LEU A 77 45.73 46.48 -53.03
C LEU A 77 46.15 46.90 -51.63
N VAL A 78 47.45 46.94 -51.34
CA VAL A 78 47.92 47.48 -50.07
C VAL A 78 47.53 48.95 -49.95
N GLN A 79 47.77 49.72 -51.01
CA GLN A 79 47.41 51.13 -50.99
C GLN A 79 45.90 51.31 -50.93
N ALA A 80 45.16 50.48 -51.66
CA ALA A 80 43.70 50.62 -51.71
C ALA A 80 43.08 50.40 -50.33
N LEU A 81 43.51 49.34 -49.65
CA LEU A 81 42.95 49.04 -48.33
C LEU A 81 43.42 50.02 -47.27
N GLN A 82 44.60 50.61 -47.46
CA GLN A 82 45.04 51.67 -46.56
C GLN A 82 44.16 52.91 -46.69
N LEU A 83 43.78 53.26 -47.93
CA LEU A 83 42.79 54.32 -48.10
C LEU A 83 41.45 53.92 -47.50
N GLY A 84 41.11 52.64 -47.60
CA GLY A 84 39.88 52.17 -47.00
C GLY A 84 39.87 52.34 -45.49
N ARG A 85 41.02 52.17 -44.84
CA ARG A 85 41.09 52.39 -43.40
C ARG A 85 40.82 53.85 -43.05
N ILE A 86 41.35 54.78 -43.85
CA ILE A 86 41.11 56.19 -43.61
C ILE A 86 39.62 56.51 -43.72
N ILE A 87 38.95 55.93 -44.71
CA ILE A 87 37.52 56.18 -44.87
C ILE A 87 36.73 55.48 -43.76
N ALA A 88 37.10 54.23 -43.46
CA ALA A 88 36.36 53.46 -42.44
C ALA A 88 36.47 54.10 -41.07
N ALA A 89 37.54 54.84 -40.80
CA ALA A 89 37.66 55.52 -39.51
C ALA A 89 36.64 56.63 -39.36
N ALA A 90 36.27 57.29 -40.47
CA ALA A 90 35.27 58.34 -40.41
C ALA A 90 33.85 57.76 -40.42
N ASP A 91 33.62 56.69 -41.18
CA ASP A 91 32.28 56.11 -41.32
C ASP A 91 32.46 54.64 -41.64
N GLY A 92 32.13 53.78 -40.68
CA GLY A 92 32.28 52.34 -40.89
C GLY A 92 31.46 51.84 -42.07
N SER A 93 30.25 52.38 -42.25
CA SER A 93 29.39 51.93 -43.34
C SER A 93 29.97 52.28 -44.71
N ILE A 94 30.32 53.55 -44.91
CA ILE A 94 30.91 53.96 -46.18
C ILE A 94 32.27 53.32 -46.37
N GLY A 95 32.99 53.07 -45.26
CA GLY A 95 34.25 52.35 -45.37
C GLY A 95 34.06 50.93 -45.86
N GLN A 96 33.03 50.24 -45.36
CA GLN A 96 32.76 48.88 -45.83
C GLN A 96 32.37 48.88 -47.31
N LEU A 97 31.57 49.86 -47.73
CA LEU A 97 31.19 49.95 -49.13
C LEU A 97 32.41 50.09 -50.03
N LEU A 98 33.36 50.94 -49.66
CA LEU A 98 34.53 51.16 -50.50
C LEU A 98 35.37 49.89 -50.62
N VAL A 99 35.63 49.23 -49.49
CA VAL A 99 36.47 48.04 -49.53
C VAL A 99 35.75 46.87 -50.20
N TYR A 100 34.43 46.77 -50.04
CA TYR A 100 33.67 45.76 -50.78
C TYR A 100 33.75 46.02 -52.27
N HIS A 101 33.66 47.28 -52.68
CA HIS A 101 33.82 47.65 -54.08
C HIS A 101 35.18 47.22 -54.61
N TYR A 102 36.25 47.51 -53.86
CA TYR A 102 37.58 47.06 -54.25
C TYR A 102 37.63 45.54 -54.34
N SER A 103 37.08 44.86 -53.33
CA SER A 103 37.12 43.40 -53.31
C SER A 103 36.31 42.81 -54.47
N ASN A 104 35.15 43.41 -54.77
CA ASN A 104 34.38 42.96 -55.93
C ASN A 104 35.18 43.08 -57.21
N GLY A 105 36.03 44.11 -57.31
CA GLY A 105 36.94 44.20 -58.43
C GLY A 105 37.98 43.09 -58.43
N VAL A 106 38.49 42.73 -57.25
CA VAL A 106 39.42 41.61 -57.16
C VAL A 106 38.72 40.31 -57.58
N TRP A 107 37.47 40.15 -57.15
CA TRP A 107 36.70 38.96 -57.52
C TRP A 107 36.53 38.85 -59.03
N THR A 108 36.01 39.89 -59.67
CA THR A 108 35.80 39.82 -61.11
C THR A 108 37.11 39.76 -61.89
N TYR A 109 38.21 40.21 -61.29
CA TYR A 109 39.52 39.99 -61.91
C TYR A 109 39.90 38.52 -61.87
N ILE A 110 39.63 37.85 -60.75
CA ILE A 110 39.90 36.41 -60.65
C ILE A 110 38.93 35.62 -61.53
N LEU A 111 37.65 36.00 -61.53
CA LEU A 111 36.62 35.23 -62.21
C LEU A 111 36.49 35.57 -63.70
N GLY A 112 36.99 36.73 -64.13
CA GLY A 112 36.71 37.20 -65.48
C GLY A 112 37.76 36.77 -66.50
N SER A 113 37.29 36.54 -67.73
CA SER A 113 38.16 36.33 -68.87
C SER A 113 38.84 37.65 -69.19
N PRO A 114 39.90 37.63 -70.01
CA PRO A 114 40.55 38.90 -70.38
C PRO A 114 39.61 39.91 -71.01
N THR A 115 38.74 39.49 -71.92
CA THR A 115 37.76 40.42 -72.49
C THR A 115 36.77 40.89 -71.44
N GLN A 116 36.36 39.99 -70.53
CA GLN A 116 35.47 40.40 -69.45
C GLN A 116 36.18 41.36 -68.49
N ARG A 117 37.45 41.08 -68.18
CA ARG A 117 38.22 41.97 -67.33
C ARG A 117 38.29 43.38 -67.91
N GLU A 118 38.49 43.48 -69.23
CA GLU A 118 38.60 44.77 -69.88
C GLU A 118 37.30 45.55 -69.81
N TYR A 119 36.17 44.87 -70.06
CA TYR A 119 34.86 45.51 -69.95
C TYR A 119 34.65 46.11 -68.57
N ILE A 120 35.00 45.37 -67.52
CA ILE A 120 34.77 45.86 -66.17
C ILE A 120 35.72 47.00 -65.84
N SER A 121 36.99 46.87 -66.21
CA SER A 121 37.98 47.90 -65.86
C SER A 121 37.69 49.21 -66.57
N ARG A 122 37.23 49.16 -67.82
CA ARG A 122 36.87 50.39 -68.52
C ARG A 122 35.71 51.10 -67.85
N GLY A 123 34.72 50.34 -67.37
CA GLY A 123 33.58 50.96 -66.71
C GLY A 123 33.91 51.48 -65.33
N VAL A 124 34.68 50.70 -64.56
CA VAL A 124 35.07 51.13 -63.23
C VAL A 124 36.08 52.26 -63.29
N GLY A 125 37.07 52.14 -64.19
CA GLY A 125 38.14 53.12 -64.23
C GLY A 125 37.75 54.45 -64.85
N GLY A 126 36.87 54.44 -65.85
CA GLY A 126 36.57 55.66 -66.58
C GLY A 126 35.11 56.06 -66.64
N HIS A 127 34.23 55.25 -66.04
CA HIS A 127 32.80 55.56 -66.07
C HIS A 127 32.15 55.54 -64.69
N GLY A 128 32.95 55.48 -63.62
CA GLY A 128 32.41 55.63 -62.28
C GLY A 128 31.57 54.48 -61.76
N TRP A 129 31.70 53.29 -62.35
CA TRP A 129 30.89 52.17 -61.91
C TRP A 129 31.24 51.77 -60.49
N PHE A 130 30.20 51.49 -59.69
CA PHE A 130 30.35 50.91 -58.37
C PHE A 130 29.95 49.45 -58.44
N GLN A 131 30.80 48.57 -57.91
CA GLN A 131 30.59 47.13 -58.00
C GLN A 131 30.00 46.60 -56.71
N GLY A 132 28.89 45.84 -56.84
CA GLY A 132 28.36 45.07 -55.73
C GLY A 132 28.17 43.63 -56.17
N SER A 133 27.97 42.76 -55.19
CA SER A 133 27.82 41.34 -55.49
C SER A 133 26.79 40.70 -54.56
N VAL A 134 26.19 39.62 -55.07
CA VAL A 134 25.26 38.80 -54.34
C VAL A 134 25.97 37.47 -54.11
N SER A 135 26.55 37.28 -52.93
CA SER A 135 27.47 36.18 -52.71
C SER A 135 27.16 35.30 -51.50
N ASN A 136 26.11 35.59 -50.74
CA ASN A 136 25.80 34.80 -49.56
C ASN A 136 25.52 33.36 -49.96
N PRO A 137 26.32 32.39 -49.50
CA PRO A 137 26.11 30.99 -49.89
C PRO A 137 25.15 30.22 -49.00
N ARG A 138 24.55 30.85 -47.99
CA ARG A 138 23.66 30.16 -47.05
C ARG A 138 22.19 30.41 -47.35
N ASP A 139 21.87 31.04 -48.47
CA ASP A 139 20.48 31.37 -48.78
C ASP A 139 19.77 30.15 -49.36
N PRO A 140 18.68 29.69 -48.75
CA PRO A 140 17.95 28.54 -49.28
C PRO A 140 16.95 28.99 -50.34
N GLY A 141 16.26 28.00 -50.91
CA GLY A 141 15.21 28.28 -51.88
C GLY A 141 15.67 28.88 -53.19
N ILE A 142 16.97 28.87 -53.47
CA ILE A 142 17.51 29.44 -54.69
C ILE A 142 17.43 28.41 -55.80
N THR A 143 16.69 28.73 -56.87
CA THR A 143 16.57 27.87 -58.03
C THR A 143 17.21 28.55 -59.24
N VAL A 144 17.95 27.78 -60.02
CA VAL A 144 18.60 28.28 -61.23
C VAL A 144 18.46 27.21 -62.31
N THR A 145 17.94 27.62 -63.48
CA THR A 145 17.77 26.74 -64.61
C THR A 145 18.45 27.34 -65.83
N ARG A 146 18.97 26.48 -66.69
CA ARG A 146 19.70 26.90 -67.88
C ARG A 146 18.78 26.86 -69.08
N THR A 147 18.75 27.96 -69.82
CA THR A 147 18.00 28.06 -71.07
C THR A 147 18.96 28.41 -72.19
N GLU A 148 18.45 28.39 -73.43
CA GLU A 148 19.26 28.79 -74.57
C GLU A 148 19.73 30.24 -74.45
N GLU A 149 18.89 31.11 -73.87
CA GLU A 149 19.26 32.51 -73.72
C GLU A 149 20.30 32.70 -72.62
N GLY A 150 20.26 31.86 -71.58
CA GLY A 150 21.21 31.97 -70.49
C GLY A 150 20.77 31.19 -69.26
N TYR A 151 20.81 31.84 -68.10
CA TYR A 151 20.35 31.24 -66.85
C TYR A 151 19.22 32.07 -66.26
N ARG A 152 18.23 31.38 -65.71
CA ARG A 152 17.10 32.02 -65.05
C ARG A 152 17.18 31.73 -63.55
N VAL A 153 17.28 32.80 -62.75
CA VAL A 153 17.54 32.70 -61.32
C VAL A 153 16.30 33.16 -60.57
N ASN A 154 15.87 32.37 -59.58
CA ASN A 154 14.76 32.72 -58.72
C ASN A 154 15.16 32.48 -57.27
N GLY A 155 14.69 33.36 -56.38
CA GLY A 155 14.96 33.21 -54.97
C GLY A 155 15.41 34.50 -54.30
N LYS A 156 15.28 34.54 -52.97
CA LYS A 156 15.62 35.71 -52.18
C LYS A 156 17.04 35.55 -51.64
N ARG A 157 17.86 36.58 -51.81
CA ARG A 157 19.22 36.60 -51.33
C ARG A 157 19.39 37.71 -50.31
N THR A 158 20.13 37.42 -49.24
CA THR A 158 20.28 38.34 -48.12
C THR A 158 21.72 38.87 -48.05
N PHE A 159 21.88 39.92 -47.24
CA PHE A 159 23.19 40.55 -47.02
C PHE A 159 23.86 40.98 -48.33
N ALA A 160 23.07 41.59 -49.22
CA ALA A 160 23.56 41.97 -50.54
C ALA A 160 24.15 43.38 -50.50
N THR A 161 25.33 43.47 -49.88
CA THR A 161 25.96 44.75 -49.58
C THR A 161 26.22 45.56 -50.84
N GLY A 162 25.70 46.78 -50.87
CA GLY A 162 25.94 47.71 -51.95
C GLY A 162 25.21 47.42 -53.25
N VAL A 163 24.40 46.36 -53.31
CA VAL A 163 23.78 45.97 -54.57
C VAL A 163 22.75 47.01 -55.01
N ALA A 164 21.99 47.56 -54.05
CA ALA A 164 20.97 48.55 -54.38
C ALA A 164 21.55 49.87 -54.88
N VAL A 165 22.86 50.09 -54.72
CA VAL A 165 23.53 51.29 -55.19
C VAL A 165 24.61 50.98 -56.22
N ALA A 166 24.69 49.73 -56.68
CA ALA A 166 25.75 49.33 -57.59
C ALA A 166 25.30 49.50 -59.04
N ASP A 167 26.29 49.71 -59.92
CA ASP A 167 26.06 49.79 -61.35
C ASP A 167 26.30 48.46 -62.05
N LEU A 168 27.19 47.64 -61.51
CA LEU A 168 27.47 46.31 -62.04
C LEU A 168 27.38 45.32 -60.87
N ILE A 169 26.54 44.30 -61.02
CA ILE A 169 26.25 43.36 -59.95
C ILE A 169 26.83 42.00 -60.33
N THR A 170 27.65 41.45 -59.44
CA THR A 170 28.17 40.10 -59.62
C THR A 170 27.24 39.12 -58.90
N VAL A 171 26.67 38.18 -59.65
CA VAL A 171 25.77 37.18 -59.09
C VAL A 171 26.53 35.87 -58.98
N LEU A 172 26.65 35.36 -57.76
CA LEU A 172 27.38 34.12 -57.49
C LEU A 172 26.39 33.05 -57.06
N LEU A 173 26.31 31.97 -57.83
CA LEU A 173 25.43 30.85 -57.54
C LEU A 173 26.28 29.65 -57.14
N TYR A 174 25.90 29.02 -56.03
CA TYR A 174 26.68 27.92 -55.46
C TYR A 174 25.99 26.60 -55.78
N GLU A 175 26.19 26.15 -57.02
CA GLU A 175 25.65 24.88 -57.49
C GLU A 175 26.76 23.83 -57.51
N ALA A 176 26.39 22.61 -57.91
CA ALA A 176 27.40 21.58 -58.12
C ALA A 176 28.46 22.04 -59.09
N GLU A 177 28.05 22.77 -60.13
CA GLU A 177 28.96 23.53 -60.98
C GLU A 177 28.66 25.00 -60.73
N PRO A 178 29.48 25.72 -59.98
CA PRO A 178 29.14 27.10 -59.61
C PRO A 178 29.06 28.00 -60.84
N ILE A 179 28.18 29.00 -60.76
CA ILE A 179 27.92 29.92 -61.85
C ILE A 179 28.05 31.34 -61.31
N ASN A 180 28.96 32.11 -61.90
CA ASN A 180 29.19 33.50 -61.51
C ASN A 180 29.03 34.38 -62.75
N ALA A 181 28.29 35.48 -62.61
CA ALA A 181 27.98 36.33 -63.75
C ALA A 181 27.90 37.79 -63.31
N ILE A 182 28.00 38.68 -64.28
CA ILE A 182 27.90 40.12 -64.07
C ILE A 182 26.68 40.64 -64.83
N ILE A 183 25.84 41.40 -64.15
CA ILE A 183 24.65 41.96 -64.78
C ILE A 183 24.58 43.45 -64.50
N PRO A 184 23.99 44.25 -65.40
CA PRO A 184 23.78 45.67 -65.10
C PRO A 184 22.69 45.84 -64.05
N SER A 185 22.65 47.05 -63.48
CA SER A 185 21.68 47.33 -62.42
C SER A 185 20.24 47.28 -62.91
N GLU A 186 20.01 47.58 -64.19
CA GLU A 186 18.65 47.67 -64.72
C GLU A 186 18.13 46.34 -65.28
N ARG A 187 18.77 45.22 -64.93
CA ARG A 187 18.29 43.92 -65.38
C ARG A 187 16.94 43.62 -64.72
N ASP A 188 15.96 43.21 -65.54
CA ASP A 188 14.62 42.95 -65.04
C ASP A 188 14.61 41.78 -64.07
N GLY A 189 13.65 41.82 -63.14
CA GLY A 189 13.49 40.79 -62.14
C GLY A 189 14.11 41.10 -60.80
N LEU A 190 15.00 42.10 -60.74
CA LEU A 190 15.63 42.48 -59.48
C LEU A 190 14.67 43.34 -58.67
N ARG A 191 14.46 42.94 -57.42
CA ARG A 191 13.63 43.69 -56.48
C ARG A 191 14.42 43.85 -55.19
N PHE A 192 14.69 45.09 -54.80
CA PHE A 192 15.44 45.39 -53.59
C PHE A 192 14.44 45.65 -52.47
N ASN A 193 14.47 44.80 -51.44
CA ASN A 193 13.58 44.95 -50.31
C ASN A 193 14.15 45.96 -49.31
N ASP A 194 13.25 46.67 -48.64
CA ASP A 194 13.63 47.62 -47.59
C ASP A 194 13.51 46.94 -46.23
N ASP A 195 14.41 45.98 -45.99
CA ASP A 195 14.41 45.20 -44.77
C ASP A 195 15.75 45.27 -44.05
N TRP A 196 16.52 46.33 -44.28
CA TRP A 196 17.81 46.54 -43.65
C TRP A 196 17.65 47.65 -42.60
N ASP A 197 17.55 47.23 -41.32
CA ASP A 197 17.45 48.14 -40.17
C ASP A 197 18.28 47.49 -39.08
N ASN A 198 19.59 47.73 -39.14
CA ASN A 198 20.55 46.91 -38.42
C ASN A 198 21.18 47.69 -37.27
N LEU A 199 21.85 46.95 -36.39
CA LEU A 199 22.60 47.56 -35.30
C LEU A 199 23.63 48.56 -35.85
N GLY A 200 24.60 48.06 -36.59
CA GLY A 200 25.59 48.90 -37.23
C GLY A 200 25.66 48.59 -38.71
N GLN A 201 26.63 49.19 -39.41
CA GLN A 201 26.76 49.06 -40.86
C GLN A 201 25.42 49.37 -41.55
N ARG A 202 24.73 50.39 -41.02
CA ARG A 202 23.37 50.68 -41.45
C ARG A 202 23.32 51.23 -42.86
N LEU A 203 24.36 51.93 -43.30
CA LEU A 203 24.36 52.59 -44.59
C LEU A 203 25.12 51.79 -45.65
N THR A 204 25.14 50.47 -45.51
CA THR A 204 25.83 49.59 -46.46
C THR A 204 24.88 48.95 -47.46
N ALA A 205 23.57 49.17 -47.33
CA ALA A 205 22.57 48.60 -48.22
C ALA A 205 22.68 47.08 -48.27
N SER A 206 22.72 46.47 -47.07
CA SER A 206 22.83 45.03 -46.94
C SER A 206 21.48 44.34 -46.79
N GLY A 207 20.42 44.95 -47.31
CA GLY A 207 19.11 44.33 -47.31
C GLY A 207 19.06 43.14 -48.25
N SER A 208 17.86 42.59 -48.38
CA SER A 208 17.65 41.42 -49.22
C SER A 208 17.25 41.83 -50.64
N VAL A 209 17.53 40.94 -51.58
CA VAL A 209 17.23 41.15 -52.99
C VAL A 209 16.41 39.97 -53.50
N GLU A 210 15.29 40.27 -54.16
CA GLU A 210 14.43 39.25 -54.73
C GLU A 210 14.80 39.04 -56.19
N PHE A 211 14.96 37.78 -56.58
CA PHE A 211 15.24 37.40 -57.95
C PHE A 211 13.97 36.78 -58.53
N ASP A 212 13.28 37.53 -59.38
CA ASP A 212 12.03 37.11 -60.00
C ASP A 212 12.33 36.81 -61.46
N ASN A 213 12.68 35.55 -61.74
CA ASN A 213 12.98 35.10 -63.10
C ASN A 213 14.07 35.94 -63.75
N VAL A 214 15.12 36.23 -63.00
CA VAL A 214 16.21 37.08 -63.47
C VAL A 214 17.06 36.29 -64.46
N LEU A 215 17.40 36.93 -65.57
CA LEU A 215 18.19 36.31 -66.62
C LEU A 215 19.67 36.68 -66.45
N LEU A 216 20.52 35.67 -66.48
CA LEU A 216 21.96 35.86 -66.60
C LEU A 216 22.34 35.40 -68.00
N ARG A 217 22.68 36.35 -68.87
CA ARG A 217 23.02 36.02 -70.25
C ARG A 217 24.28 35.16 -70.31
N HIS A 218 24.42 34.40 -71.39
CA HIS A 218 25.57 33.53 -71.55
C HIS A 218 26.87 34.33 -71.69
N ASP A 219 26.83 35.43 -72.44
CA ASP A 219 28.01 36.27 -72.57
C ASP A 219 28.36 37.01 -71.28
N GLU A 220 27.50 36.95 -70.27
CA GLU A 220 27.76 37.56 -68.97
C GLU A 220 28.31 36.57 -67.94
N VAL A 221 28.38 35.28 -68.27
CA VAL A 221 28.92 34.29 -67.35
C VAL A 221 30.44 34.41 -67.33
N LEU A 222 31.01 34.55 -66.14
CA LEU A 222 32.45 34.74 -65.98
C LEU A 222 33.15 33.40 -66.16
N THR A 223 34.20 33.39 -67.00
CA THR A 223 34.90 32.17 -67.38
C THR A 223 36.39 32.24 -67.12
N GLY A 224 36.84 33.17 -66.26
CA GLY A 224 38.28 33.30 -66.02
C GLY A 224 38.90 32.10 -65.35
N LEU A 225 38.12 31.35 -64.58
CA LEU A 225 38.65 30.18 -63.88
C LEU A 225 38.88 28.99 -64.80
N ASP A 226 38.41 29.05 -66.06
CA ASP A 226 38.51 27.91 -66.95
C ASP A 226 39.97 27.60 -67.31
N GLU A 227 40.84 28.60 -67.31
CA GLU A 227 42.24 28.38 -67.63
C GLU A 227 43.02 27.74 -66.49
N TYR A 228 42.40 27.51 -65.34
CA TYR A 228 43.03 26.81 -64.23
C TYR A 228 42.49 25.40 -64.15
N SER A 229 43.36 24.47 -63.76
CA SER A 229 43.02 23.04 -63.81
C SER A 229 42.00 22.70 -62.74
N GLY A 230 40.89 22.08 -63.17
CA GLY A 230 39.90 21.53 -62.27
C GLY A 230 40.22 20.13 -61.78
N LEU A 231 41.44 19.65 -62.00
CA LEU A 231 41.85 18.31 -61.58
C LEU A 231 42.87 18.32 -60.44
N ASP A 232 43.79 19.28 -60.42
CA ASP A 232 44.84 19.32 -59.41
C ASP A 232 44.54 20.30 -58.28
N GLY A 233 43.34 20.89 -58.26
CA GLY A 233 42.98 21.83 -57.23
C GLY A 233 43.39 23.26 -57.51
N SER A 234 43.97 23.54 -58.68
CA SER A 234 44.42 24.91 -58.98
C SER A 234 43.23 25.87 -59.06
N ARG A 235 42.15 25.44 -59.70
CA ARG A 235 40.98 26.31 -59.83
C ARG A 235 40.38 26.64 -58.47
N GLU A 236 40.31 25.65 -57.58
CA GLU A 236 39.75 25.88 -56.25
C GLU A 236 40.61 26.85 -55.44
N ARG A 237 41.93 26.71 -55.54
CA ARG A 237 42.81 27.61 -54.78
C ARG A 237 42.88 28.99 -55.42
N ARG A 238 42.79 29.08 -56.75
CA ARG A 238 42.70 30.40 -57.38
C ARG A 238 41.41 31.09 -57.01
N ASP A 239 40.28 30.37 -57.08
CA ASP A 239 39.01 30.95 -56.66
C ASP A 239 38.98 31.24 -55.16
N GLY A 240 39.68 30.43 -54.37
CA GLY A 240 39.72 30.64 -52.92
C GLY A 240 40.37 31.94 -52.52
N LEU A 241 41.15 32.55 -53.41
CA LEU A 241 41.74 33.85 -53.10
C LEU A 241 40.68 34.92 -52.89
N ARG A 242 39.51 34.76 -53.53
CA ARG A 242 38.41 35.71 -53.31
C ARG A 242 38.02 35.75 -51.84
N ALA A 243 37.83 34.59 -51.22
CA ALA A 243 37.43 34.54 -49.81
C ALA A 243 38.54 35.04 -48.90
N LEU A 244 39.79 34.78 -49.25
CA LEU A 244 40.91 35.28 -48.45
C LEU A 244 40.98 36.81 -48.50
N PHE A 245 40.69 37.40 -49.67
CA PHE A 245 40.74 38.86 -49.75
C PHE A 245 39.58 39.48 -48.98
N SER A 246 38.40 38.85 -49.03
CA SER A 246 37.28 39.32 -48.22
C SER A 246 37.64 39.36 -46.75
N GLN A 247 38.36 38.35 -46.26
CA GLN A 247 38.82 38.40 -44.88
C GLN A 247 39.78 39.56 -44.65
N LEU A 248 40.60 39.87 -45.65
CA LEU A 248 41.55 40.97 -45.50
C LEU A 248 40.85 42.32 -45.43
N ILE A 249 39.85 42.55 -46.27
CA ILE A 249 39.11 43.82 -46.21
C ILE A 249 38.40 43.95 -44.87
N PHE A 250 37.96 42.84 -44.29
CA PHE A 250 37.36 42.89 -42.96
C PHE A 250 38.39 43.33 -41.93
N VAL A 251 39.63 42.83 -42.06
CA VAL A 251 40.70 43.24 -41.14
C VAL A 251 40.90 44.75 -41.19
N HIS A 252 41.11 45.29 -42.39
CA HIS A 252 41.31 46.74 -42.52
C HIS A 252 40.07 47.52 -42.11
N LEU A 253 38.88 46.96 -42.36
CA LEU A 253 37.66 47.63 -41.92
C LEU A 253 37.61 47.75 -40.41
N TYR A 254 37.93 46.66 -39.69
CA TYR A 254 37.89 46.69 -38.24
C TYR A 254 38.93 47.63 -37.67
N LEU A 255 40.14 47.62 -38.23
CA LEU A 255 41.21 48.49 -37.74
C LEU A 255 40.89 49.96 -38.01
N GLY A 256 40.28 50.24 -39.17
CA GLY A 256 39.86 51.60 -39.45
C GLY A 256 38.84 52.11 -38.45
N ILE A 257 37.81 51.29 -38.18
CA ILE A 257 36.81 51.67 -37.19
C ILE A 257 37.43 51.88 -35.82
N ALA A 258 38.41 51.04 -35.45
CA ALA A 258 39.09 51.20 -34.16
C ALA A 258 39.84 52.51 -34.09
N GLU A 259 40.51 52.89 -35.18
CA GLU A 259 41.25 54.14 -35.19
C GLU A 259 40.32 55.34 -35.08
N GLY A 260 39.15 55.27 -35.71
CA GLY A 260 38.20 56.36 -35.59
C GLY A 260 37.64 56.49 -34.19
N ALA A 261 37.33 55.36 -33.55
CA ALA A 261 36.81 55.38 -32.18
C ALA A 261 37.83 55.95 -31.21
N LEU A 262 39.10 55.57 -31.36
CA LEU A 262 40.13 56.10 -30.46
C LEU A 262 40.28 57.60 -30.64
N ALA A 263 40.35 58.06 -31.89
CA ALA A 263 40.46 59.48 -32.15
C ALA A 263 39.23 60.24 -31.66
N ALA A 264 38.05 59.64 -31.80
CA ALA A 264 36.84 60.29 -31.31
C ALA A 264 36.83 60.37 -29.79
N GLY A 265 37.27 59.30 -29.11
CA GLY A 265 37.36 59.35 -27.67
C GLY A 265 38.39 60.35 -27.18
N VAL A 266 39.56 60.38 -27.84
CA VAL A 266 40.56 61.38 -27.53
C VAL A 266 40.00 62.78 -27.74
N ALA A 267 39.29 62.99 -28.85
CA ALA A 267 38.78 64.33 -29.15
C ALA A 267 37.75 64.77 -28.13
N TYR A 268 36.87 63.86 -27.70
CA TYR A 268 35.89 64.21 -26.68
C TYR A 268 36.56 64.59 -25.36
N ILE A 269 37.59 63.84 -24.96
CA ILE A 269 38.24 64.13 -23.69
C ILE A 269 38.93 65.49 -23.73
N ARG A 270 39.64 65.78 -24.82
CA ARG A 270 40.37 67.03 -24.91
C ARG A 270 39.43 68.23 -24.97
N ASP A 271 38.23 68.07 -25.51
CA ASP A 271 37.30 69.18 -25.71
C ASP A 271 36.21 69.27 -24.64
N LYS A 272 35.63 68.15 -24.23
CA LYS A 272 34.51 68.17 -23.30
C LYS A 272 34.79 67.49 -21.97
N GLY A 273 35.93 66.81 -21.83
CA GLY A 273 36.16 66.02 -20.64
C GLY A 273 36.32 66.88 -19.39
N ARG A 274 35.80 66.38 -18.28
CA ARG A 274 35.95 66.99 -16.97
C ARG A 274 36.74 66.04 -16.06
N PRO A 275 37.65 66.58 -15.25
CA PRO A 275 38.41 65.71 -14.35
C PRO A 275 37.51 65.08 -13.30
N TRP A 276 37.90 63.90 -12.86
CA TRP A 276 37.17 63.27 -11.77
C TRP A 276 37.58 63.91 -10.44
N PRO A 277 36.61 64.22 -9.56
CA PRO A 277 36.96 64.91 -8.30
C PRO A 277 37.95 64.17 -7.44
N GLU A 278 38.03 62.85 -7.52
CA GLU A 278 39.02 62.09 -6.76
C GLU A 278 40.40 62.11 -7.40
N ALA A 279 40.52 62.63 -8.63
CA ALA A 279 41.81 62.62 -9.32
C ALA A 279 42.78 63.61 -8.69
N HIS A 280 44.07 63.33 -8.88
CA HIS A 280 45.10 64.21 -8.35
C HIS A 280 45.13 65.54 -9.08
N SER A 281 44.92 65.53 -10.40
CA SER A 281 45.01 66.73 -11.20
C SER A 281 43.64 67.25 -11.59
N THR A 282 43.54 68.57 -11.75
CA THR A 282 42.35 69.20 -12.28
C THR A 282 42.34 69.25 -13.80
N ASP A 283 43.38 68.69 -14.44
CA ASP A 283 43.47 68.63 -15.89
C ASP A 283 43.07 67.23 -16.32
N VAL A 284 41.95 67.12 -17.03
CA VAL A 284 41.42 65.81 -17.42
C VAL A 284 42.42 65.06 -18.29
N THR A 285 43.24 65.77 -19.05
CA THR A 285 44.22 65.11 -19.92
C THR A 285 45.35 64.48 -19.15
N GLU A 286 45.46 64.75 -17.84
CA GLU A 286 46.52 64.18 -17.01
C GLU A 286 46.06 62.99 -16.18
N ASP A 287 44.82 62.55 -16.36
CA ASP A 287 44.32 61.42 -15.59
C ASP A 287 45.16 60.18 -15.91
N PRO A 288 45.69 59.48 -14.90
CA PRO A 288 46.57 58.35 -15.19
C PRO A 288 45.84 57.17 -15.82
N TYR A 289 44.55 56.99 -15.50
CA TYR A 289 43.83 55.84 -16.05
C TYR A 289 43.38 56.08 -17.48
N HIS A 290 42.99 57.33 -17.80
CA HIS A 290 42.72 57.67 -19.20
C HIS A 290 43.95 57.44 -20.06
N GLN A 291 45.11 57.93 -19.61
CA GLN A 291 46.32 57.82 -20.41
C GLN A 291 46.72 56.37 -20.62
N GLN A 292 46.68 55.56 -19.55
CA GLN A 292 47.07 54.16 -19.68
C GLN A 292 46.14 53.42 -20.63
N LEU A 293 44.82 53.64 -20.49
CA LEU A 293 43.87 52.92 -21.32
C LEU A 293 44.02 53.29 -22.79
N LEU A 294 44.12 54.59 -23.08
CA LEU A 294 44.29 55.03 -24.46
C LEU A 294 45.61 54.52 -25.04
N GLY A 295 46.65 54.47 -24.22
CA GLY A 295 47.94 53.97 -24.70
C GLY A 295 47.91 52.49 -25.03
N ARG A 296 47.25 51.69 -24.18
CA ARG A 296 47.12 50.26 -24.44
C ARG A 296 46.36 50.02 -25.74
N LEU A 297 45.25 50.73 -25.94
CA LEU A 297 44.46 50.57 -27.16
C LEU A 297 45.25 51.01 -28.39
N SER A 298 45.93 52.15 -28.31
CA SER A 298 46.72 52.62 -29.45
C SER A 298 47.79 51.61 -29.84
N ALA A 299 48.49 51.07 -28.85
CA ALA A 299 49.49 50.03 -29.12
C ALA A 299 48.86 48.83 -29.82
N GLY A 300 47.68 48.41 -29.37
CA GLY A 300 47.04 47.25 -29.97
C GLY A 300 46.65 47.47 -31.41
N ILE A 301 46.18 48.69 -31.73
CA ILE A 301 45.85 49.01 -33.12
C ILE A 301 47.10 48.96 -33.99
N ALA A 302 48.20 49.55 -33.52
CA ALA A 302 49.44 49.55 -34.29
C ALA A 302 49.89 48.14 -34.64
N ALA A 303 49.76 47.20 -33.69
CA ALA A 303 50.13 45.82 -33.97
C ALA A 303 49.21 45.20 -35.02
N GLY A 304 47.90 45.45 -34.90
CA GLY A 304 46.98 44.93 -35.89
C GLY A 304 47.21 45.50 -37.27
N VAL A 305 47.52 46.81 -37.34
CA VAL A 305 47.81 47.43 -38.63
C VAL A 305 49.08 46.86 -39.24
N ALA A 306 50.13 46.68 -38.42
CA ALA A 306 51.38 46.16 -38.96
C ALA A 306 51.19 44.76 -39.53
N LEU A 307 50.46 43.89 -38.82
CA LEU A 307 50.16 42.56 -39.34
C LEU A 307 49.25 42.63 -40.56
N ALA A 308 48.28 43.54 -40.55
CA ALA A 308 47.35 43.67 -41.67
C ALA A 308 48.08 44.02 -42.96
N ASP A 309 48.95 45.03 -42.92
CA ASP A 309 49.65 45.45 -44.13
C ASP A 309 50.64 44.38 -44.59
N SER A 310 51.21 43.63 -43.65
CA SER A 310 52.08 42.51 -44.04
C SER A 310 51.28 41.41 -44.74
N ALA A 311 50.08 41.11 -44.23
CA ALA A 311 49.28 40.05 -44.83
C ALA A 311 48.73 40.46 -46.19
N THR A 312 48.37 41.73 -46.34
CA THR A 312 47.86 42.21 -47.62
C THR A 312 48.93 42.14 -48.70
N LYS A 313 50.17 42.49 -48.35
CA LYS A 313 51.27 42.38 -49.32
C LYS A 313 51.49 40.92 -49.73
N GLU A 314 51.33 39.99 -48.79
CA GLU A 314 51.46 38.58 -49.12
C GLU A 314 50.33 38.10 -50.01
N PHE A 315 49.12 38.65 -49.85
CA PHE A 315 48.04 38.31 -50.77
C PHE A 315 48.36 38.76 -52.19
N GLU A 316 48.91 39.97 -52.33
CA GLU A 316 49.25 40.49 -53.65
C GLU A 316 50.27 39.61 -54.35
N GLN A 317 51.24 39.09 -53.60
CA GLN A 317 52.23 38.20 -54.18
C GLN A 317 51.59 36.89 -54.65
N ALA A 318 50.65 36.35 -53.87
CA ALA A 318 49.96 35.13 -54.31
C ALA A 318 49.09 35.39 -55.52
N LEU A 319 48.42 36.55 -55.55
CA LEU A 319 47.60 36.91 -56.70
C LEU A 319 48.44 37.01 -57.97
N ALA A 320 49.68 37.47 -57.85
CA ALA A 320 50.56 37.66 -58.99
C ALA A 320 51.38 36.43 -59.35
N PHE A 321 51.18 35.30 -58.67
CA PHE A 321 51.84 34.07 -59.06
C PHE A 321 51.47 33.70 -60.48
N GLY A 322 52.46 33.21 -61.24
CA GLY A 322 52.19 32.75 -62.60
C GLY A 322 51.23 31.58 -62.65
N GLU A 323 51.13 30.82 -61.56
CA GLU A 323 50.21 29.70 -61.43
C GLU A 323 49.32 29.94 -60.22
N ALA A 324 48.35 29.04 -60.05
CA ALA A 324 47.57 29.05 -58.81
C ALA A 324 48.50 28.70 -57.65
N PRO A 325 48.24 29.25 -56.45
CA PRO A 325 49.07 28.87 -55.30
C PRO A 325 48.88 27.40 -54.97
N THR A 326 49.98 26.75 -54.56
CA THR A 326 49.92 25.37 -54.14
C THR A 326 49.12 25.25 -52.85
N GLU A 327 48.93 24.01 -52.40
CA GLU A 327 48.22 23.77 -51.14
C GLU A 327 48.95 24.42 -49.97
N ALA A 328 50.28 24.36 -49.97
CA ALA A 328 51.06 24.96 -48.89
C ALA A 328 51.11 26.48 -49.01
N GLN A 329 51.21 27.01 -50.23
CA GLN A 329 51.21 28.46 -50.41
C GLN A 329 49.86 29.05 -50.01
N TRP A 330 48.77 28.43 -50.47
CA TRP A 330 47.44 28.89 -50.10
C TRP A 330 47.22 28.78 -48.60
N GLY A 331 47.64 27.66 -48.01
CA GLY A 331 47.43 27.47 -46.58
C GLY A 331 48.20 28.45 -45.72
N ALA A 332 49.47 28.70 -46.08
CA ALA A 332 50.27 29.66 -45.32
C ALA A 332 49.67 31.05 -45.39
N LEU A 333 49.14 31.43 -46.56
CA LEU A 333 48.48 32.72 -46.69
C LEU A 333 47.19 32.75 -45.87
N ALA A 334 46.42 31.67 -45.90
CA ALA A 334 45.19 31.60 -45.10
C ALA A 334 45.49 31.72 -43.61
N ILE A 335 46.62 31.15 -43.15
CA ILE A 335 46.98 31.29 -41.75
C ILE A 335 47.27 32.74 -41.40
N ARG A 336 48.06 33.43 -42.24
CA ARG A 336 48.36 34.84 -42.01
C ARG A 336 47.09 35.68 -42.01
N VAL A 337 46.19 35.41 -42.96
CA VAL A 337 44.91 36.12 -42.99
C VAL A 337 44.09 35.80 -41.74
N ASP A 338 44.07 34.52 -41.33
CA ASP A 338 43.42 34.16 -40.07
C ASP A 338 44.03 34.92 -38.90
N GLN A 339 45.36 35.00 -38.85
CA GLN A 339 46.02 35.70 -37.76
C GLN A 339 45.64 37.17 -37.74
N ALA A 340 45.64 37.82 -38.91
CA ALA A 340 45.25 39.22 -38.99
C ALA A 340 43.78 39.40 -38.61
N LYS A 341 42.93 38.44 -39.01
CA LYS A 341 41.52 38.52 -38.69
C LYS A 341 41.29 38.44 -37.18
N SER A 342 42.03 37.55 -36.50
CA SER A 342 41.85 37.37 -35.07
C SER A 342 42.24 38.63 -34.31
N VAL A 343 43.42 39.17 -34.60
CA VAL A 343 43.91 40.34 -33.88
C VAL A 343 43.06 41.58 -34.21
N ALA A 344 42.63 41.71 -35.46
CA ALA A 344 41.83 42.88 -35.84
C ALA A 344 40.45 42.86 -35.19
N THR A 345 39.85 41.67 -35.08
CA THR A 345 38.54 41.56 -34.43
C THR A 345 38.64 41.91 -32.95
N GLU A 346 39.63 41.36 -32.26
CA GLU A 346 39.76 41.58 -30.81
C GLU A 346 40.03 43.05 -30.50
N ILE A 347 40.98 43.67 -31.21
CA ILE A 347 41.36 45.03 -30.86
C ILE A 347 40.24 46.01 -31.19
N SER A 348 39.55 45.80 -32.31
CA SER A 348 38.45 46.70 -32.66
C SER A 348 37.30 46.60 -31.66
N LEU A 349 36.95 45.38 -31.24
CA LEU A 349 35.94 45.23 -30.21
C LEU A 349 36.42 45.85 -28.90
N ASP A 350 37.70 45.66 -28.58
CA ASP A 350 38.27 46.21 -27.35
C ASP A 350 38.18 47.74 -27.35
N VAL A 351 38.61 48.38 -28.45
CA VAL A 351 38.65 49.84 -28.50
C VAL A 351 37.24 50.43 -28.42
N THR A 352 36.35 49.98 -29.30
CA THR A 352 35.02 50.59 -29.38
C THR A 352 34.21 50.36 -28.11
N HIS A 353 34.49 49.27 -27.39
CA HIS A 353 33.75 48.94 -26.18
C HIS A 353 34.25 49.74 -24.98
N ASN A 354 35.57 49.78 -24.79
CA ASN A 354 36.16 50.33 -23.59
C ASN A 354 36.44 51.83 -23.67
N ILE A 355 36.26 52.44 -24.83
CA ILE A 355 36.54 53.88 -24.95
C ILE A 355 35.69 54.69 -23.99
N TYR A 356 34.47 54.21 -23.71
CA TYR A 356 33.56 54.94 -22.82
C TYR A 356 34.10 55.04 -21.40
N GLN A 357 34.95 54.10 -20.98
CA GLN A 357 35.50 54.17 -19.63
C GLN A 357 36.31 55.44 -19.43
N ALA A 358 36.88 55.99 -20.51
CA ALA A 358 37.64 57.23 -20.45
C ALA A 358 36.81 58.46 -20.76
N THR A 359 35.74 58.34 -21.57
CA THR A 359 35.00 59.52 -21.99
C THR A 359 33.95 59.96 -20.96
N GLY A 360 33.34 59.03 -20.23
CA GLY A 360 32.52 59.39 -19.09
C GLY A 360 31.03 59.41 -19.37
N ALA A 361 30.28 59.90 -18.38
CA ALA A 361 28.82 59.78 -18.38
C ALA A 361 28.18 60.68 -19.43
N ARG A 362 28.59 61.95 -19.49
CA ARG A 362 27.97 62.89 -20.43
C ARG A 362 28.19 62.47 -21.87
N SER A 363 29.28 61.74 -22.14
CA SER A 363 29.58 61.28 -23.50
C SER A 363 28.58 60.25 -24.02
N THR A 364 27.74 59.70 -23.16
CA THR A 364 26.76 58.70 -23.60
C THR A 364 25.54 59.31 -24.28
N ALA A 365 25.47 60.64 -24.40
CA ALA A 365 24.37 61.27 -25.11
C ALA A 365 24.47 60.99 -26.60
N ASN A 366 23.32 60.79 -27.25
CA ASN A 366 23.32 60.51 -28.68
C ASN A 366 23.79 61.68 -29.52
N SER A 367 23.79 62.91 -28.96
CA SER A 367 24.42 64.01 -29.68
C SER A 367 25.93 63.81 -29.80
N VAL A 368 26.53 63.05 -28.88
CA VAL A 368 27.93 62.69 -28.99
C VAL A 368 28.10 61.49 -29.93
N GLY A 369 27.34 60.42 -29.68
CA GLY A 369 27.30 59.28 -30.59
C GLY A 369 28.59 58.50 -30.71
N LEU A 370 29.32 58.35 -29.60
CA LEU A 370 30.53 57.53 -29.62
C LEU A 370 30.25 56.06 -29.88
N ASP A 371 29.00 55.62 -29.72
CA ASP A 371 28.64 54.21 -29.86
C ASP A 371 28.60 53.74 -31.30
N ILE A 372 28.60 54.66 -32.28
CA ILE A 372 28.49 54.26 -33.68
C ILE A 372 29.65 53.35 -34.08
N TYR A 373 30.84 53.60 -33.55
CA TYR A 373 31.97 52.72 -33.82
C TYR A 373 31.72 51.32 -33.28
N TRP A 374 31.20 51.21 -32.06
CA TRP A 374 30.90 49.89 -31.50
C TRP A 374 29.82 49.19 -32.31
N ARG A 375 28.70 49.87 -32.58
CA ARG A 375 27.63 49.27 -33.36
C ARG A 375 28.15 48.75 -34.69
N ASN A 376 29.03 49.51 -35.34
CA ASN A 376 29.60 49.08 -36.62
C ASN A 376 30.57 47.92 -36.43
N ALA A 377 31.49 48.03 -35.48
CA ALA A 377 32.44 46.95 -35.24
C ALA A 377 31.74 45.70 -34.71
N ARG A 378 30.84 45.87 -33.74
CA ARG A 378 30.15 44.72 -33.18
C ARG A 378 29.30 44.00 -34.22
N THR A 379 28.77 44.74 -35.19
CA THR A 379 27.94 44.13 -36.23
C THR A 379 28.77 43.27 -37.17
N HIS A 380 29.80 43.86 -37.78
CA HIS A 380 30.51 43.15 -38.83
C HIS A 380 31.40 42.02 -38.31
N THR A 381 31.86 42.12 -37.06
CA THR A 381 32.66 41.04 -36.47
C THR A 381 31.89 39.73 -36.36
N THR A 382 30.57 39.75 -36.48
CA THR A 382 29.76 38.54 -36.47
C THR A 382 29.57 37.93 -37.85
N HIS A 383 30.21 38.49 -38.88
CA HIS A 383 30.07 37.95 -40.24
C HIS A 383 30.40 36.47 -40.28
N ASP A 384 31.54 36.09 -39.70
CA ASP A 384 31.86 34.69 -39.47
C ASP A 384 32.47 34.60 -38.08
N PRO A 385 32.23 33.51 -37.36
CA PRO A 385 32.59 33.48 -35.92
C PRO A 385 34.09 33.45 -35.69
N LEU A 386 34.56 34.39 -34.87
CA LEU A 386 35.96 34.48 -34.48
C LEU A 386 36.58 33.17 -34.00
N PRO A 387 35.96 32.41 -33.09
CA PRO A 387 36.66 31.21 -32.58
C PRO A 387 37.03 30.20 -33.65
N TYR A 388 36.27 30.13 -34.74
CA TYR A 388 36.60 29.16 -35.79
C TYR A 388 37.79 29.60 -36.63
N ARG A 389 38.04 30.91 -36.76
CA ARG A 389 39.24 31.35 -37.45
C ARG A 389 40.48 31.13 -36.60
N GLN A 390 40.36 31.32 -35.28
CA GLN A 390 41.45 30.98 -34.37
C GLN A 390 41.69 29.48 -34.34
N ARG A 391 40.60 28.71 -34.33
CA ARG A 391 40.72 27.25 -34.32
C ARG A 391 41.51 26.76 -35.53
N GLU A 392 41.30 27.36 -36.69
CA GLU A 392 42.01 26.94 -37.90
C GLU A 392 43.52 27.10 -37.74
N ILE A 393 43.94 28.19 -37.09
CA ILE A 393 45.37 28.40 -36.83
C ILE A 393 45.92 27.31 -35.94
N GLY A 394 45.28 27.09 -34.79
CA GLY A 394 45.74 26.08 -33.86
C GLY A 394 45.68 24.68 -34.43
N ARG A 395 44.69 24.40 -35.27
CA ARG A 395 44.60 23.09 -35.90
C ARG A 395 45.80 22.82 -36.79
N HIS A 396 46.27 23.84 -37.52
CA HIS A 396 47.47 23.68 -38.32
C HIS A 396 48.69 23.44 -37.44
N LEU A 397 48.75 24.09 -36.27
CA LEU A 397 49.88 23.90 -35.36
C LEU A 397 49.89 22.48 -34.80
N LEU A 398 48.71 21.93 -34.53
CA LEU A 398 48.61 20.63 -33.87
C LEU A 398 48.61 19.46 -34.84
N THR A 399 48.14 19.66 -36.08
CA THR A 399 48.00 18.55 -37.02
C THR A 399 48.83 18.69 -38.30
N ASP A 400 49.42 19.85 -38.55
CA ASP A 400 50.17 20.18 -39.77
C ASP A 400 49.28 20.32 -41.01
N GLN A 401 47.96 20.24 -40.87
CA GLN A 401 47.07 20.33 -42.02
C GLN A 401 46.83 21.79 -42.37
N TRP A 402 47.01 22.12 -43.66
CA TRP A 402 46.82 23.49 -44.12
C TRP A 402 45.34 23.82 -44.26
N PRO A 403 44.96 25.08 -44.04
CA PRO A 403 43.61 25.51 -44.42
C PRO A 403 43.39 25.29 -45.91
N SER A 404 42.17 24.92 -46.26
CA SER A 404 41.83 24.55 -47.62
C SER A 404 40.62 25.35 -48.07
N PRO A 405 40.52 25.64 -49.37
CA PRO A 405 39.30 26.27 -49.89
C PRO A 405 38.10 25.39 -49.62
N ARG A 406 37.15 25.92 -48.87
CA ARG A 406 35.96 25.15 -48.49
C ARG A 406 34.77 25.50 -49.35
N HIS B 11 12.00 47.25 12.88
CA HIS B 11 11.69 48.61 12.46
C HIS B 11 11.45 48.66 10.96
N ALA B 12 12.36 49.30 10.23
CA ALA B 12 12.23 49.44 8.80
C ALA B 12 12.95 48.30 8.08
N TYR B 13 12.40 47.91 6.93
CA TYR B 13 12.99 46.89 6.07
C TYR B 13 13.16 45.56 6.80
N GLN B 14 12.10 45.13 7.48
CA GLN B 14 12.17 43.91 8.27
C GLN B 14 12.24 42.67 7.38
N GLY B 15 11.51 42.68 6.27
CA GLY B 15 11.53 41.56 5.36
C GLY B 15 10.28 40.70 5.47
N VAL B 16 9.92 40.06 4.36
CA VAL B 16 8.82 39.12 4.33
C VAL B 16 9.39 37.71 4.45
N SER B 17 8.51 36.76 4.78
CA SER B 17 8.93 35.37 4.91
C SER B 17 9.41 34.83 3.56
N ASP B 18 10.14 33.72 3.61
CA ASP B 18 10.67 33.12 2.40
C ASP B 18 9.56 32.70 1.45
N THR B 19 8.47 32.15 1.98
CA THR B 19 7.38 31.70 1.12
C THR B 19 6.63 32.88 0.50
N GLU B 20 6.42 33.96 1.26
CA GLU B 20 5.79 35.14 0.69
C GLU B 20 6.67 35.79 -0.37
N PHE B 21 7.99 35.80 -0.15
CA PHE B 21 8.88 36.40 -1.14
C PHE B 21 8.87 35.61 -2.44
N SER B 22 8.69 34.29 -2.37
CA SER B 22 8.52 33.50 -3.59
C SER B 22 7.32 33.98 -4.40
N GLU B 23 6.27 34.45 -3.72
CA GLU B 23 5.12 35.02 -4.41
C GLU B 23 5.48 36.36 -5.04
N TRP B 24 6.29 37.17 -4.35
CA TRP B 24 6.70 38.46 -4.90
C TRP B 24 7.65 38.29 -6.08
N GLU B 25 8.53 37.29 -6.01
CA GLU B 25 9.33 36.96 -7.19
C GLU B 25 8.45 36.55 -8.37
N GLN B 26 7.29 35.94 -8.08
CA GLN B 26 6.37 35.57 -9.14
C GLN B 26 5.67 36.81 -9.71
N VAL B 27 5.36 37.78 -8.85
CA VAL B 27 4.81 39.06 -9.33
C VAL B 27 5.83 39.78 -10.20
N ALA B 28 7.09 39.80 -9.78
CA ALA B 28 8.12 40.48 -10.55
C ALA B 28 8.35 39.80 -11.90
N ALA B 29 8.26 38.47 -11.92
CA ALA B 29 8.40 37.74 -13.19
C ALA B 29 7.27 38.08 -14.15
N ARG B 30 6.05 38.23 -13.63
CA ARG B 30 4.93 38.63 -14.47
C ARG B 30 5.15 40.01 -15.06
N VAL B 31 5.63 40.95 -14.24
CA VAL B 31 5.93 42.29 -14.74
C VAL B 31 7.08 42.26 -15.71
N ALA B 32 8.12 41.46 -15.42
CA ALA B 32 9.29 41.40 -16.29
C ALA B 32 8.93 40.88 -17.68
N GLY B 33 8.04 39.90 -17.75
CA GLY B 33 7.65 39.37 -19.05
C GLY B 33 7.00 40.42 -19.94
N GLU B 34 6.10 41.23 -19.35
CA GLU B 34 5.41 42.26 -20.12
C GLU B 34 6.37 43.37 -20.55
N LEU B 35 7.24 43.82 -19.63
CA LEU B 35 8.23 44.83 -19.97
C LEU B 35 9.18 44.33 -21.05
N SER B 36 9.61 43.07 -20.95
CA SER B 36 10.58 42.53 -21.91
C SER B 36 10.00 42.51 -23.32
N ALA B 37 8.72 42.15 -23.44
CA ALA B 37 8.11 42.02 -24.76
C ALA B 37 7.92 43.35 -25.47
N THR B 38 7.86 44.46 -24.73
CA THR B 38 7.67 45.78 -25.31
C THR B 38 8.88 46.69 -25.13
N ALA B 39 10.00 46.14 -24.64
CA ALA B 39 11.15 46.98 -24.31
C ALA B 39 11.72 47.68 -25.55
N LEU B 40 11.80 46.98 -26.69
CA LEU B 40 12.41 47.58 -27.88
C LEU B 40 11.55 48.72 -28.41
N THR B 41 10.24 48.51 -28.52
CA THR B 41 9.36 49.56 -29.04
C THR B 41 9.34 50.77 -28.12
N ARG B 42 9.23 50.55 -26.81
CA ARG B 42 9.24 51.66 -25.87
C ARG B 42 10.59 52.39 -25.88
N ASP B 43 11.68 51.65 -26.07
CA ASP B 43 13.01 52.27 -26.07
C ASP B 43 13.16 53.23 -27.24
N ARG B 44 12.60 52.88 -28.40
CA ARG B 44 12.71 53.75 -29.56
C ARG B 44 11.86 55.01 -29.39
N ALA B 45 10.65 54.87 -28.86
CA ALA B 45 9.76 56.02 -28.72
C ALA B 45 10.33 57.06 -27.74
N ASN B 46 11.14 56.62 -26.78
CA ASN B 46 11.84 57.54 -25.86
C ASN B 46 10.87 58.37 -25.02
N GLN B 47 9.72 57.81 -24.67
CA GLN B 47 8.71 58.55 -23.94
C GLN B 47 8.90 58.41 -22.43
N ASN B 48 8.38 59.37 -21.70
CA ASN B 48 8.41 59.30 -20.24
C ASN B 48 7.67 58.05 -19.79
N PRO B 49 8.22 57.28 -18.86
CA PRO B 49 7.68 55.95 -18.51
C PRO B 49 6.51 55.99 -17.54
N ILE B 50 5.48 56.78 -17.87
CA ILE B 50 4.31 56.86 -17.01
C ILE B 50 3.60 55.52 -16.94
N ALA B 51 3.42 54.86 -18.10
CA ALA B 51 2.71 53.59 -18.13
C ALA B 51 3.48 52.51 -17.39
N GLU B 52 4.81 52.49 -17.52
CA GLU B 52 5.60 51.47 -16.85
C GLU B 52 5.59 51.66 -15.33
N ILE B 53 5.50 52.91 -14.87
CA ILE B 53 5.45 53.15 -13.43
C ILE B 53 4.09 52.75 -12.87
N GLU B 54 3.02 53.02 -13.62
CA GLU B 54 1.71 52.51 -13.23
C GLU B 54 1.69 50.99 -13.23
N LEU B 55 2.45 50.35 -14.11
CA LEU B 55 2.57 48.90 -14.09
C LEU B 55 3.24 48.43 -12.80
N LEU B 56 4.34 49.09 -12.41
CA LEU B 56 4.97 48.79 -11.13
C LEU B 56 4.02 49.07 -9.98
N ARG B 57 3.22 50.13 -10.09
CA ARG B 57 2.29 50.49 -9.02
C ARG B 57 1.19 49.45 -8.85
N ARG B 58 0.52 49.07 -9.94
CA ARG B 58 -0.62 48.16 -9.81
C ARG B 58 -0.22 46.77 -9.33
N TYR B 59 1.04 46.38 -9.50
CA TYR B 59 1.52 45.09 -9.04
C TYR B 59 2.17 45.15 -7.67
N GLY B 60 2.12 46.30 -7.00
CA GLY B 60 2.58 46.41 -5.63
C GLY B 60 4.09 46.49 -5.46
N LEU B 61 4.84 46.69 -6.53
CA LEU B 61 6.29 46.72 -6.42
C LEU B 61 6.83 48.05 -5.89
N LEU B 62 6.06 49.15 -6.01
CA LEU B 62 6.55 50.43 -5.52
C LEU B 62 6.47 50.51 -3.99
N SER B 63 5.50 49.82 -3.39
CA SER B 63 5.33 49.81 -1.95
C SER B 63 5.93 48.57 -1.30
N PHE B 64 6.70 47.77 -2.04
CA PHE B 64 7.20 46.51 -1.50
C PHE B 64 8.10 46.73 -0.30
N ALA B 65 8.97 47.74 -0.36
CA ALA B 65 9.94 48.00 0.69
C ALA B 65 9.41 48.94 1.77
N THR B 66 8.10 49.06 1.90
CA THR B 66 7.48 49.87 2.95
C THR B 66 6.78 48.94 3.92
N ALA B 67 6.81 49.31 5.21
CA ALA B 67 6.26 48.45 6.26
C ALA B 67 4.78 48.17 6.01
N ARG B 68 4.32 47.05 6.56
CA ARG B 68 2.93 46.62 6.36
C ARG B 68 1.94 47.58 6.99
N GLU B 69 2.32 48.25 8.08
CA GLU B 69 1.42 49.20 8.74
C GLU B 69 1.01 50.34 7.82
N PHE B 70 1.79 50.62 6.78
CA PHE B 70 1.47 51.69 5.84
C PHE B 70 0.84 51.17 4.56
N GLY B 71 0.55 49.87 4.48
CA GLY B 71 0.02 49.27 3.28
C GLY B 71 1.05 48.59 2.39
N GLY B 72 2.33 48.62 2.78
CA GLY B 72 3.36 47.97 2.01
C GLY B 72 3.49 46.49 2.33
N ALA B 73 4.40 45.84 1.62
CA ALA B 73 4.63 44.42 1.84
C ALA B 73 5.50 44.16 3.06
N GLY B 74 6.33 45.13 3.45
CA GLY B 74 7.26 44.93 4.53
C GLY B 74 8.53 44.21 4.15
N GLY B 75 8.91 44.23 2.88
CA GLY B 75 10.10 43.54 2.44
C GLY B 75 11.37 44.22 2.92
N SER B 76 12.47 43.48 2.82
CA SER B 76 13.78 43.99 3.18
C SER B 76 14.47 44.60 1.96
N LEU B 77 15.60 45.26 2.22
CA LEU B 77 16.39 45.82 1.14
C LEU B 77 17.05 44.73 0.30
N VAL B 78 17.45 43.62 0.94
CA VAL B 78 17.97 42.48 0.20
C VAL B 78 16.89 41.94 -0.75
N GLN B 79 15.67 41.81 -0.25
CA GLN B 79 14.57 41.33 -1.08
C GLN B 79 14.19 42.35 -2.16
N ALA B 80 14.18 43.64 -1.79
CA ALA B 80 13.77 44.67 -2.74
C ALA B 80 14.74 44.75 -3.92
N LEU B 81 16.05 44.68 -3.64
CA LEU B 81 17.02 44.72 -4.72
C LEU B 81 17.04 43.43 -5.54
N GLN B 82 16.60 42.31 -4.97
CA GLN B 82 16.48 41.08 -5.75
C GLN B 82 15.34 41.17 -6.75
N LEU B 83 14.19 41.71 -6.31
CA LEU B 83 13.13 42.02 -7.27
C LEU B 83 13.61 43.03 -8.30
N GLY B 84 14.47 43.95 -7.90
CA GLY B 84 15.01 44.91 -8.85
C GLY B 84 15.81 44.25 -9.96
N ARG B 85 16.59 43.23 -9.63
CA ARG B 85 17.35 42.50 -10.65
C ARG B 85 16.42 41.83 -11.65
N ILE B 86 15.28 41.30 -11.17
CA ILE B 86 14.32 40.65 -12.06
C ILE B 86 13.73 41.67 -13.04
N ILE B 87 13.40 42.85 -12.54
CA ILE B 87 12.88 43.90 -13.41
C ILE B 87 13.97 44.44 -14.34
N ALA B 88 15.18 44.61 -13.80
CA ALA B 88 16.26 45.18 -14.61
C ALA B 88 16.69 44.25 -15.74
N ALA B 89 16.50 42.94 -15.56
CA ALA B 89 16.82 42.00 -16.63
C ALA B 89 15.89 42.15 -17.82
N ALA B 90 14.63 42.49 -17.57
CA ALA B 90 13.67 42.66 -18.65
C ALA B 90 13.84 44.01 -19.33
N ASP B 91 14.11 45.06 -18.55
CA ASP B 91 14.22 46.41 -19.08
C ASP B 91 15.15 47.18 -18.15
N GLY B 92 16.34 47.52 -18.66
CA GLY B 92 17.31 48.22 -17.83
C GLY B 92 16.81 49.57 -17.34
N SER B 93 16.07 50.29 -18.18
CA SER B 93 15.57 51.61 -17.80
C SER B 93 14.57 51.49 -16.66
N ILE B 94 13.57 50.62 -16.80
CA ILE B 94 12.57 50.47 -15.76
C ILE B 94 13.18 49.87 -14.50
N GLY B 95 14.17 48.98 -14.66
CA GLY B 95 14.88 48.48 -13.50
C GLY B 95 15.60 49.57 -12.73
N GLN B 96 16.21 50.51 -13.46
CA GLN B 96 16.86 51.64 -12.78
C GLN B 96 15.85 52.47 -12.00
N LEU B 97 14.70 52.77 -12.61
CA LEU B 97 13.68 53.56 -11.93
C LEU B 97 13.24 52.88 -10.64
N LEU B 98 13.04 51.56 -10.66
CA LEU B 98 12.55 50.87 -9.47
C LEU B 98 13.57 50.93 -8.34
N VAL B 99 14.83 50.60 -8.64
CA VAL B 99 15.84 50.62 -7.58
C VAL B 99 16.17 52.05 -7.14
N TYR B 100 16.09 53.03 -8.06
CA TYR B 100 16.23 54.42 -7.67
C TYR B 100 15.11 54.84 -6.74
N HIS B 101 13.89 54.37 -7.00
CA HIS B 101 12.77 54.61 -6.10
C HIS B 101 13.03 54.02 -4.71
N TYR B 102 13.46 52.75 -4.67
CA TYR B 102 13.79 52.12 -3.39
C TYR B 102 14.89 52.90 -2.68
N SER B 103 15.93 53.28 -3.42
CA SER B 103 17.03 54.04 -2.81
C SER B 103 16.54 55.37 -2.28
N ASN B 104 15.65 56.04 -3.02
CA ASN B 104 15.10 57.31 -2.56
C ASN B 104 14.32 57.16 -1.26
N GLY B 105 13.68 56.01 -1.05
CA GLY B 105 13.04 55.74 0.23
C GLY B 105 14.05 55.57 1.35
N VAL B 106 15.17 54.90 1.07
CA VAL B 106 16.23 54.77 2.06
C VAL B 106 16.82 56.13 2.38
N TRP B 107 16.97 56.99 1.36
CA TRP B 107 17.49 58.33 1.58
C TRP B 107 16.61 59.13 2.53
N THR B 108 15.30 59.16 2.26
CA THR B 108 14.40 59.93 3.11
C THR B 108 14.18 59.27 4.47
N TYR B 109 14.43 57.96 4.58
CA TYR B 109 14.42 57.32 5.89
C TYR B 109 15.62 57.79 6.72
N ILE B 110 16.80 57.89 6.10
CA ILE B 110 17.98 58.39 6.80
C ILE B 110 17.82 59.87 7.12
N LEU B 111 17.29 60.65 6.16
CA LEU B 111 17.23 62.11 6.31
C LEU B 111 16.00 62.60 7.06
N GLY B 112 14.95 61.80 7.14
CA GLY B 112 13.68 62.27 7.67
C GLY B 112 13.56 62.15 9.18
N SER B 113 12.84 63.11 9.77
CA SER B 113 12.46 63.05 11.16
C SER B 113 11.43 61.94 11.35
N PRO B 114 11.09 61.60 12.60
CA PRO B 114 10.02 60.61 12.81
C PRO B 114 8.71 60.96 12.11
N THR B 115 8.26 62.22 12.21
N THR B 115 8.26 62.22 12.21
CA THR B 115 7.02 62.61 11.57
CA THR B 115 7.02 62.61 11.57
C THR B 115 7.17 62.65 10.04
C THR B 115 7.18 62.65 10.05
N GLN B 116 8.35 63.06 9.56
CA GLN B 116 8.57 63.08 8.12
C GLN B 116 8.65 61.66 7.55
N ARG B 117 9.24 60.73 8.30
CA ARG B 117 9.27 59.34 7.86
C ARG B 117 7.87 58.78 7.68
N GLU B 118 6.99 59.05 8.65
CA GLU B 118 5.63 58.52 8.59
C GLU B 118 4.83 59.17 7.46
N TYR B 119 5.06 60.46 7.20
CA TYR B 119 4.40 61.11 6.08
C TYR B 119 4.76 60.45 4.75
N ILE B 120 6.04 60.15 4.56
CA ILE B 120 6.49 59.56 3.30
C ILE B 120 6.04 58.09 3.21
N SER B 121 6.19 57.35 4.31
CA SER B 121 5.82 55.94 4.31
C SER B 121 4.33 55.75 4.04
N ARG B 122 3.49 56.65 4.59
CA ARG B 122 2.06 56.54 4.34
C ARG B 122 1.71 56.81 2.89
N GLY B 123 2.42 57.73 2.25
CA GLY B 123 2.19 58.01 0.84
C GLY B 123 2.72 56.92 -0.06
N VAL B 124 3.98 56.51 0.17
CA VAL B 124 4.56 55.43 -0.63
C VAL B 124 3.85 54.12 -0.37
N GLY B 125 3.49 53.86 0.89
CA GLY B 125 2.89 52.58 1.25
C GLY B 125 1.46 52.39 0.79
N GLY B 126 0.63 53.43 0.90
CA GLY B 126 -0.79 53.26 0.65
C GLY B 126 -1.40 54.19 -0.37
N HIS B 127 -0.59 55.03 -1.02
CA HIS B 127 -1.10 55.96 -2.01
C HIS B 127 -0.33 55.94 -3.33
N GLY B 128 0.59 55.00 -3.51
CA GLY B 128 1.22 54.82 -4.80
C GLY B 128 2.26 55.85 -5.18
N TRP B 129 2.82 56.59 -4.21
CA TRP B 129 3.79 57.62 -4.55
C TRP B 129 5.06 57.00 -5.10
N PHE B 130 5.55 57.59 -6.20
CA PHE B 130 6.86 57.28 -6.74
C PHE B 130 7.83 58.38 -6.32
N GLN B 131 8.99 58.00 -5.79
CA GLN B 131 9.96 58.94 -5.26
C GLN B 131 11.07 59.19 -6.26
N GLY B 132 11.29 60.46 -6.57
CA GLY B 132 12.40 60.88 -7.42
C GLY B 132 13.34 61.82 -6.68
N SER B 133 14.54 62.01 -7.20
CA SER B 133 15.56 62.76 -6.48
C SER B 133 16.30 63.69 -7.42
N VAL B 134 16.66 64.86 -6.89
CA VAL B 134 17.53 65.82 -7.56
C VAL B 134 18.79 65.90 -6.69
N SER B 135 19.84 65.17 -7.09
CA SER B 135 20.97 64.93 -6.19
C SER B 135 22.34 65.10 -6.82
N ASN B 136 22.44 65.51 -8.08
CA ASN B 136 23.74 65.66 -8.72
C ASN B 136 24.55 66.72 -7.99
N PRO B 137 25.69 66.37 -7.39
CA PRO B 137 26.50 67.35 -6.67
C PRO B 137 27.37 68.21 -7.56
N ARG B 138 27.42 67.94 -8.85
CA ARG B 138 28.30 68.64 -9.78
C ARG B 138 27.57 69.72 -10.58
N ASP B 139 26.34 70.05 -10.22
CA ASP B 139 25.60 71.08 -10.93
C ASP B 139 26.04 72.46 -10.46
N PRO B 140 26.60 73.29 -11.33
CA PRO B 140 27.03 74.63 -10.91
C PRO B 140 25.88 75.63 -11.01
N GLY B 141 26.15 76.84 -10.52
CA GLY B 141 25.18 77.92 -10.61
C GLY B 141 23.92 77.74 -9.81
N ILE B 142 23.94 76.86 -8.81
CA ILE B 142 22.76 76.62 -7.97
C ILE B 142 22.78 77.63 -6.83
N THR B 143 21.64 78.29 -6.61
CA THR B 143 21.49 79.28 -5.54
C THR B 143 20.27 78.93 -4.71
N VAL B 144 20.30 79.35 -3.44
CA VAL B 144 19.18 79.14 -2.53
C VAL B 144 19.08 80.35 -1.61
N THR B 145 17.85 80.85 -1.41
CA THR B 145 17.59 82.00 -0.56
C THR B 145 16.56 81.60 0.48
N ARG B 146 16.87 81.85 1.74
CA ARG B 146 15.96 81.53 2.83
C ARG B 146 14.99 82.68 3.04
N THR B 147 13.70 82.36 3.08
CA THR B 147 12.62 83.31 3.33
C THR B 147 11.85 82.89 4.57
N GLU B 148 10.83 83.68 4.91
CA GLU B 148 10.01 83.36 6.07
C GLU B 148 9.22 82.08 5.87
N GLU B 149 8.82 81.78 4.63
CA GLU B 149 8.08 80.57 4.32
C GLU B 149 8.98 79.35 4.10
N GLY B 150 10.24 79.57 3.72
CA GLY B 150 11.15 78.46 3.51
C GLY B 150 12.40 78.85 2.76
N TYR B 151 12.72 78.09 1.70
CA TYR B 151 13.89 78.35 0.87
C TYR B 151 13.45 78.44 -0.58
N ARG B 152 13.94 79.46 -1.29
CA ARG B 152 13.70 79.62 -2.72
C ARG B 152 14.93 79.10 -3.46
N VAL B 153 14.73 78.14 -4.37
CA VAL B 153 15.80 77.44 -5.04
C VAL B 153 15.77 77.78 -6.53
N ASN B 154 16.93 78.09 -7.08
CA ASN B 154 17.08 78.39 -8.50
C ASN B 154 18.27 77.62 -9.06
N GLY B 155 18.22 77.35 -10.36
CA GLY B 155 19.32 76.68 -11.02
C GLY B 155 18.92 75.42 -11.76
N LYS B 156 19.77 74.99 -12.68
CA LYS B 156 19.53 73.80 -13.50
C LYS B 156 20.20 72.60 -12.86
N ARG B 157 19.45 71.51 -12.73
CA ARG B 157 19.97 70.26 -12.19
C ARG B 157 19.84 69.17 -13.24
N THR B 158 20.88 68.34 -13.34
CA THR B 158 20.99 67.35 -14.40
C THR B 158 20.88 65.93 -13.84
N PHE B 159 20.66 64.99 -14.76
CA PHE B 159 20.52 63.57 -14.41
C PHE B 159 19.47 63.36 -13.32
N ALA B 160 18.33 64.03 -13.47
CA ALA B 160 17.25 63.96 -12.47
C ALA B 160 16.38 62.74 -12.74
N THR B 161 16.95 61.58 -12.48
CA THR B 161 16.30 60.31 -12.81
C THR B 161 14.94 60.20 -12.11
N GLY B 162 13.90 60.01 -12.92
CA GLY B 162 12.56 59.76 -12.42
C GLY B 162 11.80 60.97 -11.91
N VAL B 163 12.42 62.16 -11.91
CA VAL B 163 11.77 63.31 -11.33
C VAL B 163 10.53 63.71 -12.12
N ALA B 164 10.60 63.62 -13.46
CA ALA B 164 9.46 63.98 -14.29
C ALA B 164 8.27 63.04 -14.10
N VAL B 165 8.48 61.87 -13.53
CA VAL B 165 7.42 60.90 -13.29
C VAL B 165 7.18 60.67 -11.81
N ALA B 166 7.83 61.44 -10.94
CA ALA B 166 7.76 61.22 -9.50
C ALA B 166 6.59 61.99 -8.89
N ASP B 167 6.07 61.43 -7.79
CA ASP B 167 5.04 62.10 -7.01
C ASP B 167 5.62 62.89 -5.86
N LEU B 168 6.71 62.41 -5.27
CA LEU B 168 7.41 63.11 -4.20
C LEU B 168 8.86 63.25 -4.62
N ILE B 169 9.36 64.49 -4.65
CA ILE B 169 10.70 64.79 -5.13
C ILE B 169 11.57 65.19 -3.95
N THR B 170 12.72 64.55 -3.81
CA THR B 170 13.72 64.93 -2.82
C THR B 170 14.73 65.85 -3.49
N VAL B 171 14.89 67.05 -2.94
CA VAL B 171 15.84 68.03 -3.44
C VAL B 171 16.99 68.12 -2.46
N LEU B 172 18.20 67.83 -2.93
CA LEU B 172 19.40 67.85 -2.10
C LEU B 172 20.30 68.98 -2.56
N LEU B 173 20.75 69.81 -1.62
CA LEU B 173 21.58 70.97 -1.92
C LEU B 173 22.80 70.96 -1.01
N TYR B 174 23.99 71.14 -1.61
CA TYR B 174 25.26 71.28 -0.90
C TYR B 174 25.68 70.02 -0.15
N GLU B 175 26.87 70.08 0.46
CA GLU B 175 27.46 68.98 1.22
C GLU B 175 27.92 69.41 2.60
N ALA B 176 28.48 70.61 2.74
CA ALA B 176 28.96 71.09 4.03
C ALA B 176 27.80 71.36 4.98
N GLU B 177 26.99 72.37 4.67
CA GLU B 177 25.75 72.66 5.38
C GLU B 177 24.61 72.30 4.44
N PRO B 178 24.17 71.05 4.40
CA PRO B 178 23.20 70.65 3.38
C PRO B 178 21.80 71.15 3.71
N ILE B 179 21.00 71.32 2.65
CA ILE B 179 19.59 71.61 2.76
C ILE B 179 18.88 70.53 1.93
N ASN B 180 18.27 69.57 2.61
CA ASN B 180 17.54 68.49 1.95
C ASN B 180 16.06 68.63 2.28
N ALA B 181 15.22 68.50 1.26
CA ALA B 181 13.78 68.68 1.44
C ALA B 181 13.03 67.77 0.49
N ILE B 182 11.75 67.58 0.79
CA ILE B 182 10.83 66.81 -0.05
C ILE B 182 9.72 67.74 -0.50
N ILE B 183 9.46 67.77 -1.80
CA ILE B 183 8.44 68.64 -2.35
C ILE B 183 7.48 67.83 -3.22
N PRO B 184 6.21 68.24 -3.35
CA PRO B 184 5.31 67.55 -4.26
C PRO B 184 5.66 67.85 -5.71
N SER B 185 5.22 66.95 -6.59
CA SER B 185 5.40 67.17 -8.03
C SER B 185 4.63 68.39 -8.53
N GLU B 186 3.61 68.81 -7.78
CA GLU B 186 2.79 69.96 -8.16
C GLU B 186 3.43 71.29 -7.78
N ARG B 187 4.56 71.29 -7.09
CA ARG B 187 5.17 72.53 -6.61
C ARG B 187 5.55 73.43 -7.79
N ASP B 188 5.15 74.69 -7.71
CA ASP B 188 5.39 75.63 -8.80
C ASP B 188 6.88 75.90 -8.97
N GLY B 189 7.27 76.13 -10.22
CA GLY B 189 8.64 76.50 -10.55
C GLY B 189 9.47 75.40 -11.18
N LEU B 190 8.95 74.19 -11.25
CA LEU B 190 9.70 73.07 -11.82
C LEU B 190 9.45 73.00 -13.33
N ARG B 191 10.52 73.15 -14.11
CA ARG B 191 10.48 73.00 -15.56
C ARG B 191 11.32 71.78 -15.94
N PHE B 192 10.70 70.84 -16.64
CA PHE B 192 11.38 69.63 -17.08
C PHE B 192 11.80 69.83 -18.54
N ASN B 193 13.11 69.87 -18.77
CA ASN B 193 13.63 70.02 -20.12
C ASN B 193 13.55 68.70 -20.86
N ASP B 194 13.33 68.78 -22.17
CA ASP B 194 13.28 67.61 -23.02
C ASP B 194 14.64 67.38 -23.70
N ASP B 195 15.65 67.12 -22.87
CA ASP B 195 17.02 66.98 -23.35
C ASP B 195 17.62 65.60 -23.04
N TRP B 196 16.78 64.58 -22.84
CA TRP B 196 17.26 63.23 -22.57
C TRP B 196 17.06 62.39 -23.84
N ASP B 197 18.15 62.21 -24.59
CA ASP B 197 18.17 61.39 -25.81
C ASP B 197 19.50 60.64 -25.76
N ASN B 198 19.51 59.54 -25.02
CA ASN B 198 20.76 58.93 -24.56
C ASN B 198 21.00 57.60 -25.26
N LEU B 199 22.25 57.13 -25.16
CA LEU B 199 22.60 55.83 -25.69
C LEU B 199 21.74 54.74 -25.07
N GLY B 200 21.78 54.62 -23.74
CA GLY B 200 20.96 53.69 -23.01
C GLY B 200 20.31 54.35 -21.83
N GLN B 201 19.63 53.58 -20.98
CA GLN B 201 18.83 54.14 -19.88
C GLN B 201 17.94 55.27 -20.38
N ARG B 202 17.34 55.04 -21.55
CA ARG B 202 16.60 56.10 -22.24
C ARG B 202 15.27 56.41 -21.55
N LEU B 203 14.63 55.41 -20.96
CA LEU B 203 13.32 55.57 -20.34
C LEU B 203 13.41 55.82 -18.84
N THR B 204 14.52 56.40 -18.37
CA THR B 204 14.69 56.69 -16.95
C THR B 204 14.32 58.12 -16.60
N ALA B 205 13.94 58.94 -17.58
CA ALA B 205 13.59 60.35 -17.35
C ALA B 205 14.72 61.11 -16.68
N SER B 206 15.94 60.90 -17.18
CA SER B 206 17.15 61.48 -16.60
C SER B 206 17.53 62.80 -17.25
N GLY B 207 16.58 63.50 -17.85
CA GLY B 207 16.84 64.83 -18.38
C GLY B 207 17.04 65.84 -17.27
N SER B 208 17.26 67.09 -17.68
CA SER B 208 17.52 68.16 -16.74
C SER B 208 16.22 68.82 -16.28
N VAL B 209 16.30 69.49 -15.13
CA VAL B 209 15.15 70.14 -14.50
C VAL B 209 15.54 71.55 -14.11
N GLU B 210 14.70 72.52 -14.46
CA GLU B 210 14.93 73.92 -14.13
C GLU B 210 14.14 74.26 -12.87
N PHE B 211 14.81 74.89 -11.91
CA PHE B 211 14.17 75.38 -10.69
C PHE B 211 14.01 76.89 -10.83
N ASP B 212 12.77 77.33 -11.01
CA ASP B 212 12.45 78.75 -11.18
C ASP B 212 11.74 79.21 -9.89
N ASN B 213 12.54 79.69 -8.95
CA ASN B 213 12.02 80.22 -7.68
C ASN B 213 11.19 79.18 -6.93
N VAL B 214 11.67 77.94 -6.94
CA VAL B 214 10.95 76.84 -6.32
C VAL B 214 11.02 76.98 -4.80
N LEU B 215 9.86 76.87 -4.14
CA LEU B 215 9.77 76.98 -2.70
C LEU B 215 9.93 75.61 -2.04
N LEU B 216 10.75 75.56 -1.00
CA LEU B 216 10.86 74.40 -0.11
C LEU B 216 10.40 74.87 1.26
N ARG B 217 9.22 74.45 1.68
CA ARG B 217 8.66 74.92 2.94
C ARG B 217 9.47 74.37 4.11
N HIS B 218 9.45 75.11 5.23
CA HIS B 218 10.26 74.74 6.39
C HIS B 218 9.87 73.38 6.94
N ASP B 219 8.57 73.07 6.93
CA ASP B 219 8.13 71.75 7.39
C ASP B 219 8.56 70.63 6.45
N GLU B 220 8.96 70.97 5.23
CA GLU B 220 9.45 69.99 4.27
C GLU B 220 10.95 69.76 4.37
N VAL B 221 11.67 70.57 5.13
CA VAL B 221 13.10 70.40 5.30
C VAL B 221 13.37 69.20 6.19
N LEU B 222 14.18 68.26 5.70
CA LEU B 222 14.46 67.03 6.43
C LEU B 222 15.45 67.29 7.56
N THR B 223 15.11 66.81 8.76
CA THR B 223 15.91 67.08 9.96
C THR B 223 16.33 65.80 10.68
N GLY B 224 16.24 64.64 10.02
CA GLY B 224 16.57 63.39 10.70
C GLY B 224 18.02 63.30 11.13
N LEU B 225 18.92 63.97 10.40
CA LEU B 225 20.34 63.95 10.73
C LEU B 225 20.70 64.76 11.96
N ASP B 226 19.74 65.51 12.53
CA ASP B 226 20.06 66.37 13.67
C ASP B 226 20.48 65.57 14.89
N GLU B 227 19.89 64.40 15.11
CA GLU B 227 20.19 63.62 16.30
C GLU B 227 21.56 62.94 16.24
N TYR B 228 22.30 63.11 15.16
CA TYR B 228 23.65 62.56 15.04
C TYR B 228 24.67 63.69 15.22
N SER B 229 25.73 63.39 15.97
CA SER B 229 26.72 64.41 16.30
C SER B 229 27.42 64.91 15.05
N GLY B 230 27.49 66.23 14.90
CA GLY B 230 28.24 66.84 13.84
C GLY B 230 29.69 67.11 14.17
N LEU B 231 30.17 66.62 15.31
CA LEU B 231 31.54 66.87 15.76
C LEU B 231 32.47 65.68 15.57
N ASP B 232 31.98 64.45 15.75
CA ASP B 232 32.82 63.26 15.66
C ASP B 232 32.64 62.49 14.36
N GLY B 233 32.00 63.10 13.35
CA GLY B 233 31.78 62.44 12.09
C GLY B 233 30.61 61.49 12.04
N SER B 234 29.84 61.37 13.13
CA SER B 234 28.72 60.44 13.13
C SER B 234 27.65 60.86 12.10
N ARG B 235 27.40 62.16 12.00
CA ARG B 235 26.42 62.63 11.02
C ARG B 235 26.87 62.37 9.59
N GLU B 236 28.17 62.55 9.32
CA GLU B 236 28.68 62.32 7.97
C GLU B 236 28.62 60.84 7.60
N ARG B 237 28.94 59.95 8.53
CA ARG B 237 28.93 58.53 8.23
C ARG B 237 27.50 57.99 8.13
N ARG B 238 26.59 58.51 8.96
CA ARG B 238 25.18 58.15 8.83
C ARG B 238 24.62 58.64 7.49
N ASP B 239 24.88 59.89 7.15
CA ASP B 239 24.44 60.42 5.86
C ASP B 239 25.14 59.72 4.71
N GLY B 240 26.40 59.33 4.90
CA GLY B 240 27.16 58.67 3.85
C GLY B 240 26.61 57.30 3.46
N LEU B 241 25.73 56.72 4.29
CA LEU B 241 25.08 55.48 3.90
C LEU B 241 24.21 55.65 2.66
N ARG B 242 23.76 56.87 2.37
CA ARG B 242 22.97 57.10 1.16
C ARG B 242 23.81 56.84 -0.08
N ALA B 243 25.02 57.39 -0.14
CA ALA B 243 25.87 57.22 -1.30
C ALA B 243 26.30 55.75 -1.45
N LEU B 244 26.53 55.06 -0.34
CA LEU B 244 26.87 53.65 -0.42
C LEU B 244 25.70 52.83 -0.96
N PHE B 245 24.47 53.18 -0.60
CA PHE B 245 23.33 52.45 -1.12
C PHE B 245 23.10 52.76 -2.60
N SER B 246 23.42 53.97 -3.05
CA SER B 246 23.40 54.26 -4.47
C SER B 246 24.32 53.32 -5.23
N GLN B 247 25.56 53.20 -4.78
CA GLN B 247 26.49 52.26 -5.39
C GLN B 247 25.94 50.84 -5.36
N LEU B 248 25.20 50.49 -4.31
CA LEU B 248 24.67 49.14 -4.18
C LEU B 248 23.58 48.86 -5.22
N ILE B 249 22.65 49.81 -5.42
CA ILE B 249 21.63 49.59 -6.43
C ILE B 249 22.23 49.53 -7.82
N PHE B 250 23.32 50.27 -8.06
CA PHE B 250 24.02 50.16 -9.33
C PHE B 250 24.54 48.74 -9.55
N VAL B 251 25.09 48.14 -8.50
CA VAL B 251 25.56 46.76 -8.57
C VAL B 251 24.44 45.84 -9.06
N HIS B 252 23.28 45.92 -8.41
CA HIS B 252 22.18 45.03 -8.74
C HIS B 252 21.60 45.34 -10.12
N LEU B 253 21.53 46.62 -10.48
CA LEU B 253 21.09 46.99 -11.82
C LEU B 253 22.00 46.37 -12.89
N TYR B 254 23.31 46.48 -12.71
CA TYR B 254 24.24 45.92 -13.70
C TYR B 254 24.08 44.41 -13.81
N LEU B 255 23.93 43.74 -12.66
CA LEU B 255 23.81 42.28 -12.68
C LEU B 255 22.49 41.84 -13.31
N GLY B 256 21.40 42.54 -13.02
CA GLY B 256 20.14 42.25 -13.69
C GLY B 256 20.25 42.38 -15.19
N ILE B 257 20.83 43.49 -15.66
CA ILE B 257 21.01 43.69 -17.10
C ILE B 257 21.85 42.57 -17.70
N ALA B 258 22.90 42.16 -16.99
CA ALA B 258 23.74 41.06 -17.47
C ALA B 258 22.95 39.76 -17.55
N GLU B 259 22.09 39.51 -16.57
CA GLU B 259 21.25 38.32 -16.61
C GLU B 259 20.28 38.37 -17.78
N GLY B 260 19.74 39.55 -18.08
CA GLY B 260 18.83 39.68 -19.21
C GLY B 260 19.53 39.45 -20.54
N ALA B 261 20.75 39.98 -20.69
CA ALA B 261 21.48 39.81 -21.93
C ALA B 261 21.84 38.35 -22.16
N LEU B 262 22.27 37.64 -21.10
CA LEU B 262 22.59 36.22 -21.24
C LEU B 262 21.36 35.42 -21.63
N ALA B 263 20.23 35.67 -20.96
CA ALA B 263 19.01 34.92 -21.27
C ALA B 263 18.50 35.25 -22.67
N ALA B 264 18.65 36.50 -23.10
CA ALA B 264 18.22 36.87 -24.45
C ALA B 264 19.10 36.21 -25.51
N GLY B 265 20.42 36.16 -25.27
CA GLY B 265 21.30 35.47 -26.21
C GLY B 265 21.02 33.98 -26.28
N VAL B 266 20.83 33.34 -25.12
CA VAL B 266 20.45 31.92 -25.12
C VAL B 266 19.14 31.71 -25.87
N ALA B 267 18.16 32.58 -25.61
CA ALA B 267 16.86 32.44 -26.26
C ALA B 267 16.99 32.55 -27.78
N TYR B 268 17.82 33.47 -28.26
CA TYR B 268 18.02 33.62 -29.69
C TYR B 268 18.68 32.39 -30.29
N ILE B 269 19.74 31.88 -29.64
CA ILE B 269 20.45 30.73 -30.18
C ILE B 269 19.50 29.53 -30.31
N ARG B 270 18.68 29.30 -29.29
CA ARG B 270 17.79 28.14 -29.30
C ARG B 270 16.68 28.29 -30.33
N ASP B 271 16.19 29.51 -30.56
CA ASP B 271 15.07 29.72 -31.46
C ASP B 271 15.52 29.99 -32.90
N LYS B 272 16.47 30.91 -33.07
CA LYS B 272 16.85 31.38 -34.40
C LYS B 272 18.25 30.96 -34.82
N GLY B 273 19.05 30.38 -33.93
CA GLY B 273 20.43 30.08 -34.26
C GLY B 273 20.56 28.96 -35.26
N ARG B 274 21.61 29.03 -36.06
CA ARG B 274 21.95 27.96 -37.00
C ARG B 274 23.43 27.62 -36.86
N PRO B 275 23.80 26.37 -37.12
CA PRO B 275 25.19 25.96 -36.89
C PRO B 275 26.14 26.54 -37.92
N TRP B 276 27.38 26.75 -37.50
CA TRP B 276 28.41 27.20 -38.42
C TRP B 276 28.86 26.02 -39.29
N PRO B 277 28.98 26.20 -40.60
CA PRO B 277 29.32 25.05 -41.47
C PRO B 277 30.60 24.31 -41.08
N GLU B 278 31.57 25.00 -40.46
CA GLU B 278 32.78 24.32 -40.01
C GLU B 278 32.59 23.53 -38.73
N ALA B 279 31.45 23.68 -38.05
CA ALA B 279 31.24 23.00 -36.78
C ALA B 279 31.10 21.50 -37.00
N HIS B 280 31.44 20.75 -35.95
CA HIS B 280 31.31 19.29 -36.01
C HIS B 280 29.84 18.87 -36.04
N SER B 281 28.98 19.55 -35.29
CA SER B 281 27.58 19.18 -35.18
C SER B 281 26.71 20.11 -36.01
N THR B 282 25.61 19.58 -36.51
CA THR B 282 24.59 20.37 -37.18
C THR B 282 23.59 20.97 -36.21
N ASP B 283 23.74 20.72 -34.91
CA ASP B 283 22.89 21.30 -33.88
C ASP B 283 23.62 22.51 -33.31
N VAL B 284 23.02 23.70 -33.47
CA VAL B 284 23.68 24.93 -33.02
C VAL B 284 23.84 24.93 -31.51
N THR B 285 22.97 24.24 -30.78
CA THR B 285 23.08 24.18 -29.33
C THR B 285 24.25 23.31 -28.87
N GLU B 286 24.96 22.66 -29.78
CA GLU B 286 26.08 21.80 -29.43
C GLU B 286 27.43 22.40 -29.83
N ASP B 287 27.44 23.65 -30.27
CA ASP B 287 28.70 24.30 -30.62
C ASP B 287 29.57 24.45 -29.36
N PRO B 288 30.82 23.99 -29.39
CA PRO B 288 31.64 24.04 -28.18
C PRO B 288 32.05 25.45 -27.77
N TYR B 289 32.10 26.39 -28.71
CA TYR B 289 32.49 27.75 -28.37
C TYR B 289 31.31 28.54 -27.82
N HIS B 290 30.11 28.32 -28.36
CA HIS B 290 28.92 28.89 -27.75
C HIS B 290 28.78 28.43 -26.31
N GLN B 291 28.89 27.11 -26.08
CA GLN B 291 28.70 26.57 -24.74
C GLN B 291 29.75 27.11 -23.77
N GLN B 292 31.02 27.14 -24.20
CA GLN B 292 32.08 27.62 -23.32
C GLN B 292 31.89 29.09 -22.97
N LEU B 293 31.59 29.92 -23.96
CA LEU B 293 31.42 31.35 -23.71
C LEU B 293 30.23 31.61 -22.79
N LEU B 294 29.09 31.01 -23.11
CA LEU B 294 27.90 31.21 -22.27
C LEU B 294 28.13 30.68 -20.86
N GLY B 295 28.88 29.58 -20.72
CA GLY B 295 29.17 29.06 -19.40
C GLY B 295 30.07 29.96 -18.59
N ARG B 296 31.06 30.58 -19.26
CA ARG B 296 31.93 31.51 -18.56
C ARG B 296 31.16 32.74 -18.10
N LEU B 297 30.30 33.27 -18.96
CA LEU B 297 29.50 34.44 -18.61
C LEU B 297 28.52 34.12 -17.49
N SER B 298 27.88 32.95 -17.55
CA SER B 298 26.97 32.54 -16.48
C SER B 298 27.68 32.45 -15.14
N ALA B 299 28.90 31.90 -15.13
CA ALA B 299 29.65 31.78 -13.89
C ALA B 299 30.00 33.15 -13.31
N GLY B 300 30.44 34.08 -14.16
CA GLY B 300 30.79 35.41 -13.68
C GLY B 300 29.60 36.15 -13.11
N ILE B 301 28.42 35.97 -13.73
CA ILE B 301 27.21 36.60 -13.19
C ILE B 301 26.91 36.06 -11.80
N ALA B 302 27.00 34.74 -11.62
CA ALA B 302 26.66 34.14 -10.33
C ALA B 302 27.58 34.64 -9.22
N ALA B 303 28.88 34.79 -9.52
CA ALA B 303 29.79 35.34 -8.53
C ALA B 303 29.40 36.77 -8.16
N GLY B 304 29.05 37.59 -9.15
CA GLY B 304 28.63 38.95 -8.86
C GLY B 304 27.38 39.01 -8.01
N VAL B 305 26.42 38.13 -8.28
CA VAL B 305 25.19 38.10 -7.49
C VAL B 305 25.47 37.68 -6.06
N ALA B 306 26.33 36.68 -5.87
CA ALA B 306 26.66 36.24 -4.52
C ALA B 306 27.30 37.36 -3.71
N LEU B 307 28.23 38.09 -4.30
CA LEU B 307 28.85 39.21 -3.60
C LEU B 307 27.85 40.36 -3.39
N ALA B 308 27.00 40.61 -4.38
CA ALA B 308 26.05 41.71 -4.28
C ALA B 308 25.07 41.51 -3.14
N ASP B 309 24.47 40.32 -3.06
CA ASP B 309 23.52 40.06 -1.98
C ASP B 309 24.19 40.06 -0.62
N SER B 310 25.44 39.60 -0.54
CA SER B 310 26.19 39.66 0.71
C SER B 310 26.46 41.12 1.12
N ALA B 311 26.82 41.96 0.16
CA ALA B 311 27.06 43.37 0.48
C ALA B 311 25.79 44.07 0.89
N THR B 312 24.66 43.71 0.28
CA THR B 312 23.38 44.32 0.65
C THR B 312 22.99 43.96 2.08
N LYS B 313 23.19 42.69 2.45
CA LYS B 313 22.92 42.27 3.82
C LYS B 313 23.78 43.06 4.81
N GLU B 314 25.04 43.28 4.47
CA GLU B 314 25.91 44.06 5.34
C GLU B 314 25.43 45.51 5.44
N PHE B 315 24.85 46.05 4.36
CA PHE B 315 24.32 47.41 4.42
C PHE B 315 23.12 47.49 5.36
N GLU B 316 22.22 46.51 5.28
CA GLU B 316 21.06 46.49 6.17
C GLU B 316 21.49 46.50 7.63
N GLN B 317 22.54 45.74 7.96
CA GLN B 317 23.03 45.70 9.33
C GLN B 317 23.57 47.05 9.76
N ALA B 318 24.34 47.71 8.89
CA ALA B 318 24.85 49.03 9.21
C ALA B 318 23.73 50.05 9.36
N LEU B 319 22.70 49.94 8.52
CA LEU B 319 21.56 50.85 8.62
C LEU B 319 20.79 50.65 9.91
N ALA B 320 20.74 49.41 10.40
CA ALA B 320 20.00 49.09 11.61
C ALA B 320 20.81 49.26 12.89
N PHE B 321 22.04 49.77 12.79
CA PHE B 321 22.82 50.04 14.00
C PHE B 321 22.13 51.10 14.85
N GLY B 322 22.21 50.94 16.16
CA GLY B 322 21.67 51.95 17.05
C GLY B 322 22.39 53.28 16.95
N GLU B 323 23.68 53.25 16.65
CA GLU B 323 24.50 54.44 16.43
C GLU B 323 24.90 54.51 14.96
N ALA B 324 25.57 55.60 14.60
CA ALA B 324 26.18 55.66 13.28
C ALA B 324 27.35 54.68 13.22
N PRO B 325 27.63 54.11 12.06
CA PRO B 325 28.80 53.23 11.94
C PRO B 325 30.08 54.01 12.18
N THR B 326 31.03 53.37 12.87
CA THR B 326 32.33 53.97 13.11
C THR B 326 33.09 54.13 11.79
N GLU B 327 34.26 54.76 11.88
CA GLU B 327 35.12 54.91 10.70
C GLU B 327 35.47 53.56 10.09
N ALA B 328 35.80 52.57 10.94
CA ALA B 328 36.18 51.26 10.43
C ALA B 328 34.97 50.50 9.88
N GLN B 329 33.82 50.62 10.55
CA GLN B 329 32.61 49.97 10.04
C GLN B 329 32.19 50.57 8.71
N TRP B 330 32.17 51.90 8.62
CA TRP B 330 31.81 52.55 7.36
C TRP B 330 32.81 52.21 6.27
N GLY B 331 34.11 52.22 6.60
CA GLY B 331 35.12 51.90 5.62
C GLY B 331 35.03 50.48 5.11
N ALA B 332 34.81 49.52 6.01
CA ALA B 332 34.70 48.12 5.59
C ALA B 332 33.49 47.91 4.70
N LEU B 333 32.36 48.54 5.03
CA LEU B 333 31.18 48.46 4.17
C LEU B 333 31.46 49.09 2.81
N ALA B 334 32.13 50.25 2.79
CA ALA B 334 32.43 50.90 1.53
C ALA B 334 33.38 50.05 0.68
N ILE B 335 34.34 49.39 1.31
CA ILE B 335 35.25 48.52 0.57
C ILE B 335 34.49 47.36 -0.08
N ARG B 336 33.56 46.76 0.66
CA ARG B 336 32.79 45.65 0.11
C ARG B 336 31.86 46.12 -1.01
N VAL B 337 31.30 47.32 -0.88
CA VAL B 337 30.47 47.87 -1.94
C VAL B 337 31.33 48.21 -3.16
N ASP B 338 32.54 48.73 -2.94
CA ASP B 338 33.48 48.95 -4.04
C ASP B 338 33.79 47.64 -4.77
N GLN B 339 34.01 46.57 -4.00
CA GLN B 339 34.28 45.27 -4.61
C GLN B 339 33.11 44.81 -5.47
N ALA B 340 31.88 44.89 -4.93
CA ALA B 340 30.71 44.50 -5.72
C ALA B 340 30.53 45.40 -6.93
N LYS B 341 30.82 46.70 -6.78
CA LYS B 341 30.73 47.62 -7.90
C LYS B 341 31.73 47.24 -8.99
N SER B 342 32.96 46.92 -8.61
CA SER B 342 33.98 46.55 -9.59
C SER B 342 33.58 45.28 -10.33
N VAL B 343 33.17 44.25 -9.59
CA VAL B 343 32.80 42.98 -10.21
C VAL B 343 31.57 43.14 -11.09
N ALA B 344 30.53 43.81 -10.58
CA ALA B 344 29.31 43.96 -11.35
C ALA B 344 29.52 44.79 -12.61
N THR B 345 30.38 45.79 -12.55
CA THR B 345 30.72 46.55 -13.75
C THR B 345 31.38 45.66 -14.79
N GLU B 346 32.38 44.88 -14.36
CA GLU B 346 33.16 44.10 -15.31
C GLU B 346 32.32 43.02 -15.98
N ILE B 347 31.51 42.30 -15.21
CA ILE B 347 30.75 41.18 -15.79
C ILE B 347 29.63 41.69 -16.70
N SER B 348 28.96 42.78 -16.32
CA SER B 348 27.86 43.26 -17.13
C SER B 348 28.36 43.78 -18.48
N LEU B 349 29.47 44.51 -18.48
CA LEU B 349 30.09 44.92 -19.73
C LEU B 349 30.61 43.71 -20.51
N ASP B 350 31.10 42.69 -19.81
CA ASP B 350 31.57 41.47 -20.46
C ASP B 350 30.42 40.76 -21.17
N VAL B 351 29.31 40.55 -20.46
CA VAL B 351 28.18 39.78 -21.02
C VAL B 351 27.57 40.52 -22.21
N THR B 352 27.18 41.78 -22.02
CA THR B 352 26.42 42.50 -23.03
C THR B 352 27.24 42.74 -24.30
N HIS B 353 28.56 42.78 -24.19
CA HIS B 353 29.45 43.00 -25.33
C HIS B 353 29.76 41.71 -26.09
N ASN B 354 30.00 40.62 -25.37
CA ASN B 354 30.46 39.38 -25.98
C ASN B 354 29.33 38.41 -26.34
N ILE B 355 28.09 38.71 -25.92
CA ILE B 355 26.99 37.81 -26.26
C ILE B 355 26.81 37.68 -27.77
N TYR B 356 27.14 38.74 -28.52
CA TYR B 356 27.02 38.70 -29.97
C TYR B 356 27.94 37.69 -30.63
N GLN B 357 29.05 37.32 -29.97
CA GLN B 357 29.94 36.33 -30.56
C GLN B 357 29.23 34.99 -30.73
N ALA B 358 28.28 34.68 -29.85
CA ALA B 358 27.52 33.44 -29.94
C ALA B 358 26.25 33.56 -30.78
N THR B 359 25.66 34.75 -30.85
CA THR B 359 24.36 34.89 -31.52
C THR B 359 24.45 35.03 -33.04
N GLY B 360 25.50 35.66 -33.56
CA GLY B 360 25.74 35.64 -35.00
C GLY B 360 25.30 36.89 -35.72
N ALA B 361 25.39 36.80 -37.05
CA ALA B 361 25.20 37.99 -37.90
C ALA B 361 23.74 38.39 -37.98
N ARG B 362 22.84 37.43 -38.16
CA ARG B 362 21.42 37.75 -38.26
C ARG B 362 20.88 38.37 -36.98
N SER B 363 21.53 38.13 -35.84
CA SER B 363 21.05 38.67 -34.57
C SER B 363 21.28 40.17 -34.44
N THR B 364 22.09 40.77 -35.31
CA THR B 364 22.37 42.20 -35.23
C THR B 364 21.27 43.06 -35.82
N ALA B 365 20.19 42.47 -36.33
CA ALA B 365 19.05 43.24 -36.79
C ALA B 365 18.38 43.93 -35.60
N ASN B 366 17.88 45.14 -35.83
CA ASN B 366 17.20 45.88 -34.78
C ASN B 366 15.86 45.24 -34.38
N SER B 367 15.28 44.42 -35.25
CA SER B 367 14.12 43.63 -34.84
C SER B 367 14.46 42.64 -33.73
N VAL B 368 15.73 42.24 -33.63
CA VAL B 368 16.17 41.40 -32.52
C VAL B 368 16.54 42.26 -31.32
N GLY B 369 17.33 43.30 -31.54
CA GLY B 369 17.62 44.28 -30.51
C GLY B 369 18.42 43.78 -29.34
N LEU B 370 19.35 42.86 -29.56
CA LEU B 370 20.18 42.35 -28.47
C LEU B 370 21.09 43.41 -27.88
N ASP B 371 21.26 44.55 -28.56
CA ASP B 371 22.19 45.59 -28.12
C ASP B 371 21.62 46.45 -27.01
N ILE B 372 20.31 46.41 -26.77
CA ILE B 372 19.70 47.25 -25.74
C ILE B 372 20.34 46.99 -24.39
N TYR B 373 20.75 45.75 -24.12
CA TYR B 373 21.40 45.45 -22.86
C TYR B 373 22.75 46.13 -22.76
N TRP B 374 23.53 46.12 -23.85
CA TRP B 374 24.81 46.82 -23.87
C TRP B 374 24.62 48.32 -23.71
N ARG B 375 23.71 48.90 -24.50
CA ARG B 375 23.48 50.34 -24.41
C ARG B 375 23.11 50.75 -22.99
N ASN B 376 22.33 49.92 -22.30
CA ASN B 376 21.94 50.22 -20.93
C ASN B 376 23.12 50.09 -19.98
N ALA B 377 23.82 48.95 -20.03
CA ALA B 377 24.95 48.75 -19.11
C ALA B 377 26.11 49.68 -19.44
N ARG B 378 26.43 49.85 -20.73
CA ARG B 378 27.53 50.72 -21.12
C ARG B 378 27.28 52.15 -20.68
N THR B 379 26.01 52.58 -20.67
CA THR B 379 25.68 53.93 -20.24
C THR B 379 25.89 54.09 -18.74
N HIS B 380 25.24 53.25 -17.94
CA HIS B 380 25.21 53.50 -16.51
C HIS B 380 26.56 53.23 -15.85
N THR B 381 27.35 52.28 -16.38
CA THR B 381 28.67 52.00 -15.81
C THR B 381 29.62 53.19 -15.88
N THR B 382 29.29 54.22 -16.66
CA THR B 382 30.07 55.46 -16.69
C THR B 382 29.60 56.48 -15.67
N HIS B 383 28.65 56.10 -14.80
CA HIS B 383 28.18 57.02 -13.76
C HIS B 383 29.34 57.57 -12.95
N ASP B 384 30.18 56.69 -12.42
CA ASP B 384 31.44 57.10 -11.82
C ASP B 384 32.52 56.15 -12.31
N PRO B 385 33.73 56.64 -12.54
CA PRO B 385 34.74 55.85 -13.26
C PRO B 385 35.17 54.61 -12.48
N LEU B 386 35.15 53.46 -13.16
CA LEU B 386 35.56 52.19 -12.56
C LEU B 386 36.96 52.20 -11.97
N PRO B 387 38.00 52.72 -12.63
CA PRO B 387 39.34 52.63 -12.03
C PRO B 387 39.47 53.30 -10.67
N TYR B 388 38.66 54.32 -10.38
CA TYR B 388 38.75 54.98 -9.08
C TYR B 388 38.06 54.21 -7.97
N ARG B 389 37.05 53.40 -8.29
CA ARG B 389 36.48 52.53 -7.26
C ARG B 389 37.43 51.38 -6.95
N GLN B 390 38.12 50.88 -7.98
CA GLN B 390 39.15 49.88 -7.77
C GLN B 390 40.37 50.47 -7.05
N ARG B 391 40.72 51.71 -7.39
CA ARG B 391 41.82 52.38 -6.72
C ARG B 391 41.56 52.52 -5.23
N GLU B 392 40.30 52.76 -4.85
CA GLU B 392 39.97 52.93 -3.44
C GLU B 392 40.24 51.64 -2.66
N ILE B 393 39.98 50.48 -3.29
CA ILE B 393 40.25 49.21 -2.63
C ILE B 393 41.75 49.00 -2.46
N GLY B 394 42.51 49.19 -3.54
CA GLY B 394 43.95 49.02 -3.46
C GLY B 394 44.63 50.03 -2.56
N ARG B 395 44.08 51.25 -2.51
CA ARG B 395 44.64 52.27 -1.62
C ARG B 395 44.50 51.85 -0.15
N HIS B 396 43.37 51.26 0.21
CA HIS B 396 43.20 50.78 1.58
C HIS B 396 44.18 49.67 1.90
N LEU B 397 44.40 48.76 0.96
CA LEU B 397 45.32 47.65 1.18
C LEU B 397 46.75 48.16 1.37
N LEU B 398 47.13 49.20 0.63
CA LEU B 398 48.51 49.69 0.64
C LEU B 398 48.78 50.74 1.71
N THR B 399 47.77 51.48 2.15
CA THR B 399 47.98 52.59 3.08
C THR B 399 47.21 52.49 4.38
N ASP B 400 46.26 51.54 4.49
CA ASP B 400 45.39 51.32 5.65
C ASP B 400 44.31 52.38 5.82
N GLN B 401 44.18 53.32 4.89
CA GLN B 401 43.19 54.39 5.02
C GLN B 401 41.84 53.91 4.50
N TRP B 402 40.84 53.90 5.38
CA TRP B 402 39.52 53.48 4.98
C TRP B 402 38.89 54.52 4.04
N PRO B 403 37.94 54.13 3.21
CA PRO B 403 37.10 55.12 2.56
C PRO B 403 36.30 55.88 3.60
N SER B 404 36.12 57.17 3.37
CA SER B 404 35.41 58.07 4.27
C SER B 404 34.34 58.82 3.50
N PRO B 405 33.29 59.27 4.19
CA PRO B 405 32.26 60.07 3.51
C PRO B 405 32.85 61.34 2.90
N ARG B 406 32.20 61.81 1.84
CA ARG B 406 32.66 63.00 1.12
C ARG B 406 32.59 64.24 1.99
N HIS C 11 23.08 14.54 13.15
CA HIS C 11 23.93 13.86 12.20
C HIS C 11 25.27 14.58 12.02
N ALA C 12 25.93 14.35 10.90
CA ALA C 12 27.31 14.78 10.72
C ALA C 12 27.38 16.19 10.15
N TYR C 13 28.56 16.80 10.32
CA TYR C 13 28.86 18.15 9.80
C TYR C 13 27.83 19.18 10.25
N GLN C 14 27.48 19.15 11.54
CA GLN C 14 26.45 20.04 12.05
C GLN C 14 26.93 21.48 12.21
N GLY C 15 28.19 21.68 12.56
CA GLY C 15 28.71 23.03 12.66
C GLY C 15 28.87 23.48 14.11
N VAL C 16 29.86 24.34 14.33
CA VAL C 16 30.07 24.93 15.64
C VAL C 16 29.40 26.30 15.67
N SER C 17 29.33 26.90 16.85
CA SER C 17 28.69 28.20 16.99
C SER C 17 29.53 29.29 16.32
N ASP C 18 28.90 30.45 16.11
CA ASP C 18 29.60 31.57 15.47
C ASP C 18 30.77 32.03 16.32
N THR C 19 30.55 32.20 17.63
CA THR C 19 31.62 32.66 18.49
C THR C 19 32.73 31.62 18.61
N GLU C 20 32.37 30.33 18.63
CA GLU C 20 33.40 29.30 18.68
C GLU C 20 34.16 29.18 17.36
N PHE C 21 33.48 29.43 16.23
CA PHE C 21 34.19 29.38 14.96
C PHE C 21 35.24 30.48 14.86
N SER C 22 34.98 31.63 15.47
CA SER C 22 35.99 32.69 15.53
C SER C 22 37.25 32.21 16.23
N GLU C 23 37.10 31.38 17.27
CA GLU C 23 38.27 30.83 17.95
C GLU C 23 39.03 29.88 17.05
N TRP C 24 38.32 29.08 16.26
CA TRP C 24 38.98 28.20 15.30
C TRP C 24 39.64 28.99 14.16
N GLU C 25 39.04 30.10 13.74
CA GLU C 25 39.71 30.96 12.77
C GLU C 25 40.99 31.56 13.34
N GLN C 26 41.00 31.83 14.66
CA GLN C 26 42.21 32.28 15.31
C GLN C 26 43.27 31.19 15.34
N VAL C 27 42.84 29.94 15.55
CA VAL C 27 43.77 28.80 15.48
C VAL C 27 44.36 28.67 14.09
N ALA C 28 43.52 28.80 13.05
CA ALA C 28 44.02 28.67 11.69
C ALA C 28 45.02 29.77 11.36
N ALA C 29 44.75 31.00 11.81
CA ALA C 29 45.68 32.11 11.57
C ALA C 29 47.03 31.86 12.23
N ARG C 30 47.02 31.32 13.45
CA ARG C 30 48.29 30.98 14.12
C ARG C 30 49.05 29.93 13.33
N VAL C 31 48.36 28.90 12.83
CA VAL C 31 49.01 27.88 12.03
C VAL C 31 49.50 28.47 10.72
N ALA C 32 48.70 29.34 10.10
CA ALA C 32 49.09 29.93 8.83
C ALA C 32 50.34 30.77 8.96
N GLY C 33 50.45 31.55 10.05
CA GLY C 33 51.61 32.38 10.24
C GLY C 33 52.90 31.59 10.31
N GLU C 34 52.87 30.47 11.02
CA GLU C 34 54.07 29.62 11.13
C GLU C 34 54.40 28.97 9.79
N LEU C 35 53.38 28.41 9.12
CA LEU C 35 53.62 27.80 7.82
C LEU C 35 54.13 28.82 6.81
N SER C 36 53.63 30.06 6.89
CA SER C 36 54.02 31.07 5.91
C SER C 36 55.49 31.43 6.01
N ALA C 37 56.04 31.44 7.24
CA ALA C 37 57.44 31.82 7.42
C ALA C 37 58.41 30.78 6.91
N THR C 38 57.98 29.52 6.80
CA THR C 38 58.84 28.44 6.35
C THR C 38 58.42 27.87 4.99
N ALA C 39 57.48 28.54 4.31
CA ALA C 39 56.94 27.98 3.08
C ALA C 39 57.99 27.85 2.00
N LEU C 40 58.82 28.88 1.80
CA LEU C 40 59.83 28.84 0.75
C LEU C 40 60.88 27.77 1.01
N THR C 41 61.43 27.75 2.23
CA THR C 41 62.45 26.77 2.57
C THR C 41 61.94 25.35 2.39
N ARG C 42 60.74 25.06 2.91
CA ARG C 42 60.19 23.71 2.79
C ARG C 42 59.84 23.36 1.35
N ASP C 43 59.38 24.34 0.58
CA ASP C 43 59.03 24.06 -0.82
C ASP C 43 60.24 23.59 -1.61
N ARG C 44 61.38 24.28 -1.45
CA ARG C 44 62.57 23.93 -2.21
C ARG C 44 63.16 22.60 -1.73
N ALA C 45 62.93 22.23 -0.46
CA ALA C 45 63.46 20.99 0.06
C ALA C 45 62.70 19.78 -0.47
N ASN C 46 61.44 19.96 -0.84
CA ASN C 46 60.64 18.92 -1.50
C ASN C 46 60.48 17.67 -0.63
N GLN C 47 60.41 17.84 0.68
CA GLN C 47 60.29 16.70 1.59
C GLN C 47 58.83 16.44 1.92
N ASN C 48 58.56 15.21 2.35
CA ASN C 48 57.22 14.84 2.77
C ASN C 48 56.83 15.66 3.99
N PRO C 49 55.62 16.21 4.02
CA PRO C 49 55.21 17.17 5.05
C PRO C 49 54.78 16.53 6.39
N ILE C 50 55.66 15.68 6.93
CA ILE C 50 55.34 15.01 8.19
C ILE C 50 55.18 16.02 9.32
N ALA C 51 56.12 16.97 9.41
CA ALA C 51 56.05 17.97 10.46
C ALA C 51 54.82 18.86 10.31
N GLU C 52 54.43 19.18 9.06
CA GLU C 52 53.29 20.05 8.85
C GLU C 52 51.97 19.34 9.16
N ILE C 53 51.87 18.06 8.83
CA ILE C 53 50.72 17.27 9.23
C ILE C 53 50.60 17.22 10.75
N GLU C 54 51.74 17.07 11.43
CA GLU C 54 51.72 17.05 12.90
C GLU C 54 51.33 18.41 13.46
N LEU C 55 51.70 19.50 12.77
CA LEU C 55 51.28 20.83 13.18
C LEU C 55 49.77 20.97 13.06
N LEU C 56 49.20 20.52 11.95
CA LEU C 56 47.75 20.53 11.79
C LEU C 56 47.08 19.67 12.85
N ARG C 57 47.69 18.53 13.17
CA ARG C 57 47.11 17.63 14.17
C ARG C 57 47.10 18.27 15.55
N ARG C 58 48.23 18.86 15.95
CA ARG C 58 48.32 19.44 17.30
C ARG C 58 47.30 20.55 17.51
N TYR C 59 47.03 21.35 16.49
CA TYR C 59 46.07 22.45 16.61
C TYR C 59 44.63 22.02 16.36
N GLY C 60 44.38 20.72 16.24
CA GLY C 60 43.02 20.21 16.11
C GLY C 60 42.37 20.43 14.77
N LEU C 61 43.14 20.73 13.72
CA LEU C 61 42.52 21.01 12.43
C LEU C 61 42.14 19.74 11.68
N LEU C 62 42.82 18.62 11.95
CA LEU C 62 42.48 17.38 11.26
C LEU C 62 41.16 16.80 11.76
N SER C 63 40.79 17.08 13.01
CA SER C 63 39.56 16.56 13.60
C SER C 63 38.43 17.59 13.63
N PHE C 64 38.61 18.74 12.97
CA PHE C 64 37.62 19.82 13.09
C PHE C 64 36.26 19.40 12.51
N ALA C 65 36.27 18.66 11.40
CA ALA C 65 35.03 18.28 10.72
C ALA C 65 34.46 16.95 11.22
N THR C 66 34.87 16.50 12.40
CA THR C 66 34.35 15.28 13.00
C THR C 66 33.48 15.64 14.19
N ALA C 67 32.37 14.90 14.36
CA ALA C 67 31.43 15.18 15.44
C ALA C 67 32.13 15.15 16.80
N ARG C 68 31.55 15.90 17.75
CA ARG C 68 32.18 16.07 19.06
C ARG C 68 32.23 14.77 19.85
N GLU C 69 31.30 13.84 19.59
CA GLU C 69 31.28 12.59 20.33
C GLU C 69 32.54 11.77 20.08
N PHE C 70 33.19 11.97 18.93
CA PHE C 70 34.40 11.24 18.60
C PHE C 70 35.67 11.99 18.98
N GLY C 71 35.55 13.17 19.59
CA GLY C 71 36.70 13.98 19.92
C GLY C 71 36.95 15.14 18.99
N GLY C 72 36.19 15.25 17.90
CA GLY C 72 36.34 16.34 16.97
C GLY C 72 35.63 17.60 17.44
N ALA C 73 35.73 18.64 16.60
CA ALA C 73 35.11 19.91 16.94
C ALA C 73 33.61 19.95 16.61
N GLY C 74 33.15 19.12 15.69
CA GLY C 74 31.77 19.21 15.25
C GLY C 74 31.51 20.27 14.20
N GLY C 75 32.54 20.68 13.45
CA GLY C 75 32.36 21.73 12.48
C GLY C 75 31.64 21.26 11.22
N SER C 76 31.15 22.24 10.47
CA SER C 76 30.47 21.97 9.22
C SER C 76 31.47 22.01 8.07
N LEU C 77 31.00 21.61 6.89
CA LEU C 77 31.86 21.64 5.70
C LEU C 77 32.14 23.07 5.27
N VAL C 78 31.15 23.96 5.39
CA VAL C 78 31.38 25.38 5.11
C VAL C 78 32.52 25.91 5.99
N GLN C 79 32.43 25.64 7.30
CA GLN C 79 33.47 26.10 8.21
C GLN C 79 34.80 25.41 7.94
N ALA C 80 34.78 24.10 7.65
CA ALA C 80 36.02 23.37 7.43
C ALA C 80 36.78 23.92 6.22
N LEU C 81 36.08 24.15 5.11
CA LEU C 81 36.73 24.68 3.93
C LEU C 81 37.17 26.13 4.13
N GLN C 82 36.45 26.88 4.96
CA GLN C 82 36.88 28.24 5.29
C GLN C 82 38.21 28.22 6.05
N LEU C 83 38.37 27.26 6.96
CA LEU C 83 39.67 27.09 7.61
C LEU C 83 40.72 26.67 6.60
N GLY C 84 40.35 25.82 5.64
CA GLY C 84 41.29 25.42 4.60
C GLY C 84 41.80 26.59 3.78
N ARG C 85 40.93 27.58 3.51
CA ARG C 85 41.36 28.76 2.77
C ARG C 85 42.43 29.53 3.54
N ILE C 86 42.25 29.65 4.87
CA ILE C 86 43.26 30.33 5.69
C ILE C 86 44.60 29.60 5.61
N ILE C 87 44.57 28.28 5.68
CA ILE C 87 45.81 27.51 5.57
C ILE C 87 46.38 27.60 4.16
N ALA C 88 45.52 27.52 3.14
CA ALA C 88 45.99 27.55 1.76
C ALA C 88 46.68 28.86 1.43
N ALA C 89 46.26 29.96 2.05
CA ALA C 89 46.89 31.25 1.76
C ALA C 89 48.33 31.31 2.23
N ALA C 90 48.66 30.56 3.28
CA ALA C 90 50.03 30.52 3.79
C ALA C 90 50.90 29.52 3.04
N ASP C 91 50.32 28.38 2.65
CA ASP C 91 51.07 27.32 1.99
C ASP C 91 50.09 26.54 1.15
N GLY C 92 50.21 26.65 -0.18
CA GLY C 92 49.28 25.99 -1.06
C GLY C 92 49.33 24.47 -0.95
N SER C 93 50.52 23.92 -0.75
CA SER C 93 50.67 22.48 -0.60
C SER C 93 49.96 21.99 0.66
N ILE C 94 50.19 22.67 1.79
CA ILE C 94 49.60 22.23 3.05
C ILE C 94 48.11 22.49 3.06
N GLY C 95 47.67 23.56 2.40
CA GLY C 95 46.24 23.80 2.27
C GLY C 95 45.54 22.70 1.48
N GLN C 96 46.16 22.26 0.38
CA GLN C 96 45.59 21.16 -0.40
C GLN C 96 45.47 19.89 0.44
N LEU C 97 46.49 19.58 1.23
CA LEU C 97 46.45 18.38 2.06
C LEU C 97 45.31 18.44 3.06
N LEU C 98 45.07 19.60 3.67
CA LEU C 98 44.02 19.71 4.66
C LEU C 98 42.65 19.51 4.04
N VAL C 99 42.37 20.19 2.91
CA VAL C 99 41.06 20.05 2.29
C VAL C 99 40.89 18.67 1.66
N TYR C 100 41.98 18.06 1.17
CA TYR C 100 41.90 16.68 0.72
C TYR C 100 41.59 15.73 1.87
N HIS C 101 42.13 16.02 3.05
CA HIS C 101 41.80 15.24 4.24
C HIS C 101 40.31 15.37 4.58
N TYR C 102 39.78 16.59 4.53
CA TYR C 102 38.35 16.79 4.77
C TYR C 102 37.51 16.07 3.73
N SER C 103 37.86 16.23 2.45
CA SER C 103 37.10 15.61 1.38
C SER C 103 37.14 14.09 1.48
N ASN C 104 38.30 13.54 1.84
CA ASN C 104 38.40 12.11 2.06
C ASN C 104 37.48 11.66 3.19
N GLY C 105 37.27 12.52 4.19
CA GLY C 105 36.29 12.22 5.22
C GLY C 105 34.87 12.26 4.69
N VAL C 106 34.59 13.20 3.78
CA VAL C 106 33.28 13.23 3.13
C VAL C 106 33.08 12.00 2.25
N TRP C 107 34.14 11.55 1.58
CA TRP C 107 34.05 10.37 0.73
C TRP C 107 33.69 9.13 1.54
N THR C 108 34.46 8.85 2.60
CA THR C 108 34.18 7.68 3.42
C THR C 108 32.86 7.80 4.17
N TYR C 109 32.36 9.02 4.37
CA TYR C 109 31.03 9.17 4.95
C TYR C 109 29.95 8.72 3.96
N ILE C 110 30.11 9.06 2.68
CA ILE C 110 29.15 8.63 1.66
C ILE C 110 29.26 7.13 1.43
N LEU C 111 30.48 6.61 1.32
CA LEU C 111 30.71 5.22 0.94
C LEU C 111 30.65 4.25 2.12
N GLY C 112 30.73 4.75 3.35
CA GLY C 112 30.84 3.87 4.50
C GLY C 112 29.51 3.46 5.10
N SER C 113 29.47 2.22 5.59
CA SER C 113 28.33 1.73 6.34
C SER C 113 28.29 2.43 7.70
N PRO C 114 27.19 2.32 8.44
CA PRO C 114 27.14 2.92 9.79
C PRO C 114 28.28 2.48 10.70
N THR C 115 28.60 1.19 10.73
CA THR C 115 29.72 0.73 11.54
C THR C 115 31.06 1.19 10.97
N GLN C 116 31.17 1.29 9.65
CA GLN C 116 32.41 1.77 9.06
C GLN C 116 32.61 3.25 9.32
N ARG C 117 31.53 4.04 9.27
CA ARG C 117 31.62 5.46 9.58
C ARG C 117 32.13 5.68 11.00
N GLU C 118 31.62 4.90 11.96
CA GLU C 118 32.03 5.07 13.34
C GLU C 118 33.50 4.73 13.54
N TYR C 119 33.98 3.67 12.88
CA TYR C 119 35.39 3.31 12.96
C TYR C 119 36.27 4.46 12.48
N ILE C 120 35.92 5.08 11.35
CA ILE C 120 36.75 6.15 10.81
C ILE C 120 36.64 7.39 11.67
N SER C 121 35.42 7.73 12.13
CA SER C 121 35.22 8.92 12.94
C SER C 121 35.96 8.82 14.26
N ARG C 122 35.99 7.63 14.87
CA ARG C 122 36.72 7.47 16.13
C ARG C 122 38.22 7.66 15.92
N GLY C 123 38.75 7.20 14.79
CA GLY C 123 40.15 7.35 14.50
C GLY C 123 40.52 8.78 14.13
N VAL C 124 39.75 9.40 13.23
CA VAL C 124 40.03 10.77 12.82
C VAL C 124 39.72 11.74 13.95
N GLY C 125 38.68 11.47 14.73
CA GLY C 125 38.26 12.36 15.79
C GLY C 125 39.16 12.35 17.01
N GLY C 126 39.62 11.17 17.44
CA GLY C 126 40.33 11.06 18.69
C GLY C 126 41.72 10.48 18.61
N HIS C 127 42.15 10.03 17.43
CA HIS C 127 43.46 9.39 17.28
C HIS C 127 44.34 10.07 16.24
N GLY C 128 43.95 11.23 15.73
CA GLY C 128 44.79 12.01 14.85
C GLY C 128 45.00 11.42 13.46
N TRP C 129 44.12 10.55 13.01
CA TRP C 129 44.29 9.94 11.70
C TRP C 129 44.20 10.98 10.59
N PHE C 130 45.11 10.87 9.62
CA PHE C 130 45.06 11.64 8.39
C PHE C 130 44.61 10.72 7.27
N GLN C 131 43.63 11.18 6.49
CA GLN C 131 43.04 10.36 5.44
C GLN C 131 43.58 10.75 4.07
N GLY C 132 44.09 9.76 3.34
CA GLY C 132 44.43 9.92 1.94
C GLY C 132 43.65 8.90 1.12
N SER C 133 43.67 9.10 -0.20
CA SER C 133 42.93 8.22 -1.10
C SER C 133 43.73 7.98 -2.37
N VAL C 134 43.40 6.87 -3.02
CA VAL C 134 44.00 6.48 -4.29
C VAL C 134 42.83 6.37 -5.28
N SER C 135 42.54 7.46 -5.98
CA SER C 135 41.28 7.57 -6.72
C SER C 135 41.43 8.01 -8.17
N ASN C 136 42.64 8.00 -8.72
CA ASN C 136 42.81 8.42 -10.11
C ASN C 136 42.15 7.40 -11.02
N PRO C 137 41.12 7.78 -11.78
CA PRO C 137 40.41 6.81 -12.63
C PRO C 137 41.08 6.53 -13.97
N ARG C 138 42.16 7.24 -14.30
CA ARG C 138 42.81 7.13 -15.60
C ARG C 138 44.03 6.22 -15.57
N ASP C 139 44.19 5.42 -14.51
CA ASP C 139 45.36 4.57 -14.37
C ASP C 139 45.13 3.25 -15.07
N PRO C 140 45.88 2.92 -16.11
CA PRO C 140 45.69 1.66 -16.83
C PRO C 140 46.50 0.54 -16.19
N GLY C 141 46.17 -0.68 -16.59
CA GLY C 141 46.90 -1.85 -16.12
C GLY C 141 46.74 -2.14 -14.64
N ILE C 142 45.58 -1.83 -14.07
CA ILE C 142 45.31 -2.10 -12.66
C ILE C 142 44.49 -3.38 -12.58
N THR C 143 45.10 -4.44 -12.06
CA THR C 143 44.43 -5.72 -11.91
C THR C 143 43.95 -5.91 -10.48
N VAL C 144 42.74 -6.45 -10.33
CA VAL C 144 42.17 -6.76 -9.03
C VAL C 144 41.46 -8.11 -9.12
N THR C 145 41.81 -9.03 -8.23
CA THR C 145 41.26 -10.37 -8.22
C THR C 145 40.65 -10.66 -6.85
N ARG C 146 39.52 -11.34 -6.84
CA ARG C 146 38.77 -11.62 -5.62
C ARG C 146 39.32 -12.87 -4.95
N THR C 147 39.62 -12.76 -3.66
CA THR C 147 40.13 -13.86 -2.87
C THR C 147 39.16 -14.16 -1.74
N GLU C 148 39.26 -15.37 -1.18
CA GLU C 148 38.46 -15.72 -0.01
C GLU C 148 38.73 -14.76 1.14
N GLU C 149 39.95 -14.26 1.25
CA GLU C 149 40.29 -13.32 2.31
C GLU C 149 39.79 -11.91 1.99
N GLY C 150 39.71 -11.55 0.72
CA GLY C 150 39.23 -10.24 0.31
C GLY C 150 39.50 -9.93 -1.14
N TYR C 151 40.30 -8.91 -1.40
CA TYR C 151 40.68 -8.53 -2.76
C TYR C 151 42.18 -8.30 -2.81
N ARG C 152 42.83 -8.83 -3.85
CA ARG C 152 44.23 -8.59 -4.11
C ARG C 152 44.36 -7.61 -5.26
N VAL C 153 45.08 -6.52 -5.04
CA VAL C 153 45.19 -5.42 -5.99
C VAL C 153 46.64 -5.25 -6.41
N ASN C 154 46.87 -5.18 -7.72
CA ASN C 154 48.19 -4.95 -8.27
C ASN C 154 48.13 -3.81 -9.27
N GLY C 155 49.26 -3.15 -9.46
CA GLY C 155 49.39 -2.08 -10.44
C GLY C 155 49.95 -0.82 -9.81
N LYS C 156 50.14 0.17 -10.66
CA LYS C 156 50.71 1.46 -10.28
C LYS C 156 49.64 2.53 -10.39
N ARG C 157 49.49 3.33 -9.35
CA ARG C 157 48.52 4.41 -9.30
C ARG C 157 49.25 5.74 -9.10
N THR C 158 48.76 6.79 -9.76
CA THR C 158 49.42 8.09 -9.77
C THR C 158 48.55 9.14 -9.09
N PHE C 159 49.16 10.28 -8.79
CA PHE C 159 48.50 11.42 -8.15
C PHE C 159 47.84 11.02 -6.83
N ALA C 160 48.55 10.18 -6.06
CA ALA C 160 48.04 9.70 -4.77
C ALA C 160 48.38 10.71 -3.68
N THR C 161 47.64 11.82 -3.70
CA THR C 161 47.92 12.93 -2.80
C THR C 161 47.78 12.51 -1.34
N GLY C 162 48.79 12.82 -0.54
CA GLY C 162 48.76 12.59 0.88
C GLY C 162 48.85 11.15 1.33
N VAL C 163 48.96 10.20 0.39
CA VAL C 163 48.96 8.79 0.76
C VAL C 163 50.22 8.44 1.55
N ALA C 164 51.38 8.97 1.14
CA ALA C 164 52.62 8.66 1.83
C ALA C 164 52.67 9.20 3.25
N VAL C 165 51.73 10.06 3.64
CA VAL C 165 51.64 10.55 5.01
C VAL C 165 50.31 10.21 5.67
N ALA C 166 49.44 9.46 4.99
CA ALA C 166 48.13 9.13 5.55
C ALA C 166 48.21 7.94 6.49
N ASP C 167 47.32 7.94 7.48
CA ASP C 167 47.17 6.79 8.37
C ASP C 167 46.08 5.84 7.91
N LEU C 168 45.06 6.36 7.22
CA LEU C 168 44.00 5.55 6.65
C LEU C 168 43.91 5.89 5.17
N ILE C 169 44.02 4.87 4.33
CA ILE C 169 44.08 5.05 2.88
C ILE C 169 42.81 4.45 2.27
N THR C 170 42.09 5.26 1.51
CA THR C 170 40.93 4.79 0.74
C THR C 170 41.41 4.37 -0.64
N VAL C 171 41.09 3.15 -1.03
CA VAL C 171 41.49 2.60 -2.33
C VAL C 171 40.23 2.44 -3.17
N LEU C 172 40.10 3.26 -4.20
CA LEU C 172 38.96 3.24 -5.10
C LEU C 172 39.36 2.58 -6.41
N LEU C 173 38.63 1.55 -6.80
CA LEU C 173 38.90 0.80 -8.03
C LEU C 173 37.69 0.94 -8.94
N TYR C 174 37.93 1.40 -10.16
CA TYR C 174 36.86 1.67 -11.13
C TYR C 174 36.75 0.48 -12.07
N GLU C 175 35.96 -0.52 -11.66
CA GLU C 175 35.69 -1.71 -12.43
C GLU C 175 34.24 -1.72 -12.88
N ALA C 176 33.79 -2.85 -13.43
CA ALA C 176 32.38 -3.01 -13.75
C ALA C 176 31.52 -2.84 -12.50
N GLU C 177 31.91 -3.51 -11.42
CA GLU C 177 31.40 -3.20 -10.10
C GLU C 177 32.50 -2.48 -9.33
N PRO C 178 32.36 -1.18 -9.07
CA PRO C 178 33.43 -0.46 -8.36
C PRO C 178 33.65 -1.01 -6.97
N ILE C 179 34.91 -1.02 -6.54
CA ILE C 179 35.31 -1.53 -5.23
C ILE C 179 36.04 -0.42 -4.50
N ASN C 180 35.55 -0.07 -3.31
CA ASN C 180 36.15 0.97 -2.48
C ASN C 180 36.39 0.38 -1.10
N ALA C 181 37.60 0.58 -0.58
CA ALA C 181 37.96 0.00 0.72
C ALA C 181 38.91 0.93 1.45
N ILE C 182 39.09 0.67 2.74
CA ILE C 182 39.98 1.43 3.60
C ILE C 182 41.03 0.47 4.17
N ILE C 183 42.28 0.90 4.16
CA ILE C 183 43.39 0.06 4.65
C ILE C 183 44.34 0.91 5.46
N PRO C 184 45.00 0.31 6.44
CA PRO C 184 46.02 1.02 7.21
C PRO C 184 47.24 1.31 6.35
N SER C 185 48.02 2.30 6.80
CA SER C 185 49.23 2.66 6.06
C SER C 185 50.28 1.56 6.12
N GLU C 186 50.25 0.73 7.17
CA GLU C 186 51.22 -0.35 7.31
C GLU C 186 50.82 -1.61 6.54
N ARG C 187 49.77 -1.55 5.72
CA ARG C 187 49.34 -2.71 4.96
C ARG C 187 50.42 -3.12 3.97
N ASP C 188 50.74 -4.41 3.94
CA ASP C 188 51.83 -4.91 3.13
C ASP C 188 51.53 -4.77 1.65
N GLY C 189 52.57 -4.47 0.88
CA GLY C 189 52.46 -4.33 -0.56
C GLY C 189 52.48 -2.90 -1.07
N LEU C 190 52.44 -1.91 -0.18
CA LEU C 190 52.41 -0.51 -0.58
C LEU C 190 53.84 0.02 -0.69
N ARG C 191 54.21 0.44 -1.90
CA ARG C 191 55.50 1.07 -2.17
C ARG C 191 55.25 2.51 -2.58
N PHE C 192 56.00 3.43 -2.00
CA PHE C 192 55.91 4.85 -2.31
C PHE C 192 57.12 5.25 -3.13
N ASN C 193 56.90 5.61 -4.39
CA ASN C 193 57.98 6.00 -5.28
C ASN C 193 58.30 7.48 -5.10
N ASP C 194 59.60 7.79 -5.08
CA ASP C 194 60.07 9.17 -4.94
C ASP C 194 60.11 9.83 -6.33
N ASP C 195 58.92 9.99 -6.90
CA ASP C 195 58.78 10.51 -8.26
C ASP C 195 57.89 11.75 -8.31
N TRP C 196 57.83 12.52 -7.23
CA TRP C 196 57.03 13.73 -7.18
C TRP C 196 57.98 14.93 -7.10
N ASP C 197 58.29 15.50 -8.27
CA ASP C 197 59.11 16.70 -8.39
C ASP C 197 58.36 17.58 -9.39
N ASN C 198 57.52 18.47 -8.86
CA ASN C 198 56.53 19.17 -9.65
C ASN C 198 56.80 20.67 -9.65
N LEU C 199 56.10 21.37 -10.56
CA LEU C 199 56.15 22.83 -10.58
C LEU C 199 55.66 23.41 -9.26
N GLY C 200 54.41 23.15 -8.93
CA GLY C 200 53.83 23.58 -7.67
C GLY C 200 53.15 22.43 -6.97
N GLN C 201 52.50 22.69 -5.83
CA GLN C 201 51.92 21.63 -5.00
C GLN C 201 52.95 20.55 -4.69
N ARG C 202 54.19 20.99 -4.44
CA ARG C 202 55.31 20.08 -4.29
C ARG C 202 55.28 19.31 -2.99
N LEU C 203 54.72 19.89 -1.93
CA LEU C 203 54.67 19.24 -0.62
C LEU C 203 53.36 18.52 -0.36
N THR C 204 52.66 18.10 -1.41
CA THR C 204 51.40 17.38 -1.27
C THR C 204 51.59 15.87 -1.32
N ALA C 205 52.81 15.39 -1.57
CA ALA C 205 53.09 13.96 -1.70
C ALA C 205 52.17 13.31 -2.74
N SER C 206 52.14 13.90 -3.93
CA SER C 206 51.30 13.44 -5.02
C SER C 206 52.02 12.48 -5.97
N GLY C 207 53.05 11.80 -5.48
CA GLY C 207 53.74 10.82 -6.29
C GLY C 207 52.91 9.58 -6.52
N SER C 208 53.50 8.63 -7.25
CA SER C 208 52.84 7.38 -7.55
C SER C 208 53.05 6.36 -6.45
N VAL C 209 52.13 5.40 -6.36
CA VAL C 209 52.17 4.35 -5.36
C VAL C 209 52.01 3.01 -6.07
N GLU C 210 52.87 2.06 -5.75
CA GLU C 210 52.82 0.71 -6.29
C GLU C 210 51.98 -0.18 -5.39
N PHE C 211 51.30 -1.14 -6.01
CA PHE C 211 50.47 -2.12 -5.29
C PHE C 211 51.03 -3.50 -5.58
N ASP C 212 51.75 -4.06 -4.60
CA ASP C 212 52.38 -5.37 -4.74
C ASP C 212 51.49 -6.39 -4.04
N ASN C 213 50.45 -6.82 -4.75
CA ASN C 213 49.50 -7.83 -4.27
C ASN C 213 48.92 -7.43 -2.92
N VAL C 214 48.40 -6.21 -2.85
CA VAL C 214 47.89 -5.65 -1.61
C VAL C 214 46.52 -6.25 -1.31
N LEU C 215 46.30 -6.61 -0.04
CA LEU C 215 45.07 -7.23 0.39
C LEU C 215 44.06 -6.17 0.81
N LEU C 216 42.86 -6.25 0.25
CA LEU C 216 41.71 -5.46 0.68
C LEU C 216 40.72 -6.45 1.29
N ARG C 217 40.71 -6.55 2.61
CA ARG C 217 39.86 -7.52 3.28
C ARG C 217 38.38 -7.18 3.08
N HIS C 218 37.55 -8.21 3.10
CA HIS C 218 36.12 -8.01 2.93
C HIS C 218 35.53 -7.14 4.04
N ASP C 219 36.10 -7.22 5.24
CA ASP C 219 35.69 -6.34 6.32
C ASP C 219 36.00 -4.87 6.02
N GLU C 220 36.93 -4.61 5.09
CA GLU C 220 37.35 -3.26 4.76
C GLU C 220 36.63 -2.69 3.55
N VAL C 221 35.87 -3.49 2.81
CA VAL C 221 35.16 -2.99 1.64
C VAL C 221 33.99 -2.13 2.10
N LEU C 222 33.94 -0.90 1.61
CA LEU C 222 32.90 0.04 1.99
C LEU C 222 31.60 -0.31 1.29
N THR C 223 30.51 -0.37 2.06
CA THR C 223 29.22 -0.83 1.55
C THR C 223 28.09 0.17 1.79
N GLY C 224 28.42 1.44 2.03
CA GLY C 224 27.39 2.40 2.37
C GLY C 224 26.44 2.72 1.24
N LEU C 225 26.89 2.55 -0.01
CA LEU C 225 26.06 2.87 -1.17
C LEU C 225 24.99 1.83 -1.45
N ASP C 226 24.97 0.72 -0.71
CA ASP C 226 24.04 -0.36 -1.04
C ASP C 226 22.59 0.02 -0.76
N GLU C 227 22.34 0.86 0.23
CA GLU C 227 20.97 1.26 0.55
C GLU C 227 20.36 2.17 -0.51
N TYR C 228 21.14 2.64 -1.47
CA TYR C 228 20.63 3.47 -2.56
C TYR C 228 20.41 2.61 -3.79
N SER C 229 19.27 2.81 -4.45
CA SER C 229 18.90 1.98 -5.59
C SER C 229 19.86 2.18 -6.74
N GLY C 230 20.27 1.07 -7.35
CA GLY C 230 21.07 1.08 -8.55
C GLY C 230 20.28 0.99 -9.84
N LEU C 231 18.97 1.16 -9.77
CA LEU C 231 18.10 1.07 -10.94
C LEU C 231 17.63 2.42 -11.44
N ASP C 232 17.39 3.39 -10.56
CA ASP C 232 16.87 4.70 -10.93
C ASP C 232 17.90 5.81 -10.84
N GLY C 233 19.18 5.48 -10.71
CA GLY C 233 20.23 6.47 -10.64
C GLY C 233 20.49 7.07 -9.28
N SER C 234 19.80 6.58 -8.24
CA SER C 234 20.01 7.13 -6.90
C SER C 234 21.45 6.87 -6.42
N ARG C 235 21.95 5.64 -6.63
CA ARG C 235 23.30 5.32 -6.20
C ARG C 235 24.33 6.14 -6.96
N GLU C 236 24.10 6.37 -8.25
CA GLU C 236 25.04 7.15 -9.05
C GLU C 236 25.11 8.59 -8.56
N ARG C 237 23.96 9.20 -8.25
CA ARG C 237 23.94 10.58 -7.82
C ARG C 237 24.43 10.74 -6.38
N ARG C 238 24.14 9.78 -5.51
CA ARG C 238 24.69 9.81 -4.16
C ARG C 238 26.22 9.71 -4.20
N ASP C 239 26.74 8.77 -4.99
CA ASP C 239 28.18 8.63 -5.15
C ASP C 239 28.78 9.84 -5.83
N GLY C 240 28.04 10.46 -6.76
CA GLY C 240 28.54 11.61 -7.49
C GLY C 240 28.81 12.83 -6.62
N LEU C 241 28.26 12.85 -5.40
CA LEU C 241 28.55 13.97 -4.50
C LEU C 241 30.03 14.02 -4.15
N ARG C 242 30.72 12.88 -4.21
CA ARG C 242 32.16 12.87 -3.94
C ARG C 242 32.92 13.72 -4.94
N ALA C 243 32.65 13.51 -6.24
CA ALA C 243 33.33 14.27 -7.28
C ALA C 243 32.98 15.75 -7.21
N LEU C 244 31.73 16.06 -6.87
CA LEU C 244 31.32 17.46 -6.73
C LEU C 244 32.04 18.12 -5.56
N PHE C 245 32.25 17.40 -4.46
CA PHE C 245 32.96 17.97 -3.33
C PHE C 245 34.44 18.16 -3.64
N SER C 246 35.03 17.26 -4.43
CA SER C 246 36.40 17.46 -4.88
C SER C 246 36.54 18.78 -5.65
N GLN C 247 35.60 19.05 -6.56
CA GLN C 247 35.61 20.33 -7.25
C GLN C 247 35.43 21.48 -6.28
N LEU C 248 34.66 21.27 -5.22
CA LEU C 248 34.44 22.34 -4.25
C LEU C 248 35.70 22.67 -3.45
N ILE C 249 36.46 21.65 -3.04
CA ILE C 249 37.69 21.93 -2.30
C ILE C 249 38.73 22.58 -3.20
N PHE C 250 38.71 22.27 -4.50
CA PHE C 250 39.60 22.97 -5.42
C PHE C 250 39.29 24.46 -5.46
N VAL C 251 37.99 24.80 -5.50
CA VAL C 251 37.57 26.18 -5.46
C VAL C 251 38.20 26.91 -4.27
N HIS C 252 38.01 26.36 -3.07
CA HIS C 252 38.53 27.01 -1.88
C HIS C 252 40.06 27.03 -1.87
N LEU C 253 40.69 25.96 -2.36
CA LEU C 253 42.15 25.94 -2.47
C LEU C 253 42.65 27.06 -3.37
N TYR C 254 42.01 27.26 -4.52
CA TYR C 254 42.47 28.29 -5.45
C TYR C 254 42.28 29.69 -4.87
N LEU C 255 41.14 29.92 -4.21
CA LEU C 255 40.88 31.24 -3.64
C LEU C 255 41.81 31.54 -2.47
N GLY C 256 42.16 30.51 -1.69
CA GLY C 256 43.11 30.73 -0.60
C GLY C 256 44.48 31.12 -1.12
N ILE C 257 44.97 30.40 -2.13
CA ILE C 257 46.24 30.74 -2.77
C ILE C 257 46.19 32.18 -3.29
N ALA C 258 45.07 32.56 -3.91
CA ALA C 258 44.94 33.93 -4.43
C ALA C 258 44.98 34.96 -3.32
N GLU C 259 44.29 34.69 -2.21
CA GLU C 259 44.35 35.60 -1.06
C GLU C 259 45.78 35.71 -0.53
N GLY C 260 46.50 34.60 -0.45
CA GLY C 260 47.87 34.64 0.02
C GLY C 260 48.79 35.41 -0.90
N ALA C 261 48.61 35.23 -2.22
CA ALA C 261 49.43 35.95 -3.18
C ALA C 261 49.16 37.44 -3.15
N LEU C 262 47.88 37.82 -3.04
CA LEU C 262 47.55 39.24 -2.94
C LEU C 262 48.15 39.86 -1.68
N ALA C 263 48.04 39.15 -0.55
CA ALA C 263 48.60 39.64 0.70
C ALA C 263 50.12 39.74 0.63
N ALA C 264 50.78 38.76 0.00
CA ALA C 264 52.23 38.78 -0.09
C ALA C 264 52.72 39.93 -0.97
N GLY C 265 51.99 40.21 -2.06
CA GLY C 265 52.38 41.33 -2.91
C GLY C 265 52.19 42.67 -2.22
N VAL C 266 51.06 42.85 -1.54
CA VAL C 266 50.84 44.05 -0.75
C VAL C 266 51.96 44.24 0.27
N ALA C 267 52.34 43.15 0.96
CA ALA C 267 53.37 43.25 1.98
C ALA C 267 54.71 43.66 1.38
N TYR C 268 55.08 43.08 0.23
CA TYR C 268 56.33 43.45 -0.42
C TYR C 268 56.34 44.93 -0.80
N ILE C 269 55.24 45.42 -1.37
CA ILE C 269 55.18 46.81 -1.80
C ILE C 269 55.33 47.74 -0.61
N ARG C 270 54.63 47.45 0.49
CA ARG C 270 54.68 48.31 1.66
C ARG C 270 56.04 48.31 2.33
N ASP C 271 56.77 47.19 2.27
CA ASP C 271 58.05 47.06 2.95
C ASP C 271 59.24 47.33 2.03
N LYS C 272 59.24 46.76 0.82
CA LYS C 272 60.37 46.83 -0.08
C LYS C 272 60.12 47.65 -1.33
N GLY C 273 58.90 48.11 -1.56
CA GLY C 273 58.58 48.78 -2.81
C GLY C 273 59.30 50.12 -2.93
N ARG C 274 59.73 50.43 -4.15
CA ARG C 274 60.30 51.72 -4.47
C ARG C 274 59.41 52.42 -5.48
N PRO C 275 59.28 53.75 -5.41
CA PRO C 275 58.47 54.47 -6.39
C PRO C 275 59.15 54.48 -7.75
N TRP C 276 58.32 54.50 -8.79
CA TRP C 276 58.83 54.64 -10.14
C TRP C 276 59.16 56.11 -10.41
N PRO C 277 60.31 56.41 -11.02
CA PRO C 277 60.69 57.81 -11.23
C PRO C 277 59.68 58.63 -12.02
N GLU C 278 58.95 58.02 -12.95
CA GLU C 278 57.93 58.76 -13.70
C GLU C 278 56.67 59.00 -12.88
N ALA C 279 56.51 58.34 -11.75
CA ALA C 279 55.29 58.49 -10.95
C ALA C 279 55.20 59.91 -10.39
N HIS C 280 53.96 60.31 -10.09
CA HIS C 280 53.74 61.64 -9.52
C HIS C 280 54.23 61.72 -8.08
N SER C 281 54.07 60.65 -7.31
CA SER C 281 54.40 60.62 -5.90
C SER C 281 55.69 59.85 -5.67
N THR C 282 56.47 60.29 -4.68
CA THR C 282 57.62 59.53 -4.21
C THR C 282 57.24 58.41 -3.26
N ASP C 283 55.96 58.24 -2.95
CA ASP C 283 55.47 57.18 -2.10
C ASP C 283 54.96 56.05 -3.00
N VAL C 284 55.58 54.88 -2.89
CA VAL C 284 55.19 53.75 -3.74
C VAL C 284 53.77 53.29 -3.44
N THR C 285 53.29 53.51 -2.22
CA THR C 285 51.91 53.12 -1.89
C THR C 285 50.87 54.02 -2.52
N GLU C 286 51.27 55.16 -3.09
CA GLU C 286 50.36 56.07 -3.75
C GLU C 286 50.31 55.89 -5.26
N ASP C 287 51.03 54.90 -5.79
CA ASP C 287 51.06 54.69 -7.23
C ASP C 287 49.66 54.35 -7.73
N PRO C 288 49.13 55.07 -8.73
CA PRO C 288 47.75 54.83 -9.14
C PRO C 288 47.54 53.49 -9.81
N TYR C 289 48.58 52.93 -10.42
CA TYR C 289 48.42 51.64 -11.09
C TYR C 289 48.56 50.47 -10.13
N HIS C 290 49.41 50.60 -9.10
CA HIS C 290 49.44 49.60 -8.05
C HIS C 290 48.08 49.49 -7.37
N GLN C 291 47.52 50.64 -6.99
CA GLN C 291 46.24 50.65 -6.29
C GLN C 291 45.12 50.09 -7.15
N GLN C 292 45.06 50.49 -8.43
CA GLN C 292 43.99 50.02 -9.29
C GLN C 292 44.04 48.51 -9.48
N LEU C 293 45.22 47.97 -9.80
CA LEU C 293 45.34 46.54 -10.03
C LEU C 293 45.03 45.74 -8.78
N LEU C 294 45.58 46.15 -7.64
CA LEU C 294 45.31 45.44 -6.39
C LEU C 294 43.84 45.50 -6.03
N GLY C 295 43.18 46.62 -6.31
CA GLY C 295 41.76 46.72 -6.03
C GLY C 295 40.93 45.80 -6.93
N ARG C 296 41.29 45.73 -8.22
CA ARG C 296 40.58 44.82 -9.12
C ARG C 296 40.75 43.38 -8.69
N LEU C 297 41.97 42.99 -8.30
CA LEU C 297 42.22 41.63 -7.85
C LEU C 297 41.49 41.33 -6.54
N SER C 298 41.50 42.28 -5.60
CA SER C 298 40.79 42.09 -4.35
C SER C 298 39.29 41.89 -4.58
N ALA C 299 38.70 42.68 -5.48
CA ALA C 299 37.28 42.55 -5.77
C ALA C 299 36.98 41.19 -6.39
N GLY C 300 37.83 40.72 -7.31
CA GLY C 300 37.59 39.43 -7.94
C GLY C 300 37.64 38.28 -6.95
N ILE C 301 38.56 38.35 -5.98
CA ILE C 301 38.64 37.31 -4.96
C ILE C 301 37.38 37.31 -4.09
N ALA C 302 36.91 38.49 -3.69
CA ALA C 302 35.73 38.55 -2.83
C ALA C 302 34.51 37.96 -3.54
N ALA C 303 34.39 38.17 -4.85
CA ALA C 303 33.30 37.57 -5.59
C ALA C 303 33.41 36.06 -5.61
N GLY C 304 34.61 35.53 -5.87
CA GLY C 304 34.79 34.09 -5.88
C GLY C 304 34.54 33.46 -4.53
N VAL C 305 34.90 34.16 -3.45
CA VAL C 305 34.68 33.63 -2.10
C VAL C 305 33.19 33.57 -1.80
N ALA C 306 32.45 34.63 -2.13
CA ALA C 306 31.02 34.65 -1.87
C ALA C 306 30.30 33.52 -2.60
N LEU C 307 30.69 33.26 -3.84
CA LEU C 307 30.09 32.15 -4.59
C LEU C 307 30.53 30.80 -4.04
N ALA C 308 31.79 30.69 -3.61
CA ALA C 308 32.29 29.43 -3.06
C ALA C 308 31.52 29.02 -1.81
N ASP C 309 31.37 29.96 -0.86
CA ASP C 309 30.70 29.61 0.39
C ASP C 309 29.21 29.33 0.16
N SER C 310 28.62 30.00 -0.82
CA SER C 310 27.24 29.69 -1.20
C SER C 310 27.14 28.29 -1.77
N ALA C 311 28.12 27.89 -2.59
CA ALA C 311 28.10 26.57 -3.20
C ALA C 311 28.31 25.46 -2.16
N THR C 312 29.19 25.70 -1.20
CA THR C 312 29.43 24.70 -0.15
C THR C 312 28.18 24.48 0.68
N LYS C 313 27.45 25.55 1.00
CA LYS C 313 26.21 25.41 1.76
C LYS C 313 25.19 24.58 0.98
N GLU C 314 25.10 24.80 -0.33
CA GLU C 314 24.19 24.01 -1.14
C GLU C 314 24.61 22.54 -1.18
N PHE C 315 25.92 22.27 -1.16
CA PHE C 315 26.37 20.88 -1.08
C PHE C 315 25.95 20.24 0.24
N GLU C 316 26.09 20.96 1.35
CA GLU C 316 25.70 20.42 2.66
C GLU C 316 24.23 20.05 2.68
N GLN C 317 23.37 20.89 2.07
CA GLN C 317 21.96 20.56 2.00
C GLN C 317 21.71 19.31 1.18
N ALA C 318 22.45 19.15 0.08
CA ALA C 318 22.31 17.95 -0.73
C ALA C 318 22.80 16.71 0.02
N LEU C 319 23.91 16.84 0.74
CA LEU C 319 24.43 15.71 1.51
C LEU C 319 23.46 15.28 2.60
N ALA C 320 22.67 16.21 3.12
CA ALA C 320 21.74 15.92 4.20
C ALA C 320 20.33 15.58 3.72
N PHE C 321 20.14 15.41 2.41
CA PHE C 321 18.85 14.97 1.90
C PHE C 321 18.51 13.59 2.47
N GLY C 322 17.22 13.38 2.72
CA GLY C 322 16.78 12.07 3.20
C GLY C 322 16.99 10.98 2.18
N GLU C 323 17.01 11.32 0.90
CA GLU C 323 17.28 10.40 -0.19
C GLU C 323 18.46 10.93 -1.00
N ALA C 324 18.79 10.23 -2.08
CA ALA C 324 19.76 10.76 -3.02
C ALA C 324 19.16 11.96 -3.73
N PRO C 325 19.98 12.91 -4.18
CA PRO C 325 19.45 14.04 -4.94
C PRO C 325 18.83 13.56 -6.25
N THR C 326 17.75 14.21 -6.65
CA THR C 326 17.10 13.89 -7.91
C THR C 326 17.98 14.35 -9.07
N GLU C 327 17.52 14.07 -10.30
CA GLU C 327 18.22 14.55 -11.48
C GLU C 327 18.38 16.06 -11.44
N ALA C 328 17.32 16.78 -11.09
CA ALA C 328 17.37 18.24 -11.09
C ALA C 328 18.19 18.76 -9.92
N GLN C 329 18.08 18.12 -8.75
CA GLN C 329 18.86 18.56 -7.60
C GLN C 329 20.35 18.36 -7.81
N TRP C 330 20.74 17.22 -8.39
CA TRP C 330 22.15 16.96 -8.63
C TRP C 330 22.70 17.89 -9.69
N GLY C 331 21.93 18.10 -10.77
CA GLY C 331 22.40 18.96 -11.84
C GLY C 331 22.55 20.41 -11.43
N ALA C 332 21.59 20.93 -10.66
CA ALA C 332 21.68 22.31 -10.21
C ALA C 332 22.89 22.50 -9.29
N LEU C 333 23.17 21.52 -8.43
CA LEU C 333 24.36 21.60 -7.59
C LEU C 333 25.63 21.53 -8.42
N ALA C 334 25.65 20.65 -9.43
CA ALA C 334 26.81 20.55 -10.31
C ALA C 334 27.04 21.84 -11.08
N ILE C 335 25.96 22.51 -11.48
CA ILE C 335 26.10 23.78 -12.19
C ILE C 335 26.71 24.84 -11.29
N ARG C 336 26.26 24.92 -10.04
CA ARG C 336 26.78 25.91 -9.11
C ARG C 336 28.24 25.65 -8.78
N VAL C 337 28.62 24.37 -8.63
CA VAL C 337 30.02 24.04 -8.39
C VAL C 337 30.87 24.33 -9.63
N ASP C 338 30.33 24.07 -10.82
CA ASP C 338 31.00 24.47 -12.06
C ASP C 338 31.23 25.97 -12.10
N GLN C 339 30.20 26.75 -11.77
CA GLN C 339 30.32 28.20 -11.75
C GLN C 339 31.41 28.64 -10.78
N ALA C 340 31.40 28.08 -9.56
CA ALA C 340 32.42 28.42 -8.58
C ALA C 340 33.80 27.98 -9.05
N LYS C 341 33.89 26.83 -9.73
CA LYS C 341 35.17 26.34 -10.22
C LYS C 341 35.73 27.23 -11.32
N SER C 342 34.84 27.74 -12.20
CA SER C 342 35.29 28.62 -13.27
C SER C 342 35.84 29.94 -12.71
N VAL C 343 35.09 30.57 -11.82
CA VAL C 343 35.51 31.87 -11.29
C VAL C 343 36.76 31.73 -10.42
N ALA C 344 36.85 30.66 -9.63
CA ALA C 344 38.00 30.49 -8.75
C ALA C 344 39.27 30.21 -9.53
N THR C 345 39.16 29.43 -10.61
CA THR C 345 40.32 29.18 -11.47
C THR C 345 40.83 30.48 -12.07
N GLU C 346 39.92 31.27 -12.64
CA GLU C 346 40.32 32.48 -13.37
C GLU C 346 40.94 33.52 -12.44
N ILE C 347 40.33 33.76 -11.28
CA ILE C 347 40.83 34.82 -10.41
C ILE C 347 42.15 34.40 -9.77
N SER C 348 42.31 33.13 -9.43
CA SER C 348 43.57 32.70 -8.81
C SER C 348 44.72 32.78 -9.80
N LEU C 349 44.49 32.40 -11.05
CA LEU C 349 45.52 32.56 -12.07
C LEU C 349 45.78 34.04 -12.35
N ASP C 350 44.71 34.86 -12.37
CA ASP C 350 44.85 36.29 -12.58
C ASP C 350 45.70 36.92 -11.48
N VAL C 351 45.40 36.60 -10.23
CA VAL C 351 46.12 37.22 -9.11
C VAL C 351 47.59 36.81 -9.12
N THR C 352 47.86 35.50 -9.09
CA THR C 352 49.22 35.03 -8.90
C THR C 352 50.13 35.41 -10.07
N HIS C 353 49.55 35.57 -11.26
CA HIS C 353 50.34 35.93 -12.44
C HIS C 353 50.59 37.43 -12.51
N ASN C 354 49.58 38.25 -12.21
CA ASN C 354 49.68 39.69 -12.42
C ASN C 354 50.24 40.44 -11.22
N ILE C 355 50.41 39.78 -10.07
CA ILE C 355 50.91 40.48 -8.88
C ILE C 355 52.29 41.09 -9.15
N TYR C 356 53.10 40.44 -10.00
CA TYR C 356 54.44 40.93 -10.29
C TYR C 356 54.45 42.28 -10.97
N GLN C 357 53.37 42.65 -11.66
CA GLN C 357 53.33 43.97 -12.30
C GLN C 357 53.36 45.08 -11.26
N ALA C 358 52.87 44.81 -10.05
CA ALA C 358 52.89 45.80 -8.99
C ALA C 358 54.12 45.70 -8.10
N THR C 359 54.72 44.52 -7.97
CA THR C 359 55.84 44.34 -7.05
C THR C 359 57.19 44.71 -7.64
N GLY C 360 57.38 44.53 -8.95
CA GLY C 360 58.55 45.07 -9.62
C GLY C 360 59.68 44.08 -9.82
N ALA C 361 60.82 44.63 -10.25
CA ALA C 361 61.94 43.81 -10.72
C ALA C 361 62.67 43.11 -9.57
N ARG C 362 62.95 43.83 -8.48
CA ARG C 362 63.64 43.22 -7.35
C ARG C 362 62.84 42.10 -6.71
N SER C 363 61.51 42.13 -6.82
CA SER C 363 60.68 41.09 -6.23
C SER C 363 60.85 39.73 -6.90
N THR C 364 61.47 39.69 -8.09
CA THR C 364 61.68 38.44 -8.80
C THR C 364 62.83 37.60 -8.23
N ALA C 365 63.53 38.11 -7.21
CA ALA C 365 64.56 37.31 -6.56
C ALA C 365 63.95 36.11 -5.87
N ASN C 366 64.65 34.98 -5.92
CA ASN C 366 64.14 33.77 -5.28
C ASN C 366 64.09 33.89 -3.76
N SER C 367 64.86 34.81 -3.16
CA SER C 367 64.74 35.05 -1.73
C SER C 367 63.40 35.67 -1.37
N VAL C 368 62.77 36.34 -2.33
CA VAL C 368 61.41 36.84 -2.14
C VAL C 368 60.40 35.71 -2.38
N GLY C 369 60.52 35.03 -3.51
CA GLY C 369 59.70 33.85 -3.76
C GLY C 369 58.23 34.12 -3.96
N LEU C 370 57.90 35.21 -4.64
CA LEU C 370 56.49 35.49 -4.92
C LEU C 370 55.87 34.48 -5.87
N ASP C 371 56.68 33.77 -6.64
CA ASP C 371 56.18 32.86 -7.66
C ASP C 371 55.57 31.58 -7.10
N ILE C 372 55.80 31.27 -5.82
CA ILE C 372 55.29 30.02 -5.26
C ILE C 372 53.76 29.96 -5.36
N TYR C 373 53.09 31.10 -5.23
CA TYR C 373 51.65 31.12 -5.38
C TYR C 373 51.24 30.76 -6.81
N TRP C 374 51.90 31.35 -7.79
CA TRP C 374 51.63 31.01 -9.19
C TRP C 374 51.94 29.54 -9.46
N ARG C 375 53.12 29.08 -9.05
CA ARG C 375 53.49 27.69 -9.27
C ARG C 375 52.45 26.76 -8.70
N ASN C 376 51.91 27.09 -7.52
CA ASN C 376 50.88 26.28 -6.90
C ASN C 376 49.55 26.38 -7.67
N ALA C 377 49.08 27.61 -7.91
CA ALA C 377 47.80 27.78 -8.59
C ALA C 377 47.86 27.28 -10.03
N ARG C 378 48.94 27.61 -10.75
CA ARG C 378 49.08 27.14 -12.12
C ARG C 378 49.11 25.62 -12.20
N THR C 379 49.69 24.96 -11.19
CA THR C 379 49.76 23.51 -11.18
C THR C 379 48.38 22.88 -11.02
N HIS C 380 47.66 23.27 -9.96
CA HIS C 380 46.44 22.54 -9.62
C HIS C 380 45.29 22.85 -10.57
N THR C 381 45.27 24.06 -11.14
CA THR C 381 44.20 24.40 -12.08
C THR C 381 44.19 23.52 -13.32
N THR C 382 45.26 22.76 -13.57
CA THR C 382 45.29 21.80 -14.66
C THR C 382 44.73 20.44 -14.28
N HIS C 383 44.18 20.30 -13.07
CA HIS C 383 43.63 19.01 -12.63
C HIS C 383 42.59 18.49 -13.62
N ASP C 384 41.64 19.35 -14.00
CA ASP C 384 40.72 19.07 -15.09
C ASP C 384 40.57 20.36 -15.89
N PRO C 385 40.42 20.26 -17.21
CA PRO C 385 40.48 21.46 -18.05
C PRO C 385 39.30 22.40 -17.79
N LEU C 386 39.63 23.66 -17.50
CA LEU C 386 38.63 24.70 -17.28
C LEU C 386 37.59 24.83 -18.37
N PRO C 387 37.93 24.86 -19.67
CA PRO C 387 36.89 25.07 -20.68
C PRO C 387 35.79 24.02 -20.67
N TYR C 388 36.09 22.79 -20.28
CA TYR C 388 35.04 21.77 -20.21
C TYR C 388 34.09 21.98 -19.05
N ARG C 389 34.56 22.63 -17.96
CA ARG C 389 33.64 22.95 -16.88
C ARG C 389 32.72 24.10 -17.28
N GLN C 390 33.28 25.12 -17.93
CA GLN C 390 32.44 26.18 -18.48
C GLN C 390 31.49 25.66 -19.54
N ARG C 391 31.97 24.74 -20.38
CA ARG C 391 31.12 24.16 -21.43
C ARG C 391 29.90 23.49 -20.84
N GLU C 392 30.06 22.83 -19.68
CA GLU C 392 28.94 22.13 -19.06
C GLU C 392 27.84 23.10 -18.66
N ILE C 393 28.21 24.29 -18.19
CA ILE C 393 27.23 25.31 -17.84
C ILE C 393 26.49 25.79 -19.09
N GLY C 394 27.23 26.16 -20.13
CA GLY C 394 26.59 26.63 -21.35
C GLY C 394 25.73 25.57 -22.01
N ARG C 395 26.14 24.31 -21.91
CA ARG C 395 25.35 23.22 -22.49
C ARG C 395 23.99 23.12 -21.81
N HIS C 396 23.94 23.30 -20.48
CA HIS C 396 22.66 23.24 -19.79
C HIS C 396 21.76 24.40 -20.19
N LEU C 397 22.34 25.59 -20.40
CA LEU C 397 21.55 26.74 -20.84
C LEU C 397 20.95 26.51 -22.22
N LEU C 398 21.71 25.87 -23.11
CA LEU C 398 21.31 25.73 -24.50
C LEU C 398 20.47 24.48 -24.77
N THR C 399 20.70 23.39 -24.04
CA THR C 399 20.02 22.12 -24.31
C THR C 399 19.08 21.66 -23.21
N ASP C 400 19.08 22.31 -22.04
CA ASP C 400 18.28 21.93 -20.87
C ASP C 400 18.77 20.66 -20.19
N GLN C 401 19.91 20.09 -20.62
CA GLN C 401 20.41 18.86 -20.05
C GLN C 401 21.25 19.17 -18.81
N TRP C 402 20.84 18.62 -17.67
CA TRP C 402 21.59 18.76 -16.44
C TRP C 402 22.90 17.97 -16.54
N PRO C 403 23.94 18.40 -15.83
CA PRO C 403 25.12 17.53 -15.65
C PRO C 403 24.72 16.25 -14.94
N SER C 404 25.45 15.19 -15.23
CA SER C 404 25.18 13.87 -14.68
C SER C 404 26.48 13.25 -14.19
N PRO C 405 26.40 12.29 -13.26
CA PRO C 405 27.61 11.58 -12.83
C PRO C 405 28.27 10.87 -14.01
N ARG C 406 29.57 11.06 -14.16
CA ARG C 406 30.32 10.47 -15.26
C ARG C 406 31.12 9.26 -14.82
N ALA D 12 77.75 51.30 -41.43
CA ALA D 12 77.47 50.46 -40.28
C ALA D 12 76.06 49.89 -40.32
N TYR D 13 75.92 48.63 -39.89
CA TYR D 13 74.63 47.95 -39.86
C TYR D 13 73.94 47.98 -41.23
N GLN D 14 74.72 47.68 -42.27
CA GLN D 14 74.18 47.72 -43.63
C GLN D 14 73.22 46.56 -43.87
N GLY D 15 73.56 45.38 -43.42
CA GLY D 15 72.70 44.22 -43.61
C GLY D 15 73.22 43.31 -44.70
N VAL D 16 72.92 42.01 -44.55
CA VAL D 16 73.28 41.02 -45.56
C VAL D 16 72.09 40.82 -46.50
N SER D 17 72.31 40.12 -47.60
CA SER D 17 71.24 39.88 -48.56
C SER D 17 70.19 38.96 -47.96
N ASP D 18 69.05 38.87 -48.66
CA ASP D 18 67.96 38.02 -48.20
C ASP D 18 68.37 36.56 -48.20
N THR D 19 69.02 36.10 -49.27
CA THR D 19 69.43 34.71 -49.35
C THR D 19 70.53 34.38 -48.35
N GLU D 20 71.39 35.35 -48.04
CA GLU D 20 72.44 35.12 -47.06
C GLU D 20 71.85 35.09 -45.64
N PHE D 21 70.84 35.92 -45.37
CA PHE D 21 70.23 35.91 -44.04
C PHE D 21 69.49 34.60 -43.77
N SER D 22 68.97 33.95 -44.81
CA SER D 22 68.34 32.65 -44.62
C SER D 22 69.33 31.63 -44.09
N GLU D 23 70.58 31.70 -44.56
CA GLU D 23 71.61 30.81 -44.04
C GLU D 23 71.93 31.14 -42.58
N TRP D 24 71.90 32.42 -42.22
CA TRP D 24 72.13 32.80 -40.84
C TRP D 24 70.98 32.36 -39.93
N GLU D 25 69.74 32.38 -40.45
CA GLU D 25 68.62 31.85 -39.67
C GLU D 25 68.81 30.37 -39.39
N GLN D 26 69.40 29.63 -40.33
CA GLN D 26 69.66 28.21 -40.10
C GLN D 26 70.80 28.02 -39.11
N VAL D 27 71.81 28.91 -39.15
CA VAL D 27 72.87 28.86 -38.15
C VAL D 27 72.30 29.10 -36.76
N ALA D 28 71.43 30.10 -36.63
CA ALA D 28 70.78 30.37 -35.36
C ALA D 28 69.90 29.22 -34.91
N ALA D 29 69.26 28.53 -35.86
CA ALA D 29 68.44 27.37 -35.53
C ALA D 29 69.29 26.23 -35.00
N ARG D 30 70.47 26.03 -35.59
CA ARG D 30 71.39 25.00 -35.09
C ARG D 30 71.85 25.33 -33.67
N VAL D 31 72.21 26.59 -33.43
CA VAL D 31 72.60 27.01 -32.08
C VAL D 31 71.43 26.87 -31.12
N ALA D 32 70.22 27.22 -31.58
CA ALA D 32 69.04 27.11 -30.73
C ALA D 32 68.76 25.66 -30.34
N GLY D 33 68.90 24.74 -31.29
CA GLY D 33 68.63 23.34 -30.99
C GLY D 33 69.58 22.79 -29.94
N GLU D 34 70.86 23.21 -29.98
CA GLU D 34 71.81 22.75 -28.98
C GLU D 34 71.53 23.37 -27.62
N LEU D 35 71.17 24.66 -27.59
CA LEU D 35 70.83 25.31 -26.33
C LEU D 35 69.59 24.71 -25.71
N SER D 36 68.57 24.43 -26.53
CA SER D 36 67.31 23.91 -25.99
C SER D 36 67.45 22.52 -25.42
N ALA D 37 68.51 21.78 -25.78
CA ALA D 37 68.68 20.43 -25.25
C ALA D 37 69.14 20.45 -23.80
N THR D 38 69.90 21.47 -23.41
CA THR D 38 70.40 21.59 -22.04
C THR D 38 69.81 22.79 -21.32
N ALA D 39 68.66 23.30 -21.78
CA ALA D 39 68.09 24.50 -21.20
C ALA D 39 67.68 24.29 -19.74
N LEU D 40 67.01 23.18 -19.45
CA LEU D 40 66.56 22.92 -18.08
C LEU D 40 67.73 22.62 -17.16
N THR D 41 68.73 21.88 -17.64
CA THR D 41 69.85 21.50 -16.79
C THR D 41 70.72 22.71 -16.45
N ARG D 42 70.98 23.58 -17.43
CA ARG D 42 71.81 24.75 -17.17
C ARG D 42 71.06 25.77 -16.32
N ASP D 43 69.75 25.92 -16.54
CA ASP D 43 68.95 26.86 -15.76
C ASP D 43 68.95 26.48 -14.28
N ARG D 44 68.78 25.19 -13.99
CA ARG D 44 68.75 24.76 -12.58
C ARG D 44 70.15 24.82 -11.96
N ALA D 45 71.20 24.71 -12.78
CA ALA D 45 72.56 24.77 -12.24
C ALA D 45 72.96 26.20 -11.88
N ASN D 46 72.39 27.19 -12.56
CA ASN D 46 72.62 28.61 -12.24
C ASN D 46 74.09 29.00 -12.38
N GLN D 47 74.81 28.36 -13.28
CA GLN D 47 76.21 28.66 -13.51
C GLN D 47 76.37 29.81 -14.50
N ASN D 48 77.56 30.39 -14.53
CA ASN D 48 77.86 31.46 -15.48
C ASN D 48 77.91 30.88 -16.90
N PRO D 49 77.27 31.53 -17.87
CA PRO D 49 77.16 30.97 -19.23
C PRO D 49 78.42 31.18 -20.06
N ILE D 50 79.54 30.63 -19.58
CA ILE D 50 80.79 30.75 -20.31
C ILE D 50 80.75 29.91 -21.60
N ALA D 51 80.27 28.67 -21.49
CA ALA D 51 80.22 27.81 -22.67
C ALA D 51 79.19 28.28 -23.69
N GLU D 52 78.08 28.86 -23.24
CA GLU D 52 77.07 29.32 -24.17
C GLU D 52 77.54 30.54 -24.96
N ILE D 53 78.28 31.43 -24.30
CA ILE D 53 78.83 32.59 -25.00
C ILE D 53 79.86 32.15 -26.04
N GLU D 54 80.66 31.14 -25.71
CA GLU D 54 81.57 30.59 -26.70
C GLU D 54 80.82 29.91 -27.84
N LEU D 55 79.65 29.35 -27.56
CA LEU D 55 78.85 28.74 -28.61
C LEU D 55 78.40 29.78 -29.62
N LEU D 56 77.88 30.92 -29.14
CA LEU D 56 77.53 32.02 -30.03
C LEU D 56 78.75 32.54 -30.77
N ARG D 57 79.92 32.49 -30.12
CA ARG D 57 81.13 33.03 -30.75
C ARG D 57 81.61 32.14 -31.89
N ARG D 58 81.58 30.81 -31.71
CA ARG D 58 82.09 29.92 -32.74
C ARG D 58 81.25 29.98 -34.01
N TYR D 59 79.95 30.24 -33.90
CA TYR D 59 79.07 30.28 -35.05
C TYR D 59 78.88 31.69 -35.60
N GLY D 60 79.66 32.66 -35.14
CA GLY D 60 79.66 33.98 -35.74
C GLY D 60 78.51 34.88 -35.35
N LEU D 61 77.74 34.52 -34.32
CA LEU D 61 76.60 35.34 -33.93
C LEU D 61 77.03 36.58 -33.15
N LEU D 62 78.15 36.52 -32.44
CA LEU D 62 78.61 37.68 -31.69
C LEU D 62 79.11 38.79 -32.61
N SER D 63 79.61 38.43 -33.79
CA SER D 63 80.13 39.41 -34.74
C SER D 63 79.21 39.63 -35.92
N PHE D 64 77.94 39.19 -35.83
CA PHE D 64 77.05 39.28 -36.97
C PHE D 64 76.76 40.73 -37.35
N ALA D 65 76.59 41.60 -36.34
CA ALA D 65 76.26 43.00 -36.57
C ALA D 65 77.50 43.89 -36.74
N THR D 66 78.62 43.32 -37.15
CA THR D 66 79.85 44.06 -37.39
C THR D 66 80.22 43.94 -38.87
N ALA D 67 80.73 45.04 -39.43
CA ALA D 67 81.06 45.07 -40.86
C ALA D 67 82.07 43.98 -41.21
N ARG D 68 82.01 43.55 -42.48
CA ARG D 68 82.90 42.48 -42.94
C ARG D 68 84.36 42.92 -42.90
N GLU D 69 84.63 44.23 -42.99
CA GLU D 69 86.00 44.70 -42.96
C GLU D 69 86.67 44.48 -41.61
N PHE D 70 85.89 44.18 -40.57
CA PHE D 70 86.42 43.88 -39.25
C PHE D 70 86.39 42.40 -38.91
N GLY D 71 85.91 41.56 -39.83
CA GLY D 71 85.75 40.15 -39.57
C GLY D 71 84.35 39.72 -39.22
N GLY D 72 83.38 40.64 -39.24
CA GLY D 72 82.00 40.32 -38.96
C GLY D 72 81.23 39.94 -40.20
N ALA D 73 79.91 39.79 -40.02
CA ALA D 73 79.04 39.39 -41.11
C ALA D 73 78.47 40.55 -41.90
N GLY D 74 78.48 41.76 -41.34
CA GLY D 74 77.89 42.89 -42.02
C GLY D 74 76.39 42.95 -41.94
N GLY D 75 75.80 42.38 -40.88
CA GLY D 75 74.35 42.38 -40.75
C GLY D 75 73.80 43.67 -40.19
N SER D 76 72.48 43.81 -40.28
CA SER D 76 71.77 44.99 -39.80
C SER D 76 71.20 44.74 -38.41
N LEU D 77 70.60 45.78 -37.83
CA LEU D 77 69.96 45.63 -36.53
C LEU D 77 68.63 44.88 -36.67
N VAL D 78 67.90 45.10 -37.76
CA VAL D 78 66.69 44.33 -38.02
C VAL D 78 67.02 42.84 -38.08
N GLN D 79 68.09 42.50 -38.81
CA GLN D 79 68.48 41.10 -38.93
C GLN D 79 69.03 40.55 -37.62
N ALA D 80 69.84 41.34 -36.91
CA ALA D 80 70.46 40.84 -35.68
C ALA D 80 69.42 40.51 -34.63
N LEU D 81 68.40 41.36 -34.47
CA LEU D 81 67.37 41.10 -33.47
C LEU D 81 66.47 39.96 -33.90
N GLN D 82 66.32 39.71 -35.20
CA GLN D 82 65.57 38.54 -35.65
C GLN D 82 66.28 37.25 -35.26
N LEU D 83 67.61 37.22 -35.40
CA LEU D 83 68.37 36.08 -34.87
C LEU D 83 68.29 36.01 -33.36
N GLY D 84 68.19 37.17 -32.71
CA GLY D 84 68.00 37.18 -31.27
C GLY D 84 66.72 36.50 -30.83
N ARG D 85 65.65 36.66 -31.61
CA ARG D 85 64.40 35.97 -31.30
C ARG D 85 64.54 34.46 -31.46
N ILE D 86 65.37 34.02 -32.40
CA ILE D 86 65.58 32.59 -32.59
C ILE D 86 66.32 31.99 -31.40
N ILE D 87 67.35 32.68 -30.91
CA ILE D 87 68.06 32.20 -29.73
C ILE D 87 67.18 32.31 -28.49
N ALA D 88 66.46 33.42 -28.35
CA ALA D 88 65.62 33.62 -27.17
C ALA D 88 64.54 32.56 -27.05
N ALA D 89 64.05 32.04 -28.19
CA ALA D 89 63.01 31.02 -28.14
C ALA D 89 63.52 29.71 -27.55
N ALA D 90 64.81 29.43 -27.70
CA ALA D 90 65.39 28.22 -27.12
C ALA D 90 65.85 28.45 -25.69
N ASP D 91 66.41 29.61 -25.41
CA ASP D 91 66.94 29.92 -24.08
C ASP D 91 66.80 31.41 -23.88
N GLY D 92 65.87 31.80 -23.00
CA GLY D 92 65.63 33.22 -22.76
C GLY D 92 66.83 33.93 -22.17
N SER D 93 67.60 33.23 -21.32
CA SER D 93 68.78 33.85 -20.72
C SER D 93 69.84 34.14 -21.76
N ILE D 94 70.16 33.14 -22.59
CA ILE D 94 71.18 33.34 -23.62
C ILE D 94 70.69 34.32 -24.67
N GLY D 95 69.41 34.29 -24.98
CA GLY D 95 68.85 35.27 -25.89
C GLY D 95 69.03 36.69 -25.38
N GLN D 96 68.81 36.91 -24.09
CA GLN D 96 69.03 38.22 -23.51
C GLN D 96 70.50 38.64 -23.64
N LEU D 97 71.41 37.72 -23.38
CA LEU D 97 72.84 38.04 -23.47
C LEU D 97 73.22 38.46 -24.88
N LEU D 98 72.64 37.81 -25.90
CA LEU D 98 72.99 38.13 -27.27
C LEU D 98 72.48 39.51 -27.67
N VAL D 99 71.22 39.81 -27.35
CA VAL D 99 70.66 41.11 -27.73
C VAL D 99 71.25 42.23 -26.88
N TYR D 100 71.60 41.95 -25.62
CA TYR D 100 72.34 42.93 -24.82
C TYR D 100 73.70 43.20 -25.42
N HIS D 101 74.36 42.15 -25.95
CA HIS D 101 75.63 42.32 -26.63
C HIS D 101 75.47 43.19 -27.88
N TYR D 102 74.44 42.91 -28.68
CA TYR D 102 74.15 43.75 -29.83
C TYR D 102 73.85 45.18 -29.41
N SER D 103 73.01 45.33 -28.38
CA SER D 103 72.65 46.67 -27.91
C SER D 103 73.87 47.41 -27.37
N ASN D 104 74.77 46.70 -26.69
CA ASN D 104 76.00 47.32 -26.21
C ASN D 104 76.89 47.78 -27.35
N GLY D 105 76.86 47.07 -28.49
CA GLY D 105 77.56 47.56 -29.66
C GLY D 105 76.96 48.84 -30.20
N VAL D 106 75.63 48.92 -30.20
CA VAL D 106 74.96 50.16 -30.62
C VAL D 106 75.31 51.30 -29.66
N TRP D 107 75.38 51.00 -28.37
CA TRP D 107 75.73 52.03 -27.39
C TRP D 107 77.12 52.60 -27.67
N THR D 108 78.12 51.72 -27.79
CA THR D 108 79.48 52.19 -28.03
C THR D 108 79.62 52.83 -29.41
N TYR D 109 78.78 52.42 -30.37
CA TYR D 109 78.76 53.10 -31.66
C TYR D 109 78.27 54.54 -31.51
N ILE D 110 77.22 54.74 -30.72
CA ILE D 110 76.71 56.09 -30.47
C ILE D 110 77.69 56.87 -29.60
N LEU D 111 78.23 56.23 -28.56
CA LEU D 111 79.03 56.94 -27.57
C LEU D 111 80.49 57.10 -27.98
N GLY D 112 80.99 56.28 -28.89
CA GLY D 112 82.41 56.25 -29.20
C GLY D 112 82.80 57.22 -30.30
N SER D 113 84.03 57.73 -30.18
CA SER D 113 84.61 58.54 -31.23
C SER D 113 84.94 57.66 -32.43
N PRO D 114 85.17 58.24 -33.60
CA PRO D 114 85.54 57.42 -34.77
C PRO D 114 86.74 56.52 -34.53
N THR D 115 87.77 57.02 -33.84
CA THR D 115 88.90 56.15 -33.48
C THR D 115 88.50 55.10 -32.45
N GLN D 116 87.59 55.46 -31.53
CA GLN D 116 87.12 54.48 -30.55
C GLN D 116 86.21 53.43 -31.18
N ARG D 117 85.46 53.81 -32.22
CA ARG D 117 84.60 52.85 -32.89
C ARG D 117 85.42 51.75 -33.56
N GLU D 118 86.55 52.10 -34.16
CA GLU D 118 87.36 51.11 -34.86
C GLU D 118 88.03 50.15 -33.88
N TYR D 119 88.46 50.67 -32.72
CA TYR D 119 89.02 49.80 -31.70
C TYR D 119 88.02 48.74 -31.27
N ILE D 120 86.77 49.13 -31.07
CA ILE D 120 85.75 48.17 -30.62
C ILE D 120 85.34 47.25 -31.76
N SER D 121 85.22 47.79 -32.98
CA SER D 121 84.79 46.98 -34.12
C SER D 121 85.81 45.88 -34.42
N ARG D 122 87.10 46.18 -34.28
CA ARG D 122 88.11 45.18 -34.58
C ARG D 122 88.11 44.06 -33.54
N GLY D 123 87.89 44.39 -32.27
CA GLY D 123 87.86 43.36 -31.24
C GLY D 123 86.57 42.56 -31.27
N VAL D 124 85.43 43.24 -31.42
CA VAL D 124 84.15 42.54 -31.49
C VAL D 124 84.05 41.74 -32.78
N GLY D 125 84.54 42.30 -33.89
CA GLY D 125 84.42 41.64 -35.17
C GLY D 125 85.47 40.57 -35.41
N GLY D 126 86.70 40.82 -34.97
CA GLY D 126 87.80 39.94 -35.29
C GLY D 126 88.42 39.18 -34.13
N HIS D 127 87.94 39.42 -32.92
CA HIS D 127 88.50 38.75 -31.75
C HIS D 127 87.45 38.22 -30.78
N GLY D 128 86.19 38.15 -31.19
CA GLY D 128 85.18 37.49 -30.38
C GLY D 128 84.86 38.18 -29.07
N TRP D 129 85.04 39.50 -29.01
CA TRP D 129 84.75 40.23 -27.77
C TRP D 129 83.25 40.22 -27.49
N PHE D 130 82.90 40.04 -26.23
CA PHE D 130 81.54 40.18 -25.74
C PHE D 130 81.45 41.46 -24.93
N GLN D 131 80.47 42.30 -25.24
CA GLN D 131 80.33 43.60 -24.61
C GLN D 131 79.29 43.53 -23.50
N GLY D 132 79.68 43.98 -22.31
CA GLY D 132 78.77 44.06 -21.18
C GLY D 132 78.56 45.50 -20.73
N SER D 133 77.55 45.74 -19.92
CA SER D 133 77.20 47.10 -19.54
C SER D 133 76.84 47.15 -18.06
N VAL D 134 77.36 48.18 -17.38
CA VAL D 134 76.98 48.51 -16.02
C VAL D 134 76.14 49.78 -16.10
N SER D 135 74.81 49.62 -16.12
CA SER D 135 73.95 50.73 -16.54
C SER D 135 72.63 50.75 -15.78
N ASN D 136 72.61 50.36 -14.51
CA ASN D 136 71.40 50.49 -13.72
C ASN D 136 71.35 51.88 -13.12
N PRO D 137 70.34 52.70 -13.45
CA PRO D 137 70.31 54.08 -12.95
C PRO D 137 69.73 54.22 -11.55
N ARG D 138 69.25 53.13 -10.94
CA ARG D 138 68.59 53.19 -9.64
C ARG D 138 69.42 52.52 -8.55
N ASP D 139 70.73 52.76 -8.57
CA ASP D 139 71.63 52.19 -7.58
C ASP D 139 72.14 53.28 -6.64
N PRO D 140 71.84 53.22 -5.36
CA PRO D 140 72.34 54.23 -4.42
C PRO D 140 73.80 53.95 -4.05
N GLY D 141 74.42 54.95 -3.44
CA GLY D 141 75.78 54.83 -2.96
C GLY D 141 76.86 54.86 -4.02
N ILE D 142 76.50 55.05 -5.30
CA ILE D 142 77.50 55.07 -6.35
C ILE D 142 78.27 56.38 -6.28
N THR D 143 79.60 56.28 -6.27
CA THR D 143 80.47 57.43 -6.08
C THR D 143 81.63 57.34 -7.05
N VAL D 144 81.76 58.33 -7.93
CA VAL D 144 82.91 58.45 -8.83
C VAL D 144 83.74 59.65 -8.36
N THR D 145 85.05 59.46 -8.31
CA THR D 145 85.97 60.48 -7.83
C THR D 145 87.03 60.75 -8.91
N ARG D 146 87.29 62.02 -9.16
CA ARG D 146 88.26 62.43 -10.17
C ARG D 146 89.68 62.39 -9.61
N THR D 147 90.63 62.00 -10.46
CA THR D 147 92.05 62.01 -10.12
C THR D 147 92.82 62.28 -11.40
N GLU D 148 94.05 62.80 -11.24
CA GLU D 148 94.92 62.93 -12.39
C GLU D 148 95.24 61.57 -13.00
N GLU D 149 95.24 60.52 -12.18
CA GLU D 149 95.36 59.17 -12.69
C GLU D 149 94.21 58.85 -13.65
N GLY D 150 93.04 59.43 -13.42
CA GLY D 150 91.89 59.20 -14.28
C GLY D 150 90.58 59.40 -13.55
N TYR D 151 89.88 58.31 -13.28
CA TYR D 151 88.62 58.34 -12.52
C TYR D 151 88.55 57.10 -11.65
N ARG D 152 88.16 57.28 -10.40
CA ARG D 152 88.06 56.20 -9.44
C ARG D 152 86.59 56.00 -9.08
N VAL D 153 86.09 54.79 -9.31
CA VAL D 153 84.68 54.47 -9.14
C VAL D 153 84.54 53.50 -7.98
N ASN D 154 83.64 53.81 -7.05
CA ASN D 154 83.32 52.96 -5.92
C ASN D 154 81.81 52.84 -5.78
N GLY D 155 81.36 51.77 -5.14
CA GLY D 155 79.96 51.51 -4.92
C GLY D 155 79.58 50.14 -5.43
N LYS D 156 78.27 49.86 -5.42
CA LYS D 156 77.74 48.56 -5.80
C LYS D 156 76.63 48.76 -6.81
N ARG D 157 76.79 48.18 -7.99
CA ARG D 157 75.80 48.25 -9.07
C ARG D 157 75.13 46.89 -9.23
N THR D 158 73.82 46.90 -9.41
CA THR D 158 73.03 45.70 -9.53
C THR D 158 72.53 45.52 -10.96
N PHE D 159 72.04 44.31 -11.25
CA PHE D 159 71.51 43.96 -12.57
C PHE D 159 72.53 44.19 -13.68
N ALA D 160 73.79 43.83 -13.42
CA ALA D 160 74.88 44.01 -14.38
C ALA D 160 74.91 42.81 -15.34
N THR D 161 73.94 42.80 -16.24
CA THR D 161 73.77 41.68 -17.16
C THR D 161 75.00 41.49 -18.03
N GLY D 162 75.56 40.28 -17.99
CA GLY D 162 76.67 39.91 -18.86
C GLY D 162 78.03 40.44 -18.46
N VAL D 163 78.11 41.24 -17.40
CA VAL D 163 79.39 41.84 -17.03
C VAL D 163 80.37 40.78 -16.56
N ALA D 164 79.90 39.78 -15.82
CA ALA D 164 80.76 38.73 -15.30
C ALA D 164 81.32 37.81 -16.38
N VAL D 165 80.94 38.00 -17.64
CA VAL D 165 81.39 37.13 -18.73
C VAL D 165 81.73 37.97 -19.95
N ALA D 166 81.80 39.29 -19.78
CA ALA D 166 82.13 40.19 -20.87
C ALA D 166 83.63 40.41 -20.97
N ASP D 167 84.09 40.71 -22.17
CA ASP D 167 85.49 41.04 -22.42
C ASP D 167 85.73 42.55 -22.40
N LEU D 168 84.83 43.32 -23.00
CA LEU D 168 84.86 44.77 -22.96
C LEU D 168 83.65 45.26 -22.19
N ILE D 169 83.87 46.11 -21.20
CA ILE D 169 82.81 46.56 -20.29
C ILE D 169 82.63 48.06 -20.45
N THR D 170 81.41 48.48 -20.74
CA THR D 170 81.06 49.89 -20.79
C THR D 170 80.47 50.28 -19.43
N VAL D 171 81.05 51.30 -18.82
CA VAL D 171 80.60 51.80 -17.52
C VAL D 171 79.91 53.14 -17.76
N LEU D 172 78.66 53.24 -17.33
CA LEU D 172 77.86 54.45 -17.48
C LEU D 172 77.59 55.04 -16.12
N LEU D 173 78.08 56.26 -15.90
CA LEU D 173 77.96 56.92 -14.60
C LEU D 173 76.93 58.04 -14.66
N PRO D 178 77.86 63.46 -17.64
CA PRO D 178 77.92 62.01 -17.80
C PRO D 178 79.34 61.52 -18.07
N ILE D 179 79.70 60.38 -17.49
CA ILE D 179 81.01 59.77 -17.69
C ILE D 179 80.77 58.37 -18.22
N ASN D 180 81.15 58.15 -19.48
CA ASN D 180 80.99 56.85 -20.14
C ASN D 180 82.35 56.43 -20.68
N ALA D 181 82.76 55.21 -20.34
CA ALA D 181 84.07 54.71 -20.75
C ALA D 181 84.00 53.21 -20.94
N ILE D 182 85.04 52.66 -21.56
CA ILE D 182 85.16 51.23 -21.80
C ILE D 182 86.43 50.74 -21.13
N ILE D 183 86.33 49.65 -20.38
CA ILE D 183 87.48 49.07 -19.68
C ILE D 183 87.59 47.59 -20.01
N PRO D 184 88.80 47.02 -20.02
CA PRO D 184 88.92 45.58 -20.21
C PRO D 184 88.36 44.82 -19.01
N SER D 185 88.05 43.55 -19.24
CA SER D 185 87.57 42.69 -18.16
C SER D 185 88.60 42.49 -17.07
N GLU D 186 89.89 42.62 -17.40
CA GLU D 186 90.98 42.40 -16.46
C GLU D 186 91.29 43.62 -15.60
N ARG D 187 90.46 44.66 -15.66
CA ARG D 187 90.73 45.88 -14.89
C ARG D 187 90.54 45.60 -13.41
N ASP D 188 91.51 46.06 -12.60
CA ASP D 188 91.49 45.80 -11.17
C ASP D 188 90.37 46.57 -10.49
N GLY D 189 89.85 45.99 -9.40
CA GLY D 189 88.79 46.57 -8.62
C GLY D 189 87.42 45.96 -8.85
N LEU D 190 87.24 45.22 -9.93
CA LEU D 190 85.96 44.62 -10.26
C LEU D 190 85.75 43.37 -9.41
N ARG D 191 84.67 43.36 -8.62
CA ARG D 191 84.30 42.22 -7.79
C ARG D 191 82.91 41.77 -8.20
N PHE D 192 82.83 40.64 -8.90
CA PHE D 192 81.54 40.09 -9.33
C PHE D 192 80.98 39.24 -8.20
N ASN D 193 79.86 39.67 -7.63
CA ASN D 193 79.26 38.94 -6.52
C ASN D 193 78.40 37.79 -7.03
N ASP D 194 78.30 36.75 -6.21
CA ASP D 194 77.49 35.57 -6.53
C ASP D 194 76.15 35.64 -5.82
N ASP D 195 75.38 36.69 -6.14
CA ASP D 195 74.09 36.94 -5.52
C ASP D 195 72.93 36.85 -6.51
N TRP D 196 73.15 36.30 -7.70
CA TRP D 196 72.09 36.19 -8.70
C TRP D 196 71.43 34.83 -8.55
N ASP D 197 70.30 34.80 -7.84
CA ASP D 197 69.47 33.60 -7.66
C ASP D 197 68.04 34.07 -7.90
N ASN D 198 67.65 34.12 -9.17
CA ASN D 198 66.42 34.79 -9.57
C ASN D 198 65.40 33.79 -10.08
N LEU D 199 64.17 34.28 -10.23
CA LEU D 199 63.09 33.46 -10.77
C LEU D 199 63.42 33.03 -12.19
N GLY D 200 63.59 34.00 -13.09
CA GLY D 200 63.97 33.73 -14.45
C GLY D 200 65.19 34.51 -14.86
N GLN D 201 65.55 34.46 -16.14
CA GLN D 201 66.77 35.09 -16.64
C GLN D 201 67.98 34.73 -15.77
N ARG D 202 68.03 33.47 -15.35
CA ARG D 202 69.01 33.05 -14.34
C ARG D 202 70.42 32.99 -14.89
N LEU D 203 70.58 32.74 -16.19
CA LEU D 203 71.90 32.59 -16.80
C LEU D 203 72.35 33.84 -17.54
N THR D 204 71.92 35.01 -17.09
CA THR D 204 72.30 36.28 -17.72
C THR D 204 73.44 36.97 -16.99
N ALA D 205 73.99 36.36 -15.94
CA ALA D 205 75.06 36.96 -15.14
C ALA D 205 74.66 38.33 -14.59
N SER D 206 73.40 38.46 -14.20
CA SER D 206 72.84 39.74 -13.77
C SER D 206 73.03 40.00 -12.28
N GLY D 207 74.09 39.49 -11.68
CA GLY D 207 74.38 39.76 -10.28
C GLY D 207 74.86 41.19 -10.09
N SER D 208 75.38 41.43 -8.89
CA SER D 208 75.93 42.73 -8.54
C SER D 208 77.44 42.73 -8.72
N VAL D 209 77.97 43.90 -9.06
CA VAL D 209 79.40 44.09 -9.28
C VAL D 209 79.89 45.18 -8.34
N GLU D 210 80.86 44.84 -7.49
CA GLU D 210 81.45 45.80 -6.57
C GLU D 210 82.60 46.53 -7.29
N PHE D 211 82.62 47.85 -7.14
CA PHE D 211 83.70 48.67 -7.66
C PHE D 211 84.55 49.12 -6.47
N ASP D 212 85.81 48.70 -6.46
CA ASP D 212 86.76 49.02 -5.38
C ASP D 212 87.87 49.87 -5.98
N ASN D 213 87.62 51.18 -6.11
CA ASN D 213 88.60 52.12 -6.62
C ASN D 213 89.06 51.75 -8.03
N VAL D 214 88.09 51.51 -8.91
CA VAL D 214 88.38 51.10 -10.28
C VAL D 214 88.81 52.32 -11.08
N LEU D 215 89.89 52.17 -11.84
CA LEU D 215 90.44 53.27 -12.63
C LEU D 215 89.79 53.34 -14.00
N LEU D 216 89.44 54.56 -14.42
CA LEU D 216 88.95 54.84 -15.77
C LEU D 216 89.93 55.83 -16.38
N ARG D 217 90.80 55.34 -17.26
CA ARG D 217 91.80 56.21 -17.88
C ARG D 217 91.12 57.20 -18.83
N HIS D 218 91.79 58.33 -19.03
CA HIS D 218 91.26 59.36 -19.92
C HIS D 218 91.19 58.88 -21.36
N ASP D 219 92.13 58.04 -21.78
CA ASP D 219 92.13 57.52 -23.14
C ASP D 219 90.94 56.61 -23.41
N GLU D 220 90.31 56.07 -22.35
CA GLU D 220 89.20 55.14 -22.49
C GLU D 220 87.84 55.79 -22.39
N VAL D 221 87.77 57.11 -22.18
CA VAL D 221 86.49 57.80 -22.03
C VAL D 221 85.90 58.05 -23.40
N LEU D 222 84.63 57.70 -23.57
CA LEU D 222 83.96 57.81 -24.86
C LEU D 222 83.54 59.26 -25.11
N THR D 223 83.93 59.79 -26.28
CA THR D 223 83.70 61.18 -26.63
C THR D 223 82.90 61.35 -27.91
N GLY D 224 82.13 60.33 -28.31
CA GLY D 224 81.38 60.42 -29.55
C GLY D 224 80.27 61.45 -29.53
N LEU D 225 79.70 61.71 -28.36
CA LEU D 225 78.60 62.66 -28.23
C LEU D 225 79.06 64.12 -28.24
N ASP D 226 80.37 64.38 -28.31
CA ASP D 226 80.83 65.76 -28.27
C ASP D 226 80.45 66.54 -29.53
N GLU D 227 80.45 65.87 -30.69
CA GLU D 227 80.14 66.56 -31.94
C GLU D 227 78.67 66.96 -32.07
N TYR D 228 77.82 66.57 -31.12
CA TYR D 228 76.42 66.96 -31.12
C TYR D 228 76.19 68.09 -30.15
N SER D 229 75.39 69.07 -30.56
CA SER D 229 75.16 70.26 -29.76
C SER D 229 74.46 69.91 -28.45
N GLY D 230 75.02 70.39 -27.34
CA GLY D 230 74.41 70.28 -26.04
C GLY D 230 73.48 71.40 -25.69
N LEU D 231 73.23 72.33 -26.62
CA LEU D 231 72.38 73.50 -26.37
C LEU D 231 70.97 73.32 -26.89
N ASP D 232 70.79 72.67 -28.03
CA ASP D 232 69.47 72.51 -28.65
C ASP D 232 68.85 71.15 -28.41
N GLY D 233 69.47 70.32 -27.57
CA GLY D 233 68.94 68.99 -27.29
C GLY D 233 69.38 67.91 -28.25
N SER D 234 70.26 68.22 -29.21
CA SER D 234 70.69 67.21 -30.17
C SER D 234 71.46 66.10 -29.48
N ARG D 235 72.36 66.45 -28.55
CA ARG D 235 73.11 65.43 -27.83
C ARG D 235 72.21 64.56 -26.98
N GLU D 236 71.18 65.16 -26.36
CA GLU D 236 70.27 64.39 -25.53
C GLU D 236 69.45 63.42 -26.35
N ARG D 237 69.01 63.84 -27.55
CA ARG D 237 68.21 62.95 -28.39
C ARG D 237 69.06 61.87 -29.05
N ARG D 238 70.26 62.23 -29.48
CA ARG D 238 71.18 61.23 -30.04
C ARG D 238 71.51 60.18 -29.00
N ASP D 239 71.87 60.60 -27.79
CA ASP D 239 72.13 59.64 -26.72
C ASP D 239 70.88 58.86 -26.33
N GLY D 240 69.72 59.50 -26.41
CA GLY D 240 68.48 58.82 -26.05
C GLY D 240 68.17 57.59 -26.89
N LEU D 241 68.80 57.48 -28.06
CA LEU D 241 68.59 56.28 -28.88
C LEU D 241 69.06 55.02 -28.18
N ARG D 242 70.01 55.15 -27.24
CA ARG D 242 70.46 54.01 -26.46
C ARG D 242 69.32 53.38 -25.69
N ALA D 243 68.59 54.20 -24.92
CA ALA D 243 67.48 53.69 -24.13
C ALA D 243 66.35 53.18 -25.02
N LEU D 244 66.11 53.85 -26.16
CA LEU D 244 65.08 53.39 -27.07
C LEU D 244 65.43 52.03 -27.65
N PHE D 245 66.72 51.80 -27.96
CA PHE D 245 67.12 50.50 -28.47
C PHE D 245 67.06 49.43 -27.38
N SER D 246 67.33 49.81 -26.13
CA SER D 246 67.16 48.86 -25.02
C SER D 246 65.73 48.34 -24.96
N GLN D 247 64.76 49.26 -24.98
CA GLN D 247 63.36 48.85 -25.01
C GLN D 247 63.07 48.00 -26.23
N LEU D 248 63.78 48.24 -27.33
CA LEU D 248 63.55 47.47 -28.55
C LEU D 248 64.03 46.03 -28.40
N ILE D 249 65.21 45.83 -27.80
CA ILE D 249 65.68 44.46 -27.63
C ILE D 249 64.83 43.70 -26.62
N PHE D 250 64.20 44.42 -25.68
CA PHE D 250 63.25 43.78 -24.78
C PHE D 250 62.06 43.25 -25.54
N VAL D 251 61.56 44.03 -26.51
CA VAL D 251 60.44 43.60 -27.36
C VAL D 251 60.76 42.27 -28.02
N HIS D 252 61.91 42.20 -28.71
CA HIS D 252 62.27 40.99 -29.44
C HIS D 252 62.55 39.83 -28.50
N LEU D 253 63.10 40.11 -27.32
CA LEU D 253 63.31 39.04 -26.35
C LEU D 253 61.98 38.45 -25.89
N TYR D 254 60.99 39.30 -25.60
CA TYR D 254 59.71 38.79 -25.12
C TYR D 254 59.01 37.98 -26.20
N LEU D 255 59.08 38.42 -27.45
CA LEU D 255 58.45 37.69 -28.55
C LEU D 255 59.15 36.37 -28.81
N GLY D 256 60.48 36.35 -28.67
CA GLY D 256 61.21 35.10 -28.81
C GLY D 256 60.81 34.08 -27.77
N ILE D 257 60.74 34.50 -26.50
CA ILE D 257 60.30 33.60 -25.44
C ILE D 257 58.87 33.12 -25.69
N ALA D 258 58.00 34.01 -26.15
CA ALA D 258 56.63 33.61 -26.45
C ALA D 258 56.60 32.59 -27.59
N GLU D 259 57.45 32.77 -28.59
CA GLU D 259 57.51 31.78 -29.67
C GLU D 259 58.00 30.44 -29.18
N GLY D 260 58.99 30.43 -28.28
CA GLY D 260 59.48 29.16 -27.76
C GLY D 260 58.46 28.47 -26.87
N ALA D 261 57.70 29.24 -26.09
CA ALA D 261 56.69 28.65 -25.22
C ALA D 261 55.56 28.05 -26.04
N LEU D 262 55.09 28.76 -27.07
CA LEU D 262 54.01 28.24 -27.91
C LEU D 262 54.45 26.96 -28.63
N ALA D 263 55.67 26.95 -29.15
CA ALA D 263 56.17 25.74 -29.82
C ALA D 263 56.37 24.60 -28.83
N ALA D 264 56.81 24.92 -27.61
CA ALA D 264 56.98 23.89 -26.58
C ALA D 264 55.63 23.30 -26.17
N GLY D 265 54.63 24.15 -25.99
CA GLY D 265 53.31 23.64 -25.66
C GLY D 265 52.70 22.83 -26.78
N VAL D 266 52.87 23.28 -28.02
CA VAL D 266 52.37 22.53 -29.17
C VAL D 266 53.07 21.18 -29.27
N ALA D 267 54.40 21.17 -29.10
CA ALA D 267 55.15 19.93 -29.20
C ALA D 267 54.81 18.97 -28.06
N TYR D 268 54.51 19.49 -26.87
CA TYR D 268 54.11 18.61 -25.77
C TYR D 268 52.77 17.93 -26.05
N ILE D 269 51.79 18.70 -26.52
CA ILE D 269 50.47 18.14 -26.80
C ILE D 269 50.56 17.06 -27.87
N ARG D 270 51.36 17.30 -28.91
CA ARG D 270 51.46 16.36 -30.01
C ARG D 270 52.20 15.08 -29.61
N ASP D 271 53.11 15.17 -28.64
CA ASP D 271 53.94 14.02 -28.27
C ASP D 271 53.52 13.36 -26.97
N LYS D 272 52.97 14.11 -26.01
CA LYS D 272 52.58 13.56 -24.72
C LYS D 272 51.12 13.77 -24.38
N GLY D 273 50.39 14.59 -25.13
CA GLY D 273 49.05 14.94 -24.74
C GLY D 273 48.08 13.78 -24.82
N ARG D 274 47.08 13.81 -23.95
CA ARG D 274 46.02 12.83 -23.90
C ARG D 274 44.67 13.53 -24.01
N PRO D 275 43.71 12.93 -24.71
CA PRO D 275 42.39 13.58 -24.85
C PRO D 275 41.64 13.58 -23.52
N TRP D 276 40.77 14.57 -23.37
CA TRP D 276 39.92 14.63 -22.18
C TRP D 276 38.69 13.76 -22.37
N PRO D 277 38.31 12.95 -21.37
CA PRO D 277 37.19 12.02 -21.56
C PRO D 277 35.89 12.66 -21.99
N GLU D 278 35.68 13.94 -21.69
CA GLU D 278 34.49 14.65 -22.14
C GLU D 278 34.60 15.16 -23.56
N ALA D 279 35.78 15.08 -24.18
CA ALA D 279 35.95 15.59 -25.53
C ALA D 279 35.22 14.72 -26.54
N HIS D 280 34.83 15.33 -27.66
CA HIS D 280 34.14 14.60 -28.72
C HIS D 280 35.07 13.61 -29.40
N SER D 281 36.35 13.97 -29.55
CA SER D 281 37.31 13.15 -30.27
C SER D 281 38.29 12.49 -29.29
N THR D 282 38.75 11.30 -29.66
CA THR D 282 39.82 10.64 -28.92
C THR D 282 41.20 11.11 -29.36
N ASP D 283 41.28 12.02 -30.32
CA ASP D 283 42.53 12.61 -30.76
C ASP D 283 42.73 13.92 -30.00
N VAL D 284 43.82 14.01 -29.24
CA VAL D 284 44.08 15.20 -28.44
C VAL D 284 44.30 16.42 -29.33
N THR D 285 44.82 16.23 -30.54
CA THR D 285 45.06 17.35 -31.44
C THR D 285 43.79 17.94 -32.03
N GLU D 286 42.64 17.27 -31.85
CA GLU D 286 41.37 17.77 -32.35
C GLU D 286 40.52 18.42 -31.27
N ASP D 287 41.08 18.68 -30.10
CA ASP D 287 40.34 19.35 -29.05
C ASP D 287 40.02 20.78 -29.50
N PRO D 288 38.75 21.19 -29.49
CA PRO D 288 38.41 22.53 -29.99
C PRO D 288 38.95 23.65 -29.13
N TYR D 289 39.13 23.43 -27.83
CA TYR D 289 39.66 24.48 -26.96
C TYR D 289 41.17 24.61 -27.08
N HIS D 290 41.89 23.49 -27.25
CA HIS D 290 43.32 23.59 -27.52
C HIS D 290 43.58 24.36 -28.81
N GLN D 291 42.88 24.00 -29.87
CA GLN D 291 43.08 24.65 -31.16
C GLN D 291 42.80 26.14 -31.08
N GLN D 292 41.68 26.51 -30.45
CA GLN D 292 41.31 27.92 -30.37
C GLN D 292 42.33 28.72 -29.57
N LEU D 293 42.70 28.20 -28.39
CA LEU D 293 43.65 28.92 -27.54
C LEU D 293 44.99 29.10 -28.23
N LEU D 294 45.52 28.03 -28.81
CA LEU D 294 46.81 28.12 -29.49
C LEU D 294 46.74 29.04 -30.70
N GLY D 295 45.63 28.98 -31.45
CA GLY D 295 45.48 29.87 -32.59
C GLY D 295 45.41 31.33 -32.19
N ARG D 296 44.70 31.62 -31.08
CA ARG D 296 44.66 32.99 -30.58
C ARG D 296 46.06 33.48 -30.20
N LEU D 297 46.81 32.64 -29.47
CA LEU D 297 48.15 33.02 -29.05
C LEU D 297 49.07 33.18 -30.24
N SER D 298 48.97 32.29 -31.23
CA SER D 298 49.78 32.39 -32.43
C SER D 298 49.56 33.72 -33.13
N ALA D 299 48.29 34.11 -33.31
CA ALA D 299 47.99 35.37 -33.98
C ALA D 299 48.52 36.56 -33.20
N GLY D 300 48.44 36.51 -31.87
CA GLY D 300 48.98 37.57 -31.05
C GLY D 300 50.47 37.76 -31.24
N ILE D 301 51.23 36.65 -31.26
CA ILE D 301 52.66 36.75 -31.48
C ILE D 301 52.96 37.33 -32.86
N ALA D 302 52.19 36.91 -33.88
CA ALA D 302 52.43 37.39 -35.23
C ALA D 302 52.27 38.89 -35.32
N ALA D 303 51.26 39.45 -34.65
CA ALA D 303 51.07 40.89 -34.64
C ALA D 303 52.21 41.59 -33.92
N GLY D 304 52.66 41.02 -32.79
CA GLY D 304 53.78 41.61 -32.08
C GLY D 304 55.07 41.60 -32.89
N VAL D 305 55.30 40.52 -33.64
CA VAL D 305 56.49 40.43 -34.47
C VAL D 305 56.44 41.48 -35.59
N ALA D 306 55.28 41.65 -36.23
CA ALA D 306 55.18 42.61 -37.32
C ALA D 306 55.41 44.03 -36.84
N LEU D 307 54.89 44.37 -35.66
CA LEU D 307 55.14 45.69 -35.10
C LEU D 307 56.59 45.84 -34.66
N ALA D 308 57.17 44.78 -34.09
CA ALA D 308 58.54 44.84 -33.60
C ALA D 308 59.53 45.07 -34.73
N ASP D 309 59.41 44.28 -35.80
CA ASP D 309 60.31 44.45 -36.93
C ASP D 309 60.11 45.78 -37.62
N SER D 310 58.88 46.31 -37.60
CA SER D 310 58.65 47.64 -38.14
C SER D 310 59.35 48.70 -37.30
N ALA D 311 59.29 48.58 -35.97
CA ALA D 311 59.92 49.56 -35.10
C ALA D 311 61.44 49.51 -35.20
N THR D 312 62.01 48.33 -35.43
CA THR D 312 63.45 48.23 -35.56
C THR D 312 63.94 48.89 -36.84
N LYS D 313 63.16 48.75 -37.92
CA LYS D 313 63.49 49.43 -39.17
C LYS D 313 63.48 50.95 -38.98
N GLU D 314 62.49 51.47 -38.27
CA GLU D 314 62.46 52.90 -37.98
C GLU D 314 63.63 53.34 -37.12
N PHE D 315 64.08 52.48 -36.20
CA PHE D 315 65.24 52.83 -35.38
C PHE D 315 66.52 52.89 -36.21
N GLU D 316 66.69 51.94 -37.14
CA GLU D 316 67.87 51.95 -38.00
C GLU D 316 67.95 53.24 -38.80
N GLN D 317 66.81 53.74 -39.28
CA GLN D 317 66.79 54.99 -40.01
C GLN D 317 67.14 56.17 -39.10
N ALA D 318 66.61 56.16 -37.87
CA ALA D 318 66.93 57.23 -36.93
C ALA D 318 68.42 57.24 -36.62
N LEU D 319 69.01 56.07 -36.40
CA LEU D 319 70.43 55.99 -36.12
C LEU D 319 71.28 56.48 -37.29
N ALA D 320 70.82 56.23 -38.52
CA ALA D 320 71.56 56.60 -39.72
C ALA D 320 71.23 58.00 -40.22
N PHE D 321 70.50 58.80 -39.44
CA PHE D 321 70.21 60.17 -39.84
C PHE D 321 71.46 61.02 -39.95
N GLY D 322 72.54 60.64 -39.27
CA GLY D 322 73.69 61.51 -39.15
C GLY D 322 73.43 62.58 -38.12
N GLU D 323 72.64 63.58 -38.49
CA GLU D 323 72.16 64.56 -37.51
C GLU D 323 71.27 63.86 -36.49
N ALA D 324 71.19 64.44 -35.30
CA ALA D 324 70.33 63.89 -34.27
C ALA D 324 68.87 64.01 -34.72
N PRO D 325 68.02 63.07 -34.33
CA PRO D 325 66.59 63.20 -34.65
C PRO D 325 66.00 64.41 -33.96
N THR D 326 65.02 65.03 -34.61
CA THR D 326 64.34 66.17 -34.02
C THR D 326 63.45 65.70 -32.86
N GLU D 327 62.83 66.67 -32.18
CA GLU D 327 61.90 66.35 -31.12
C GLU D 327 60.76 65.47 -31.62
N ALA D 328 60.25 65.76 -32.83
CA ALA D 328 59.15 64.99 -33.38
C ALA D 328 59.60 63.62 -33.84
N GLN D 329 60.77 63.54 -34.48
CA GLN D 329 61.29 62.25 -34.95
C GLN D 329 61.62 61.34 -33.77
N TRP D 330 62.29 61.88 -32.76
CA TRP D 330 62.60 61.10 -31.57
C TRP D 330 61.32 60.68 -30.85
N GLY D 331 60.36 61.60 -30.72
CA GLY D 331 59.11 61.27 -30.05
C GLY D 331 58.31 60.21 -30.79
N ALA D 332 58.22 60.33 -32.11
CA ALA D 332 57.48 59.35 -32.90
C ALA D 332 58.11 57.96 -32.79
N LEU D 333 59.45 57.90 -32.81
CA LEU D 333 60.13 56.63 -32.63
C LEU D 333 59.87 56.06 -31.24
N ALA D 334 59.88 56.92 -30.22
CA ALA D 334 59.63 56.45 -28.86
C ALA D 334 58.21 55.94 -28.69
N ILE D 335 57.24 56.59 -29.34
CA ILE D 335 55.86 56.10 -29.31
C ILE D 335 55.79 54.73 -29.96
N ARG D 336 56.46 54.56 -31.11
CA ARG D 336 56.47 53.28 -31.80
C ARG D 336 57.09 52.19 -30.92
N VAL D 337 58.13 52.53 -30.17
CA VAL D 337 58.79 51.56 -29.31
C VAL D 337 57.93 51.23 -28.09
N ASP D 338 57.26 52.24 -27.52
CA ASP D 338 56.32 51.99 -26.43
C ASP D 338 55.20 51.05 -26.87
N GLN D 339 54.65 51.30 -28.07
CA GLN D 339 53.60 50.42 -28.57
C GLN D 339 54.10 48.99 -28.72
N ALA D 340 55.31 48.83 -29.28
CA ALA D 340 55.88 47.51 -29.42
C ALA D 340 56.15 46.87 -28.06
N LYS D 341 56.65 47.66 -27.11
CA LYS D 341 56.90 47.15 -25.77
C LYS D 341 55.60 46.68 -25.10
N SER D 342 54.52 47.44 -25.26
CA SER D 342 53.25 47.07 -24.64
C SER D 342 52.73 45.76 -25.19
N VAL D 343 52.65 45.65 -26.52
CA VAL D 343 52.13 44.44 -27.15
C VAL D 343 53.02 43.24 -26.83
N ALA D 344 54.34 43.41 -26.92
CA ALA D 344 55.25 42.30 -26.66
C ALA D 344 55.17 41.84 -25.22
N THR D 345 54.97 42.78 -24.29
CA THR D 345 54.80 42.40 -22.89
C THR D 345 53.52 41.61 -22.70
N GLU D 346 52.41 42.07 -23.29
CA GLU D 346 51.12 41.44 -23.05
C GLU D 346 51.07 40.04 -23.65
N ILE D 347 51.59 39.86 -24.86
CA ILE D 347 51.48 38.56 -25.53
C ILE D 347 52.42 37.53 -24.90
N SER D 348 53.62 37.95 -24.50
CA SER D 348 54.56 37.00 -23.91
C SER D 348 54.06 36.51 -22.54
N LEU D 349 53.48 37.42 -21.75
CA LEU D 349 52.88 36.99 -20.49
C LEU D 349 51.66 36.11 -20.73
N ASP D 350 50.87 36.44 -21.76
CA ASP D 350 49.69 35.66 -22.09
C ASP D 350 50.07 34.24 -22.51
N VAL D 351 51.03 34.12 -23.43
CA VAL D 351 51.40 32.80 -23.96
C VAL D 351 51.97 31.93 -22.85
N THR D 352 53.01 32.42 -22.17
CA THR D 352 53.74 31.57 -21.23
C THR D 352 52.90 31.18 -20.03
N HIS D 353 51.84 31.94 -19.73
CA HIS D 353 50.98 31.67 -18.59
C HIS D 353 49.82 30.76 -18.95
N ASN D 354 49.19 30.98 -20.11
CA ASN D 354 48.03 30.21 -20.51
C ASN D 354 48.36 28.93 -21.25
N ILE D 355 49.62 28.68 -21.57
CA ILE D 355 49.97 27.46 -22.31
C ILE D 355 49.64 26.23 -21.48
N TYR D 356 49.65 26.33 -20.15
CA TYR D 356 49.40 25.18 -19.30
C TYR D 356 47.96 24.70 -19.39
N GLN D 357 47.02 25.60 -19.74
CA GLN D 357 45.63 25.17 -19.86
C GLN D 357 45.46 24.12 -20.95
N ALA D 358 46.30 24.16 -21.99
CA ALA D 358 46.24 23.18 -23.06
C ALA D 358 47.18 21.99 -22.87
N THR D 359 48.23 22.14 -22.07
CA THR D 359 49.19 21.05 -21.90
C THR D 359 48.76 20.03 -20.85
N GLY D 360 48.17 20.48 -19.74
CA GLY D 360 47.51 19.58 -18.82
C GLY D 360 48.31 19.33 -17.54
N ALA D 361 47.80 18.38 -16.76
CA ALA D 361 48.30 18.16 -15.40
C ALA D 361 49.71 17.56 -15.41
N ARG D 362 49.93 16.55 -16.25
CA ARG D 362 51.24 15.89 -16.27
C ARG D 362 52.34 16.79 -16.80
N SER D 363 51.99 17.85 -17.53
CA SER D 363 52.99 18.78 -18.06
C SER D 363 53.60 19.68 -16.99
N THR D 364 53.04 19.68 -15.77
CA THR D 364 53.57 20.51 -14.70
C THR D 364 54.75 19.87 -13.98
N ALA D 365 55.20 18.70 -14.40
CA ALA D 365 56.38 18.09 -13.80
C ALA D 365 57.63 18.87 -14.20
N ASN D 366 58.55 19.03 -13.27
CA ASN D 366 59.78 19.77 -13.55
C ASN D 366 60.65 19.06 -14.58
N SER D 367 60.44 17.76 -14.80
CA SER D 367 61.11 17.08 -15.91
C SER D 367 60.66 17.64 -17.26
N VAL D 368 59.44 18.18 -17.32
CA VAL D 368 58.97 18.85 -18.52
C VAL D 368 59.47 20.29 -18.57
N GLY D 369 59.37 21.00 -17.45
CA GLY D 369 59.95 22.33 -17.34
C GLY D 369 59.33 23.39 -18.22
N LEU D 370 58.05 23.25 -18.54
CA LEU D 370 57.37 24.23 -19.39
C LEU D 370 57.27 25.61 -18.75
N ASP D 371 57.54 25.71 -17.44
CA ASP D 371 57.46 26.98 -16.73
C ASP D 371 58.66 27.88 -16.96
N ILE D 372 59.73 27.37 -17.58
CA ILE D 372 60.93 28.17 -17.78
C ILE D 372 60.63 29.40 -18.65
N TYR D 373 59.66 29.28 -19.56
CA TYR D 373 59.31 30.42 -20.39
C TYR D 373 58.61 31.50 -19.58
N TRP D 374 57.66 31.11 -18.72
CA TRP D 374 56.99 32.08 -17.86
C TRP D 374 57.96 32.74 -16.91
N ARG D 375 58.81 31.94 -16.25
CA ARG D 375 59.79 32.51 -15.33
C ARG D 375 60.67 33.53 -16.02
N ASN D 376 61.06 33.26 -17.27
CA ASN D 376 61.90 34.20 -18.01
C ASN D 376 61.13 35.45 -18.38
N ALA D 377 59.95 35.30 -18.99
CA ALA D 377 59.18 36.46 -19.42
C ALA D 377 58.62 37.25 -18.24
N ARG D 378 58.13 36.55 -17.21
CA ARG D 378 57.61 37.24 -16.03
C ARG D 378 58.69 38.03 -15.32
N THR D 379 59.94 37.55 -15.37
CA THR D 379 61.04 38.27 -14.74
C THR D 379 61.34 39.56 -15.49
N HIS D 380 61.62 39.46 -16.79
CA HIS D 380 62.14 40.61 -17.50
C HIS D 380 61.09 41.68 -17.74
N THR D 381 59.82 41.30 -17.91
CA THR D 381 58.76 42.27 -18.12
C THR D 381 58.60 43.24 -16.95
N THR D 382 59.20 42.94 -15.80
CA THR D 382 59.19 43.86 -14.66
C THR D 382 60.36 44.83 -14.67
N HIS D 383 61.19 44.80 -15.72
CA HIS D 383 62.33 45.72 -15.82
C HIS D 383 61.90 47.16 -15.61
N ASP D 384 60.90 47.60 -16.36
CA ASP D 384 60.24 48.86 -16.11
C ASP D 384 58.74 48.62 -16.21
N PRO D 385 57.93 49.34 -15.42
CA PRO D 385 56.50 48.99 -15.32
C PRO D 385 55.76 49.25 -16.62
N LEU D 386 55.06 48.22 -17.09
CA LEU D 386 54.22 48.32 -18.29
C LEU D 386 53.26 49.49 -18.29
N PRO D 387 52.47 49.75 -17.23
CA PRO D 387 51.49 50.86 -17.31
C PRO D 387 52.11 52.22 -17.61
N TYR D 388 53.36 52.46 -17.25
CA TYR D 388 53.96 53.75 -17.54
C TYR D 388 54.41 53.88 -18.99
N ARG D 389 54.74 52.75 -19.64
CA ARG D 389 54.99 52.81 -21.08
C ARG D 389 53.69 53.02 -21.85
N GLN D 390 52.60 52.40 -21.39
CA GLN D 390 51.30 52.66 -22.00
C GLN D 390 50.83 54.08 -21.70
N ARG D 391 51.09 54.57 -20.49
CA ARG D 391 50.71 55.93 -20.14
C ARG D 391 51.36 56.96 -21.06
N GLU D 392 52.60 56.70 -21.47
CA GLU D 392 53.31 57.66 -22.31
C GLU D 392 52.63 57.81 -23.66
N ILE D 393 52.15 56.70 -24.22
CA ILE D 393 51.39 56.76 -25.47
C ILE D 393 50.12 57.58 -25.30
N GLY D 394 49.32 57.24 -24.29
CA GLY D 394 48.08 57.95 -24.08
C GLY D 394 48.27 59.41 -23.71
N ARG D 395 49.34 59.72 -22.97
CA ARG D 395 49.63 61.11 -22.63
C ARG D 395 49.93 61.94 -23.88
N HIS D 396 50.62 61.36 -24.86
CA HIS D 396 50.89 62.08 -26.10
C HIS D 396 49.60 62.32 -26.87
N LEU D 397 48.70 61.33 -26.89
CA LEU D 397 47.43 61.49 -27.60
C LEU D 397 46.59 62.61 -26.97
N LEU D 398 46.63 62.73 -25.64
CA LEU D 398 45.78 63.68 -24.94
C LEU D 398 46.39 65.06 -24.80
N THR D 399 47.73 65.16 -24.74
CA THR D 399 48.38 66.44 -24.48
C THR D 399 49.29 66.92 -25.59
N ASP D 400 49.51 66.13 -26.64
CA ASP D 400 50.40 66.42 -27.77
C ASP D 400 51.87 66.43 -27.39
N GLN D 401 52.23 66.06 -26.16
CA GLN D 401 53.63 66.10 -25.73
C GLN D 401 54.33 64.83 -26.20
N TRP D 402 55.36 65.01 -27.04
CA TRP D 402 56.18 63.89 -27.46
C TRP D 402 56.99 63.39 -26.27
N PRO D 403 57.31 62.09 -26.23
CA PRO D 403 58.33 61.62 -25.28
C PRO D 403 59.67 62.24 -25.62
N SER D 404 60.44 62.56 -24.59
CA SER D 404 61.74 63.19 -24.73
C SER D 404 62.75 62.43 -23.89
N PRO D 405 64.05 62.57 -24.20
CA PRO D 405 65.07 61.93 -23.37
C PRO D 405 64.97 62.32 -21.91
N ARG D 406 64.61 61.36 -21.05
CA ARG D 406 64.43 61.62 -19.63
C ARG D 406 65.72 61.31 -18.85
N HIS E 11 48.49 -72.57 31.64
CA HIS E 11 47.71 -72.35 30.43
C HIS E 11 46.22 -72.61 30.68
N ALA E 12 45.46 -71.53 30.86
CA ALA E 12 44.02 -71.66 31.00
C ALA E 12 43.39 -71.92 29.63
N TYR E 13 42.18 -72.49 29.67
CA TYR E 13 41.42 -72.81 28.46
C TYR E 13 42.20 -73.77 27.56
N GLN E 14 42.61 -74.89 28.14
CA GLN E 14 43.47 -75.85 27.43
C GLN E 14 42.68 -76.67 26.43
N GLY E 15 41.42 -76.99 26.73
CA GLY E 15 40.59 -77.79 25.86
C GLY E 15 40.47 -79.23 26.33
N VAL E 16 39.34 -79.84 26.03
CA VAL E 16 39.13 -81.26 26.27
C VAL E 16 39.35 -82.02 24.97
N SER E 17 39.50 -83.33 25.08
CA SER E 17 39.70 -84.16 23.89
C SER E 17 38.45 -84.17 23.02
N ASP E 18 38.62 -84.65 21.78
CA ASP E 18 37.51 -84.66 20.83
C ASP E 18 36.40 -85.60 21.28
N THR E 19 36.76 -86.77 21.82
CA THR E 19 35.74 -87.70 22.28
C THR E 19 35.04 -87.17 23.53
N GLU E 20 35.79 -86.52 24.43
CA GLU E 20 35.17 -85.95 25.62
C GLU E 20 34.24 -84.80 25.26
N PHE E 21 34.59 -84.01 24.25
CA PHE E 21 33.72 -82.90 23.86
C PHE E 21 32.42 -83.40 23.25
N SER E 22 32.46 -84.51 22.50
CA SER E 22 31.22 -85.09 21.99
C SER E 22 30.27 -85.41 23.13
N GLU E 23 30.80 -85.91 24.24
CA GLU E 23 29.96 -86.18 25.40
C GLU E 23 29.42 -84.91 26.02
N TRP E 24 30.22 -83.83 26.00
CA TRP E 24 29.73 -82.54 26.48
C TRP E 24 28.69 -81.94 25.55
N GLU E 25 28.80 -82.18 24.23
CA GLU E 25 27.74 -81.76 23.33
C GLU E 25 26.45 -82.52 23.60
N GLN E 26 26.56 -83.80 23.97
N GLN E 26 26.57 -83.80 23.99
CA GLN E 26 25.38 -84.57 24.35
CA GLN E 26 25.37 -84.56 24.35
C GLN E 26 24.75 -84.01 25.62
C GLN E 26 24.75 -84.05 25.64
N VAL E 27 25.57 -83.56 26.57
CA VAL E 27 25.04 -82.95 27.79
C VAL E 27 24.28 -81.66 27.45
N ALA E 28 24.91 -80.78 26.65
CA ALA E 28 24.24 -79.55 26.24
C ALA E 28 22.95 -79.84 25.49
N ALA E 29 22.96 -80.88 24.64
CA ALA E 29 21.75 -81.26 23.94
C ALA E 29 20.65 -81.70 24.90
N ARG E 30 21.02 -82.43 25.95
CA ARG E 30 20.03 -82.81 26.96
C ARG E 30 19.48 -81.59 27.67
N VAL E 31 20.35 -80.64 28.01
CA VAL E 31 19.90 -79.41 28.68
C VAL E 31 19.05 -78.57 27.73
N ALA E 32 19.42 -78.55 26.44
CA ALA E 32 18.67 -77.75 25.47
C ALA E 32 17.24 -78.29 25.31
N GLY E 33 17.09 -79.62 25.23
CA GLY E 33 15.76 -80.17 25.06
C GLY E 33 14.82 -79.80 26.21
N GLU E 34 15.34 -79.82 27.44
CA GLU E 34 14.52 -79.46 28.59
C GLU E 34 14.18 -77.97 28.58
N LEU E 35 15.15 -77.12 28.26
CA LEU E 35 14.89 -75.69 28.19
C LEU E 35 13.89 -75.35 27.10
N SER E 36 14.00 -76.04 25.95
CA SER E 36 13.14 -75.72 24.82
C SER E 36 11.67 -76.00 25.13
N ALA E 37 11.39 -77.04 25.91
CA ALA E 37 10.01 -77.41 26.18
C ALA E 37 9.29 -76.41 27.09
N THR E 38 10.03 -75.67 27.90
CA THR E 38 9.46 -74.69 28.82
C THR E 38 9.79 -73.25 28.44
N ALA E 39 10.35 -73.04 27.24
CA ALA E 39 10.84 -71.71 26.88
C ALA E 39 9.70 -70.69 26.83
N LEU E 40 8.60 -71.04 26.15
CA LEU E 40 7.49 -70.09 26.01
C LEU E 40 6.85 -69.76 27.35
N THR E 41 6.63 -70.78 28.19
CA THR E 41 6.01 -70.55 29.50
C THR E 41 6.90 -69.66 30.37
N ARG E 42 8.19 -69.98 30.46
CA ARG E 42 9.08 -69.19 31.31
C ARG E 42 9.24 -67.77 30.76
N ASP E 43 9.25 -67.63 29.45
CA ASP E 43 9.42 -66.31 28.85
C ASP E 43 8.27 -65.37 29.24
N ARG E 44 7.05 -65.86 29.18
CA ARG E 44 5.91 -65.04 29.57
C ARG E 44 5.90 -64.72 31.06
N ALA E 45 6.33 -65.68 31.90
CA ALA E 45 6.35 -65.46 33.34
C ALA E 45 7.34 -64.36 33.74
N ASN E 46 8.44 -64.21 32.99
CA ASN E 46 9.40 -63.14 33.20
C ASN E 46 10.05 -63.18 34.59
N GLN E 47 10.33 -64.38 35.08
CA GLN E 47 10.94 -64.56 36.39
C GLN E 47 12.45 -64.70 36.28
N ASN E 48 13.14 -64.34 37.35
CA ASN E 48 14.59 -64.52 37.39
C ASN E 48 14.91 -66.01 37.21
N PRO E 49 15.91 -66.35 36.42
CA PRO E 49 16.13 -67.73 35.99
C PRO E 49 16.93 -68.58 36.98
N ILE E 50 16.48 -68.60 38.24
CA ILE E 50 17.17 -69.35 39.28
C ILE E 50 17.20 -70.84 38.94
N ALA E 51 16.04 -71.40 38.61
CA ALA E 51 15.98 -72.82 38.30
C ALA E 51 16.78 -73.15 37.05
N GLU E 52 16.89 -72.21 36.11
CA GLU E 52 17.65 -72.47 34.89
C GLU E 52 19.16 -72.44 35.14
N ILE E 53 19.62 -71.51 35.98
CA ILE E 53 21.02 -71.50 36.38
C ILE E 53 21.37 -72.80 37.11
N GLU E 54 20.45 -73.28 37.95
CA GLU E 54 20.69 -74.54 38.66
C GLU E 54 20.70 -75.72 37.72
N LEU E 55 19.94 -75.65 36.61
CA LEU E 55 19.99 -76.69 35.60
C LEU E 55 21.36 -76.73 34.93
N LEU E 56 21.88 -75.55 34.54
CA LEU E 56 23.22 -75.50 33.96
C LEU E 56 24.27 -75.96 34.97
N ARG E 57 24.06 -75.65 36.24
CA ARG E 57 25.00 -76.06 37.27
C ARG E 57 25.01 -77.57 37.46
N ARG E 58 23.82 -78.19 37.52
N ARG E 58 23.82 -78.19 37.51
CA ARG E 58 23.74 -79.63 37.75
CA ARG E 58 23.71 -79.63 37.73
C ARG E 58 24.34 -80.46 36.62
C ARG E 58 24.40 -80.42 36.63
N TYR E 59 24.43 -79.91 35.41
CA TYR E 59 25.00 -80.61 34.27
C TYR E 59 26.46 -80.24 34.01
N GLY E 60 27.06 -79.45 34.89
CA GLY E 60 28.47 -79.11 34.76
C GLY E 60 28.80 -78.09 33.70
N LEU E 61 27.81 -77.34 33.21
CA LEU E 61 28.09 -76.40 32.12
C LEU E 61 28.68 -75.09 32.63
N LEU E 62 28.41 -74.73 33.89
CA LEU E 62 28.97 -73.50 34.44
C LEU E 62 30.47 -73.62 34.69
N SER E 63 30.96 -74.82 34.99
CA SER E 63 32.37 -75.04 35.26
C SER E 63 33.13 -75.61 34.06
N PHE E 64 32.49 -75.68 32.89
CA PHE E 64 33.12 -76.33 31.74
C PHE E 64 34.42 -75.65 31.33
N ALA E 65 34.43 -74.31 31.34
CA ALA E 65 35.57 -73.53 30.88
C ALA E 65 36.59 -73.24 31.99
N THR E 66 36.47 -73.89 33.14
CA THR E 66 37.42 -73.74 34.23
C THR E 66 38.42 -74.90 34.19
N ALA E 67 39.66 -74.60 34.54
CA ALA E 67 40.73 -75.59 34.50
C ALA E 67 40.38 -76.82 35.33
N ARG E 68 40.87 -77.97 34.88
CA ARG E 68 40.53 -79.25 35.50
C ARG E 68 41.02 -79.34 36.95
N GLU E 69 42.13 -78.66 37.26
CA GLU E 69 42.67 -78.70 38.62
C GLU E 69 41.71 -78.13 39.65
N PHE E 70 40.78 -77.26 39.22
CA PHE E 70 39.81 -76.64 40.11
C PHE E 70 38.45 -77.33 40.07
N GLY E 71 38.35 -78.47 39.41
CA GLY E 71 37.09 -79.17 39.30
C GLY E 71 36.34 -78.93 38.01
N GLY E 72 36.82 -78.05 37.14
CA GLY E 72 36.19 -77.81 35.87
C GLY E 72 36.55 -78.85 34.84
N ALA E 73 35.93 -78.74 33.66
CA ALA E 73 36.22 -79.66 32.58
C ALA E 73 37.50 -79.32 31.84
N GLY E 74 38.00 -78.09 31.97
CA GLY E 74 39.16 -77.67 31.22
C GLY E 74 38.90 -77.42 29.75
N GLY E 75 37.66 -77.09 29.39
CA GLY E 75 37.35 -76.87 27.99
C GLY E 75 37.99 -75.61 27.43
N SER E 76 38.11 -75.57 26.12
CA SER E 76 38.63 -74.38 25.46
C SER E 76 37.51 -73.37 25.27
N LEU E 77 37.89 -72.14 24.89
CA LEU E 77 36.89 -71.12 24.59
C LEU E 77 36.12 -71.45 23.33
N VAL E 78 36.76 -72.07 22.34
CA VAL E 78 36.04 -72.53 21.16
C VAL E 78 34.98 -73.56 21.56
N GLN E 79 35.36 -74.52 22.40
CA GLN E 79 34.40 -75.52 22.84
C GLN E 79 33.29 -74.92 23.70
N ALA E 80 33.64 -73.97 24.57
CA ALA E 80 32.65 -73.39 25.47
C ALA E 80 31.57 -72.63 24.69
N LEU E 81 31.96 -71.84 23.70
CA LEU E 81 30.98 -71.08 22.94
C LEU E 81 30.16 -71.98 22.02
N GLN E 82 30.73 -73.11 21.60
CA GLN E 82 29.95 -74.09 20.84
C GLN E 82 28.84 -74.70 21.69
N LEU E 83 29.14 -75.04 22.94
CA LEU E 83 28.07 -75.45 23.86
C LEU E 83 27.09 -74.31 24.08
N GLY E 84 27.58 -73.07 24.10
CA GLY E 84 26.67 -71.93 24.22
C GLY E 84 25.69 -71.85 23.08
N ARG E 85 26.14 -72.16 21.85
CA ARG E 85 25.22 -72.15 20.72
C ARG E 85 24.11 -73.18 20.89
N ILE E 86 24.47 -74.37 21.38
CA ILE E 86 23.47 -75.43 21.60
C ILE E 86 22.43 -74.96 22.61
N ILE E 87 22.87 -74.35 23.70
CA ILE E 87 21.93 -73.83 24.69
C ILE E 87 21.12 -72.67 24.12
N ALA E 88 21.79 -71.75 23.41
CA ALA E 88 21.11 -70.57 22.89
C ALA E 88 20.04 -70.92 21.88
N ALA E 89 20.20 -72.02 21.14
CA ALA E 89 19.19 -72.44 20.19
C ALA E 89 17.88 -72.80 20.88
N ALA E 90 17.96 -73.39 22.08
CA ALA E 90 16.75 -73.76 22.79
C ALA E 90 16.13 -72.59 23.54
N ASP E 91 16.95 -71.67 24.04
CA ASP E 91 16.47 -70.55 24.85
C ASP E 91 17.50 -69.44 24.72
N GLY E 92 17.14 -68.35 24.03
CA GLY E 92 18.08 -67.26 23.83
C GLY E 92 18.50 -66.57 25.12
N SER E 93 17.57 -66.46 26.08
CA SER E 93 17.91 -65.85 27.37
C SER E 93 18.94 -66.69 28.12
N ILE E 94 18.67 -68.00 28.26
CA ILE E 94 19.59 -68.86 29.00
C ILE E 94 20.91 -69.01 28.25
N GLY E 95 20.86 -69.00 26.92
CA GLY E 95 22.10 -69.01 26.15
C GLY E 95 22.96 -67.80 26.42
N GLN E 96 22.33 -66.62 26.53
CA GLN E 96 23.08 -65.40 26.83
C GLN E 96 23.71 -65.48 28.23
N LEU E 97 22.95 -65.98 29.21
CA LEU E 97 23.49 -66.12 30.56
C LEU E 97 24.73 -66.99 30.58
N LEU E 98 24.70 -68.12 29.86
CA LEU E 98 25.83 -69.04 29.87
C LEU E 98 27.07 -68.41 29.24
N VAL E 99 26.91 -67.75 28.08
CA VAL E 99 28.07 -67.17 27.41
C VAL E 99 28.56 -65.92 28.15
N TYR E 100 27.66 -65.14 28.74
CA TYR E 100 28.08 -64.04 29.60
C TYR E 100 28.86 -64.56 30.81
N HIS E 101 28.42 -65.68 31.38
CA HIS E 101 29.14 -66.28 32.49
C HIS E 101 30.54 -66.70 32.06
N TYR E 102 30.67 -67.32 30.89
CA TYR E 102 31.98 -67.67 30.36
C TYR E 102 32.82 -66.42 30.13
N SER E 103 32.23 -65.41 29.47
CA SER E 103 32.96 -64.19 29.17
C SER E 103 33.39 -63.48 30.44
N ASN E 104 32.55 -63.50 31.47
CA ASN E 104 32.93 -62.93 32.75
C ASN E 104 34.14 -63.63 33.35
N GLY E 105 34.27 -64.94 33.08
CA GLY E 105 35.47 -65.64 33.51
C GLY E 105 36.70 -65.22 32.73
N VAL E 106 36.55 -65.01 31.43
CA VAL E 106 37.65 -64.48 30.62
C VAL E 106 38.06 -63.09 31.10
N TRP E 107 37.06 -62.27 31.46
CA TRP E 107 37.35 -60.93 31.97
C TRP E 107 38.19 -60.99 33.24
N THR E 108 37.75 -61.78 34.23
CA THR E 108 38.49 -61.87 35.49
C THR E 108 39.82 -62.59 35.33
N TYR E 109 39.96 -63.45 34.31
CA TYR E 109 41.27 -64.04 34.02
C TYR E 109 42.23 -62.98 33.50
N ILE E 110 41.76 -62.06 32.66
CA ILE E 110 42.60 -60.97 32.17
C ILE E 110 42.90 -59.98 33.28
N LEU E 111 41.88 -59.64 34.08
CA LEU E 111 41.98 -58.57 35.05
C LEU E 111 42.61 -59.00 36.38
N GLY E 112 42.56 -60.28 36.71
CA GLY E 112 42.98 -60.74 38.01
C GLY E 112 44.45 -61.12 38.10
N SER E 113 45.01 -60.93 39.30
CA SER E 113 46.33 -61.42 39.62
C SER E 113 46.27 -62.95 39.74
N PRO E 114 47.43 -63.62 39.74
CA PRO E 114 47.40 -65.09 39.88
C PRO E 114 46.65 -65.58 41.10
N THR E 115 46.80 -64.91 42.25
CA THR E 115 46.06 -65.34 43.44
C THR E 115 44.58 -65.04 43.31
N GLN E 116 44.22 -63.91 42.68
CA GLN E 116 42.81 -63.63 42.43
C GLN E 116 42.23 -64.60 41.41
N ARG E 117 43.00 -64.96 40.39
CA ARG E 117 42.55 -65.96 39.43
C ARG E 117 42.22 -67.28 40.12
N GLU E 118 43.09 -67.73 41.01
CA GLU E 118 42.88 -69.01 41.68
C GLU E 118 41.64 -68.96 42.57
N TYR E 119 41.45 -67.85 43.29
CA TYR E 119 40.25 -67.68 44.11
C TYR E 119 38.99 -67.82 43.27
N ILE E 120 38.95 -67.15 42.12
CA ILE E 120 37.76 -67.21 41.28
C ILE E 120 37.58 -68.61 40.70
N SER E 121 38.67 -69.19 40.17
CA SER E 121 38.59 -70.50 39.54
C SER E 121 38.18 -71.59 40.55
N ARG E 122 38.66 -71.49 41.79
CA ARG E 122 38.26 -72.46 42.81
C ARG E 122 36.76 -72.40 43.06
N GLY E 123 36.19 -71.20 43.12
CA GLY E 123 34.77 -71.08 43.37
C GLY E 123 33.92 -71.47 42.17
N VAL E 124 34.35 -71.08 40.97
CA VAL E 124 33.59 -71.42 39.77
C VAL E 124 33.75 -72.90 39.45
N GLY E 125 34.96 -73.43 39.58
CA GLY E 125 35.18 -74.82 39.20
C GLY E 125 34.58 -75.81 40.16
N GLY E 126 34.66 -75.54 41.46
CA GLY E 126 34.26 -76.53 42.44
C GLY E 126 33.09 -76.17 43.33
N HIS E 127 32.61 -74.93 43.25
CA HIS E 127 31.53 -74.48 44.14
C HIS E 127 30.33 -73.89 43.41
N GLY E 128 30.24 -74.06 42.09
CA GLY E 128 29.03 -73.68 41.37
C GLY E 128 28.78 -72.21 41.21
N TRP E 129 29.81 -71.37 41.34
CA TRP E 129 29.62 -69.93 41.25
C TRP E 129 29.21 -69.53 39.84
N PHE E 130 28.19 -68.68 39.75
CA PHE E 130 27.82 -68.01 38.51
C PHE E 130 28.36 -66.60 38.57
N GLN E 131 29.00 -66.17 37.48
CA GLN E 131 29.66 -64.87 37.43
C GLN E 131 28.82 -63.89 36.63
N GLY E 132 28.52 -62.75 37.26
CA GLY E 132 27.90 -61.65 36.57
C GLY E 132 28.77 -60.41 36.69
N SER E 133 28.53 -59.39 35.87
CA SER E 133 29.32 -58.17 35.96
C SER E 133 28.43 -56.95 35.75
N VAL E 134 28.89 -55.83 36.28
CA VAL E 134 28.29 -54.53 36.07
C VAL E 134 29.29 -53.74 35.22
N SER E 135 29.02 -53.66 33.91
CA SER E 135 30.02 -53.21 32.97
C SER E 135 29.57 -52.10 32.03
N ASN E 136 28.33 -51.64 32.10
CA ASN E 136 27.83 -50.63 31.18
C ASN E 136 28.61 -49.33 31.35
N PRO E 137 29.35 -48.88 30.33
CA PRO E 137 30.13 -47.65 30.48
C PRO E 137 29.34 -46.37 30.24
N ARG E 138 28.05 -46.47 29.94
CA ARG E 138 27.24 -45.30 29.60
C ARG E 138 26.21 -44.97 30.69
N ASP E 139 26.52 -45.32 31.93
CA ASP E 139 25.62 -45.01 33.05
C ASP E 139 26.04 -43.69 33.67
N PRO E 140 25.16 -42.68 33.70
CA PRO E 140 25.53 -41.40 34.29
C PRO E 140 25.36 -41.41 35.80
N GLY E 141 25.96 -40.41 36.44
CA GLY E 141 25.81 -40.21 37.87
C GLY E 141 26.48 -41.27 38.73
N ILE E 142 27.52 -41.90 38.24
CA ILE E 142 28.26 -42.90 39.02
C ILE E 142 29.40 -42.20 39.75
N THR E 143 29.38 -42.25 41.08
CA THR E 143 30.41 -41.63 41.90
C THR E 143 31.16 -42.72 42.65
N VAL E 144 32.48 -42.56 42.74
CA VAL E 144 33.34 -43.49 43.46
C VAL E 144 34.42 -42.69 44.19
N THR E 145 34.58 -42.95 45.48
CA THR E 145 35.59 -42.30 46.30
C THR E 145 36.47 -43.36 46.93
N ARG E 146 37.74 -43.01 47.14
CA ARG E 146 38.72 -43.94 47.69
C ARG E 146 38.81 -43.73 49.20
N THR E 147 38.43 -44.75 49.96
CA THR E 147 38.54 -44.73 51.42
C THR E 147 39.71 -45.62 51.83
N GLU E 148 40.09 -45.53 53.11
CA GLU E 148 41.12 -46.41 53.63
C GLU E 148 40.69 -47.86 53.54
N GLU E 149 39.40 -48.13 53.75
CA GLU E 149 38.88 -49.50 53.67
C GLU E 149 38.77 -49.99 52.25
N GLY E 150 38.65 -49.09 51.27
CA GLY E 150 38.53 -49.48 49.88
C GLY E 150 37.94 -48.38 49.01
N TYR E 151 36.95 -48.73 48.19
CA TYR E 151 36.27 -47.78 47.34
C TYR E 151 34.78 -47.82 47.67
N ARG E 152 34.18 -46.65 47.84
CA ARG E 152 32.74 -46.51 48.07
C ARG E 152 32.09 -46.08 46.77
N VAL E 153 31.16 -46.90 46.28
CA VAL E 153 30.55 -46.73 44.96
C VAL E 153 29.08 -46.38 45.13
N ASN E 154 28.62 -45.37 44.41
CA ASN E 154 27.22 -44.98 44.37
C ASN E 154 26.79 -44.78 42.92
N GLY E 155 25.49 -44.99 42.67
CA GLY E 155 24.91 -44.75 41.36
C GLY E 155 24.10 -45.93 40.87
N LYS E 156 23.37 -45.66 39.79
CA LYS E 156 22.49 -46.64 39.17
C LYS E 156 23.15 -47.19 37.90
N ARG E 157 23.28 -48.51 37.83
CA ARG E 157 23.87 -49.18 36.68
C ARG E 157 22.80 -50.03 36.00
N THR E 158 22.84 -50.07 34.67
CA THR E 158 21.80 -50.70 33.87
C THR E 158 22.37 -51.86 33.07
N PHE E 159 21.45 -52.66 32.53
CA PHE E 159 21.80 -53.83 31.71
C PHE E 159 22.78 -54.75 32.42
N ALA E 160 22.55 -54.95 33.73
CA ALA E 160 23.45 -55.75 34.55
C ALA E 160 23.07 -57.23 34.45
N THR E 161 23.36 -57.80 33.28
CA THR E 161 22.93 -59.15 32.94
C THR E 161 23.43 -60.16 33.96
N GLY E 162 22.51 -60.97 34.49
CA GLY E 162 22.84 -62.07 35.37
C GLY E 162 23.25 -61.69 36.77
N VAL E 163 23.40 -60.40 37.08
CA VAL E 163 23.91 -59.99 38.39
C VAL E 163 22.97 -60.43 39.51
N ALA E 164 21.65 -60.35 39.28
CA ALA E 164 20.70 -60.71 40.32
C ALA E 164 20.73 -62.19 40.67
N VAL E 165 21.28 -63.03 39.80
CA VAL E 165 21.38 -64.46 40.03
C VAL E 165 22.82 -64.94 40.15
N ALA E 166 23.76 -64.01 40.29
CA ALA E 166 25.18 -64.33 40.32
C ALA E 166 25.67 -64.47 41.74
N ASP E 167 26.74 -65.25 41.91
CA ASP E 167 27.39 -65.43 43.20
C ASP E 167 28.62 -64.55 43.37
N LEU E 168 29.30 -64.24 42.27
CA LEU E 168 30.43 -63.32 42.27
C LEU E 168 30.17 -62.25 41.23
N ILE E 169 30.28 -60.99 41.63
CA ILE E 169 29.92 -59.85 40.78
C ILE E 169 31.18 -59.05 40.50
N THR E 170 31.46 -58.84 39.21
CA THR E 170 32.57 -57.99 38.80
C THR E 170 32.03 -56.58 38.59
N VAL E 171 32.61 -55.61 39.30
CA VAL E 171 32.22 -54.20 39.18
C VAL E 171 33.31 -53.50 38.40
N LEU E 172 32.94 -52.91 37.26
CA LEU E 172 33.87 -52.20 36.39
C LEU E 172 33.52 -50.71 36.41
N LEU E 173 34.44 -49.91 36.93
CA LEU E 173 34.26 -48.46 37.02
C LEU E 173 35.20 -47.80 36.00
N TYR E 174 34.65 -46.86 35.24
CA TYR E 174 35.38 -46.22 34.14
C TYR E 174 35.76 -44.80 34.58
N GLU E 175 36.81 -44.71 35.38
CA GLU E 175 37.36 -43.46 35.85
C GLU E 175 38.63 -43.13 35.06
N ALA E 176 39.32 -42.06 35.48
CA ALA E 176 40.62 -41.74 34.89
C ALA E 176 41.57 -42.93 35.02
N GLU E 177 41.65 -43.50 36.23
CA GLU E 177 42.27 -44.80 36.41
C GLU E 177 41.14 -45.81 36.54
N PRO E 178 40.98 -46.74 35.61
CA PRO E 178 39.87 -47.69 35.71
C PRO E 178 40.01 -48.56 36.95
N ILE E 179 38.88 -48.85 37.58
CA ILE E 179 38.83 -49.63 38.81
C ILE E 179 37.92 -50.83 38.57
N ASN E 180 38.46 -52.03 38.69
CA ASN E 180 37.73 -53.26 38.50
C ASN E 180 37.88 -54.12 39.76
N ALA E 181 36.75 -54.57 40.31
CA ALA E 181 36.76 -55.31 41.55
C ALA E 181 35.76 -56.46 41.46
N ILE E 182 35.86 -57.40 42.40
CA ILE E 182 34.95 -58.52 42.51
C ILE E 182 34.38 -58.53 43.91
N ILE E 183 33.05 -58.60 44.01
CA ILE E 183 32.38 -58.59 45.31
C ILE E 183 31.42 -59.78 45.39
N PRO E 184 31.14 -60.29 46.59
CA PRO E 184 30.13 -61.34 46.72
C PRO E 184 28.73 -60.77 46.49
N SER E 185 27.78 -61.69 46.28
CA SER E 185 26.40 -61.28 46.06
C SER E 185 25.77 -60.67 47.30
N GLU E 186 26.28 -60.96 48.49
CA GLU E 186 25.71 -60.47 49.74
C GLU E 186 26.34 -59.16 50.21
N ARG E 187 27.10 -58.48 49.36
CA ARG E 187 27.69 -57.21 49.74
C ARG E 187 26.59 -56.16 49.96
N ASP E 188 26.61 -55.54 51.14
CA ASP E 188 25.56 -54.58 51.49
C ASP E 188 25.58 -53.38 50.55
N GLY E 189 24.40 -52.79 50.36
CA GLY E 189 24.25 -51.64 49.50
C GLY E 189 23.73 -51.93 48.11
N LEU E 190 23.57 -53.20 47.75
CA LEU E 190 23.08 -53.58 46.43
C LEU E 190 21.56 -53.69 46.46
N ARG E 191 20.91 -53.03 45.51
CA ARG E 191 19.46 -53.09 45.34
C ARG E 191 19.17 -53.50 43.90
N PHE E 192 18.44 -54.59 43.73
CA PHE E 192 18.08 -55.08 42.40
C PHE E 192 16.68 -54.60 42.07
N ASN E 193 16.59 -53.66 41.13
CA ASN E 193 15.30 -53.12 40.71
C ASN E 193 14.57 -54.10 39.82
N ASP E 194 13.25 -54.13 39.95
CA ASP E 194 12.40 -54.98 39.13
C ASP E 194 11.86 -54.17 37.95
N ASP E 195 12.80 -53.80 37.06
CA ASP E 195 12.49 -52.94 35.91
C ASP E 195 12.84 -53.59 34.58
N TRP E 196 12.95 -54.92 34.54
CA TRP E 196 13.28 -55.64 33.31
C TRP E 196 12.00 -56.31 32.80
N ASP E 197 11.42 -55.72 31.75
CA ASP E 197 10.23 -56.24 31.07
C ASP E 197 10.44 -55.92 29.60
N ASN E 198 11.21 -56.78 28.93
CA ASN E 198 11.80 -56.45 27.64
C ASN E 198 11.13 -57.23 26.52
N LEU E 199 11.40 -56.78 25.29
CA LEU E 199 10.90 -57.48 24.11
C LEU E 199 11.41 -58.92 24.08
N GLY E 200 12.74 -59.09 24.07
CA GLY E 200 13.37 -60.39 24.15
C GLY E 200 14.49 -60.35 25.18
N GLN E 201 15.21 -61.49 25.25
CA GLN E 201 16.20 -61.70 26.31
C GLN E 201 15.59 -61.43 27.69
N ARG E 202 14.33 -61.85 27.85
CA ARG E 202 13.56 -61.48 29.04
C ARG E 202 14.10 -62.16 30.30
N LEU E 203 14.67 -63.35 30.17
CA LEU E 203 15.12 -64.11 31.33
C LEU E 203 16.62 -63.98 31.59
N THR E 204 17.21 -62.85 31.19
CA THR E 204 18.63 -62.60 31.39
C THR E 204 18.91 -61.76 32.62
N ALA E 205 17.88 -61.33 33.34
CA ALA E 205 18.02 -60.48 34.53
C ALA E 205 18.88 -59.25 34.20
N SER E 206 18.52 -58.57 33.11
CA SER E 206 19.25 -57.40 32.64
C SER E 206 18.68 -56.09 33.17
N GLY E 207 18.00 -56.12 34.31
CA GLY E 207 17.51 -54.92 34.94
C GLY E 207 18.64 -54.13 35.58
N SER E 208 18.23 -53.06 36.27
CA SER E 208 19.18 -52.13 36.87
C SER E 208 19.50 -52.54 38.30
N VAL E 209 20.66 -52.08 38.78
CA VAL E 209 21.12 -52.33 40.14
C VAL E 209 21.52 -50.99 40.74
N GLU E 210 21.00 -50.71 41.94
CA GLU E 210 21.38 -49.52 42.68
C GLU E 210 22.57 -49.83 43.59
N PHE E 211 23.53 -48.91 43.61
CA PHE E 211 24.69 -48.99 44.50
C PHE E 211 24.49 -47.97 45.62
N ASP E 212 24.08 -48.45 46.79
CA ASP E 212 23.87 -47.60 47.95
C ASP E 212 25.13 -47.65 48.81
N ASN E 213 26.10 -46.82 48.44
CA ASN E 213 27.37 -46.70 49.15
C ASN E 213 28.06 -48.05 49.32
N VAL E 214 28.15 -48.78 48.20
CA VAL E 214 28.75 -50.10 48.21
C VAL E 214 30.27 -49.98 48.36
N LEU E 215 30.84 -50.85 49.18
CA LEU E 215 32.28 -50.88 49.38
C LEU E 215 32.91 -51.93 48.47
N LEU E 216 33.94 -51.53 47.75
CA LEU E 216 34.85 -52.45 47.07
C LEU E 216 36.13 -52.47 47.89
N ARG E 217 36.38 -53.58 48.57
CA ARG E 217 37.58 -53.68 49.39
C ARG E 217 38.83 -53.60 48.53
N HIS E 218 39.92 -53.11 49.12
CA HIS E 218 41.17 -52.99 48.38
C HIS E 218 41.69 -54.34 47.92
N ASP E 219 41.53 -55.39 48.76
CA ASP E 219 41.96 -56.72 48.36
C ASP E 219 41.08 -57.31 47.27
N GLU E 220 39.91 -56.73 47.01
CA GLU E 220 39.02 -57.19 45.96
C GLU E 220 39.28 -56.48 44.63
N VAL E 221 40.13 -55.46 44.61
CA VAL E 221 40.44 -54.72 43.38
C VAL E 221 41.37 -55.57 42.53
N LEU E 222 40.97 -55.83 41.29
CA LEU E 222 41.76 -56.66 40.38
C LEU E 222 42.98 -55.90 39.90
N THR E 223 44.13 -56.59 39.88
CA THR E 223 45.41 -55.96 39.59
C THR E 223 46.23 -56.73 38.55
N GLY E 224 45.60 -57.64 37.80
CA GLY E 224 46.34 -58.43 36.84
C GLY E 224 46.94 -57.63 35.69
N LEU E 225 46.37 -56.46 35.39
CA LEU E 225 46.88 -55.62 34.31
C LEU E 225 48.12 -54.83 34.70
N ASP E 226 48.53 -54.85 35.98
CA ASP E 226 49.67 -54.06 36.41
C ASP E 226 50.95 -54.48 35.73
N GLU E 227 51.10 -55.78 35.40
CA GLU E 227 52.33 -56.25 34.80
C GLU E 227 52.46 -55.88 33.33
N TYR E 228 51.45 -55.25 32.74
CA TYR E 228 51.50 -54.79 31.37
C TYR E 228 51.80 -53.30 31.34
N SER E 229 52.68 -52.89 30.43
CA SER E 229 53.13 -51.51 30.36
C SER E 229 51.97 -50.59 30.01
N GLY E 230 51.81 -49.53 30.80
CA GLY E 230 50.88 -48.47 30.50
C GLY E 230 51.44 -47.37 29.64
N LEU E 231 52.60 -47.59 29.02
CA LEU E 231 53.27 -46.60 28.18
C LEU E 231 53.23 -46.93 26.70
N ASP E 232 53.47 -48.19 26.32
CA ASP E 232 53.52 -48.58 24.93
C ASP E 232 52.18 -49.07 24.38
N GLY E 233 51.13 -49.03 25.19
CA GLY E 233 49.83 -49.51 24.77
C GLY E 233 49.57 -50.98 25.03
N SER E 234 50.50 -51.69 25.67
CA SER E 234 50.31 -53.10 25.95
C SER E 234 49.13 -53.33 26.88
N ARG E 235 49.01 -52.51 27.93
CA ARG E 235 47.92 -52.69 28.88
C ARG E 235 46.57 -52.50 28.23
N GLU E 236 46.43 -51.47 27.39
CA GLU E 236 45.16 -51.21 26.73
C GLU E 236 44.76 -52.33 25.79
N ARG E 237 45.72 -52.86 25.01
CA ARG E 237 45.40 -53.94 24.09
C ARG E 237 45.10 -55.23 24.83
N ARG E 238 45.83 -55.50 25.93
CA ARG E 238 45.52 -56.65 26.76
C ARG E 238 44.11 -56.56 27.32
N ASP E 239 43.81 -55.46 28.02
CA ASP E 239 42.45 -55.24 28.53
C ASP E 239 41.43 -55.22 27.40
N GLY E 240 41.81 -54.74 26.22
CA GLY E 240 40.88 -54.67 25.10
C GLY E 240 40.40 -56.02 24.61
N LEU E 241 41.09 -57.10 24.99
CA LEU E 241 40.63 -58.44 24.65
C LEU E 241 39.29 -58.76 25.29
N ARG E 242 38.93 -58.11 26.40
CA ARG E 242 37.64 -58.38 27.04
C ARG E 242 36.49 -58.00 26.11
N ALA E 243 36.53 -56.79 25.56
CA ALA E 243 35.47 -56.32 24.69
C ALA E 243 35.40 -57.12 23.39
N LEU E 244 36.56 -57.54 22.87
CA LEU E 244 36.57 -58.39 21.69
C LEU E 244 35.88 -59.72 21.98
N PHE E 245 36.11 -60.29 23.16
CA PHE E 245 35.45 -61.55 23.49
C PHE E 245 33.95 -61.36 23.70
N SER E 246 33.54 -60.21 24.25
CA SER E 246 32.12 -59.90 24.33
C SER E 246 31.47 -59.92 22.95
N GLN E 247 32.09 -59.26 21.98
CA GLN E 247 31.58 -59.30 20.62
C GLN E 247 31.47 -60.73 20.11
N LEU E 248 32.45 -61.56 20.47
CA LEU E 248 32.49 -62.94 19.99
C LEU E 248 31.37 -63.78 20.59
N ILE E 249 31.07 -63.60 21.88
CA ILE E 249 29.96 -64.33 22.47
C ILE E 249 28.62 -63.87 21.89
N PHE E 250 28.52 -62.60 21.51
CA PHE E 250 27.32 -62.14 20.81
C PHE E 250 27.16 -62.90 19.50
N VAL E 251 28.25 -63.04 18.76
CA VAL E 251 28.23 -63.79 17.50
C VAL E 251 27.63 -65.17 17.70
N HIS E 252 28.18 -65.94 18.65
CA HIS E 252 27.72 -67.30 18.87
C HIS E 252 26.29 -67.32 19.39
N LEU E 253 25.92 -66.33 20.21
CA LEU E 253 24.54 -66.23 20.69
C LEU E 253 23.58 -66.02 19.52
N TYR E 254 23.92 -65.13 18.59
CA TYR E 254 23.04 -64.86 17.46
C TYR E 254 22.89 -66.11 16.59
N LEU E 255 24.01 -66.76 16.28
CA LEU E 255 23.96 -67.94 15.42
C LEU E 255 23.20 -69.08 16.07
N GLY E 256 23.33 -69.23 17.40
CA GLY E 256 22.54 -70.24 18.09
C GLY E 256 21.06 -69.98 18.00
N ILE E 257 20.65 -68.73 18.25
CA ILE E 257 19.24 -68.36 18.12
C ILE E 257 18.74 -68.63 16.70
N ALA E 258 19.57 -68.33 15.69
CA ALA E 258 19.19 -68.59 14.31
C ALA E 258 19.00 -70.08 14.06
N GLU E 259 19.89 -70.91 14.60
CA GLU E 259 19.75 -72.36 14.42
C GLU E 259 18.47 -72.87 15.06
N GLY E 260 18.13 -72.37 16.24
CA GLY E 260 16.89 -72.79 16.89
C GLY E 260 15.66 -72.36 16.11
N ALA E 261 15.67 -71.14 15.58
CA ALA E 261 14.53 -70.66 14.80
C ALA E 261 14.32 -71.48 13.55
N LEU E 262 15.40 -71.78 12.83
CA LEU E 262 15.27 -72.60 11.62
C LEU E 262 14.77 -73.99 11.97
N ALA E 263 15.30 -74.60 13.03
CA ALA E 263 14.82 -75.92 13.44
C ALA E 263 13.35 -75.87 13.85
N ALA E 264 12.94 -74.82 14.56
CA ALA E 264 11.54 -74.69 14.97
C ALA E 264 10.62 -74.51 13.77
N GLY E 265 11.02 -73.68 12.80
CA GLY E 265 10.22 -73.51 11.60
C GLY E 265 10.08 -74.80 10.82
N VAL E 266 11.18 -75.53 10.66
CA VAL E 266 11.13 -76.82 9.96
C VAL E 266 10.20 -77.79 10.68
N ALA E 267 10.28 -77.84 12.01
CA ALA E 267 9.47 -78.76 12.79
C ALA E 267 7.98 -78.42 12.66
N TYR E 268 7.64 -77.13 12.67
CA TYR E 268 6.23 -76.76 12.50
C TYR E 268 5.71 -77.22 11.14
N ILE E 269 6.47 -76.96 10.09
CA ILE E 269 6.03 -77.33 8.74
C ILE E 269 5.83 -78.84 8.63
N ARG E 270 6.76 -79.62 9.20
CA ARG E 270 6.64 -81.07 9.10
C ARG E 270 5.49 -81.62 9.93
N ASP E 271 5.15 -80.98 11.03
CA ASP E 271 4.05 -81.47 11.88
C ASP E 271 2.72 -80.81 11.54
N LYS E 272 2.71 -79.48 11.36
CA LYS E 272 1.48 -78.73 11.25
C LYS E 272 1.28 -78.01 9.92
N GLY E 273 2.28 -78.01 9.04
CA GLY E 273 2.15 -77.29 7.79
C GLY E 273 1.07 -77.89 6.91
N ARG E 274 0.42 -77.02 6.13
CA ARG E 274 -0.59 -77.43 5.18
C ARG E 274 -0.20 -76.92 3.80
N PRO E 275 -0.48 -77.68 2.74
CA PRO E 275 -0.13 -77.22 1.40
C PRO E 275 -0.98 -76.01 1.01
N TRP E 276 -0.38 -75.13 0.24
CA TRP E 276 -1.14 -74.01 -0.32
C TRP E 276 -1.91 -74.51 -1.54
N PRO E 277 -3.19 -74.16 -1.69
CA PRO E 277 -3.98 -74.73 -2.79
C PRO E 277 -3.41 -74.45 -4.18
N GLU E 278 -2.71 -73.33 -4.37
CA GLU E 278 -2.08 -73.07 -5.66
C GLU E 278 -0.84 -73.91 -5.91
N ALA E 279 -0.33 -74.61 -4.89
CA ALA E 279 0.90 -75.36 -5.05
C ALA E 279 0.69 -76.57 -5.97
N HIS E 280 1.77 -76.99 -6.62
CA HIS E 280 1.69 -78.15 -7.51
C HIS E 280 1.41 -79.43 -6.72
N SER E 281 2.01 -79.58 -5.55
CA SER E 281 1.90 -80.78 -4.74
C SER E 281 0.99 -80.54 -3.54
N THR E 282 0.37 -81.61 -3.07
CA THR E 282 -0.42 -81.58 -1.84
C THR E 282 0.43 -81.90 -0.61
N ASP E 283 1.74 -82.11 -0.79
CA ASP E 283 2.67 -82.33 0.30
C ASP E 283 3.35 -81.01 0.60
N VAL E 284 3.11 -80.47 1.81
CA VAL E 284 3.67 -79.17 2.17
C VAL E 284 5.19 -79.22 2.19
N THR E 285 5.77 -80.38 2.47
CA THR E 285 7.23 -80.49 2.51
C THR E 285 7.87 -80.45 1.14
N GLU E 286 7.06 -80.42 0.08
CA GLU E 286 7.56 -80.36 -1.29
C GLU E 286 7.37 -78.98 -1.92
N ASP E 287 6.94 -77.98 -1.15
CA ASP E 287 6.75 -76.65 -1.70
C ASP E 287 8.10 -76.08 -2.13
N PRO E 288 8.22 -75.60 -3.37
CA PRO E 288 9.53 -75.13 -3.86
C PRO E 288 10.01 -73.86 -3.16
N TYR E 289 9.09 -73.01 -2.71
CA TYR E 289 9.49 -71.78 -2.05
C TYR E 289 9.90 -72.01 -0.60
N HIS E 290 9.26 -72.96 0.08
CA HIS E 290 9.71 -73.33 1.41
C HIS E 290 11.11 -73.92 1.36
N GLN E 291 11.33 -74.86 0.44
CA GLN E 291 12.64 -75.50 0.33
C GLN E 291 13.74 -74.49 0.00
N GLN E 292 13.48 -73.58 -0.95
CA GLN E 292 14.49 -72.61 -1.33
C GLN E 292 14.82 -71.66 -0.18
N LEU E 293 13.78 -71.13 0.48
CA LEU E 293 13.99 -70.20 1.58
C LEU E 293 14.76 -70.86 2.73
N LEU E 294 14.32 -72.05 3.14
CA LEU E 294 15.00 -72.72 4.25
C LEU E 294 16.43 -73.08 3.87
N GLY E 295 16.66 -73.47 2.61
CA GLY E 295 18.01 -73.78 2.17
C GLY E 295 18.92 -72.57 2.18
N ARG E 296 18.43 -71.42 1.70
CA ARG E 296 19.22 -70.20 1.75
C ARG E 296 19.58 -69.84 3.20
N LEU E 297 18.61 -69.96 4.11
CA LEU E 297 18.86 -69.63 5.51
C LEU E 297 19.87 -70.59 6.12
N SER E 298 19.69 -71.89 5.87
CA SER E 298 20.63 -72.88 6.39
C SER E 298 22.05 -72.62 5.90
N ALA E 299 22.19 -72.21 4.64
CA ALA E 299 23.51 -71.91 4.10
C ALA E 299 24.13 -70.70 4.79
N GLY E 300 23.33 -69.66 5.02
CA GLY E 300 23.85 -68.48 5.68
C GLY E 300 24.30 -68.73 7.11
N ILE E 301 23.56 -69.60 7.81
CA ILE E 301 23.96 -69.97 9.17
C ILE E 301 25.28 -70.72 9.16
N ALA E 302 25.43 -71.67 8.23
CA ALA E 302 26.66 -72.45 8.16
C ALA E 302 27.87 -71.55 7.92
N ALA E 303 27.72 -70.54 7.07
CA ALA E 303 28.83 -69.63 6.79
C ALA E 303 29.19 -68.81 8.03
N GLY E 304 28.19 -68.31 8.75
CA GLY E 304 28.49 -67.56 9.97
C GLY E 304 29.11 -68.41 11.06
N VAL E 305 28.68 -69.67 11.16
CA VAL E 305 29.27 -70.58 12.13
C VAL E 305 30.74 -70.86 11.81
N ALA E 306 31.04 -71.10 10.53
CA ALA E 306 32.43 -71.37 10.15
C ALA E 306 33.32 -70.16 10.46
N LEU E 307 32.83 -68.95 10.21
CA LEU E 307 33.60 -67.75 10.52
C LEU E 307 33.70 -67.53 12.03
N ALA E 308 32.60 -67.75 12.75
CA ALA E 308 32.60 -67.56 14.21
C ALA E 308 33.64 -68.46 14.89
N ASP E 309 33.64 -69.75 14.54
CA ASP E 309 34.60 -70.66 15.18
C ASP E 309 36.03 -70.33 14.81
N SER E 310 36.26 -69.86 13.58
CA SER E 310 37.60 -69.46 13.18
C SER E 310 38.08 -68.25 13.97
N ALA E 311 37.19 -67.26 14.16
CA ALA E 311 37.55 -66.07 14.91
C ALA E 311 37.80 -66.40 16.38
N THR E 312 37.03 -67.33 16.95
CA THR E 312 37.23 -67.69 18.35
C THR E 312 38.57 -68.39 18.56
N LYS E 313 38.99 -69.21 17.59
CA LYS E 313 40.31 -69.82 17.64
C LYS E 313 41.41 -68.77 17.60
N GLU E 314 41.22 -67.72 16.78
N GLU E 314 41.22 -67.72 16.80
CA GLU E 314 42.22 -66.65 16.72
CA GLU E 314 42.22 -66.65 16.72
C GLU E 314 42.26 -65.85 18.02
C GLU E 314 42.26 -65.84 18.01
N PHE E 315 41.12 -65.71 18.71
CA PHE E 315 41.11 -65.01 19.99
C PHE E 315 41.91 -65.79 21.03
N GLU E 316 41.75 -67.12 21.06
CA GLU E 316 42.49 -67.93 22.03
C GLU E 316 43.98 -67.85 21.79
N GLN E 317 44.41 -67.72 20.53
CA GLN E 317 45.82 -67.54 20.24
C GLN E 317 46.30 -66.18 20.73
N ALA E 318 45.51 -65.13 20.54
CA ALA E 318 45.88 -63.81 21.04
C ALA E 318 45.94 -63.79 22.55
N LEU E 319 45.00 -64.46 23.22
CA LEU E 319 44.99 -64.51 24.67
C LEU E 319 46.21 -65.27 25.20
N ALA E 320 46.70 -66.26 24.45
CA ALA E 320 47.83 -67.07 24.86
C ALA E 320 49.18 -66.46 24.50
N PHE E 321 49.20 -65.28 23.85
CA PHE E 321 50.44 -64.62 23.53
C PHE E 321 51.31 -64.36 24.77
N GLY E 322 50.69 -64.29 25.95
CA GLY E 322 51.42 -63.88 27.13
C GLY E 322 51.71 -62.39 27.08
N GLU E 323 52.63 -62.00 26.19
CA GLU E 323 52.78 -60.60 25.84
C GLU E 323 51.47 -60.07 25.30
N ALA E 324 51.26 -58.76 25.47
CA ALA E 324 50.07 -58.15 24.90
C ALA E 324 50.17 -58.17 23.38
N PRO E 325 49.04 -58.27 22.68
CA PRO E 325 49.07 -58.16 21.22
C PRO E 325 49.62 -56.81 20.80
N THR E 326 50.32 -56.79 19.67
CA THR E 326 50.76 -55.53 19.10
C THR E 326 49.55 -54.79 18.53
N GLU E 327 49.78 -53.58 18.02
CA GLU E 327 48.70 -52.81 17.42
C GLU E 327 48.11 -53.56 16.22
N ALA E 328 48.96 -54.19 15.41
CA ALA E 328 48.48 -54.90 14.23
C ALA E 328 47.83 -56.23 14.59
N GLN E 329 48.42 -56.97 15.55
CA GLN E 329 47.81 -58.21 15.99
C GLN E 329 46.43 -57.97 16.59
N TRP E 330 46.31 -56.97 17.46
CA TRP E 330 45.02 -56.63 18.04
C TRP E 330 44.04 -56.17 16.97
N GLY E 331 44.51 -55.35 16.02
CA GLY E 331 43.62 -54.84 14.99
C GLY E 331 43.14 -55.92 14.05
N ALA E 332 44.03 -56.85 13.67
CA ALA E 332 43.63 -57.94 12.79
C ALA E 332 42.59 -58.83 13.46
N LEU E 333 42.73 -59.05 14.78
CA LEU E 333 41.73 -59.82 15.51
C LEU E 333 40.41 -59.06 15.58
N ALA E 334 40.47 -57.76 15.87
CA ALA E 334 39.26 -56.97 15.95
C ALA E 334 38.52 -56.95 14.61
N ILE E 335 39.26 -56.94 13.49
CA ILE E 335 38.62 -56.98 12.18
C ILE E 335 37.89 -58.30 11.99
N ARG E 336 38.57 -59.41 12.31
CA ARG E 336 37.94 -60.73 12.19
C ARG E 336 36.69 -60.81 13.06
N VAL E 337 36.75 -60.25 14.27
CA VAL E 337 35.59 -60.28 15.16
C VAL E 337 34.47 -59.40 14.62
N ASP E 338 34.81 -58.23 14.08
CA ASP E 338 33.83 -57.39 13.40
C ASP E 338 33.18 -58.14 12.23
N GLN E 339 33.96 -58.90 11.47
CA GLN E 339 33.42 -59.64 10.34
C GLN E 339 32.41 -60.68 10.82
N ALA E 340 32.76 -61.44 11.86
CA ALA E 340 31.85 -62.42 12.42
C ALA E 340 30.61 -61.74 12.99
N LYS E 341 30.79 -60.57 13.62
CA LYS E 341 29.66 -59.84 14.19
C LYS E 341 28.70 -59.38 13.11
N SER E 342 29.22 -58.85 12.00
CA SER E 342 28.37 -58.41 10.91
C SER E 342 27.57 -59.58 10.33
N VAL E 343 28.26 -60.69 10.03
CA VAL E 343 27.60 -61.83 9.42
C VAL E 343 26.57 -62.45 10.37
N ALA E 344 26.93 -62.59 11.65
CA ALA E 344 26.03 -63.24 12.60
C ALA E 344 24.79 -62.39 12.86
N THR E 345 24.96 -61.06 12.92
CA THR E 345 23.80 -60.19 13.09
C THR E 345 22.84 -60.33 11.91
N GLU E 346 23.37 -60.23 10.69
CA GLU E 346 22.53 -60.24 9.50
C GLU E 346 21.77 -61.56 9.34
N ILE E 347 22.44 -62.69 9.54
CA ILE E 347 21.78 -63.96 9.30
C ILE E 347 20.74 -64.26 10.38
N SER E 348 21.05 -63.94 11.63
CA SER E 348 20.09 -64.20 12.71
C SER E 348 18.83 -63.35 12.54
N LEU E 349 18.99 -62.08 12.17
CA LEU E 349 17.82 -61.26 11.86
C LEU E 349 17.08 -61.81 10.65
N ASP E 350 17.82 -62.29 9.65
CA ASP E 350 17.18 -62.82 8.44
C ASP E 350 16.38 -64.08 8.75
N VAL E 351 16.97 -65.02 9.49
CA VAL E 351 16.31 -66.28 9.78
C VAL E 351 15.06 -66.07 10.62
N THR E 352 15.20 -65.36 11.75
CA THR E 352 14.10 -65.25 12.70
C THR E 352 12.93 -64.45 12.14
N HIS E 353 13.22 -63.50 11.24
CA HIS E 353 12.18 -62.67 10.66
C HIS E 353 11.46 -63.40 9.52
N ASN E 354 12.20 -64.06 8.65
CA ASN E 354 11.63 -64.63 7.43
C ASN E 354 11.10 -66.04 7.59
N ILE E 355 11.35 -66.69 8.74
CA ILE E 355 10.87 -68.05 8.93
C ILE E 355 9.35 -68.12 8.77
N TYR E 356 8.63 -67.07 9.17
CA TYR E 356 7.18 -67.07 9.10
C TYR E 356 6.66 -67.15 7.67
N GLN E 357 7.45 -66.75 6.68
CA GLN E 357 7.00 -66.85 5.29
C GLN E 357 6.75 -68.30 4.91
N ALA E 358 7.46 -69.24 5.53
CA ALA E 358 7.27 -70.65 5.23
C ALA E 358 6.33 -71.35 6.21
N THR E 359 6.17 -70.84 7.43
CA THR E 359 5.33 -71.53 8.41
C THR E 359 3.84 -71.17 8.27
N GLY E 360 3.53 -69.95 7.84
CA GLY E 360 2.17 -69.63 7.45
C GLY E 360 1.33 -68.99 8.54
N ALA E 361 0.03 -68.89 8.24
CA ALA E 361 -0.86 -68.05 9.03
C ALA E 361 -1.16 -68.66 10.40
N ARG E 362 -1.46 -69.95 10.46
CA ARG E 362 -1.78 -70.58 11.74
C ARG E 362 -0.58 -70.61 12.67
N SER E 363 0.64 -70.54 12.13
CA SER E 363 1.84 -70.56 12.97
C SER E 363 2.01 -69.30 13.80
N THR E 364 1.25 -68.23 13.52
CA THR E 364 1.35 -67.00 14.29
C THR E 364 0.58 -67.04 15.60
N ALA E 365 -0.07 -68.15 15.94
CA ALA E 365 -0.70 -68.28 17.24
C ALA E 365 0.37 -68.27 18.33
N ASN E 366 0.05 -67.63 19.46
CA ASN E 366 0.99 -67.57 20.57
C ASN E 366 1.25 -68.94 21.20
N SER E 367 0.34 -69.91 21.01
CA SER E 367 0.64 -71.27 21.45
C SER E 367 1.79 -71.88 20.67
N VAL E 368 1.98 -71.43 19.42
CA VAL E 368 3.15 -71.85 18.64
C VAL E 368 4.40 -71.10 19.08
N GLY E 369 4.29 -69.78 19.20
CA GLY E 369 5.36 -68.98 19.76
C GLY E 369 6.64 -68.91 18.95
N LEU E 370 6.54 -68.95 17.63
CA LEU E 370 7.74 -68.89 16.79
C LEU E 370 8.45 -67.54 16.86
N ASP E 371 7.79 -66.52 17.39
CA ASP E 371 8.37 -65.18 17.43
C ASP E 371 9.42 -65.01 18.52
N ILE E 372 9.53 -65.95 19.46
CA ILE E 372 10.48 -65.77 20.56
C ILE E 372 11.91 -65.67 20.03
N TYR E 373 12.21 -66.37 18.96
CA TYR E 373 13.55 -66.29 18.37
C TYR E 373 13.81 -64.89 17.83
N TRP E 374 12.84 -64.31 17.12
CA TRP E 374 12.99 -62.96 16.62
C TRP E 374 13.10 -61.95 17.75
N ARG E 375 12.21 -62.06 18.74
CA ARG E 375 12.27 -61.15 19.89
C ARG E 375 13.63 -61.18 20.55
N ASN E 376 14.23 -62.37 20.64
CA ASN E 376 15.53 -62.51 21.29
C ASN E 376 16.64 -61.95 20.41
N ALA E 377 16.67 -62.36 19.14
CA ALA E 377 17.71 -61.88 18.23
C ALA E 377 17.56 -60.38 17.97
N ARG E 378 16.33 -59.92 17.73
CA ARG E 378 16.12 -58.49 17.48
C ARG E 378 16.51 -57.65 18.69
N THR E 379 16.35 -58.19 19.89
CA THR E 379 16.70 -57.45 21.10
C THR E 379 18.21 -57.28 21.22
N HIS E 380 18.96 -58.38 21.16
CA HIS E 380 20.37 -58.28 21.50
C HIS E 380 21.20 -57.69 20.37
N THR E 381 20.75 -57.81 19.12
CA THR E 381 21.50 -57.22 18.00
C THR E 381 21.58 -55.70 18.11
N THR E 382 20.75 -55.07 18.93
CA THR E 382 20.84 -53.64 19.17
C THR E 382 21.84 -53.27 20.26
N HIS E 383 22.59 -54.24 20.80
CA HIS E 383 23.54 -53.96 21.87
C HIS E 383 24.52 -52.85 21.46
N ASP E 384 25.09 -52.97 20.27
CA ASP E 384 25.85 -51.89 19.65
C ASP E 384 25.49 -51.86 18.17
N PRO E 385 25.50 -50.67 17.55
CA PRO E 385 24.96 -50.55 16.20
C PRO E 385 25.80 -51.29 15.16
N LEU E 386 25.13 -52.14 14.38
CA LEU E 386 25.78 -52.90 13.32
C LEU E 386 26.59 -52.07 12.33
N PRO E 387 26.09 -50.94 11.79
CA PRO E 387 26.88 -50.23 10.77
C PRO E 387 28.24 -49.76 11.26
N TYR E 388 28.39 -49.45 12.55
CA TYR E 388 29.69 -49.01 13.04
C TYR E 388 30.71 -50.15 13.09
N ARG E 389 30.25 -51.40 13.27
CA ARG E 389 31.16 -52.53 13.18
C ARG E 389 31.57 -52.79 11.74
N GLN E 390 30.62 -52.68 10.81
CA GLN E 390 30.93 -52.77 9.39
C GLN E 390 31.82 -51.62 8.94
N ARG E 391 31.53 -50.41 9.43
CA ARG E 391 32.34 -49.25 9.09
C ARG E 391 33.81 -49.46 9.49
N GLU E 392 34.03 -50.08 10.64
CA GLU E 392 35.39 -50.27 11.13
C GLU E 392 36.21 -51.13 10.18
N ILE E 393 35.57 -52.17 9.61
CA ILE E 393 36.25 -53.00 8.62
C ILE E 393 36.61 -52.18 7.39
N GLY E 394 35.64 -51.45 6.85
CA GLY E 394 35.88 -50.68 5.64
C GLY E 394 36.86 -49.54 5.84
N ARG E 395 36.87 -48.95 7.05
CA ARG E 395 37.84 -47.90 7.33
C ARG E 395 39.26 -48.44 7.31
N HIS E 396 39.47 -49.65 7.83
CA HIS E 396 40.79 -50.26 7.76
C HIS E 396 41.22 -50.50 6.32
N LEU E 397 40.29 -50.96 5.47
CA LEU E 397 40.61 -51.20 4.07
C LEU E 397 41.00 -49.90 3.36
N LEU E 398 40.31 -48.81 3.66
CA LEU E 398 40.53 -47.55 2.95
C LEU E 398 41.70 -46.73 3.49
N THR E 399 42.01 -46.87 4.78
CA THR E 399 43.00 -46.00 5.42
C THR E 399 44.18 -46.75 6.03
N ASP E 400 44.16 -48.08 6.07
CA ASP E 400 45.18 -48.93 6.69
C ASP E 400 45.20 -48.82 8.22
N GLN E 401 44.30 -48.05 8.82
CA GLN E 401 44.32 -47.86 10.27
C GLN E 401 43.61 -49.01 10.96
N TRP E 402 44.29 -49.63 11.91
CA TRP E 402 43.75 -50.76 12.63
C TRP E 402 42.73 -50.29 13.67
N PRO E 403 41.75 -51.13 13.99
CA PRO E 403 40.91 -50.85 15.17
C PRO E 403 41.78 -50.84 16.42
N SER E 404 41.44 -49.96 17.34
CA SER E 404 42.20 -49.74 18.56
C SER E 404 41.29 -49.90 19.76
N PRO E 405 41.84 -50.28 20.91
CA PRO E 405 41.07 -50.22 22.16
C PRO E 405 40.71 -48.78 22.48
N ARG E 406 39.41 -48.54 22.70
CA ARG E 406 38.94 -47.21 23.04
C ARG E 406 38.78 -47.04 24.55
N ALA F 12 -22.59 -44.92 -6.25
CA ALA F 12 -21.89 -45.50 -5.11
C ALA F 12 -20.39 -45.20 -5.16
N TYR F 13 -19.82 -44.85 -4.02
CA TYR F 13 -18.39 -44.54 -3.90
C TYR F 13 -17.98 -43.40 -4.83
N GLN F 14 -18.76 -42.31 -4.79
CA GLN F 14 -18.51 -41.19 -5.69
C GLN F 14 -17.32 -40.36 -5.23
N GLY F 15 -17.17 -40.18 -3.93
CA GLY F 15 -16.05 -39.42 -3.39
C GLY F 15 -16.49 -38.04 -2.91
N VAL F 16 -15.79 -37.54 -1.89
CA VAL F 16 -15.97 -36.19 -1.41
C VAL F 16 -14.93 -35.29 -2.05
N SER F 17 -15.13 -33.98 -1.94
CA SER F 17 -14.17 -33.03 -2.48
C SER F 17 -12.85 -33.12 -1.73
N ASP F 18 -11.80 -32.61 -2.38
CA ASP F 18 -10.48 -32.59 -1.74
C ASP F 18 -10.52 -31.75 -0.45
N THR F 19 -11.25 -30.64 -0.47
CA THR F 19 -11.38 -29.80 0.71
C THR F 19 -12.05 -30.55 1.85
N GLU F 20 -13.16 -31.24 1.55
CA GLU F 20 -13.84 -32.02 2.58
C GLU F 20 -12.98 -33.20 3.04
N PHE F 21 -12.21 -33.80 2.13
CA PHE F 21 -11.39 -34.94 2.54
C PHE F 21 -10.28 -34.53 3.50
N SER F 22 -9.77 -33.31 3.37
CA SER F 22 -8.81 -32.80 4.35
C SER F 22 -9.42 -32.77 5.74
N GLU F 23 -10.71 -32.47 5.84
CA GLU F 23 -11.39 -32.48 7.14
C GLU F 23 -11.56 -33.91 7.65
N TRP F 24 -11.78 -34.87 6.75
CA TRP F 24 -11.86 -36.26 7.17
C TRP F 24 -10.50 -36.82 7.57
N GLU F 25 -9.42 -36.36 6.93
CA GLU F 25 -8.09 -36.73 7.40
C GLU F 25 -7.83 -36.18 8.80
N GLN F 26 -8.36 -35.00 9.10
CA GLN F 26 -8.23 -34.46 10.44
C GLN F 26 -9.02 -35.29 11.45
N VAL F 27 -10.19 -35.78 11.05
CA VAL F 27 -10.96 -36.67 11.91
C VAL F 27 -10.19 -37.96 12.18
N ALA F 28 -9.63 -38.56 11.12
CA ALA F 28 -8.86 -39.79 11.27
C ALA F 28 -7.62 -39.58 12.14
N ALA F 29 -7.01 -38.40 12.07
CA ALA F 29 -5.83 -38.13 12.90
C ALA F 29 -6.21 -38.01 14.37
N ARG F 30 -7.38 -37.42 14.66
CA ARG F 30 -7.86 -37.36 16.03
C ARG F 30 -8.11 -38.76 16.58
N VAL F 31 -8.74 -39.62 15.78
CA VAL F 31 -8.96 -41.00 16.20
C VAL F 31 -7.63 -41.74 16.33
N ALA F 32 -6.73 -41.55 15.36
CA ALA F 32 -5.44 -42.22 15.38
C ALA F 32 -4.63 -41.84 16.62
N GLY F 33 -4.71 -40.58 17.04
CA GLY F 33 -3.97 -40.16 18.22
C GLY F 33 -4.43 -40.86 19.47
N GLU F 34 -5.75 -41.06 19.61
CA GLU F 34 -6.27 -41.72 20.80
C GLU F 34 -5.98 -43.21 20.76
N LEU F 35 -6.15 -43.84 19.61
CA LEU F 35 -5.86 -45.27 19.49
C LEU F 35 -4.37 -45.56 19.68
N SER F 36 -3.50 -44.67 19.20
CA SER F 36 -2.07 -44.90 19.32
C SER F 36 -1.62 -44.85 20.77
N ALA F 37 -2.22 -43.94 21.56
CA ALA F 37 -1.80 -43.79 22.94
C ALA F 37 -2.23 -44.96 23.82
N THR F 38 -3.28 -45.69 23.43
CA THR F 38 -3.76 -46.84 24.19
C THR F 38 -3.46 -48.16 23.51
N ALA F 39 -2.65 -48.16 22.45
CA ALA F 39 -2.45 -49.36 21.65
C ALA F 39 -1.82 -50.48 22.45
N LEU F 40 -0.77 -50.16 23.23
CA LEU F 40 -0.07 -51.21 23.96
C LEU F 40 -0.94 -51.80 25.06
N THR F 41 -1.62 -50.96 25.82
CA THR F 41 -2.48 -51.44 26.90
C THR F 41 -3.60 -52.33 26.36
N ARG F 42 -4.28 -51.88 25.29
CA ARG F 42 -5.36 -52.68 24.73
C ARG F 42 -4.83 -53.96 24.11
N ASP F 43 -3.64 -53.91 23.51
CA ASP F 43 -3.07 -55.10 22.88
C ASP F 43 -2.78 -56.19 23.89
N ARG F 44 -2.31 -55.81 25.09
CA ARG F 44 -2.04 -56.81 26.11
C ARG F 44 -3.32 -57.40 26.68
N ALA F 45 -4.35 -56.55 26.87
CA ALA F 45 -5.60 -57.04 27.45
C ALA F 45 -6.31 -58.03 26.52
N ASN F 46 -6.17 -57.86 25.21
CA ASN F 46 -6.69 -58.82 24.24
C ASN F 46 -8.22 -58.93 24.31
N GLN F 47 -8.88 -57.82 24.56
CA GLN F 47 -10.33 -57.80 24.69
C GLN F 47 -10.98 -57.54 23.33
N ASN F 48 -12.26 -57.91 23.24
CA ASN F 48 -13.02 -57.60 22.04
C ASN F 48 -13.10 -56.09 21.87
N PRO F 49 -12.85 -55.56 20.68
CA PRO F 49 -12.68 -54.11 20.47
C PRO F 49 -13.99 -53.33 20.34
N ILE F 50 -14.91 -53.56 21.29
CA ILE F 50 -16.20 -52.90 21.23
C ILE F 50 -16.04 -51.39 21.37
N ALA F 51 -15.21 -50.94 22.30
CA ALA F 51 -15.03 -49.50 22.50
C ALA F 51 -14.36 -48.85 21.30
N GLU F 52 -13.41 -49.54 20.68
CA GLU F 52 -12.73 -48.98 19.52
C GLU F 52 -13.65 -48.89 18.32
N ILE F 53 -14.59 -49.84 18.19
CA ILE F 53 -15.59 -49.75 17.12
C ILE F 53 -16.54 -48.60 17.37
N GLU F 54 -16.94 -48.40 18.64
CA GLU F 54 -17.76 -47.24 18.97
C GLU F 54 -17.01 -45.95 18.74
N LEU F 55 -15.69 -45.96 18.91
CA LEU F 55 -14.89 -44.77 18.59
C LEU F 55 -14.96 -44.47 17.10
N LEU F 56 -14.75 -45.48 16.25
CA LEU F 56 -14.89 -45.27 14.81
C LEU F 56 -16.31 -44.84 14.46
N ARG F 57 -17.30 -45.35 15.20
CA ARG F 57 -18.69 -45.02 14.92
C ARG F 57 -18.99 -43.55 15.21
N ARG F 58 -18.61 -43.07 16.40
CA ARG F 58 -19.01 -41.70 16.77
C ARG F 58 -18.30 -40.64 15.94
N TYR F 59 -17.15 -40.96 15.36
CA TYR F 59 -16.43 -40.02 14.50
C TYR F 59 -16.81 -40.14 13.02
N GLY F 60 -17.80 -40.96 12.69
CA GLY F 60 -18.31 -41.02 11.34
C GLY F 60 -17.50 -41.85 10.37
N LEU F 61 -16.51 -42.60 10.85
CA LEU F 61 -15.63 -43.35 9.95
C LEU F 61 -16.28 -44.63 9.44
N LEU F 62 -17.22 -45.21 10.19
CA LEU F 62 -17.89 -46.42 9.70
C LEU F 62 -18.79 -46.12 8.51
N SER F 63 -19.41 -44.95 8.48
CA SER F 63 -20.33 -44.58 7.42
C SER F 63 -19.66 -43.74 6.33
N PHE F 64 -18.33 -43.67 6.31
CA PHE F 64 -17.65 -42.77 5.38
C PHE F 64 -17.86 -43.19 3.93
N ALA F 65 -17.81 -44.49 3.65
CA ALA F 65 -17.91 -45.01 2.30
C ALA F 65 -19.34 -45.27 1.85
N THR F 66 -20.33 -44.70 2.54
CA THR F 66 -21.73 -44.84 2.18
C THR F 66 -22.24 -43.51 1.64
N ALA F 67 -23.13 -43.59 0.64
CA ALA F 67 -23.60 -42.39 -0.03
C ALA F 67 -24.30 -41.45 0.93
N ARG F 68 -24.31 -40.15 0.58
CA ARG F 68 -24.88 -39.15 1.46
C ARG F 68 -26.38 -39.35 1.66
N GLU F 69 -27.07 -39.87 0.64
CA GLU F 69 -28.52 -40.07 0.73
C GLU F 69 -28.89 -41.00 1.89
N PHE F 70 -27.99 -41.87 2.30
CA PHE F 70 -28.23 -42.80 3.40
C PHE F 70 -27.66 -42.31 4.72
N GLY F 71 -27.07 -41.11 4.75
CA GLY F 71 -26.45 -40.59 5.94
C GLY F 71 -24.95 -40.71 5.98
N GLY F 72 -24.33 -41.30 4.96
CA GLY F 72 -22.89 -41.45 4.92
C GLY F 72 -22.20 -40.20 4.40
N ALA F 73 -20.87 -40.28 4.35
CA ALA F 73 -20.09 -39.15 3.86
C ALA F 73 -20.03 -39.07 2.35
N GLY F 74 -20.25 -40.18 1.65
CA GLY F 74 -20.13 -40.18 0.20
C GLY F 74 -18.72 -40.35 -0.32
N GLY F 75 -17.80 -40.85 0.51
CA GLY F 75 -16.44 -41.01 0.08
C GLY F 75 -16.28 -42.13 -0.94
N SER F 76 -15.11 -42.11 -1.60
CA SER F 76 -14.76 -43.14 -2.57
C SER F 76 -13.97 -44.24 -1.87
N LEU F 77 -13.70 -45.32 -2.62
CA LEU F 77 -12.89 -46.39 -2.09
C LEU F 77 -11.43 -45.97 -1.95
N VAL F 78 -10.93 -45.13 -2.87
CA VAL F 78 -9.59 -44.56 -2.74
C VAL F 78 -9.48 -43.78 -1.43
N GLN F 79 -10.47 -42.93 -1.15
CA GLN F 79 -10.42 -42.10 0.05
C GLN F 79 -10.63 -42.94 1.31
N ALA F 80 -11.52 -43.93 1.26
CA ALA F 80 -11.79 -44.78 2.42
C ALA F 80 -10.54 -45.53 2.83
N LEU F 81 -9.82 -46.12 1.88
CA LEU F 81 -8.62 -46.87 2.21
C LEU F 81 -7.47 -45.96 2.64
N GLN F 82 -7.46 -44.71 2.14
CA GLN F 82 -6.49 -43.74 2.65
C GLN F 82 -6.75 -43.42 4.10
N LEU F 83 -8.02 -43.25 4.49
CA LEU F 83 -8.34 -43.08 5.90
C LEU F 83 -8.02 -44.33 6.69
N GLY F 84 -8.19 -45.51 6.07
CA GLY F 84 -7.79 -46.74 6.73
C GLY F 84 -6.31 -46.78 7.06
N ARG F 85 -5.46 -46.28 6.16
CA ARG F 85 -4.03 -46.27 6.43
C ARG F 85 -3.68 -45.39 7.62
N ILE F 86 -4.41 -44.29 7.80
CA ILE F 86 -4.20 -43.43 8.96
C ILE F 86 -4.55 -44.18 10.24
N ILE F 87 -5.65 -44.94 10.23
CA ILE F 87 -6.02 -45.72 11.41
C ILE F 87 -5.06 -46.88 11.61
N ALA F 88 -4.68 -47.56 10.53
CA ALA F 88 -3.80 -48.72 10.64
C ALA F 88 -2.43 -48.34 11.17
N ALA F 89 -1.99 -47.09 10.94
CA ALA F 89 -0.71 -46.64 11.46
C ALA F 89 -0.74 -46.47 12.97
N ALA F 90 -1.88 -46.09 13.53
CA ALA F 90 -1.98 -45.96 14.97
C ALA F 90 -2.17 -47.32 15.64
N ASP F 91 -2.97 -48.19 15.02
CA ASP F 91 -3.29 -49.49 15.58
C ASP F 91 -3.63 -50.43 14.43
N GLY F 92 -2.74 -51.39 14.17
CA GLY F 92 -2.96 -52.33 13.08
C GLY F 92 -4.22 -53.16 13.22
N SER F 93 -4.58 -53.53 14.45
CA SER F 93 -5.79 -54.31 14.66
C SER F 93 -7.04 -53.51 14.31
N ILE F 94 -7.11 -52.26 14.76
CA ILE F 94 -8.28 -51.44 14.49
C ILE F 94 -8.31 -51.02 13.02
N GLY F 95 -7.12 -50.83 12.42
CA GLY F 95 -7.07 -50.55 11.00
C GLY F 95 -7.60 -51.69 10.16
N GLN F 96 -7.27 -52.93 10.54
CA GLN F 96 -7.82 -54.08 9.84
C GLN F 96 -9.33 -54.13 9.96
N LEU F 97 -9.86 -53.89 11.17
CA LEU F 97 -11.30 -53.89 11.38
C LEU F 97 -11.99 -52.86 10.48
N LEU F 98 -11.41 -51.66 10.37
CA LEU F 98 -12.03 -50.61 9.57
C LEU F 98 -12.06 -50.99 8.10
N VAL F 99 -10.91 -51.40 7.54
CA VAL F 99 -10.88 -51.71 6.12
C VAL F 99 -11.64 -53.00 5.81
N TYR F 100 -11.68 -53.95 6.76
CA TYR F 100 -12.54 -55.12 6.59
C TYR F 100 -14.00 -54.70 6.54
N HIS F 101 -14.39 -53.74 7.37
CA HIS F 101 -15.75 -53.20 7.33
C HIS F 101 -16.05 -52.59 5.96
N TYR F 102 -15.13 -51.77 5.43
CA TYR F 102 -15.34 -51.20 4.10
C TYR F 102 -15.45 -52.30 3.05
N SER F 103 -14.54 -53.28 3.11
CA SER F 103 -14.57 -54.38 2.14
C SER F 103 -15.88 -55.15 2.23
N ASN F 104 -16.38 -55.40 3.45
CA ASN F 104 -17.65 -56.10 3.59
C ASN F 104 -18.80 -55.32 2.96
N GLY F 105 -18.69 -53.99 2.92
CA GLY F 105 -19.69 -53.20 2.21
C GLY F 105 -19.55 -53.33 0.71
N VAL F 106 -18.31 -53.37 0.21
CA VAL F 106 -18.10 -53.65 -1.20
C VAL F 106 -18.65 -55.03 -1.57
N TRP F 107 -18.47 -56.01 -0.68
CA TRP F 107 -18.96 -57.36 -0.93
C TRP F 107 -20.48 -57.37 -1.06
N THR F 108 -21.18 -56.81 -0.08
CA THR F 108 -22.63 -56.80 -0.11
C THR F 108 -23.18 -55.89 -1.21
N TYR F 109 -22.39 -54.92 -1.67
CA TYR F 109 -22.78 -54.15 -2.84
C TYR F 109 -22.73 -55.01 -4.11
N ILE F 110 -21.67 -55.82 -4.25
CA ILE F 110 -21.58 -56.72 -5.38
C ILE F 110 -22.63 -57.82 -5.30
N LEU F 111 -22.88 -58.34 -4.09
CA LEU F 111 -23.76 -59.49 -3.91
C LEU F 111 -25.23 -59.11 -3.78
N GLY F 112 -25.54 -57.88 -3.40
CA GLY F 112 -26.90 -57.52 -3.05
C GLY F 112 -27.73 -57.03 -4.22
N SER F 113 -29.03 -57.35 -4.17
CA SER F 113 -29.99 -56.81 -5.11
C SER F 113 -30.19 -55.33 -4.81
N PRO F 114 -30.83 -54.58 -5.73
CA PRO F 114 -31.08 -53.16 -5.45
C PRO F 114 -31.80 -52.89 -4.13
N THR F 115 -32.77 -53.73 -3.76
CA THR F 115 -33.46 -53.52 -2.49
C THR F 115 -32.60 -53.95 -1.31
N GLN F 116 -31.80 -55.00 -1.47
CA GLN F 116 -30.87 -55.40 -0.42
C GLN F 116 -29.75 -54.39 -0.24
N ARG F 117 -29.30 -53.76 -1.34
CA ARG F 117 -28.28 -52.72 -1.23
C ARG F 117 -28.78 -51.54 -0.41
N GLU F 118 -30.02 -51.11 -0.67
CA GLU F 118 -30.56 -49.96 0.05
C GLU F 118 -30.81 -50.29 1.52
N TYR F 119 -31.23 -51.53 1.81
CA TYR F 119 -31.38 -51.95 3.20
C TYR F 119 -30.07 -51.84 3.96
N ILE F 120 -29.00 -52.38 3.37
CA ILE F 120 -27.69 -52.34 4.01
C ILE F 120 -27.16 -50.92 4.08
N SER F 121 -27.31 -50.16 2.99
CA SER F 121 -26.80 -48.79 2.96
C SER F 121 -27.50 -47.91 3.99
N ARG F 122 -28.81 -48.10 4.16
CA ARG F 122 -29.53 -47.31 5.17
C ARG F 122 -29.03 -47.63 6.58
N GLY F 123 -28.67 -48.89 6.83
CA GLY F 123 -28.21 -49.29 8.14
C GLY F 123 -26.78 -48.86 8.40
N VAL F 124 -25.90 -49.10 7.42
CA VAL F 124 -24.51 -48.67 7.57
C VAL F 124 -24.41 -47.16 7.49
N GLY F 125 -25.22 -46.53 6.65
CA GLY F 125 -25.17 -45.08 6.48
C GLY F 125 -25.77 -44.29 7.63
N GLY F 126 -26.90 -44.72 8.16
CA GLY F 126 -27.61 -43.93 9.14
C GLY F 126 -27.83 -44.56 10.50
N HIS F 127 -27.42 -45.82 10.68
CA HIS F 127 -27.67 -46.51 11.93
C HIS F 127 -26.42 -47.14 12.55
N GLY F 128 -25.23 -46.78 12.09
CA GLY F 128 -24.01 -47.20 12.75
C GLY F 128 -23.65 -48.65 12.63
N TRP F 129 -24.22 -49.38 11.66
CA TRP F 129 -23.95 -50.81 11.54
C TRP F 129 -22.49 -51.06 11.18
N PHE F 130 -21.88 -52.01 11.87
CA PHE F 130 -20.57 -52.53 11.52
C PHE F 130 -20.76 -53.87 10.81
N GLN F 131 -20.04 -54.07 9.71
CA GLN F 131 -20.20 -55.23 8.86
C GLN F 131 -19.03 -56.18 9.05
N GLY F 132 -19.33 -57.42 9.45
CA GLY F 132 -18.37 -58.50 9.43
C GLY F 132 -18.88 -59.61 8.51
N SER F 133 -17.99 -60.55 8.22
CA SER F 133 -18.37 -61.67 7.36
C SER F 133 -17.65 -62.93 7.81
N VAL F 134 -18.28 -64.06 7.55
CA VAL F 134 -17.71 -65.38 7.75
C VAL F 134 -17.51 -65.98 6.36
N SER F 135 -16.25 -66.03 5.91
CA SER F 135 -15.96 -66.29 4.51
C SER F 135 -14.76 -67.18 4.25
N ASN F 136 -14.21 -67.84 5.26
CA ASN F 136 -13.04 -68.69 5.04
C ASN F 136 -13.42 -69.87 4.16
N PRO F 137 -12.84 -70.00 2.97
CA PRO F 137 -13.24 -71.10 2.07
C PRO F 137 -12.65 -72.45 2.42
N ARG F 138 -11.72 -72.52 3.38
CA ARG F 138 -11.04 -73.76 3.71
C ARG F 138 -11.63 -74.45 4.92
N ASP F 139 -12.82 -74.04 5.36
CA ASP F 139 -13.44 -74.63 6.54
C ASP F 139 -14.23 -75.87 6.15
N PRO F 140 -13.87 -77.06 6.66
CA PRO F 140 -14.62 -78.27 6.35
C PRO F 140 -15.73 -78.52 7.35
N GLY F 141 -16.59 -79.47 7.02
CA GLY F 141 -17.66 -79.89 7.92
C GLY F 141 -18.84 -78.96 8.00
N ILE F 142 -18.99 -78.04 7.05
CA ILE F 142 -20.09 -77.09 7.04
C ILE F 142 -21.27 -77.70 6.30
N THR F 143 -22.45 -77.65 6.92
CA THR F 143 -23.67 -78.14 6.30
C THR F 143 -24.74 -77.05 6.35
N VAL F 144 -25.65 -77.09 5.39
CA VAL F 144 -26.78 -76.17 5.33
C VAL F 144 -27.99 -76.92 4.77
N THR F 145 -29.13 -76.76 5.43
CA THR F 145 -30.37 -77.41 5.03
C THR F 145 -31.37 -76.34 4.64
N ARG F 146 -32.06 -76.53 3.53
CA ARG F 146 -33.07 -75.59 3.07
C ARG F 146 -34.41 -75.92 3.71
N THR F 147 -35.04 -74.91 4.30
CA THR F 147 -36.35 -75.02 4.93
C THR F 147 -37.31 -74.07 4.22
N GLU F 148 -38.58 -74.10 4.65
CA GLU F 148 -39.56 -73.16 4.13
C GLU F 148 -39.20 -71.73 4.54
N GLU F 149 -38.65 -71.57 5.75
CA GLU F 149 -38.22 -70.25 6.20
C GLU F 149 -36.99 -69.76 5.44
N GLY F 150 -36.11 -70.68 5.05
CA GLY F 150 -34.90 -70.33 4.35
C GLY F 150 -33.86 -71.42 4.42
N TYR F 151 -32.74 -71.15 5.11
CA TYR F 151 -31.64 -72.11 5.23
C TYR F 151 -31.20 -72.19 6.67
N ARG F 152 -30.98 -73.40 7.16
CA ARG F 152 -30.44 -73.65 8.49
C ARG F 152 -28.98 -74.07 8.36
N VAL F 153 -28.10 -73.37 9.08
CA VAL F 153 -26.66 -73.54 8.94
C VAL F 153 -26.10 -74.16 10.23
N ASN F 154 -25.18 -75.11 10.05
CA ASN F 154 -24.48 -75.74 11.16
C ASN F 154 -23.02 -75.91 10.80
N GLY F 155 -22.15 -75.74 11.80
CA GLY F 155 -20.72 -75.92 11.57
C GLY F 155 -19.84 -74.88 12.22
N LYS F 156 -18.54 -75.18 12.32
CA LYS F 156 -17.57 -74.28 12.90
C LYS F 156 -16.82 -73.54 11.78
N ARG F 157 -16.56 -72.25 12.02
CA ARG F 157 -15.87 -71.42 11.05
C ARG F 157 -14.81 -70.60 11.77
N THR F 158 -13.63 -70.52 11.17
CA THR F 158 -12.46 -69.88 11.79
C THR F 158 -12.15 -68.56 11.10
N PHE F 159 -11.22 -67.82 11.73
CA PHE F 159 -10.75 -66.52 11.22
C PHE F 159 -11.91 -65.58 10.90
N ALA F 160 -12.92 -65.58 11.77
CA ALA F 160 -14.12 -64.76 11.58
C ALA F 160 -13.86 -63.35 12.08
N THR F 161 -13.04 -62.63 11.31
CA THR F 161 -12.62 -61.29 11.72
C THR F 161 -13.82 -60.36 11.88
N GLY F 162 -13.90 -59.73 13.05
CA GLY F 162 -14.90 -58.71 13.29
C GLY F 162 -16.33 -59.20 13.42
N VAL F 163 -16.57 -60.51 13.33
CA VAL F 163 -17.95 -61.01 13.41
C VAL F 163 -18.51 -60.84 14.82
N ALA F 164 -17.68 -61.06 15.84
CA ALA F 164 -18.14 -60.95 17.22
C ALA F 164 -18.53 -59.53 17.60
N VAL F 165 -18.08 -58.53 16.85
CA VAL F 165 -18.41 -57.13 17.11
C VAL F 165 -19.26 -56.52 16.01
N ALA F 166 -19.72 -57.32 15.06
CA ALA F 166 -20.47 -56.82 13.92
C ALA F 166 -21.96 -56.78 14.24
N ASP F 167 -22.66 -55.84 13.59
CA ASP F 167 -24.10 -55.74 13.65
C ASP F 167 -24.79 -56.48 12.52
N LEU F 168 -24.20 -56.49 11.33
CA LEU F 168 -24.70 -57.23 10.18
C LEU F 168 -23.61 -58.19 9.73
N ILE F 169 -23.94 -59.48 9.69
CA ILE F 169 -22.97 -60.52 9.35
C ILE F 169 -23.31 -61.07 7.97
N THR F 170 -22.32 -61.10 7.08
CA THR F 170 -22.47 -61.75 5.79
C THR F 170 -21.97 -63.18 5.91
N VAL F 171 -22.83 -64.14 5.60
CA VAL F 171 -22.49 -65.55 5.65
C VAL F 171 -22.32 -66.04 4.22
N LEU F 172 -21.13 -66.54 3.91
CA LEU F 172 -20.80 -67.01 2.56
C LEU F 172 -20.52 -68.50 2.61
N LEU F 173 -21.28 -69.27 1.83
CA LEU F 173 -21.22 -70.72 1.87
C LEU F 173 -20.98 -71.25 0.46
N TYR F 174 -19.98 -72.12 0.32
CA TYR F 174 -19.70 -72.86 -0.91
C TYR F 174 -19.21 -71.99 -2.06
N GLU F 175 -18.56 -72.61 -3.03
CA GLU F 175 -18.20 -71.95 -4.28
C GLU F 175 -19.01 -72.44 -5.47
N ALA F 176 -19.51 -73.68 -5.43
CA ALA F 176 -20.43 -74.21 -6.42
C ALA F 176 -21.84 -74.05 -5.89
N GLU F 177 -22.68 -73.36 -6.65
CA GLU F 177 -24.01 -72.94 -6.21
C GLU F 177 -23.90 -72.27 -4.84
N PRO F 178 -23.32 -71.07 -4.78
CA PRO F 178 -23.06 -70.45 -3.48
C PRO F 178 -24.34 -69.92 -2.86
N ILE F 179 -24.36 -69.90 -1.53
CA ILE F 179 -25.46 -69.34 -0.75
C ILE F 179 -24.85 -68.24 0.11
N ASN F 180 -25.15 -66.99 -0.22
CA ASN F 180 -24.65 -65.84 0.49
C ASN F 180 -25.83 -65.09 1.10
N ALA F 181 -25.71 -64.73 2.38
CA ALA F 181 -26.83 -64.10 3.08
C ALA F 181 -26.31 -63.12 4.11
N ILE F 182 -27.20 -62.23 4.53
CA ILE F 182 -26.93 -61.26 5.59
C ILE F 182 -27.87 -61.55 6.74
N ILE F 183 -27.31 -61.63 7.95
CA ILE F 183 -28.11 -61.88 9.15
C ILE F 183 -27.74 -60.85 10.22
N PRO F 184 -28.66 -60.48 11.10
CA PRO F 184 -28.30 -59.58 12.19
C PRO F 184 -27.51 -60.33 13.26
N SER F 185 -26.79 -59.55 14.07
CA SER F 185 -26.02 -60.13 15.17
C SER F 185 -26.91 -60.81 16.21
N GLU F 186 -28.18 -60.42 16.29
CA GLU F 186 -29.12 -60.98 17.25
C GLU F 186 -29.68 -62.33 16.83
N ARG F 187 -29.29 -62.85 15.67
CA ARG F 187 -29.84 -64.12 15.19
C ARG F 187 -29.39 -65.27 16.10
N ASP F 188 -30.34 -66.09 16.52
CA ASP F 188 -30.05 -67.16 17.47
C ASP F 188 -29.17 -68.22 16.84
N GLY F 189 -28.33 -68.84 17.68
CA GLY F 189 -27.48 -69.94 17.27
C GLY F 189 -26.02 -69.60 17.14
N LEU F 190 -25.66 -68.32 17.17
CA LEU F 190 -24.27 -67.89 16.98
C LEU F 190 -23.53 -67.96 18.32
N ARG F 191 -22.44 -68.71 18.34
CA ARG F 191 -21.53 -68.79 19.49
C ARG F 191 -20.15 -68.31 19.04
N PHE F 192 -19.49 -67.52 19.89
CA PHE F 192 -18.18 -66.97 19.57
C PHE F 192 -17.16 -67.54 20.54
N ASN F 193 -16.19 -68.30 20.01
CA ASN F 193 -15.18 -68.93 20.82
C ASN F 193 -14.08 -67.95 21.19
N ASP F 194 -13.56 -68.07 22.40
CA ASP F 194 -12.45 -67.24 22.86
C ASP F 194 -11.12 -67.95 22.63
N ASP F 195 -10.82 -68.17 21.36
CA ASP F 195 -9.66 -68.94 20.92
C ASP F 195 -8.75 -68.11 20.02
N TRP F 196 -8.63 -66.82 20.31
CA TRP F 196 -7.78 -65.91 19.55
C TRP F 196 -6.76 -65.31 20.51
N ASP F 197 -5.56 -65.89 20.54
CA ASP F 197 -4.42 -65.37 21.31
C ASP F 197 -3.23 -65.44 20.36
N ASN F 198 -3.06 -64.39 19.57
CA ASN F 198 -2.20 -64.43 18.41
C ASN F 198 -0.99 -63.52 18.59
N LEU F 199 -0.01 -63.68 17.69
CA LEU F 199 1.18 -62.84 17.70
C LEU F 199 0.79 -61.37 17.53
N GLY F 200 0.17 -61.05 16.39
CA GLY F 200 -0.31 -59.72 16.12
C GLY F 200 -1.74 -59.74 15.63
N GLN F 201 -2.26 -58.58 15.20
CA GLN F 201 -3.67 -58.44 14.84
C GLN F 201 -4.57 -59.01 15.93
N ARG F 202 -4.20 -58.76 17.19
CA ARG F 202 -4.83 -59.42 18.32
C ARG F 202 -6.24 -58.91 18.61
N LEU F 203 -6.51 -57.64 18.32
CA LEU F 203 -7.80 -57.04 18.65
C LEU F 203 -8.77 -57.04 17.48
N THR F 204 -8.66 -58.02 16.58
CA THR F 204 -9.49 -58.08 15.39
C THR F 204 -10.67 -59.03 15.54
N ALA F 205 -10.84 -59.64 16.72
CA ALA F 205 -11.91 -60.60 16.97
C ALA F 205 -11.89 -61.72 15.92
N SER F 206 -10.70 -62.25 15.65
CA SER F 206 -10.49 -63.25 14.62
C SER F 206 -10.61 -64.68 15.14
N GLY F 207 -11.39 -64.88 16.20
CA GLY F 207 -11.63 -66.22 16.71
C GLY F 207 -12.59 -67.00 15.83
N SER F 208 -12.93 -68.19 16.30
CA SER F 208 -13.87 -69.04 15.57
C SER F 208 -15.29 -68.78 16.03
N VAL F 209 -16.24 -69.12 15.16
CA VAL F 209 -17.66 -68.92 15.41
C VAL F 209 -18.41 -70.22 15.13
N GLU F 210 -19.35 -70.56 16.00
CA GLU F 210 -20.16 -71.77 15.86
C GLU F 210 -21.54 -71.41 15.35
N PHE F 211 -22.04 -72.22 14.43
CA PHE F 211 -23.39 -72.09 13.89
C PHE F 211 -24.21 -73.26 14.40
N ASP F 212 -25.15 -72.98 15.30
CA ASP F 212 -26.02 -74.00 15.88
C ASP F 212 -27.43 -73.79 15.32
N ASN F 213 -27.66 -74.36 14.13
CA ASN F 213 -28.95 -74.30 13.46
C ASN F 213 -29.39 -72.85 13.23
N VAL F 214 -28.46 -72.05 12.72
CA VAL F 214 -28.72 -70.63 12.48
C VAL F 214 -29.54 -70.48 11.21
N LEU F 215 -30.63 -69.72 11.29
CA LEU F 215 -31.55 -69.53 10.17
C LEU F 215 -31.09 -68.39 9.29
N LEU F 216 -31.10 -68.62 7.98
CA LEU F 216 -30.93 -67.59 6.96
C LEU F 216 -32.24 -67.48 6.22
N ARG F 217 -32.99 -66.41 6.46
CA ARG F 217 -34.27 -66.23 5.81
C ARG F 217 -34.10 -66.07 4.30
N HIS F 218 -35.14 -66.43 3.56
CA HIS F 218 -35.07 -66.35 2.10
C HIS F 218 -34.87 -64.92 1.62
N ASP F 219 -35.57 -63.96 2.24
CA ASP F 219 -35.38 -62.56 1.87
C ASP F 219 -34.02 -62.02 2.27
N GLU F 220 -33.24 -62.78 3.04
CA GLU F 220 -31.88 -62.40 3.42
C GLU F 220 -30.83 -62.99 2.50
N VAL F 221 -31.20 -63.89 1.58
CA VAL F 221 -30.26 -64.46 0.64
C VAL F 221 -29.95 -63.43 -0.44
N LEU F 222 -28.67 -63.18 -0.67
CA LEU F 222 -28.23 -62.17 -1.63
C LEU F 222 -28.34 -62.70 -3.04
N THR F 223 -28.98 -61.92 -3.93
CA THR F 223 -29.26 -62.34 -5.29
C THR F 223 -28.74 -61.37 -6.35
N GLY F 224 -27.83 -60.47 -5.99
CA GLY F 224 -27.39 -59.46 -6.93
C GLY F 224 -26.60 -60.02 -8.11
N LEU F 225 -25.96 -61.17 -7.91
CA LEU F 225 -25.20 -61.81 -8.99
C LEU F 225 -26.08 -62.51 -10.01
N ASP F 226 -27.40 -62.57 -9.80
CA ASP F 226 -28.26 -63.31 -10.72
C ASP F 226 -28.33 -62.64 -12.10
N GLU F 227 -28.21 -61.31 -12.15
CA GLU F 227 -28.29 -60.62 -13.44
C GLU F 227 -27.03 -60.80 -14.28
N TYR F 228 -25.98 -61.40 -13.72
CA TYR F 228 -24.76 -61.67 -14.47
C TYR F 228 -24.80 -63.10 -15.01
N SER F 229 -24.37 -63.24 -16.26
CA SER F 229 -24.43 -64.54 -16.93
C SER F 229 -23.57 -65.56 -16.19
N GLY F 230 -24.18 -66.71 -15.88
CA GLY F 230 -23.47 -67.81 -15.28
C GLY F 230 -22.83 -68.76 -16.26
N LEU F 231 -22.87 -68.46 -17.56
CA LEU F 231 -22.31 -69.32 -18.59
C LEU F 231 -20.98 -68.83 -19.13
N ASP F 232 -20.81 -67.52 -19.31
CA ASP F 232 -19.62 -66.97 -19.93
C ASP F 232 -18.59 -66.46 -18.93
N GLY F 233 -18.76 -66.76 -17.65
CA GLY F 233 -17.83 -66.34 -16.63
C GLY F 233 -18.03 -64.93 -16.12
N SER F 234 -19.03 -64.20 -16.61
CA SER F 234 -19.29 -62.85 -16.13
C SER F 234 -19.59 -62.84 -14.64
N ARG F 235 -20.39 -63.81 -14.17
CA ARG F 235 -20.73 -63.86 -12.75
C ARG F 235 -19.51 -64.14 -11.90
N GLU F 236 -18.65 -65.05 -12.35
CA GLU F 236 -17.44 -65.38 -11.58
C GLU F 236 -16.48 -64.19 -11.50
N ARG F 237 -16.36 -63.43 -12.59
CA ARG F 237 -15.45 -62.28 -12.59
C ARG F 237 -16.02 -61.12 -11.82
N ARG F 238 -17.34 -60.90 -11.90
CA ARG F 238 -17.98 -59.88 -11.07
C ARG F 238 -17.86 -60.23 -9.59
N ASP F 239 -18.15 -61.48 -9.24
CA ASP F 239 -17.98 -61.93 -7.86
C ASP F 239 -16.51 -61.94 -7.46
N GLY F 240 -15.61 -62.21 -8.40
CA GLY F 240 -14.20 -62.24 -8.11
C GLY F 240 -13.63 -60.89 -7.71
N LEU F 241 -14.36 -59.81 -7.95
CA LEU F 241 -13.92 -58.49 -7.48
C LEU F 241 -13.88 -58.42 -5.97
N ARG F 242 -14.61 -59.29 -5.27
CA ARG F 242 -14.57 -59.31 -3.81
C ARG F 242 -13.20 -59.73 -3.31
N ALA F 243 -12.66 -60.83 -3.83
CA ALA F 243 -11.34 -61.28 -3.40
C ALA F 243 -10.24 -60.30 -3.80
N LEU F 244 -10.38 -59.65 -4.96
CA LEU F 244 -9.40 -58.65 -5.36
C LEU F 244 -9.39 -57.47 -4.39
N PHE F 245 -10.57 -57.05 -3.93
CA PHE F 245 -10.63 -55.94 -2.99
C PHE F 245 -10.07 -56.33 -1.62
N SER F 246 -10.27 -57.59 -1.20
CA SER F 246 -9.63 -58.06 0.03
C SER F 246 -8.12 -57.92 -0.07
N GLN F 247 -7.54 -58.40 -1.17
CA GLN F 247 -6.10 -58.24 -1.37
C GLN F 247 -5.70 -56.77 -1.34
N LEU F 248 -6.56 -55.89 -1.87
CA LEU F 248 -6.25 -54.48 -1.90
C LEU F 248 -6.27 -53.85 -0.51
N ILE F 249 -7.23 -54.25 0.35
CA ILE F 249 -7.25 -53.69 1.69
C ILE F 249 -6.05 -54.18 2.49
N PHE F 250 -5.55 -55.38 2.19
CA PHE F 250 -4.32 -55.86 2.84
C PHE F 250 -3.15 -54.96 2.48
N VAL F 251 -3.07 -54.56 1.21
CA VAL F 251 -2.02 -53.64 0.77
C VAL F 251 -2.00 -52.39 1.62
N HIS F 252 -3.16 -51.74 1.76
CA HIS F 252 -3.23 -50.49 2.50
C HIS F 252 -3.01 -50.72 4.00
N LEU F 253 -3.42 -51.87 4.51
CA LEU F 253 -3.16 -52.20 5.91
C LEU F 253 -1.65 -52.29 6.16
N TYR F 254 -0.92 -53.00 5.28
CA TYR F 254 0.52 -53.16 5.48
C TYR F 254 1.24 -51.82 5.39
N LEU F 255 0.87 -51.00 4.40
CA LEU F 255 1.51 -49.69 4.24
C LEU F 255 1.21 -48.79 5.42
N GLY F 256 -0.02 -48.84 5.94
CA GLY F 256 -0.35 -48.06 7.11
C GLY F 256 0.47 -48.47 8.32
N ILE F 257 0.60 -49.77 8.55
CA ILE F 257 1.43 -50.24 9.67
C ILE F 257 2.87 -49.78 9.50
N ALA F 258 3.40 -49.87 8.27
CA ALA F 258 4.78 -49.43 8.02
C ALA F 258 4.95 -47.94 8.31
N GLU F 259 3.93 -47.14 7.98
CA GLU F 259 4.00 -45.71 8.27
C GLU F 259 4.03 -45.45 9.77
N GLY F 260 3.23 -46.19 10.53
CA GLY F 260 3.24 -46.03 11.98
C GLY F 260 4.55 -46.47 12.61
N ALA F 261 5.13 -47.56 12.09
CA ALA F 261 6.41 -48.03 12.60
C ALA F 261 7.52 -47.01 12.34
N LEU F 262 7.59 -46.49 11.11
CA LEU F 262 8.59 -45.49 10.78
C LEU F 262 8.42 -44.25 11.65
N ALA F 263 7.19 -43.77 11.79
CA ALA F 263 6.94 -42.59 12.61
C ALA F 263 7.27 -42.84 14.07
N ALA F 264 6.93 -44.03 14.58
CA ALA F 264 7.24 -44.35 15.98
C ALA F 264 8.76 -44.43 16.19
N GLY F 265 9.48 -45.02 15.24
CA GLY F 265 10.93 -45.07 15.36
C GLY F 265 11.57 -43.69 15.30
N VAL F 266 11.11 -42.84 14.37
CA VAL F 266 11.59 -41.47 14.31
C VAL F 266 11.29 -40.75 15.62
N ALA F 267 10.08 -40.92 16.15
CA ALA F 267 9.70 -40.24 17.38
C ALA F 267 10.58 -40.69 18.55
N TYR F 268 10.91 -41.98 18.62
CA TYR F 268 11.75 -42.47 19.70
C TYR F 268 13.14 -41.85 19.63
N ILE F 269 13.74 -41.81 18.44
CA ILE F 269 15.09 -41.29 18.30
C ILE F 269 15.13 -39.81 18.70
N ARG F 270 14.11 -39.05 18.33
CA ARG F 270 14.10 -37.63 18.63
C ARG F 270 13.90 -37.37 20.12
N ASP F 271 13.14 -38.22 20.81
CA ASP F 271 12.84 -37.99 22.22
C ASP F 271 13.86 -38.68 23.14
N LYS F 272 14.20 -39.94 22.86
CA LYS F 272 15.01 -40.74 23.76
C LYS F 272 16.36 -41.15 23.19
N GLY F 273 16.59 -40.96 21.90
CA GLY F 273 17.82 -41.43 21.30
C GLY F 273 19.04 -40.69 21.81
N ARG F 274 20.16 -41.39 21.83
CA ARG F 274 21.44 -40.80 22.20
C ARG F 274 22.49 -41.21 21.19
N PRO F 275 23.50 -40.38 20.96
CA PRO F 275 24.48 -40.68 19.92
C PRO F 275 25.38 -41.84 20.32
N TRP F 276 25.86 -42.56 19.30
CA TRP F 276 26.84 -43.61 19.52
C TRP F 276 28.23 -42.99 19.72
N PRO F 277 29.01 -43.46 20.69
CA PRO F 277 30.30 -42.81 20.98
C PRO F 277 31.25 -42.77 19.80
N GLU F 278 31.19 -43.73 18.88
CA GLU F 278 32.05 -43.71 17.70
C GLU F 278 31.57 -42.73 16.63
N ALA F 279 30.38 -42.15 16.77
CA ALA F 279 29.85 -41.24 15.77
C ALA F 279 30.65 -39.94 15.75
N HIS F 280 30.56 -39.25 14.61
CA HIS F 280 31.24 -37.97 14.45
C HIS F 280 30.57 -36.87 15.25
N SER F 281 29.24 -36.91 15.33
CA SER F 281 28.47 -35.87 15.99
C SER F 281 27.88 -36.39 17.30
N THR F 282 27.81 -35.50 18.29
CA THR F 282 27.11 -35.80 19.54
C THR F 282 25.60 -35.61 19.43
N ASP F 283 25.09 -35.24 18.25
CA ASP F 283 23.66 -35.13 18.01
C ASP F 283 23.19 -36.43 17.37
N VAL F 284 22.26 -37.12 18.05
CA VAL F 284 21.80 -38.41 17.54
C VAL F 284 21.07 -38.24 16.22
N THR F 285 20.44 -37.09 15.98
CA THR F 285 19.71 -36.88 14.74
C THR F 285 20.61 -36.69 13.54
N GLU F 286 21.92 -36.56 13.74
CA GLU F 286 22.88 -36.38 12.64
C GLU F 286 23.66 -37.65 12.34
N ASP F 287 23.26 -38.79 12.90
CA ASP F 287 23.96 -40.05 12.63
C ASP F 287 23.78 -40.43 11.16
N PRO F 288 24.87 -40.67 10.42
CA PRO F 288 24.72 -40.91 8.98
C PRO F 288 24.01 -42.22 8.66
N TYR F 289 24.07 -43.22 9.53
CA TYR F 289 23.42 -44.49 9.27
C TYR F 289 21.94 -44.48 9.63
N HIS F 290 21.56 -43.79 10.71
CA HIS F 290 20.15 -43.59 10.99
C HIS F 290 19.47 -42.85 9.85
N GLN F 291 20.09 -41.77 9.38
CA GLN F 291 19.50 -40.96 8.31
C GLN F 291 19.35 -41.76 7.02
N GLN F 292 20.39 -42.53 6.67
CA GLN F 292 20.32 -43.32 5.44
C GLN F 292 19.25 -44.40 5.53
N LEU F 293 19.18 -45.09 6.68
CA LEU F 293 18.21 -46.18 6.83
C LEU F 293 16.77 -45.67 6.84
N LEU F 294 16.50 -44.64 7.64
CA LEU F 294 15.16 -44.07 7.68
C LEU F 294 14.76 -43.49 6.32
N GLY F 295 15.72 -42.94 5.58
CA GLY F 295 15.41 -42.39 4.27
C GLY F 295 15.09 -43.47 3.25
N ARG F 296 15.83 -44.58 3.29
CA ARG F 296 15.53 -45.69 2.40
C ARG F 296 14.15 -46.28 2.70
N LEU F 297 13.82 -46.42 3.99
CA LEU F 297 12.52 -46.96 4.37
C LEU F 297 11.40 -46.00 3.98
N SER F 298 11.59 -44.70 4.20
CA SER F 298 10.59 -43.71 3.79
C SER F 298 10.33 -43.79 2.29
N ALA F 299 11.39 -43.93 1.49
CA ALA F 299 11.20 -43.99 0.03
C ALA F 299 10.46 -45.25 -0.38
N GLY F 300 10.72 -46.36 0.30
CA GLY F 300 10.01 -47.59 -0.02
C GLY F 300 8.53 -47.52 0.28
N ILE F 301 8.17 -46.88 1.39
CA ILE F 301 6.75 -46.70 1.70
C ILE F 301 6.07 -45.82 0.66
N ALA F 302 6.73 -44.73 0.26
CA ALA F 302 6.13 -43.81 -0.69
C ALA F 302 5.86 -44.51 -2.03
N ALA F 303 6.76 -45.39 -2.46
CA ALA F 303 6.53 -46.11 -3.70
C ALA F 303 5.37 -47.10 -3.57
N GLY F 304 5.25 -47.75 -2.41
CA GLY F 304 4.13 -48.64 -2.20
C GLY F 304 2.80 -47.91 -2.11
N VAL F 305 2.80 -46.76 -1.47
CA VAL F 305 1.57 -45.95 -1.38
C VAL F 305 1.12 -45.53 -2.78
N ALA F 306 2.05 -45.05 -3.60
CA ALA F 306 1.69 -44.57 -4.93
C ALA F 306 1.10 -45.69 -5.78
N LEU F 307 1.67 -46.89 -5.69
CA LEU F 307 1.12 -48.02 -6.43
C LEU F 307 -0.22 -48.45 -5.85
N ALA F 308 -0.35 -48.44 -4.53
CA ALA F 308 -1.59 -48.88 -3.88
C ALA F 308 -2.76 -47.97 -4.24
N ASP F 309 -2.56 -46.66 -4.16
CA ASP F 309 -3.64 -45.73 -4.50
C ASP F 309 -4.01 -45.85 -5.97
N SER F 310 -3.02 -46.07 -6.83
CA SER F 310 -3.31 -46.30 -8.25
C SER F 310 -4.09 -47.58 -8.46
N ALA F 311 -3.73 -48.64 -7.73
CA ALA F 311 -4.45 -49.90 -7.86
C ALA F 311 -5.90 -49.77 -7.38
N THR F 312 -6.14 -48.94 -6.36
CA THR F 312 -7.50 -48.77 -5.85
C THR F 312 -8.36 -47.99 -6.82
N LYS F 313 -7.79 -46.97 -7.46
CA LYS F 313 -8.51 -46.26 -8.51
C LYS F 313 -8.88 -47.20 -9.65
N GLU F 314 -7.98 -48.12 -10.00
CA GLU F 314 -8.29 -49.08 -11.05
C GLU F 314 -9.39 -50.03 -10.62
N PHE F 315 -9.41 -50.42 -9.33
CA PHE F 315 -10.50 -51.26 -8.85
C PHE F 315 -11.83 -50.55 -8.93
N GLU F 316 -11.87 -49.28 -8.54
CA GLU F 316 -13.11 -48.50 -8.62
C GLU F 316 -13.65 -48.48 -10.04
N GLN F 317 -12.76 -48.30 -11.03
CA GLN F 317 -13.19 -48.27 -12.42
C GLN F 317 -13.80 -49.61 -12.83
N ALA F 318 -13.14 -50.72 -12.44
CA ALA F 318 -13.67 -52.04 -12.74
C ALA F 318 -15.02 -52.26 -12.09
N LEU F 319 -15.18 -51.81 -10.85
CA LEU F 319 -16.46 -51.98 -10.15
C LEU F 319 -17.57 -51.18 -10.81
N ALA F 320 -17.23 -50.01 -11.37
CA ALA F 320 -18.22 -49.15 -12.00
C ALA F 320 -18.47 -49.48 -13.47
N PHE F 321 -17.86 -50.54 -14.00
CA PHE F 321 -18.14 -50.95 -15.37
C PHE F 321 -19.62 -51.29 -15.53
N GLY F 322 -20.18 -50.93 -16.68
CA GLY F 322 -21.56 -51.30 -16.98
C GLY F 322 -21.76 -52.81 -17.07
N GLU F 323 -20.71 -53.56 -17.35
CA GLU F 323 -20.74 -55.01 -17.40
C GLU F 323 -19.73 -55.57 -16.40
N ALA F 324 -19.64 -56.89 -16.35
CA ALA F 324 -18.56 -57.51 -15.61
C ALA F 324 -17.26 -57.35 -16.40
N PRO F 325 -16.13 -57.24 -15.71
CA PRO F 325 -14.85 -57.14 -16.43
C PRO F 325 -14.60 -58.39 -17.26
N THR F 326 -14.02 -58.19 -18.44
CA THR F 326 -13.63 -59.32 -19.28
C THR F 326 -12.49 -60.09 -18.62
N GLU F 327 -12.11 -61.21 -19.26
CA GLU F 327 -10.98 -61.99 -18.76
C GLU F 327 -9.72 -61.14 -18.69
N ALA F 328 -9.47 -60.31 -19.71
CA ALA F 328 -8.26 -59.51 -19.75
C ALA F 328 -8.32 -58.33 -18.79
N GLN F 329 -9.50 -57.71 -18.65
CA GLN F 329 -9.64 -56.60 -17.71
C GLN F 329 -9.55 -57.10 -16.27
N TRP F 330 -10.19 -58.24 -15.98
CA TRP F 330 -10.07 -58.82 -14.64
C TRP F 330 -8.62 -59.22 -14.36
N GLY F 331 -7.96 -59.85 -15.33
CA GLY F 331 -6.60 -60.29 -15.12
C GLY F 331 -5.62 -59.14 -14.94
N ALA F 332 -5.78 -58.09 -15.74
CA ALA F 332 -4.92 -56.92 -15.59
C ALA F 332 -5.10 -56.27 -14.23
N LEU F 333 -6.34 -56.21 -13.74
CA LEU F 333 -6.58 -55.68 -12.40
C LEU F 333 -5.96 -56.57 -11.33
N ALA F 334 -6.08 -57.89 -11.50
CA ALA F 334 -5.49 -58.82 -10.54
C ALA F 334 -3.97 -58.75 -10.54
N ILE F 335 -3.35 -58.53 -11.70
CA ILE F 335 -1.89 -58.38 -11.75
C ILE F 335 -1.46 -57.14 -10.97
N ARG F 336 -2.17 -56.02 -11.17
CA ARG F 336 -1.80 -54.78 -10.51
C ARG F 336 -1.96 -54.89 -9.01
N VAL F 337 -2.99 -55.62 -8.56
CA VAL F 337 -3.16 -55.87 -7.14
C VAL F 337 -2.08 -56.81 -6.62
N ASP F 338 -1.72 -57.84 -7.39
CA ASP F 338 -0.58 -58.68 -7.01
C ASP F 338 0.68 -57.84 -6.84
N GLN F 339 0.93 -56.91 -7.77
CA GLN F 339 2.12 -56.07 -7.68
C GLN F 339 2.08 -55.23 -6.41
N ALA F 340 0.95 -54.58 -6.15
CA ALA F 340 0.81 -53.79 -4.92
C ALA F 340 0.95 -54.68 -3.68
N LYS F 341 0.42 -55.90 -3.73
CA LYS F 341 0.54 -56.82 -2.60
C LYS F 341 2.00 -57.20 -2.36
N SER F 342 2.76 -57.48 -3.42
CA SER F 342 4.15 -57.87 -3.25
C SER F 342 4.98 -56.73 -2.67
N VAL F 343 4.78 -55.51 -3.19
CA VAL F 343 5.55 -54.36 -2.72
C VAL F 343 5.17 -53.99 -1.29
N ALA F 344 3.87 -53.99 -0.98
CA ALA F 344 3.44 -53.62 0.37
C ALA F 344 3.91 -54.63 1.41
N THR F 345 3.91 -55.91 1.06
CA THR F 345 4.40 -56.92 2.00
C THR F 345 5.88 -56.71 2.29
N GLU F 346 6.68 -56.50 1.24
CA GLU F 346 8.13 -56.39 1.42
C GLU F 346 8.49 -55.17 2.25
N ILE F 347 7.91 -54.01 1.93
CA ILE F 347 8.31 -52.78 2.61
C ILE F 347 7.84 -52.77 4.06
N SER F 348 6.64 -53.29 4.32
CA SER F 348 6.14 -53.31 5.70
C SER F 348 6.99 -54.22 6.58
N LEU F 349 7.34 -55.40 6.07
CA LEU F 349 8.24 -56.29 6.80
C LEU F 349 9.63 -55.67 6.95
N ASP F 350 10.12 -55.01 5.90
CA ASP F 350 11.39 -54.31 5.95
C ASP F 350 11.37 -53.24 7.05
N VAL F 351 10.33 -52.40 7.06
CA VAL F 351 10.29 -51.27 7.99
C VAL F 351 10.18 -51.76 9.43
N THR F 352 9.19 -52.62 9.71
CA THR F 352 8.92 -53.00 11.09
C THR F 352 10.05 -53.82 11.71
N HIS F 353 10.84 -54.50 10.88
CA HIS F 353 11.95 -55.33 11.32
C HIS F 353 13.21 -54.49 11.54
N ASN F 354 13.55 -53.62 10.61
CA ASN F 354 14.82 -52.90 10.62
C ASN F 354 14.78 -51.59 11.38
N ILE F 355 13.61 -51.14 11.82
CA ILE F 355 13.51 -49.89 12.57
C ILE F 355 14.34 -49.93 13.85
N TYR F 356 14.51 -51.13 14.44
CA TYR F 356 15.24 -51.24 15.69
C TYR F 356 16.73 -50.94 15.52
N GLN F 357 17.28 -51.13 14.31
CA GLN F 357 18.68 -50.81 14.09
C GLN F 357 18.98 -49.34 14.35
N ALA F 358 18.00 -48.47 14.11
CA ALA F 358 18.17 -47.05 14.39
C ALA F 358 17.75 -46.65 15.80
N THR F 359 16.80 -47.38 16.41
CA THR F 359 16.26 -46.95 17.70
C THR F 359 17.15 -47.39 18.87
N GLY F 360 17.76 -48.57 18.78
CA GLY F 360 18.77 -48.95 19.74
C GLY F 360 18.28 -49.90 20.83
N ALA F 361 19.14 -50.07 21.84
CA ALA F 361 18.95 -51.13 22.82
C ALA F 361 17.86 -50.79 23.84
N ARG F 362 17.82 -49.54 24.31
CA ARG F 362 16.80 -49.15 25.28
C ARG F 362 15.40 -49.15 24.69
N SER F 363 15.27 -49.07 23.36
CA SER F 363 13.95 -49.11 22.73
C SER F 363 13.31 -50.48 22.75
N THR F 364 14.05 -51.53 23.11
CA THR F 364 13.48 -52.88 23.16
C THR F 364 12.68 -53.15 24.44
N ALA F 365 12.59 -52.18 25.34
CA ALA F 365 11.74 -52.35 26.52
C ALA F 365 10.27 -52.35 26.10
N ASN F 366 9.48 -53.22 26.73
CA ASN F 366 8.06 -53.31 26.42
C ASN F 366 7.30 -52.04 26.76
N SER F 367 7.87 -51.17 27.61
CA SER F 367 7.26 -49.87 27.84
C SER F 367 7.32 -49.00 26.59
N VAL F 368 8.29 -49.26 25.71
CA VAL F 368 8.34 -48.57 24.42
C VAL F 368 7.43 -49.24 23.42
N GLY F 369 7.51 -50.57 23.32
CA GLY F 369 6.58 -51.36 22.53
C GLY F 369 6.65 -51.14 21.03
N LEU F 370 7.85 -50.90 20.48
CA LEU F 370 7.99 -50.71 19.04
C LEU F 370 7.72 -51.98 18.24
N ASP F 371 7.64 -53.14 18.89
CA ASP F 371 7.46 -54.40 18.19
C ASP F 371 6.02 -54.66 17.76
N ILE F 372 5.06 -53.90 18.30
CA ILE F 372 3.66 -54.12 17.94
C ILE F 372 3.46 -53.99 16.43
N TYR F 373 4.21 -53.11 15.78
CA TYR F 373 4.10 -52.97 14.33
C TYR F 373 4.60 -54.21 13.61
N TRP F 374 5.74 -54.75 14.04
CA TRP F 374 6.25 -55.98 13.45
C TRP F 374 5.28 -57.14 13.70
N ARG F 375 4.81 -57.29 14.95
CA ARG F 375 3.89 -58.36 15.26
C ARG F 375 2.65 -58.27 14.38
N ASN F 376 2.16 -57.06 14.13
CA ASN F 376 0.95 -56.89 13.33
C ASN F 376 1.23 -57.19 11.86
N ALA F 377 2.28 -56.60 11.30
CA ALA F 377 2.61 -56.85 9.90
C ALA F 377 3.08 -58.28 9.67
N ARG F 378 3.91 -58.80 10.58
CA ARG F 378 4.42 -60.16 10.38
C ARG F 378 3.29 -61.18 10.44
N THR F 379 2.26 -60.91 11.23
CA THR F 379 1.11 -61.81 11.30
C THR F 379 0.31 -61.78 10.01
N HIS F 380 -0.16 -60.60 9.60
CA HIS F 380 -1.12 -60.56 8.50
C HIS F 380 -0.48 -60.91 7.16
N THR F 381 0.81 -60.60 6.98
CA THR F 381 1.48 -60.93 5.71
C THR F 381 1.55 -62.43 5.44
N THR F 382 1.21 -63.27 6.42
CA THR F 382 1.13 -64.71 6.22
C THR F 382 -0.27 -65.17 5.83
N HIS F 383 -1.23 -64.24 5.70
CA HIS F 383 -2.59 -64.59 5.29
C HIS F 383 -2.58 -65.49 4.07
N ASP F 384 -1.91 -65.06 3.00
CA ASP F 384 -1.61 -65.92 1.88
C ASP F 384 -0.15 -65.73 1.50
N PRO F 385 0.51 -66.78 1.00
CA PRO F 385 1.97 -66.73 0.87
C PRO F 385 2.42 -65.78 -0.23
N LEU F 386 3.34 -64.87 0.14
CA LEU F 386 3.93 -63.92 -0.80
C LEU F 386 4.47 -64.55 -2.08
N PRO F 387 5.28 -65.61 -2.05
CA PRO F 387 5.87 -66.10 -3.32
C PRO F 387 4.84 -66.53 -4.35
N TYR F 388 3.64 -66.95 -3.94
CA TYR F 388 2.63 -67.33 -4.92
C TYR F 388 1.96 -66.13 -5.56
N ARG F 389 1.90 -64.98 -4.87
CA ARG F 389 1.38 -63.77 -5.51
C ARG F 389 2.41 -63.20 -6.48
N GLN F 390 3.69 -63.31 -6.14
CA GLN F 390 4.74 -62.94 -7.09
C GLN F 390 4.81 -63.91 -8.25
N ARG F 391 4.63 -65.21 -7.97
CA ARG F 391 4.64 -66.22 -9.02
C ARG F 391 3.56 -65.93 -10.06
N GLU F 392 2.39 -65.46 -9.62
CA GLU F 392 1.30 -65.20 -10.55
C GLU F 392 1.67 -64.11 -11.54
N ILE F 393 2.41 -63.09 -11.10
CA ILE F 393 2.86 -62.03 -12.00
C ILE F 393 3.83 -62.59 -13.04
N GLY F 394 4.88 -63.26 -12.57
CA GLY F 394 5.83 -63.86 -13.50
C GLY F 394 5.21 -64.90 -14.40
N ARG F 395 4.22 -65.63 -13.89
CA ARG F 395 3.54 -66.62 -14.71
C ARG F 395 2.84 -65.97 -15.89
N HIS F 396 2.15 -64.85 -15.65
CA HIS F 396 1.50 -64.14 -16.74
C HIS F 396 2.51 -63.63 -17.75
N LEU F 397 3.66 -63.16 -17.28
CA LEU F 397 4.69 -62.66 -18.19
C LEU F 397 5.24 -63.77 -19.08
N LEU F 398 5.41 -64.98 -18.53
CA LEU F 398 6.05 -66.06 -19.26
C LEU F 398 5.08 -66.90 -20.09
N THR F 399 3.81 -66.96 -19.71
CA THR F 399 2.84 -67.83 -20.36
C THR F 399 1.62 -67.13 -20.92
N ASP F 400 1.46 -65.82 -20.68
CA ASP F 400 0.32 -65.03 -21.10
C ASP F 400 -0.97 -65.38 -20.37
N GLN F 401 -0.91 -66.24 -19.36
CA GLN F 401 -2.10 -66.67 -18.64
C GLN F 401 -2.48 -65.60 -17.62
N TRP F 402 -3.63 -64.95 -17.83
CA TRP F 402 -4.13 -63.99 -16.86
C TRP F 402 -4.57 -64.70 -15.59
N PRO F 403 -4.45 -64.04 -14.43
CA PRO F 403 -5.12 -64.56 -13.24
C PRO F 403 -6.62 -64.63 -13.47
N SER F 404 -7.23 -65.68 -12.95
CA SER F 404 -8.66 -65.93 -13.10
C SER F 404 -9.28 -66.08 -11.72
N PRO F 405 -10.58 -65.84 -11.60
CA PRO F 405 -11.28 -66.18 -10.35
C PRO F 405 -11.15 -67.66 -10.05
N ARG F 406 -10.45 -67.99 -8.96
CA ARG F 406 -10.18 -69.36 -8.60
C ARG F 406 -11.41 -70.06 -8.04
N ALA G 12 2.99 -23.07 -21.00
CA ALA G 12 4.15 -23.96 -21.09
C ALA G 12 3.85 -25.31 -20.46
N TYR G 13 4.12 -26.38 -21.21
CA TYR G 13 3.92 -27.75 -20.75
C TYR G 13 2.47 -28.01 -20.35
N GLN G 14 1.54 -27.60 -21.22
CA GLN G 14 0.12 -27.77 -20.92
C GLN G 14 -0.30 -29.25 -20.99
N GLY G 15 0.23 -29.99 -21.94
CA GLY G 15 -0.15 -31.37 -22.11
C GLY G 15 -1.11 -31.57 -23.27
N VAL G 16 -1.02 -32.73 -23.90
CA VAL G 16 -1.94 -33.12 -24.93
C VAL G 16 -3.08 -33.93 -24.31
N SER G 17 -4.14 -34.13 -25.06
CA SER G 17 -5.27 -34.90 -24.56
C SER G 17 -4.88 -36.37 -24.37
N ASP G 18 -5.73 -37.09 -23.63
CA ASP G 18 -5.47 -38.51 -23.35
C ASP G 18 -5.49 -39.33 -24.63
N THR G 19 -6.46 -39.08 -25.51
CA THR G 19 -6.51 -39.82 -26.78
C THR G 19 -5.31 -39.46 -27.65
N GLU G 20 -4.89 -38.20 -27.63
CA GLU G 20 -3.74 -37.80 -28.42
C GLU G 20 -2.44 -38.35 -27.85
N PHE G 21 -2.35 -38.54 -26.54
CA PHE G 21 -1.14 -39.10 -25.96
C PHE G 21 -0.98 -40.57 -26.30
N SER G 22 -2.10 -41.31 -26.40
CA SER G 22 -2.04 -42.70 -26.85
C SER G 22 -1.37 -42.81 -28.21
N GLU G 23 -1.61 -41.84 -29.09
CA GLU G 23 -0.96 -41.86 -30.40
C GLU G 23 0.53 -41.60 -30.28
N TRP G 24 0.92 -40.68 -29.39
CA TRP G 24 2.35 -40.44 -29.16
C TRP G 24 3.03 -41.63 -28.50
N GLU G 25 2.33 -42.35 -27.63
CA GLU G 25 2.87 -43.59 -27.10
C GLU G 25 3.06 -44.61 -28.20
N GLN G 26 2.14 -44.66 -29.17
CA GLN G 26 2.30 -45.54 -30.31
C GLN G 26 3.52 -45.14 -31.13
N VAL G 27 3.73 -43.84 -31.32
CA VAL G 27 4.92 -43.36 -32.03
C VAL G 27 6.18 -43.80 -31.31
N ALA G 28 6.24 -43.56 -29.99
CA ALA G 28 7.42 -43.92 -29.22
C ALA G 28 7.69 -45.42 -29.25
N ALA G 29 6.63 -46.23 -29.27
CA ALA G 29 6.80 -47.67 -29.38
C ALA G 29 7.39 -48.06 -30.74
N ARG G 30 6.99 -47.36 -31.79
CA ARG G 30 7.55 -47.62 -33.12
C ARG G 30 9.03 -47.28 -33.15
N VAL G 31 9.41 -46.14 -32.56
CA VAL G 31 10.82 -45.78 -32.47
C VAL G 31 11.57 -46.76 -31.58
N ALA G 32 10.94 -47.20 -30.48
CA ALA G 32 11.62 -48.12 -29.56
C ALA G 32 11.96 -49.43 -30.26
N GLY G 33 11.03 -49.97 -31.04
CA GLY G 33 11.29 -51.24 -31.70
C GLY G 33 12.46 -51.18 -32.66
N GLU G 34 12.59 -50.07 -33.40
CA GLU G 34 13.70 -49.92 -34.32
C GLU G 34 15.02 -49.75 -33.57
N LEU G 35 15.01 -48.96 -32.49
CA LEU G 35 16.22 -48.77 -31.70
C LEU G 35 16.65 -50.07 -31.03
N SER G 36 15.69 -50.84 -30.51
CA SER G 36 16.02 -52.06 -29.80
C SER G 36 16.71 -53.07 -30.71
N ALA G 37 16.29 -53.14 -31.97
CA ALA G 37 16.83 -54.13 -32.89
C ALA G 37 18.28 -53.87 -33.26
N THR G 38 18.76 -52.63 -33.13
CA THR G 38 20.14 -52.28 -33.43
C THR G 38 20.92 -51.82 -32.20
N ALA G 39 20.34 -51.94 -31.00
CA ALA G 39 20.99 -51.41 -29.81
C ALA G 39 22.36 -52.05 -29.58
N LEU G 40 22.46 -53.38 -29.72
CA LEU G 40 23.72 -54.07 -29.48
C LEU G 40 24.78 -53.64 -30.49
N THR G 41 24.43 -53.69 -31.78
CA THR G 41 25.38 -53.34 -32.83
C THR G 41 25.91 -51.93 -32.65
N ARG G 42 25.01 -50.96 -32.47
CA ARG G 42 25.44 -49.58 -32.29
C ARG G 42 26.23 -49.38 -31.01
N ASP G 43 25.91 -50.15 -29.95
CA ASP G 43 26.61 -50.00 -28.69
C ASP G 43 28.09 -50.34 -28.83
N ARG G 44 28.40 -51.44 -29.51
CA ARG G 44 29.79 -51.83 -29.70
C ARG G 44 30.52 -50.87 -30.63
N ALA G 45 29.83 -50.30 -31.62
CA ALA G 45 30.49 -49.40 -32.56
C ALA G 45 30.93 -48.10 -31.89
N ASN G 46 30.20 -47.64 -30.88
CA ASN G 46 30.58 -46.48 -30.07
C ASN G 46 30.59 -45.17 -30.86
N GLN G 47 29.77 -45.06 -31.90
CA GLN G 47 29.73 -43.88 -32.73
C GLN G 47 28.72 -42.88 -32.18
N ASN G 48 28.96 -41.59 -32.45
CA ASN G 48 28.02 -40.57 -32.04
C ASN G 48 26.65 -40.84 -32.65
N PRO G 49 25.57 -40.67 -31.89
CA PRO G 49 24.24 -41.11 -32.31
C PRO G 49 23.50 -40.13 -33.21
N ILE G 50 24.16 -39.73 -34.30
CA ILE G 50 23.56 -38.77 -35.23
C ILE G 50 22.27 -39.34 -35.83
N ALA G 51 22.35 -40.54 -36.41
CA ALA G 51 21.18 -41.15 -37.02
C ALA G 51 20.04 -41.37 -36.02
N GLU G 52 20.38 -41.68 -34.77
CA GLU G 52 19.34 -41.89 -33.76
C GLU G 52 18.66 -40.58 -33.38
N ILE G 53 19.43 -39.50 -33.26
CA ILE G 53 18.85 -38.18 -33.04
C ILE G 53 17.93 -37.81 -34.21
N GLU G 54 18.37 -38.09 -35.44
CA GLU G 54 17.52 -37.81 -36.59
C GLU G 54 16.27 -38.70 -36.58
N LEU G 55 16.37 -39.91 -36.03
CA LEU G 55 15.19 -40.76 -35.88
C LEU G 55 14.20 -40.13 -34.92
N LEU G 56 14.68 -39.65 -33.77
CA LEU G 56 13.81 -38.95 -32.82
C LEU G 56 13.22 -37.70 -33.44
N ARG G 57 14.01 -37.02 -34.28
CA ARG G 57 13.52 -35.80 -34.93
C ARG G 57 12.38 -36.10 -35.89
N ARG G 58 12.55 -37.11 -36.75
CA ARG G 58 11.55 -37.38 -37.78
C ARG G 58 10.20 -37.75 -37.16
N TYR G 59 10.21 -38.48 -36.05
CA TYR G 59 8.97 -38.91 -35.42
C TYR G 59 8.38 -37.87 -34.47
N GLY G 60 8.92 -36.66 -34.44
CA GLY G 60 8.37 -35.60 -33.61
C GLY G 60 8.62 -35.72 -32.13
N LEU G 61 9.58 -36.54 -31.71
CA LEU G 61 9.84 -36.68 -30.28
C LEU G 61 10.66 -35.53 -29.72
N LEU G 62 11.50 -34.89 -30.53
CA LEU G 62 12.32 -33.80 -30.02
C LEU G 62 11.49 -32.54 -29.73
N SER G 63 10.38 -32.37 -30.44
CA SER G 63 9.53 -31.20 -30.28
C SER G 63 8.28 -31.49 -29.45
N PHE G 64 8.16 -32.70 -28.90
CA PHE G 64 6.94 -33.09 -28.20
C PHE G 64 6.66 -32.18 -27.01
N ALA G 65 7.70 -31.75 -26.31
CA ALA G 65 7.54 -30.96 -25.09
C ALA G 65 7.54 -29.46 -25.33
N THR G 66 7.40 -29.02 -26.58
CA THR G 66 7.33 -27.61 -26.91
C THR G 66 5.90 -27.23 -27.26
N ALA G 67 5.53 -25.99 -26.93
CA ALA G 67 4.16 -25.54 -27.12
C ALA G 67 3.75 -25.61 -28.59
N ARG G 68 2.44 -25.79 -28.81
CA ARG G 68 1.93 -26.00 -30.16
C ARG G 68 2.12 -24.78 -31.05
N GLU G 69 2.10 -23.58 -30.48
CA GLU G 69 2.31 -22.37 -31.27
C GLU G 69 3.65 -22.35 -31.97
N PHE G 70 4.64 -23.08 -31.45
CA PHE G 70 5.97 -23.13 -32.04
C PHE G 70 6.19 -24.35 -32.92
N GLY G 71 5.17 -25.18 -33.12
CA GLY G 71 5.28 -26.37 -33.92
C GLY G 71 5.41 -27.66 -33.13
N GLY G 72 5.51 -27.57 -31.80
CA GLY G 72 5.61 -28.75 -30.98
C GLY G 72 4.24 -29.34 -30.68
N ALA G 73 4.27 -30.46 -29.96
CA ALA G 73 3.02 -31.14 -29.62
C ALA G 73 2.30 -30.50 -28.43
N GLY G 74 3.00 -29.71 -27.62
CA GLY G 74 2.41 -29.16 -26.43
C GLY G 74 2.24 -30.15 -25.30
N GLY G 75 3.07 -31.20 -25.27
CA GLY G 75 2.96 -32.19 -24.22
C GLY G 75 3.45 -31.67 -22.88
N SER G 76 3.00 -32.35 -21.82
CA SER G 76 3.45 -32.03 -20.47
C SER G 76 4.75 -32.75 -20.16
N LEU G 77 5.39 -32.34 -19.06
CA LEU G 77 6.58 -33.03 -18.61
C LEU G 77 6.29 -34.45 -18.14
N VAL G 78 5.11 -34.67 -17.53
CA VAL G 78 4.68 -36.03 -17.20
C VAL G 78 4.63 -36.89 -18.46
N GLN G 79 4.01 -36.36 -19.51
CA GLN G 79 3.90 -37.11 -20.76
C GLN G 79 5.26 -37.27 -21.43
N ALA G 80 6.09 -36.22 -21.39
CA ALA G 80 7.40 -36.28 -22.03
C ALA G 80 8.27 -37.37 -21.39
N LEU G 81 8.31 -37.42 -20.06
CA LEU G 81 9.15 -38.42 -19.40
C LEU G 81 8.59 -39.82 -19.57
N GLN G 82 7.27 -39.96 -19.71
CA GLN G 82 6.68 -41.26 -20.03
C GLN G 82 7.13 -41.75 -21.40
N LEU G 83 7.17 -40.85 -22.39
CA LEU G 83 7.76 -41.21 -23.68
C LEU G 83 9.24 -41.52 -23.54
N GLY G 84 9.94 -40.80 -22.66
CA GLY G 84 11.34 -41.09 -22.42
C GLY G 84 11.57 -42.50 -21.92
N ARG G 85 10.66 -43.02 -21.08
CA ARG G 85 10.82 -44.37 -20.56
C ARG G 85 10.69 -45.40 -21.66
N ILE G 86 9.77 -45.17 -22.60
CA ILE G 86 9.58 -46.07 -23.72
C ILE G 86 10.85 -46.14 -24.57
N ILE G 87 11.47 -44.98 -24.82
CA ILE G 87 12.74 -44.96 -25.53
C ILE G 87 13.84 -45.60 -24.70
N ALA G 88 13.91 -45.25 -23.40
CA ALA G 88 14.97 -45.78 -22.56
C ALA G 88 14.90 -47.30 -22.42
N ALA G 89 13.70 -47.88 -22.49
CA ALA G 89 13.60 -49.33 -22.41
C ALA G 89 14.26 -50.01 -23.60
N ALA G 90 14.21 -49.38 -24.77
CA ALA G 90 14.81 -49.97 -25.96
C ALA G 90 16.32 -49.71 -26.02
N ASP G 91 16.75 -48.51 -25.65
CA ASP G 91 18.14 -48.13 -25.75
C ASP G 91 18.41 -47.11 -24.64
N GLY G 92 19.19 -47.51 -23.64
CA GLY G 92 19.47 -46.62 -22.53
C GLY G 92 20.21 -45.35 -22.93
N SER G 93 21.11 -45.46 -23.90
CA SER G 93 21.86 -44.29 -24.36
C SER G 93 20.94 -43.29 -25.06
N ILE G 94 20.14 -43.76 -26.00
CA ILE G 94 19.23 -42.85 -26.70
C ILE G 94 18.15 -42.34 -25.76
N GLY G 95 17.73 -43.16 -24.79
CA GLY G 95 16.77 -42.70 -23.82
C GLY G 95 17.29 -41.56 -22.96
N GLN G 96 18.55 -41.66 -22.53
CA GLN G 96 19.17 -40.57 -21.76
C GLN G 96 19.25 -39.29 -22.59
N LEU G 97 19.59 -39.42 -23.88
CA LEU G 97 19.69 -38.24 -24.73
C LEU G 97 18.35 -37.54 -24.84
N LEU G 98 17.27 -38.29 -25.04
CA LEU G 98 15.95 -37.68 -25.18
C LEU G 98 15.54 -36.96 -23.90
N VAL G 99 15.71 -37.61 -22.75
CA VAL G 99 15.30 -36.96 -21.50
C VAL G 99 16.22 -35.81 -21.14
N TYR G 100 17.51 -35.91 -21.47
CA TYR G 100 18.41 -34.77 -21.28
C TYR G 100 18.01 -33.60 -22.18
N HIS G 101 17.56 -33.91 -23.40
CA HIS G 101 17.07 -32.86 -24.29
C HIS G 101 15.84 -32.17 -23.68
N TYR G 102 14.89 -32.94 -23.16
CA TYR G 102 13.74 -32.37 -22.49
C TYR G 102 14.16 -31.54 -21.28
N SER G 103 15.09 -32.07 -20.47
CA SER G 103 15.55 -31.36 -19.30
C SER G 103 16.29 -30.09 -19.69
N ASN G 104 17.09 -30.15 -20.75
CA ASN G 104 17.75 -28.94 -21.24
C ASN G 104 16.74 -27.89 -21.67
N GLY G 105 15.58 -28.31 -22.17
CA GLY G 105 14.53 -27.35 -22.48
C GLY G 105 13.89 -26.77 -21.24
N VAL G 106 13.72 -27.60 -20.20
CA VAL G 106 13.24 -27.10 -18.91
C VAL G 106 14.24 -26.11 -18.32
N TRP G 107 15.54 -26.39 -18.49
CA TRP G 107 16.57 -25.50 -17.95
C TRP G 107 16.51 -24.13 -18.62
N THR G 108 16.50 -24.10 -19.96
CA THR G 108 16.47 -22.81 -20.64
C THR G 108 15.15 -22.09 -20.46
N TYR G 109 14.06 -22.83 -20.20
CA TYR G 109 12.80 -22.18 -19.85
C TYR G 109 12.93 -21.44 -18.53
N ILE G 110 13.54 -22.08 -17.52
CA ILE G 110 13.74 -21.44 -16.22
C ILE G 110 14.72 -20.27 -16.34
N LEU G 111 15.81 -20.47 -17.10
CA LEU G 111 16.88 -19.49 -17.17
C LEU G 111 16.64 -18.39 -18.20
N GLY G 112 15.77 -18.61 -19.18
CA GLY G 112 15.63 -17.68 -20.28
C GLY G 112 14.64 -16.56 -20.01
N SER G 113 14.93 -15.40 -20.60
CA SER G 113 13.98 -14.30 -20.61
C SER G 113 12.83 -14.64 -21.55
N PRO G 114 11.74 -13.88 -21.51
CA PRO G 114 10.67 -14.11 -22.50
C PRO G 114 11.17 -14.14 -23.94
N THR G 115 12.06 -13.21 -24.30
CA THR G 115 12.62 -13.21 -25.65
C THR G 115 13.47 -14.44 -25.90
N GLN G 116 14.29 -14.83 -24.93
CA GLN G 116 15.16 -15.99 -25.12
C GLN G 116 14.36 -17.29 -25.19
N ARG G 117 13.29 -17.39 -24.39
CA ARG G 117 12.43 -18.57 -24.44
C ARG G 117 11.82 -18.75 -25.83
N GLU G 118 11.38 -17.65 -26.44
CA GLU G 118 10.75 -17.73 -27.76
C GLU G 118 11.74 -18.18 -28.82
N TYR G 119 12.94 -17.60 -28.82
CA TYR G 119 13.97 -18.01 -29.77
C TYR G 119 14.26 -19.50 -29.66
N ILE G 120 14.36 -20.02 -28.44
CA ILE G 120 14.67 -21.43 -28.26
C ILE G 120 13.49 -22.29 -28.68
N SER G 121 12.27 -21.93 -28.24
CA SER G 121 11.11 -22.73 -28.55
C SER G 121 10.83 -22.78 -30.06
N ARG G 122 11.09 -21.66 -30.76
CA ARG G 122 10.92 -21.66 -32.21
C ARG G 122 11.87 -22.63 -32.88
N GLY G 123 13.13 -22.64 -32.47
CA GLY G 123 14.09 -23.57 -33.04
C GLY G 123 13.81 -25.00 -32.65
N VAL G 124 13.52 -25.25 -31.37
CA VAL G 124 13.22 -26.61 -30.92
C VAL G 124 11.90 -27.09 -31.50
N GLY G 125 10.90 -26.21 -31.53
CA GLY G 125 9.58 -26.60 -31.97
C GLY G 125 9.44 -26.81 -33.47
N GLY G 126 10.04 -25.93 -34.26
CA GLY G 126 9.82 -25.97 -35.70
C GLY G 126 11.05 -26.20 -36.56
N HIS G 127 12.24 -26.27 -35.94
CA HIS G 127 13.47 -26.43 -36.70
C HIS G 127 14.31 -27.63 -36.24
N GLY G 128 13.77 -28.50 -35.40
CA GLY G 128 14.45 -29.73 -35.06
C GLY G 128 15.69 -29.60 -34.20
N TRP G 129 15.83 -28.51 -33.45
CA TRP G 129 17.02 -28.33 -32.62
C TRP G 129 17.08 -29.37 -31.53
N PHE G 130 18.26 -29.94 -31.32
CA PHE G 130 18.55 -30.79 -30.17
C PHE G 130 19.38 -29.99 -29.18
N GLN G 131 18.96 -29.98 -27.93
CA GLN G 131 19.61 -29.19 -26.89
C GLN G 131 20.55 -30.05 -26.07
N GLY G 132 21.79 -29.57 -25.93
CA GLY G 132 22.73 -30.14 -24.98
C GLY G 132 23.27 -29.03 -24.09
N SER G 133 23.94 -29.44 -23.02
CA SER G 133 24.45 -28.48 -22.05
C SER G 133 25.81 -28.90 -21.53
N VAL G 134 26.58 -27.90 -21.10
CA VAL G 134 27.86 -28.08 -20.44
C VAL G 134 27.65 -27.62 -19.00
N SER G 135 27.42 -28.57 -18.09
CA SER G 135 26.93 -28.24 -16.77
C SER G 135 27.71 -28.85 -15.61
N ASN G 136 28.77 -29.62 -15.87
CA ASN G 136 29.48 -30.28 -14.78
C ASN G 136 30.11 -29.25 -13.85
N PRO G 137 29.69 -29.18 -12.59
CA PRO G 137 30.22 -28.14 -11.69
C PRO G 137 31.57 -28.49 -11.07
N ARG G 138 32.05 -29.71 -11.25
CA ARG G 138 33.29 -30.17 -10.62
C ARG G 138 34.48 -30.14 -11.58
N ASP G 139 34.56 -29.11 -12.41
CA ASP G 139 35.64 -29.01 -13.40
C ASP G 139 36.56 -27.87 -13.03
N PRO G 140 37.86 -28.12 -12.83
CA PRO G 140 38.78 -27.04 -12.50
C PRO G 140 39.37 -26.37 -13.72
N GLY G 141 40.21 -25.36 -13.51
CA GLY G 141 40.95 -24.73 -14.59
C GLY G 141 40.09 -23.95 -15.56
N ILE G 142 38.85 -23.68 -15.20
CA ILE G 142 37.92 -22.95 -16.06
C ILE G 142 38.07 -21.46 -15.77
N THR G 143 38.47 -20.70 -16.80
CA THR G 143 38.65 -19.27 -16.70
C THR G 143 37.62 -18.57 -17.58
N VAL G 144 37.08 -17.46 -17.09
CA VAL G 144 36.11 -16.65 -17.83
C VAL G 144 36.48 -15.18 -17.63
N THR G 145 36.50 -14.43 -18.73
CA THR G 145 36.83 -13.01 -18.69
C THR G 145 35.78 -12.22 -19.46
N ARG G 146 35.39 -11.09 -18.91
CA ARG G 146 34.34 -10.26 -19.51
C ARG G 146 34.94 -9.37 -20.58
N THR G 147 34.39 -9.44 -21.78
CA THR G 147 34.79 -8.60 -22.90
C THR G 147 33.61 -7.73 -23.30
N GLU G 148 33.91 -6.64 -24.03
CA GLU G 148 32.84 -5.81 -24.57
C GLU G 148 31.92 -6.62 -25.48
N GLU G 149 32.47 -7.63 -26.17
CA GLU G 149 31.66 -8.49 -27.02
C GLU G 149 30.84 -9.46 -26.19
N GLY G 150 31.32 -9.83 -25.00
CA GLY G 150 30.60 -10.74 -24.14
C GLY G 150 31.49 -11.40 -23.10
N TYR G 151 31.71 -12.71 -23.24
CA TYR G 151 32.56 -13.45 -22.33
C TYR G 151 33.41 -14.43 -23.14
N ARG G 152 34.69 -14.51 -22.78
CA ARG G 152 35.61 -15.48 -23.37
C ARG G 152 35.85 -16.58 -22.35
N VAL G 153 35.61 -17.83 -22.75
CA VAL G 153 35.69 -18.98 -21.86
C VAL G 153 36.79 -19.91 -22.36
N ASN G 154 37.60 -20.40 -21.42
CA ASN G 154 38.63 -21.39 -21.71
C ASN G 154 38.59 -22.48 -20.67
N GLY G 155 39.15 -23.63 -21.01
CA GLY G 155 39.24 -24.76 -20.11
C GLY G 155 38.61 -26.01 -20.71
N LYS G 156 38.64 -27.07 -19.91
CA LYS G 156 38.14 -28.38 -20.30
C LYS G 156 36.98 -28.77 -19.40
N ARG G 157 35.86 -29.12 -20.01
CA ARG G 157 34.67 -29.58 -19.30
C ARG G 157 34.41 -31.04 -19.65
N THR G 158 33.91 -31.80 -18.68
CA THR G 158 33.74 -33.24 -18.82
C THR G 158 32.27 -33.62 -18.69
N PHE G 159 31.96 -34.84 -19.13
CA PHE G 159 30.60 -35.39 -19.11
C PHE G 159 29.61 -34.48 -19.84
N ALA G 160 30.01 -33.97 -21.01
CA ALA G 160 29.19 -33.04 -21.79
C ALA G 160 28.22 -33.84 -22.65
N THR G 161 27.15 -34.32 -22.00
CA THR G 161 26.21 -35.23 -22.64
C THR G 161 25.52 -34.59 -23.83
N GLY G 162 25.62 -35.24 -24.98
CA GLY G 162 24.92 -34.83 -26.18
C GLY G 162 25.41 -33.56 -26.84
N VAL G 163 26.47 -32.95 -26.31
CA VAL G 163 26.93 -31.67 -26.85
C VAL G 163 27.43 -31.83 -28.28
N ALA G 164 28.15 -32.92 -28.56
CA ALA G 164 28.70 -33.14 -29.89
C ALA G 164 27.62 -33.33 -30.96
N VAL G 165 26.41 -33.69 -30.57
CA VAL G 165 25.29 -33.86 -31.48
C VAL G 165 24.23 -32.77 -31.32
N ALA G 166 24.51 -31.74 -30.52
CA ALA G 166 23.52 -30.73 -30.21
C ALA G 166 23.59 -29.56 -31.20
N ASP G 167 22.43 -28.96 -31.45
CA ASP G 167 22.36 -27.77 -32.29
C ASP G 167 22.50 -26.50 -31.46
N LEU G 168 21.86 -26.44 -30.30
CA LEU G 168 21.98 -25.33 -29.36
C LEU G 168 22.58 -25.86 -28.07
N ILE G 169 23.66 -25.22 -27.61
CA ILE G 169 24.41 -25.66 -26.45
C ILE G 169 24.23 -24.64 -25.33
N THR G 170 23.81 -25.12 -24.17
CA THR G 170 23.71 -24.28 -22.98
C THR G 170 25.01 -24.39 -22.18
N VAL G 171 25.64 -23.26 -21.89
CA VAL G 171 26.89 -23.22 -21.17
C VAL G 171 26.61 -22.67 -19.78
N LEU G 172 26.92 -23.46 -18.76
CA LEU G 172 26.71 -23.08 -17.36
C LEU G 172 28.06 -22.94 -16.69
N LEU G 173 28.39 -21.73 -16.26
CA LEU G 173 29.64 -21.42 -15.58
C LEU G 173 29.33 -21.08 -14.13
N TYR G 174 30.00 -21.77 -13.21
CA TYR G 174 29.70 -21.65 -11.78
C TYR G 174 30.72 -20.73 -11.12
N GLU G 175 30.50 -19.43 -11.28
CA GLU G 175 31.33 -18.40 -10.67
C GLU G 175 30.58 -17.79 -9.48
N ALA G 176 31.15 -16.72 -8.92
CA ALA G 176 30.45 -15.98 -7.87
C ALA G 176 29.09 -15.49 -8.39
N GLU G 177 29.10 -14.75 -9.49
CA GLU G 177 27.89 -14.49 -10.26
C GLU G 177 27.78 -15.58 -11.31
N PRO G 178 26.84 -16.51 -11.21
CA PRO G 178 26.74 -17.56 -12.23
C PRO G 178 26.38 -16.97 -13.59
N ILE G 179 27.00 -17.52 -14.62
CA ILE G 179 26.81 -17.08 -16.00
C ILE G 179 26.31 -18.26 -16.80
N ASN G 180 25.13 -18.12 -17.41
CA ASN G 180 24.53 -19.15 -18.23
C ASN G 180 24.17 -18.57 -19.57
N ALA G 181 24.58 -19.24 -20.65
CA ALA G 181 24.40 -18.72 -22.00
C ALA G 181 24.10 -19.86 -22.96
N ILE G 182 23.57 -19.49 -24.12
CA ILE G 182 23.25 -20.44 -25.18
C ILE G 182 24.07 -20.06 -26.42
N ILE G 183 24.76 -21.05 -26.99
CA ILE G 183 25.61 -20.80 -28.16
C ILE G 183 25.25 -21.79 -29.26
N PRO G 184 25.47 -21.45 -30.53
CA PRO G 184 25.23 -22.42 -31.61
C PRO G 184 26.29 -23.50 -31.61
N SER G 185 26.00 -24.57 -32.35
CA SER G 185 26.95 -25.67 -32.45
C SER G 185 28.19 -25.27 -33.25
N GLU G 186 28.06 -24.29 -34.15
CA GLU G 186 29.17 -23.87 -34.99
C GLU G 186 29.97 -22.71 -34.39
N ARG G 187 29.82 -22.47 -33.09
CA ARG G 187 30.59 -21.42 -32.43
C ARG G 187 32.06 -21.81 -32.36
N ASP G 188 32.93 -20.91 -32.82
CA ASP G 188 34.35 -21.21 -32.91
C ASP G 188 34.96 -21.44 -31.53
N GLY G 189 35.93 -22.35 -31.48
CA GLY G 189 36.65 -22.64 -30.26
C GLY G 189 36.25 -23.92 -29.55
N LEU G 190 35.24 -24.63 -30.06
CA LEU G 190 34.77 -25.86 -29.42
C LEU G 190 35.47 -27.06 -30.06
N ARG G 191 36.19 -27.81 -29.24
CA ARG G 191 36.84 -29.04 -29.67
C ARG G 191 36.21 -30.20 -28.90
N PHE G 192 35.64 -31.16 -29.62
CA PHE G 192 35.02 -32.33 -29.01
C PHE G 192 36.04 -33.45 -28.98
N ASN G 193 36.44 -33.84 -27.76
CA ASN G 193 37.44 -34.88 -27.60
C ASN G 193 36.82 -36.26 -27.73
N ASP G 194 37.55 -37.17 -28.37
CA ASP G 194 37.13 -38.57 -28.52
C ASP G 194 37.67 -39.38 -27.34
N ASP G 195 37.15 -39.06 -26.16
CA ASP G 195 37.60 -39.68 -24.92
C ASP G 195 36.44 -40.33 -24.16
N TRP G 196 35.41 -40.75 -24.88
CA TRP G 196 34.25 -41.41 -24.26
C TRP G 196 34.24 -42.86 -24.73
N ASP G 197 34.71 -43.77 -23.86
CA ASP G 197 34.72 -45.21 -24.10
C ASP G 197 34.35 -45.86 -22.76
N ASN G 198 33.05 -45.92 -22.49
CA ASN G 198 32.55 -46.16 -21.15
C ASN G 198 31.93 -47.55 -21.04
N LEU G 199 31.68 -47.95 -19.79
CA LEU G 199 31.01 -49.23 -19.53
C LEU G 199 29.62 -49.24 -20.14
N GLY G 200 28.76 -48.32 -19.69
CA GLY G 200 27.44 -48.15 -20.26
C GLY G 200 27.22 -46.70 -20.65
N GLN G 201 26.00 -46.42 -21.12
CA GLN G 201 25.64 -45.11 -21.66
C GLN G 201 26.65 -44.67 -22.72
N ARG G 202 27.04 -45.61 -23.57
CA ARG G 202 28.16 -45.39 -24.49
C ARG G 202 27.80 -44.43 -25.62
N LEU G 203 26.54 -44.42 -26.05
CA LEU G 203 26.12 -43.59 -27.17
C LEU G 203 25.47 -42.27 -26.74
N THR G 204 25.89 -41.75 -25.59
CA THR G 204 25.38 -40.48 -25.08
C THR G 204 26.27 -39.30 -25.43
N ALA G 205 27.40 -39.53 -26.07
CA ALA G 205 28.38 -38.49 -26.39
C ALA G 205 28.76 -37.70 -25.14
N SER G 206 29.12 -38.42 -24.08
CA SER G 206 29.46 -37.83 -22.80
C SER G 206 30.95 -37.56 -22.64
N GLY G 207 31.68 -37.40 -23.75
CA GLY G 207 33.09 -37.06 -23.68
C GLY G 207 33.30 -35.63 -23.23
N SER G 208 34.57 -35.23 -23.24
CA SER G 208 34.94 -33.89 -22.81
C SER G 208 34.91 -32.92 -23.98
N VAL G 209 34.81 -31.63 -23.65
CA VAL G 209 34.78 -30.56 -24.63
C VAL G 209 35.81 -29.51 -24.23
N GLU G 210 36.66 -29.12 -25.17
CA GLU G 210 37.64 -28.07 -24.95
C GLU G 210 37.07 -26.72 -25.39
N PHE G 211 37.28 -25.70 -24.56
CA PHE G 211 36.89 -24.33 -24.87
C PHE G 211 38.15 -23.55 -25.17
N ASP G 212 38.32 -23.12 -26.41
CA ASP G 212 39.49 -22.37 -26.86
C ASP G 212 39.02 -20.96 -27.19
N ASN G 213 39.03 -20.09 -26.17
CA ASN G 213 38.64 -18.68 -26.33
C ASN G 213 37.24 -18.55 -26.92
N VAL G 214 36.31 -19.33 -26.38
CA VAL G 214 34.94 -19.38 -26.89
C VAL G 214 34.19 -18.14 -26.43
N LEU G 215 33.48 -17.50 -27.36
CA LEU G 215 32.74 -16.28 -27.09
C LEU G 215 31.31 -16.60 -26.67
N LEU G 216 30.89 -16.04 -25.54
CA LEU G 216 29.49 -16.03 -25.12
C LEU G 216 29.02 -14.59 -25.26
N ARG G 217 28.28 -14.29 -26.32
CA ARG G 217 27.82 -12.93 -26.55
C ARG G 217 26.85 -12.50 -25.47
N HIS G 218 26.88 -11.21 -25.13
CA HIS G 218 26.00 -10.68 -24.10
C HIS G 218 24.54 -10.94 -24.44
N ASP G 219 24.19 -10.89 -25.72
CA ASP G 219 22.83 -11.21 -26.14
C ASP G 219 22.46 -12.66 -25.85
N GLU G 220 23.46 -13.54 -25.74
CA GLU G 220 23.22 -14.96 -25.52
C GLU G 220 23.18 -15.34 -24.05
N VAL G 221 23.44 -14.40 -23.14
CA VAL G 221 23.41 -14.68 -21.71
C VAL G 221 21.97 -14.73 -21.23
N LEU G 222 21.63 -15.77 -20.47
CA LEU G 222 20.27 -15.97 -20.00
C LEU G 222 20.01 -15.12 -18.76
N THR G 223 18.90 -14.38 -18.77
CA THR G 223 18.58 -13.44 -17.71
C THR G 223 17.20 -13.69 -17.10
N GLY G 224 16.64 -14.89 -17.28
CA GLY G 224 15.30 -15.15 -16.78
C GLY G 224 15.20 -15.16 -15.26
N LEU G 225 16.29 -15.47 -14.58
CA LEU G 225 16.29 -15.49 -13.12
C LEU G 225 16.34 -14.10 -12.51
N ASP G 226 16.54 -13.05 -13.31
CA ASP G 226 16.72 -11.71 -12.76
C ASP G 226 15.46 -11.21 -12.07
N GLU G 227 14.28 -11.62 -12.52
CA GLU G 227 13.04 -11.18 -11.92
C GLU G 227 12.73 -11.85 -10.59
N TYR G 228 13.56 -12.80 -10.15
CA TYR G 228 13.39 -13.45 -8.86
C TYR G 228 14.35 -12.83 -7.85
N SER G 229 13.89 -12.67 -6.62
CA SER G 229 14.66 -11.97 -5.60
C SER G 229 15.91 -12.75 -5.24
N GLY G 230 17.04 -12.04 -5.22
CA GLY G 230 18.30 -12.61 -4.79
C GLY G 230 18.60 -12.45 -3.32
N LEU G 231 17.61 -12.05 -2.52
CA LEU G 231 17.81 -11.80 -1.10
C LEU G 231 17.08 -12.78 -0.18
N ASP G 232 15.90 -13.25 -0.58
CA ASP G 232 15.09 -14.14 0.26
C ASP G 232 15.16 -15.60 -0.18
N GLY G 233 16.15 -15.96 -0.99
CA GLY G 233 16.29 -17.31 -1.47
C GLY G 233 15.35 -17.70 -2.59
N SER G 234 14.52 -16.77 -3.08
CA SER G 234 13.59 -17.11 -4.15
C SER G 234 14.33 -17.49 -5.42
N ARG G 235 15.37 -16.74 -5.79
CA ARG G 235 16.13 -17.05 -6.99
C ARG G 235 16.82 -18.41 -6.87
N GLU G 236 17.33 -18.75 -5.69
CA GLU G 236 18.03 -20.01 -5.52
C GLU G 236 17.09 -21.20 -5.67
N ARG G 237 15.85 -21.06 -5.18
CA ARG G 237 14.89 -22.14 -5.27
C ARG G 237 14.31 -22.27 -6.67
N ARG G 238 14.09 -21.14 -7.36
CA ARG G 238 13.64 -21.19 -8.75
C ARG G 238 14.69 -21.86 -9.62
N ASP G 239 15.96 -21.46 -9.48
CA ASP G 239 17.03 -22.10 -10.23
C ASP G 239 17.26 -23.54 -9.77
N GLY G 240 17.02 -23.83 -8.48
CA GLY G 240 17.18 -25.17 -7.97
C GLY G 240 16.25 -26.18 -8.60
N LEU G 241 15.16 -25.72 -9.23
CA LEU G 241 14.26 -26.64 -9.92
C LEU G 241 14.97 -27.37 -11.06
N ARG G 242 16.04 -26.76 -11.61
CA ARG G 242 16.79 -27.43 -12.67
C ARG G 242 17.40 -28.73 -12.18
N ALA G 243 18.06 -28.70 -11.02
CA ALA G 243 18.67 -29.90 -10.47
C ALA G 243 17.62 -30.93 -10.07
N LEU G 244 16.48 -30.48 -9.55
CA LEU G 244 15.41 -31.40 -9.19
C LEU G 244 14.87 -32.13 -10.41
N PHE G 245 14.77 -31.42 -11.54
CA PHE G 245 14.30 -32.10 -12.75
C PHE G 245 15.36 -33.06 -13.30
N SER G 246 16.64 -32.72 -13.17
CA SER G 246 17.70 -33.65 -13.55
C SER G 246 17.57 -34.96 -12.79
N GLN G 247 17.38 -34.89 -11.47
CA GLN G 247 17.17 -36.10 -10.69
C GLN G 247 15.95 -36.86 -11.16
N LEU G 248 14.91 -36.13 -11.56
CA LEU G 248 13.66 -36.76 -11.98
C LEU G 248 13.83 -37.49 -13.31
N ILE G 249 14.58 -36.91 -14.25
CA ILE G 249 14.80 -37.63 -15.51
C ILE G 249 15.67 -38.86 -15.28
N PHE G 250 16.57 -38.81 -14.28
CA PHE G 250 17.34 -40.00 -13.93
C PHE G 250 16.41 -41.11 -13.48
N VAL G 251 15.41 -40.76 -12.67
CA VAL G 251 14.42 -41.74 -12.21
C VAL G 251 13.79 -42.46 -13.39
N HIS G 252 13.21 -41.69 -14.32
CA HIS G 252 12.53 -42.29 -15.47
C HIS G 252 13.50 -43.06 -16.36
N LEU G 253 14.73 -42.56 -16.50
CA LEU G 253 15.75 -43.30 -17.24
C LEU G 253 16.00 -44.67 -16.63
N TYR G 254 16.15 -44.73 -15.29
CA TYR G 254 16.47 -45.99 -14.64
C TYR G 254 15.30 -46.97 -14.75
N LEU G 255 14.07 -46.49 -14.56
CA LEU G 255 12.90 -47.37 -14.63
C LEU G 255 12.68 -47.86 -16.06
N GLY G 256 12.95 -47.01 -17.05
CA GLY G 256 12.85 -47.45 -18.43
C GLY G 256 13.85 -48.54 -18.76
N ILE G 257 15.10 -48.37 -18.31
CA ILE G 257 16.10 -49.42 -18.49
C ILE G 257 15.66 -50.70 -17.80
N ALA G 258 15.10 -50.59 -16.58
CA ALA G 258 14.65 -51.77 -15.86
C ALA G 258 13.54 -52.49 -16.61
N GLU G 259 12.59 -51.73 -17.15
CA GLU G 259 11.52 -52.34 -17.95
C GLU G 259 12.07 -53.04 -19.17
N GLY G 260 13.08 -52.44 -19.81
CA GLY G 260 13.65 -53.07 -21.00
C GLY G 260 14.40 -54.35 -20.66
N ALA G 261 15.11 -54.35 -19.53
CA ALA G 261 15.82 -55.55 -19.10
C ALA G 261 14.85 -56.68 -18.76
N LEU G 262 13.76 -56.36 -18.06
CA LEU G 262 12.79 -57.39 -17.70
C LEU G 262 12.13 -57.97 -18.95
N ALA G 263 11.73 -57.11 -19.89
CA ALA G 263 11.13 -57.58 -21.12
C ALA G 263 12.10 -58.41 -21.94
N ALA G 264 13.38 -58.04 -21.93
CA ALA G 264 14.38 -58.80 -22.68
C ALA G 264 14.62 -60.17 -22.05
N GLY G 265 14.66 -60.23 -20.72
CA GLY G 265 14.83 -61.52 -20.07
C GLY G 265 13.64 -62.42 -20.29
N VAL G 266 12.42 -61.88 -20.20
CA VAL G 266 11.22 -62.65 -20.46
C VAL G 266 11.24 -63.20 -21.88
N ALA G 267 11.63 -62.35 -22.85
CA ALA G 267 11.64 -62.77 -24.25
C ALA G 267 12.65 -63.88 -24.48
N TYR G 268 13.83 -63.79 -23.85
CA TYR G 268 14.82 -64.85 -23.99
C TYR G 268 14.29 -66.17 -23.45
N ILE G 269 13.69 -66.15 -22.26
CA ILE G 269 13.21 -67.39 -21.64
C ILE G 269 12.13 -68.03 -22.51
N ARG G 270 11.19 -67.25 -23.01
CA ARG G 270 10.10 -67.79 -23.82
C ARG G 270 10.60 -68.34 -25.15
N ASP G 271 11.64 -67.76 -25.73
CA ASP G 271 12.15 -68.20 -27.02
C ASP G 271 13.33 -69.16 -26.92
N LYS G 272 14.27 -68.92 -26.00
CA LYS G 272 15.49 -69.71 -25.94
C LYS G 272 15.66 -70.50 -24.65
N GLY G 273 14.85 -70.25 -23.64
CA GLY G 273 15.06 -70.90 -22.36
C GLY G 273 14.91 -72.40 -22.44
N ARG G 274 15.70 -73.10 -21.63
CA ARG G 274 15.66 -74.54 -21.51
C ARG G 274 15.34 -74.92 -20.06
N PRO G 275 14.52 -75.94 -19.85
CA PRO G 275 14.18 -76.32 -18.48
C PRO G 275 15.39 -76.92 -17.77
N TRP G 276 15.46 -76.67 -16.46
CA TRP G 276 16.47 -77.31 -15.64
C TRP G 276 16.04 -78.74 -15.32
N PRO G 277 16.93 -79.73 -15.45
CA PRO G 277 16.51 -81.13 -15.26
C PRO G 277 15.94 -81.44 -13.88
N GLU G 278 16.36 -80.72 -12.84
CA GLU G 278 15.78 -80.92 -11.52
C GLU G 278 14.38 -80.32 -11.40
N ALA G 279 13.96 -79.49 -12.36
CA ALA G 279 12.65 -78.86 -12.29
C ALA G 279 11.55 -79.91 -12.43
N HIS G 280 10.40 -79.60 -11.82
CA HIS G 280 9.26 -80.51 -11.90
C HIS G 280 8.70 -80.59 -13.32
N SER G 281 8.73 -79.50 -14.07
CA SER G 281 8.16 -79.44 -15.40
C SER G 281 9.23 -79.30 -16.46
N THR G 282 8.96 -79.87 -17.64
CA THR G 282 9.85 -79.72 -18.78
C THR G 282 9.57 -78.46 -19.59
N ASP G 283 8.63 -77.63 -19.14
CA ASP G 283 8.36 -76.34 -19.74
C ASP G 283 9.11 -75.28 -18.94
N VAL G 284 10.06 -74.59 -19.58
CA VAL G 284 10.87 -73.59 -18.89
C VAL G 284 10.01 -72.44 -18.37
N THR G 285 8.88 -72.17 -19.01
CA THR G 285 8.03 -71.08 -18.56
C THR G 285 7.23 -71.42 -17.31
N GLU G 286 7.22 -72.68 -16.89
CA GLU G 286 6.54 -73.09 -15.68
C GLU G 286 7.47 -73.23 -14.48
N ASP G 287 8.72 -72.80 -14.63
CA ASP G 287 9.67 -72.91 -13.52
C ASP G 287 9.25 -72.01 -12.37
N PRO G 288 9.10 -72.53 -11.15
CA PRO G 288 8.59 -71.70 -10.05
C PRO G 288 9.52 -70.56 -9.66
N TYR G 289 10.83 -70.73 -9.83
CA TYR G 289 11.76 -69.68 -9.42
C TYR G 289 11.87 -68.58 -10.47
N HIS G 290 11.81 -68.93 -11.75
CA HIS G 290 11.70 -67.92 -12.80
C HIS G 290 10.49 -67.03 -12.56
N GLN G 291 9.33 -67.65 -12.32
CA GLN G 291 8.08 -66.89 -12.19
C GLN G 291 8.12 -66.00 -10.96
N GLN G 292 8.57 -66.51 -9.82
CA GLN G 292 8.63 -65.70 -8.61
C GLN G 292 9.56 -64.53 -8.78
N LEU G 293 10.78 -64.77 -9.29
CA LEU G 293 11.76 -63.70 -9.46
C LEU G 293 11.24 -62.64 -10.44
N LEU G 294 10.73 -63.06 -11.59
CA LEU G 294 10.24 -62.09 -12.57
C LEU G 294 9.03 -61.32 -12.03
N GLY G 295 8.17 -61.99 -11.27
CA GLY G 295 7.04 -61.30 -10.67
C GLY G 295 7.47 -60.29 -9.62
N ARG G 296 8.47 -60.62 -8.82
CA ARG G 296 8.98 -59.68 -7.81
C ARG G 296 9.59 -58.45 -8.48
N LEU G 297 10.37 -58.66 -9.53
CA LEU G 297 10.98 -57.53 -10.24
C LEU G 297 9.90 -56.66 -10.90
N SER G 298 8.93 -57.30 -11.55
CA SER G 298 7.84 -56.56 -12.18
C SER G 298 7.09 -55.70 -11.17
N ALA G 299 6.86 -56.22 -9.97
CA ALA G 299 6.16 -55.45 -8.95
C ALA G 299 6.98 -54.26 -8.49
N GLY G 300 8.29 -54.44 -8.31
CA GLY G 300 9.13 -53.31 -7.90
C GLY G 300 9.17 -52.22 -8.94
N ILE G 301 9.18 -52.58 -10.23
CA ILE G 301 9.16 -51.57 -11.29
C ILE G 301 7.86 -50.77 -11.25
N ALA G 302 6.72 -51.46 -11.08
CA ALA G 302 5.44 -50.77 -11.08
C ALA G 302 5.34 -49.77 -9.93
N ALA G 303 5.92 -50.10 -8.78
CA ALA G 303 5.91 -49.15 -7.67
C ALA G 303 6.79 -47.94 -7.97
N GLY G 304 7.99 -48.18 -8.53
CA GLY G 304 8.84 -47.06 -8.89
C GLY G 304 8.21 -46.17 -9.95
N VAL G 305 7.51 -46.76 -10.91
CA VAL G 305 6.84 -45.98 -11.95
C VAL G 305 5.72 -45.14 -11.34
N ALA G 306 4.93 -45.72 -10.44
CA ALA G 306 3.83 -44.97 -9.85
C ALA G 306 4.35 -43.78 -9.04
N LEU G 307 5.46 -43.95 -8.33
CA LEU G 307 6.05 -42.86 -7.59
C LEU G 307 6.70 -41.83 -8.52
N ALA G 308 7.32 -42.30 -9.59
CA ALA G 308 7.97 -41.40 -10.54
C ALA G 308 6.97 -40.44 -11.18
N ASP G 309 5.86 -40.99 -11.70
CA ASP G 309 4.88 -40.12 -12.35
C ASP G 309 4.22 -39.18 -11.36
N SER G 310 4.08 -39.60 -10.11
CA SER G 310 3.54 -38.72 -9.07
C SER G 310 4.51 -37.56 -8.80
N ALA G 311 5.81 -37.87 -8.66
CA ALA G 311 6.79 -36.82 -8.41
C ALA G 311 6.91 -35.87 -9.59
N THR G 312 6.78 -36.39 -10.81
CA THR G 312 6.84 -35.51 -11.98
C THR G 312 5.67 -34.55 -12.00
N LYS G 313 4.48 -35.02 -11.62
CA LYS G 313 3.32 -34.14 -11.55
C LYS G 313 3.53 -33.04 -10.52
N GLU G 314 4.11 -33.39 -9.37
CA GLU G 314 4.39 -32.38 -8.33
C GLU G 314 5.45 -31.39 -8.81
N PHE G 315 6.40 -31.82 -9.63
CA PHE G 315 7.36 -30.88 -10.20
C PHE G 315 6.66 -29.87 -11.11
N GLU G 316 5.73 -30.34 -11.94
CA GLU G 316 5.01 -29.43 -12.83
C GLU G 316 4.23 -28.38 -12.06
N GLN G 317 3.63 -28.77 -10.94
CA GLN G 317 2.90 -27.82 -10.11
C GLN G 317 3.85 -26.77 -9.53
N ALA G 318 5.06 -27.19 -9.13
CA ALA G 318 6.02 -26.23 -8.59
C ALA G 318 6.54 -25.30 -9.68
N LEU G 319 6.79 -25.84 -10.88
CA LEU G 319 7.25 -25.01 -11.99
C LEU G 319 6.22 -23.99 -12.39
N ALA G 320 4.93 -24.31 -12.20
CA ALA G 320 3.83 -23.42 -12.58
C ALA G 320 3.38 -22.51 -11.45
N PHE G 321 4.11 -22.47 -10.32
CA PHE G 321 3.76 -21.55 -9.26
C PHE G 321 3.84 -20.09 -9.72
N GLY G 322 4.68 -19.81 -10.72
CA GLY G 322 4.97 -18.44 -11.08
C GLY G 322 5.92 -17.84 -10.09
N GLU G 323 5.44 -17.62 -8.87
CA GLU G 323 6.34 -17.31 -7.76
C GLU G 323 7.29 -18.48 -7.55
N ALA G 324 8.46 -18.19 -7.00
CA ALA G 324 9.37 -19.25 -6.65
C ALA G 324 8.76 -20.09 -5.53
N PRO G 325 8.99 -21.40 -5.51
CA PRO G 325 8.47 -22.21 -4.41
C PRO G 325 9.10 -21.77 -3.09
N THR G 326 8.30 -21.84 -2.03
CA THR G 326 8.82 -21.51 -0.71
C THR G 326 9.82 -22.58 -0.26
N GLU G 327 10.46 -22.32 0.88
CA GLU G 327 11.41 -23.28 1.41
C GLU G 327 10.74 -24.62 1.69
N ALA G 328 9.49 -24.59 2.15
CA ALA G 328 8.77 -25.83 2.44
C ALA G 328 8.29 -26.50 1.15
N GLN G 329 7.81 -25.71 0.19
CA GLN G 329 7.39 -26.30 -1.08
C GLN G 329 8.56 -26.91 -1.83
N TRP G 330 9.69 -26.19 -1.88
CA TRP G 330 10.87 -26.73 -2.53
C TRP G 330 11.39 -27.97 -1.80
N GLY G 331 11.35 -27.94 -0.46
CA GLY G 331 11.84 -29.08 0.31
C GLY G 331 10.95 -30.31 0.18
N ALA G 332 9.64 -30.11 0.19
CA ALA G 332 8.73 -31.24 0.01
C ALA G 332 8.92 -31.87 -1.37
N LEU G 333 9.19 -31.06 -2.38
CA LEU G 333 9.45 -31.59 -3.72
C LEU G 333 10.77 -32.33 -3.77
N ALA G 334 11.82 -31.77 -3.16
CA ALA G 334 13.13 -32.42 -3.15
C ALA G 334 13.07 -33.76 -2.42
N ILE G 335 12.30 -33.84 -1.34
CA ILE G 335 12.12 -35.12 -0.65
C ILE G 335 11.44 -36.13 -1.57
N ARG G 336 10.37 -35.69 -2.23
CA ARG G 336 9.62 -36.57 -3.12
C ARG G 336 10.51 -37.06 -4.27
N VAL G 337 11.33 -36.18 -4.83
CA VAL G 337 12.28 -36.59 -5.86
C VAL G 337 13.35 -37.53 -5.29
N ASP G 338 13.83 -37.24 -4.07
CA ASP G 338 14.79 -38.13 -3.44
C ASP G 338 14.21 -39.53 -3.28
N GLN G 339 12.95 -39.62 -2.85
CA GLN G 339 12.29 -40.91 -2.70
C GLN G 339 12.24 -41.66 -4.02
N ALA G 340 11.79 -40.98 -5.08
CA ALA G 340 11.72 -41.62 -6.39
C ALA G 340 13.11 -42.02 -6.89
N LYS G 341 14.12 -41.18 -6.61
CA LYS G 341 15.49 -41.51 -7.00
C LYS G 341 16.00 -42.74 -6.28
N SER G 342 15.67 -42.87 -5.00
CA SER G 342 16.13 -44.04 -4.23
C SER G 342 15.51 -45.32 -4.78
N VAL G 343 14.19 -45.33 -4.97
CA VAL G 343 13.51 -46.55 -5.40
C VAL G 343 13.87 -46.91 -6.84
N ALA G 344 13.98 -45.93 -7.72
CA ALA G 344 14.32 -46.21 -9.11
C ALA G 344 15.74 -46.74 -9.22
N THR G 345 16.67 -46.20 -8.42
CA THR G 345 18.05 -46.69 -8.44
C THR G 345 18.10 -48.15 -8.01
N GLU G 346 17.45 -48.48 -6.90
CA GLU G 346 17.51 -49.83 -6.35
C GLU G 346 16.88 -50.85 -7.28
N ILE G 347 15.67 -50.57 -7.77
CA ILE G 347 14.98 -51.56 -8.60
C ILE G 347 15.70 -51.76 -9.94
N SER G 348 16.25 -50.70 -10.51
CA SER G 348 16.90 -50.84 -11.81
C SER G 348 18.20 -51.64 -11.69
N LEU G 349 18.94 -51.44 -10.61
CA LEU G 349 20.12 -52.27 -10.37
C LEU G 349 19.72 -53.70 -10.06
N ASP G 350 18.62 -53.87 -9.32
CA ASP G 350 18.14 -55.21 -8.97
C ASP G 350 17.73 -55.99 -10.22
N VAL G 351 16.95 -55.34 -11.10
CA VAL G 351 16.44 -56.01 -12.29
C VAL G 351 17.58 -56.40 -13.21
N THR G 352 18.43 -55.44 -13.58
CA THR G 352 19.43 -55.68 -14.61
C THR G 352 20.50 -56.66 -14.14
N HIS G 353 20.74 -56.74 -12.84
CA HIS G 353 21.74 -57.65 -12.31
C HIS G 353 21.18 -59.07 -12.14
N ASN G 354 19.97 -59.18 -11.62
CA ASN G 354 19.41 -60.48 -11.26
C ASN G 354 18.68 -61.18 -12.39
N ILE G 355 18.50 -60.51 -13.53
CA ILE G 355 17.79 -61.13 -14.64
C ILE G 355 18.50 -62.39 -15.13
N TYR G 356 19.83 -62.42 -15.04
CA TYR G 356 20.60 -63.58 -15.48
C TYR G 356 20.24 -64.84 -14.71
N GLN G 357 19.81 -64.71 -13.45
CA GLN G 357 19.45 -65.89 -12.68
C GLN G 357 18.30 -66.65 -13.32
N ALA G 358 17.45 -65.95 -14.07
CA ALA G 358 16.35 -66.60 -14.77
C ALA G 358 16.70 -66.96 -16.22
N THR G 359 17.61 -66.22 -16.84
CA THR G 359 17.89 -66.46 -18.26
C THR G 359 18.87 -67.59 -18.50
N GLY G 360 19.82 -67.82 -17.58
CA GLY G 360 20.67 -68.99 -17.64
C GLY G 360 22.00 -68.76 -18.32
N ALA G 361 22.74 -69.86 -18.47
CA ALA G 361 24.14 -69.81 -18.90
C ALA G 361 24.27 -69.41 -20.36
N ARG G 362 23.42 -69.97 -21.23
CA ARG G 362 23.53 -69.64 -22.64
C ARG G 362 23.21 -68.18 -22.93
N SER G 363 22.49 -67.51 -22.03
CA SER G 363 22.15 -66.11 -22.23
C SER G 363 23.33 -65.16 -22.03
N THR G 364 24.47 -65.66 -21.57
CA THR G 364 25.65 -64.83 -21.33
C THR G 364 26.51 -64.65 -22.58
N ALA G 365 26.14 -65.25 -23.70
CA ALA G 365 26.85 -65.01 -24.95
C ALA G 365 26.66 -63.56 -25.37
N ASN G 366 27.73 -62.96 -25.90
CA ASN G 366 27.66 -61.58 -26.34
C ASN G 366 26.70 -61.39 -27.52
N SER G 367 26.41 -62.46 -28.27
CA SER G 367 25.38 -62.36 -29.30
C SER G 367 24.02 -62.09 -28.69
N VAL G 368 23.80 -62.52 -27.46
CA VAL G 368 22.56 -62.21 -26.74
C VAL G 368 22.61 -60.80 -26.17
N GLY G 369 23.70 -60.47 -25.50
CA GLY G 369 23.94 -59.10 -25.07
C GLY G 369 22.96 -58.60 -24.03
N LEU G 370 22.57 -59.47 -23.10
CA LEU G 370 21.63 -59.07 -22.07
C LEU G 370 22.24 -58.09 -21.07
N ASP G 371 23.57 -58.00 -21.02
CA ASP G 371 24.26 -57.18 -20.03
C ASP G 371 24.21 -55.69 -20.35
N ILE G 372 23.75 -55.30 -21.54
CA ILE G 372 23.73 -53.89 -21.90
C ILE G 372 22.85 -53.09 -20.94
N TYR G 373 21.76 -53.69 -20.47
CA TYR G 373 20.90 -53.01 -19.51
C TYR G 373 21.63 -52.76 -18.19
N TRP G 374 22.35 -53.76 -17.70
CA TRP G 374 23.16 -53.58 -16.49
C TRP G 374 24.24 -52.53 -16.71
N ARG G 375 25.01 -52.68 -17.79
CA ARG G 375 26.07 -51.71 -18.06
C ARG G 375 25.53 -50.30 -18.10
N ASN G 376 24.36 -50.12 -18.72
CA ASN G 376 23.74 -48.80 -18.81
C ASN G 376 23.21 -48.33 -17.46
N ALA G 377 22.50 -49.20 -16.74
CA ALA G 377 21.97 -48.85 -15.43
C ALA G 377 23.10 -48.66 -14.42
N ARG G 378 24.04 -49.60 -14.37
CA ARG G 378 25.13 -49.51 -13.41
C ARG G 378 26.00 -48.28 -13.63
N THR G 379 26.09 -47.81 -14.88
CA THR G 379 26.90 -46.63 -15.17
C THR G 379 26.25 -45.36 -14.63
N HIS G 380 24.98 -45.13 -14.97
CA HIS G 380 24.41 -43.82 -14.68
C HIS G 380 24.01 -43.66 -13.22
N THR G 381 23.68 -44.75 -12.54
CA THR G 381 23.37 -44.67 -11.12
C THR G 381 24.54 -44.21 -10.27
N THR G 382 25.74 -44.13 -10.83
CA THR G 382 26.89 -43.55 -10.15
C THR G 382 27.00 -42.04 -10.36
N HIS G 383 26.04 -41.43 -11.05
CA HIS G 383 26.10 -39.98 -11.31
C HIS G 383 26.24 -39.21 -10.01
N ASP G 384 25.40 -39.53 -9.03
CA ASP G 384 25.54 -38.99 -7.67
C ASP G 384 25.23 -40.13 -6.72
N PRO G 385 25.91 -40.19 -5.57
CA PRO G 385 25.83 -41.40 -4.71
C PRO G 385 24.46 -41.57 -4.07
N LEU G 386 23.88 -42.75 -4.27
CA LEU G 386 22.58 -43.11 -3.69
C LEU G 386 22.44 -42.84 -2.20
N PRO G 387 23.38 -43.24 -1.34
CA PRO G 387 23.15 -43.06 0.11
C PRO G 387 23.00 -41.60 0.54
N TYR G 388 23.53 -40.65 -0.22
CA TYR G 388 23.34 -39.25 0.15
C TYR G 388 21.94 -38.73 -0.19
N ARG G 389 21.28 -39.33 -1.19
CA ARG G 389 19.89 -38.96 -1.44
C ARG G 389 18.96 -39.59 -0.41
N GLN G 390 19.28 -40.81 0.01
CA GLN G 390 18.53 -41.43 1.11
C GLN G 390 18.78 -40.70 2.42
N ARG G 391 20.03 -40.29 2.67
CA ARG G 391 20.36 -39.56 3.90
C ARG G 391 19.56 -38.28 4.00
N GLU G 392 19.33 -37.61 2.87
CA GLU G 392 18.61 -36.34 2.89
C GLU G 392 17.17 -36.53 3.37
N ILE G 393 16.54 -37.63 2.97
CA ILE G 393 15.20 -37.94 3.43
C ILE G 393 15.19 -38.18 4.94
N GLY G 394 16.05 -39.08 5.41
CA GLY G 394 16.09 -39.39 6.83
C GLY G 394 16.49 -38.21 7.69
N ARG G 395 17.35 -37.33 7.17
CA ARG G 395 17.73 -36.14 7.92
C ARG G 395 16.54 -35.21 8.11
N HIS G 396 15.67 -35.09 7.11
CA HIS G 396 14.47 -34.28 7.28
C HIS G 396 13.54 -34.88 8.32
N LEU G 397 13.39 -36.21 8.32
CA LEU G 397 12.54 -36.86 9.31
C LEU G 397 13.04 -36.63 10.72
N LEU G 398 14.36 -36.60 10.91
CA LEU G 398 14.95 -36.51 12.24
C LEU G 398 15.13 -35.09 12.74
N THR G 399 15.26 -34.10 11.84
CA THR G 399 15.56 -32.73 12.24
C THR G 399 14.53 -31.70 11.79
N ASP G 400 13.53 -32.09 11.00
CA ASP G 400 12.54 -31.20 10.39
C ASP G 400 13.13 -30.23 9.36
N GLN G 401 14.41 -30.34 9.04
CA GLN G 401 15.05 -29.39 8.14
C GLN G 401 14.85 -29.82 6.69
N TRP G 402 14.35 -28.90 5.87
CA TRP G 402 14.08 -29.18 4.47
C TRP G 402 15.37 -29.16 3.67
N PRO G 403 15.45 -29.97 2.62
CA PRO G 403 16.51 -29.79 1.63
C PRO G 403 16.41 -28.40 1.01
N SER G 404 17.57 -27.83 0.70
CA SER G 404 17.66 -26.50 0.11
C SER G 404 18.55 -26.57 -1.12
N PRO G 405 18.45 -25.60 -2.01
CA PRO G 405 19.37 -25.55 -3.16
C PRO G 405 20.81 -25.46 -2.69
N ARG G 406 21.65 -26.34 -3.24
CA ARG G 406 23.05 -26.41 -2.84
C ARG G 406 23.94 -25.70 -3.84
N HIS H 11 50.31 -91.65 -0.98
CA HIS H 11 49.74 -90.54 -0.24
C HIS H 11 49.34 -89.40 -1.18
N ALA H 12 48.16 -89.52 -1.79
CA ALA H 12 47.68 -88.50 -2.71
C ALA H 12 47.12 -87.31 -1.95
N TYR H 13 47.47 -86.11 -2.42
CA TYR H 13 46.97 -84.87 -1.83
C TYR H 13 47.30 -84.78 -0.34
N GLN H 14 48.53 -85.17 0.02
CA GLN H 14 48.93 -85.20 1.43
C GLN H 14 49.02 -83.79 2.01
N GLY H 15 49.61 -82.86 1.27
CA GLY H 15 49.73 -81.51 1.74
C GLY H 15 51.15 -81.16 2.15
N VAL H 16 51.52 -79.90 1.93
CA VAL H 16 52.83 -79.40 2.33
C VAL H 16 52.73 -78.82 3.74
N SER H 17 53.87 -78.54 4.35
CA SER H 17 53.90 -78.04 5.72
C SER H 17 53.38 -76.60 5.77
N ASP H 18 53.15 -76.13 6.99
CA ASP H 18 52.66 -74.76 7.18
C ASP H 18 53.63 -73.75 6.57
N THR H 19 54.91 -73.82 6.95
CA THR H 19 55.87 -72.84 6.46
C THR H 19 56.05 -72.97 4.95
N GLU H 20 55.98 -74.18 4.42
CA GLU H 20 56.14 -74.36 2.98
C GLU H 20 54.96 -73.78 2.21
N PHE H 21 53.75 -73.89 2.76
CA PHE H 21 52.59 -73.32 2.07
C PHE H 21 52.62 -71.80 2.07
N SER H 22 53.14 -71.19 3.13
CA SER H 22 53.33 -69.73 3.13
C SER H 22 54.20 -69.30 1.96
N GLU H 23 55.21 -70.12 1.63
CA GLU H 23 56.07 -69.82 0.49
C GLU H 23 55.30 -69.93 -0.82
N TRP H 24 54.40 -70.91 -0.91
CA TRP H 24 53.61 -71.07 -2.13
C TRP H 24 52.60 -69.96 -2.30
N GLU H 25 52.00 -69.49 -1.21
CA GLU H 25 51.14 -68.32 -1.28
C GLU H 25 51.90 -67.11 -1.79
N GLN H 26 53.18 -67.00 -1.42
CA GLN H 26 54.01 -65.92 -1.92
C GLN H 26 54.29 -66.09 -3.41
N VAL H 27 54.48 -67.33 -3.85
CA VAL H 27 54.68 -67.60 -5.27
C VAL H 27 53.44 -67.26 -6.07
N ALA H 28 52.27 -67.71 -5.59
CA ALA H 28 51.02 -67.40 -6.27
C ALA H 28 50.74 -65.91 -6.30
N ALA H 29 51.13 -65.18 -5.25
CA ALA H 29 50.98 -63.73 -5.26
C ALA H 29 51.87 -63.10 -6.35
N ARG H 30 53.07 -63.64 -6.53
CA ARG H 30 53.93 -63.15 -7.61
C ARG H 30 53.29 -63.41 -8.97
N VAL H 31 52.76 -64.60 -9.17
CA VAL H 31 52.06 -64.92 -10.41
C VAL H 31 50.83 -64.03 -10.59
N ALA H 32 50.08 -63.83 -9.50
CA ALA H 32 48.87 -63.01 -9.58
C ALA H 32 49.20 -61.58 -9.96
N GLY H 33 50.31 -61.03 -9.45
CA GLY H 33 50.68 -59.67 -9.78
C GLY H 33 50.97 -59.49 -11.26
N GLU H 34 51.61 -60.48 -11.87
CA GLU H 34 51.88 -60.39 -13.30
C GLU H 34 50.60 -60.56 -14.11
N LEU H 35 49.72 -61.48 -13.69
CA LEU H 35 48.44 -61.63 -14.38
C LEU H 35 47.57 -60.40 -14.21
N SER H 36 47.52 -59.85 -13.00
CA SER H 36 46.63 -58.73 -12.72
C SER H 36 47.00 -57.50 -13.53
N ALA H 37 48.30 -57.33 -13.85
CA ALA H 37 48.74 -56.16 -14.58
C ALA H 37 48.29 -56.17 -16.04
N THR H 38 48.02 -57.34 -16.61
CA THR H 38 47.64 -57.45 -18.01
C THR H 38 46.26 -58.09 -18.19
N ALA H 39 45.48 -58.16 -17.11
CA ALA H 39 44.19 -58.84 -17.17
C ALA H 39 43.21 -58.13 -18.10
N LEU H 40 43.16 -56.80 -18.05
CA LEU H 40 42.25 -56.07 -18.92
C LEU H 40 42.63 -56.22 -20.38
N THR H 41 43.91 -56.01 -20.71
CA THR H 41 44.34 -56.06 -22.10
C THR H 41 44.12 -57.44 -22.70
N ARG H 42 44.46 -58.50 -21.96
CA ARG H 42 44.27 -59.85 -22.47
C ARG H 42 42.80 -60.21 -22.61
N ASP H 43 41.96 -59.72 -21.70
CA ASP H 43 40.54 -60.05 -21.73
C ASP H 43 39.87 -59.51 -23.00
N ARG H 44 40.28 -58.34 -23.45
CA ARG H 44 39.66 -57.73 -24.63
C ARG H 44 40.24 -58.27 -25.93
N ALA H 45 41.43 -58.88 -25.89
CA ALA H 45 41.97 -59.54 -27.07
C ALA H 45 41.32 -60.89 -27.32
N ASN H 46 40.82 -61.55 -26.26
CA ASN H 46 40.06 -62.78 -26.39
C ASN H 46 40.87 -63.93 -27.00
N GLN H 47 42.18 -63.94 -26.75
CA GLN H 47 43.04 -64.96 -27.32
C GLN H 47 43.08 -66.21 -26.45
N ASN H 48 43.71 -67.24 -26.98
CA ASN H 48 43.94 -68.45 -26.19
C ASN H 48 44.99 -68.17 -25.13
N PRO H 49 44.76 -68.58 -23.87
CA PRO H 49 45.66 -68.25 -22.76
C PRO H 49 46.90 -69.14 -22.68
N ILE H 50 47.56 -69.35 -23.82
CA ILE H 50 48.73 -70.22 -23.87
C ILE H 50 49.86 -69.66 -23.00
N ALA H 51 50.09 -68.35 -23.09
CA ALA H 51 51.17 -67.74 -22.31
C ALA H 51 50.87 -67.80 -20.81
N GLU H 52 49.60 -67.61 -20.43
CA GLU H 52 49.25 -67.61 -19.02
C GLU H 52 49.41 -69.00 -18.40
N ILE H 53 49.12 -70.05 -19.18
CA ILE H 53 49.31 -71.41 -18.68
C ILE H 53 50.79 -71.70 -18.52
N GLU H 54 51.62 -71.22 -19.46
CA GLU H 54 53.06 -71.38 -19.31
C GLU H 54 53.58 -70.64 -18.08
N LEU H 55 52.92 -69.53 -17.71
CA LEU H 55 53.29 -68.84 -16.48
C LEU H 55 52.92 -69.67 -15.26
N LEU H 56 51.73 -70.28 -15.26
CA LEU H 56 51.36 -71.19 -14.19
C LEU H 56 52.29 -72.40 -14.16
N ARG H 57 52.68 -72.90 -15.33
CA ARG H 57 53.55 -74.07 -15.41
C ARG H 57 54.95 -73.75 -14.87
N ARG H 58 55.51 -72.61 -15.29
CA ARG H 58 56.88 -72.26 -14.92
C ARG H 58 57.04 -72.12 -13.41
N TYR H 59 56.03 -71.63 -12.71
CA TYR H 59 56.11 -71.40 -11.27
C TYR H 59 55.54 -72.56 -10.44
N GLY H 60 55.33 -73.73 -11.05
CA GLY H 60 54.98 -74.91 -10.30
C GLY H 60 53.55 -74.96 -9.79
N LEU H 61 52.65 -74.16 -10.34
CA LEU H 61 51.27 -74.17 -9.88
C LEU H 61 50.46 -75.31 -10.48
N LEU H 62 50.82 -75.77 -11.68
CA LEU H 62 50.10 -76.89 -12.28
C LEU H 62 50.40 -78.19 -11.56
N SER H 63 51.64 -78.37 -11.12
CA SER H 63 52.07 -79.59 -10.45
C SER H 63 51.97 -79.50 -8.93
N PHE H 64 51.32 -78.47 -8.39
CA PHE H 64 51.30 -78.28 -6.94
C PHE H 64 50.56 -79.41 -6.24
N ALA H 65 49.45 -79.87 -6.80
CA ALA H 65 48.64 -80.91 -6.19
C ALA H 65 49.06 -82.32 -6.59
N THR H 66 50.31 -82.49 -7.00
CA THR H 66 50.84 -83.79 -7.38
C THR H 66 51.92 -84.20 -6.39
N ALA H 67 52.00 -85.49 -6.09
CA ALA H 67 52.95 -85.99 -5.10
C ALA H 67 54.38 -85.65 -5.50
N ARG H 68 55.24 -85.52 -4.49
CA ARG H 68 56.63 -85.12 -4.74
C ARG H 68 57.40 -86.16 -5.52
N GLU H 69 57.01 -87.44 -5.40
CA GLU H 69 57.68 -88.50 -6.13
C GLU H 69 57.54 -88.36 -7.64
N PHE H 70 56.50 -87.66 -8.11
CA PHE H 70 56.30 -87.40 -9.53
C PHE H 70 56.84 -86.05 -9.96
N GLY H 71 57.55 -85.34 -9.09
CA GLY H 71 58.05 -84.02 -9.39
C GLY H 71 57.15 -82.88 -8.96
N GLY H 72 55.99 -83.18 -8.38
CA GLY H 72 55.08 -82.15 -7.92
C GLY H 72 55.46 -81.62 -6.55
N ALA H 73 54.60 -80.73 -6.04
CA ALA H 73 54.84 -80.11 -4.74
C ALA H 73 54.30 -80.95 -3.58
N GLY H 74 53.40 -81.88 -3.84
CA GLY H 74 52.81 -82.65 -2.76
C GLY H 74 51.75 -81.92 -1.98
N GLY H 75 51.11 -80.92 -2.57
CA GLY H 75 50.10 -80.16 -1.88
C GLY H 75 48.78 -80.89 -1.77
N SER H 76 47.93 -80.39 -0.88
CA SER H 76 46.60 -80.93 -0.66
C SER H 76 45.58 -80.16 -1.48
N LEU H 77 44.35 -80.68 -1.50
CA LEU H 77 43.28 -80.01 -2.23
C LEU H 77 42.86 -78.71 -1.53
N VAL H 78 42.84 -78.72 -0.19
CA VAL H 78 42.60 -77.49 0.56
C VAL H 78 43.59 -76.42 0.18
N GLN H 79 44.87 -76.80 0.10
CA GLN H 79 45.92 -75.84 -0.26
C GLN H 79 45.83 -75.43 -1.72
N ALA H 80 45.57 -76.39 -2.62
CA ALA H 80 45.51 -76.07 -4.04
C ALA H 80 44.40 -75.07 -4.35
N LEU H 81 43.22 -75.28 -3.76
CA LEU H 81 42.11 -74.35 -4.01
C LEU H 81 42.36 -72.99 -3.39
N GLN H 82 43.14 -72.94 -2.30
CA GLN H 82 43.50 -71.64 -1.73
C GLN H 82 44.43 -70.87 -2.66
N LEU H 83 45.38 -71.54 -3.29
CA LEU H 83 46.19 -70.87 -4.31
C LEU H 83 45.34 -70.46 -5.50
N GLY H 84 44.33 -71.28 -5.84
CA GLY H 84 43.44 -70.92 -6.92
C GLY H 84 42.66 -69.64 -6.66
N ARG H 85 42.29 -69.40 -5.40
CA ARG H 85 41.61 -68.15 -5.06
C ARG H 85 42.52 -66.95 -5.30
N ILE H 86 43.81 -67.10 -4.97
CA ILE H 86 44.75 -66.01 -5.20
C ILE H 86 44.87 -65.70 -6.69
N ILE H 87 44.91 -66.74 -7.52
CA ILE H 87 44.99 -66.53 -8.97
C ILE H 87 43.70 -65.96 -9.51
N ALA H 88 42.55 -66.48 -9.04
CA ALA H 88 41.26 -66.03 -9.54
C ALA H 88 40.99 -64.58 -9.19
N ALA H 89 41.56 -64.09 -8.09
CA ALA H 89 41.40 -62.68 -7.74
C ALA H 89 42.10 -61.78 -8.75
N ALA H 90 43.20 -62.23 -9.32
CA ALA H 90 43.91 -61.43 -10.31
C ALA H 90 43.27 -61.53 -11.69
N ASP H 91 42.82 -62.73 -12.06
CA ASP H 91 42.25 -62.97 -13.38
C ASP H 91 41.26 -64.13 -13.25
N GLY H 92 39.97 -63.82 -13.40
CA GLY H 92 38.95 -64.84 -13.25
C GLY H 92 39.07 -65.97 -14.26
N SER H 93 39.43 -65.64 -15.50
CA SER H 93 39.59 -66.68 -16.51
C SER H 93 40.74 -67.61 -16.19
N ILE H 94 41.91 -67.04 -15.87
CA ILE H 94 43.07 -67.87 -15.54
C ILE H 94 42.85 -68.61 -14.24
N GLY H 95 42.14 -68.00 -13.29
CA GLY H 95 41.81 -68.71 -12.06
C GLY H 95 40.94 -69.92 -12.31
N GLN H 96 39.97 -69.80 -13.23
CA GLN H 96 39.11 -70.93 -13.57
C GLN H 96 39.92 -72.05 -14.21
N LEU H 97 40.84 -71.70 -15.12
CA LEU H 97 41.67 -72.72 -15.76
C LEU H 97 42.49 -73.49 -14.73
N LEU H 98 43.03 -72.78 -13.72
CA LEU H 98 43.86 -73.45 -12.72
C LEU H 98 43.04 -74.46 -11.92
N VAL H 99 41.86 -74.04 -11.43
CA VAL H 99 41.07 -74.95 -10.61
C VAL H 99 40.42 -76.04 -11.44
N TYR H 100 40.05 -75.74 -12.69
CA TYR H 100 39.57 -76.78 -13.59
C TYR H 100 40.66 -77.83 -13.84
N HIS H 101 41.91 -77.38 -13.95
CA HIS H 101 43.03 -78.31 -14.08
C HIS H 101 43.16 -79.17 -12.83
N TYR H 102 43.06 -78.55 -11.65
CA TYR H 102 43.11 -79.30 -10.40
C TYR H 102 41.95 -80.29 -10.31
N SER H 103 40.74 -79.82 -10.62
CA SER H 103 39.57 -80.70 -10.57
C SER H 103 39.73 -81.87 -11.53
N ASN H 104 40.24 -81.62 -12.73
CA ASN H 104 40.45 -82.70 -13.68
C ASN H 104 41.45 -83.73 -13.16
N GLY H 105 42.43 -83.30 -12.36
CA GLY H 105 43.30 -84.25 -11.70
C GLY H 105 42.57 -85.07 -10.66
N VAL H 106 41.65 -84.44 -9.94
CA VAL H 106 40.80 -85.18 -9.01
C VAL H 106 39.91 -86.15 -9.78
N TRP H 107 39.47 -85.77 -10.99
CA TRP H 107 38.62 -86.67 -11.78
C TRP H 107 39.39 -87.91 -12.23
N THR H 108 40.56 -87.73 -12.82
CA THR H 108 41.33 -88.88 -13.29
C THR H 108 41.87 -89.71 -12.14
N TYR H 109 42.10 -89.09 -10.98
CA TYR H 109 42.45 -89.87 -9.79
C TYR H 109 41.30 -90.80 -9.39
N ILE H 110 40.06 -90.31 -9.46
CA ILE H 110 38.91 -91.13 -9.12
C ILE H 110 38.68 -92.20 -10.19
N LEU H 111 38.78 -91.83 -11.46
CA LEU H 111 38.44 -92.73 -12.54
C LEU H 111 39.56 -93.67 -12.93
N GLY H 112 40.81 -93.35 -12.58
CA GLY H 112 41.95 -94.07 -13.09
C GLY H 112 42.35 -95.27 -12.25
N SER H 113 42.83 -96.31 -12.93
CA SER H 113 43.43 -97.44 -12.26
C SER H 113 44.77 -97.01 -11.66
N PRO H 114 45.34 -97.80 -10.75
CA PRO H 114 46.66 -97.46 -10.21
C PRO H 114 47.72 -97.24 -11.27
N THR H 115 47.67 -98.01 -12.36
CA THR H 115 48.59 -97.79 -13.47
C THR H 115 48.29 -96.48 -14.18
N GLN H 116 47.01 -96.19 -14.43
CA GLN H 116 46.65 -94.95 -15.10
C GLN H 116 46.91 -93.73 -14.22
N ARG H 117 46.81 -93.89 -12.91
CA ARG H 117 47.11 -92.78 -11.99
C ARG H 117 48.58 -92.37 -12.11
N GLU H 118 49.48 -93.35 -12.13
CA GLU H 118 50.91 -93.02 -12.17
C GLU H 118 51.29 -92.43 -13.52
N TYR H 119 50.71 -92.93 -14.60
CA TYR H 119 50.95 -92.35 -15.92
C TYR H 119 50.58 -90.88 -15.93
N ILE H 120 49.42 -90.54 -15.38
CA ILE H 120 48.97 -89.15 -15.38
C ILE H 120 49.76 -88.31 -14.38
N SER H 121 50.07 -88.89 -13.22
CA SER H 121 50.83 -88.16 -12.21
C SER H 121 52.24 -87.84 -12.69
N ARG H 122 52.87 -88.76 -13.42
CA ARG H 122 54.20 -88.50 -13.94
C ARG H 122 54.18 -87.39 -14.98
N GLY H 123 53.14 -87.36 -15.82
CA GLY H 123 53.06 -86.33 -16.84
C GLY H 123 52.72 -84.97 -16.26
N VAL H 124 51.77 -84.94 -15.33
CA VAL H 124 51.39 -83.67 -14.70
C VAL H 124 52.51 -83.17 -13.79
N GLY H 125 53.10 -84.06 -13.01
CA GLY H 125 54.09 -83.63 -12.03
C GLY H 125 55.43 -83.27 -12.65
N GLY H 126 55.84 -83.99 -13.69
CA GLY H 126 57.18 -83.82 -14.22
C GLY H 126 57.29 -83.38 -15.67
N HIS H 127 56.15 -83.22 -16.35
CA HIS H 127 56.18 -82.82 -17.76
C HIS H 127 55.24 -81.65 -18.07
N GLY H 128 54.69 -80.98 -17.06
CA GLY H 128 53.92 -79.77 -17.28
C GLY H 128 52.60 -79.97 -17.99
N TRP H 129 52.00 -81.15 -17.89
CA TRP H 129 50.73 -81.40 -18.57
C TRP H 129 49.62 -80.57 -17.94
N PHE H 130 48.84 -79.89 -18.78
CA PHE H 130 47.61 -79.24 -18.37
C PHE H 130 46.45 -80.15 -18.73
N GLN H 131 45.57 -80.42 -17.76
CA GLN H 131 44.47 -81.37 -17.94
C GLN H 131 43.18 -80.63 -18.27
N GLY H 132 42.55 -81.01 -19.38
CA GLY H 132 41.21 -80.58 -19.70
C GLY H 132 40.29 -81.78 -19.85
N SER H 133 38.99 -81.50 -19.93
CA SER H 133 38.01 -82.57 -20.07
C SER H 133 36.82 -82.09 -20.88
N VAL H 134 36.19 -83.03 -21.57
CA VAL H 134 34.96 -82.80 -22.32
C VAL H 134 33.92 -83.78 -21.81
N SER H 135 32.82 -83.25 -21.27
CA SER H 135 31.78 -84.06 -20.67
C SER H 135 30.62 -84.21 -21.66
N ASN H 136 30.13 -85.45 -21.80
CA ASN H 136 29.01 -85.84 -22.66
C ASN H 136 28.28 -84.73 -23.42
N GLY H 141 23.74 -85.15 -29.68
CA GLY H 141 24.11 -85.62 -31.01
C GLY H 141 25.51 -86.21 -31.07
N ILE H 142 25.74 -87.26 -30.29
CA ILE H 142 27.02 -87.94 -30.22
C ILE H 142 26.79 -89.42 -30.46
N THR H 143 27.62 -90.02 -31.31
CA THR H 143 27.56 -91.45 -31.60
C THR H 143 28.90 -92.09 -31.25
N VAL H 144 28.84 -93.22 -30.56
CA VAL H 144 30.03 -93.97 -30.15
C VAL H 144 29.88 -95.40 -30.63
N THR H 145 30.91 -95.90 -31.32
CA THR H 145 30.94 -97.27 -31.80
C THR H 145 32.19 -97.95 -31.27
N ARG H 146 32.04 -99.20 -30.83
CA ARG H 146 33.17 -99.97 -30.34
C ARG H 146 33.81 -100.71 -31.52
N THR H 147 35.13 -100.58 -31.65
CA THR H 147 35.90 -101.23 -32.69
C THR H 147 36.96 -102.12 -32.05
N GLU H 148 37.81 -102.72 -32.92
CA GLU H 148 38.89 -103.56 -32.41
C GLU H 148 39.95 -102.75 -31.69
N GLU H 149 40.16 -101.50 -32.10
CA GLU H 149 41.15 -100.64 -31.46
C GLU H 149 40.60 -99.93 -30.23
N GLY H 150 39.28 -99.80 -30.12
CA GLY H 150 38.67 -99.14 -28.98
C GLY H 150 37.30 -98.56 -29.30
N TYR H 151 37.18 -97.23 -29.22
CA TYR H 151 35.92 -96.55 -29.50
C TYR H 151 36.15 -95.44 -30.49
N ARG H 152 35.21 -95.29 -31.42
CA ARG H 152 35.20 -94.18 -32.37
C ARG H 152 34.09 -93.22 -31.97
N VAL H 153 34.43 -91.94 -31.89
CA VAL H 153 33.52 -90.90 -31.39
C VAL H 153 33.26 -89.92 -32.52
N ASN H 154 31.99 -89.59 -32.72
CA ASN H 154 31.59 -88.59 -33.70
C ASN H 154 30.53 -87.68 -33.09
N GLY H 155 30.63 -86.39 -33.38
CA GLY H 155 29.69 -85.42 -32.88
C GLY H 155 30.32 -84.10 -32.48
N LYS H 156 29.49 -83.16 -32.02
CA LYS H 156 29.95 -81.84 -31.60
C LYS H 156 29.60 -81.63 -30.14
N ARG H 157 30.56 -81.09 -29.38
CA ARG H 157 30.36 -80.79 -27.97
C ARG H 157 30.60 -79.31 -27.70
N THR H 158 29.89 -78.79 -26.70
CA THR H 158 29.91 -77.38 -26.36
C THR H 158 30.46 -77.18 -24.95
N PHE H 159 30.70 -75.92 -24.60
CA PHE H 159 31.14 -75.52 -23.27
C PHE H 159 32.37 -76.31 -22.80
N ALA H 160 33.24 -76.67 -23.74
CA ALA H 160 34.45 -77.43 -23.42
C ALA H 160 35.50 -76.45 -22.93
N THR H 161 35.71 -76.42 -21.61
CA THR H 161 36.58 -75.44 -20.98
C THR H 161 38.02 -75.93 -20.97
N GLY H 162 38.92 -75.12 -21.50
CA GLY H 162 40.35 -75.41 -21.42
C GLY H 162 40.84 -76.55 -22.27
N VAL H 163 39.99 -77.13 -23.12
CA VAL H 163 40.41 -78.26 -23.93
C VAL H 163 41.40 -77.83 -25.01
N ALA H 164 41.20 -76.63 -25.58
CA ALA H 164 42.05 -76.15 -26.66
C ALA H 164 43.47 -75.86 -26.20
N VAL H 165 43.73 -75.83 -24.90
CA VAL H 165 45.06 -75.58 -24.36
C VAL H 165 45.56 -76.72 -23.49
N ALA H 166 44.82 -77.84 -23.45
CA ALA H 166 45.17 -78.96 -22.61
C ALA H 166 46.16 -79.88 -23.33
N ASP H 167 46.98 -80.57 -22.53
CA ASP H 167 47.90 -81.57 -23.05
C ASP H 167 47.33 -82.98 -22.95
N LEU H 168 46.52 -83.24 -21.93
CA LEU H 168 45.82 -84.51 -21.76
C LEU H 168 44.34 -84.19 -21.59
N ILE H 169 43.50 -84.85 -22.39
CA ILE H 169 42.07 -84.56 -22.42
C ILE H 169 41.33 -85.77 -21.89
N THR H 170 40.50 -85.56 -20.86
CA THR H 170 39.61 -86.60 -20.36
C THR H 170 38.29 -86.52 -21.13
N VAL H 171 37.91 -87.62 -21.76
CA VAL H 171 36.68 -87.69 -22.54
C VAL H 171 35.69 -88.54 -21.76
N LEU H 172 34.55 -87.94 -21.41
CA LEU H 172 33.53 -88.60 -20.59
C LEU H 172 32.27 -88.74 -21.43
N LEU H 173 31.93 -89.98 -21.78
CA LEU H 173 30.79 -90.28 -22.63
C LEU H 173 29.85 -91.23 -21.91
N TYR H 174 28.70 -91.48 -22.53
CA TYR H 174 27.73 -92.44 -22.02
C TYR H 174 26.91 -92.94 -23.21
N GLU H 175 27.44 -93.95 -23.90
CA GLU H 175 26.73 -94.59 -25.00
C GLU H 175 25.93 -95.76 -24.45
N ALA H 176 26.44 -96.98 -24.64
CA ALA H 176 25.84 -98.15 -24.00
C ALA H 176 26.17 -98.22 -22.52
N GLU H 177 27.18 -97.49 -22.07
CA GLU H 177 27.65 -97.52 -20.70
C GLU H 177 28.57 -96.30 -20.50
N PRO H 178 28.82 -95.91 -19.25
CA PRO H 178 29.78 -94.82 -19.01
C PRO H 178 31.15 -95.18 -19.56
N ILE H 179 31.64 -94.35 -20.47
CA ILE H 179 32.94 -94.54 -21.11
C ILE H 179 33.77 -93.31 -20.82
N ASN H 180 34.85 -93.48 -20.06
CA ASN H 180 35.73 -92.39 -19.68
C ASN H 180 37.15 -92.76 -20.10
N ALA H 181 37.80 -91.84 -20.83
CA ALA H 181 39.11 -92.13 -21.36
C ALA H 181 39.95 -90.86 -21.35
N ILE H 182 41.27 -91.05 -21.46
CA ILE H 182 42.23 -89.95 -21.56
C ILE H 182 42.92 -90.05 -22.90
N ILE H 183 42.98 -88.93 -23.63
CA ILE H 183 43.60 -88.91 -24.94
C ILE H 183 44.60 -87.77 -25.03
N PRO H 184 45.66 -87.89 -25.82
CA PRO H 184 46.56 -86.75 -26.04
C PRO H 184 45.87 -85.67 -26.86
N SER H 185 46.33 -84.44 -26.68
CA SER H 185 45.79 -83.33 -27.45
C SER H 185 46.07 -83.48 -28.94
N GLU H 186 47.09 -84.27 -29.29
CA GLU H 186 47.47 -84.49 -30.69
C GLU H 186 46.67 -85.58 -31.36
N ARG H 187 45.67 -86.15 -30.68
CA ARG H 187 44.87 -87.23 -31.27
C ARG H 187 44.09 -86.72 -32.48
N ASP H 188 44.09 -87.52 -33.54
CA ASP H 188 43.45 -87.11 -34.79
C ASP H 188 41.94 -86.97 -34.60
N GLY H 189 41.34 -86.09 -35.40
CA GLY H 189 39.91 -85.89 -35.40
C GLY H 189 39.40 -84.79 -34.51
N LEU H 190 40.27 -84.11 -33.77
CA LEU H 190 39.86 -83.06 -32.85
C LEU H 190 39.88 -81.71 -33.56
N ARG H 191 38.74 -81.02 -33.55
CA ARG H 191 38.62 -79.67 -34.06
C ARG H 191 38.16 -78.77 -32.93
N PHE H 192 38.81 -77.61 -32.78
CA PHE H 192 38.46 -76.63 -31.75
C PHE H 192 37.91 -75.40 -32.45
N ASN H 193 36.60 -75.22 -32.39
CA ASN H 193 35.97 -74.09 -33.05
C ASN H 193 36.16 -72.82 -32.22
N ASP H 194 36.29 -71.69 -32.93
CA ASP H 194 36.47 -70.39 -32.29
C ASP H 194 35.14 -69.65 -32.18
N ASP H 195 34.22 -70.27 -31.44
CA ASP H 195 32.87 -69.74 -31.24
C ASP H 195 32.61 -69.35 -29.79
N TRP H 196 33.63 -68.81 -29.13
CA TRP H 196 33.53 -68.39 -27.73
C TRP H 196 33.68 -66.88 -27.67
N ASP H 197 32.55 -66.16 -27.64
CA ASP H 197 32.51 -64.71 -27.49
C ASP H 197 31.49 -64.43 -26.39
N ASN H 198 31.91 -64.59 -25.14
CA ASN H 198 31.01 -64.59 -23.99
C ASN H 198 31.21 -63.35 -23.15
N LEU H 199 30.23 -63.10 -22.28
CA LEU H 199 30.28 -61.93 -21.40
C LEU H 199 31.52 -61.96 -20.51
N GLY H 200 31.67 -63.05 -19.75
CA GLY H 200 32.82 -63.23 -18.89
C GLY H 200 33.48 -64.57 -19.16
N GLN H 201 34.49 -64.86 -18.34
CA GLN H 201 35.28 -66.08 -18.49
C GLN H 201 35.78 -66.25 -19.93
N ARG H 202 36.19 -65.13 -20.54
CA ARG H 202 36.50 -65.12 -21.96
C ARG H 202 37.79 -65.84 -22.31
N LEU H 203 38.76 -65.86 -21.40
CA LEU H 203 40.06 -66.49 -21.66
C LEU H 203 40.15 -67.89 -21.08
N THR H 204 39.05 -68.64 -21.09
CA THR H 204 39.03 -70.00 -20.56
C THR H 204 39.06 -71.06 -21.65
N ALA H 205 39.17 -70.66 -22.92
CA ALA H 205 39.17 -71.60 -24.05
C ALA H 205 37.93 -72.49 -24.03
N SER H 206 36.76 -71.87 -23.82
CA SER H 206 35.51 -72.60 -23.65
C SER H 206 34.69 -72.66 -24.93
N GLY H 207 35.33 -72.87 -26.07
CA GLY H 207 34.63 -73.04 -27.32
C GLY H 207 34.04 -74.44 -27.46
N SER H 208 33.62 -74.75 -28.68
CA SER H 208 33.07 -76.06 -28.99
C SER H 208 34.14 -76.97 -29.55
N VAL H 209 33.93 -78.28 -29.41
CA VAL H 209 34.87 -79.29 -29.84
C VAL H 209 34.16 -80.25 -30.78
N GLU H 210 34.76 -80.50 -31.94
CA GLU H 210 34.23 -81.44 -32.92
C GLU H 210 35.03 -82.74 -32.84
N PHE H 211 34.31 -83.86 -32.76
CA PHE H 211 34.92 -85.18 -32.76
C PHE H 211 34.67 -85.80 -34.13
N ASP H 212 35.70 -85.85 -34.96
CA ASP H 212 35.61 -86.41 -36.31
C ASP H 212 36.24 -87.80 -36.30
N ASN H 213 35.42 -88.78 -35.90
CA ASN H 213 35.85 -90.18 -35.84
C ASN H 213 37.09 -90.33 -34.96
N VAL H 214 37.03 -89.74 -33.77
CA VAL H 214 38.16 -89.75 -32.85
C VAL H 214 38.25 -91.11 -32.17
N LEU H 215 39.46 -91.64 -32.09
CA LEU H 215 39.69 -92.95 -31.50
C LEU H 215 40.01 -92.82 -30.02
N LEU H 216 39.30 -93.59 -29.20
CA LEU H 216 39.66 -93.79 -27.79
C LEU H 216 40.15 -95.24 -27.69
N ARG H 217 41.46 -95.41 -27.54
CA ARG H 217 42.02 -96.75 -27.50
C ARG H 217 41.68 -97.45 -26.20
N HIS H 218 41.67 -98.79 -26.25
CA HIS H 218 41.24 -99.57 -25.09
C HIS H 218 42.12 -99.31 -23.87
N ASP H 219 43.43 -99.22 -24.07
CA ASP H 219 44.34 -98.95 -22.96
C ASP H 219 44.19 -97.55 -22.38
N GLU H 220 43.45 -96.66 -23.06
CA GLU H 220 43.20 -95.32 -22.57
C GLU H 220 41.88 -95.19 -21.82
N VAL H 221 41.07 -96.26 -21.78
CA VAL H 221 39.80 -96.23 -21.07
C VAL H 221 40.08 -96.36 -19.58
N LEU H 222 39.50 -95.46 -18.79
CA LEU H 222 39.74 -95.43 -17.35
C LEU H 222 38.90 -96.51 -16.67
N THR H 223 39.53 -97.27 -15.77
CA THR H 223 38.89 -98.43 -15.14
C THR H 223 38.96 -98.38 -13.62
N GLY H 224 39.31 -97.22 -13.03
CA GLY H 224 39.45 -97.14 -11.59
C GLY H 224 38.17 -97.38 -10.81
N LEU H 225 37.02 -97.17 -11.44
CA LEU H 225 35.74 -97.38 -10.77
C LEU H 225 35.33 -98.84 -10.71
N ASP H 226 36.06 -99.74 -11.37
CA ASP H 226 35.66 -101.14 -11.41
C ASP H 226 35.78 -101.82 -10.05
N GLU H 227 36.65 -101.32 -9.17
CA GLU H 227 36.82 -101.94 -7.87
C GLU H 227 35.72 -101.58 -6.88
N TYR H 228 34.86 -100.63 -7.23
CA TYR H 228 33.73 -100.25 -6.39
C TYR H 228 32.48 -100.98 -6.84
N SER H 229 31.65 -101.37 -5.88
CA SER H 229 30.48 -102.19 -6.18
C SER H 229 29.46 -101.41 -6.99
N GLY H 230 28.97 -102.03 -8.05
CA GLY H 230 27.89 -101.48 -8.85
C GLY H 230 26.51 -101.90 -8.41
N LEU H 231 26.40 -102.60 -7.29
CA LEU H 231 25.12 -103.07 -6.78
C LEU H 231 24.59 -102.25 -5.61
N ASP H 232 25.45 -101.84 -4.69
CA ASP H 232 25.03 -101.10 -3.50
C ASP H 232 25.13 -99.58 -3.66
N GLY H 233 25.49 -99.10 -4.83
CA GLY H 233 25.62 -97.67 -5.06
C GLY H 233 26.98 -97.09 -4.70
N SER H 234 27.95 -97.92 -4.35
CA SER H 234 29.27 -97.41 -3.99
C SER H 234 29.95 -96.74 -5.18
N ARG H 235 29.88 -97.37 -6.35
CA ARG H 235 30.52 -96.80 -7.54
C ARG H 235 29.89 -95.46 -7.91
N GLU H 236 28.55 -95.36 -7.83
CA GLU H 236 27.88 -94.12 -8.13
C GLU H 236 28.27 -93.01 -7.16
N ARG H 237 28.44 -93.35 -5.88
CA ARG H 237 28.81 -92.34 -4.89
C ARG H 237 30.27 -91.97 -5.00
N ARG H 238 31.15 -92.94 -5.25
CA ARG H 238 32.57 -92.64 -5.49
C ARG H 238 32.72 -91.75 -6.72
N ASP H 239 32.09 -92.14 -7.84
CA ASP H 239 32.12 -91.31 -9.04
C ASP H 239 31.45 -89.97 -8.79
N GLY H 240 30.43 -89.94 -7.93
CA GLY H 240 29.72 -88.71 -7.64
C GLY H 240 30.58 -87.63 -7.01
N LEU H 241 31.74 -88.00 -6.45
CA LEU H 241 32.64 -87.01 -5.89
C LEU H 241 33.19 -86.05 -6.94
N ARG H 242 33.25 -86.48 -8.21
CA ARG H 242 33.73 -85.58 -9.27
C ARG H 242 32.84 -84.35 -9.38
N ALA H 243 31.53 -84.56 -9.42
CA ALA H 243 30.60 -83.43 -9.52
C ALA H 243 30.61 -82.58 -8.26
N LEU H 244 30.80 -83.21 -7.09
CA LEU H 244 30.89 -82.43 -5.86
C LEU H 244 32.12 -81.54 -5.86
N PHE H 245 33.24 -82.04 -6.39
CA PHE H 245 34.45 -81.22 -6.45
C PHE H 245 34.31 -80.09 -7.46
N SER H 246 33.61 -80.33 -8.58
CA SER H 246 33.32 -79.25 -9.52
C SER H 246 32.60 -78.10 -8.82
N GLN H 247 31.54 -78.43 -8.07
CA GLN H 247 30.84 -77.40 -7.31
C GLN H 247 31.76 -76.70 -6.34
N LEU H 248 32.74 -77.42 -5.79
CA LEU H 248 33.65 -76.83 -4.81
C LEU H 248 34.62 -75.85 -5.48
N ILE H 249 35.14 -76.19 -6.66
CA ILE H 249 36.04 -75.26 -7.33
C ILE H 249 35.30 -74.02 -7.80
N PHE H 250 34.00 -74.15 -8.10
CA PHE H 250 33.21 -72.96 -8.41
C PHE H 250 33.15 -72.03 -7.21
N VAL H 251 32.95 -72.60 -6.01
CA VAL H 251 32.91 -71.82 -4.78
C VAL H 251 34.17 -70.95 -4.65
N HIS H 252 35.34 -71.58 -4.78
CA HIS H 252 36.60 -70.85 -4.60
C HIS H 252 36.85 -69.86 -5.73
N LEU H 253 36.41 -70.18 -6.95
CA LEU H 253 36.52 -69.22 -8.05
C LEU H 253 35.69 -67.98 -7.75
N TYR H 254 34.46 -68.15 -7.28
CA TYR H 254 33.61 -66.99 -7.01
C TYR H 254 34.17 -66.15 -5.89
N LEU H 255 34.68 -66.79 -4.83
CA LEU H 255 35.25 -66.06 -3.71
C LEU H 255 36.53 -65.35 -4.12
N GLY H 256 37.35 -65.99 -4.96
CA GLY H 256 38.53 -65.32 -5.47
C GLY H 256 38.20 -64.08 -6.27
N ILE H 257 37.24 -64.20 -7.20
CA ILE H 257 36.82 -63.05 -7.99
C ILE H 257 36.27 -61.95 -7.09
N ALA H 258 35.50 -62.32 -6.06
CA ALA H 258 34.98 -61.33 -5.13
C ALA H 258 36.11 -60.62 -4.40
N GLU H 259 37.16 -61.35 -4.01
CA GLU H 259 38.30 -60.72 -3.35
C GLU H 259 39.02 -59.76 -4.30
N GLY H 260 39.23 -60.18 -5.55
CA GLY H 260 39.84 -59.28 -6.52
C GLY H 260 39.01 -58.04 -6.77
N ALA H 261 37.69 -58.20 -6.84
CA ALA H 261 36.80 -57.06 -7.05
C ALA H 261 36.87 -56.09 -5.89
N LEU H 262 36.80 -56.61 -4.67
CA LEU H 262 36.84 -55.76 -3.49
C LEU H 262 38.16 -55.02 -3.40
N ALA H 263 39.27 -55.72 -3.67
CA ALA H 263 40.58 -55.07 -3.62
C ALA H 263 40.73 -54.03 -4.72
N ALA H 264 40.20 -54.31 -5.91
CA ALA H 264 40.30 -53.33 -7.01
C ALA H 264 39.50 -52.08 -6.71
N GLY H 265 38.31 -52.23 -6.12
CA GLY H 265 37.51 -51.08 -5.78
C GLY H 265 38.14 -50.24 -4.69
N VAL H 266 38.71 -50.89 -3.66
CA VAL H 266 39.43 -50.16 -2.62
C VAL H 266 40.62 -49.42 -3.20
N ALA H 267 41.38 -50.07 -4.08
CA ALA H 267 42.55 -49.42 -4.67
C ALA H 267 42.15 -48.22 -5.51
N TYR H 268 41.01 -48.29 -6.21
CA TYR H 268 40.57 -47.16 -7.01
C TYR H 268 40.23 -45.97 -6.14
N ILE H 269 39.48 -46.21 -5.06
CA ILE H 269 39.03 -45.12 -4.19
C ILE H 269 40.24 -44.41 -3.56
N ARG H 270 41.21 -45.18 -3.06
CA ARG H 270 42.37 -44.57 -2.41
C ARG H 270 43.22 -43.79 -3.40
N ASP H 271 43.22 -44.19 -4.66
CA ASP H 271 44.09 -43.58 -5.67
C ASP H 271 43.37 -42.53 -6.52
N LYS H 272 42.12 -42.78 -6.91
CA LYS H 272 41.42 -41.88 -7.82
C LYS H 272 40.13 -41.30 -7.26
N GLY H 273 39.65 -41.78 -6.12
CA GLY H 273 38.38 -41.32 -5.60
C GLY H 273 38.41 -39.87 -5.19
N ARG H 274 37.25 -39.22 -5.29
CA ARG H 274 37.02 -37.86 -4.84
C ARG H 274 35.91 -37.86 -3.80
N PRO H 275 36.00 -36.99 -2.79
CA PRO H 275 34.91 -36.92 -1.81
C PRO H 275 33.67 -36.29 -2.43
N TRP H 276 32.52 -36.75 -1.97
CA TRP H 276 31.26 -36.16 -2.39
C TRP H 276 31.07 -34.82 -1.68
N PRO H 277 30.66 -33.76 -2.39
CA PRO H 277 30.58 -32.44 -1.73
C PRO H 277 29.65 -32.39 -0.52
N GLU H 278 28.64 -33.25 -0.45
CA GLU H 278 27.77 -33.30 0.72
C GLU H 278 28.42 -34.02 1.91
N ALA H 279 29.54 -34.70 1.69
CA ALA H 279 30.20 -35.41 2.79
C ALA H 279 30.76 -34.43 3.80
N HIS H 280 30.85 -34.88 5.05
CA HIS H 280 31.37 -34.03 6.12
C HIS H 280 32.89 -33.87 6.02
N SER H 281 33.58 -34.89 5.52
CA SER H 281 35.03 -34.86 5.40
C SER H 281 35.43 -34.67 3.94
N THR H 282 36.53 -33.95 3.74
CA THR H 282 37.10 -33.77 2.41
C THR H 282 38.00 -34.92 1.99
N ASP H 283 38.17 -35.94 2.84
CA ASP H 283 38.94 -37.13 2.51
C ASP H 283 37.97 -38.21 2.06
N VAL H 284 38.19 -38.74 0.84
CA VAL H 284 37.26 -39.74 0.30
C VAL H 284 37.33 -41.04 1.11
N THR H 285 38.46 -41.33 1.72
CA THR H 285 38.59 -42.58 2.50
C THR H 285 37.83 -42.52 3.82
N GLU H 286 37.33 -41.35 4.21
CA GLU H 286 36.57 -41.20 5.45
C GLU H 286 35.06 -41.16 5.22
N ASP H 287 34.61 -41.44 4.00
CA ASP H 287 33.17 -41.44 3.72
C ASP H 287 32.48 -42.54 4.51
N PRO H 288 31.44 -42.22 5.30
CA PRO H 288 30.85 -43.26 6.16
C PRO H 288 30.14 -44.35 5.38
N TYR H 289 29.61 -44.05 4.21
CA TYR H 289 28.88 -45.06 3.44
C TYR H 289 29.81 -45.95 2.62
N HIS H 290 30.92 -45.40 2.12
CA HIS H 290 31.93 -46.24 1.49
C HIS H 290 32.47 -47.26 2.49
N GLN H 291 32.77 -46.82 3.71
CA GLN H 291 33.34 -47.70 4.72
C GLN H 291 32.35 -48.79 5.14
N GLN H 292 31.09 -48.42 5.33
CA GLN H 292 30.08 -49.40 5.73
C GLN H 292 29.89 -50.45 4.65
N LEU H 293 29.78 -50.01 3.39
CA LEU H 293 29.54 -50.95 2.29
C LEU H 293 30.72 -51.88 2.10
N LEU H 294 31.94 -51.31 2.04
CA LEU H 294 33.13 -52.15 1.90
C LEU H 294 33.30 -53.08 3.08
N GLY H 295 32.98 -52.59 4.29
CA GLY H 295 33.06 -53.44 5.47
C GLY H 295 32.09 -54.61 5.40
N ARG H 296 30.84 -54.34 5.00
CA ARG H 296 29.86 -55.42 4.90
C ARG H 296 30.29 -56.44 3.85
N LEU H 297 30.78 -55.98 2.71
CA LEU H 297 31.25 -56.90 1.67
C LEU H 297 32.44 -57.72 2.14
N SER H 298 33.39 -57.09 2.83
CA SER H 298 34.54 -57.82 3.36
C SER H 298 34.10 -58.92 4.31
N ALA H 299 33.14 -58.63 5.20
CA ALA H 299 32.68 -59.63 6.14
C ALA H 299 32.01 -60.80 5.44
N GLY H 300 31.21 -60.51 4.40
CA GLY H 300 30.54 -61.59 3.68
C GLY H 300 31.51 -62.50 2.97
N ILE H 301 32.58 -61.94 2.40
CA ILE H 301 33.62 -62.75 1.78
C ILE H 301 34.30 -63.64 2.81
N ALA H 302 34.58 -63.08 3.99
CA ALA H 302 35.28 -63.85 5.02
C ALA H 302 34.46 -65.06 5.46
N ALA H 303 33.14 -64.88 5.60
CA ALA H 303 32.29 -66.02 5.95
C ALA H 303 32.27 -67.06 4.83
N GLY H 304 32.20 -66.61 3.58
CA GLY H 304 32.22 -67.54 2.47
C GLY H 304 33.51 -68.33 2.39
N VAL H 305 34.65 -67.65 2.64
CA VAL H 305 35.95 -68.33 2.62
C VAL H 305 36.04 -69.37 3.73
N ALA H 306 35.56 -69.03 4.93
CA ALA H 306 35.64 -69.97 6.04
C ALA H 306 34.80 -71.21 5.78
N LEU H 307 33.59 -71.04 5.23
CA LEU H 307 32.77 -72.18 4.87
C LEU H 307 33.41 -72.99 3.75
N ALA H 308 33.96 -72.30 2.74
CA ALA H 308 34.54 -72.98 1.59
C ALA H 308 35.70 -73.88 2.00
N ASP H 309 36.61 -73.36 2.83
CA ASP H 309 37.76 -74.17 3.26
C ASP H 309 37.32 -75.32 4.15
N SER H 310 36.26 -75.14 4.93
CA SER H 310 35.72 -76.25 5.72
C SER H 310 35.12 -77.32 4.80
N ALA H 311 34.40 -76.89 3.76
CA ALA H 311 33.83 -77.84 2.82
C ALA H 311 34.92 -78.61 2.08
N THR H 312 36.02 -77.94 1.73
CA THR H 312 37.10 -78.63 1.01
C THR H 312 37.78 -79.65 1.90
N LYS H 313 37.95 -79.34 3.19
CA LYS H 313 38.52 -80.30 4.12
C LYS H 313 37.62 -81.54 4.22
N GLU H 314 36.31 -81.33 4.36
CA GLU H 314 35.38 -82.46 4.38
C GLU H 314 35.42 -83.26 3.09
N PHE H 315 35.63 -82.59 1.94
CA PHE H 315 35.76 -83.34 0.70
C PHE H 315 37.03 -84.19 0.70
N GLU H 316 38.14 -83.64 1.18
CA GLU H 316 39.39 -84.40 1.25
C GLU H 316 39.22 -85.66 2.08
N GLN H 317 38.51 -85.56 3.20
CA GLN H 317 38.28 -86.72 4.05
C GLN H 317 37.44 -87.77 3.34
N ALA H 318 36.42 -87.33 2.59
CA ALA H 318 35.58 -88.28 1.87
C ALA H 318 36.36 -88.99 0.77
N LEU H 319 37.28 -88.27 0.11
CA LEU H 319 38.07 -88.87 -0.96
C LEU H 319 39.03 -89.92 -0.41
N ALA H 320 39.46 -89.78 0.84
CA ALA H 320 40.42 -90.69 1.45
C ALA H 320 39.75 -91.71 2.37
N PHE H 321 38.45 -91.97 2.19
CA PHE H 321 37.75 -92.91 3.07
C PHE H 321 38.28 -94.34 2.93
N GLY H 322 38.82 -94.69 1.75
CA GLY H 322 39.20 -96.07 1.52
C GLY H 322 38.03 -96.86 0.97
N GLU H 323 36.86 -96.64 1.54
CA GLU H 323 35.60 -97.11 0.99
C GLU H 323 34.89 -95.94 0.32
N ALA H 324 33.87 -96.26 -0.48
CA ALA H 324 33.02 -95.21 -1.00
C ALA H 324 32.21 -94.62 0.13
N PRO H 325 31.89 -93.32 0.07
CA PRO H 325 31.04 -92.73 1.10
C PRO H 325 29.66 -93.36 1.10
N THR H 326 29.10 -93.53 2.29
CA THR H 326 27.74 -94.04 2.39
C THR H 326 26.75 -93.00 1.89
N GLU H 327 25.47 -93.38 1.85
CA GLU H 327 24.43 -92.45 1.44
C GLU H 327 24.42 -91.20 2.33
N ALA H 328 24.56 -91.38 3.63
CA ALA H 328 24.52 -90.24 4.56
C ALA H 328 25.79 -89.41 4.47
N GLN H 329 26.94 -90.05 4.30
CA GLN H 329 28.19 -89.30 4.19
C GLN H 329 28.25 -88.52 2.87
N TRP H 330 27.83 -89.15 1.77
CA TRP H 330 27.76 -88.42 0.50
C TRP H 330 26.77 -87.28 0.59
N GLY H 331 25.61 -87.51 1.22
CA GLY H 331 24.60 -86.47 1.31
C GLY H 331 25.04 -85.30 2.16
N ALA H 332 25.65 -85.56 3.32
CA ALA H 332 26.11 -84.48 4.17
C ALA H 332 27.17 -83.62 3.47
N LEU H 333 28.07 -84.26 2.73
CA LEU H 333 29.06 -83.50 1.96
C LEU H 333 28.39 -82.69 0.87
N ALA H 334 27.41 -83.28 0.19
CA ALA H 334 26.68 -82.56 -0.85
C ALA H 334 25.94 -81.36 -0.27
N ILE H 335 25.30 -81.54 0.90
CA ILE H 335 24.67 -80.41 1.57
C ILE H 335 25.70 -79.33 1.91
N ARG H 336 26.87 -79.75 2.41
CA ARG H 336 27.92 -78.81 2.77
C ARG H 336 28.38 -78.02 1.57
N VAL H 337 28.53 -78.67 0.42
CA VAL H 337 28.96 -77.98 -0.79
C VAL H 337 27.85 -77.09 -1.33
N ASP H 338 26.60 -77.53 -1.23
CA ASP H 338 25.48 -76.67 -1.63
C ASP H 338 25.47 -75.38 -0.81
N GLN H 339 25.68 -75.50 0.50
CA GLN H 339 25.73 -74.32 1.36
C GLN H 339 26.84 -73.38 0.94
N ALA H 340 28.02 -73.92 0.65
CA ALA H 340 29.13 -73.09 0.19
C ALA H 340 28.84 -72.48 -1.18
N LYS H 341 28.18 -73.23 -2.05
CA LYS H 341 27.83 -72.73 -3.38
C LYS H 341 26.83 -71.58 -3.28
N SER H 342 25.85 -71.71 -2.40
CA SER H 342 24.86 -70.65 -2.21
C SER H 342 25.52 -69.39 -1.68
N VAL H 343 26.31 -69.52 -0.62
CA VAL H 343 26.95 -68.36 0.01
C VAL H 343 27.92 -67.69 -0.96
N ALA H 344 28.77 -68.48 -1.62
CA ALA H 344 29.77 -67.89 -2.51
C ALA H 344 29.13 -67.24 -3.73
N THR H 345 28.01 -67.78 -4.22
CA THR H 345 27.31 -67.15 -5.31
C THR H 345 26.76 -65.79 -4.90
N GLU H 346 26.11 -65.74 -3.74
CA GLU H 346 25.46 -64.51 -3.30
C GLU H 346 26.48 -63.40 -3.04
N ILE H 347 27.59 -63.72 -2.36
CA ILE H 347 28.54 -62.68 -2.00
C ILE H 347 29.31 -62.19 -3.22
N SER H 348 29.70 -63.10 -4.12
CA SER H 348 30.44 -62.69 -5.31
C SER H 348 29.58 -61.80 -6.19
N LEU H 349 28.30 -62.13 -6.36
CA LEU H 349 27.40 -61.26 -7.10
C LEU H 349 27.20 -59.94 -6.36
N ASP H 350 27.14 -59.99 -5.03
CA ASP H 350 26.97 -58.78 -4.23
C ASP H 350 28.16 -57.84 -4.39
N VAL H 351 29.37 -58.38 -4.29
CA VAL H 351 30.58 -57.56 -4.33
C VAL H 351 30.77 -56.93 -5.71
N THR H 352 30.77 -57.77 -6.76
CA THR H 352 31.11 -57.28 -8.09
C THR H 352 30.10 -56.28 -8.63
N HIS H 353 28.86 -56.32 -8.13
CA HIS H 353 27.80 -55.45 -8.58
C HIS H 353 27.75 -54.14 -7.80
N ASN H 354 27.91 -54.20 -6.48
CA ASN H 354 27.75 -53.03 -5.63
C ASN H 354 29.02 -52.22 -5.43
N ILE H 355 30.17 -52.74 -5.87
CA ILE H 355 31.43 -52.01 -5.69
C ILE H 355 31.37 -50.65 -6.40
N TYR H 356 30.58 -50.55 -7.46
CA TYR H 356 30.51 -49.30 -8.22
C TYR H 356 29.85 -48.18 -7.43
N GLN H 357 29.00 -48.51 -6.45
CA GLN H 357 28.37 -47.48 -5.63
C GLN H 357 29.42 -46.68 -4.86
N ALA H 358 30.54 -47.30 -4.52
CA ALA H 358 31.61 -46.62 -3.82
C ALA H 358 32.69 -46.05 -4.75
N THR H 359 32.88 -46.64 -5.92
CA THR H 359 33.97 -46.21 -6.79
C THR H 359 33.62 -44.96 -7.59
N GLY H 360 32.36 -44.82 -8.02
CA GLY H 360 31.88 -43.57 -8.57
C GLY H 360 31.77 -43.54 -10.07
N ALA H 361 31.42 -42.35 -10.58
CA ALA H 361 31.07 -42.19 -11.98
C ALA H 361 32.29 -42.36 -12.89
N ARG H 362 33.43 -41.78 -12.51
CA ARG H 362 34.61 -41.88 -13.36
C ARG H 362 35.17 -43.28 -13.43
N SER H 363 34.86 -44.13 -12.44
CA SER H 363 35.33 -45.51 -12.45
C SER H 363 34.62 -46.37 -13.49
N THR H 364 33.56 -45.88 -14.13
CA THR H 364 32.88 -46.66 -15.15
C THR H 364 33.54 -46.58 -16.50
N ALA H 365 34.65 -45.86 -16.63
CA ALA H 365 35.37 -45.82 -17.89
C ALA H 365 35.98 -47.18 -18.18
N ASN H 366 35.98 -47.57 -19.45
CA ASN H 366 36.55 -48.87 -19.81
C ASN H 366 38.06 -48.91 -19.62
N SER H 367 38.71 -47.75 -19.52
CA SER H 367 40.12 -47.73 -19.16
C SER H 367 40.33 -48.21 -17.72
N VAL H 368 39.31 -48.08 -16.87
CA VAL H 368 39.39 -48.59 -15.51
C VAL H 368 39.01 -50.07 -15.48
N GLY H 369 37.89 -50.42 -16.09
CA GLY H 369 37.51 -51.80 -16.29
C GLY H 369 37.18 -52.58 -15.04
N LEU H 370 36.52 -51.94 -14.07
CA LEU H 370 36.11 -52.64 -12.86
C LEU H 370 35.03 -53.68 -13.13
N ASP H 371 34.39 -53.63 -14.30
CA ASP H 371 33.29 -54.53 -14.60
C ASP H 371 33.75 -55.95 -14.91
N ILE H 372 35.05 -56.17 -15.12
CA ILE H 372 35.52 -57.51 -15.49
C ILE H 372 35.19 -58.54 -14.40
N TYR H 373 35.24 -58.12 -13.13
CA TYR H 373 34.88 -59.03 -12.05
C TYR H 373 33.41 -59.42 -12.12
N TRP H 374 32.52 -58.44 -12.37
CA TRP H 374 31.10 -58.74 -12.52
C TRP H 374 30.87 -59.64 -13.72
N ARG H 375 31.45 -59.30 -14.87
CA ARG H 375 31.25 -60.12 -16.06
C ARG H 375 31.66 -61.57 -15.80
N ASN H 376 32.74 -61.78 -15.06
CA ASN H 376 33.21 -63.13 -14.78
C ASN H 376 32.28 -63.84 -13.81
N ALA H 377 31.97 -63.20 -12.69
CA ALA H 377 31.11 -63.82 -11.68
C ALA H 377 29.68 -63.96 -12.17
N ARG H 378 29.15 -62.93 -12.87
CA ARG H 378 27.79 -63.02 -13.36
C ARG H 378 27.64 -64.11 -14.42
N THR H 379 28.70 -64.34 -15.19
CA THR H 379 28.67 -65.41 -16.19
C THR H 379 28.68 -66.78 -15.51
N HIS H 380 29.70 -67.06 -14.70
CA HIS H 380 29.88 -68.41 -14.19
C HIS H 380 28.82 -68.82 -13.17
N THR H 381 28.24 -67.85 -12.44
CA THR H 381 27.19 -68.18 -11.48
C THR H 381 25.92 -68.74 -12.15
N THR H 382 25.78 -68.59 -13.47
CA THR H 382 24.66 -69.18 -14.20
C THR H 382 24.94 -70.59 -14.68
N HIS H 383 26.11 -71.15 -14.35
CA HIS H 383 26.45 -72.52 -14.74
C HIS H 383 25.33 -73.48 -14.36
N ASP H 384 24.90 -73.45 -13.11
CA ASP H 384 23.71 -74.16 -12.69
C ASP H 384 22.91 -73.23 -11.78
N PRO H 385 21.58 -73.29 -11.82
CA PRO H 385 20.78 -72.24 -11.18
C PRO H 385 20.83 -72.31 -9.65
N LEU H 386 21.12 -71.16 -9.04
CA LEU H 386 21.23 -71.05 -7.60
C LEU H 386 20.02 -71.56 -6.82
N PRO H 387 18.78 -71.20 -7.16
CA PRO H 387 17.65 -71.63 -6.32
C PRO H 387 17.50 -73.15 -6.19
N TYR H 388 18.00 -73.92 -7.15
CA TYR H 388 17.89 -75.37 -7.03
C TYR H 388 18.94 -75.97 -6.10
N ARG H 389 20.10 -75.32 -5.96
CA ARG H 389 21.05 -75.76 -4.95
C ARG H 389 20.54 -75.40 -3.54
N GLN H 390 19.90 -74.23 -3.42
CA GLN H 390 19.25 -73.88 -2.16
C GLN H 390 18.07 -74.81 -1.88
N ARG H 391 17.31 -75.15 -2.92
CA ARG H 391 16.16 -76.05 -2.76
C ARG H 391 16.61 -77.41 -2.22
N GLU H 392 17.77 -77.89 -2.66
CA GLU H 392 18.25 -79.19 -2.22
C GLU H 392 18.52 -79.21 -0.72
N ILE H 393 19.09 -78.12 -0.20
CA ILE H 393 19.31 -78.01 1.24
C ILE H 393 17.97 -78.03 1.98
N GLY H 394 17.05 -77.15 1.57
CA GLY H 394 15.75 -77.10 2.22
C GLY H 394 14.97 -78.38 2.10
N ARG H 395 15.09 -79.07 0.96
CA ARG H 395 14.40 -80.34 0.77
C ARG H 395 14.87 -81.38 1.78
N HIS H 396 16.18 -81.43 2.05
CA HIS H 396 16.68 -82.37 3.04
C HIS H 396 16.14 -82.05 4.43
N LEU H 397 16.04 -80.77 4.77
CA LEU H 397 15.53 -80.37 6.08
C LEU H 397 14.07 -80.78 6.25
N LEU H 398 13.27 -80.69 5.19
CA LEU H 398 11.84 -80.94 5.29
C LEU H 398 11.46 -82.40 5.05
N THR H 399 12.25 -83.14 4.28
CA THR H 399 11.88 -84.50 3.89
C THR H 399 12.83 -85.57 4.39
N ASP H 400 14.00 -85.20 4.92
CA ASP H 400 15.05 -86.10 5.35
C ASP H 400 15.76 -86.79 4.19
N GLN H 401 15.50 -86.39 2.95
CA GLN H 401 16.09 -87.03 1.78
C GLN H 401 17.45 -86.41 1.50
N TRP H 402 18.51 -87.20 1.64
CA TRP H 402 19.84 -86.75 1.30
C TRP H 402 19.94 -86.55 -0.21
N PRO H 403 20.77 -85.60 -0.65
CA PRO H 403 21.16 -85.57 -2.07
C PRO H 403 21.87 -86.87 -2.42
N SER H 404 21.65 -87.32 -3.64
CA SER H 404 22.21 -88.58 -4.13
C SER H 404 22.90 -88.33 -5.45
N PRO H 405 23.85 -89.20 -5.83
CA PRO H 405 24.46 -89.09 -7.16
C PRO H 405 23.44 -89.32 -8.26
N ARG H 406 23.50 -88.50 -9.29
CA ARG H 406 22.60 -88.62 -10.43
C ARG H 406 23.23 -89.43 -11.56
N ALA I 12 4.39 7.99 -12.83
CA ALA I 12 3.80 8.95 -13.75
C ALA I 12 3.01 10.03 -13.01
N TYR I 13 3.30 11.29 -13.33
CA TYR I 13 2.60 12.43 -12.73
C TYR I 13 2.76 12.47 -11.21
N GLN I 14 4.00 12.27 -10.75
CA GLN I 14 4.26 12.21 -9.31
C GLN I 14 4.17 13.58 -8.65
N GLY I 15 4.62 14.62 -9.34
CA GLY I 15 4.57 15.96 -8.78
C GLY I 15 5.92 16.41 -8.24
N VAL I 16 6.13 17.72 -8.26
CA VAL I 16 7.33 18.32 -7.71
C VAL I 16 7.03 18.82 -6.30
N SER I 17 8.09 19.16 -5.56
CA SER I 17 7.92 19.67 -4.20
C SER I 17 7.23 21.03 -4.22
N ASP I 18 6.80 21.47 -3.04
CA ASP I 18 6.14 22.77 -2.93
C ASP I 18 7.08 23.91 -3.29
N THR I 19 8.35 23.79 -2.90
CA THR I 19 9.31 24.85 -3.19
C THR I 19 9.65 24.89 -4.67
N GLU I 20 9.80 23.73 -5.30
CA GLU I 20 10.12 23.70 -6.73
C GLU I 20 8.94 24.17 -7.56
N PHE I 21 7.71 23.82 -7.16
CA PHE I 21 6.55 24.28 -7.91
C PHE I 21 6.40 25.80 -7.86
N SER I 22 6.88 26.43 -6.78
CA SER I 22 6.88 27.88 -6.73
C SER I 22 7.77 28.47 -7.82
N GLU I 23 8.88 27.78 -8.14
CA GLU I 23 9.74 28.25 -9.20
C GLU I 23 9.09 28.08 -10.57
N TRP I 24 8.31 27.02 -10.74
CA TRP I 24 7.61 26.83 -12.02
C TRP I 24 6.48 27.83 -12.20
N GLU I 25 5.82 28.21 -11.10
CA GLU I 25 4.85 29.31 -11.18
C GLU I 25 5.54 30.62 -11.58
N GLN I 26 6.77 30.83 -11.15
CA GLN I 26 7.52 31.99 -11.59
C GLN I 26 7.89 31.89 -13.06
N VAL I 27 8.19 30.69 -13.55
CA VAL I 27 8.43 30.49 -14.97
C VAL I 27 7.18 30.80 -15.77
N ALA I 28 6.04 30.27 -15.32
CA ALA I 28 4.77 30.52 -16.01
C ALA I 28 4.37 31.99 -15.95
N ALA I 29 4.68 32.67 -14.84
CA ALA I 29 4.39 34.09 -14.74
C ALA I 29 5.22 34.90 -15.74
N ARG I 30 6.50 34.54 -15.89
CA ARG I 30 7.34 35.21 -16.88
C ARG I 30 6.81 34.99 -18.29
N VAL I 31 6.45 33.75 -18.63
CA VAL I 31 5.86 33.46 -19.93
C VAL I 31 4.54 34.21 -20.11
N ALA I 32 3.72 34.25 -19.05
CA ALA I 32 2.42 34.89 -19.14
C ALA I 32 2.55 36.37 -19.45
N GLY I 33 3.48 37.06 -18.78
CA GLY I 33 3.66 38.48 -19.06
C GLY I 33 4.06 38.75 -20.49
N GLU I 34 4.92 37.90 -21.05
CA GLU I 34 5.35 38.08 -22.43
C GLU I 34 4.21 37.83 -23.40
N LEU I 35 3.43 36.77 -23.17
CA LEU I 35 2.28 36.49 -24.03
C LEU I 35 1.22 37.59 -23.91
N SER I 36 1.00 38.10 -22.70
CA SER I 36 -0.05 39.09 -22.49
C SER I 36 0.25 40.38 -23.24
N ALA I 37 1.51 40.78 -23.31
CA ALA I 37 1.88 42.03 -23.96
C ALA I 37 1.70 41.99 -25.47
N THR I 38 1.68 40.80 -26.07
CA THR I 38 1.54 40.66 -27.51
C THR I 38 0.24 39.95 -27.90
N ALA I 39 -0.67 39.73 -26.95
CA ALA I 39 -1.86 38.93 -27.23
C ALA I 39 -2.74 39.60 -28.28
N LEU I 40 -2.97 40.90 -28.16
CA LEU I 40 -3.86 41.57 -29.11
C LEU I 40 -3.29 41.58 -30.52
N THR I 41 -1.99 41.87 -30.64
CA THR I 41 -1.36 41.91 -31.96
C THR I 41 -1.37 40.53 -32.62
N ARG I 42 -0.97 39.50 -31.87
CA ARG I 42 -0.96 38.15 -32.43
C ARG I 42 -2.37 37.67 -32.77
N ASP I 43 -3.37 38.07 -31.98
CA ASP I 43 -4.74 37.61 -32.20
C ASP I 43 -5.29 38.11 -33.54
N ARG I 44 -4.99 39.35 -33.89
CA ARG I 44 -5.49 39.88 -35.15
C ARG I 44 -4.75 39.30 -36.35
N ALA I 45 -3.46 38.96 -36.19
CA ALA I 45 -2.70 38.40 -37.30
C ALA I 45 -3.14 36.97 -37.63
N ASN I 46 -3.66 36.23 -36.64
CA ASN I 46 -4.28 34.93 -36.86
C ASN I 46 -3.30 33.89 -37.42
N GLN I 47 -2.03 33.96 -37.02
CA GLN I 47 -1.02 33.06 -37.54
C GLN I 47 -0.90 31.81 -36.68
N ASN I 48 -0.35 30.76 -37.26
CA ASN I 48 -0.09 29.54 -36.50
C ASN I 48 0.93 29.83 -35.41
N PRO I 49 0.68 29.44 -34.17
CA PRO I 49 1.50 29.88 -33.03
C PRO I 49 2.80 29.09 -32.88
N ILE I 50 3.63 29.15 -33.92
CA ILE I 50 4.93 28.48 -33.85
C ILE I 50 5.84 29.17 -32.84
N ALA I 51 5.86 30.51 -32.84
CA ALA I 51 6.73 31.23 -31.92
C ALA I 51 6.30 31.04 -30.47
N GLU I 52 4.98 30.99 -30.23
CA GLU I 52 4.50 30.80 -28.86
C GLU I 52 4.81 29.40 -28.34
N ILE I 53 4.79 28.40 -29.21
CA ILE I 53 5.15 27.05 -28.80
C ILE I 53 6.64 26.97 -28.51
N GLU I 54 7.46 27.65 -29.31
CA GLU I 54 8.89 27.72 -29.02
C GLU I 54 9.14 28.42 -27.69
N LEU I 55 8.29 29.38 -27.32
CA LEU I 55 8.41 30.02 -26.02
C LEU I 55 8.06 29.05 -24.90
N LEU I 56 6.95 28.33 -25.04
CA LEU I 56 6.60 27.30 -24.07
C LEU I 56 7.67 26.22 -23.99
N ARG I 57 8.31 25.91 -25.11
CA ARG I 57 9.34 24.88 -25.13
C ARG I 57 10.59 25.33 -24.38
N ARG I 58 11.05 26.56 -24.64
CA ARG I 58 12.29 27.03 -24.05
C ARG I 58 12.20 27.11 -22.53
N TYR I 59 11.04 27.54 -22.02
CA TYR I 59 10.86 27.69 -20.58
C TYR I 59 10.50 26.38 -19.88
N GLY I 60 10.52 25.25 -20.61
CA GLY I 60 10.33 23.96 -19.97
C GLY I 60 8.90 23.62 -19.61
N LEU I 61 7.92 24.27 -20.24
CA LEU I 61 6.53 24.03 -19.92
C LEU I 61 5.93 22.84 -20.68
N LEU I 62 6.47 22.52 -21.85
CA LEU I 62 5.95 21.38 -22.60
C LEU I 62 6.33 20.06 -21.94
N SER I 63 7.48 20.01 -21.26
CA SER I 63 7.95 18.81 -20.61
C SER I 63 7.72 18.82 -19.10
N PHE I 64 6.85 19.71 -18.61
CA PHE I 64 6.66 19.83 -17.17
C PHE I 64 6.00 18.59 -16.58
N ALA I 65 5.04 18.01 -17.29
CA ALA I 65 4.27 16.86 -16.81
C ALA I 65 4.91 15.52 -17.17
N THR I 66 6.19 15.51 -17.51
CA THR I 66 6.93 14.30 -17.86
C THR I 66 7.94 14.01 -16.75
N ALA I 67 8.14 12.73 -16.47
CA ALA I 67 9.04 12.32 -15.38
C ALA I 67 10.46 12.80 -15.64
N ARG I 68 11.20 13.01 -14.55
CA ARG I 68 12.56 13.54 -14.65
C ARG I 68 13.52 12.56 -15.32
N GLU I 69 13.23 11.26 -15.30
CA GLU I 69 14.08 10.30 -15.98
C GLU I 69 14.15 10.57 -17.47
N PHE I 70 13.09 11.11 -18.05
CA PHE I 70 13.05 11.46 -19.46
C PHE I 70 13.45 12.90 -19.73
N GLY I 71 13.89 13.63 -18.71
CA GLY I 71 14.27 15.02 -18.84
C GLY I 71 13.19 16.00 -18.44
N GLY I 72 12.00 15.53 -18.13
CA GLY I 72 10.91 16.41 -17.72
C GLY I 72 11.10 16.92 -16.30
N ALA I 73 10.12 17.73 -15.88
CA ALA I 73 10.17 18.29 -14.53
C ALA I 73 9.69 17.30 -13.48
N GLY I 74 8.81 16.38 -13.84
CA GLY I 74 8.24 15.45 -12.89
C GLY I 74 6.98 15.94 -12.19
N GLY I 75 6.29 16.94 -12.75
CA GLY I 75 5.13 17.49 -12.09
C GLY I 75 3.88 16.63 -12.25
N SER I 76 2.86 16.99 -11.48
CA SER I 76 1.58 16.29 -11.50
C SER I 76 0.60 17.00 -12.40
N LEU I 77 -0.55 16.35 -12.62
CA LEU I 77 -1.62 16.95 -13.41
C LEU I 77 -2.23 18.15 -12.70
N VAL I 78 -2.35 18.09 -11.37
CA VAL I 78 -2.83 19.24 -10.61
C VAL I 78 -1.90 20.43 -10.83
N GLN I 79 -0.59 20.19 -10.75
CA GLN I 79 0.38 21.27 -10.93
C GLN I 79 0.43 21.73 -12.38
N ALA I 80 0.31 20.80 -13.32
CA ALA I 80 0.35 21.16 -14.74
C ALA I 80 -0.82 22.07 -15.10
N LEU I 81 -2.03 21.69 -14.70
CA LEU I 81 -3.20 22.51 -15.03
C LEU I 81 -3.21 23.83 -14.26
N GLN I 82 -2.55 23.89 -13.10
CA GLN I 82 -2.38 25.16 -12.41
C GLN I 82 -1.49 26.10 -13.21
N LEU I 83 -0.40 25.56 -13.79
CA LEU I 83 0.40 26.36 -14.70
C LEU I 83 -0.38 26.72 -15.95
N GLY I 84 -1.33 25.88 -16.36
CA GLY I 84 -2.14 26.20 -17.52
C GLY I 84 -3.05 27.38 -17.28
N ARG I 85 -3.58 27.53 -16.06
CA ARG I 85 -4.41 28.68 -15.73
C ARG I 85 -3.60 29.97 -15.84
N ILE I 86 -2.34 29.95 -15.41
CA ILE I 86 -1.47 31.13 -15.51
C ILE I 86 -1.28 31.52 -16.96
N ILE I 87 -1.03 30.54 -17.83
CA ILE I 87 -0.87 30.84 -19.25
C ILE I 87 -2.21 31.28 -19.85
N ALA I 88 -3.30 30.60 -19.50
CA ALA I 88 -4.60 30.92 -20.08
C ALA I 88 -5.07 32.31 -19.72
N ALA I 89 -4.68 32.81 -18.54
CA ALA I 89 -5.06 34.17 -18.16
C ALA I 89 -4.39 35.21 -19.05
N ALA I 90 -3.20 34.90 -19.57
CA ALA I 90 -2.51 35.83 -20.45
C ALA I 90 -2.99 35.71 -21.88
N ASP I 91 -3.19 34.49 -22.37
CA ASP I 91 -3.60 34.27 -23.76
C ASP I 91 -4.43 33.00 -23.80
N GLY I 92 -5.75 33.16 -24.01
CA GLY I 92 -6.62 31.99 -24.00
C GLY I 92 -6.29 30.96 -25.05
N SER I 93 -5.78 31.41 -26.20
CA SER I 93 -5.42 30.48 -27.27
C SER I 93 -4.19 29.65 -26.87
N ILE I 94 -3.15 30.31 -26.39
CA ILE I 94 -1.93 29.60 -25.98
C ILE I 94 -2.21 28.75 -24.76
N GLY I 95 -3.06 29.23 -23.85
CA GLY I 95 -3.44 28.42 -22.71
C GLY I 95 -4.15 27.14 -23.12
N GLN I 96 -5.01 27.23 -24.15
CA GLN I 96 -5.67 26.03 -24.67
C GLN I 96 -4.65 25.05 -25.23
N LEU I 97 -3.69 25.55 -26.01
CA LEU I 97 -2.68 24.67 -26.61
C LEU I 97 -1.89 23.92 -25.55
N LEU I 98 -1.50 24.62 -24.47
CA LEU I 98 -0.71 23.98 -23.43
C LEU I 98 -1.49 22.86 -22.75
N VAL I 99 -2.72 23.13 -22.33
CA VAL I 99 -3.50 22.10 -21.63
C VAL I 99 -3.94 21.00 -22.59
N TYR I 100 -4.18 21.33 -23.86
CA TYR I 100 -4.41 20.29 -24.86
C TYR I 100 -3.18 19.41 -25.03
N HIS I 101 -1.99 20.03 -25.01
CA HIS I 101 -0.75 19.27 -25.04
C HIS I 101 -0.64 18.35 -23.82
N TYR I 102 -0.95 18.87 -22.63
CA TYR I 102 -0.92 18.04 -21.43
C TYR I 102 -1.95 16.92 -21.51
N SER I 103 -3.16 17.24 -21.97
CA SER I 103 -4.21 16.23 -22.08
C SER I 103 -3.82 15.15 -23.08
N ASN I 104 -3.20 15.55 -24.20
CA ASN I 104 -2.74 14.57 -25.17
C ASN I 104 -1.68 13.65 -24.57
N GLY I 105 -0.88 14.15 -23.64
CA GLY I 105 0.02 13.28 -22.91
C GLY I 105 -0.73 12.30 -22.04
N VAL I 106 -1.81 12.76 -21.39
CA VAL I 106 -2.65 11.86 -20.60
C VAL I 106 -3.30 10.82 -21.49
N TRP I 107 -3.74 11.23 -22.68
CA TRP I 107 -4.39 10.31 -23.61
C TRP I 107 -3.45 9.18 -24.02
N THR I 108 -2.25 9.54 -24.51
CA THR I 108 -1.31 8.52 -24.95
C THR I 108 -0.78 7.69 -23.78
N TYR I 109 -0.78 8.26 -22.57
CA TYR I 109 -0.42 7.46 -21.40
C TYR I 109 -1.45 6.38 -21.12
N ILE I 110 -2.73 6.71 -21.27
CA ILE I 110 -3.79 5.74 -21.05
C ILE I 110 -3.79 4.69 -22.17
N LEU I 111 -3.68 5.15 -23.41
CA LEU I 111 -3.80 4.27 -24.58
C LEU I 111 -2.50 3.56 -24.95
N GLY I 112 -1.38 3.90 -24.31
CA GLY I 112 -0.07 3.46 -24.76
C GLY I 112 0.44 2.27 -23.98
N SER I 113 1.07 1.34 -24.70
CA SER I 113 1.80 0.26 -24.09
C SER I 113 2.98 0.82 -23.31
N PRO I 114 3.53 0.06 -22.35
CA PRO I 114 4.71 0.56 -21.63
C PRO I 114 5.87 0.97 -22.54
N THR I 115 6.02 0.30 -23.68
CA THR I 115 7.06 0.70 -24.62
C THR I 115 6.69 1.99 -25.33
N GLN I 116 5.46 2.05 -25.88
CA GLN I 116 5.00 3.28 -26.54
C GLN I 116 5.00 4.46 -25.59
N ARG I 117 4.68 4.22 -24.31
CA ARG I 117 4.74 5.29 -23.32
C ARG I 117 6.16 5.84 -23.18
N GLU I 118 7.16 4.95 -23.13
CA GLU I 118 8.53 5.41 -23.01
C GLU I 118 8.98 6.14 -24.26
N TYR I 119 8.51 5.70 -25.43
CA TYR I 119 8.85 6.39 -26.67
C TYR I 119 8.35 7.83 -26.67
N ILE I 120 7.13 8.04 -26.19
CA ILE I 120 6.56 9.38 -26.16
C ILE I 120 7.16 10.22 -25.04
N SER I 121 7.43 9.60 -23.89
CA SER I 121 7.99 10.33 -22.77
C SER I 121 9.41 10.80 -23.05
N ARG I 122 10.20 9.97 -23.76
CA ARG I 122 11.55 10.38 -24.11
C ARG I 122 11.55 11.56 -25.08
N GLY I 123 10.58 11.60 -25.99
CA GLY I 123 10.51 12.69 -26.95
C GLY I 123 9.91 13.96 -26.36
N VAL I 124 8.87 13.82 -25.53
CA VAL I 124 8.26 14.98 -24.91
C VAL I 124 9.15 15.54 -23.81
N GLY I 125 9.82 14.66 -23.06
CA GLY I 125 10.64 15.07 -21.94
C GLY I 125 11.97 15.70 -22.34
N GLY I 126 12.63 15.13 -23.35
CA GLY I 126 13.97 15.57 -23.68
C GLY I 126 14.19 16.03 -25.11
N HIS I 127 13.13 16.08 -25.92
CA HIS I 127 13.25 16.52 -27.30
C HIS I 127 12.22 17.57 -27.69
N GLY I 128 11.47 18.11 -26.73
CA GLY I 128 10.58 19.24 -27.00
C GLY I 128 9.37 18.95 -27.86
N TRP I 129 8.92 17.70 -27.92
CA TRP I 129 7.78 17.36 -28.76
C TRP I 129 6.51 18.03 -28.25
N PHE I 130 5.70 18.54 -29.19
CA PHE I 130 4.37 19.05 -28.91
C PHE I 130 3.35 18.03 -29.41
N GLN I 131 2.40 17.66 -28.55
CA GLN I 131 1.43 16.62 -28.86
C GLN I 131 0.12 17.25 -29.31
N GLY I 132 -0.35 16.86 -30.49
CA GLY I 132 -1.67 17.21 -30.95
C GLY I 132 -2.47 15.97 -31.26
N SER I 133 -3.79 16.07 -31.32
CA SER I 133 -4.63 14.92 -31.61
C SER I 133 -5.74 15.29 -32.57
N VAL I 134 -6.13 14.32 -33.38
CA VAL I 134 -7.27 14.43 -34.29
C VAL I 134 -8.33 13.48 -33.74
N SER I 135 -9.31 14.05 -33.02
CA SER I 135 -10.20 13.22 -32.20
C SER I 135 -11.67 13.59 -32.30
N ASN I 136 -12.05 14.47 -33.20
CA ASN I 136 -13.46 14.85 -33.33
C ASN I 136 -14.28 13.63 -33.77
N PRO I 137 -15.22 13.15 -32.94
CA PRO I 137 -16.00 11.97 -33.33
C PRO I 137 -17.18 12.29 -34.25
N ARG I 138 -17.56 13.56 -34.38
CA ARG I 138 -18.71 13.96 -35.17
C ARG I 138 -18.38 14.18 -36.65
N ASP I 139 -17.26 13.62 -37.13
CA ASP I 139 -16.86 13.78 -38.52
C ASP I 139 -17.15 12.50 -39.28
N PRO I 140 -17.99 12.54 -40.31
CA PRO I 140 -18.30 11.32 -41.07
C PRO I 140 -17.37 11.17 -42.28
N GLY I 141 -17.47 10.01 -42.92
CA GLY I 141 -16.76 9.74 -44.15
C GLY I 141 -15.36 9.17 -44.01
N ILE I 142 -14.89 8.91 -42.80
CA ILE I 142 -13.54 8.41 -42.60
C ILE I 142 -13.50 6.94 -42.96
N THR I 143 -12.61 6.57 -43.89
CA THR I 143 -12.40 5.20 -44.29
C THR I 143 -11.04 4.73 -43.77
N VAL I 144 -10.98 3.49 -43.29
CA VAL I 144 -9.77 2.91 -42.72
C VAL I 144 -9.60 1.52 -43.32
N THR I 145 -8.63 1.38 -44.22
CA THR I 145 -8.35 0.10 -44.86
C THR I 145 -7.10 -0.54 -44.24
N ARG I 146 -7.12 -1.86 -44.13
CA ARG I 146 -6.02 -2.61 -43.55
C ARG I 146 -4.99 -2.96 -44.61
N THR I 147 -3.72 -2.79 -44.25
CA THR I 147 -2.61 -3.13 -45.14
C THR I 147 -1.55 -3.87 -44.32
N GLU I 148 -0.60 -4.49 -45.01
CA GLU I 148 0.50 -5.15 -44.33
C GLU I 148 1.30 -4.13 -43.51
N GLU I 149 1.50 -2.93 -44.06
CA GLU I 149 2.19 -1.88 -43.31
C GLU I 149 1.36 -1.43 -42.12
N GLY I 150 0.05 -1.30 -42.29
CA GLY I 150 -0.83 -0.85 -41.23
C GLY I 150 -2.21 -0.47 -41.73
N TYR I 151 -2.62 0.77 -41.47
CA TYR I 151 -3.93 1.26 -41.86
C TYR I 151 -3.77 2.49 -42.73
N ARG I 152 -4.60 2.59 -43.77
CA ARG I 152 -4.64 3.73 -44.67
C ARG I 152 -5.92 4.52 -44.40
N VAL I 153 -5.76 5.76 -43.96
CA VAL I 153 -6.88 6.61 -43.56
C VAL I 153 -7.14 7.64 -44.64
N ASN I 154 -8.42 7.86 -44.97
CA ASN I 154 -8.82 8.84 -45.95
C ASN I 154 -10.08 9.55 -45.45
N GLY I 155 -10.07 10.88 -45.52
CA GLY I 155 -11.22 11.66 -45.12
C GLY I 155 -10.78 13.03 -44.64
N LYS I 156 -11.75 13.77 -44.12
CA LYS I 156 -11.56 15.13 -43.63
C LYS I 156 -12.04 15.23 -42.20
N ARG I 157 -11.15 15.69 -41.31
CA ARG I 157 -11.48 15.94 -39.92
C ARG I 157 -11.46 17.43 -39.65
N THR I 158 -12.13 17.82 -38.56
CA THR I 158 -12.28 19.23 -38.21
C THR I 158 -11.91 19.44 -36.75
N PHE I 159 -11.77 20.71 -36.37
CA PHE I 159 -11.43 21.12 -35.00
C PHE I 159 -10.18 20.42 -34.49
N ALA I 160 -9.17 20.32 -35.35
CA ALA I 160 -7.92 19.64 -35.01
C ALA I 160 -6.98 20.63 -34.33
N THR I 161 -7.21 20.82 -33.03
CA THR I 161 -6.45 21.80 -32.27
C THR I 161 -4.98 21.40 -32.17
N GLY I 162 -4.09 22.31 -32.53
CA GLY I 162 -2.66 22.12 -32.38
C GLY I 162 -2.03 21.12 -33.31
N VAL I 163 -2.78 20.55 -34.25
CA VAL I 163 -2.22 19.52 -35.12
C VAL I 163 -1.24 20.14 -36.11
N ALA I 164 -1.60 21.28 -36.72
CA ALA I 164 -0.70 21.95 -37.65
C ALA I 164 0.59 22.45 -36.99
N VAL I 165 0.71 22.35 -35.67
CA VAL I 165 1.92 22.74 -34.96
C VAL I 165 2.48 21.63 -34.10
N ALA I 166 1.89 20.44 -34.13
CA ALA I 166 2.34 19.34 -33.29
C ALA I 166 3.50 18.59 -33.96
N ASP I 167 4.33 17.97 -33.12
CA ASP I 167 5.40 17.09 -33.58
C ASP I 167 4.98 15.62 -33.58
N LEU I 168 4.10 15.24 -32.67
CA LEU I 168 3.55 13.88 -32.60
C LEU I 168 2.04 14.01 -32.59
N ILE I 169 1.38 13.36 -33.55
CA ILE I 169 -0.06 13.49 -33.75
C ILE I 169 -0.72 12.18 -33.37
N THR I 170 -1.70 12.24 -32.47
CA THR I 170 -2.51 11.08 -32.11
C THR I 170 -3.75 11.10 -32.99
N VAL I 171 -3.97 10.00 -33.72
CA VAL I 171 -5.14 9.86 -34.59
C VAL I 171 -6.05 8.83 -33.97
N LEU I 172 -7.29 9.23 -33.66
CA LEU I 172 -8.27 8.37 -33.00
C LEU I 172 -9.40 8.09 -34.00
N LEU I 173 -9.51 6.84 -34.40
CA LEU I 173 -10.53 6.40 -35.35
C LEU I 173 -11.55 5.54 -34.61
N TYR I 174 -12.83 5.91 -34.73
CA TYR I 174 -13.88 5.25 -33.96
C TYR I 174 -14.58 4.18 -34.79
N GLU I 175 -13.85 3.09 -35.02
CA GLU I 175 -14.39 1.90 -35.65
C GLU I 175 -15.08 1.04 -34.58
N ALA I 176 -15.53 -0.16 -34.96
CA ALA I 176 -16.05 -1.09 -33.96
C ALA I 176 -14.98 -1.40 -32.93
N GLU I 177 -13.83 -1.90 -33.38
CA GLU I 177 -12.63 -1.90 -32.56
C GLU I 177 -11.92 -0.58 -32.82
N PRO I 178 -11.95 0.37 -31.90
CA PRO I 178 -11.36 1.68 -32.18
C PRO I 178 -9.87 1.58 -32.47
N ILE I 179 -9.40 2.42 -33.40
CA ILE I 179 -8.01 2.44 -33.83
C ILE I 179 -7.41 3.76 -33.42
N ASN I 180 -6.40 3.72 -32.54
CA ASN I 180 -5.72 4.90 -32.06
C ASN I 180 -4.23 4.72 -32.27
N ALA I 181 -3.60 5.67 -32.95
CA ALA I 181 -2.19 5.57 -33.29
C ALA I 181 -1.53 6.95 -33.23
N ILE I 182 -0.21 6.94 -33.06
CA ILE I 182 0.60 8.15 -33.06
C ILE I 182 1.42 8.17 -34.34
N ILE I 183 1.46 9.32 -35.00
CA ILE I 183 2.24 9.47 -36.23
C ILE I 183 3.06 10.76 -36.16
N PRO I 184 4.23 10.81 -36.79
CA PRO I 184 4.98 12.06 -36.84
C PRO I 184 4.28 13.10 -37.70
N SER I 185 4.63 14.36 -37.46
CA SER I 185 4.06 15.45 -38.24
C SER I 185 4.44 15.36 -39.71
N GLU I 186 5.59 14.76 -40.01
CA GLU I 186 6.09 14.64 -41.37
C GLU I 186 5.48 13.46 -42.13
N ARG I 187 4.50 12.79 -41.56
CA ARG I 187 3.87 11.66 -42.24
C ARG I 187 3.13 12.14 -43.49
N ASP I 188 3.39 11.49 -44.62
CA ASP I 188 2.81 11.90 -45.88
C ASP I 188 1.29 11.76 -45.86
N GLY I 189 0.63 12.62 -46.63
CA GLY I 189 -0.81 12.59 -46.77
C GLY I 189 -1.56 13.63 -45.96
N LEU I 190 -0.92 14.27 -44.99
CA LEU I 190 -1.60 15.24 -44.13
C LEU I 190 -1.68 16.59 -44.84
N ARG I 191 -2.89 17.07 -45.07
CA ARG I 191 -3.14 18.40 -45.62
C ARG I 191 -3.77 19.25 -44.53
N PHE I 192 -3.21 20.44 -44.31
CA PHE I 192 -3.72 21.38 -43.31
C PHE I 192 -4.42 22.52 -44.04
N ASN I 193 -5.74 22.60 -43.90
CA ASN I 193 -6.52 23.64 -44.55
C ASN I 193 -6.51 24.90 -43.69
N ASP I 194 -6.41 26.06 -44.36
CA ASP I 194 -6.43 27.35 -43.68
C ASP I 194 -7.85 27.91 -43.69
N ASP I 195 -8.69 27.30 -42.84
CA ASP I 195 -10.09 27.68 -42.72
C ASP I 195 -10.47 28.07 -41.29
N TRP I 196 -9.49 28.48 -40.49
CA TRP I 196 -9.72 28.82 -39.09
C TRP I 196 -9.63 30.35 -38.97
N ASP I 197 -10.80 31.00 -38.96
CA ASP I 197 -10.93 32.45 -38.74
C ASP I 197 -12.13 32.62 -37.82
N ASN I 198 -11.90 32.51 -36.51
CA ASN I 198 -12.95 32.33 -35.53
C ASN I 198 -13.10 33.56 -34.65
N LEU I 199 -14.22 33.58 -33.91
CA LEU I 199 -14.47 34.65 -32.94
C LEU I 199 -13.36 34.71 -31.91
N GLY I 200 -13.13 33.61 -31.20
CA GLY I 200 -12.05 33.51 -30.24
C GLY I 200 -11.28 32.22 -30.43
N GLN I 201 -10.35 31.94 -29.51
CA GLN I 201 -9.45 30.79 -29.64
C GLN I 201 -8.80 30.75 -31.03
N ARG I 202 -8.42 31.93 -31.52
CA ARG I 202 -7.98 32.06 -32.91
C ARG I 202 -6.60 31.45 -33.14
N LEU I 203 -5.73 31.46 -32.13
CA LEU I 203 -4.36 31.01 -32.28
C LEU I 203 -4.15 29.58 -31.78
N THR I 204 -5.19 28.75 -31.87
CA THR I 204 -5.11 27.35 -31.46
C THR I 204 -4.88 26.41 -32.63
N ALA I 205 -4.81 26.92 -33.86
CA ALA I 205 -4.63 26.10 -35.05
C ALA I 205 -5.71 25.03 -35.16
N SER I 206 -6.96 25.44 -34.98
CA SER I 206 -8.10 24.52 -34.93
C SER I 206 -8.77 24.35 -36.29
N GLY I 207 -8.02 24.45 -37.39
CA GLY I 207 -8.58 24.25 -38.70
C GLY I 207 -8.86 22.78 -38.97
N SER I 208 -9.19 22.51 -40.23
CA SER I 208 -9.49 21.15 -40.67
C SER I 208 -8.24 20.50 -41.26
N VAL I 209 -8.19 19.17 -41.16
CA VAL I 209 -7.07 18.37 -41.65
C VAL I 209 -7.62 17.34 -42.62
N GLU I 210 -6.96 17.21 -43.78
CA GLU I 210 -7.33 16.22 -44.79
C GLU I 210 -6.39 15.02 -44.68
N PHE I 211 -6.97 13.82 -44.68
CA PHE I 211 -6.20 12.59 -44.71
C PHE I 211 -6.25 12.03 -46.12
N ASP I 212 -5.10 12.02 -46.80
CA ASP I 212 -4.99 11.52 -48.17
C ASP I 212 -4.13 10.26 -48.12
N ASN I 213 -4.78 9.12 -47.91
CA ASN I 213 -4.11 7.82 -47.84
C ASN I 213 -3.01 7.82 -46.77
N VAL I 214 -3.31 8.42 -45.62
CA VAL I 214 -2.34 8.52 -44.54
C VAL I 214 -2.13 7.14 -43.94
N LEU I 215 -0.86 6.75 -43.79
CA LEU I 215 -0.52 5.43 -43.27
C LEU I 215 -0.38 5.49 -41.75
N LEU I 216 -1.06 4.57 -41.07
CA LEU I 216 -0.87 4.33 -39.64
C LEU I 216 -0.18 2.98 -39.54
N ARG I 217 1.13 2.98 -39.33
CA ARG I 217 1.88 1.74 -39.26
C ARG I 217 1.47 0.92 -38.04
N HIS I 218 1.48 -0.41 -38.20
CA HIS I 218 1.13 -1.30 -37.10
C HIS I 218 2.01 -1.06 -35.88
N ASP I 219 3.26 -0.66 -36.10
CA ASP I 219 4.14 -0.30 -35.01
C ASP I 219 3.61 0.88 -34.19
N GLU I 220 2.76 1.72 -34.81
CA GLU I 220 2.27 2.94 -34.19
C GLU I 220 0.91 2.78 -33.52
N VAL I 221 0.23 1.64 -33.70
CA VAL I 221 -1.10 1.46 -33.13
C VAL I 221 -0.98 1.29 -31.62
N LEU I 222 -1.68 2.16 -30.88
CA LEU I 222 -1.61 2.13 -29.43
C LEU I 222 -2.41 0.94 -28.89
N THR I 223 -1.77 0.13 -28.05
CA THR I 223 -2.38 -1.09 -27.53
C THR I 223 -2.45 -1.10 -26.01
N GLY I 224 -2.47 0.07 -25.36
CA GLY I 224 -2.46 0.11 -23.92
C GLY I 224 -3.75 -0.33 -23.27
N LEU I 225 -4.87 -0.23 -23.99
CA LEU I 225 -6.16 -0.62 -23.46
C LEU I 225 -6.39 -2.14 -23.50
N ASP I 226 -5.44 -2.91 -24.03
CA ASP I 226 -5.65 -4.35 -24.16
C ASP I 226 -5.67 -5.04 -22.80
N GLU I 227 -4.92 -4.52 -21.82
CA GLU I 227 -4.83 -5.16 -20.52
C GLU I 227 -6.05 -4.93 -19.64
N TYR I 228 -7.08 -4.23 -20.14
CA TYR I 228 -8.31 -4.00 -19.42
C TYR I 228 -9.44 -4.80 -20.06
N SER I 229 -10.31 -5.36 -19.22
CA SER I 229 -11.36 -6.26 -19.70
C SER I 229 -12.35 -5.52 -20.58
N GLY I 230 -12.69 -6.14 -21.71
CA GLY I 230 -13.72 -5.65 -22.59
C GLY I 230 -15.09 -6.26 -22.39
N LEU I 231 -15.30 -6.98 -21.29
CA LEU I 231 -16.58 -7.62 -21.00
C LEU I 231 -17.33 -7.00 -19.84
N ASP I 232 -16.63 -6.47 -18.83
CA ASP I 232 -17.28 -5.88 -17.67
C ASP I 232 -17.26 -4.35 -17.69
N GLY I 233 -16.90 -3.75 -18.82
CA GLY I 233 -16.87 -2.30 -18.92
C GLY I 233 -15.62 -1.65 -18.39
N SER I 234 -14.60 -2.42 -18.00
CA SER I 234 -13.37 -1.82 -17.50
C SER I 234 -12.63 -1.06 -18.58
N ARG I 235 -12.58 -1.60 -19.80
CA ARG I 235 -11.89 -0.92 -20.88
C ARG I 235 -12.58 0.40 -21.23
N GLU I 236 -13.91 0.40 -21.26
CA GLU I 236 -14.64 1.62 -21.57
C GLU I 236 -14.48 2.68 -20.49
N ARG I 237 -14.37 2.27 -19.23
CA ARG I 237 -14.19 3.24 -18.15
C ARG I 237 -12.75 3.73 -18.04
N ARG I 238 -11.78 2.87 -18.31
CA ARG I 238 -10.40 3.34 -18.39
C ARG I 238 -10.20 4.29 -19.56
N ASP I 239 -10.81 3.98 -20.71
CA ASP I 239 -10.74 4.90 -21.84
C ASP I 239 -11.60 6.13 -21.61
N GLY I 240 -12.68 6.00 -20.84
CA GLY I 240 -13.52 7.15 -20.54
C GLY I 240 -12.80 8.25 -19.79
N LEU I 241 -11.67 7.94 -19.15
CA LEU I 241 -10.92 8.95 -18.43
C LEU I 241 -10.35 10.02 -19.35
N ARG I 242 -10.17 9.71 -20.65
CA ARG I 242 -9.70 10.71 -21.59
C ARG I 242 -10.71 11.84 -21.72
N ALA I 243 -11.98 11.51 -21.98
CA ALA I 243 -13.01 12.53 -22.14
C ALA I 243 -13.22 13.33 -20.85
N LEU I 244 -13.10 12.67 -19.69
CA LEU I 244 -13.24 13.40 -18.42
C LEU I 244 -12.11 14.40 -18.23
N PHE I 245 -10.89 14.03 -18.61
CA PHE I 245 -9.77 14.97 -18.49
C PHE I 245 -9.89 16.11 -19.48
N SER I 246 -10.47 15.84 -20.66
CA SER I 246 -10.76 16.91 -21.61
C SER I 246 -11.70 17.94 -21.00
N GLN I 247 -12.79 17.47 -20.38
CA GLN I 247 -13.67 18.40 -19.69
C GLN I 247 -12.95 19.13 -18.57
N LEU I 248 -11.98 18.48 -17.94
CA LEU I 248 -11.25 19.09 -16.83
C LEU I 248 -10.34 20.21 -17.31
N ILE I 249 -9.62 20.02 -18.41
CA ILE I 249 -8.77 21.09 -18.93
C ILE I 249 -9.62 22.26 -19.42
N PHE I 250 -10.85 22.01 -19.87
CA PHE I 250 -11.74 23.10 -20.23
C PHE I 250 -12.07 23.95 -19.01
N VAL I 251 -12.32 23.31 -17.87
CA VAL I 251 -12.61 24.02 -16.63
C VAL I 251 -11.48 24.99 -16.29
N HIS I 252 -10.25 24.49 -16.25
CA HIS I 252 -9.11 25.35 -15.92
C HIS I 252 -8.92 26.43 -16.97
N LEU I 253 -9.13 26.10 -18.24
CA LEU I 253 -9.02 27.11 -19.30
C LEU I 253 -10.00 28.26 -19.06
N TYR I 254 -11.26 27.92 -18.76
CA TYR I 254 -12.25 28.98 -18.54
C TYR I 254 -11.91 29.81 -17.31
N LEU I 255 -11.51 29.16 -16.22
CA LEU I 255 -11.18 29.88 -15.00
C LEU I 255 -9.95 30.77 -15.20
N GLY I 256 -8.97 30.30 -15.98
CA GLY I 256 -7.82 31.12 -16.28
C GLY I 256 -8.19 32.35 -17.08
N ILE I 257 -9.02 32.17 -18.12
CA ILE I 257 -9.50 33.31 -18.90
C ILE I 257 -10.26 34.28 -18.02
N ALA I 258 -11.07 33.76 -17.09
CA ALA I 258 -11.82 34.62 -16.17
C ALA I 258 -10.87 35.43 -15.30
N GLU I 259 -9.80 34.81 -14.81
CA GLU I 259 -8.83 35.53 -13.99
C GLU I 259 -8.12 36.61 -14.79
N GLY I 260 -7.78 36.32 -16.05
CA GLY I 260 -7.14 37.33 -16.88
C GLY I 260 -8.06 38.49 -17.18
N ALA I 261 -9.35 38.20 -17.41
CA ALA I 261 -10.32 39.26 -17.66
C ALA I 261 -10.48 40.16 -16.45
N LEU I 262 -10.63 39.56 -15.26
CA LEU I 262 -10.79 40.34 -14.04
C LEU I 262 -9.55 41.18 -13.76
N ALA I 263 -8.36 40.61 -13.93
CA ALA I 263 -7.14 41.37 -13.69
C ALA I 263 -6.96 42.47 -14.72
N ALA I 264 -7.37 42.23 -15.97
CA ALA I 264 -7.26 43.27 -16.99
C ALA I 264 -8.23 44.41 -16.74
N GLY I 265 -9.42 44.09 -16.25
CA GLY I 265 -10.38 45.14 -15.92
C GLY I 265 -9.93 46.00 -14.76
N VAL I 266 -9.40 45.35 -13.71
CA VAL I 266 -8.85 46.09 -12.57
C VAL I 266 -7.72 47.01 -13.02
N ALA I 267 -6.82 46.49 -13.87
CA ALA I 267 -5.70 47.29 -14.34
C ALA I 267 -6.17 48.53 -15.11
N TYR I 268 -7.20 48.37 -15.95
CA TYR I 268 -7.72 49.51 -16.70
C TYR I 268 -8.31 50.56 -15.77
N ILE I 269 -9.15 50.13 -14.83
CA ILE I 269 -9.79 51.07 -13.91
C ILE I 269 -8.76 51.86 -13.12
N ARG I 270 -7.75 51.16 -12.58
CA ARG I 270 -6.72 51.83 -11.79
C ARG I 270 -5.86 52.76 -12.63
N ASP I 271 -5.70 52.47 -13.91
CA ASP I 271 -4.84 53.27 -14.78
C ASP I 271 -5.63 54.35 -15.53
N LYS I 272 -6.71 53.96 -16.21
CA LYS I 272 -7.43 54.87 -17.09
C LYS I 272 -8.82 55.25 -16.58
N GLY I 273 -9.31 54.61 -15.52
CA GLY I 273 -10.67 54.86 -15.09
C GLY I 273 -10.88 56.26 -14.56
N ARG I 274 -12.09 56.77 -14.76
CA ARG I 274 -12.54 58.07 -14.31
C ARG I 274 -13.77 57.90 -13.43
N PRO I 275 -13.96 58.76 -12.43
CA PRO I 275 -15.17 58.69 -11.63
C PRO I 275 -16.38 59.20 -12.40
N TRP I 276 -17.53 58.60 -12.12
CA TRP I 276 -18.77 59.08 -12.70
C TRP I 276 -19.24 60.32 -11.97
N PRO I 277 -19.68 61.37 -12.66
CA PRO I 277 -20.05 62.61 -11.97
C PRO I 277 -21.10 62.46 -10.89
N GLU I 278 -22.00 61.47 -11.01
CA GLU I 278 -22.99 61.24 -9.98
C GLU I 278 -22.42 60.50 -8.76
N ALA I 279 -21.23 59.94 -8.87
CA ALA I 279 -20.63 59.22 -7.74
C ALA I 279 -20.32 60.19 -6.59
N HIS I 280 -20.27 59.62 -5.39
CA HIS I 280 -19.95 60.42 -4.21
C HIS I 280 -18.49 60.84 -4.19
N SER I 281 -17.58 60.00 -4.68
CA SER I 281 -16.15 60.23 -4.62
C SER I 281 -15.60 60.59 -5.99
N THR I 282 -14.55 61.42 -5.99
CA THR I 282 -13.82 61.72 -7.22
C THR I 282 -12.72 60.71 -7.50
N ASP I 283 -12.61 59.66 -6.68
CA ASP I 283 -11.67 58.58 -6.91
C ASP I 283 -12.44 57.43 -7.56
N VAL I 284 -12.00 56.99 -8.73
CA VAL I 284 -12.70 55.92 -9.44
C VAL I 284 -12.63 54.60 -8.68
N THR I 285 -11.53 54.36 -7.97
CA THR I 285 -11.37 53.13 -7.21
C THR I 285 -12.29 53.05 -5.99
N GLU I 286 -13.02 54.12 -5.68
CA GLU I 286 -13.94 54.14 -4.55
C GLU I 286 -15.40 54.01 -4.97
N ASP I 287 -15.66 53.76 -6.24
CA ASP I 287 -17.03 53.63 -6.72
C ASP I 287 -17.67 52.39 -6.10
N PRO I 288 -18.81 52.52 -5.40
CA PRO I 288 -19.36 51.36 -4.69
C PRO I 288 -19.87 50.26 -5.62
N TYR I 289 -20.22 50.61 -6.86
CA TYR I 289 -20.69 49.58 -7.80
C TYR I 289 -19.55 48.84 -8.47
N HIS I 290 -18.44 49.54 -8.75
CA HIS I 290 -17.24 48.84 -9.23
C HIS I 290 -16.74 47.85 -8.20
N GLN I 291 -16.61 48.29 -6.95
CA GLN I 291 -16.10 47.41 -5.90
C GLN I 291 -17.00 46.20 -5.70
N GLN I 292 -18.32 46.42 -5.67
CA GLN I 292 -19.26 45.32 -5.46
C GLN I 292 -19.20 44.32 -6.61
N LEU I 293 -19.22 44.81 -7.85
CA LEU I 293 -19.19 43.93 -9.01
C LEU I 293 -17.89 43.11 -9.04
N LEU I 294 -16.75 43.79 -8.98
CA LEU I 294 -15.47 43.09 -9.01
C LEU I 294 -15.35 42.12 -7.85
N GLY I 295 -15.90 42.47 -6.69
CA GLY I 295 -15.86 41.56 -5.56
C GLY I 295 -16.69 40.31 -5.78
N ARG I 296 -17.89 40.48 -6.37
CA ARG I 296 -18.73 39.32 -6.66
C ARG I 296 -18.05 38.40 -7.67
N LEU I 297 -17.47 38.98 -8.73
CA LEU I 297 -16.78 38.19 -9.75
C LEU I 297 -15.57 37.47 -9.16
N SER I 298 -14.77 38.17 -8.35
CA SER I 298 -13.61 37.54 -7.73
C SER I 298 -14.02 36.32 -6.92
N ALA I 299 -15.09 36.45 -6.12
CA ALA I 299 -15.54 35.33 -5.30
C ALA I 299 -15.99 34.16 -6.14
N GLY I 300 -16.66 34.42 -7.27
CA GLY I 300 -17.08 33.34 -8.13
C GLY I 300 -15.91 32.60 -8.74
N ILE I 301 -14.86 33.32 -9.13
CA ILE I 301 -13.66 32.70 -9.66
C ILE I 301 -13.00 31.82 -8.59
N ALA I 302 -12.89 32.34 -7.37
CA ALA I 302 -12.24 31.57 -6.30
C ALA I 302 -12.97 30.26 -6.02
N ALA I 303 -14.29 30.29 -6.01
CA ALA I 303 -15.05 29.07 -5.76
C ALA I 303 -14.89 28.08 -6.91
N GLY I 304 -14.87 28.56 -8.15
CA GLY I 304 -14.64 27.68 -9.27
C GLY I 304 -13.26 27.06 -9.26
N VAL I 305 -12.26 27.83 -8.84
CA VAL I 305 -10.89 27.30 -8.76
C VAL I 305 -10.78 26.21 -7.71
N ALA I 306 -11.37 26.44 -6.53
CA ALA I 306 -11.31 25.43 -5.47
C ALA I 306 -11.96 24.13 -5.92
N LEU I 307 -13.06 24.22 -6.67
CA LEU I 307 -13.71 23.00 -7.16
C LEU I 307 -12.90 22.36 -8.27
N ALA I 308 -12.28 23.16 -9.14
CA ALA I 308 -11.49 22.64 -10.24
C ALA I 308 -10.26 21.87 -9.75
N ASP I 309 -9.51 22.46 -8.81
CA ASP I 309 -8.35 21.77 -8.29
C ASP I 309 -8.74 20.53 -7.49
N SER I 310 -9.88 20.58 -6.79
CA SER I 310 -10.38 19.40 -6.09
C SER I 310 -10.74 18.30 -7.07
N ALA I 311 -11.33 18.67 -8.20
CA ALA I 311 -11.70 17.67 -9.21
C ALA I 311 -10.48 17.07 -9.89
N THR I 312 -9.45 17.88 -10.11
CA THR I 312 -8.24 17.36 -10.75
C THR I 312 -7.52 16.38 -9.84
N LYS I 313 -7.48 16.67 -8.53
CA LYS I 313 -6.90 15.71 -7.60
C LYS I 313 -7.67 14.39 -7.61
N GLU I 314 -9.00 14.46 -7.73
CA GLU I 314 -9.80 13.23 -7.81
C GLU I 314 -9.54 12.48 -9.11
N PHE I 315 -9.24 13.20 -10.20
CA PHE I 315 -8.88 12.52 -11.45
C PHE I 315 -7.55 11.78 -11.30
N GLU I 316 -6.56 12.41 -10.66
CA GLU I 316 -5.27 11.76 -10.48
C GLU I 316 -5.42 10.45 -9.70
N GLN I 317 -6.30 10.44 -8.70
CA GLN I 317 -6.52 9.22 -7.93
C GLN I 317 -7.18 8.14 -8.79
N ALA I 318 -8.10 8.54 -9.66
CA ALA I 318 -8.73 7.57 -10.56
C ALA I 318 -7.73 7.01 -11.56
N LEU I 319 -6.85 7.87 -12.08
CA LEU I 319 -5.83 7.42 -13.00
C LEU I 319 -4.84 6.46 -12.34
N ALA I 320 -4.60 6.64 -11.05
CA ALA I 320 -3.62 5.83 -10.32
C ALA I 320 -4.21 4.54 -9.75
N PHE I 321 -5.50 4.26 -9.99
CA PHE I 321 -6.07 3.00 -9.55
C PHE I 321 -5.41 1.84 -10.28
N GLY I 322 -5.07 0.80 -9.52
CA GLY I 322 -4.46 -0.38 -10.12
C GLY I 322 -5.35 -1.04 -11.16
N GLU I 323 -6.66 -0.87 -11.03
CA GLU I 323 -7.64 -1.36 -12.00
C GLU I 323 -8.37 -0.17 -12.61
N ALA I 324 -9.26 -0.47 -13.54
CA ALA I 324 -10.13 0.56 -14.07
C ALA I 324 -11.13 0.98 -12.99
N PRO I 325 -11.59 2.23 -13.01
CA PRO I 325 -12.60 2.65 -12.03
C PRO I 325 -13.89 1.89 -12.27
N THR I 326 -14.61 1.62 -11.17
CA THR I 326 -15.91 0.97 -11.27
C THR I 326 -16.95 1.98 -11.75
N GLU I 327 -18.19 1.49 -11.91
CA GLU I 327 -19.27 2.38 -12.34
C GLU I 327 -19.46 3.53 -11.34
N ALA I 328 -19.37 3.24 -10.05
CA ALA I 328 -19.57 4.27 -9.04
C ALA I 328 -18.38 5.22 -8.98
N GLN I 329 -17.17 4.70 -9.09
CA GLN I 329 -15.98 5.56 -9.09
C GLN I 329 -15.95 6.45 -10.33
N TRP I 330 -16.22 5.88 -11.50
CA TRP I 330 -16.25 6.67 -12.72
C TRP I 330 -17.37 7.69 -12.68
N GLY I 331 -18.55 7.28 -12.20
CA GLY I 331 -19.68 8.19 -12.17
C GLY I 331 -19.50 9.34 -11.18
N ALA I 332 -18.97 9.03 -10.00
CA ALA I 332 -18.71 10.09 -9.02
C ALA I 332 -17.71 11.10 -9.56
N LEU I 333 -16.70 10.63 -10.29
CA LEU I 333 -15.74 11.54 -10.91
C LEU I 333 -16.39 12.34 -12.03
N ALA I 334 -17.23 11.69 -12.84
CA ALA I 334 -17.90 12.39 -13.93
C ALA I 334 -18.86 13.45 -13.38
N ILE I 335 -19.51 13.17 -12.26
CA ILE I 335 -20.39 14.17 -11.64
C ILE I 335 -19.57 15.37 -11.18
N ARG I 336 -18.42 15.14 -10.56
CA ARG I 336 -17.60 16.24 -10.06
C ARG I 336 -17.04 17.07 -11.22
N VAL I 337 -16.66 16.43 -12.32
CA VAL I 337 -16.18 17.18 -13.47
C VAL I 337 -17.32 17.96 -14.11
N ASP I 338 -18.52 17.36 -14.16
CA ASP I 338 -19.68 18.10 -14.65
C ASP I 338 -19.96 19.32 -13.78
N GLN I 339 -19.84 19.17 -12.45
CA GLN I 339 -20.07 20.30 -11.56
C GLN I 339 -19.03 21.40 -11.79
N ALA I 340 -17.77 21.02 -11.95
CA ALA I 340 -16.73 22.01 -12.24
C ALA I 340 -16.96 22.66 -13.61
N LYS I 341 -17.40 21.87 -14.59
CA LYS I 341 -17.66 22.42 -15.91
C LYS I 341 -18.79 23.43 -15.89
N SER I 342 -19.86 23.14 -15.14
CA SER I 342 -20.98 24.06 -15.04
C SER I 342 -20.57 25.37 -14.37
N VAL I 343 -19.87 25.27 -13.23
CA VAL I 343 -19.47 26.47 -12.49
C VAL I 343 -18.48 27.29 -13.31
N ALA I 344 -17.48 26.64 -13.90
CA ALA I 344 -16.46 27.37 -14.64
C ALA I 344 -17.04 28.05 -15.88
N THR I 345 -18.00 27.40 -16.54
CA THR I 345 -18.63 28.02 -17.70
C THR I 345 -19.40 29.27 -17.30
N GLU I 346 -20.18 29.18 -16.23
CA GLU I 346 -21.02 30.30 -15.81
C GLU I 346 -20.18 31.49 -15.37
N ILE I 347 -19.12 31.25 -14.60
CA ILE I 347 -18.36 32.37 -14.03
C ILE I 347 -17.50 33.05 -15.10
N SER I 348 -16.88 32.28 -15.99
CA SER I 348 -16.05 32.88 -17.03
C SER I 348 -16.88 33.72 -17.99
N LEU I 349 -18.07 33.20 -18.36
CA LEU I 349 -18.99 34.00 -19.14
C LEU I 349 -19.45 35.24 -18.38
N ASP I 350 -19.70 35.09 -17.07
CA ASP I 350 -20.11 36.20 -16.23
C ASP I 350 -19.04 37.28 -16.20
N VAL I 351 -17.79 36.88 -15.94
CA VAL I 351 -16.69 37.83 -15.78
C VAL I 351 -16.41 38.57 -17.09
N THR I 352 -16.21 37.81 -18.17
CA THR I 352 -15.78 38.42 -19.43
C THR I 352 -16.84 39.32 -20.06
N HIS I 353 -18.11 39.08 -19.74
CA HIS I 353 -19.24 39.85 -20.25
C HIS I 353 -19.48 41.11 -19.42
N ASN I 354 -19.49 40.98 -18.10
CA ASN I 354 -19.88 42.08 -17.21
C ASN I 354 -18.72 42.97 -16.79
N ILE I 355 -17.48 42.61 -17.13
CA ILE I 355 -16.34 43.45 -16.77
C ILE I 355 -16.46 44.85 -17.37
N TYR I 356 -17.10 44.96 -18.54
CA TYR I 356 -17.25 46.26 -19.20
C TYR I 356 -18.11 47.22 -18.39
N GLN I 357 -19.03 46.71 -17.56
CA GLN I 357 -19.85 47.60 -16.75
C GLN I 357 -19.01 48.45 -15.80
N ALA I 358 -17.87 47.92 -15.36
CA ALA I 358 -16.96 48.66 -14.50
C ALA I 358 -15.89 49.43 -15.26
N THR I 359 -15.54 49.02 -16.48
CA THR I 359 -14.44 49.66 -17.19
C THR I 359 -14.86 50.89 -17.99
N GLY I 360 -16.09 50.93 -18.51
CA GLY I 360 -16.62 52.16 -19.07
C GLY I 360 -16.53 52.26 -20.58
N ALA I 361 -16.88 53.44 -21.09
CA ALA I 361 -17.06 53.64 -22.52
C ALA I 361 -15.72 53.64 -23.26
N ARG I 362 -14.72 54.36 -22.73
CA ARG I 362 -13.43 54.45 -23.40
C ARG I 362 -12.72 53.10 -23.45
N SER I 363 -13.06 52.16 -22.55
CA SER I 363 -12.41 50.86 -22.55
C SER I 363 -12.83 49.98 -23.71
N THR I 364 -13.84 50.38 -24.48
CA THR I 364 -14.30 49.57 -25.61
C THR I 364 -13.50 49.81 -26.88
N ALA I 365 -12.45 50.62 -26.83
CA ALA I 365 -11.57 50.78 -27.98
C ALA I 365 -10.73 49.53 -28.16
N ASN I 366 -10.46 49.17 -29.42
CA ASN I 366 -9.68 47.96 -29.70
C ASN I 366 -8.23 48.10 -29.29
N SER I 367 -7.73 49.32 -29.08
CA SER I 367 -6.40 49.47 -28.50
C SER I 367 -6.36 48.95 -27.07
N VAL I 368 -7.49 48.97 -26.38
CA VAL I 368 -7.58 48.34 -25.06
C VAL I 368 -7.81 46.85 -25.19
N GLY I 369 -8.78 46.46 -26.00
CA GLY I 369 -8.99 45.05 -26.33
C GLY I 369 -9.43 44.18 -25.18
N LEU I 370 -10.33 44.68 -24.32
CA LEU I 370 -10.82 43.87 -23.20
C LEU I 370 -11.71 42.73 -23.67
N ASP I 371 -12.20 42.77 -24.92
CA ASP I 371 -13.15 41.78 -25.39
C ASP I 371 -12.51 40.43 -25.72
N ILE I 372 -11.19 40.39 -25.90
CA ILE I 372 -10.52 39.14 -26.27
C ILE I 372 -10.80 38.03 -25.27
N TYR I 373 -10.97 38.39 -23.99
CA TYR I 373 -11.31 37.38 -22.99
C TYR I 373 -12.71 36.83 -23.25
N TRP I 374 -13.67 37.71 -23.54
CA TRP I 374 -15.02 37.24 -23.88
C TRP I 374 -15.00 36.39 -25.13
N ARG I 375 -14.37 36.89 -26.20
CA ARG I 375 -14.31 36.13 -27.44
C ARG I 375 -13.73 34.74 -27.22
N ASN I 376 -12.71 34.64 -26.37
CA ASN I 376 -12.11 33.33 -26.10
C ASN I 376 -13.03 32.46 -25.27
N ALA I 377 -13.53 33.01 -24.14
CA ALA I 377 -14.44 32.25 -23.28
C ALA I 377 -15.75 31.92 -23.99
N ARG I 378 -16.34 32.90 -24.67
CA ARG I 378 -17.61 32.67 -25.35
C ARG I 378 -17.48 31.62 -26.44
N THR I 379 -16.31 31.54 -27.08
CA THR I 379 -16.09 30.53 -28.11
C THR I 379 -16.05 29.14 -27.52
N HIS I 380 -15.10 28.89 -26.60
CA HIS I 380 -14.84 27.53 -26.17
C HIS I 380 -15.96 26.98 -25.28
N THR I 381 -16.71 27.84 -24.60
CA THR I 381 -17.83 27.36 -23.79
C THR I 381 -18.94 26.72 -24.62
N THR I 382 -18.90 26.87 -25.95
CA THR I 382 -19.84 26.21 -26.84
C THR I 382 -19.33 24.87 -27.35
N HIS I 383 -18.17 24.41 -26.87
CA HIS I 383 -17.63 23.11 -27.29
C HIS I 383 -18.68 22.01 -27.12
N ASP I 384 -19.26 21.91 -25.93
CA ASP I 384 -20.43 21.08 -25.70
C ASP I 384 -21.44 21.88 -24.88
N PRO I 385 -22.73 21.66 -25.11
CA PRO I 385 -23.74 22.56 -24.51
C PRO I 385 -23.80 22.42 -22.99
N LEU I 386 -23.74 23.57 -22.32
CA LEU I 386 -23.82 23.63 -20.84
C LEU I 386 -25.04 22.92 -20.26
N PRO I 387 -26.28 23.14 -20.75
CA PRO I 387 -27.43 22.52 -20.07
C PRO I 387 -27.40 21.00 -20.03
N TYR I 388 -26.78 20.35 -21.02
CA TYR I 388 -26.67 18.89 -20.98
C TYR I 388 -25.66 18.40 -19.95
N ARG I 389 -24.65 19.22 -19.61
CA ARG I 389 -23.76 18.85 -18.52
C ARG I 389 -24.44 19.06 -17.16
N GLN I 390 -25.23 20.14 -17.03
CA GLN I 390 -26.05 20.32 -15.84
C GLN I 390 -27.14 19.27 -15.75
N ARG I 391 -27.72 18.90 -16.89
CA ARG I 391 -28.76 17.88 -16.90
C ARG I 391 -28.26 16.55 -16.38
N GLU I 392 -27.00 16.21 -16.68
CA GLU I 392 -26.47 14.93 -16.24
C GLU I 392 -26.38 14.86 -14.72
N ILE I 393 -26.03 15.98 -14.08
CA ILE I 393 -25.97 16.02 -12.62
C ILE I 393 -27.35 15.79 -12.02
N GLY I 394 -28.34 16.56 -12.46
CA GLY I 394 -29.68 16.42 -11.93
C GLY I 394 -30.30 15.07 -12.23
N ARG I 395 -29.96 14.48 -13.37
CA ARG I 395 -30.46 13.15 -13.70
C ARG I 395 -29.98 12.11 -12.70
N HIS I 396 -28.73 12.24 -12.25
CA HIS I 396 -28.23 11.32 -11.23
C HIS I 396 -28.95 11.53 -9.90
N LEU I 397 -29.28 12.77 -9.57
CA LEU I 397 -29.97 13.04 -8.31
C LEU I 397 -31.38 12.46 -8.31
N LEU I 398 -32.07 12.53 -9.45
CA LEU I 398 -33.45 12.09 -9.53
C LEU I 398 -33.58 10.59 -9.77
N THR I 399 -32.61 9.97 -10.44
CA THR I 399 -32.72 8.58 -10.88
C THR I 399 -31.69 7.65 -10.26
N ASP I 400 -30.64 8.16 -9.61
CA ASP I 400 -29.53 7.40 -9.04
C ASP I 400 -28.63 6.77 -10.09
N GLN I 401 -28.85 7.03 -11.37
CA GLN I 401 -28.03 6.44 -12.43
C GLN I 401 -26.78 7.28 -12.63
N TRP I 402 -25.62 6.64 -12.52
CA TRP I 402 -24.36 7.35 -12.73
C TRP I 402 -24.18 7.67 -14.21
N PRO I 403 -23.44 8.74 -14.51
CA PRO I 403 -22.98 8.93 -15.89
C PRO I 403 -22.09 7.78 -16.31
N SER I 404 -22.18 7.42 -17.58
CA SER I 404 -21.47 6.28 -18.14
C SER I 404 -20.63 6.72 -19.33
N PRO I 405 -19.58 5.99 -19.65
CA PRO I 405 -18.87 6.22 -20.91
C PRO I 405 -19.82 6.06 -22.08
N ARG I 406 -19.64 6.90 -23.10
CA ARG I 406 -20.55 6.90 -24.24
C ARG I 406 -20.58 5.57 -24.97
N SER I 407 -19.45 4.85 -24.97
CA SER I 407 -19.36 3.55 -25.62
C SER I 407 -20.06 2.46 -24.80
N ALA J 12 -4.16 21.97 20.16
CA ALA J 12 -5.59 22.20 19.98
C ALA J 12 -5.99 22.09 18.51
N TYR J 13 -7.18 21.53 18.28
CA TYR J 13 -7.74 21.36 16.94
C TYR J 13 -6.80 20.56 16.02
N GLN J 14 -6.27 19.46 16.56
CA GLN J 14 -5.35 18.64 15.79
C GLN J 14 -6.07 17.82 14.72
N GLY J 15 -7.31 17.43 14.97
CA GLY J 15 -8.04 16.63 14.01
C GLY J 15 -7.94 15.14 14.30
N VAL J 16 -9.01 14.42 13.95
CA VAL J 16 -9.04 12.98 14.10
C VAL J 16 -8.58 12.34 12.80
N SER J 17 -8.29 11.04 12.84
CA SER J 17 -7.85 10.34 11.64
C SER J 17 -8.98 10.26 10.61
N ASP J 18 -8.62 9.85 9.40
CA ASP J 18 -9.61 9.73 8.33
C ASP J 18 -10.62 8.63 8.65
N THR J 19 -10.17 7.50 9.15
CA THR J 19 -11.09 6.41 9.48
C THR J 19 -12.02 6.81 10.62
N GLU J 20 -11.50 7.51 11.63
CA GLU J 20 -12.35 7.95 12.74
C GLU J 20 -13.32 9.04 12.30
N PHE J 21 -12.93 9.87 11.33
CA PHE J 21 -13.86 10.89 10.85
C PHE J 21 -15.03 10.29 10.09
N SER J 22 -14.81 9.16 9.40
CA SER J 22 -15.92 8.48 8.73
C SER J 22 -16.99 8.06 9.74
N GLU J 23 -16.57 7.63 10.93
CA GLU J 23 -17.54 7.27 11.96
C GLU J 23 -18.24 8.48 12.53
N TRP J 24 -17.52 9.61 12.66
CA TRP J 24 -18.16 10.83 13.13
C TRP J 24 -19.18 11.36 12.11
N GLU J 25 -18.91 11.18 10.82
CA GLU J 25 -19.91 11.52 9.81
C GLU J 25 -21.13 10.62 9.93
N GLN J 26 -20.92 9.35 10.31
N GLN J 26 -20.93 9.36 10.30
CA GLN J 26 -22.06 8.46 10.52
CA GLN J 26 -22.05 8.45 10.52
C GLN J 26 -22.84 8.84 11.78
C GLN J 26 -22.84 8.87 11.76
N VAL J 27 -22.15 9.35 12.79
CA VAL J 27 -22.84 9.88 13.97
C VAL J 27 -23.64 11.12 13.61
N ALA J 28 -23.04 12.04 12.85
CA ALA J 28 -23.75 13.24 12.44
C ALA J 28 -24.94 12.91 11.54
N ALA J 29 -24.80 11.91 10.68
CA ALA J 29 -25.92 11.50 9.83
C ALA J 29 -27.06 10.93 10.67
N ARG J 30 -26.73 10.19 11.73
CA ARG J 30 -27.77 9.67 12.60
C ARG J 30 -28.50 10.80 13.33
N VAL J 31 -27.76 11.80 13.82
CA VAL J 31 -28.38 12.93 14.48
C VAL J 31 -29.20 13.75 13.49
N ALA J 32 -28.69 13.93 12.28
CA ALA J 32 -29.42 14.68 11.26
C ALA J 32 -30.76 14.04 10.94
N GLY J 33 -30.80 12.72 10.82
CA GLY J 33 -32.07 12.05 10.56
C GLY J 33 -33.09 12.27 11.66
N GLU J 34 -32.66 12.17 12.92
CA GLU J 34 -33.57 12.40 14.03
C GLU J 34 -34.08 13.84 14.04
N LEU J 35 -33.20 14.80 13.78
CA LEU J 35 -33.64 16.20 13.75
C LEU J 35 -34.56 16.47 12.57
N SER J 36 -34.30 15.84 11.42
CA SER J 36 -35.08 16.13 10.23
C SER J 36 -36.52 15.69 10.37
N ALA J 37 -36.77 14.59 11.09
CA ALA J 37 -38.13 14.05 11.19
C ALA J 37 -39.05 14.96 11.99
N THR J 38 -38.50 15.75 12.91
CA THR J 38 -39.28 16.63 13.76
C THR J 38 -39.05 18.11 13.47
N ALA J 39 -38.29 18.43 12.41
CA ALA J 39 -37.92 19.81 12.14
C ALA J 39 -39.14 20.71 12.01
N LEU J 40 -40.12 20.30 11.21
CA LEU J 40 -41.30 21.12 10.98
C LEU J 40 -42.09 21.33 12.26
N THR J 41 -42.41 20.23 12.97
CA THR J 41 -43.19 20.32 14.19
C THR J 41 -42.48 21.21 15.22
N ARG J 42 -41.17 21.02 15.41
CA ARG J 42 -40.45 21.85 16.35
C ARG J 42 -40.36 23.30 15.86
N ASP J 43 -40.27 23.51 14.54
CA ASP J 43 -40.19 24.88 14.03
C ASP J 43 -41.45 25.66 14.35
N ARG J 44 -42.62 25.04 14.23
CA ARG J 44 -43.87 25.74 14.53
C ARG J 44 -44.06 25.93 16.03
N ALA J 45 -43.52 25.03 16.86
CA ALA J 45 -43.72 25.14 18.30
C ALA J 45 -42.91 26.28 18.90
N ASN J 46 -41.76 26.60 18.32
CA ASN J 46 -40.97 27.78 18.69
C ASN J 46 -40.41 27.71 20.11
N GLN J 47 -40.12 26.50 20.59
CA GLN J 47 -39.63 26.32 21.95
C GLN J 47 -38.11 26.31 22.00
N ASN J 48 -37.57 26.54 23.19
CA ASN J 48 -36.13 26.44 23.40
C ASN J 48 -35.68 25.02 23.09
N PRO J 49 -34.62 24.85 22.30
CA PRO J 49 -34.19 23.51 21.86
C PRO J 49 -33.37 22.76 22.91
N ILE J 50 -33.92 22.63 24.12
CA ILE J 50 -33.22 21.94 25.19
C ILE J 50 -32.97 20.49 24.82
N ALA J 51 -33.99 19.81 24.30
CA ALA J 51 -33.83 18.40 23.94
C ALA J 51 -32.85 18.24 22.78
N GLU J 52 -32.85 19.18 21.83
CA GLU J 52 -31.95 19.08 20.70
C GLU J 52 -30.50 19.27 21.13
N ILE J 53 -30.23 20.23 22.02
CA ILE J 53 -28.90 20.41 22.55
C ILE J 53 -28.46 19.17 23.32
N GLU J 54 -29.38 18.56 24.07
CA GLU J 54 -29.07 17.31 24.76
C GLU J 54 -28.79 16.18 23.78
N LEU J 55 -29.48 16.19 22.63
CA LEU J 55 -29.18 15.22 21.58
C LEU J 55 -27.77 15.41 21.04
N LEU J 56 -27.39 16.66 20.74
CA LEU J 56 -26.03 16.94 20.31
C LEU J 56 -25.02 16.58 21.39
N ARG J 57 -25.41 16.71 22.66
CA ARG J 57 -24.50 16.41 23.76
C ARG J 57 -24.23 14.91 23.87
N ARG J 58 -25.31 14.10 23.82
CA ARG J 58 -25.14 12.66 23.99
C ARG J 58 -24.26 12.05 22.91
N TYR J 59 -24.47 12.44 21.65
CA TYR J 59 -23.69 11.90 20.55
C TYR J 59 -22.28 12.49 20.44
N GLY J 60 -21.85 13.26 21.44
CA GLY J 60 -20.48 13.74 21.47
C GLY J 60 -20.17 14.85 20.49
N LEU J 61 -21.18 15.49 19.91
CA LEU J 61 -20.94 16.54 18.93
C LEU J 61 -20.50 17.85 19.57
N LEU J 62 -20.94 18.12 20.80
CA LEU J 62 -20.54 19.35 21.47
C LEU J 62 -19.06 19.35 21.83
N SER J 63 -18.50 18.18 22.14
CA SER J 63 -17.10 18.07 22.53
C SER J 63 -16.20 17.57 21.40
N PHE J 64 -16.70 17.54 20.16
CA PHE J 64 -15.90 17.01 19.05
C PHE J 64 -14.64 17.82 18.83
N ALA J 65 -14.76 19.16 18.89
CA ALA J 65 -13.62 20.04 18.66
C ALA J 65 -12.78 20.29 19.91
N THR J 66 -12.84 19.41 20.89
CA THR J 66 -12.06 19.52 22.11
C THR J 66 -11.06 18.38 22.18
N ALA J 67 -9.85 18.70 22.64
CA ALA J 67 -8.77 17.72 22.68
C ALA J 67 -9.17 16.50 23.53
N ARG J 68 -8.63 15.34 23.14
CA ARG J 68 -9.00 14.09 23.80
C ARG J 68 -8.59 14.08 25.27
N GLU J 69 -7.56 14.83 25.64
CA GLU J 69 -7.13 14.89 27.03
C GLU J 69 -8.21 15.45 27.94
N PHE J 70 -9.17 16.20 27.40
CA PHE J 70 -10.28 16.75 28.18
C PHE J 70 -11.56 15.94 28.03
N GLY J 71 -11.52 14.81 27.31
CA GLY J 71 -12.69 13.99 27.09
C GLY J 71 -13.34 14.17 25.74
N GLY J 72 -12.87 15.12 24.93
CA GLY J 72 -13.41 15.35 23.61
C GLY J 72 -12.85 14.40 22.57
N ALA J 73 -13.21 14.66 21.32
CA ALA J 73 -12.78 13.82 20.21
C ALA J 73 -11.43 14.21 19.64
N GLY J 74 -11.00 15.46 19.84
CA GLY J 74 -9.76 15.92 19.24
C GLY J 74 -9.88 16.33 17.79
N GLY J 75 -11.09 16.58 17.30
CA GLY J 75 -11.27 16.94 15.92
C GLY J 75 -10.78 18.33 15.60
N SER J 76 -10.61 18.59 14.31
CA SER J 76 -10.14 19.89 13.85
C SER J 76 -11.34 20.80 13.56
N LEU J 77 -11.03 22.08 13.31
CA LEU J 77 -12.06 23.03 12.93
C LEU J 77 -12.62 22.71 11.54
N VAL J 78 -11.77 22.21 10.63
CA VAL J 78 -12.25 21.77 9.32
C VAL J 78 -13.26 20.64 9.48
N GLN J 79 -12.94 19.66 10.32
CA GLN J 79 -13.85 18.55 10.55
C GLN J 79 -15.10 18.99 11.28
N ALA J 80 -14.96 19.92 12.25
CA ALA J 80 -16.10 20.32 13.06
C ALA J 80 -17.16 21.02 12.22
N LEU J 81 -16.73 21.94 11.36
CA LEU J 81 -17.70 22.65 10.51
C LEU J 81 -18.28 21.72 9.45
N GLN J 82 -17.52 20.72 9.01
CA GLN J 82 -18.06 19.73 8.09
C GLN J 82 -19.19 18.94 8.73
N LEU J 83 -19.02 18.54 9.99
CA LEU J 83 -20.13 17.93 10.72
C LEU J 83 -21.25 18.93 10.95
N GLY J 84 -20.91 20.21 11.10
CA GLY J 84 -21.93 21.23 11.25
C GLY J 84 -22.83 21.34 10.02
N ARG J 85 -22.26 21.15 8.83
CA ARG J 85 -23.06 21.17 7.61
C ARG J 85 -24.06 20.02 7.58
N ILE J 86 -23.64 18.84 8.05
CA ILE J 86 -24.55 17.70 8.11
C ILE J 86 -25.73 18.02 9.01
N ILE J 87 -25.48 18.63 10.17
CA ILE J 87 -26.56 19.00 11.07
C ILE J 87 -27.39 20.14 10.48
N ALA J 88 -26.72 21.13 9.86
CA ALA J 88 -27.43 22.27 9.29
C ALA J 88 -28.37 21.85 8.17
N ALA J 89 -28.00 20.83 7.39
CA ALA J 89 -28.85 20.38 6.29
C ALA J 89 -30.17 19.81 6.80
N ALA J 90 -30.16 19.20 7.98
CA ALA J 90 -31.37 18.64 8.57
C ALA J 90 -32.20 19.67 9.32
N ASP J 91 -31.54 20.65 9.95
CA ASP J 91 -32.24 21.63 10.78
C ASP J 91 -31.37 22.87 10.84
N GLY J 92 -31.78 23.92 10.12
CA GLY J 92 -30.98 25.14 10.07
C GLY J 92 -30.77 25.77 11.43
N SER J 93 -31.81 25.75 12.28
CA SER J 93 -31.68 26.33 13.62
C SER J 93 -30.67 25.55 14.44
N ILE J 94 -30.80 24.23 14.49
CA ILE J 94 -29.89 23.41 15.30
C ILE J 94 -28.49 23.42 14.70
N GLY J 95 -28.39 23.47 13.37
CA GLY J 95 -27.07 23.63 12.76
C GLY J 95 -26.39 24.92 13.18
N GLN J 96 -27.15 26.00 13.26
CA GLN J 96 -26.58 27.27 13.72
C GLN J 96 -26.06 27.15 15.16
N LEU J 97 -26.82 26.49 16.02
CA LEU J 97 -26.41 26.35 17.41
C LEU J 97 -25.09 25.58 17.53
N LEU J 98 -24.95 24.51 16.76
CA LEU J 98 -23.74 23.70 16.84
C LEU J 98 -22.51 24.47 16.38
N VAL J 99 -22.62 25.21 15.27
CA VAL J 99 -21.46 25.93 14.78
C VAL J 99 -21.19 27.19 15.61
N TYR J 100 -22.24 27.82 16.14
CA TYR J 100 -22.03 28.92 17.10
C TYR J 100 -21.32 28.40 18.35
N HIS J 101 -21.65 27.18 18.78
CA HIS J 101 -20.96 26.60 19.93
C HIS J 101 -19.49 26.38 19.64
N TYR J 102 -19.18 25.85 18.45
CA TYR J 102 -17.79 25.69 18.04
C TYR J 102 -17.08 27.04 17.98
N SER J 103 -17.72 28.03 17.34
CA SER J 103 -17.12 29.35 17.23
C SER J 103 -16.86 29.96 18.60
N ASN J 104 -17.78 29.74 19.54
CA ASN J 104 -17.58 30.24 20.90
C ASN J 104 -16.38 29.59 21.57
N GLY J 105 -16.12 28.33 21.26
CA GLY J 105 -14.90 27.69 21.75
C GLY J 105 -13.66 28.28 21.14
N VAL J 106 -13.73 28.65 19.86
CA VAL J 106 -12.62 29.35 19.21
C VAL J 106 -12.39 30.70 19.86
N TRP J 107 -13.47 31.40 20.21
CA TRP J 107 -13.34 32.72 20.83
C TRP J 107 -12.64 32.62 22.18
N THR J 108 -13.18 31.81 23.09
CA THR J 108 -12.59 31.69 24.43
C THR J 108 -11.19 31.09 24.39
N TYR J 109 -10.87 30.32 23.35
CA TYR J 109 -9.49 29.87 23.17
C TYR J 109 -8.57 31.05 22.85
N ILE J 110 -9.02 31.95 21.97
CA ILE J 110 -8.23 33.12 21.64
C ILE J 110 -8.18 34.10 22.80
N LEU J 111 -9.32 34.30 23.48
CA LEU J 111 -9.42 35.29 24.53
C LEU J 111 -8.92 34.80 25.88
N GLY J 112 -8.82 33.48 26.08
CA GLY J 112 -8.56 32.93 27.40
C GLY J 112 -7.07 32.68 27.66
N SER J 113 -6.67 32.94 28.90
CA SER J 113 -5.34 32.56 29.35
C SER J 113 -5.23 31.04 29.39
N PRO J 114 -4.01 30.50 29.41
CA PRO J 114 -3.86 29.04 29.48
C PRO J 114 -4.61 28.40 30.64
N THR J 115 -4.68 29.08 31.79
CA THR J 115 -5.49 28.59 32.90
C THR J 115 -6.98 28.63 32.54
N GLN J 116 -7.43 29.76 31.98
CA GLN J 116 -8.83 29.86 31.58
C GLN J 116 -9.18 28.89 30.45
N ARG J 117 -8.23 28.63 29.55
CA ARG J 117 -8.46 27.64 28.49
C ARG J 117 -8.72 26.25 29.09
N GLU J 118 -7.87 25.84 30.04
CA GLU J 118 -8.03 24.53 30.66
C GLU J 118 -9.38 24.41 31.37
N TYR J 119 -9.77 25.47 32.09
CA TYR J 119 -11.06 25.46 32.77
C TYR J 119 -12.22 25.23 31.80
N ILE J 120 -12.18 25.92 30.66
CA ILE J 120 -13.26 25.79 29.68
C ILE J 120 -13.18 24.43 28.97
N SER J 121 -11.97 24.02 28.59
CA SER J 121 -11.81 22.79 27.83
C SER J 121 -12.26 21.57 28.64
N ARG J 122 -11.99 21.57 29.95
CA ARG J 122 -12.44 20.48 30.80
C ARG J 122 -13.97 20.44 30.89
N GLY J 123 -14.60 21.61 30.99
CA GLY J 123 -16.05 21.65 31.12
C GLY J 123 -16.75 21.31 29.83
N VAL J 124 -16.21 21.77 28.69
CA VAL J 124 -16.81 21.47 27.40
C VAL J 124 -16.53 20.03 27.00
N GLY J 125 -15.31 19.55 27.23
CA GLY J 125 -14.94 18.23 26.79
C GLY J 125 -15.40 17.11 27.69
N GLY J 126 -15.59 17.39 28.98
CA GLY J 126 -15.92 16.34 29.92
C GLY J 126 -17.24 16.50 30.65
N HIS J 127 -17.86 17.67 30.56
CA HIS J 127 -19.09 17.95 31.30
C HIS J 127 -20.23 18.45 30.42
N GLY J 128 -20.07 18.41 29.10
CA GLY J 128 -21.16 18.73 28.19
C GLY J 128 -21.58 20.18 28.16
N TRP J 129 -20.70 21.10 28.55
CA TRP J 129 -21.05 22.52 28.55
C TRP J 129 -21.36 23.00 27.14
N PHE J 130 -22.46 23.73 26.99
CA PHE J 130 -22.78 24.42 25.75
C PHE J 130 -22.38 25.88 25.90
N GLN J 131 -21.63 26.40 24.92
CA GLN J 131 -21.08 27.74 24.98
C GLN J 131 -21.95 28.69 24.15
N GLY J 132 -22.47 29.73 24.81
CA GLY J 132 -23.12 30.83 24.14
C GLY J 132 -22.39 32.12 24.44
N SER J 133 -22.71 33.16 23.68
CA SER J 133 -22.04 34.44 23.86
C SER J 133 -23.00 35.58 23.61
N VAL J 134 -22.72 36.71 24.26
CA VAL J 134 -23.45 37.95 24.09
C VAL J 134 -22.47 38.92 23.45
N SER J 135 -22.55 39.07 22.13
CA SER J 135 -21.52 39.78 21.37
C SER J 135 -22.15 40.64 20.27
N ASN J 136 -23.18 41.40 20.61
CA ASN J 136 -23.77 42.31 19.65
C ASN J 136 -23.21 43.71 19.91
N PRO J 137 -22.29 44.20 19.07
CA PRO J 137 -21.69 45.51 19.34
C PRO J 137 -22.61 46.69 19.06
N ARG J 138 -23.78 46.46 18.47
CA ARG J 138 -24.69 47.52 18.07
C ARG J 138 -25.78 47.79 19.11
N ASP J 139 -25.65 47.24 20.32
CA ASP J 139 -26.66 47.45 21.35
C ASP J 139 -26.27 48.65 22.20
N PRO J 140 -27.11 49.68 22.27
CA PRO J 140 -26.78 50.86 23.06
C PRO J 140 -27.17 50.69 24.53
N GLY J 141 -26.73 51.65 25.33
CA GLY J 141 -27.09 51.68 26.74
C GLY J 141 -26.51 50.55 27.57
N ILE J 142 -25.37 50.01 27.17
CA ILE J 142 -24.72 48.92 27.90
C ILE J 142 -23.62 49.53 28.76
N THR J 143 -23.70 49.29 30.07
CA THR J 143 -22.76 49.85 31.02
C THR J 143 -22.15 48.74 31.85
N VAL J 144 -20.93 48.99 32.33
CA VAL J 144 -20.23 48.08 33.24
C VAL J 144 -19.53 48.92 34.31
N THR J 145 -19.63 48.48 35.56
CA THR J 145 -19.15 49.24 36.70
C THR J 145 -18.09 48.45 37.46
N ARG J 146 -17.05 49.14 37.90
CA ARG J 146 -15.97 48.50 38.63
C ARG J 146 -16.41 48.14 40.05
N THR J 147 -15.97 46.97 40.51
CA THR J 147 -16.30 46.49 41.84
C THR J 147 -15.13 45.65 42.34
N GLU J 148 -14.97 45.60 43.67
CA GLU J 148 -13.93 44.76 44.26
C GLU J 148 -14.05 43.31 43.80
N GLU J 149 -15.28 42.80 43.74
CA GLU J 149 -15.50 41.46 43.20
C GLU J 149 -15.06 41.39 41.74
N GLY J 150 -15.34 42.43 40.97
CA GLY J 150 -14.95 42.49 39.58
C GLY J 150 -15.69 43.56 38.79
N TYR J 151 -16.84 43.19 38.22
CA TYR J 151 -17.61 44.12 37.42
C TYR J 151 -19.10 43.83 37.60
N ARG J 152 -19.91 44.83 37.26
CA ARG J 152 -21.36 44.72 37.30
C ARG J 152 -21.91 45.20 35.96
N VAL J 153 -22.57 44.31 35.22
CA VAL J 153 -23.03 44.59 33.87
C VAL J 153 -24.53 44.87 33.90
N ASN J 154 -24.95 45.87 33.14
CA ASN J 154 -26.36 46.22 33.02
C ASN J 154 -26.68 46.56 31.58
N GLY J 155 -27.93 46.30 31.18
CA GLY J 155 -28.39 46.62 29.85
C GLY J 155 -29.05 45.42 29.18
N LYS J 156 -29.72 45.73 28.08
CA LYS J 156 -30.40 44.73 27.26
C LYS J 156 -29.59 44.43 26.01
N ARG J 157 -29.45 43.15 25.69
CA ARG J 157 -28.66 42.69 24.56
C ARG J 157 -29.51 41.79 23.68
N THR J 158 -29.48 42.05 22.37
CA THR J 158 -30.30 41.32 21.41
C THR J 158 -29.46 40.31 20.64
N PHE J 159 -30.17 39.43 19.92
CA PHE J 159 -29.54 38.40 19.08
C PHE J 159 -28.58 37.52 19.88
N ALA J 160 -28.97 37.18 21.11
CA ALA J 160 -28.13 36.38 22.00
C ALA J 160 -28.37 34.90 21.67
N THR J 161 -27.77 34.46 20.56
CA THR J 161 -28.01 33.12 20.06
C THR J 161 -27.50 32.07 21.05
N GLY J 162 -28.38 31.14 21.42
CA GLY J 162 -28.01 30.02 22.25
C GLY J 162 -27.77 30.34 23.71
N VAL J 163 -27.87 31.61 24.12
CA VAL J 163 -27.60 31.98 25.50
C VAL J 163 -28.62 31.37 26.45
N ALA J 164 -29.88 31.25 26.02
CA ALA J 164 -30.93 30.68 26.85
C ALA J 164 -30.73 29.20 27.12
N VAL J 165 -29.83 28.52 26.42
CA VAL J 165 -29.59 27.10 26.63
C VAL J 165 -28.11 26.86 26.88
N ALA J 166 -27.36 27.93 27.10
CA ALA J 166 -25.92 27.83 27.28
C ALA J 166 -25.57 27.58 28.74
N ASP J 167 -24.52 26.80 28.95
CA ASP J 167 -24.00 26.52 30.29
C ASP J 167 -22.93 27.54 30.70
N LEU J 168 -22.10 27.97 29.76
CA LEU J 168 -21.11 29.01 29.99
C LEU J 168 -21.36 30.12 28.98
N ILE J 169 -21.53 31.35 29.46
CA ILE J 169 -21.86 32.50 28.63
C ILE J 169 -20.65 33.41 28.57
N THR J 170 -20.19 33.71 27.35
CA THR J 170 -19.10 34.65 27.14
C THR J 170 -19.70 36.03 26.92
N VAL J 171 -19.31 36.99 27.77
CA VAL J 171 -19.81 38.35 27.68
C VAL J 171 -18.70 39.22 27.09
N LEU J 172 -19.00 39.85 25.95
CA LEU J 172 -18.07 40.75 25.26
C LEU J 172 -18.68 42.15 25.26
N LEU J 173 -17.95 43.13 25.83
CA LEU J 173 -18.55 44.40 26.21
C LEU J 173 -18.12 45.60 25.38
N TYR J 174 -16.85 45.70 24.96
CA TYR J 174 -16.42 46.88 24.22
C TYR J 174 -15.39 46.48 23.16
N GLU J 175 -15.24 47.33 22.14
CA GLU J 175 -14.29 47.09 21.05
C GLU J 175 -12.89 47.58 21.38
N ALA J 176 -12.78 48.80 21.89
CA ALA J 176 -11.55 49.32 22.45
C ALA J 176 -11.68 49.30 23.96
N GLU J 177 -10.54 49.12 24.65
CA GLU J 177 -10.57 48.81 26.09
C GLU J 177 -11.62 47.75 26.38
N PRO J 178 -11.43 46.54 25.87
CA PRO J 178 -12.50 45.52 25.93
C PRO J 178 -12.52 44.78 27.24
N ILE J 179 -13.74 44.42 27.65
CA ILE J 179 -13.98 43.59 28.82
C ILE J 179 -14.66 42.31 28.33
N ASN J 180 -13.94 41.20 28.36
CA ASN J 180 -14.44 39.91 27.93
C ASN J 180 -14.32 38.92 29.08
N ALA J 181 -15.43 38.27 29.42
CA ALA J 181 -15.45 37.37 30.57
C ALA J 181 -16.38 36.20 30.28
N ILE J 182 -16.28 35.18 31.13
CA ILE J 182 -17.13 34.00 31.07
C ILE J 182 -17.90 33.88 32.37
N ILE J 183 -19.18 33.55 32.28
CA ILE J 183 -20.02 33.40 33.47
C ILE J 183 -20.87 32.15 33.32
N PRO J 184 -21.16 31.49 34.44
CA PRO J 184 -22.09 30.37 34.42
C PRO J 184 -23.51 30.84 34.17
N SER J 185 -24.35 29.91 33.69
CA SER J 185 -25.74 30.23 33.46
C SER J 185 -26.50 30.49 34.75
N GLU J 186 -26.02 29.97 35.88
CA GLU J 186 -26.68 30.16 37.17
C GLU J 186 -26.39 31.53 37.78
N ARG J 187 -25.60 32.37 37.13
CA ARG J 187 -25.28 33.68 37.66
C ARG J 187 -26.54 34.54 37.74
N ASP J 188 -26.77 35.14 38.91
CA ASP J 188 -27.97 35.93 39.12
C ASP J 188 -27.94 37.20 38.27
N GLY J 189 -29.13 37.69 37.93
CA GLY J 189 -29.28 38.91 37.17
C GLY J 189 -29.56 38.74 35.70
N LEU J 190 -29.66 37.50 35.22
CA LEU J 190 -29.89 37.24 33.80
C LEU J 190 -31.37 36.99 33.57
N ARG J 191 -32.00 37.86 32.79
CA ARG J 191 -33.40 37.70 32.38
C ARG J 191 -33.43 37.40 30.89
N PHE J 192 -34.14 36.33 30.53
CA PHE J 192 -34.28 35.92 29.14
C PHE J 192 -35.68 36.29 28.67
N ASN J 193 -35.76 37.18 27.68
CA ASN J 193 -37.03 37.65 27.16
C ASN J 193 -37.52 36.73 26.06
N ASP J 194 -38.84 36.48 26.06
CA ASP J 194 -39.48 35.64 25.04
C ASP J 194 -39.97 36.53 23.90
N ASP J 195 -39.00 37.13 23.21
CA ASP J 195 -39.30 38.04 22.10
C ASP J 195 -38.71 37.57 20.78
N TRP J 196 -38.47 36.26 20.65
CA TRP J 196 -37.92 35.68 19.43
C TRP J 196 -39.05 34.93 18.71
N ASP J 197 -39.68 35.59 17.74
CA ASP J 197 -40.73 35.02 16.91
C ASP J 197 -40.38 35.46 15.49
N ASN J 198 -39.53 34.69 14.82
CA ASN J 198 -38.84 35.13 13.63
C ASN J 198 -39.26 34.32 12.41
N LEU J 199 -38.87 34.80 11.23
CA LEU J 199 -39.15 34.10 9.98
C LEU J 199 -38.46 32.75 9.96
N GLY J 200 -37.13 32.76 10.10
CA GLY J 200 -36.34 31.54 10.18
C GLY J 200 -35.40 31.57 11.36
N GLN J 201 -34.62 30.50 11.49
CA GLN J 201 -33.73 30.31 12.63
C GLN J 201 -34.49 30.47 13.94
N ARG J 202 -35.72 29.93 13.96
CA ARG J 202 -36.63 30.16 15.07
C ARG J 202 -36.18 29.44 16.34
N LEU J 203 -35.48 28.33 16.20
CA LEU J 203 -35.07 27.52 17.35
C LEU J 203 -33.62 27.77 17.75
N THR J 204 -33.10 28.97 17.49
CA THR J 204 -31.74 29.33 17.85
C THR J 204 -31.66 30.07 19.19
N ALA J 205 -32.80 30.32 19.84
CA ALA J 205 -32.83 31.07 21.09
C ALA J 205 -32.15 32.43 20.96
N SER J 206 -32.38 33.10 19.82
CA SER J 206 -31.75 34.37 19.52
C SER J 206 -32.52 35.56 20.09
N GLY J 207 -33.32 35.36 21.12
CA GLY J 207 -34.01 36.44 21.77
C GLY J 207 -33.08 37.34 22.57
N SER J 208 -33.67 38.35 23.19
CA SER J 208 -32.91 39.33 23.94
C SER J 208 -32.70 38.86 25.38
N VAL J 209 -31.58 39.28 25.96
CA VAL J 209 -31.22 38.93 27.33
C VAL J 209 -30.98 40.21 28.11
N GLU J 210 -31.57 40.31 29.29
CA GLU J 210 -31.38 41.46 30.17
C GLU J 210 -30.25 41.19 31.15
N PHE J 211 -29.58 42.27 31.57
CA PHE J 211 -28.51 42.21 32.55
C PHE J 211 -28.89 43.14 33.71
N ASP J 212 -29.19 42.55 34.86
CA ASP J 212 -29.62 43.28 36.04
C ASP J 212 -28.53 43.14 37.10
N ASN J 213 -27.52 44.01 37.02
CA ASN J 213 -26.44 44.04 38.00
C ASN J 213 -25.71 42.70 38.07
N VAL J 214 -25.37 42.17 36.90
CA VAL J 214 -24.75 40.84 36.80
C VAL J 214 -23.28 40.96 37.16
N LEU J 215 -22.83 40.11 38.08
CA LEU J 215 -21.45 40.16 38.56
C LEU J 215 -20.52 39.44 37.60
N LEU J 216 -19.36 40.04 37.36
CA LEU J 216 -18.25 39.41 36.64
C LEU J 216 -17.07 39.36 37.60
N ARG J 217 -16.72 38.16 38.06
CA ARG J 217 -15.58 38.02 38.95
C ARG J 217 -14.28 38.31 38.21
N HIS J 218 -13.30 38.82 38.94
CA HIS J 218 -11.98 39.10 38.33
C HIS J 218 -11.35 37.83 37.78
N ASP J 219 -11.59 36.69 38.43
CA ASP J 219 -11.09 35.41 37.92
C ASP J 219 -11.70 35.05 36.57
N GLU J 220 -12.88 35.59 36.26
CA GLU J 220 -13.60 35.27 35.04
C GLU J 220 -13.23 36.17 33.87
N VAL J 221 -12.48 37.25 34.11
CA VAL J 221 -12.13 38.18 33.05
C VAL J 221 -11.05 37.54 32.17
N LEU J 222 -11.33 37.46 30.86
CA LEU J 222 -10.41 36.83 29.93
C LEU J 222 -9.22 37.74 29.64
N THR J 223 -8.01 37.19 29.76
CA THR J 223 -6.79 37.97 29.65
C THR J 223 -5.79 37.38 28.66
N GLY J 224 -6.20 36.43 27.81
CA GLY J 224 -5.26 35.80 26.91
C GLY J 224 -4.67 36.75 25.88
N LEU J 225 -5.38 37.83 25.56
CA LEU J 225 -4.89 38.81 24.60
C LEU J 225 -3.76 39.68 25.14
N ASP J 226 -3.44 39.58 26.43
CA ASP J 226 -2.46 40.49 27.03
C ASP J 226 -1.05 40.24 26.49
N GLU J 227 -0.73 38.99 26.14
CA GLU J 227 0.62 38.69 25.66
C GLU J 227 0.87 39.23 24.26
N TYR J 228 -0.18 39.58 23.53
CA TYR J 228 -0.03 40.13 22.19
C TYR J 228 0.15 41.65 22.27
N SER J 229 1.02 42.18 21.41
CA SER J 229 1.35 43.59 21.46
C SER J 229 0.16 44.45 21.05
N GLY J 230 -0.11 45.49 21.83
CA GLY J 230 -1.12 46.47 21.52
C GLY J 230 -0.63 47.69 20.79
N LEU J 231 0.66 47.76 20.46
CA LEU J 231 1.23 48.89 19.75
C LEU J 231 1.30 48.68 18.24
N ASP J 232 1.68 47.49 17.79
CA ASP J 232 1.85 47.21 16.36
C ASP J 232 0.62 46.56 15.72
N GLY J 233 -0.48 46.45 16.46
CA GLY J 233 -1.68 45.85 15.92
C GLY J 233 -1.74 44.34 16.01
N SER J 234 -0.75 43.70 16.66
CA SER J 234 -0.77 42.25 16.76
C SER J 234 -1.99 41.75 17.53
N ARG J 235 -2.36 42.47 18.60
CA ARG J 235 -3.51 42.05 19.39
C ARG J 235 -4.82 42.21 18.63
N GLU J 236 -4.95 43.30 17.86
CA GLU J 236 -6.17 43.54 17.10
C GLU J 236 -6.39 42.47 16.04
N ARG J 237 -5.31 42.00 15.41
CA ARG J 237 -5.44 40.96 14.39
C ARG J 237 -5.67 39.59 15.01
N ARG J 238 -4.99 39.28 16.10
CA ARG J 238 -5.24 38.03 16.82
C ARG J 238 -6.68 37.95 17.28
N ASP J 239 -7.18 39.01 17.93
CA ASP J 239 -8.57 39.05 18.34
C ASP J 239 -9.51 39.11 17.14
N GLY J 240 -9.07 39.69 16.03
CA GLY J 240 -9.88 39.76 14.84
C GLY J 240 -10.20 38.41 14.23
N LEU J 241 -9.43 37.38 14.57
CA LEU J 241 -9.74 36.04 14.08
C LEU J 241 -11.09 35.54 14.58
N ARG J 242 -11.61 36.11 15.67
CA ARG J 242 -12.94 35.74 16.15
C ARG J 242 -14.01 36.11 15.13
N ALA J 243 -13.96 37.33 14.61
CA ALA J 243 -14.98 37.76 13.64
C ALA J 243 -14.82 37.01 12.32
N LEU J 244 -13.59 36.66 11.95
CA LEU J 244 -13.38 35.91 10.71
C LEU J 244 -13.96 34.51 10.80
N PHE J 245 -13.85 33.87 11.97
CA PHE J 245 -14.44 32.55 12.14
C PHE J 245 -15.96 32.61 12.19
N SER J 246 -16.51 33.72 12.71
CA SER J 246 -17.96 33.89 12.71
C SER J 246 -18.50 33.94 11.29
N GLN J 247 -17.86 34.74 10.41
CA GLN J 247 -18.24 34.73 9.01
C GLN J 247 -18.06 33.34 8.40
N LEU J 248 -17.04 32.61 8.85
CA LEU J 248 -16.75 31.30 8.29
C LEU J 248 -17.83 30.29 8.65
N ILE J 249 -18.33 30.33 9.90
CA ILE J 249 -19.38 29.38 10.26
C ILE J 249 -20.69 29.72 9.55
N PHE J 250 -20.91 31.01 9.24
CA PHE J 250 -22.08 31.37 8.44
C PHE J 250 -22.01 30.71 7.07
N VAL J 251 -20.83 30.68 6.46
CA VAL J 251 -20.64 30.05 5.16
C VAL J 251 -21.11 28.60 5.21
N HIS J 252 -20.62 27.84 6.19
CA HIS J 252 -20.97 26.43 6.29
C HIS J 252 -22.43 26.22 6.64
N LEU J 253 -23.01 27.13 7.43
CA LEU J 253 -24.44 27.04 7.74
C LEU J 253 -25.29 27.24 6.48
N TYR J 254 -24.93 28.22 5.64
CA TYR J 254 -25.70 28.47 4.44
C TYR J 254 -25.60 27.31 3.46
N LEU J 255 -24.39 26.78 3.27
CA LEU J 255 -24.21 25.64 2.36
C LEU J 255 -24.92 24.40 2.89
N GLY J 256 -24.88 24.18 4.20
CA GLY J 256 -25.61 23.06 4.77
C GLY J 256 -27.10 23.18 4.53
N ILE J 257 -27.67 24.37 4.78
CA ILE J 257 -29.09 24.58 4.54
C ILE J 257 -29.43 24.35 3.07
N ALA J 258 -28.54 24.77 2.17
CA ALA J 258 -28.77 24.58 0.75
C ALA J 258 -28.76 23.11 0.37
N GLU J 259 -27.85 22.33 0.95
CA GLU J 259 -27.81 20.90 0.68
C GLU J 259 -29.08 20.22 1.16
N GLY J 260 -29.58 20.61 2.33
CA GLY J 260 -30.82 20.04 2.81
C GLY J 260 -32.01 20.41 1.94
N ALA J 261 -32.03 21.65 1.44
CA ALA J 261 -33.09 22.08 0.54
C ALA J 261 -33.07 21.29 -0.75
N LEU J 262 -31.90 21.14 -1.36
CA LEU J 262 -31.79 20.38 -2.59
C LEU J 262 -32.21 18.92 -2.37
N ALA J 263 -31.78 18.33 -1.26
CA ALA J 263 -32.13 16.94 -1.00
C ALA J 263 -33.62 16.78 -0.72
N ALA J 264 -34.23 17.74 -0.03
CA ALA J 264 -35.66 17.67 0.26
C ALA J 264 -36.48 17.87 -1.01
N GLY J 265 -36.03 18.76 -1.90
CA GLY J 265 -36.74 18.93 -3.16
C GLY J 265 -36.60 17.72 -4.06
N VAL J 266 -35.40 17.14 -4.12
CA VAL J 266 -35.22 15.90 -4.87
C VAL J 266 -36.09 14.79 -4.30
N ALA J 267 -36.17 14.70 -2.97
CA ALA J 267 -36.96 13.64 -2.34
C ALA J 267 -38.44 13.80 -2.64
N TYR J 268 -38.92 15.05 -2.71
CA TYR J 268 -40.34 15.26 -3.04
C TYR J 268 -40.64 14.85 -4.47
N ILE J 269 -39.76 15.21 -5.41
CA ILE J 269 -40.01 14.89 -6.82
C ILE J 269 -40.05 13.38 -7.03
N ARG J 270 -39.12 12.66 -6.41
CA ARG J 270 -39.07 11.21 -6.58
C ARG J 270 -40.25 10.50 -5.92
N ASP J 271 -40.90 11.14 -4.94
CA ASP J 271 -42.02 10.53 -4.22
C ASP J 271 -43.37 11.00 -4.75
N LYS J 272 -43.65 12.29 -4.63
CA LYS J 272 -44.95 12.85 -4.97
C LYS J 272 -44.97 13.53 -6.34
N GLY J 273 -43.82 13.62 -7.02
CA GLY J 273 -43.79 14.32 -8.28
C GLY J 273 -44.55 13.60 -9.37
N ARG J 274 -45.17 14.38 -10.24
CA ARG J 274 -45.89 13.86 -11.39
C ARG J 274 -45.52 14.65 -12.63
N PRO J 275 -45.49 14.02 -13.80
CA PRO J 275 -45.03 14.71 -15.00
C PRO J 275 -46.01 15.78 -15.45
N TRP J 276 -45.46 16.82 -16.10
CA TRP J 276 -46.28 17.86 -16.71
C TRP J 276 -46.83 17.35 -18.04
N PRO J 277 -48.10 17.62 -18.35
CA PRO J 277 -48.68 17.07 -19.59
C PRO J 277 -47.95 17.45 -20.86
N GLU J 278 -47.39 18.66 -20.94
CA GLU J 278 -46.66 19.07 -22.13
C GLU J 278 -45.30 18.39 -22.27
N ALA J 279 -44.86 17.66 -21.24
CA ALA J 279 -43.58 16.98 -21.31
C ALA J 279 -43.66 15.77 -22.25
N HIS J 280 -42.49 15.39 -22.78
CA HIS J 280 -42.43 14.23 -23.67
C HIS J 280 -42.60 12.93 -22.90
N SER J 281 -41.99 12.83 -21.72
CA SER J 281 -42.00 11.61 -20.93
C SER J 281 -43.08 11.67 -19.85
N THR J 282 -43.64 10.51 -19.53
CA THR J 282 -44.57 10.37 -18.42
C THR J 282 -43.85 10.13 -17.10
N ASP J 283 -42.52 10.17 -17.08
CA ASP J 283 -41.73 10.03 -15.88
C ASP J 283 -41.23 11.40 -15.46
N VAL J 284 -41.64 11.85 -14.27
CA VAL J 284 -41.27 13.17 -13.78
C VAL J 284 -39.75 13.30 -13.64
N THR J 285 -39.06 12.19 -13.39
CA THR J 285 -37.60 12.27 -13.22
C THR J 285 -36.87 12.48 -14.53
N GLU J 286 -37.57 12.41 -15.67
CA GLU J 286 -36.96 12.63 -16.98
C GLU J 286 -37.22 14.03 -17.53
N ASP J 287 -37.84 14.90 -16.74
CA ASP J 287 -38.12 16.26 -17.19
C ASP J 287 -36.82 17.00 -17.43
N PRO J 288 -36.59 17.53 -18.64
CA PRO J 288 -35.31 18.19 -18.92
C PRO J 288 -35.05 19.41 -18.07
N TYR J 289 -36.10 20.13 -17.67
CA TYR J 289 -35.92 21.35 -16.88
C TYR J 289 -35.70 21.07 -15.41
N HIS J 290 -36.35 20.03 -14.86
CA HIS J 290 -36.03 19.59 -13.51
C HIS J 290 -34.56 19.15 -13.42
N GLN J 291 -34.13 18.31 -14.37
CA GLN J 291 -32.75 17.82 -14.35
C GLN J 291 -31.74 18.96 -14.51
N GLN J 292 -32.00 19.88 -15.42
CA GLN J 292 -31.06 20.99 -15.64
C GLN J 292 -30.98 21.89 -14.41
N LEU J 293 -32.13 22.22 -13.82
CA LEU J 293 -32.13 23.12 -12.66
C LEU J 293 -31.44 22.48 -11.47
N LEU J 294 -31.80 21.24 -11.14
CA LEU J 294 -31.20 20.57 -9.98
C LEU J 294 -29.70 20.37 -10.18
N GLY J 295 -29.27 20.10 -11.40
CA GLY J 295 -27.84 19.95 -11.66
C GLY J 295 -27.09 21.26 -11.49
N ARG J 296 -27.69 22.36 -11.96
CA ARG J 296 -27.06 23.67 -11.78
C ARG J 296 -26.91 24.01 -10.31
N LEU J 297 -27.97 23.78 -9.52
CA LEU J 297 -27.92 24.06 -8.08
C LEU J 297 -26.89 23.17 -7.39
N SER J 298 -26.86 21.88 -7.74
CA SER J 298 -25.89 20.97 -7.16
C SER J 298 -24.45 21.40 -7.45
N ALA J 299 -24.20 21.90 -8.66
CA ALA J 299 -22.86 22.34 -9.01
C ALA J 299 -22.47 23.59 -8.23
N GLY J 300 -23.40 24.51 -8.04
CA GLY J 300 -23.10 25.71 -7.28
C GLY J 300 -22.79 25.41 -5.82
N ILE J 301 -23.51 24.46 -5.24
CA ILE J 301 -23.23 24.08 -3.85
C ILE J 301 -21.84 23.45 -3.73
N ALA J 302 -21.50 22.55 -4.66
CA ALA J 302 -20.20 21.88 -4.60
C ALA J 302 -19.06 22.88 -4.71
N ALA J 303 -19.22 23.91 -5.55
CA ALA J 303 -18.18 24.94 -5.66
C ALA J 303 -18.06 25.73 -4.35
N GLY J 304 -19.18 26.05 -3.71
CA GLY J 304 -19.12 26.76 -2.46
C GLY J 304 -18.54 25.92 -1.34
N VAL J 305 -18.86 24.62 -1.33
CA VAL J 305 -18.29 23.71 -0.33
C VAL J 305 -16.78 23.62 -0.48
N ALA J 306 -16.28 23.48 -1.71
CA ALA J 306 -14.85 23.38 -1.92
C ALA J 306 -14.13 24.63 -1.44
N LEU J 307 -14.69 25.81 -1.74
CA LEU J 307 -14.10 27.05 -1.26
C LEU J 307 -14.21 27.17 0.26
N ALA J 308 -15.33 26.72 0.82
CA ALA J 308 -15.55 26.85 2.27
C ALA J 308 -14.54 26.03 3.06
N ASP J 309 -14.32 24.77 2.67
CA ASP J 309 -13.36 23.94 3.41
C ASP J 309 -11.94 24.43 3.22
N SER J 310 -11.63 25.02 2.07
CA SER J 310 -10.31 25.61 1.85
C SER J 310 -10.10 26.80 2.79
N ALA J 311 -11.10 27.66 2.92
CA ALA J 311 -10.97 28.82 3.80
C ALA J 311 -10.85 28.40 5.26
N THR J 312 -11.54 27.33 5.66
CA THR J 312 -11.43 26.85 7.03
C THR J 312 -10.03 26.33 7.32
N LYS J 313 -9.44 25.60 6.36
CA LYS J 313 -8.06 25.15 6.53
C LYS J 313 -7.11 26.33 6.66
N GLU J 314 -7.33 27.37 5.86
CA GLU J 314 -6.49 28.57 5.97
C GLU J 314 -6.69 29.26 7.31
N PHE J 315 -7.91 29.24 7.85
CA PHE J 315 -8.12 29.78 9.19
C PHE J 315 -7.34 29.00 10.23
N GLU J 316 -7.36 27.66 10.14
CA GLU J 316 -6.63 26.83 11.10
C GLU J 316 -5.14 27.16 11.10
N GLN J 317 -4.58 27.41 9.92
CA GLN J 317 -3.15 27.76 9.85
C GLN J 317 -2.90 29.12 10.48
N ALA J 318 -3.78 30.09 10.26
CA ALA J 318 -3.61 31.40 10.88
C ALA J 318 -3.75 31.30 12.40
N LEU J 319 -4.69 30.48 12.88
CA LEU J 319 -4.88 30.32 14.31
C LEU J 319 -3.66 29.67 14.95
N ALA J 320 -3.02 28.75 14.26
CA ALA J 320 -1.89 28.00 14.80
C ALA J 320 -0.55 28.70 14.61
N PHE J 321 -0.53 29.92 14.05
CA PHE J 321 0.72 30.65 13.92
C PHE J 321 1.31 30.94 15.30
N GLY J 322 2.63 30.87 15.40
CA GLY J 322 3.29 31.22 16.65
C GLY J 322 3.07 32.66 17.04
N GLU J 323 2.98 33.55 16.06
CA GLU J 323 2.69 34.96 16.27
C GLU J 323 1.29 35.27 15.76
N ALA J 324 0.85 36.51 15.96
CA ALA J 324 -0.37 36.95 15.33
C ALA J 324 -0.13 37.12 13.83
N PRO J 325 -1.16 36.91 13.00
CA PRO J 325 -0.97 37.10 11.56
C PRO J 325 -0.60 38.55 11.24
N THR J 326 0.28 38.72 10.27
CA THR J 326 0.63 40.05 9.80
C THR J 326 -0.59 40.70 9.14
N GLU J 327 -0.44 41.97 8.77
CA GLU J 327 -1.52 42.67 8.06
C GLU J 327 -1.87 41.96 6.76
N ALA J 328 -0.86 41.41 6.08
CA ALA J 328 -1.12 40.72 4.82
C ALA J 328 -1.74 39.34 5.05
N GLN J 329 -1.26 38.62 6.06
CA GLN J 329 -1.83 37.32 6.38
C GLN J 329 -3.28 37.45 6.84
N TRP J 330 -3.57 38.47 7.66
CA TRP J 330 -4.94 38.67 8.12
C TRP J 330 -5.84 39.11 6.96
N GLY J 331 -5.35 40.01 6.11
CA GLY J 331 -6.17 40.48 5.00
C GLY J 331 -6.45 39.40 3.97
N ALA J 332 -5.46 38.55 3.68
CA ALA J 332 -5.67 37.48 2.71
C ALA J 332 -6.70 36.47 3.23
N LEU J 333 -6.67 36.20 4.53
CA LEU J 333 -7.68 35.32 5.12
C LEU J 333 -9.06 35.96 5.08
N ALA J 334 -9.13 37.26 5.38
CA ALA J 334 -10.41 37.97 5.34
C ALA J 334 -10.99 38.00 3.93
N ILE J 335 -10.15 38.23 2.92
CA ILE J 335 -10.61 38.17 1.53
C ILE J 335 -11.13 36.77 1.22
N ARG J 336 -10.41 35.74 1.65
CA ARG J 336 -10.83 34.36 1.40
C ARG J 336 -12.17 34.07 2.07
N VAL J 337 -12.38 34.57 3.29
CA VAL J 337 -13.65 34.36 3.98
C VAL J 337 -14.75 35.18 3.33
N ASP J 338 -14.44 36.42 2.92
CA ASP J 338 -15.41 37.23 2.18
C ASP J 338 -15.87 36.51 0.92
N GLN J 339 -14.94 35.91 0.17
CA GLN J 339 -15.30 35.20 -1.04
C GLN J 339 -16.21 34.02 -0.74
N ALA J 340 -15.88 33.24 0.29
CA ALA J 340 -16.74 32.13 0.69
C ALA J 340 -18.10 32.63 1.17
N LYS J 341 -18.14 33.77 1.85
CA LYS J 341 -19.41 34.33 2.32
C LYS J 341 -20.28 34.75 1.14
N SER J 342 -19.69 35.37 0.12
CA SER J 342 -20.45 35.78 -1.05
C SER J 342 -21.04 34.57 -1.76
N VAL J 343 -20.20 33.57 -2.08
CA VAL J 343 -20.67 32.41 -2.84
C VAL J 343 -21.71 31.62 -2.05
N ALA J 344 -21.48 31.42 -0.75
CA ALA J 344 -22.42 30.65 0.05
C ALA J 344 -23.76 31.38 0.21
N THR J 345 -23.73 32.70 0.35
CA THR J 345 -24.97 33.45 0.43
C THR J 345 -25.78 33.31 -0.85
N GLU J 346 -25.12 33.49 -2.00
CA GLU J 346 -25.84 33.49 -3.27
C GLU J 346 -26.42 32.11 -3.59
N ILE J 347 -25.61 31.05 -3.42
CA ILE J 347 -26.09 29.72 -3.78
C ILE J 347 -27.16 29.24 -2.81
N SER J 348 -27.06 29.58 -1.53
CA SER J 348 -28.08 29.13 -0.57
C SER J 348 -29.41 29.81 -0.84
N LEU J 349 -29.39 31.12 -1.13
CA LEU J 349 -30.61 31.82 -1.51
C LEU J 349 -31.15 31.28 -2.84
N ASP J 350 -30.25 30.96 -3.78
CA ASP J 350 -30.65 30.44 -5.07
C ASP J 350 -31.36 29.10 -4.93
N VAL J 351 -30.78 28.18 -4.15
CA VAL J 351 -31.33 26.84 -4.03
C VAL J 351 -32.69 26.87 -3.33
N THR J 352 -32.76 27.51 -2.17
CA THR J 352 -33.97 27.45 -1.35
C THR J 352 -35.14 28.16 -2.01
N HIS J 353 -34.87 29.13 -2.87
CA HIS J 353 -35.91 29.89 -3.55
C HIS J 353 -36.39 29.20 -4.83
N ASN J 354 -35.47 28.64 -5.61
CA ASN J 354 -35.79 28.10 -6.92
C ASN J 354 -36.17 26.63 -6.90
N ILE J 355 -36.03 25.95 -5.75
CA ILE J 355 -36.39 24.54 -5.68
C ILE J 355 -37.86 24.32 -6.00
N TYR J 356 -38.71 25.29 -5.67
CA TYR J 356 -40.15 25.15 -5.91
C TYR J 356 -40.50 25.07 -7.39
N GLN J 357 -39.66 25.61 -8.27
CA GLN J 357 -39.93 25.51 -9.70
C GLN J 357 -39.95 24.05 -10.16
N ALA J 358 -39.18 23.20 -9.50
CA ALA J 358 -39.17 21.77 -9.84
C ALA J 358 -40.18 20.96 -9.05
N THR J 359 -40.50 21.36 -7.82
CA THR J 359 -41.36 20.54 -6.98
C THR J 359 -42.84 20.72 -7.28
N GLY J 360 -43.27 21.90 -7.70
CA GLY J 360 -44.62 22.09 -8.20
C GLY J 360 -45.60 22.62 -7.17
N ALA J 361 -46.87 22.63 -7.58
CA ALA J 361 -47.92 23.32 -6.84
C ALA J 361 -48.27 22.59 -5.53
N ARG J 362 -48.43 21.27 -5.59
CA ARG J 362 -48.80 20.52 -4.41
C ARG J 362 -47.71 20.55 -3.34
N SER J 363 -46.46 20.82 -3.72
CA SER J 363 -45.37 20.88 -2.74
C SER J 363 -45.46 22.10 -1.85
N THR J 364 -46.28 23.09 -2.19
CA THR J 364 -46.42 24.30 -1.39
C THR J 364 -47.33 24.11 -0.19
N ALA J 365 -47.86 22.92 0.03
CA ALA J 365 -48.65 22.65 1.23
C ALA J 365 -47.75 22.66 2.45
N ASN J 366 -48.27 23.20 3.56
CA ASN J 366 -47.48 23.26 4.78
C ASN J 366 -47.19 21.89 5.37
N SER J 367 -47.95 20.87 4.97
CA SER J 367 -47.60 19.50 5.36
C SER J 367 -46.26 19.09 4.73
N VAL J 368 -45.94 19.63 3.56
CA VAL J 368 -44.64 19.39 2.94
C VAL J 368 -43.57 20.24 3.61
N GLY J 369 -43.86 21.52 3.83
CA GLY J 369 -42.96 22.40 4.57
C GLY J 369 -41.63 22.63 3.91
N LEU J 370 -41.59 22.69 2.57
CA LEU J 370 -40.33 22.91 1.87
C LEU J 370 -39.77 24.31 2.10
N ASP J 371 -40.57 25.24 2.62
CA ASP J 371 -40.15 26.62 2.76
C ASP J 371 -39.24 26.85 3.96
N ILE J 372 -39.13 25.87 4.87
CA ILE J 372 -38.31 26.07 6.06
C ILE J 372 -36.86 26.36 5.69
N TYR J 373 -36.37 25.74 4.61
CA TYR J 373 -35.00 26.00 4.18
C TYR J 373 -34.84 27.44 3.71
N TRP J 374 -35.82 27.96 2.99
CA TRP J 374 -35.76 29.36 2.56
C TRP J 374 -35.89 30.30 3.74
N ARG J 375 -36.84 30.03 4.64
CA ARG J 375 -37.00 30.88 5.81
C ARG J 375 -35.72 30.95 6.63
N ASN J 376 -35.03 29.82 6.77
CA ASN J 376 -33.79 29.78 7.52
C ASN J 376 -32.66 30.50 6.79
N ALA J 377 -32.48 30.20 5.50
CA ALA J 377 -31.40 30.85 4.75
C ALA J 377 -31.69 32.33 4.53
N ARG J 378 -32.94 32.67 4.20
CA ARG J 378 -33.26 34.08 3.94
C ARG J 378 -33.10 34.92 5.19
N THR J 379 -33.33 34.33 6.37
CA THR J 379 -33.21 35.07 7.62
C THR J 379 -31.76 35.36 7.95
N HIS J 380 -30.91 34.33 7.92
CA HIS J 380 -29.54 34.51 8.41
C HIS J 380 -28.65 35.24 7.41
N THR J 381 -28.96 35.15 6.10
CA THR J 381 -28.17 35.89 5.11
C THR J 381 -28.28 37.40 5.29
N THR J 382 -29.21 37.88 6.11
CA THR J 382 -29.33 39.30 6.42
C THR J 382 -28.54 39.71 7.66
N HIS J 383 -27.75 38.80 8.23
CA HIS J 383 -26.96 39.13 9.41
C HIS J 383 -26.08 40.36 9.16
N ASP J 384 -25.35 40.35 8.04
CA ASP J 384 -24.64 41.53 7.57
C ASP J 384 -24.84 41.60 6.06
N PRO J 385 -24.97 42.80 5.50
CA PRO J 385 -25.38 42.92 4.08
C PRO J 385 -24.34 42.36 3.12
N LEU J 386 -24.80 41.47 2.24
CA LEU J 386 -23.94 40.85 1.24
C LEU J 386 -23.15 41.83 0.37
N PRO J 387 -23.75 42.91 -0.16
CA PRO J 387 -22.96 43.80 -1.03
C PRO J 387 -21.75 44.43 -0.37
N TYR J 388 -21.77 44.62 0.95
CA TYR J 388 -20.60 45.18 1.63
C TYR J 388 -19.47 44.15 1.78
N ARG J 389 -19.80 42.86 1.87
CA ARG J 389 -18.75 41.85 1.86
C ARG J 389 -18.11 41.73 0.49
N GLN J 390 -18.93 41.76 -0.57
CA GLN J 390 -18.39 41.77 -1.92
C GLN J 390 -17.61 43.05 -2.19
N ARG J 391 -18.11 44.19 -1.70
CA ARG J 391 -17.40 45.46 -1.86
C ARG J 391 -16.00 45.39 -1.29
N GLU J 392 -15.83 44.73 -0.14
CA GLU J 392 -14.52 44.66 0.50
C GLU J 392 -13.53 43.91 -0.38
N ILE J 393 -13.99 42.89 -1.10
CA ILE J 393 -13.13 42.17 -2.02
C ILE J 393 -12.70 43.08 -3.16
N GLY J 394 -13.65 43.74 -3.82
CA GLY J 394 -13.33 44.60 -4.95
C GLY J 394 -12.50 45.80 -4.55
N ARG J 395 -12.72 46.34 -3.35
CA ARG J 395 -11.91 47.47 -2.89
C ARG J 395 -10.45 47.08 -2.77
N HIS J 396 -10.17 45.88 -2.23
CA HIS J 396 -8.80 45.42 -2.16
C HIS J 396 -8.18 45.27 -3.55
N LEU J 397 -8.96 44.80 -4.51
CA LEU J 397 -8.44 44.69 -5.88
C LEU J 397 -8.11 46.05 -6.46
N LEU J 398 -8.92 47.05 -6.16
CA LEU J 398 -8.77 48.37 -6.76
C LEU J 398 -7.80 49.28 -6.01
N THR J 399 -7.70 49.14 -4.69
CA THR J 399 -6.88 50.05 -3.89
C THR J 399 -5.72 49.37 -3.18
N ASP J 400 -5.59 48.05 -3.27
CA ASP J 400 -4.58 47.27 -2.57
C ASP J 400 -4.74 47.28 -1.05
N GLN J 401 -5.85 47.82 -0.54
CA GLN J 401 -6.05 47.94 0.90
C GLN J 401 -6.60 46.63 1.44
N TRP J 402 -5.83 45.96 2.28
CA TRP J 402 -6.29 44.73 2.90
C TRP J 402 -7.44 45.01 3.85
N PRO J 403 -8.34 44.05 4.05
CA PRO J 403 -9.30 44.15 5.15
C PRO J 403 -8.56 44.16 6.48
N SER J 404 -9.00 45.02 7.39
CA SER J 404 -8.35 45.19 8.67
C SER J 404 -9.34 45.00 9.80
N PRO J 405 -8.88 44.58 10.97
CA PRO J 405 -9.79 44.45 12.12
C PRO J 405 -10.48 45.75 12.45
N ARG J 406 -11.79 45.66 12.69
CA ARG J 406 -12.61 46.82 13.02
C ARG J 406 -12.19 47.43 14.36
N ALA K 12 -70.59 43.47 -24.04
CA ALA K 12 -70.03 43.26 -22.71
C ALA K 12 -68.59 43.77 -22.62
N TYR K 13 -68.13 44.03 -21.39
CA TYR K 13 -66.77 44.49 -21.13
C TYR K 13 -66.42 45.73 -21.95
N GLN K 14 -67.35 46.68 -22.00
CA GLN K 14 -67.16 47.87 -22.83
C GLN K 14 -66.19 48.84 -22.19
N GLY K 15 -66.28 49.05 -20.88
CA GLY K 15 -65.34 49.92 -20.20
C GLY K 15 -66.02 51.18 -19.70
N VAL K 16 -65.50 51.71 -18.60
CA VAL K 16 -65.95 52.98 -18.06
C VAL K 16 -65.04 54.09 -18.58
N SER K 17 -65.48 55.33 -18.38
CA SER K 17 -64.71 56.47 -18.84
C SER K 17 -63.41 56.61 -18.04
N ASP K 18 -62.53 57.49 -18.53
CA ASP K 18 -61.27 57.74 -17.83
C ASP K 18 -61.53 58.35 -16.45
N THR K 19 -62.47 59.29 -16.36
CA THR K 19 -62.78 59.92 -15.08
C THR K 19 -63.35 58.92 -14.09
N GLU K 20 -64.28 58.07 -14.55
CA GLU K 20 -64.88 57.10 -13.65
C GLU K 20 -63.88 56.02 -13.24
N PHE K 21 -62.93 55.66 -14.11
CA PHE K 21 -61.96 54.65 -13.75
C PHE K 21 -61.00 55.15 -12.69
N SER K 22 -60.59 56.42 -12.78
CA SER K 22 -59.78 57.01 -11.72
C SER K 22 -60.51 56.96 -10.38
N GLU K 23 -61.83 57.11 -10.40
CA GLU K 23 -62.60 56.98 -9.16
C GLU K 23 -62.61 55.54 -8.67
N TRP K 24 -62.73 54.57 -9.59
CA TRP K 24 -62.68 53.17 -9.20
C TRP K 24 -61.31 52.80 -8.64
N GLU K 25 -60.25 53.43 -9.13
CA GLU K 25 -58.93 53.18 -8.56
C GLU K 25 -58.86 53.66 -7.11
N GLN K 26 -59.51 54.78 -6.80
CA GLN K 26 -59.59 55.21 -5.41
C GLN K 26 -60.43 54.27 -4.57
N VAL K 27 -61.48 53.68 -5.15
CA VAL K 27 -62.25 52.66 -4.45
C VAL K 27 -61.39 51.44 -4.17
N ALA K 28 -60.61 51.00 -5.16
CA ALA K 28 -59.74 49.85 -4.97
C ALA K 28 -58.64 50.17 -3.96
N ALA K 29 -58.12 51.40 -3.97
CA ALA K 29 -57.09 51.77 -3.00
C ALA K 29 -57.66 51.78 -1.58
N ARG K 30 -58.89 52.27 -1.42
CA ARG K 30 -59.53 52.28 -0.10
C ARG K 30 -59.75 50.86 0.41
N VAL K 31 -60.21 49.96 -0.46
CA VAL K 31 -60.39 48.56 -0.06
C VAL K 31 -59.04 47.92 0.23
N ALA K 32 -58.03 48.24 -0.59
CA ALA K 32 -56.69 47.71 -0.35
C ALA K 32 -56.13 48.19 0.99
N GLY K 33 -56.45 49.42 1.39
CA GLY K 33 -55.99 49.90 2.67
C GLY K 33 -56.61 49.14 3.83
N GLU K 34 -57.89 48.77 3.71
CA GLU K 34 -58.54 48.03 4.78
C GLU K 34 -58.05 46.59 4.84
N LEU K 35 -57.82 45.97 3.68
CA LEU K 35 -57.28 44.61 3.66
C LEU K 35 -55.85 44.58 4.17
N SER K 36 -55.04 45.59 3.80
CA SER K 36 -53.63 45.58 4.19
C SER K 36 -53.46 45.67 5.69
N ALA K 37 -54.38 46.35 6.38
CA ALA K 37 -54.24 46.54 7.83
C ALA K 37 -54.36 45.22 8.59
N THR K 38 -55.14 44.27 8.07
CA THR K 38 -55.37 43.00 8.74
C THR K 38 -54.83 41.82 7.95
N ALA K 39 -53.93 42.07 7.00
CA ALA K 39 -53.48 41.01 6.10
C ALA K 39 -52.74 39.93 6.85
N LEU K 40 -51.81 40.32 7.75
CA LEU K 40 -51.02 39.32 8.46
C LEU K 40 -51.87 38.53 9.44
N THR K 41 -52.73 39.21 10.21
CA THR K 41 -53.57 38.51 11.17
C THR K 41 -54.52 37.54 10.49
N ARG K 42 -55.17 37.96 9.40
CA ARG K 42 -56.07 37.05 8.69
C ARG K 42 -55.31 35.90 8.05
N ASP K 43 -54.08 36.15 7.59
CA ASP K 43 -53.30 35.09 6.96
C ASP K 43 -52.95 33.99 7.94
N ARG K 44 -52.54 34.36 9.16
CA ARG K 44 -52.25 33.35 10.18
C ARG K 44 -53.51 32.59 10.57
N ALA K 45 -54.64 33.28 10.70
CA ALA K 45 -55.88 32.62 11.15
C ALA K 45 -56.39 31.59 10.15
N ASN K 46 -56.13 31.79 8.85
CA ASN K 46 -56.42 30.79 7.82
C ASN K 46 -57.92 30.52 7.68
N GLN K 47 -58.75 31.53 7.86
CA GLN K 47 -60.20 31.34 7.82
C GLN K 47 -60.75 31.63 6.43
N ASN K 48 -61.93 31.10 6.17
CA ASN K 48 -62.61 31.37 4.91
C ASN K 48 -62.86 32.86 4.78
N PRO K 49 -62.57 33.47 3.64
CA PRO K 49 -62.62 34.93 3.49
C PRO K 49 -64.03 35.49 3.22
N ILE K 50 -64.98 35.10 4.07
CA ILE K 50 -66.37 35.56 3.89
C ILE K 50 -66.44 37.08 4.01
N ALA K 51 -65.84 37.62 5.07
CA ALA K 51 -65.91 39.07 5.30
C ALA K 51 -65.19 39.85 4.19
N GLU K 52 -64.07 39.32 3.69
CA GLU K 52 -63.33 40.03 2.66
C GLU K 52 -64.10 40.05 1.34
N ILE K 53 -64.80 38.96 1.02
CA ILE K 53 -65.62 38.95 -0.19
C ILE K 53 -66.81 39.89 -0.05
N GLU K 54 -67.40 39.95 1.14
CA GLU K 54 -68.45 40.94 1.39
C GLU K 54 -67.92 42.36 1.27
N LEU K 55 -66.65 42.57 1.62
CA LEU K 55 -66.04 43.89 1.43
C LEU K 55 -65.92 44.22 -0.06
N LEU K 56 -65.44 43.26 -0.86
CA LEU K 56 -65.38 43.45 -2.30
C LEU K 56 -66.77 43.66 -2.88
N ARG K 57 -67.76 42.91 -2.37
CA ARG K 57 -69.14 43.06 -2.84
C ARG K 57 -69.71 44.42 -2.44
N ARG K 58 -69.40 44.87 -1.23
CA ARG K 58 -69.94 46.12 -0.72
C ARG K 58 -69.51 47.31 -1.58
N TYR K 59 -68.29 47.27 -2.11
CA TYR K 59 -67.74 48.39 -2.87
C TYR K 59 -67.79 48.17 -4.38
N GLY K 60 -68.68 47.30 -4.86
CA GLY K 60 -68.93 47.16 -6.27
C GLY K 60 -67.84 46.52 -7.09
N LEU K 61 -66.84 45.92 -6.45
CA LEU K 61 -65.74 45.32 -7.22
C LEU K 61 -66.12 43.99 -7.85
N LEU K 62 -67.05 43.25 -7.23
CA LEU K 62 -67.48 41.99 -7.82
C LEU K 62 -68.32 42.20 -9.07
N SER K 63 -69.08 43.29 -9.14
CA SER K 63 -69.91 43.59 -10.30
C SER K 63 -69.26 44.59 -11.25
N PHE K 64 -67.98 44.90 -11.05
CA PHE K 64 -67.33 45.94 -11.85
C PHE K 64 -67.29 45.57 -13.33
N ALA K 65 -67.02 44.30 -13.63
CA ALA K 65 -66.88 43.84 -15.01
C ALA K 65 -68.20 43.43 -15.65
N THR K 66 -69.32 43.79 -15.04
CA THR K 66 -70.65 43.47 -15.58
C THR K 66 -71.29 44.75 -16.11
N ALA K 67 -72.03 44.62 -17.21
CA ALA K 67 -72.65 45.78 -17.86
C ALA K 67 -73.62 46.48 -16.90
N ARG K 68 -73.89 47.75 -17.21
CA ARG K 68 -74.68 48.58 -16.30
C ARG K 68 -76.15 48.19 -16.31
N GLU K 69 -76.64 47.62 -17.42
CA GLU K 69 -78.04 47.19 -17.48
C GLU K 69 -78.36 46.16 -16.40
N PHE K 70 -77.37 45.39 -15.97
CA PHE K 70 -77.55 44.37 -14.93
C PHE K 70 -77.22 44.89 -13.54
N GLY K 71 -76.84 46.17 -13.40
CA GLY K 71 -76.44 46.73 -12.13
C GLY K 71 -74.96 46.79 -11.90
N GLY K 72 -74.14 46.42 -12.89
CA GLY K 72 -72.70 46.50 -12.76
C GLY K 72 -72.16 47.86 -13.15
N ALA K 73 -70.83 47.96 -13.11
CA ALA K 73 -70.17 49.21 -13.47
C ALA K 73 -69.98 49.38 -14.97
N GLY K 74 -70.02 48.29 -15.73
CA GLY K 74 -69.75 48.39 -17.15
C GLY K 74 -68.29 48.48 -17.51
N GLY K 75 -67.40 48.09 -16.61
CA GLY K 75 -65.97 48.17 -16.88
C GLY K 75 -65.51 47.11 -17.86
N SER K 76 -64.28 47.28 -18.31
CA SER K 76 -63.65 46.36 -19.25
C SER K 76 -62.74 45.39 -18.51
N LEU K 77 -62.23 44.40 -19.26
CA LEU K 77 -61.29 43.46 -18.69
C LEU K 77 -59.94 44.11 -18.39
N VAL K 78 -59.52 45.06 -19.23
CA VAL K 78 -58.27 45.80 -18.95
C VAL K 78 -58.40 46.54 -17.63
N GLN K 79 -59.53 47.22 -17.43
CA GLN K 79 -59.75 47.96 -16.19
C GLN K 79 -59.92 47.02 -14.99
N ALA K 80 -60.62 45.90 -15.20
CA ALA K 80 -60.88 44.98 -14.10
C ALA K 80 -59.60 44.38 -13.53
N LEU K 81 -58.69 43.97 -14.41
CA LEU K 81 -57.43 43.37 -13.94
C LEU K 81 -56.50 44.42 -13.35
N GLN K 82 -56.59 45.67 -13.81
CA GLN K 82 -55.82 46.74 -13.19
C GLN K 82 -56.28 46.99 -11.76
N LEU K 83 -57.60 46.94 -11.53
CA LEU K 83 -58.10 46.99 -10.16
C LEU K 83 -57.68 45.75 -9.38
N GLY K 84 -57.59 44.61 -10.06
CA GLY K 84 -57.11 43.41 -9.41
C GLY K 84 -55.69 43.56 -8.87
N ARG K 85 -54.82 44.22 -9.64
CA ARG K 85 -53.46 44.45 -9.16
C ARG K 85 -53.45 45.29 -7.88
N ILE K 86 -54.36 46.25 -7.78
CA ILE K 86 -54.43 47.09 -6.59
C ILE K 86 -54.81 46.27 -5.38
N ILE K 87 -55.80 45.39 -5.53
CA ILE K 87 -56.18 44.50 -4.42
C ILE K 87 -55.07 43.49 -4.15
N ALA K 88 -54.46 42.94 -5.21
CA ALA K 88 -53.44 41.91 -5.02
C ALA K 88 -52.22 42.45 -4.29
N ALA K 89 -51.93 43.75 -4.44
CA ALA K 89 -50.78 44.34 -3.77
C ALA K 89 -50.96 44.39 -2.26
N ALA K 90 -52.19 44.55 -1.79
CA ALA K 90 -52.46 44.60 -0.35
C ALA K 90 -52.60 43.20 0.24
N ASP K 91 -53.21 42.28 -0.52
CA ASP K 91 -53.48 40.93 -0.01
C ASP K 91 -53.50 40.01 -1.22
N GLY K 92 -52.47 39.16 -1.34
CA GLY K 92 -52.38 38.26 -2.47
C GLY K 92 -53.53 37.28 -2.56
N SER K 93 -54.05 36.83 -1.42
CA SER K 93 -55.16 35.89 -1.43
C SER K 93 -56.45 36.53 -1.94
N ILE K 94 -56.80 37.69 -1.38
CA ILE K 94 -58.02 38.37 -1.82
C ILE K 94 -57.87 38.87 -3.25
N GLY K 95 -56.65 39.21 -3.66
CA GLY K 95 -56.43 39.61 -5.05
C GLY K 95 -56.66 38.46 -6.01
N GLN K 96 -56.22 37.26 -5.65
CA GLN K 96 -56.48 36.10 -6.48
C GLN K 96 -57.97 35.81 -6.58
N LEU K 97 -58.68 35.91 -5.46
CA LEU K 97 -60.11 35.64 -5.47
C LEU K 97 -60.86 36.60 -6.38
N LEU K 98 -60.47 37.88 -6.39
CA LEU K 98 -61.16 38.86 -7.21
C LEU K 98 -60.96 38.59 -8.69
N VAL K 99 -59.72 38.32 -9.10
CA VAL K 99 -59.45 38.08 -10.51
C VAL K 99 -60.00 36.71 -10.96
N TYR K 100 -59.96 35.71 -10.07
CA TYR K 100 -60.59 34.42 -10.39
C TYR K 100 -62.10 34.61 -10.59
N HIS K 101 -62.71 35.49 -9.81
CA HIS K 101 -64.12 35.81 -10.01
C HIS K 101 -64.34 36.45 -11.38
N TYR K 102 -63.49 37.42 -11.75
CA TYR K 102 -63.59 38.00 -13.08
C TYR K 102 -63.38 36.95 -14.15
N SER K 103 -62.38 36.08 -13.98
CA SER K 103 -62.10 35.05 -14.97
C SER K 103 -63.29 34.10 -15.13
N ASN K 104 -63.95 33.77 -14.02
CA ASN K 104 -65.11 32.88 -14.09
C ASN K 104 -66.28 33.53 -14.81
N GLY K 105 -66.42 34.85 -14.72
CA GLY K 105 -67.41 35.53 -15.53
C GLY K 105 -67.07 35.49 -17.01
N VAL K 106 -65.79 35.60 -17.33
CA VAL K 106 -65.36 35.44 -18.72
C VAL K 106 -65.61 34.01 -19.19
N TRP K 107 -65.36 33.03 -18.31
CA TRP K 107 -65.57 31.63 -18.67
C TRP K 107 -67.02 31.35 -18.99
N THR K 108 -67.94 31.79 -18.13
CA THR K 108 -69.36 31.54 -18.37
C THR K 108 -69.89 32.38 -19.52
N TYR K 109 -69.29 33.55 -19.77
CA TYR K 109 -69.66 34.33 -20.94
C TYR K 109 -69.31 33.57 -22.21
N ILE K 110 -68.14 32.90 -22.23
CA ILE K 110 -67.76 32.10 -23.37
C ILE K 110 -68.62 30.83 -23.47
N LEU K 111 -68.86 30.18 -22.32
CA LEU K 111 -69.53 28.88 -22.30
C LEU K 111 -71.05 28.96 -22.30
N GLY K 112 -71.63 30.12 -21.99
CA GLY K 112 -73.06 30.21 -21.78
C GLY K 112 -73.85 30.56 -23.04
N SER K 113 -75.08 30.07 -23.08
CA SER K 113 -76.03 30.46 -24.11
C SER K 113 -76.47 31.90 -23.84
N PRO K 114 -77.12 32.56 -24.82
CA PRO K 114 -77.59 33.93 -24.56
C PRO K 114 -78.51 34.03 -23.35
N THR K 115 -79.38 33.04 -23.13
CA THR K 115 -80.22 33.07 -21.94
C THR K 115 -79.43 32.71 -20.69
N GLN K 116 -78.42 31.83 -20.82
CA GLN K 116 -77.58 31.52 -19.67
C GLN K 116 -76.69 32.71 -19.30
N ARG K 117 -76.17 33.44 -20.29
CA ARG K 117 -75.44 34.66 -20.01
C ARG K 117 -76.31 35.66 -19.27
N GLU K 118 -77.57 35.79 -19.68
CA GLU K 118 -78.50 36.71 -19.02
C GLU K 118 -78.71 36.33 -17.56
N TYR K 119 -78.91 35.04 -17.28
CA TYR K 119 -79.13 34.59 -15.91
C TYR K 119 -77.93 34.91 -15.03
N ILE K 120 -76.72 34.71 -15.55
CA ILE K 120 -75.51 34.92 -14.74
C ILE K 120 -75.24 36.41 -14.57
N SER K 121 -75.44 37.20 -15.63
CA SER K 121 -75.16 38.64 -15.55
C SER K 121 -76.10 39.34 -14.58
N ARG K 122 -77.38 38.92 -14.53
CA ARG K 122 -78.31 39.52 -13.60
C ARG K 122 -77.92 39.24 -12.15
N GLY K 123 -77.39 38.05 -11.89
CA GLY K 123 -77.02 37.68 -10.54
C GLY K 123 -75.73 38.33 -10.08
N VAL K 124 -74.71 38.28 -10.95
CA VAL K 124 -73.44 38.90 -10.62
C VAL K 124 -73.58 40.41 -10.58
N GLY K 125 -74.29 40.99 -11.55
CA GLY K 125 -74.41 42.44 -11.61
C GLY K 125 -75.35 43.04 -10.59
N GLY K 126 -76.43 42.33 -10.25
CA GLY K 126 -77.44 42.93 -9.41
C GLY K 126 -77.72 42.23 -8.09
N HIS K 127 -77.11 41.06 -7.87
CA HIS K 127 -77.37 40.31 -6.64
C HIS K 127 -76.11 39.87 -5.91
N GLY K 128 -74.95 40.42 -6.26
CA GLY K 128 -73.75 40.18 -5.50
C GLY K 128 -73.20 38.77 -5.55
N TRP K 129 -73.54 38.01 -6.59
CA TRP K 129 -73.04 36.64 -6.71
C TRP K 129 -71.52 36.65 -6.88
N PHE K 130 -70.86 35.76 -6.14
CA PHE K 130 -69.45 35.48 -6.34
C PHE K 130 -69.32 34.18 -7.10
N GLN K 131 -68.52 34.18 -8.17
CA GLN K 131 -68.39 33.03 -9.05
C GLN K 131 -67.14 32.24 -8.68
N GLY K 132 -67.33 30.95 -8.39
CA GLY K 132 -66.24 30.03 -8.20
C GLY K 132 -66.26 28.96 -9.28
N SER K 133 -65.16 28.22 -9.38
CA SER K 133 -64.99 27.26 -10.45
C SER K 133 -64.32 26.00 -9.92
N VAL K 134 -64.82 24.85 -10.37
CA VAL K 134 -64.18 23.56 -10.15
C VAL K 134 -63.64 23.13 -11.51
N SER K 135 -62.34 23.39 -11.75
CA SER K 135 -61.79 23.31 -13.09
C SER K 135 -60.50 22.49 -13.21
N ASN K 136 -60.02 21.88 -12.14
CA ASN K 136 -58.77 21.14 -12.18
C ASN K 136 -58.92 19.93 -13.11
N PRO K 137 -58.16 19.85 -14.20
CA PRO K 137 -58.28 18.70 -15.10
C PRO K 137 -57.47 17.49 -14.68
N ARG K 138 -56.71 17.58 -13.58
CA ARG K 138 -55.83 16.49 -13.18
C ARG K 138 -56.31 15.84 -11.88
N ASP K 139 -57.59 15.52 -11.80
CA ASP K 139 -58.16 14.88 -10.63
C ASP K 139 -58.67 13.49 -11.01
N PRO K 140 -58.28 12.44 -10.29
CA PRO K 140 -58.75 11.10 -10.61
C PRO K 140 -60.06 10.79 -9.89
N GLY K 141 -60.62 9.63 -10.24
CA GLY K 141 -61.83 9.14 -9.60
C GLY K 141 -63.08 9.95 -9.85
N ILE K 142 -63.07 10.86 -10.82
CA ILE K 142 -64.23 11.70 -11.10
C ILE K 142 -65.15 10.93 -12.04
N THR K 143 -66.39 10.69 -11.59
CA THR K 143 -67.39 9.97 -12.37
C THR K 143 -68.61 10.85 -12.56
N VAL K 144 -69.21 10.76 -13.74
CA VAL K 144 -70.45 11.46 -14.05
C VAL K 144 -71.40 10.47 -14.72
N THR K 145 -72.60 10.33 -14.15
CA THR K 145 -73.59 9.39 -14.64
C THR K 145 -74.81 10.16 -15.13
N ARG K 146 -75.45 9.62 -16.16
CA ARG K 146 -76.65 10.23 -16.72
C ARG K 146 -77.90 9.71 -16.00
N THR K 147 -78.89 10.60 -15.89
CA THR K 147 -80.21 10.26 -15.37
C THR K 147 -81.25 11.04 -16.17
N GLU K 148 -82.52 10.75 -15.91
CA GLU K 148 -83.59 11.49 -16.58
C GLU K 148 -83.59 12.95 -16.19
N GLU K 149 -83.18 13.27 -14.96
CA GLU K 149 -83.15 14.65 -14.50
C GLU K 149 -81.90 15.39 -14.96
N GLY K 150 -80.81 14.67 -15.21
CA GLY K 150 -79.58 15.29 -15.66
C GLY K 150 -78.35 14.44 -15.45
N TYR K 151 -77.37 14.96 -14.74
CA TYR K 151 -76.11 14.26 -14.48
C TYR K 151 -75.86 14.20 -12.98
N ARG K 152 -75.34 13.07 -12.53
CA ARG K 152 -74.91 12.88 -11.15
C ARG K 152 -73.39 12.80 -11.13
N VAL K 153 -72.75 13.70 -10.38
CA VAL K 153 -71.29 13.82 -10.33
C VAL K 153 -70.80 13.32 -8.98
N ASN K 154 -69.82 12.43 -9.00
CA ASN K 154 -69.16 11.95 -7.80
C ASN K 154 -67.65 12.11 -7.96
N GLY K 155 -66.98 12.38 -6.84
CA GLY K 155 -65.53 12.47 -6.85
C GLY K 155 -64.97 13.70 -6.13
N LYS K 156 -63.70 13.63 -5.76
CA LYS K 156 -63.03 14.71 -5.06
C LYS K 156 -62.28 15.59 -6.06
N ARG K 157 -62.49 16.89 -5.95
CA ARG K 157 -61.84 17.88 -6.80
C ARG K 157 -60.98 18.79 -5.93
N THR K 158 -59.75 19.04 -6.37
CA THR K 158 -58.78 19.80 -5.60
C THR K 158 -58.57 21.19 -6.21
N PHE K 159 -57.95 22.07 -5.42
CA PHE K 159 -57.64 23.43 -5.85
C PHE K 159 -58.88 24.17 -6.33
N ALA K 160 -59.99 23.97 -5.62
CA ALA K 160 -61.28 24.58 -5.98
C ALA K 160 -61.36 25.99 -5.40
N THR K 161 -60.57 26.88 -6.00
CA THR K 161 -60.42 28.24 -5.50
C THR K 161 -61.75 28.96 -5.44
N GLY K 162 -62.09 29.48 -4.25
CA GLY K 162 -63.26 30.32 -4.08
C GLY K 162 -64.58 29.59 -4.06
N VAL K 163 -64.60 28.28 -4.28
CA VAL K 163 -65.87 27.55 -4.35
C VAL K 163 -66.59 27.58 -3.01
N ALA K 164 -65.85 27.43 -1.91
CA ALA K 164 -66.48 27.42 -0.58
C ALA K 164 -67.13 28.76 -0.25
N VAL K 165 -66.72 29.84 -0.90
CA VAL K 165 -67.28 31.17 -0.67
C VAL K 165 -68.06 31.67 -1.87
N ALA K 166 -68.36 30.79 -2.83
CA ALA K 166 -69.02 31.20 -4.07
C ALA K 166 -70.52 31.06 -3.95
N ASP K 167 -71.23 31.88 -4.73
CA ASP K 167 -72.68 31.78 -4.86
C ASP K 167 -73.12 31.00 -6.08
N LEU K 168 -72.33 31.06 -7.16
CA LEU K 168 -72.58 30.30 -8.38
C LEU K 168 -71.30 29.55 -8.73
N ILE K 169 -71.40 28.24 -8.88
CA ILE K 169 -70.25 27.36 -9.07
C ILE K 169 -70.29 26.81 -10.49
N THR K 170 -69.20 26.95 -11.23
CA THR K 170 -69.07 26.36 -12.55
C THR K 170 -68.32 25.04 -12.41
N VAL K 171 -68.97 23.95 -12.82
CA VAL K 171 -68.40 22.61 -12.75
C VAL K 171 -67.92 22.24 -14.15
N LEU K 172 -66.62 21.98 -14.28
CA LEU K 172 -66.03 21.61 -15.57
C LEU K 172 -65.52 20.18 -15.50
N LEU K 173 -66.09 19.31 -16.32
CA LEU K 173 -65.72 17.90 -16.37
C LEU K 173 -65.04 17.63 -17.71
N TYR K 174 -63.87 17.01 -17.66
CA TYR K 174 -62.99 16.84 -18.82
C TYR K 174 -62.89 15.39 -19.28
N GLU K 175 -64.01 14.66 -19.32
CA GLU K 175 -64.01 13.28 -19.77
C GLU K 175 -64.92 13.13 -20.98
N ALA K 176 -64.46 12.35 -21.96
CA ALA K 176 -65.17 12.11 -23.23
C ALA K 176 -65.52 13.48 -23.82
N GLU K 177 -66.78 13.73 -24.16
CA GLU K 177 -67.19 15.10 -24.49
C GLU K 177 -67.30 15.89 -23.19
N PRO K 178 -66.69 17.08 -23.11
CA PRO K 178 -66.70 17.82 -21.85
C PRO K 178 -68.11 18.23 -21.46
N ILE K 179 -68.34 18.30 -20.16
CA ILE K 179 -69.60 18.74 -19.59
C ILE K 179 -69.31 19.90 -18.66
N ASN K 180 -69.83 21.07 -18.99
CA ASN K 180 -69.68 22.27 -18.17
C ASN K 180 -71.07 22.74 -17.74
N ALA K 181 -71.23 22.99 -16.45
CA ALA K 181 -72.53 23.40 -15.92
C ALA K 181 -72.34 24.40 -14.80
N ILE K 182 -73.41 25.12 -14.48
CA ILE K 182 -73.45 26.06 -13.37
C ILE K 182 -74.48 25.57 -12.36
N ILE K 183 -74.09 25.56 -11.08
CA ILE K 183 -74.97 25.09 -10.02
C ILE K 183 -74.99 26.09 -8.87
N PRO K 184 -76.06 26.16 -8.09
CA PRO K 184 -76.06 27.04 -6.92
C PRO K 184 -75.16 26.48 -5.82
N SER K 185 -74.82 27.36 -4.87
CA SER K 185 -74.05 26.92 -3.72
C SER K 185 -74.85 25.98 -2.83
N GLU K 186 -76.18 26.13 -2.81
CA GLU K 186 -77.05 25.29 -1.99
C GLU K 186 -77.39 23.96 -2.64
N ARG K 187 -76.72 23.58 -3.72
CA ARG K 187 -76.98 22.30 -4.36
C ARG K 187 -76.47 21.17 -3.48
N ASP K 188 -77.35 20.21 -3.19
CA ASP K 188 -77.03 19.14 -2.26
C ASP K 188 -75.90 18.27 -2.80
N GLY K 189 -75.09 17.74 -1.87
CA GLY K 189 -73.99 16.85 -2.20
C GLY K 189 -72.62 17.48 -2.16
N LEU K 190 -72.53 18.81 -2.04
CA LEU K 190 -71.25 19.50 -2.01
C LEU K 190 -70.71 19.50 -0.59
N ARG K 191 -69.56 18.86 -0.40
CA ARG K 191 -68.86 18.84 0.89
C ARG K 191 -67.49 19.48 0.70
N PHE K 192 -67.21 20.50 1.51
CA PHE K 192 -65.96 21.24 1.44
C PHE K 192 -65.03 20.75 2.54
N ASN K 193 -63.91 20.15 2.15
CA ASN K 193 -62.95 19.64 3.12
C ASN K 193 -62.05 20.76 3.62
N ASP K 194 -61.78 20.76 4.92
CA ASP K 194 -60.90 21.75 5.54
C ASP K 194 -59.46 21.24 5.48
N ASP K 195 -58.92 21.19 4.26
CA ASP K 195 -57.60 20.66 4.00
C ASP K 195 -56.68 21.66 3.32
N TRP K 196 -57.03 22.95 3.34
CA TRP K 196 -56.21 24.01 2.74
C TRP K 196 -55.42 24.68 3.85
N ASP K 197 -54.14 24.33 3.95
CA ASP K 197 -53.21 24.89 4.94
C ASP K 197 -51.89 25.04 4.19
N ASN K 198 -51.76 26.13 3.44
CA ASN K 198 -50.76 26.25 2.40
C ASN K 198 -49.69 27.27 2.78
N LEU K 199 -48.59 27.23 2.03
CA LEU K 199 -47.52 28.22 2.21
C LEU K 199 -48.06 29.64 2.03
N GLY K 200 -48.54 29.94 0.83
CA GLY K 200 -49.18 31.22 0.55
C GLY K 200 -50.54 31.00 -0.11
N GLN K 201 -51.14 32.12 -0.52
CA GLN K 201 -52.51 32.11 -1.03
C GLN K 201 -53.45 31.38 -0.08
N ARG K 202 -53.21 31.58 1.23
CA ARG K 202 -53.89 30.78 2.23
C ARG K 202 -55.39 31.07 2.29
N LEU K 203 -55.79 32.30 1.96
CA LEU K 203 -57.17 32.71 2.11
C LEU K 203 -57.94 32.66 0.80
N THR K 204 -57.56 31.74 -0.11
CA THR K 204 -58.24 31.61 -1.39
C THR K 204 -59.28 30.50 -1.42
N ALA K 205 -59.46 29.79 -0.30
CA ALA K 205 -60.40 28.67 -0.23
C ALA K 205 -60.12 27.65 -1.32
N SER K 206 -58.82 27.33 -1.51
CA SER K 206 -58.39 26.40 -2.53
C SER K 206 -58.26 24.97 -2.02
N GLY K 207 -59.06 24.60 -1.01
CA GLY K 207 -59.11 23.23 -0.55
C GLY K 207 -59.90 22.34 -1.50
N SER K 208 -60.06 21.08 -1.09
CA SER K 208 -60.78 20.13 -1.90
C SER K 208 -62.27 20.20 -1.65
N VAL K 209 -63.04 19.74 -2.63
CA VAL K 209 -64.50 19.70 -2.57
C VAL K 209 -64.96 18.30 -2.95
N GLU K 210 -65.81 17.72 -2.12
CA GLU K 210 -66.37 16.38 -2.37
C GLU K 210 -67.71 16.53 -3.07
N PHE K 211 -67.89 15.75 -4.14
CA PHE K 211 -69.17 15.66 -4.85
C PHE K 211 -69.83 14.35 -4.47
N ASP K 212 -70.88 14.42 -3.67
CA ASP K 212 -71.61 13.25 -3.20
C ASP K 212 -72.93 13.19 -3.99
N ASN K 213 -72.88 12.59 -5.18
CA ASN K 213 -74.05 12.40 -6.02
C ASN K 213 -74.72 13.73 -6.35
N VAL K 214 -73.90 14.70 -6.74
CA VAL K 214 -74.38 16.06 -7.01
C VAL K 214 -75.09 16.08 -8.35
N LEU K 215 -76.29 16.67 -8.37
CA LEU K 215 -77.11 16.72 -9.58
C LEU K 215 -76.72 17.93 -10.43
N LEU K 216 -76.52 17.68 -11.72
CA LEU K 216 -76.38 18.73 -12.73
C LEU K 216 -77.61 18.63 -13.63
N ARG K 217 -78.54 19.57 -13.50
CA ARG K 217 -79.74 19.53 -14.31
C ARG K 217 -79.44 19.91 -15.75
N HIS K 218 -80.31 19.45 -16.66
CA HIS K 218 -80.08 19.65 -18.09
C HIS K 218 -80.06 21.12 -18.47
N ASP K 219 -80.94 21.92 -17.86
CA ASP K 219 -80.98 23.35 -18.16
C ASP K 219 -79.78 24.10 -17.59
N GLU K 220 -78.95 23.46 -16.77
CA GLU K 220 -77.74 24.07 -16.23
C GLU K 220 -76.51 23.76 -17.07
N VAL K 221 -76.62 22.85 -18.03
CA VAL K 221 -75.48 22.52 -18.89
C VAL K 221 -75.24 23.68 -19.86
N LEU K 222 -74.02 24.21 -19.85
CA LEU K 222 -73.70 25.36 -20.68
C LEU K 222 -73.59 24.94 -22.14
N THR K 223 -74.24 25.69 -23.04
CA THR K 223 -74.31 25.32 -24.45
C THR K 223 -73.86 26.45 -25.37
N GLY K 224 -73.04 27.39 -24.87
CA GLY K 224 -72.63 28.50 -25.70
C GLY K 224 -71.68 28.12 -26.81
N LEU K 225 -70.89 27.06 -26.62
CA LEU K 225 -69.95 26.60 -27.63
C LEU K 225 -70.61 25.87 -28.79
N ASP K 226 -71.93 25.65 -28.74
CA ASP K 226 -72.58 24.89 -29.79
C ASP K 226 -72.64 25.65 -31.11
N GLU K 227 -72.61 26.99 -31.06
CA GLU K 227 -72.70 27.78 -32.28
C GLU K 227 -71.36 27.88 -33.02
N TYR K 228 -70.28 27.38 -32.43
CA TYR K 228 -68.97 27.38 -33.08
C TYR K 228 -68.70 26.00 -33.65
N SER K 229 -68.12 25.97 -34.85
CA SER K 229 -67.93 24.72 -35.57
C SER K 229 -66.91 23.83 -34.86
N GLY K 230 -67.27 22.56 -34.66
CA GLY K 230 -66.39 21.57 -34.09
C GLY K 230 -65.57 20.81 -35.11
N LEU K 231 -65.51 21.28 -36.35
CA LEU K 231 -64.76 20.61 -37.41
C LEU K 231 -63.55 21.39 -37.89
N ASP K 232 -63.53 22.72 -37.71
CA ASP K 232 -62.44 23.56 -38.17
C ASP K 232 -61.62 24.14 -37.03
N GLY K 233 -61.78 23.63 -35.82
CA GLY K 233 -61.07 24.15 -34.67
C GLY K 233 -61.62 25.43 -34.08
N SER K 234 -62.71 25.97 -34.64
CA SER K 234 -63.27 27.21 -34.12
C SER K 234 -63.71 27.05 -32.67
N ARG K 235 -64.39 25.94 -32.36
CA ARG K 235 -64.85 25.73 -31.00
C ARG K 235 -63.68 25.57 -30.03
N GLU K 236 -62.61 24.92 -30.47
CA GLU K 236 -61.44 24.75 -29.60
C GLU K 236 -60.74 26.06 -29.34
N ARG K 237 -60.67 26.94 -30.34
CA ARG K 237 -60.00 28.23 -30.15
C ARG K 237 -60.86 29.20 -29.37
N ARG K 238 -62.19 29.18 -29.58
CA ARG K 238 -63.08 29.99 -28.78
C ARG K 238 -63.03 29.58 -27.32
N ASP K 239 -63.16 28.28 -27.04
CA ASP K 239 -63.05 27.79 -25.68
C ASP K 239 -61.64 27.98 -25.13
N GLY K 240 -60.62 27.89 -26.00
CA GLY K 240 -59.24 28.08 -25.57
C GLY K 240 -58.96 29.45 -24.99
N LEU K 241 -59.83 30.42 -25.25
CA LEU K 241 -59.66 31.75 -24.66
C LEU K 241 -59.82 31.73 -23.14
N ARG K 242 -60.52 30.74 -22.59
CA ARG K 242 -60.62 30.63 -21.14
C ARG K 242 -59.25 30.42 -20.51
N ALA K 243 -58.49 29.45 -21.02
CA ALA K 243 -57.17 29.17 -20.47
C ALA K 243 -56.23 30.34 -20.68
N LEU K 244 -56.32 31.03 -21.83
CA LEU K 244 -55.48 32.18 -22.07
C LEU K 244 -55.78 33.29 -21.06
N PHE K 245 -57.06 33.50 -20.73
CA PHE K 245 -57.41 34.52 -19.75
C PHE K 245 -56.95 34.13 -18.35
N SER K 246 -56.98 32.84 -18.02
CA SER K 246 -56.45 32.39 -16.73
C SER K 246 -54.98 32.75 -16.59
N GLN K 247 -54.18 32.46 -17.62
CA GLN K 247 -52.79 32.86 -17.61
C GLN K 247 -52.65 34.38 -17.48
N LEU K 248 -53.62 35.13 -18.00
CA LEU K 248 -53.56 36.57 -17.93
C LEU K 248 -53.81 37.08 -16.51
N ILE K 249 -54.80 36.51 -15.82
CA ILE K 249 -55.05 36.93 -14.44
C ILE K 249 -53.89 36.54 -13.53
N PHE K 250 -53.17 35.46 -13.87
CA PHE K 250 -51.98 35.10 -13.10
C PHE K 250 -50.91 36.17 -13.25
N VAL K 251 -50.77 36.71 -14.46
CA VAL K 251 -49.79 37.77 -14.72
C VAL K 251 -50.05 38.97 -13.82
N HIS K 252 -51.28 39.48 -13.81
CA HIS K 252 -51.60 40.64 -13.01
C HIS K 252 -51.53 40.35 -11.51
N LEU K 253 -51.83 39.12 -11.11
CA LEU K 253 -51.68 38.75 -9.70
C LEU K 253 -50.23 38.83 -9.27
N TYR K 254 -49.32 38.31 -10.09
CA TYR K 254 -47.90 38.32 -9.73
C TYR K 254 -47.36 39.75 -9.71
N LEU K 255 -47.76 40.55 -10.70
CA LEU K 255 -47.31 41.94 -10.73
C LEU K 255 -47.89 42.72 -9.55
N GLY K 256 -49.15 42.44 -9.18
CA GLY K 256 -49.73 43.07 -8.02
C GLY K 256 -48.97 42.75 -6.75
N ILE K 257 -48.66 41.47 -6.54
CA ILE K 257 -47.91 41.05 -5.36
C ILE K 257 -46.53 41.72 -5.35
N ALA K 258 -45.87 41.80 -6.50
CA ALA K 258 -44.55 42.41 -6.58
C ALA K 258 -44.60 43.90 -6.24
N GLU K 259 -45.64 44.60 -6.70
CA GLU K 259 -45.77 46.02 -6.36
C GLU K 259 -45.98 46.21 -4.87
N GLY K 260 -46.74 45.31 -4.23
CA GLY K 260 -46.94 45.43 -2.79
C GLY K 260 -45.70 45.07 -2.00
N ALA K 261 -44.95 44.06 -2.46
CA ALA K 261 -43.71 43.71 -1.80
C ALA K 261 -42.69 44.85 -1.88
N LEU K 262 -42.58 45.47 -3.06
CA LEU K 262 -41.61 46.55 -3.22
C LEU K 262 -41.97 47.74 -2.33
N ALA K 263 -43.25 48.12 -2.31
CA ALA K 263 -43.66 49.25 -1.48
C ALA K 263 -43.50 48.94 0.00
N ALA K 264 -43.75 47.69 0.39
CA ALA K 264 -43.57 47.30 1.79
C ALA K 264 -42.10 47.34 2.19
N GLY K 265 -41.21 46.89 1.31
CA GLY K 265 -39.80 46.97 1.61
C GLY K 265 -39.28 48.40 1.65
N VAL K 266 -39.74 49.23 0.70
CA VAL K 266 -39.40 50.65 0.73
C VAL K 266 -39.92 51.31 2.01
N ALA K 267 -41.15 50.98 2.41
CA ALA K 267 -41.74 51.59 3.59
C ALA K 267 -40.98 51.17 4.85
N TYR K 268 -40.53 49.91 4.91
CA TYR K 268 -39.76 49.48 6.09
C TYR K 268 -38.44 50.22 6.19
N ILE K 269 -37.73 50.38 5.07
CA ILE K 269 -36.42 51.03 5.11
C ILE K 269 -36.55 52.48 5.58
N ARG K 270 -37.57 53.18 5.08
CA ARG K 270 -37.75 54.59 5.43
C ARG K 270 -38.21 54.77 6.86
N ASP K 271 -38.95 53.81 7.41
CA ASP K 271 -39.52 53.93 8.74
C ASP K 271 -38.71 53.21 9.81
N LYS K 272 -38.14 52.04 9.50
CA LYS K 272 -37.40 51.26 10.48
C LYS K 272 -35.94 51.01 10.11
N GLY K 273 -35.53 51.36 8.89
CA GLY K 273 -34.19 50.98 8.44
C GLY K 273 -33.11 51.71 9.20
N ARG K 274 -32.02 50.98 9.48
CA ARG K 274 -30.83 51.51 10.11
C ARG K 274 -29.65 51.45 9.14
N PRO K 275 -28.78 52.45 9.12
CA PRO K 275 -27.63 52.42 8.21
C PRO K 275 -26.61 51.38 8.65
N TRP K 276 -25.91 50.83 7.67
CA TRP K 276 -24.84 49.87 7.96
C TRP K 276 -23.56 50.63 8.32
N PRO K 277 -22.85 50.23 9.38
CA PRO K 277 -21.68 51.03 9.81
C PRO K 277 -20.59 51.19 8.76
N GLU K 278 -20.46 50.26 7.83
CA GLU K 278 -19.48 50.41 6.76
C GLU K 278 -19.93 51.37 5.67
N ALA K 279 -21.20 51.78 5.68
CA ALA K 279 -21.70 52.68 4.65
C ALA K 279 -21.08 54.07 4.80
N HIS K 280 -21.06 54.81 3.69
CA HIS K 280 -20.54 56.17 3.71
C HIS K 280 -21.45 57.10 4.51
N SER K 281 -22.76 56.97 4.33
CA SER K 281 -23.73 57.87 4.93
C SER K 281 -24.39 57.22 6.15
N THR K 282 -24.70 58.04 7.14
CA THR K 282 -25.50 57.59 8.27
C THR K 282 -26.99 57.62 7.99
N ASP K 283 -27.39 57.97 6.77
CA ASP K 283 -28.78 57.95 6.34
C ASP K 283 -29.01 56.65 5.58
N VAL K 284 -29.91 55.81 6.09
CA VAL K 284 -30.17 54.52 5.47
C VAL K 284 -30.76 54.69 4.07
N THR K 285 -31.44 55.81 3.82
CA THR K 285 -32.03 56.05 2.51
C THR K 285 -31.00 56.42 1.46
N GLU K 286 -29.75 56.65 1.85
CA GLU K 286 -28.69 57.01 0.92
C GLU K 286 -27.75 55.84 0.62
N ASP K 287 -28.05 54.65 1.12
CA ASP K 287 -27.20 53.50 0.87
C ASP K 287 -27.21 53.17 -0.61
N PRO K 288 -26.05 53.09 -1.27
CA PRO K 288 -26.04 52.89 -2.72
C PRO K 288 -26.57 51.53 -3.15
N TYR K 289 -26.39 50.49 -2.34
CA TYR K 289 -26.87 49.17 -2.74
C TYR K 289 -28.37 49.01 -2.56
N HIS K 290 -28.96 49.67 -1.56
CA HIS K 290 -30.40 49.70 -1.45
C HIS K 290 -31.03 50.42 -2.63
N GLN K 291 -30.48 51.58 -3.01
CA GLN K 291 -31.05 52.37 -4.09
C GLN K 291 -30.96 51.64 -5.43
N GLN K 292 -29.82 50.99 -5.68
CA GLN K 292 -29.64 50.27 -6.94
C GLN K 292 -30.60 49.08 -7.02
N LEU K 293 -30.70 48.31 -5.92
CA LEU K 293 -31.55 47.13 -5.93
C LEU K 293 -33.02 47.50 -6.09
N LEU K 294 -33.50 48.46 -5.31
CA LEU K 294 -34.90 48.88 -5.42
C LEU K 294 -35.19 49.48 -6.79
N GLY K 295 -34.20 50.14 -7.40
CA GLY K 295 -34.41 50.71 -8.71
C GLY K 295 -34.49 49.65 -9.80
N ARG K 296 -33.64 48.62 -9.72
CA ARG K 296 -33.70 47.53 -10.68
C ARG K 296 -35.04 46.80 -10.58
N LEU K 297 -35.49 46.53 -9.35
CA LEU K 297 -36.78 45.85 -9.15
C LEU K 297 -37.92 46.71 -9.65
N SER K 298 -37.89 48.01 -9.36
CA SER K 298 -38.94 48.90 -9.84
C SER K 298 -39.04 48.89 -11.36
N ALA K 299 -37.90 48.92 -12.05
CA ALA K 299 -37.92 48.95 -13.52
C ALA K 299 -38.48 47.66 -14.10
N GLY K 300 -38.12 46.52 -13.51
CA GLY K 300 -38.62 45.25 -14.01
C GLY K 300 -40.12 45.11 -13.85
N ILE K 301 -40.66 45.63 -12.75
CA ILE K 301 -42.11 45.62 -12.56
C ILE K 301 -42.80 46.48 -13.62
N ALA K 302 -42.28 47.68 -13.85
CA ALA K 302 -42.88 48.56 -14.85
C ALA K 302 -42.89 47.92 -16.23
N ALA K 303 -41.83 47.20 -16.57
CA ALA K 303 -41.80 46.51 -17.85
C ALA K 303 -42.84 45.40 -17.90
N GLY K 304 -43.03 44.69 -16.80
CA GLY K 304 -44.05 43.65 -16.76
C GLY K 304 -45.46 44.20 -16.82
N VAL K 305 -45.69 45.35 -16.17
CA VAL K 305 -47.01 45.96 -16.21
C VAL K 305 -47.34 46.46 -17.61
N ALA K 306 -46.36 47.05 -18.30
CA ALA K 306 -46.60 47.54 -19.65
C ALA K 306 -46.95 46.39 -20.61
N LEU K 307 -46.25 45.26 -20.46
CA LEU K 307 -46.55 44.10 -21.30
C LEU K 307 -47.90 43.49 -20.93
N ALA K 308 -48.22 43.44 -19.63
CA ALA K 308 -49.46 42.81 -19.18
C ALA K 308 -50.68 43.54 -19.73
N ASP K 309 -50.72 44.87 -19.60
CA ASP K 309 -51.88 45.62 -20.07
C ASP K 309 -52.01 45.58 -21.58
N SER K 310 -50.89 45.54 -22.31
CA SER K 310 -50.96 45.39 -23.76
C SER K 310 -51.54 44.02 -24.14
N ALA K 311 -51.11 42.97 -23.44
CA ALA K 311 -51.62 41.64 -23.73
C ALA K 311 -53.10 41.52 -23.39
N THR K 312 -53.53 42.18 -22.30
CA THR K 312 -54.94 42.14 -21.92
C THR K 312 -55.81 42.85 -22.94
N LYS K 313 -55.31 43.95 -23.51
CA LYS K 313 -56.03 44.62 -24.59
C LYS K 313 -56.14 43.72 -25.80
N GLU K 314 -55.10 42.94 -26.09
CA GLU K 314 -55.17 42.00 -27.20
C GLU K 314 -56.16 40.87 -26.92
N PHE K 315 -56.35 40.50 -25.65
CA PHE K 315 -57.34 39.49 -25.33
C PHE K 315 -58.76 40.01 -25.54
N GLU K 316 -59.03 41.25 -25.09
CA GLU K 316 -60.36 41.83 -25.27
C GLU K 316 -60.76 41.86 -26.74
N GLN K 317 -59.80 42.18 -27.62
CA GLN K 317 -60.10 42.24 -29.04
C GLN K 317 -60.43 40.86 -29.61
N ALA K 318 -59.71 39.83 -29.16
CA ALA K 318 -59.99 38.48 -29.63
C ALA K 318 -61.33 37.97 -29.11
N LEU K 319 -61.66 38.32 -27.87
CA LEU K 319 -62.96 37.93 -27.31
C LEU K 319 -64.11 38.61 -28.03
N ALA K 320 -63.90 39.82 -28.52
CA ALA K 320 -64.93 40.60 -29.19
C ALA K 320 -65.02 40.32 -30.68
N PHE K 321 -64.25 39.35 -31.20
CA PHE K 321 -64.36 39.00 -32.61
C PHE K 321 -65.73 38.44 -32.95
N GLY K 322 -66.42 37.85 -31.98
CA GLY K 322 -67.64 37.12 -32.27
C GLY K 322 -67.28 35.78 -32.87
N GLU K 323 -66.80 35.81 -34.11
CA GLU K 323 -66.18 34.63 -34.69
C GLU K 323 -64.99 34.20 -33.84
N ALA K 324 -64.69 32.90 -33.86
CA ALA K 324 -63.52 32.43 -33.16
C ALA K 324 -62.26 33.00 -33.82
N PRO K 325 -61.22 33.26 -33.05
CA PRO K 325 -59.97 33.74 -33.65
C PRO K 325 -59.38 32.67 -34.55
N THR K 326 -58.69 33.11 -35.60
CA THR K 326 -58.04 32.17 -36.50
C THR K 326 -56.89 31.47 -35.77
N GLU K 327 -56.31 30.48 -36.43
CA GLU K 327 -55.14 29.79 -35.86
C GLU K 327 -54.00 30.78 -35.60
N ALA K 328 -53.80 31.72 -36.52
CA ALA K 328 -52.74 32.71 -36.35
C ALA K 328 -53.10 33.77 -35.33
N GLN K 329 -54.38 34.16 -35.25
CA GLN K 329 -54.80 35.11 -34.24
C GLN K 329 -54.69 34.52 -32.84
N TRP K 330 -55.16 33.29 -32.67
CA TRP K 330 -55.08 32.63 -31.37
C TRP K 330 -53.63 32.39 -30.96
N GLY K 331 -52.80 31.97 -31.91
CA GLY K 331 -51.40 31.70 -31.60
C GLY K 331 -50.62 32.94 -31.21
N ALA K 332 -50.83 34.03 -31.95
CA ALA K 332 -50.14 35.28 -31.61
C ALA K 332 -50.55 35.76 -30.22
N LEU K 333 -51.83 35.64 -29.88
CA LEU K 333 -52.28 36.00 -28.54
C LEU K 333 -51.66 35.10 -27.49
N ALA K 334 -51.61 33.79 -27.76
CA ALA K 334 -51.01 32.85 -26.81
C ALA K 334 -49.54 33.15 -26.59
N ILE K 335 -48.82 33.51 -27.66
CA ILE K 335 -47.43 33.93 -27.51
C ILE K 335 -47.35 35.16 -26.60
N ARG K 336 -48.22 36.13 -26.83
CA ARG K 336 -48.21 37.37 -26.05
C ARG K 336 -48.49 37.09 -24.58
N VAL K 337 -49.44 36.20 -24.32
CA VAL K 337 -49.75 35.82 -22.94
C VAL K 337 -48.59 35.03 -22.33
N ASP K 338 -47.96 34.15 -23.12
CA ASP K 338 -46.79 33.42 -22.64
C ASP K 338 -45.67 34.39 -22.24
N GLN K 339 -45.42 35.40 -23.07
CA GLN K 339 -44.38 36.36 -22.76
C GLN K 339 -44.69 37.13 -21.47
N ALA K 340 -45.95 37.55 -21.31
CA ALA K 340 -46.34 38.24 -20.08
C ALA K 340 -46.22 37.32 -18.87
N LYS K 341 -46.54 36.04 -19.05
CA LYS K 341 -46.42 35.08 -17.96
C LYS K 341 -44.96 34.89 -17.54
N SER K 342 -44.07 34.76 -18.52
CA SER K 342 -42.65 34.59 -18.20
C SER K 342 -42.10 35.81 -17.46
N VAL K 343 -42.41 37.01 -17.96
CA VAL K 343 -41.87 38.22 -17.35
C VAL K 343 -42.47 38.44 -15.96
N ALA K 344 -43.78 38.26 -15.82
CA ALA K 344 -44.43 38.49 -14.54
C ALA K 344 -43.95 37.50 -13.48
N THR K 345 -43.75 36.24 -13.88
CA THR K 345 -43.27 35.24 -12.94
C THR K 345 -41.88 35.59 -12.43
N GLU K 346 -40.97 35.94 -13.34
CA GLU K 346 -39.59 36.18 -12.95
C GLU K 346 -39.46 37.40 -12.04
N ILE K 347 -40.17 38.50 -12.37
CA ILE K 347 -40.00 39.71 -11.59
C ILE K 347 -40.64 39.59 -10.22
N SER K 348 -41.81 38.93 -10.14
CA SER K 348 -42.47 38.78 -8.85
C SER K 348 -41.64 37.91 -7.91
N LEU K 349 -41.04 36.84 -8.44
CA LEU K 349 -40.13 36.04 -7.63
C LEU K 349 -38.88 36.84 -7.28
N ASP K 350 -38.40 37.65 -8.22
CA ASP K 350 -37.21 38.48 -7.98
C ASP K 350 -37.46 39.46 -6.84
N VAL K 351 -38.58 40.19 -6.89
CA VAL K 351 -38.86 41.23 -5.90
C VAL K 351 -39.06 40.61 -4.52
N THR K 352 -39.96 39.64 -4.41
CA THR K 352 -40.36 39.13 -3.10
C THR K 352 -39.23 38.39 -2.39
N HIS K 353 -38.25 37.88 -3.14
CA HIS K 353 -37.14 37.12 -2.55
C HIS K 353 -35.97 38.03 -2.18
N ASN K 354 -35.64 39.00 -3.03
CA ASN K 354 -34.48 39.86 -2.84
C ASN K 354 -34.77 41.11 -2.03
N ILE K 355 -36.04 41.39 -1.72
CA ILE K 355 -36.37 42.59 -0.95
C ILE K 355 -35.68 42.57 0.42
N TYR K 356 -35.43 41.37 0.96
CA TYR K 356 -34.83 41.27 2.28
C TYR K 356 -33.38 41.73 2.30
N GLN K 357 -32.69 41.68 1.14
CA GLN K 357 -31.32 42.15 1.10
C GLN K 357 -31.22 43.62 1.47
N ALA K 358 -32.26 44.39 1.20
CA ALA K 358 -32.29 45.81 1.55
C ALA K 358 -32.96 46.08 2.89
N THR K 359 -33.87 45.22 3.35
CA THR K 359 -34.61 45.51 4.57
C THR K 359 -33.85 45.11 5.83
N GLY K 360 -33.07 44.04 5.80
CA GLY K 360 -32.12 43.77 6.85
C GLY K 360 -32.56 42.69 7.84
N ALA K 361 -31.77 42.58 8.91
CA ALA K 361 -31.92 41.47 9.84
C ALA K 361 -33.16 41.64 10.72
N ARG K 362 -33.43 42.86 11.20
CA ARG K 362 -34.58 43.07 12.06
C ARG K 362 -35.91 42.94 11.32
N SER K 363 -35.90 43.07 9.99
CA SER K 363 -37.13 42.94 9.22
C SER K 363 -37.62 41.50 9.13
N THR K 364 -36.78 40.52 9.48
CA THR K 364 -37.18 39.12 9.42
C THR K 364 -38.08 38.69 10.58
N ALA K 365 -38.42 39.60 11.50
CA ALA K 365 -39.33 39.27 12.58
C ALA K 365 -40.74 39.05 12.03
N ASN K 366 -41.44 38.06 12.57
CA ASN K 366 -42.80 37.78 12.10
C ASN K 366 -43.77 38.90 12.44
N SER K 367 -43.43 39.78 13.39
CA SER K 367 -44.22 40.99 13.59
C SER K 367 -44.15 41.90 12.36
N VAL K 368 -43.07 41.83 11.60
CA VAL K 368 -42.97 42.59 10.35
C VAL K 368 -43.68 41.87 9.23
N GLY K 369 -43.43 40.57 9.07
CA GLY K 369 -44.18 39.75 8.14
C GLY K 369 -43.95 40.08 6.67
N LEU K 370 -42.73 40.46 6.32
CA LEU K 370 -42.41 40.82 4.94
C LEU K 370 -42.45 39.60 4.01
N ASP K 371 -42.42 38.40 4.55
CA ASP K 371 -42.38 37.18 3.76
C ASP K 371 -43.73 36.80 3.16
N ILE K 372 -44.82 37.46 3.58
CA ILE K 372 -46.13 37.09 3.05
C ILE K 372 -46.19 37.28 1.53
N TYR K 373 -45.46 38.26 1.00
CA TYR K 373 -45.45 38.46 -0.44
C TYR K 373 -44.73 37.33 -1.15
N TRP K 374 -43.59 36.89 -0.60
CA TRP K 374 -42.88 35.74 -1.17
C TRP K 374 -43.73 34.49 -1.10
N ARG K 375 -44.31 34.20 0.07
CA ARG K 375 -45.13 33.00 0.22
C ARG K 375 -46.28 33.00 -0.78
N ASN K 376 -46.85 34.17 -1.05
CA ASN K 376 -47.96 34.25 -2.01
C ASN K 376 -47.48 34.09 -3.44
N ALA K 377 -46.40 34.79 -3.80
CA ALA K 377 -45.89 34.69 -5.17
C ALA K 377 -45.23 33.34 -5.42
N ARG K 378 -44.42 32.85 -4.48
CA ARG K 378 -43.78 31.55 -4.66
C ARG K 378 -44.81 30.43 -4.76
N THR K 379 -45.97 30.58 -4.12
CA THR K 379 -47.00 29.56 -4.20
C THR K 379 -47.64 29.53 -5.58
N HIS K 380 -48.20 30.66 -6.03
CA HIS K 380 -49.02 30.62 -7.23
C HIS K 380 -48.18 30.46 -8.50
N THR K 381 -46.91 30.91 -8.48
CA THR K 381 -46.08 30.75 -9.67
C THR K 381 -45.82 29.28 -10.00
N THR K 382 -46.13 28.35 -9.09
CA THR K 382 -46.02 26.93 -9.36
C THR K 382 -47.29 26.33 -9.95
N HIS K 383 -48.30 27.17 -10.26
CA HIS K 383 -49.54 26.66 -10.83
C HIS K 383 -49.27 25.85 -12.09
N ASP K 384 -48.49 26.39 -13.01
CA ASP K 384 -47.97 25.62 -14.13
C ASP K 384 -46.50 25.98 -14.32
N PRO K 385 -45.69 25.03 -14.78
CA PRO K 385 -44.23 25.24 -14.77
C PRO K 385 -43.82 26.33 -15.75
N LEU K 386 -43.02 27.28 -15.23
CA LEU K 386 -42.53 28.39 -16.05
C LEU K 386 -41.77 27.97 -17.30
N PRO K 387 -40.80 27.05 -17.26
CA PRO K 387 -40.04 26.74 -18.48
C PRO K 387 -40.89 26.25 -19.64
N TYR K 388 -42.04 25.64 -19.39
CA TYR K 388 -42.88 25.18 -20.50
C TYR K 388 -43.62 26.33 -21.17
N ARG K 389 -43.89 27.42 -20.46
CA ARG K 389 -44.45 28.59 -21.12
C ARG K 389 -43.39 29.31 -21.94
N GLN K 390 -42.17 29.39 -21.42
CA GLN K 390 -41.05 29.91 -22.20
C GLN K 390 -40.74 29.01 -23.39
N ARG K 391 -40.82 27.69 -23.19
CA ARG K 391 -40.55 26.75 -24.28
C ARG K 391 -41.53 26.94 -25.43
N GLU K 392 -42.79 27.26 -25.12
CA GLU K 392 -43.78 27.45 -26.17
C GLU K 392 -43.41 28.61 -27.08
N ILE K 393 -42.83 29.68 -26.51
CA ILE K 393 -42.39 30.81 -27.31
C ILE K 393 -41.22 30.42 -28.20
N GLY K 394 -40.20 29.79 -27.62
CA GLY K 394 -39.05 29.38 -28.40
C GLY K 394 -39.38 28.36 -29.47
N ARG K 395 -40.35 27.49 -29.19
CA ARG K 395 -40.75 26.49 -30.18
C ARG K 395 -41.39 27.14 -31.39
N HIS K 396 -42.23 28.15 -31.18
CA HIS K 396 -42.84 28.85 -32.30
C HIS K 396 -41.80 29.56 -33.16
N LEU K 397 -40.79 30.16 -32.51
CA LEU K 397 -39.73 30.85 -33.25
C LEU K 397 -38.93 29.87 -34.09
N LEU K 398 -38.69 28.67 -33.57
CA LEU K 398 -37.87 27.68 -34.27
C LEU K 398 -38.63 26.85 -35.29
N THR K 399 -39.95 26.71 -35.15
CA THR K 399 -40.72 25.82 -36.01
C THR K 399 -41.82 26.49 -36.81
N ASP K 400 -42.11 27.77 -36.56
CA ASP K 400 -43.20 28.54 -37.15
C ASP K 400 -44.59 28.04 -36.73
N GLN K 401 -44.68 27.05 -35.85
CA GLN K 401 -45.98 26.51 -35.46
C GLN K 401 -46.59 27.35 -34.35
N TRP K 402 -47.82 27.80 -34.57
CA TRP K 402 -48.52 28.57 -33.55
C TRP K 402 -48.92 27.65 -32.39
N PRO K 403 -48.94 28.18 -31.16
CA PRO K 403 -49.57 27.45 -30.07
C PRO K 403 -51.04 27.21 -30.38
N SER K 404 -51.51 26.02 -30.06
CA SER K 404 -52.88 25.61 -30.30
C SER K 404 -53.53 25.16 -28.99
N PRO K 405 -54.86 25.21 -28.91
CA PRO K 405 -55.52 24.70 -27.70
C PRO K 405 -55.18 23.24 -27.46
N ARG K 406 -54.75 22.94 -26.24
CA ARG K 406 -54.38 21.58 -25.86
C ARG K 406 -55.54 20.88 -25.16
N ALA L 12 -45.73 69.81 -34.93
CA ALA L 12 -44.42 69.21 -34.67
C ALA L 12 -44.55 67.78 -34.16
N TYR L 13 -43.98 66.84 -34.90
CA TYR L 13 -44.03 65.41 -34.56
C TYR L 13 -45.48 64.94 -34.40
N GLN L 14 -46.30 65.27 -35.39
CA GLN L 14 -47.74 65.00 -35.29
C GLN L 14 -48.01 63.50 -35.42
N GLY L 15 -47.39 62.86 -36.39
CA GLY L 15 -47.54 61.43 -36.56
C GLY L 15 -48.43 61.08 -37.75
N VAL L 16 -48.10 59.97 -38.40
CA VAL L 16 -48.87 59.48 -39.53
C VAL L 16 -49.92 58.48 -39.03
N SER L 17 -50.87 58.14 -39.87
CA SER L 17 -51.93 57.22 -39.49
C SER L 17 -51.37 55.81 -39.29
N ASP L 18 -52.20 54.93 -38.74
CA ASP L 18 -51.78 53.55 -38.52
C ASP L 18 -51.52 52.83 -39.83
N THR L 19 -52.41 53.01 -40.81
CA THR L 19 -52.25 52.33 -42.09
C THR L 19 -51.06 52.88 -42.87
N GLU L 20 -50.76 54.16 -42.71
CA GLU L 20 -49.61 54.74 -43.40
C GLU L 20 -48.30 54.32 -42.76
N PHE L 21 -48.28 54.19 -41.43
CA PHE L 21 -47.07 53.75 -40.75
C PHE L 21 -46.72 52.31 -41.10
N SER L 22 -47.72 51.49 -41.42
CA SER L 22 -47.45 50.13 -41.85
C SER L 22 -46.60 50.11 -43.12
N GLU L 23 -46.85 51.05 -44.03
CA GLU L 23 -46.03 51.15 -45.23
C GLU L 23 -44.60 51.59 -44.88
N TRP L 24 -44.47 52.53 -43.94
CA TRP L 24 -43.13 52.96 -43.52
C TRP L 24 -42.36 51.84 -42.83
N GLU L 25 -43.06 50.95 -42.12
CA GLU L 25 -42.39 49.79 -41.53
C GLU L 25 -41.86 48.87 -42.62
N GLN L 26 -42.61 48.71 -43.72
CA GLN L 26 -42.14 47.92 -44.84
C GLN L 26 -40.92 48.56 -45.49
N VAL L 27 -40.92 49.89 -45.60
CA VAL L 27 -39.78 50.59 -46.17
C VAL L 27 -38.54 50.38 -45.31
N ALA L 28 -38.69 50.52 -43.99
CA ALA L 28 -37.58 50.29 -43.09
C ALA L 28 -37.07 48.85 -43.20
N ALA L 29 -37.99 47.89 -43.37
CA ALA L 29 -37.58 46.50 -43.54
C ALA L 29 -36.80 46.32 -44.84
N ARG L 30 -37.19 47.03 -45.90
CA ARG L 30 -36.43 46.97 -47.15
C ARG L 30 -35.03 47.53 -46.96
N VAL L 31 -34.91 48.66 -46.26
CA VAL L 31 -33.59 49.21 -45.97
C VAL L 31 -32.81 48.29 -45.04
N ALA L 32 -33.50 47.69 -44.07
CA ALA L 32 -32.84 46.79 -43.12
C ALA L 32 -32.28 45.57 -43.84
N GLY L 33 -33.07 44.95 -44.72
CA GLY L 33 -32.60 43.78 -45.43
C GLY L 33 -31.39 44.05 -46.31
N GLU L 34 -31.32 45.25 -46.89
CA GLU L 34 -30.15 45.61 -47.70
C GLU L 34 -28.93 45.87 -46.81
N LEU L 35 -29.13 46.58 -45.70
CA LEU L 35 -28.02 46.81 -44.77
C LEU L 35 -27.53 45.51 -44.15
N SER L 36 -28.44 44.58 -43.87
CA SER L 36 -28.05 43.32 -43.24
C SER L 36 -27.15 42.49 -44.13
N ALA L 37 -27.35 42.54 -45.45
CA ALA L 37 -26.57 41.72 -46.37
C ALA L 37 -25.10 42.11 -46.41
N THR L 38 -24.76 43.34 -46.03
CA THR L 38 -23.37 43.80 -46.04
C THR L 38 -22.89 44.20 -44.65
N ALA L 39 -23.57 43.73 -43.60
CA ALA L 39 -23.26 44.19 -42.26
C ALA L 39 -21.86 43.77 -41.83
N LEU L 40 -21.51 42.49 -42.00
CA LEU L 40 -20.20 42.02 -41.56
C LEU L 40 -19.09 42.62 -42.40
N THR L 41 -19.31 42.77 -43.71
CA THR L 41 -18.26 43.32 -44.57
C THR L 41 -17.97 44.77 -44.24
N ARG L 42 -19.02 45.59 -44.12
CA ARG L 42 -18.81 47.01 -43.83
C ARG L 42 -18.28 47.22 -42.42
N ASP L 43 -18.68 46.37 -41.48
CA ASP L 43 -18.18 46.48 -40.10
C ASP L 43 -16.68 46.25 -40.05
N ARG L 44 -16.18 45.32 -40.86
CA ARG L 44 -14.76 45.00 -40.83
C ARG L 44 -13.93 46.10 -41.48
N ALA L 45 -14.46 46.74 -42.53
CA ALA L 45 -13.70 47.76 -43.23
C ALA L 45 -13.54 49.03 -42.42
N ASN L 46 -14.50 49.32 -41.54
CA ASN L 46 -14.42 50.45 -40.61
C ASN L 46 -14.34 51.79 -41.34
N GLN L 47 -15.13 51.94 -42.39
CA GLN L 47 -15.17 53.18 -43.17
C GLN L 47 -16.35 54.03 -42.76
N ASN L 48 -16.26 55.32 -43.07
CA ASN L 48 -17.34 56.24 -42.77
C ASN L 48 -18.58 55.86 -43.57
N PRO L 49 -19.76 55.79 -42.95
CA PRO L 49 -20.96 55.26 -43.61
C PRO L 49 -21.65 56.24 -44.55
N ILE L 50 -20.88 56.79 -45.49
CA ILE L 50 -21.43 57.72 -46.46
C ILE L 50 -22.54 57.06 -47.28
N ALA L 51 -22.30 55.84 -47.76
CA ALA L 51 -23.29 55.15 -48.57
C ALA L 51 -24.54 54.81 -47.77
N GLU L 52 -24.37 54.35 -46.54
CA GLU L 52 -25.52 53.97 -45.72
C GLU L 52 -26.37 55.18 -45.37
N ILE L 53 -25.73 56.31 -45.04
CA ILE L 53 -26.48 57.55 -44.80
C ILE L 53 -27.28 57.93 -46.04
N GLU L 54 -26.70 57.78 -47.22
CA GLU L 54 -27.42 58.04 -48.46
C GLU L 54 -28.56 57.05 -48.65
N LEU L 55 -28.39 55.81 -48.19
CA LEU L 55 -29.48 54.82 -48.29
C LEU L 55 -30.66 55.22 -47.43
N LEU L 56 -30.41 55.67 -46.19
CA LEU L 56 -31.48 56.20 -45.36
C LEU L 56 -32.10 57.45 -45.97
N ARG L 57 -31.28 58.27 -46.62
CA ARG L 57 -31.77 59.52 -47.21
C ARG L 57 -32.74 59.24 -48.36
N ARG L 58 -32.37 58.32 -49.27
CA ARG L 58 -33.17 58.08 -50.46
C ARG L 58 -34.55 57.53 -50.12
N TYR L 59 -34.64 56.68 -49.10
CA TYR L 59 -35.91 56.06 -48.74
C TYR L 59 -36.75 56.90 -47.79
N GLY L 60 -36.35 58.14 -47.52
CA GLY L 60 -37.14 59.05 -46.72
C GLY L 60 -37.07 58.84 -45.24
N LEU L 61 -36.14 58.02 -44.74
CA LEU L 61 -36.05 57.78 -43.31
C LEU L 61 -35.47 58.97 -42.57
N LEU L 62 -34.62 59.77 -43.23
CA LEU L 62 -34.01 60.90 -42.54
C LEU L 62 -35.01 62.04 -42.32
N SER L 63 -36.00 62.17 -43.20
CA SER L 63 -37.00 63.21 -43.11
C SER L 63 -38.34 62.70 -42.56
N PHE L 64 -38.38 61.48 -42.04
CA PHE L 64 -39.62 60.91 -41.55
C PHE L 64 -40.18 61.71 -40.37
N ALA L 65 -39.31 62.17 -39.47
CA ALA L 65 -39.74 62.91 -38.30
C ALA L 65 -39.95 64.40 -38.57
N THR L 66 -40.04 64.80 -39.82
CA THR L 66 -40.24 66.20 -40.20
C THR L 66 -41.63 66.35 -40.80
N ALA L 67 -42.30 67.45 -40.47
CA ALA L 67 -43.66 67.70 -40.95
C ALA L 67 -43.70 67.70 -42.47
N ARG L 68 -44.90 67.40 -43.00
CA ARG L 68 -45.08 67.31 -44.44
C ARG L 68 -44.87 68.63 -45.16
N GLU L 69 -45.04 69.77 -44.47
CA GLU L 69 -44.86 71.06 -45.12
C GLU L 69 -43.42 71.27 -45.57
N PHE L 70 -42.45 70.74 -44.81
CA PHE L 70 -41.04 70.89 -45.15
C PHE L 70 -40.54 69.82 -46.10
N GLY L 71 -41.43 68.97 -46.61
CA GLY L 71 -41.03 67.87 -47.46
C GLY L 71 -40.79 66.56 -46.75
N GLY L 72 -41.15 66.47 -45.47
CA GLY L 72 -40.98 65.25 -44.70
C GLY L 72 -42.24 64.41 -44.67
N ALA L 73 -42.21 63.36 -43.84
CA ALA L 73 -43.33 62.44 -43.73
C ALA L 73 -44.35 62.85 -42.68
N GLY L 74 -43.97 63.68 -41.72
CA GLY L 74 -44.87 64.05 -40.65
C GLY L 74 -45.03 63.02 -39.57
N GLY L 75 -44.06 62.10 -39.44
CA GLY L 75 -44.14 61.08 -38.41
C GLY L 75 -43.92 61.62 -37.01
N SER L 76 -44.25 60.80 -36.03
CA SER L 76 -44.12 61.16 -34.63
C SER L 76 -42.82 60.59 -34.07
N LEU L 77 -42.51 60.99 -32.83
CA LEU L 77 -41.32 60.48 -32.17
C LEU L 77 -41.47 59.00 -31.83
N VAL L 78 -42.69 58.58 -31.45
CA VAL L 78 -42.94 57.16 -31.21
C VAL L 78 -42.70 56.36 -32.48
N GLN L 79 -43.24 56.84 -33.61
CA GLN L 79 -43.09 56.12 -34.87
C GLN L 79 -41.65 56.13 -35.35
N ALA L 80 -40.95 57.26 -35.20
CA ALA L 80 -39.58 57.36 -35.69
C ALA L 80 -38.65 56.41 -34.94
N LEU L 81 -38.80 56.30 -33.62
CA LEU L 81 -37.96 55.39 -32.86
C LEU L 81 -38.33 53.94 -33.15
N GLN L 82 -39.59 53.65 -33.47
CA GLN L 82 -39.95 52.30 -33.89
C GLN L 82 -39.27 51.94 -35.21
N LEU L 83 -39.19 52.89 -36.14
CA LEU L 83 -38.42 52.66 -37.35
C LEU L 83 -36.94 52.52 -37.06
N GLY L 84 -36.44 53.24 -36.05
CA GLY L 84 -35.05 53.08 -35.66
C GLY L 84 -34.73 51.69 -35.16
N ARG L 85 -35.68 51.05 -34.48
CA ARG L 85 -35.48 49.67 -34.02
C ARG L 85 -35.36 48.72 -35.19
N ILE L 86 -36.15 48.92 -36.23
CA ILE L 86 -36.07 48.06 -37.42
C ILE L 86 -34.71 48.18 -38.07
N ILE L 87 -34.17 49.39 -38.16
CA ILE L 87 -32.86 49.59 -38.75
C ILE L 87 -31.77 49.06 -37.83
N ALA L 88 -31.88 49.34 -36.53
CA ALA L 88 -30.87 48.87 -35.58
C ALA L 88 -30.78 47.35 -35.55
N ALA L 89 -31.90 46.65 -35.79
CA ALA L 89 -31.88 45.20 -35.78
C ALA L 89 -31.00 44.64 -36.90
N ALA L 90 -30.94 45.33 -38.03
CA ALA L 90 -30.08 44.91 -39.14
C ALA L 90 -28.64 45.38 -38.95
N ASP L 91 -28.44 46.60 -38.46
CA ASP L 91 -27.11 47.18 -38.34
C ASP L 91 -27.12 48.12 -37.15
N GLY L 92 -26.46 47.72 -36.07
CA GLY L 92 -26.45 48.54 -34.87
C GLY L 92 -25.79 49.90 -35.08
N SER L 93 -24.77 49.96 -35.92
CA SER L 93 -24.10 51.22 -36.20
C SER L 93 -25.00 52.18 -36.96
N ILE L 94 -25.57 51.73 -38.08
CA ILE L 94 -26.44 52.59 -38.86
C ILE L 94 -27.73 52.89 -38.10
N GLY L 95 -28.19 51.94 -37.29
CA GLY L 95 -29.34 52.22 -36.43
C GLY L 95 -29.07 53.32 -35.44
N GLN L 96 -27.89 53.33 -34.84
CA GLN L 96 -27.54 54.40 -33.91
C GLN L 96 -27.52 55.75 -34.61
N LEU L 97 -27.04 55.79 -35.86
CA LEU L 97 -26.99 57.05 -36.58
C LEU L 97 -28.38 57.62 -36.84
N LEU L 98 -29.33 56.75 -37.19
CA LEU L 98 -30.69 57.22 -37.48
C LEU L 98 -31.33 57.83 -36.24
N VAL L 99 -31.23 57.15 -35.10
CA VAL L 99 -31.85 57.68 -33.88
C VAL L 99 -31.09 58.89 -33.35
N TYR L 100 -29.75 58.90 -33.50
CA TYR L 100 -28.99 60.10 -33.17
C TYR L 100 -29.37 61.26 -34.07
N HIS L 101 -29.64 60.98 -35.35
CA HIS L 101 -30.15 62.01 -36.25
C HIS L 101 -31.49 62.54 -35.78
N TYR L 102 -32.40 61.62 -35.42
CA TYR L 102 -33.70 62.03 -34.89
C TYR L 102 -33.54 62.86 -33.63
N SER L 103 -32.69 62.42 -32.70
CA SER L 103 -32.51 63.12 -31.44
C SER L 103 -31.89 64.50 -31.66
N ASN L 104 -30.95 64.61 -32.60
CA ASN L 104 -30.38 65.92 -32.91
C ASN L 104 -31.42 66.87 -33.46
N GLY L 105 -32.41 66.35 -34.19
CA GLY L 105 -33.53 67.18 -34.60
C GLY L 105 -34.39 67.61 -33.43
N VAL L 106 -34.56 66.73 -32.44
CA VAL L 106 -35.28 67.08 -31.22
C VAL L 106 -34.50 68.14 -30.45
N TRP L 107 -33.18 67.99 -30.37
CA TRP L 107 -32.36 68.96 -29.66
C TRP L 107 -32.49 70.35 -30.26
N THR L 108 -32.32 70.47 -31.59
CA THR L 108 -32.43 71.77 -32.24
C THR L 108 -33.84 72.32 -32.18
N TYR L 109 -34.86 71.45 -32.08
CA TYR L 109 -36.22 71.92 -31.90
C TYR L 109 -36.42 72.56 -30.53
N ILE L 110 -35.72 72.06 -29.51
CA ILE L 110 -35.82 72.62 -28.17
C ILE L 110 -34.93 73.85 -28.04
N LEU L 111 -33.72 73.81 -28.61
CA LEU L 111 -32.76 74.88 -28.43
C LEU L 111 -32.94 76.03 -29.41
N GLY L 112 -33.69 75.83 -30.48
CA GLY L 112 -33.77 76.79 -31.57
C GLY L 112 -35.00 77.69 -31.46
N SER L 113 -34.80 78.95 -31.85
CA SER L 113 -35.91 79.89 -31.97
C SER L 113 -36.82 79.44 -33.11
N PRO L 114 -38.05 79.96 -33.16
CA PRO L 114 -38.94 79.60 -34.28
C PRO L 114 -38.33 79.84 -35.65
N THR L 115 -37.56 80.92 -35.80
CA THR L 115 -36.87 81.17 -37.07
C THR L 115 -35.82 80.10 -37.34
N GLN L 116 -35.02 79.74 -36.33
CA GLN L 116 -34.00 78.72 -36.50
C GLN L 116 -34.61 77.34 -36.72
N ARG L 117 -35.83 77.11 -36.21
CA ARG L 117 -36.49 75.83 -36.41
C ARG L 117 -36.83 75.62 -37.88
N GLU L 118 -37.35 76.66 -38.55
CA GLU L 118 -37.73 76.50 -39.95
C GLU L 118 -36.52 76.35 -40.85
N TYR L 119 -35.41 77.01 -40.52
CA TYR L 119 -34.18 76.83 -41.29
C TYR L 119 -33.71 75.38 -41.25
N ILE L 120 -33.78 74.74 -40.09
CA ILE L 120 -33.36 73.35 -39.96
C ILE L 120 -34.41 72.42 -40.55
N SER L 121 -35.69 72.72 -40.34
CA SER L 121 -36.75 71.86 -40.85
C SER L 121 -36.75 71.79 -42.36
N ARG L 122 -36.52 72.94 -43.02
CA ARG L 122 -36.50 72.95 -44.48
C ARG L 122 -35.34 72.12 -45.03
N GLY L 123 -34.16 72.26 -44.43
CA GLY L 123 -33.01 71.50 -44.90
C GLY L 123 -33.11 70.02 -44.59
N VAL L 124 -33.52 69.69 -43.36
CA VAL L 124 -33.65 68.28 -42.99
C VAL L 124 -34.81 67.62 -43.74
N GLY L 125 -35.91 68.35 -43.91
CA GLY L 125 -37.08 67.80 -44.56
C GLY L 125 -37.00 67.74 -46.07
N GLY L 126 -36.50 68.79 -46.69
CA GLY L 126 -36.55 68.90 -48.14
C GLY L 126 -35.22 68.90 -48.85
N HIS L 127 -34.12 68.77 -48.11
CA HIS L 127 -32.79 68.79 -48.71
C HIS L 127 -31.88 67.67 -48.22
N GLY L 128 -32.43 66.67 -47.54
CA GLY L 128 -31.64 65.51 -47.16
C GLY L 128 -30.56 65.75 -46.14
N TRP L 129 -30.67 66.82 -45.35
CA TRP L 129 -29.66 67.12 -44.34
C TRP L 129 -29.63 66.04 -43.27
N PHE L 130 -28.42 65.65 -42.88
CA PHE L 130 -28.19 64.75 -41.75
C PHE L 130 -27.61 65.56 -40.60
N GLN L 131 -28.21 65.44 -39.43
CA GLN L 131 -27.83 66.23 -38.26
C GLN L 131 -26.91 65.43 -37.36
N GLY L 132 -25.74 66.01 -37.04
CA GLY L 132 -24.85 65.48 -36.03
C GLY L 132 -24.58 66.55 -34.98
N SER L 133 -23.94 66.14 -33.89
CA SER L 133 -23.67 67.06 -32.80
C SER L 133 -22.40 66.68 -32.07
N VAL L 134 -21.76 67.70 -31.51
CA VAL L 134 -20.59 67.56 -30.64
C VAL L 134 -21.05 67.90 -29.23
N SER L 135 -21.18 66.89 -28.37
CA SER L 135 -21.88 67.09 -27.11
C SER L 135 -21.25 66.39 -25.91
N ASN L 136 -20.03 65.88 -26.02
CA ASN L 136 -19.40 65.23 -24.88
C ASN L 136 -19.04 66.28 -23.84
N PRO L 137 -19.65 66.25 -22.64
CA PRO L 137 -19.38 67.30 -21.65
C PRO L 137 -18.10 67.09 -20.86
N ARG L 138 -17.43 65.94 -21.01
CA ARG L 138 -16.29 65.59 -20.20
C ARG L 138 -14.96 65.83 -20.92
N ASP L 139 -14.97 66.60 -22.01
CA ASP L 139 -13.76 66.84 -22.78
C ASP L 139 -12.99 68.01 -22.17
N PRO L 140 -11.75 67.83 -21.75
CA PRO L 140 -10.99 68.92 -21.15
C PRO L 140 -10.25 69.73 -22.21
N GLY L 141 -9.69 70.85 -21.76
CA GLY L 141 -8.92 71.71 -22.63
C GLY L 141 -9.70 72.39 -23.72
N ILE L 142 -11.02 72.52 -23.56
CA ILE L 142 -11.86 73.18 -24.56
C ILE L 142 -11.94 74.65 -24.23
N THR L 143 -11.55 75.50 -25.18
CA THR L 143 -11.55 76.94 -25.00
C THR L 143 -12.44 77.59 -26.07
N VAL L 144 -13.26 78.55 -25.64
CA VAL L 144 -14.07 79.35 -26.55
C VAL L 144 -13.67 80.80 -26.36
N THR L 145 -13.12 81.41 -27.40
CA THR L 145 -12.60 82.78 -27.35
C THR L 145 -13.54 83.68 -28.12
N ARG L 146 -14.19 84.60 -27.42
CA ARG L 146 -15.06 85.56 -28.08
C ARG L 146 -14.22 86.62 -28.77
N THR L 147 -14.52 86.88 -30.03
CA THR L 147 -13.79 87.86 -30.83
C THR L 147 -14.81 88.80 -31.47
N GLU L 148 -14.30 89.78 -32.23
CA GLU L 148 -15.17 90.66 -32.99
C GLU L 148 -16.05 89.87 -33.95
N GLU L 149 -15.56 88.72 -34.42
CA GLU L 149 -16.30 87.84 -35.31
C GLU L 149 -16.73 86.63 -34.47
N GLY L 150 -17.93 86.72 -33.89
CA GLY L 150 -18.54 85.59 -33.21
C GLY L 150 -17.66 84.98 -32.14
N TYR L 151 -17.65 83.64 -32.11
CA TYR L 151 -16.83 82.88 -31.17
C TYR L 151 -15.86 82.00 -31.95
N ARG L 152 -14.70 81.75 -31.34
CA ARG L 152 -13.68 80.88 -31.90
C ARG L 152 -13.46 79.71 -30.95
N VAL L 153 -13.68 78.50 -31.46
CA VAL L 153 -13.64 77.29 -30.65
C VAL L 153 -12.31 76.58 -30.87
N ASN L 154 -11.67 76.15 -29.79
CA ASN L 154 -10.44 75.39 -29.86
C ASN L 154 -10.52 74.23 -28.89
N GLY L 155 -9.91 73.11 -29.29
CA GLY L 155 -9.85 71.92 -28.46
C GLY L 155 -10.25 70.67 -29.23
N LYS L 156 -10.07 69.54 -28.55
CA LYS L 156 -10.37 68.22 -29.11
C LYS L 156 -11.62 67.68 -28.44
N ARG L 157 -12.62 67.34 -29.24
CA ARG L 157 -13.86 66.77 -28.75
C ARG L 157 -13.98 65.32 -29.24
N THR L 158 -14.40 64.44 -28.33
CA THR L 158 -14.42 63.00 -28.58
C THR L 158 -15.85 62.49 -28.66
N PHE L 159 -15.97 61.26 -29.17
CA PHE L 159 -17.27 60.59 -29.32
C PHE L 159 -18.25 61.44 -30.12
N ALA L 160 -17.75 62.06 -31.19
CA ALA L 160 -18.56 62.94 -32.03
C ALA L 160 -19.28 62.11 -33.08
N THR L 161 -20.32 61.41 -32.62
CA THR L 161 -21.05 60.46 -33.47
C THR L 161 -21.65 61.16 -34.68
N GLY L 162 -21.42 60.59 -35.86
CA GLY L 162 -22.03 61.06 -37.09
C GLY L 162 -21.59 62.42 -37.57
N VAL L 163 -20.59 63.04 -36.93
CA VAL L 163 -20.18 64.39 -37.32
C VAL L 163 -19.43 64.35 -38.66
N ALA L 164 -18.65 63.30 -38.90
CA ALA L 164 -17.89 63.20 -40.14
C ALA L 164 -18.78 63.02 -41.36
N VAL L 165 -20.04 62.65 -41.17
CA VAL L 165 -21.00 62.48 -42.26
C VAL L 165 -22.20 63.40 -42.14
N ALA L 166 -22.14 64.38 -41.24
CA ALA L 166 -23.26 65.27 -40.99
C ALA L 166 -23.22 66.46 -41.94
N ASP L 167 -24.41 66.96 -42.27
CA ASP L 167 -24.56 68.17 -43.07
C ASP L 167 -24.75 69.42 -42.22
N LEU L 168 -25.37 69.27 -41.05
CA LEU L 168 -25.54 70.36 -40.08
C LEU L 168 -25.07 69.85 -38.74
N ILE L 169 -24.05 70.49 -38.18
CA ILE L 169 -23.44 70.08 -36.92
C ILE L 169 -23.89 71.01 -35.82
N THR L 170 -24.34 70.45 -34.70
CA THR L 170 -24.73 71.22 -33.53
C THR L 170 -23.59 71.19 -32.52
N VAL L 171 -23.08 72.36 -32.17
CA VAL L 171 -21.95 72.48 -31.25
C VAL L 171 -22.48 72.92 -29.89
N LEU L 172 -22.27 72.08 -28.88
CA LEU L 172 -22.71 72.36 -27.52
C LEU L 172 -21.48 72.57 -26.65
N LEU L 173 -21.36 73.77 -26.08
CA LEU L 173 -20.24 74.13 -25.22
C LEU L 173 -20.76 74.31 -23.80
N TYR L 174 -20.19 73.57 -22.86
CA TYR L 174 -20.67 73.57 -21.48
C TYR L 174 -19.82 74.48 -20.61
N GLU L 177 -22.68 79.92 -18.57
CA GLU L 177 -23.62 80.14 -19.68
C GLU L 177 -23.28 79.25 -20.86
N PRO L 178 -24.06 78.17 -21.03
CA PRO L 178 -23.78 77.24 -22.14
C PRO L 178 -24.04 77.90 -23.49
N ILE L 179 -23.19 77.55 -24.46
CA ILE L 179 -23.26 78.09 -25.81
C ILE L 179 -23.62 76.94 -26.74
N ASN L 180 -24.74 77.08 -27.45
CA ASN L 180 -25.21 76.08 -28.39
C ASN L 180 -25.44 76.73 -29.74
N ALA L 181 -24.83 76.17 -30.79
CA ALA L 181 -24.93 76.75 -32.12
C ALA L 181 -24.91 75.64 -33.16
N ILE L 182 -25.31 76.00 -34.37
CA ILE L 182 -25.33 75.09 -35.51
C ILE L 182 -24.42 75.64 -36.60
N ILE L 183 -23.61 74.76 -37.20
CA ILE L 183 -22.69 75.18 -38.26
C ILE L 183 -22.73 74.16 -39.38
N PRO L 184 -22.52 74.61 -40.62
CA PRO L 184 -22.45 73.68 -41.74
C PRO L 184 -21.17 72.86 -41.68
N SER L 185 -21.21 71.72 -42.38
CA SER L 185 -20.05 70.84 -42.44
C SER L 185 -18.88 71.45 -43.19
N GLU L 186 -19.13 72.47 -44.02
CA GLU L 186 -18.10 73.13 -44.79
C GLU L 186 -17.37 74.22 -44.00
N ARG L 187 -17.55 74.28 -42.68
CA ARG L 187 -16.90 75.31 -41.87
C ARG L 187 -15.43 74.95 -41.65
N ASP L 188 -14.57 75.96 -41.77
CA ASP L 188 -13.14 75.74 -41.67
C ASP L 188 -12.73 75.41 -40.23
N GLY L 189 -11.59 74.74 -40.11
CA GLY L 189 -11.02 74.40 -38.82
C GLY L 189 -11.35 73.02 -38.32
N LEU L 190 -12.38 72.38 -38.86
CA LEU L 190 -12.80 71.07 -38.39
C LEU L 190 -11.86 70.00 -38.92
N ARG L 191 -11.17 69.30 -38.02
CA ARG L 191 -10.26 68.22 -38.37
C ARG L 191 -10.81 66.93 -37.80
N PHE L 192 -11.26 66.03 -38.67
CA PHE L 192 -11.79 64.74 -38.25
C PHE L 192 -10.62 63.75 -38.11
N ASN L 193 -10.39 63.29 -36.88
CA ASN L 193 -9.30 62.37 -36.62
C ASN L 193 -9.74 60.94 -36.91
N ASP L 194 -8.82 60.14 -37.43
CA ASP L 194 -9.07 58.73 -37.74
C ASP L 194 -8.59 57.87 -36.57
N ASP L 195 -9.27 58.04 -35.43
CA ASP L 195 -8.91 57.32 -34.21
C ASP L 195 -10.06 56.46 -33.69
N TRP L 196 -11.04 56.16 -34.53
CA TRP L 196 -12.19 55.35 -34.14
C TRP L 196 -11.98 53.94 -34.68
N ASP L 197 -11.52 53.04 -33.81
CA ASP L 197 -11.31 51.62 -34.12
C ASP L 197 -11.80 50.87 -32.88
N ASN L 198 -13.12 50.66 -32.82
CA ASN L 198 -13.78 50.30 -31.59
C ASN L 198 -14.28 48.86 -31.63
N LEU L 199 -14.69 48.38 -30.46
CA LEU L 199 -15.27 47.05 -30.35
C LEU L 199 -16.55 46.94 -31.18
N GLY L 200 -17.55 47.73 -30.83
CA GLY L 200 -18.79 47.79 -31.58
C GLY L 200 -19.14 49.22 -31.93
N GLN L 201 -20.29 49.37 -32.59
CA GLN L 201 -20.73 50.66 -33.12
C GLN L 201 -19.63 51.28 -33.97
N ARG L 202 -18.96 50.44 -34.76
CA ARG L 202 -17.75 50.85 -35.48
C ARG L 202 -18.06 51.84 -36.59
N LEU L 203 -19.26 51.76 -37.18
CA LEU L 203 -19.61 52.60 -38.32
C LEU L 203 -20.47 53.80 -37.92
N THR L 204 -20.28 54.31 -36.71
CA THR L 204 -21.02 55.47 -36.23
C THR L 204 -20.23 56.77 -36.34
N ALA L 205 -19.00 56.72 -36.86
CA ALA L 205 -18.15 57.91 -36.99
C ALA L 205 -17.96 58.60 -35.65
N SER L 206 -17.73 57.81 -34.59
CA SER L 206 -17.61 58.32 -33.24
C SER L 206 -16.17 58.65 -32.85
N GLY L 207 -15.32 59.01 -33.82
CA GLY L 207 -13.98 59.44 -33.52
C GLY L 207 -13.95 60.84 -32.93
N SER L 208 -12.74 61.34 -32.74
CA SER L 208 -12.54 62.66 -32.18
C SER L 208 -12.45 63.71 -33.29
N VAL L 209 -12.81 64.95 -32.95
CA VAL L 209 -12.78 66.06 -33.88
C VAL L 209 -11.99 67.20 -33.26
N GLU L 210 -10.98 67.68 -33.98
CA GLU L 210 -10.20 68.83 -33.55
C GLU L 210 -10.87 70.12 -34.01
N PHE L 211 -10.93 71.09 -33.12
CA PHE L 211 -11.45 72.43 -33.43
C PHE L 211 -10.27 73.38 -33.47
N ASP L 212 -9.91 73.83 -34.68
CA ASP L 212 -8.78 74.73 -34.89
C ASP L 212 -9.36 76.09 -35.30
N ASN L 213 -9.63 76.93 -34.30
CA ASN L 213 -10.13 78.29 -34.52
C ASN L 213 -11.42 78.29 -35.33
N VAL L 214 -12.32 77.36 -35.01
CA VAL L 214 -13.58 77.25 -35.75
C VAL L 214 -14.50 78.41 -35.36
N LEU L 215 -15.11 79.03 -36.36
CA LEU L 215 -15.95 80.21 -36.15
C LEU L 215 -17.37 79.80 -35.81
N LEU L 216 -17.96 80.50 -34.84
CA LEU L 216 -19.38 80.38 -34.50
C LEU L 216 -19.99 81.77 -34.66
N ARG L 217 -20.69 81.99 -35.77
CA ARG L 217 -21.31 83.28 -36.01
C ARG L 217 -22.49 83.48 -35.06
N HIS L 218 -22.75 84.75 -34.73
CA HIS L 218 -23.85 85.06 -33.82
C HIS L 218 -25.19 84.67 -34.41
N ASP L 219 -25.32 84.72 -35.75
CA ASP L 219 -26.56 84.31 -36.40
C ASP L 219 -26.85 82.83 -36.21
N GLU L 220 -25.85 82.05 -35.79
CA GLU L 220 -25.98 80.61 -35.66
C GLU L 220 -26.15 80.14 -34.23
N VAL L 221 -26.07 81.04 -33.25
CA VAL L 221 -26.25 80.65 -31.86
C VAL L 221 -27.73 80.41 -31.59
N LEU L 222 -28.05 79.23 -31.07
CA LEU L 222 -29.43 78.87 -30.78
C LEU L 222 -29.92 79.59 -29.54
N THR L 223 -31.11 80.18 -29.62
CA THR L 223 -31.66 81.00 -28.54
C THR L 223 -33.09 80.59 -28.18
N GLY L 224 -33.45 79.33 -28.41
CA GLY L 224 -34.81 78.89 -28.11
C GLY L 224 -35.11 78.84 -26.63
N LEU L 225 -34.10 78.55 -25.80
CA LEU L 225 -34.29 78.47 -24.36
C LEU L 225 -34.53 79.83 -23.71
N ASP L 226 -34.36 80.93 -24.46
CA ASP L 226 -34.49 82.26 -23.85
C ASP L 226 -35.91 82.53 -23.39
N GLU L 227 -36.92 82.04 -24.12
CA GLU L 227 -38.30 82.29 -23.74
C GLU L 227 -38.71 81.58 -22.45
N TYR L 228 -37.90 80.65 -21.96
CA TYR L 228 -38.18 79.94 -20.72
C TYR L 228 -37.43 80.60 -19.57
N SER L 229 -38.05 80.62 -18.40
CA SER L 229 -37.49 81.32 -17.25
C SER L 229 -36.22 80.63 -16.77
N GLY L 230 -35.18 81.42 -16.52
CA GLY L 230 -33.97 80.90 -15.92
C GLY L 230 -33.94 81.13 -14.42
N LEU L 231 -35.12 81.32 -13.84
CA LEU L 231 -35.26 81.59 -12.41
C LEU L 231 -35.96 80.48 -11.64
N ASP L 232 -37.05 79.93 -12.18
CA ASP L 232 -37.83 78.91 -11.50
C ASP L 232 -37.53 77.50 -12.01
N GLY L 233 -36.41 77.31 -12.69
CA GLY L 233 -36.05 76.00 -13.20
C GLY L 233 -36.76 75.59 -14.46
N SER L 234 -37.53 76.49 -15.09
CA SER L 234 -38.24 76.12 -16.31
C SER L 234 -37.28 75.88 -17.47
N ARG L 235 -36.26 76.74 -17.61
CA ARG L 235 -35.30 76.57 -18.70
C ARG L 235 -34.51 75.27 -18.54
N GLU L 236 -34.12 74.94 -17.31
CA GLU L 236 -33.32 73.73 -17.08
C GLU L 236 -34.12 72.47 -17.37
N ARG L 237 -35.41 72.47 -17.02
CA ARG L 237 -36.23 71.29 -17.28
C ARG L 237 -36.60 71.16 -18.75
N ARG L 238 -36.87 72.29 -19.41
CA ARG L 238 -37.09 72.27 -20.85
C ARG L 238 -35.84 71.76 -21.57
N ASP L 239 -34.67 72.28 -21.21
CA ASP L 239 -33.42 71.81 -21.81
C ASP L 239 -33.12 70.38 -21.40
N GLY L 240 -33.58 69.96 -20.22
CA GLY L 240 -33.36 68.59 -19.77
C GLY L 240 -34.04 67.54 -20.62
N LEU L 241 -35.01 67.94 -21.44
CA LEU L 241 -35.67 66.97 -22.33
C LEU L 241 -34.71 66.42 -23.37
N ARG L 242 -33.66 67.17 -23.71
CA ARG L 242 -32.66 66.68 -24.65
C ARG L 242 -31.97 65.44 -24.10
N ALA L 243 -31.57 65.48 -22.82
CA ALA L 243 -30.88 64.34 -22.22
C ALA L 243 -31.83 63.16 -22.04
N LEU L 244 -33.07 63.43 -21.63
CA LEU L 244 -34.05 62.35 -21.48
C LEU L 244 -34.31 61.66 -22.81
N PHE L 245 -34.40 62.43 -23.90
CA PHE L 245 -34.60 61.80 -25.20
C PHE L 245 -33.39 61.00 -25.65
N SER L 246 -32.19 61.45 -25.28
CA SER L 246 -31.00 60.67 -25.57
C SER L 246 -31.05 59.31 -24.90
N GLN L 247 -31.45 59.27 -23.62
CA GLN L 247 -31.62 57.99 -22.95
C GLN L 247 -32.71 57.17 -23.62
N LEU L 248 -33.73 57.82 -24.17
CA LEU L 248 -34.83 57.11 -24.81
C LEU L 248 -34.38 56.47 -26.12
N ILE L 249 -33.56 57.18 -26.90
CA ILE L 249 -33.06 56.58 -28.14
C ILE L 249 -32.07 55.45 -27.84
N PHE L 250 -31.35 55.54 -26.72
CA PHE L 250 -30.51 54.43 -26.31
C PHE L 250 -31.36 53.19 -26.05
N VAL L 251 -32.54 53.38 -25.46
CA VAL L 251 -33.43 52.26 -25.18
C VAL L 251 -33.82 51.53 -26.46
N HIS L 252 -34.29 52.29 -27.46
CA HIS L 252 -34.73 51.68 -28.71
C HIS L 252 -33.56 51.09 -29.49
N LEU L 253 -32.38 51.71 -29.41
CA LEU L 253 -31.20 51.13 -30.04
C LEU L 253 -30.87 49.77 -29.45
N TYR L 254 -30.95 49.64 -28.12
CA TYR L 254 -30.61 48.38 -27.47
C TYR L 254 -31.65 47.31 -27.77
N LEU L 255 -32.94 47.67 -27.76
CA LEU L 255 -33.99 46.70 -28.03
C LEU L 255 -33.95 46.24 -29.48
N GLY L 256 -33.66 47.16 -30.41
CA GLY L 256 -33.53 46.77 -31.81
C GLY L 256 -32.38 45.81 -32.05
N ILE L 257 -31.23 46.10 -31.45
CA ILE L 257 -30.09 45.19 -31.53
C ILE L 257 -30.46 43.82 -30.98
N ALA L 258 -31.17 43.79 -29.85
CA ALA L 258 -31.56 42.53 -29.24
C ALA L 258 -32.50 41.75 -30.15
N GLU L 259 -33.43 42.43 -30.81
CA GLU L 259 -34.34 41.74 -31.72
C GLU L 259 -33.57 41.15 -32.90
N GLY L 260 -32.59 41.88 -33.42
CA GLY L 260 -31.80 41.37 -34.52
C GLY L 260 -30.93 40.19 -34.12
N ALA L 261 -30.39 40.21 -32.90
CA ALA L 261 -29.58 39.11 -32.42
C ALA L 261 -30.42 37.85 -32.23
N LEU L 262 -31.59 37.99 -31.60
CA LEU L 262 -32.47 36.85 -31.40
C LEU L 262 -32.89 36.25 -32.73
N ALA L 263 -33.28 37.10 -33.69
CA ALA L 263 -33.70 36.60 -35.00
C ALA L 263 -32.53 35.94 -35.72
N ALA L 264 -31.33 36.49 -35.57
CA ALA L 264 -30.15 35.89 -36.21
C ALA L 264 -29.82 34.53 -35.62
N GLY L 265 -29.94 34.40 -34.29
CA GLY L 265 -29.68 33.11 -33.67
C GLY L 265 -30.73 32.07 -34.06
N VAL L 266 -32.00 32.48 -34.11
CA VAL L 266 -33.05 31.59 -34.57
C VAL L 266 -32.80 31.15 -35.99
N ALA L 267 -32.39 32.08 -36.86
CA ALA L 267 -32.18 31.75 -38.27
C ALA L 267 -31.00 30.79 -38.44
N TYR L 268 -29.94 30.97 -37.65
CA TYR L 268 -28.81 30.05 -37.73
C TYR L 268 -29.21 28.64 -37.32
N ILE L 269 -29.92 28.52 -36.19
CA ILE L 269 -30.33 27.21 -35.70
C ILE L 269 -31.17 26.48 -36.75
N ARG L 270 -32.15 27.19 -37.32
CA ARG L 270 -33.03 26.56 -38.28
C ARG L 270 -32.31 26.21 -39.58
N ASP L 271 -31.24 26.92 -39.91
CA ASP L 271 -30.54 26.72 -41.18
C ASP L 271 -29.29 25.86 -41.06
N LYS L 272 -28.48 26.08 -40.02
CA LYS L 272 -27.22 25.38 -39.87
C LYS L 272 -27.15 24.50 -38.62
N GLY L 273 -28.12 24.63 -37.71
CA GLY L 273 -28.00 23.94 -36.43
C GLY L 273 -28.03 22.43 -36.58
N ARG L 274 -27.33 21.76 -35.67
CA ARG L 274 -27.26 20.32 -35.60
C ARG L 274 -27.67 19.85 -34.21
N PRO L 275 -28.40 18.73 -34.12
CA PRO L 275 -28.82 18.25 -32.81
C PRO L 275 -27.64 17.76 -32.00
N TRP L 276 -27.73 17.93 -30.68
CA TRP L 276 -26.72 17.37 -29.79
C TRP L 276 -27.00 15.88 -29.61
N PRO L 277 -25.95 15.04 -29.63
CA PRO L 277 -26.17 13.59 -29.53
C PRO L 277 -26.91 13.14 -28.28
N GLU L 278 -26.75 13.84 -27.15
CA GLU L 278 -27.47 13.48 -25.94
C GLU L 278 -28.93 13.89 -25.97
N ALA L 279 -29.35 14.68 -26.96
CA ALA L 279 -30.72 15.17 -27.01
C ALA L 279 -31.70 14.03 -27.30
N HIS L 280 -32.95 14.24 -26.91
CA HIS L 280 -33.98 13.23 -27.14
C HIS L 280 -34.35 13.14 -28.61
N SER L 281 -34.36 14.28 -29.32
CA SER L 281 -34.81 14.36 -30.70
C SER L 281 -33.62 14.61 -31.62
N THR L 282 -33.71 14.04 -32.82
CA THR L 282 -32.75 14.32 -33.87
C THR L 282 -33.02 15.64 -34.59
N ASP L 283 -34.10 16.33 -34.22
CA ASP L 283 -34.43 17.62 -34.79
C ASP L 283 -33.90 18.70 -33.86
N VAL L 284 -33.03 19.57 -34.39
CA VAL L 284 -32.41 20.59 -33.56
C VAL L 284 -33.45 21.59 -33.07
N THR L 285 -34.53 21.81 -33.84
CA THR L 285 -35.56 22.75 -33.44
C THR L 285 -36.42 22.24 -32.29
N GLU L 286 -36.26 20.98 -31.89
CA GLU L 286 -37.01 20.41 -30.79
C GLU L 286 -36.20 20.34 -29.50
N ASP L 287 -35.01 20.92 -29.48
CA ASP L 287 -34.19 20.87 -28.28
C ASP L 287 -34.87 21.66 -27.17
N PRO L 288 -35.11 21.06 -26.01
CA PRO L 288 -35.87 21.78 -24.96
C PRO L 288 -35.15 22.98 -24.41
N TYR L 289 -33.81 22.97 -24.38
CA TYR L 289 -33.08 24.10 -23.83
C TYR L 289 -32.95 25.24 -24.84
N HIS L 290 -32.83 24.93 -26.13
CA HIS L 290 -32.92 25.97 -27.14
C HIS L 290 -34.26 26.70 -27.05
N GLN L 291 -35.35 25.94 -26.99
CA GLN L 291 -36.68 26.54 -26.96
C GLN L 291 -36.89 27.38 -25.70
N GLN L 292 -36.46 26.87 -24.54
CA GLN L 292 -36.65 27.61 -23.30
C GLN L 292 -35.85 28.90 -23.30
N LEU L 293 -34.58 28.83 -23.68
CA LEU L 293 -33.74 30.02 -23.70
C LEU L 293 -34.28 31.07 -24.67
N LEU L 294 -34.55 30.66 -25.91
CA LEU L 294 -35.04 31.61 -26.90
C LEU L 294 -36.38 32.20 -26.49
N GLY L 295 -37.24 31.40 -25.87
CA GLY L 295 -38.52 31.91 -25.38
C GLY L 295 -38.35 32.91 -24.25
N ARG L 296 -37.45 32.63 -23.31
CA ARG L 296 -37.21 33.57 -22.22
C ARG L 296 -36.68 34.90 -22.75
N LEU L 297 -35.72 34.83 -23.69
CA LEU L 297 -35.18 36.06 -24.28
C LEU L 297 -36.26 36.82 -25.04
N SER L 298 -37.10 36.10 -25.79
CA SER L 298 -38.18 36.76 -26.54
C SER L 298 -39.13 37.51 -25.60
N ALA L 299 -39.50 36.86 -24.49
CA ALA L 299 -40.41 37.50 -23.53
C ALA L 299 -39.78 38.77 -22.96
N GLY L 300 -38.50 38.72 -22.61
CA GLY L 300 -37.84 39.89 -22.05
C GLY L 300 -37.76 41.04 -23.05
N ILE L 301 -37.57 40.72 -24.33
CA ILE L 301 -37.58 41.75 -25.36
C ILE L 301 -38.96 42.39 -25.47
N ALA L 302 -40.02 41.57 -25.44
CA ALA L 302 -41.37 42.11 -25.57
C ALA L 302 -41.70 43.02 -24.41
N ALA L 303 -41.20 42.70 -23.21
CA ALA L 303 -41.45 43.57 -22.06
C ALA L 303 -40.71 44.89 -22.20
N GLY L 304 -39.45 44.85 -22.65
CA GLY L 304 -38.71 46.09 -22.84
C GLY L 304 -39.33 46.98 -23.88
N VAL L 305 -39.80 46.40 -24.99
CA VAL L 305 -40.41 47.19 -26.05
C VAL L 305 -41.69 47.86 -25.57
N ALA L 306 -42.53 47.13 -24.82
CA ALA L 306 -43.78 47.71 -24.33
C ALA L 306 -43.51 48.90 -23.42
N LEU L 307 -42.55 48.77 -22.50
CA LEU L 307 -42.19 49.89 -21.65
C LEU L 307 -41.57 51.02 -22.47
N ALA L 308 -40.77 50.68 -23.50
CA ALA L 308 -40.10 51.70 -24.28
C ALA L 308 -41.08 52.57 -25.04
N ASP L 309 -42.01 51.95 -25.78
CA ASP L 309 -43.01 52.71 -26.51
C ASP L 309 -43.92 53.50 -25.57
N SER L 310 -44.12 53.00 -24.35
CA SER L 310 -44.91 53.75 -23.38
C SER L 310 -44.17 54.99 -22.91
N ALA L 311 -42.87 54.87 -22.62
CA ALA L 311 -42.09 56.01 -22.18
C ALA L 311 -41.91 57.04 -23.29
N THR L 312 -41.79 56.59 -24.54
CA THR L 312 -41.64 57.52 -25.65
C THR L 312 -42.90 58.34 -25.85
N LYS L 313 -44.07 57.74 -25.67
CA LYS L 313 -45.32 58.49 -25.77
C LYS L 313 -45.41 59.53 -24.66
N GLU L 314 -44.92 59.21 -23.47
CA GLU L 314 -44.94 60.18 -22.38
C GLU L 314 -43.95 61.31 -22.61
N PHE L 315 -42.83 61.03 -23.29
CA PHE L 315 -41.93 62.11 -23.67
C PHE L 315 -42.58 63.05 -24.67
N GLU L 316 -43.33 62.48 -25.63
CA GLU L 316 -44.04 63.32 -26.60
C GLU L 316 -44.98 64.29 -25.91
N GLN L 317 -45.72 63.81 -24.91
CA GLN L 317 -46.66 64.68 -24.19
C GLN L 317 -45.93 65.78 -23.44
N ALA L 318 -44.79 65.46 -22.82
CA ALA L 318 -44.03 66.48 -22.09
C ALA L 318 -43.46 67.52 -23.05
N LEU L 319 -42.99 67.08 -24.22
CA LEU L 319 -42.47 68.02 -25.22
C LEU L 319 -43.57 68.92 -25.76
N ALA L 320 -44.78 68.37 -25.90
CA ALA L 320 -45.91 69.12 -26.44
C ALA L 320 -46.66 69.90 -25.38
N PHE L 321 -46.16 69.94 -24.14
CA PHE L 321 -46.78 70.75 -23.10
C PHE L 321 -46.79 72.22 -23.51
N GLY L 322 -47.77 72.96 -23.01
CA GLY L 322 -47.82 74.39 -23.27
C GLY L 322 -46.70 75.15 -22.59
N GLU L 323 -46.19 74.63 -21.48
CA GLU L 323 -45.10 75.23 -20.74
C GLU L 323 -44.03 74.17 -20.49
N ALA L 324 -42.95 74.57 -19.82
CA ALA L 324 -41.95 73.61 -19.41
C ALA L 324 -42.56 72.65 -18.38
N PRO L 325 -42.15 71.39 -18.39
CA PRO L 325 -42.69 70.44 -17.40
C PRO L 325 -42.31 70.87 -15.99
N THR L 326 -43.20 70.60 -15.05
CA THR L 326 -42.94 70.92 -13.66
C THR L 326 -41.87 69.98 -13.10
N GLU L 327 -41.47 70.25 -11.86
CA GLU L 327 -40.50 69.39 -11.19
C GLU L 327 -41.02 67.97 -11.06
N ALA L 328 -42.31 67.82 -10.77
CA ALA L 328 -42.89 66.48 -10.63
C ALA L 328 -43.09 65.81 -11.98
N GLN L 329 -43.54 66.58 -12.98
CA GLN L 329 -43.70 66.03 -14.32
C GLN L 329 -42.37 65.58 -14.90
N TRP L 330 -41.35 66.45 -14.80
CA TRP L 330 -40.03 66.09 -15.30
C TRP L 330 -39.45 64.91 -14.53
N GLY L 331 -39.71 64.86 -13.22
CA GLY L 331 -39.20 63.75 -12.42
C GLY L 331 -39.87 62.43 -12.76
N ALA L 332 -41.19 62.43 -12.94
CA ALA L 332 -41.89 61.20 -13.31
C ALA L 332 -41.44 60.71 -14.68
N LEU L 333 -41.20 61.63 -15.62
CA LEU L 333 -40.72 61.24 -16.93
C LEU L 333 -39.31 60.65 -16.84
N ALA L 334 -38.43 61.29 -16.07
CA ALA L 334 -37.07 60.77 -15.92
C ALA L 334 -37.07 59.39 -15.28
N ILE L 335 -37.93 59.17 -14.29
CA ILE L 335 -38.05 57.83 -13.68
C ILE L 335 -38.47 56.81 -14.72
N ARG L 336 -39.50 57.14 -15.50
CA ARG L 336 -39.98 56.25 -16.55
C ARG L 336 -38.88 55.95 -17.56
N VAL L 337 -38.12 56.97 -17.95
CA VAL L 337 -37.03 56.77 -18.90
C VAL L 337 -35.90 55.94 -18.25
N ASP L 338 -35.62 56.19 -16.97
CA ASP L 338 -34.65 55.37 -16.25
C ASP L 338 -35.09 53.91 -16.23
N GLN L 339 -36.38 53.66 -16.00
CA GLN L 339 -36.88 52.28 -15.97
C GLN L 339 -36.68 51.62 -17.31
N ALA L 340 -37.07 52.30 -18.39
CA ALA L 340 -36.85 51.76 -19.73
C ALA L 340 -35.36 51.53 -20.01
N LYS L 341 -34.52 52.47 -19.57
CA LYS L 341 -33.08 52.32 -19.77
C LYS L 341 -32.54 51.11 -19.05
N SER L 342 -33.03 50.84 -17.84
CA SER L 342 -32.56 49.69 -17.07
C SER L 342 -32.93 48.38 -17.76
N VAL L 343 -34.20 48.22 -18.12
CA VAL L 343 -34.65 46.95 -18.68
C VAL L 343 -34.03 46.73 -20.07
N ALA L 344 -33.98 47.77 -20.90
CA ALA L 344 -33.42 47.62 -22.24
C ALA L 344 -31.95 47.25 -22.19
N THR L 345 -31.19 47.83 -21.25
CA THR L 345 -29.79 47.47 -21.11
C THR L 345 -29.63 46.00 -20.72
N GLU L 346 -30.40 45.56 -19.72
CA GLU L 346 -30.25 44.19 -19.23
C GLU L 346 -30.64 43.16 -20.29
N ILE L 347 -31.72 43.41 -21.02
CA ILE L 347 -32.20 42.40 -21.97
C ILE L 347 -31.30 42.35 -23.21
N SER L 348 -30.79 43.49 -23.67
CA SER L 348 -29.93 43.46 -24.85
C SER L 348 -28.61 42.76 -24.55
N LEU L 349 -28.05 43.00 -23.36
CA LEU L 349 -26.85 42.28 -22.95
C LEU L 349 -27.13 40.80 -22.77
N ASP L 350 -28.31 40.46 -22.23
CA ASP L 350 -28.67 39.07 -22.01
C ASP L 350 -28.80 38.31 -23.32
N VAL L 351 -29.48 38.91 -24.30
CA VAL L 351 -29.73 38.24 -25.58
C VAL L 351 -28.42 38.04 -26.35
N THR L 352 -27.71 39.13 -26.59
CA THR L 352 -26.53 39.07 -27.47
C THR L 352 -25.43 38.20 -26.88
N HIS L 353 -25.37 38.11 -25.55
CA HIS L 353 -24.35 37.29 -24.88
C HIS L 353 -24.74 35.82 -24.85
N ASN L 354 -26.00 35.51 -24.55
CA ASN L 354 -26.42 34.14 -24.32
C ASN L 354 -26.92 33.43 -25.57
N ILE L 355 -27.05 34.14 -26.69
CA ILE L 355 -27.53 33.51 -27.92
C ILE L 355 -26.60 32.39 -28.36
N TYR L 356 -25.31 32.48 -28.03
CA TYR L 356 -24.34 31.47 -28.44
C TYR L 356 -24.59 30.12 -27.77
N GLN L 357 -25.21 30.12 -26.58
CA GLN L 357 -25.51 28.85 -25.93
C GLN L 357 -26.41 27.98 -26.80
N ALA L 358 -27.28 28.58 -27.59
CA ALA L 358 -28.19 27.84 -28.46
C ALA L 358 -27.64 27.63 -29.86
N THR L 359 -26.74 28.49 -30.33
CA THR L 359 -26.27 28.38 -31.71
C THR L 359 -25.14 27.37 -31.87
N GLY L 360 -24.27 27.22 -30.88
CA GLY L 360 -23.30 26.15 -30.88
C GLY L 360 -21.90 26.59 -31.32
N ALA L 361 -21.05 25.57 -31.47
CA ALA L 361 -19.62 25.80 -31.68
C ALA L 361 -19.32 26.32 -33.07
N ARG L 362 -19.89 25.69 -34.11
CA ARG L 362 -19.63 26.13 -35.48
C ARG L 362 -20.11 27.55 -35.74
N SER L 363 -21.08 28.04 -34.95
CA SER L 363 -21.59 29.39 -35.12
C SER L 363 -20.58 30.47 -34.74
N THR L 364 -19.51 30.11 -34.04
CA THR L 364 -18.51 31.09 -33.61
C THR L 364 -17.53 31.47 -34.72
N ALA L 365 -17.66 30.92 -35.91
CA ALA L 365 -16.82 31.35 -37.02
C ALA L 365 -17.16 32.78 -37.43
N ASN L 366 -16.14 33.53 -37.81
CA ASN L 366 -16.35 34.91 -38.23
C ASN L 366 -17.18 35.02 -39.50
N SER L 367 -17.19 33.98 -40.35
CA SER L 367 -18.08 33.99 -41.50
C SER L 367 -19.55 34.03 -41.08
N VAL L 368 -19.86 33.57 -39.87
CA VAL L 368 -21.21 33.71 -39.34
C VAL L 368 -21.40 35.09 -38.70
N GLY L 369 -20.46 35.48 -37.85
CA GLY L 369 -20.46 36.83 -37.32
C GLY L 369 -21.61 37.15 -36.40
N LEU L 370 -22.05 36.19 -35.59
CA LEU L 370 -23.12 36.45 -34.65
C LEU L 370 -22.70 37.39 -33.52
N ASP L 371 -21.38 37.62 -33.36
CA ASP L 371 -20.89 38.44 -32.27
C ASP L 371 -21.06 39.93 -32.52
N ILE L 372 -21.46 40.34 -33.73
CA ILE L 372 -21.57 41.75 -34.03
C ILE L 372 -22.64 42.42 -33.16
N TYR L 373 -23.69 41.67 -32.81
CA TYR L 373 -24.73 42.23 -31.95
C TYR L 373 -24.20 42.46 -30.54
N TRP L 374 -23.45 41.49 -30.00
CA TRP L 374 -22.84 41.66 -28.69
C TRP L 374 -21.87 42.84 -28.69
N ARG L 375 -20.98 42.89 -29.68
CA ARG L 375 -20.02 43.99 -29.75
C ARG L 375 -20.73 45.33 -29.78
N ASN L 376 -21.83 45.43 -30.53
CA ASN L 376 -22.56 46.69 -30.64
C ASN L 376 -23.26 47.03 -29.32
N ALA L 377 -23.99 46.07 -28.74
CA ALA L 377 -24.71 46.34 -27.51
C ALA L 377 -23.77 46.52 -26.33
N ARG L 378 -22.74 45.68 -26.22
CA ARG L 378 -21.78 45.82 -25.13
C ARG L 378 -21.05 47.15 -25.19
N THR L 379 -20.79 47.66 -26.40
CA THR L 379 -20.12 48.94 -26.53
C THR L 379 -20.99 50.08 -26.04
N HIS L 380 -22.21 50.19 -26.58
CA HIS L 380 -23.01 51.38 -26.32
C HIS L 380 -23.62 51.39 -24.93
N THR L 381 -23.89 50.21 -24.35
CA THR L 381 -24.43 50.16 -23.00
C THR L 381 -23.49 50.75 -21.94
N THR L 382 -22.21 50.94 -22.28
CA THR L 382 -21.27 51.61 -21.38
C THR L 382 -21.29 53.12 -21.52
N HIS L 383 -22.22 53.67 -22.31
CA HIS L 383 -22.30 55.12 -22.50
C HIS L 383 -22.38 55.85 -21.16
N ASP L 384 -23.29 55.42 -20.30
CA ASP L 384 -23.35 55.83 -18.91
C ASP L 384 -23.62 54.60 -18.06
N PRO L 385 -23.06 54.54 -16.85
CA PRO L 385 -23.13 53.30 -16.07
C PRO L 385 -24.57 52.96 -15.67
N LEU L 386 -24.98 51.73 -15.97
CA LEU L 386 -26.30 51.23 -15.61
C LEU L 386 -26.66 51.40 -14.13
N PRO L 387 -25.81 51.04 -13.16
CA PRO L 387 -26.25 51.11 -11.76
C PRO L 387 -26.64 52.51 -11.30
N TYR L 388 -26.11 53.56 -11.92
CA TYR L 388 -26.51 54.91 -11.52
C TYR L 388 -27.88 55.29 -12.05
N ARG L 389 -28.33 54.68 -13.15
CA ARG L 389 -29.69 54.91 -13.60
C ARG L 389 -30.69 54.16 -12.72
N GLN L 390 -30.33 52.94 -12.30
CA GLN L 390 -31.16 52.22 -11.35
C GLN L 390 -31.13 52.87 -9.98
N ARG L 391 -29.98 53.41 -9.58
CA ARG L 391 -29.89 54.10 -8.29
C ARG L 391 -30.85 55.28 -8.23
N GLU L 392 -31.01 56.00 -9.34
CA GLU L 392 -31.87 57.17 -9.34
C GLU L 392 -33.32 56.79 -9.08
N ILE L 393 -33.76 55.65 -9.61
CA ILE L 393 -35.11 55.15 -9.34
C ILE L 393 -35.25 54.82 -7.85
N GLY L 394 -34.31 54.03 -7.32
CA GLY L 394 -34.36 53.67 -5.92
C GLY L 394 -34.24 54.86 -4.99
N ARG L 395 -33.43 55.85 -5.36
CA ARG L 395 -33.28 57.04 -4.52
C ARG L 395 -34.59 57.81 -4.43
N HIS L 396 -35.32 57.90 -5.54
CA HIS L 396 -36.63 58.55 -5.51
C HIS L 396 -37.61 57.80 -4.62
N LEU L 397 -37.55 56.46 -4.64
CA LEU L 397 -38.48 55.69 -3.81
C LEU L 397 -38.18 55.84 -2.33
N LEU L 398 -36.91 55.97 -1.96
CA LEU L 398 -36.52 56.05 -0.56
C LEU L 398 -36.57 57.46 0.00
N THR L 399 -36.46 58.50 -0.84
CA THR L 399 -36.37 59.87 -0.37
C THR L 399 -37.50 60.77 -0.87
N ASP L 400 -38.34 60.30 -1.79
CA ASP L 400 -39.41 61.06 -2.43
C ASP L 400 -38.91 62.19 -3.33
N GLN L 401 -37.60 62.39 -3.43
CA GLN L 401 -37.06 63.49 -4.21
C GLN L 401 -37.02 63.11 -5.69
N TRP L 402 -37.63 63.94 -6.53
CA TRP L 402 -37.64 63.69 -7.96
C TRP L 402 -36.24 63.86 -8.54
N PRO L 403 -35.93 63.15 -9.62
CA PRO L 403 -34.71 63.47 -10.38
C PRO L 403 -34.82 64.86 -10.98
N SER L 404 -33.69 65.53 -11.08
CA SER L 404 -33.60 66.90 -11.56
C SER L 404 -32.54 67.00 -12.65
N PRO L 405 -32.63 68.01 -13.51
CA PRO L 405 -31.59 68.23 -14.51
C PRO L 405 -30.24 68.48 -13.84
N ARG L 406 -29.22 67.77 -14.30
CA ARG L 406 -27.88 67.87 -13.75
C ARG L 406 -27.03 68.89 -14.52
N ALA M 12 -56.40 -6.41 66.29
CA ALA M 12 -56.24 -5.99 64.91
C ALA M 12 -55.56 -7.07 64.07
N TYR M 13 -56.11 -7.35 62.90
CA TYR M 13 -55.55 -8.32 61.95
C TYR M 13 -55.48 -9.73 62.55
N GLN M 14 -56.50 -10.08 63.35
CA GLN M 14 -56.49 -11.38 64.02
C GLN M 14 -56.67 -12.52 63.03
N GLY M 15 -57.60 -12.39 62.11
CA GLY M 15 -57.80 -13.42 61.10
C GLY M 15 -59.10 -14.17 61.31
N VAL M 16 -59.67 -14.64 60.21
CA VAL M 16 -60.88 -15.46 60.24
C VAL M 16 -60.49 -16.93 60.31
N SER M 17 -61.48 -17.80 60.50
CA SER M 17 -61.20 -19.23 60.58
C SER M 17 -60.81 -19.77 59.21
N ASP M 18 -60.20 -20.96 59.23
CA ASP M 18 -59.75 -21.58 57.99
C ASP M 18 -60.93 -21.93 57.09
N THR M 19 -62.02 -22.43 57.66
CA THR M 19 -63.19 -22.75 56.84
C THR M 19 -63.86 -21.50 56.30
N GLU M 20 -63.84 -20.41 57.06
CA GLU M 20 -64.41 -19.15 56.56
C GLU M 20 -63.53 -18.51 55.49
N PHE M 21 -62.20 -18.65 55.61
CA PHE M 21 -61.32 -18.08 54.60
C PHE M 21 -61.52 -18.74 53.24
N SER M 22 -61.85 -20.02 53.22
CA SER M 22 -62.18 -20.69 51.96
C SER M 22 -63.36 -20.02 51.28
N GLU M 23 -64.34 -19.57 52.07
CA GLU M 23 -65.47 -18.84 51.51
C GLU M 23 -65.01 -17.52 50.88
N TRP M 24 -64.12 -16.80 51.57
CA TRP M 24 -63.61 -15.55 51.02
C TRP M 24 -62.79 -15.77 49.77
N GLU M 25 -62.08 -16.90 49.68
CA GLU M 25 -61.36 -17.23 48.46
C GLU M 25 -62.32 -17.40 47.29
N GLN M 26 -63.51 -17.96 47.56
CA GLN M 26 -64.51 -18.09 46.51
C GLN M 26 -65.08 -16.73 46.13
N VAL M 27 -65.25 -15.83 47.11
CA VAL M 27 -65.69 -14.48 46.82
C VAL M 27 -64.70 -13.78 45.90
N ALA M 28 -63.40 -13.88 46.23
CA ALA M 28 -62.38 -13.25 45.40
C ALA M 28 -62.33 -13.88 44.02
N ALA M 29 -62.57 -15.19 43.92
CA ALA M 29 -62.60 -15.84 42.61
C ALA M 29 -63.75 -15.33 41.76
N ARG M 30 -64.90 -15.04 42.38
CA ARG M 30 -66.02 -14.52 41.59
C ARG M 30 -65.75 -13.09 41.13
N VAL M 31 -65.17 -12.27 42.01
CA VAL M 31 -64.77 -10.93 41.60
C VAL M 31 -63.69 -10.99 40.54
N ALA M 32 -62.75 -11.94 40.68
CA ALA M 32 -61.69 -12.09 39.68
C ALA M 32 -62.27 -12.46 38.32
N GLY M 33 -63.25 -13.37 38.30
CA GLY M 33 -63.86 -13.75 37.04
C GLY M 33 -64.52 -12.58 36.33
N GLU M 34 -65.18 -11.71 37.09
CA GLU M 34 -65.79 -10.54 36.48
C GLU M 34 -64.74 -9.56 35.98
N LEU M 35 -63.63 -9.43 36.70
CA LEU M 35 -62.55 -8.55 36.26
C LEU M 35 -61.85 -9.10 35.02
N SER M 36 -61.66 -10.43 34.96
CA SER M 36 -60.95 -11.02 33.82
C SER M 36 -61.68 -10.79 32.51
N ALA M 37 -63.02 -10.74 32.55
CA ALA M 37 -63.79 -10.60 31.31
C ALA M 37 -63.54 -9.25 30.63
N THR M 38 -63.35 -8.19 31.42
CA THR M 38 -63.18 -6.85 30.89
C THR M 38 -61.78 -6.29 31.12
N ALA M 39 -60.81 -7.16 31.41
CA ALA M 39 -59.46 -6.71 31.74
C ALA M 39 -58.83 -5.98 30.55
N LEU M 40 -58.86 -6.59 29.36
CA LEU M 40 -58.23 -5.98 28.20
C LEU M 40 -58.93 -4.68 27.81
N THR M 41 -60.26 -4.71 27.74
CA THR M 41 -61.01 -3.53 27.29
C THR M 41 -60.79 -2.34 28.22
N ARG M 42 -60.86 -2.57 29.53
CA ARG M 42 -60.62 -1.48 30.47
C ARG M 42 -59.16 -1.02 30.42
N ASP M 43 -58.23 -1.93 30.13
CA ASP M 43 -56.82 -1.55 30.07
C ASP M 43 -56.55 -0.62 28.90
N ARG M 44 -57.15 -0.88 27.74
CA ARG M 44 -56.97 -0.01 26.59
C ARG M 44 -57.65 1.33 26.80
N ALA M 45 -58.79 1.37 27.49
CA ALA M 45 -59.51 2.63 27.67
C ALA M 45 -58.80 3.56 28.65
N ASN M 46 -58.08 3.01 29.62
CA ASN M 46 -57.21 3.79 30.51
C ASN M 46 -58.00 4.77 31.36
N GLN M 47 -59.16 4.35 31.86
CA GLN M 47 -60.01 5.19 32.70
C GLN M 47 -59.74 4.90 34.18
N ASN M 48 -60.23 5.80 35.03
CA ASN M 48 -60.13 5.60 36.47
C ASN M 48 -61.00 4.42 36.89
N PRO M 49 -60.50 3.53 37.73
CA PRO M 49 -61.22 2.30 38.10
C PRO M 49 -62.29 2.51 39.17
N ILE M 50 -63.21 3.45 38.91
CA ILE M 50 -64.26 3.75 39.87
C ILE M 50 -65.19 2.56 40.04
N ALA M 51 -65.61 1.96 38.92
CA ALA M 51 -66.49 0.80 38.99
C ALA M 51 -65.80 -0.41 39.61
N GLU M 52 -64.51 -0.60 39.31
CA GLU M 52 -63.79 -1.75 39.83
C GLU M 52 -63.62 -1.64 41.35
N ILE M 53 -63.39 -0.43 41.86
CA ILE M 53 -63.26 -0.25 43.30
C ILE M 53 -64.61 -0.47 43.99
N GLU M 54 -65.70 -0.01 43.36
CA GLU M 54 -67.02 -0.29 43.90
C GLU M 54 -67.30 -1.79 43.88
N LEU M 55 -66.79 -2.51 42.88
CA LEU M 55 -66.94 -3.96 42.85
C LEU M 55 -66.25 -4.61 44.03
N LEU M 56 -65.02 -4.18 44.33
CA LEU M 56 -64.33 -4.65 45.53
C LEU M 56 -65.10 -4.26 46.78
N ARG M 57 -65.70 -3.06 46.77
CA ARG M 57 -66.47 -2.61 47.92
C ARG M 57 -67.72 -3.46 48.13
N ARG M 58 -68.46 -3.75 47.05
CA ARG M 58 -69.72 -4.46 47.20
C ARG M 58 -69.54 -5.87 47.72
N TYR M 59 -68.42 -6.52 47.40
CA TYR M 59 -68.16 -7.89 47.82
C TYR M 59 -67.34 -7.98 49.11
N GLY M 60 -67.20 -6.88 49.84
CA GLY M 60 -66.57 -6.91 51.14
C GLY M 60 -65.08 -7.16 51.13
N LEU M 61 -64.41 -6.82 50.03
CA LEU M 61 -62.96 -6.99 49.97
C LEU M 61 -62.20 -5.82 50.54
N LEU M 62 -62.77 -4.61 50.48
CA LEU M 62 -62.10 -3.45 51.04
C LEU M 62 -62.11 -3.47 52.57
N SER M 63 -63.14 -4.07 53.17
CA SER M 63 -63.24 -4.16 54.62
C SER M 63 -62.85 -5.53 55.15
N PHE M 64 -62.17 -6.34 54.34
CA PHE M 64 -61.82 -7.69 54.78
C PHE M 64 -60.81 -7.68 55.92
N ALA M 65 -59.84 -6.76 55.89
CA ALA M 65 -58.79 -6.70 56.89
C ALA M 65 -59.14 -5.80 58.07
N THR M 66 -60.43 -5.52 58.26
CA THR M 66 -60.88 -4.71 59.39
C THR M 66 -61.72 -5.58 60.31
N ALA M 67 -61.61 -5.33 61.62
CA ALA M 67 -62.30 -6.15 62.61
C ALA M 67 -63.81 -6.10 62.40
N ARG M 68 -64.48 -7.15 62.91
CA ARG M 68 -65.92 -7.26 62.74
C ARG M 68 -66.67 -6.14 63.44
N GLU M 69 -66.12 -5.60 64.53
CA GLU M 69 -66.82 -4.57 65.29
C GLU M 69 -67.05 -3.31 64.46
N PHE M 70 -66.22 -3.07 63.46
CA PHE M 70 -66.37 -1.93 62.58
C PHE M 70 -67.16 -2.26 61.32
N GLY M 71 -67.64 -3.50 61.19
CA GLY M 71 -68.34 -3.93 60.00
C GLY M 71 -67.50 -4.70 59.01
N GLY M 72 -66.26 -5.04 59.35
CA GLY M 72 -65.39 -5.78 58.47
C GLY M 72 -65.45 -7.27 58.71
N ALA M 73 -64.56 -7.99 58.02
CA ALA M 73 -64.52 -9.45 58.12
C ALA M 73 -63.64 -9.94 59.27
N GLY M 74 -62.67 -9.14 59.71
CA GLY M 74 -61.77 -9.58 60.76
C GLY M 74 -60.60 -10.40 60.27
N GLY M 75 -60.31 -10.40 58.98
CA GLY M 75 -59.23 -11.20 58.44
C GLY M 75 -57.86 -10.67 58.84
N SER M 76 -56.85 -11.50 58.61
CA SER M 76 -55.47 -11.18 58.92
C SER M 76 -54.78 -10.64 57.67
N LEU M 77 -53.50 -10.26 57.83
CA LEU M 77 -52.72 -9.76 56.71
C LEU M 77 -52.31 -10.90 55.77
N VAL M 78 -52.01 -12.07 56.32
CA VAL M 78 -51.72 -13.23 55.49
C VAL M 78 -52.89 -13.54 54.57
N GLN M 79 -54.10 -13.58 55.14
CA GLN M 79 -55.29 -13.86 54.34
C GLN M 79 -55.57 -12.74 53.36
N ALA M 80 -55.39 -11.49 53.78
CA ALA M 80 -55.70 -10.35 52.91
C ALA M 80 -54.81 -10.33 51.68
N LEU M 81 -53.50 -10.56 51.86
CA LEU M 81 -52.59 -10.56 50.73
C LEU M 81 -52.81 -11.79 49.84
N GLN M 82 -53.29 -12.89 50.41
CA GLN M 82 -53.65 -14.04 49.60
C GLN M 82 -54.85 -13.75 48.71
N LEU M 83 -55.87 -13.08 49.25
CA LEU M 83 -56.98 -12.63 48.43
C LEU M 83 -56.51 -11.62 47.40
N GLY M 84 -55.49 -10.82 47.73
CA GLY M 84 -54.92 -9.92 46.76
C GLY M 84 -54.24 -10.62 45.61
N ARG M 85 -53.62 -11.78 45.86
CA ARG M 85 -53.04 -12.56 44.78
C ARG M 85 -54.12 -13.03 43.81
N ILE M 86 -55.30 -13.40 44.34
CA ILE M 86 -56.38 -13.87 43.50
C ILE M 86 -56.87 -12.76 42.58
N ILE M 87 -57.01 -11.55 43.11
CA ILE M 87 -57.43 -10.42 42.29
C ILE M 87 -56.34 -10.02 41.30
N ALA M 88 -55.09 -10.05 41.74
CA ALA M 88 -53.97 -9.65 40.88
C ALA M 88 -53.84 -10.56 39.67
N ALA M 89 -54.23 -11.84 39.80
CA ALA M 89 -54.17 -12.75 38.66
C ALA M 89 -55.16 -12.35 37.58
N ALA M 90 -56.32 -11.81 37.96
CA ALA M 90 -57.31 -11.39 36.97
C ALA M 90 -56.94 -10.04 36.37
N ASP M 91 -56.48 -9.10 37.20
CA ASP M 91 -56.22 -7.74 36.75
C ASP M 91 -55.09 -7.19 37.63
N GLY M 92 -53.92 -7.00 37.02
CA GLY M 92 -52.78 -6.51 37.79
C GLY M 92 -53.00 -5.14 38.40
N SER M 93 -53.70 -4.27 37.67
CA SER M 93 -53.96 -2.92 38.18
C SER M 93 -54.90 -2.97 39.37
N ILE M 94 -56.03 -3.67 39.23
CA ILE M 94 -56.99 -3.73 40.33
C ILE M 94 -56.40 -4.48 41.53
N GLY M 95 -55.58 -5.50 41.26
CA GLY M 95 -54.92 -6.21 42.35
C GLY M 95 -53.96 -5.31 43.12
N GLN M 96 -53.21 -4.47 42.40
CA GLN M 96 -52.33 -3.52 43.08
C GLN M 96 -53.13 -2.55 43.94
N LEU M 97 -54.25 -2.06 43.42
CA LEU M 97 -55.09 -1.13 44.19
C LEU M 97 -55.58 -1.77 45.48
N LEU M 98 -55.99 -3.03 45.41
CA LEU M 98 -56.50 -3.70 46.60
C LEU M 98 -55.42 -3.86 47.67
N VAL M 99 -54.21 -4.28 47.26
CA VAL M 99 -53.14 -4.47 48.23
C VAL M 99 -52.54 -3.14 48.69
N TYR M 100 -52.54 -2.12 47.83
CA TYR M 100 -52.17 -0.77 48.28
C TYR M 100 -53.16 -0.27 49.32
N HIS M 101 -54.45 -0.55 49.13
CA HIS M 101 -55.46 -0.17 50.11
C HIS M 101 -55.23 -0.89 51.42
N TYR M 102 -54.90 -2.18 51.37
CA TYR M 102 -54.56 -2.91 52.58
C TYR M 102 -53.32 -2.31 53.24
N SER M 103 -52.28 -2.05 52.45
CA SER M 103 -51.04 -1.51 53.01
C SER M 103 -51.27 -0.13 53.61
N ASN M 104 -52.15 0.67 53.00
CA ASN M 104 -52.47 1.98 53.56
C ASN M 104 -53.18 1.86 54.90
N GLY M 105 -53.99 0.81 55.08
CA GLY M 105 -54.58 0.58 56.38
C GLY M 105 -53.55 0.17 57.42
N VAL M 106 -52.53 -0.58 57.00
CA VAL M 106 -51.43 -0.91 57.91
C VAL M 106 -50.63 0.34 58.24
N TRP M 107 -50.45 1.23 57.26
CA TRP M 107 -49.69 2.46 57.48
C TRP M 107 -50.38 3.35 58.52
N THR M 108 -51.66 3.66 58.31
CA THR M 108 -52.38 4.50 59.26
C THR M 108 -52.61 3.81 60.60
N TYR M 109 -52.52 2.48 60.64
CA TYR M 109 -52.54 1.78 61.92
C TYR M 109 -51.26 2.01 62.71
N ILE M 110 -50.11 1.98 62.03
CA ILE M 110 -48.85 2.24 62.70
C ILE M 110 -48.71 3.71 63.03
N LEU M 111 -49.16 4.59 62.13
CA LEU M 111 -48.96 6.03 62.29
C LEU M 111 -50.03 6.71 63.13
N GLY M 112 -51.17 6.07 63.35
CA GLY M 112 -52.30 6.70 63.99
C GLY M 112 -52.38 6.45 65.48
N SER M 113 -52.90 7.43 66.20
CA SER M 113 -53.20 7.31 67.63
C SER M 113 -54.47 6.49 67.80
N PRO M 114 -54.77 6.04 69.02
CA PRO M 114 -55.98 5.23 69.22
C PRO M 114 -57.27 5.88 68.73
N THR M 115 -57.47 7.17 69.02
CA THR M 115 -58.65 7.85 68.48
C THR M 115 -58.57 8.02 66.97
N GLN M 116 -57.36 8.18 66.42
CA GLN M 116 -57.21 8.24 64.98
C GLN M 116 -57.39 6.89 64.32
N ARG M 117 -57.07 5.80 65.04
CA ARG M 117 -57.28 4.47 64.49
C ARG M 117 -58.76 4.14 64.36
N GLU M 118 -59.56 4.50 65.38
CA GLU M 118 -60.99 4.19 65.35
C GLU M 118 -61.70 4.99 64.27
N TYR M 119 -61.30 6.24 64.05
CA TYR M 119 -61.88 7.04 62.98
C TYR M 119 -61.68 6.35 61.63
N ILE M 120 -60.49 5.82 61.37
CA ILE M 120 -60.22 5.16 60.10
C ILE M 120 -60.86 3.78 60.06
N SER M 121 -60.85 3.06 61.19
CA SER M 121 -61.43 1.72 61.22
C SER M 121 -62.93 1.77 60.99
N ARG M 122 -63.62 2.73 61.60
CA ARG M 122 -65.07 2.85 61.41
C ARG M 122 -65.41 3.17 59.96
N GLY M 123 -64.63 4.04 59.33
CA GLY M 123 -64.92 4.42 57.96
C GLY M 123 -64.61 3.33 56.96
N VAL M 124 -63.43 2.72 57.08
CA VAL M 124 -63.06 1.64 56.17
C VAL M 124 -63.92 0.41 56.42
N GLY M 125 -64.28 0.16 57.68
CA GLY M 125 -65.02 -1.05 58.00
C GLY M 125 -66.49 -0.98 57.63
N GLY M 126 -67.12 0.16 57.88
CA GLY M 126 -68.56 0.24 57.73
C GLY M 126 -69.06 1.30 56.76
N HIS M 127 -68.14 1.99 56.08
CA HIS M 127 -68.54 3.04 55.14
C HIS M 127 -67.80 2.96 53.82
N GLY M 128 -67.15 1.82 53.53
CA GLY M 128 -66.58 1.58 52.22
C GLY M 128 -65.44 2.50 51.84
N TRP M 129 -64.73 3.06 52.82
CA TRP M 129 -63.64 3.96 52.51
C TRP M 129 -62.50 3.22 51.82
N PHE M 130 -62.00 3.82 50.73
CA PHE M 130 -60.80 3.33 50.06
C PHE M 130 -59.65 4.26 50.42
N GLN M 131 -58.53 3.69 50.85
CA GLN M 131 -57.39 4.47 51.34
C GLN M 131 -56.33 4.57 50.25
N GLY M 132 -55.97 5.80 49.88
CA GLY M 132 -54.87 6.08 48.99
C GLY M 132 -53.74 6.75 49.74
N SER M 133 -52.60 6.87 49.06
CA SER M 133 -51.40 7.39 49.70
C SER M 133 -50.60 8.25 48.74
N VAL M 134 -50.12 9.38 49.25
CA VAL M 134 -49.15 10.22 48.56
C VAL M 134 -47.83 10.09 49.31
N SER M 135 -46.98 9.17 48.88
CA SER M 135 -45.83 8.74 49.67
C SER M 135 -44.51 8.67 48.89
N ASN M 136 -44.44 9.24 47.71
CA ASN M 136 -43.20 9.19 46.94
C ASN M 136 -42.15 10.07 47.60
N PRO M 137 -41.03 9.51 48.06
CA PRO M 137 -40.01 10.33 48.73
C PRO M 137 -39.06 11.05 47.79
N ARG M 138 -39.08 10.72 46.49
CA ARG M 138 -38.16 11.27 45.52
C ARG M 138 -38.76 12.42 44.72
N ASP M 139 -39.64 13.21 45.33
CA ASP M 139 -40.29 14.32 44.63
C ASP M 139 -39.64 15.63 45.04
N PRO M 140 -39.11 16.40 44.10
CA PRO M 140 -38.47 17.67 44.44
C PRO M 140 -39.49 18.80 44.49
N GLY M 141 -39.05 19.93 45.05
CA GLY M 141 -39.89 21.11 45.12
C GLY M 141 -41.12 20.99 46.00
N ILE M 142 -41.13 20.03 46.92
CA ILE M 142 -42.26 19.83 47.82
C ILE M 142 -42.03 20.68 49.06
N THR M 143 -42.75 21.80 49.15
CA THR M 143 -42.61 22.73 50.26
C THR M 143 -43.77 22.54 51.24
N VAL M 144 -43.47 22.63 52.53
CA VAL M 144 -44.45 22.51 53.59
C VAL M 144 -44.25 23.70 54.52
N THR M 145 -45.18 24.65 54.50
CA THR M 145 -45.11 25.84 55.32
C THR M 145 -46.05 25.70 56.50
N ARG M 146 -45.55 25.95 57.70
CA ARG M 146 -46.40 25.95 58.88
C ARG M 146 -47.18 27.26 58.94
N THR M 147 -48.47 27.15 59.21
CA THR M 147 -49.36 28.30 59.24
C THR M 147 -50.15 28.28 60.55
N GLU M 148 -50.76 29.42 60.88
CA GLU M 148 -51.63 29.48 62.05
C GLU M 148 -52.75 28.45 61.96
N GLU M 149 -53.17 28.10 60.75
CA GLU M 149 -54.17 27.07 60.51
C GLU M 149 -53.44 25.86 59.94
N GLY M 150 -52.99 24.97 60.82
CA GLY M 150 -52.42 23.71 60.39
C GLY M 150 -51.16 23.89 59.56
N TYR M 151 -51.08 23.13 58.47
CA TYR M 151 -49.94 23.18 57.55
C TYR M 151 -50.45 23.40 56.13
N ARG M 152 -49.61 24.02 55.31
CA ARG M 152 -49.91 24.28 53.90
C ARG M 152 -48.88 23.57 53.04
N VAL M 153 -49.36 22.77 52.10
CA VAL M 153 -48.51 21.93 51.26
C VAL M 153 -48.60 22.41 49.82
N ASN M 154 -47.43 22.53 49.18
CA ASN M 154 -47.35 22.91 47.77
C ASN M 154 -46.33 22.02 47.08
N GLY M 155 -46.59 21.75 45.80
CA GLY M 155 -45.70 20.93 45.00
C GLY M 155 -46.45 19.84 44.25
N LYS M 156 -45.71 19.18 43.37
CA LYS M 156 -46.23 18.12 42.52
C LYS M 156 -45.69 16.78 43.01
N ARG M 157 -46.60 15.89 43.39
CA ARG M 157 -46.25 14.54 43.82
C ARG M 157 -46.64 13.55 42.74
N THR M 158 -45.77 12.58 42.47
CA THR M 158 -45.96 11.62 41.40
C THR M 158 -46.15 10.21 41.96
N PHE M 159 -46.63 9.32 41.09
CA PHE M 159 -46.89 7.92 41.44
C PHE M 159 -47.86 7.80 42.62
N ALA M 160 -48.89 8.65 42.61
CA ALA M 160 -49.88 8.68 43.70
C ALA M 160 -50.96 7.65 43.40
N THR M 161 -50.61 6.38 43.62
CA THR M 161 -51.49 5.28 43.27
C THR M 161 -52.78 5.32 44.06
N GLY M 162 -53.90 5.27 43.35
CA GLY M 162 -55.22 5.19 43.96
C GLY M 162 -55.74 6.47 44.56
N VAL M 163 -54.96 7.55 44.55
CA VAL M 163 -55.39 8.77 45.23
C VAL M 163 -56.61 9.39 44.55
N ALA M 164 -56.67 9.33 43.22
CA ALA M 164 -57.78 9.92 42.49
C ALA M 164 -59.11 9.21 42.71
N VAL M 165 -59.10 8.04 43.36
CA VAL M 165 -60.32 7.27 43.58
C VAL M 165 -60.45 6.91 45.06
N ALA M 166 -59.63 7.54 45.89
CA ALA M 166 -59.62 7.24 47.32
C ALA M 166 -60.59 8.12 48.07
N ASP M 167 -61.07 7.61 49.20
CA ASP M 167 -61.93 8.36 50.11
C ASP M 167 -61.16 9.04 51.23
N LEU M 168 -60.08 8.41 51.70
CA LEU M 168 -59.21 8.97 52.73
C LEU M 168 -57.79 8.93 52.20
N ILE M 169 -57.16 10.10 52.07
CA ILE M 169 -55.85 10.23 51.47
C ILE M 169 -54.83 10.49 52.57
N THR M 170 -53.78 9.67 52.60
CA THR M 170 -52.68 9.83 53.55
C THR M 170 -51.55 10.58 52.84
N VAL M 171 -51.17 11.72 53.40
CA VAL M 171 -50.09 12.55 52.85
C VAL M 171 -48.86 12.36 53.74
N LEU M 172 -47.79 11.84 53.15
CA LEU M 172 -46.54 11.61 53.85
C LEU M 172 -45.50 12.59 53.32
N LEU M 173 -44.96 13.41 54.20
CA LEU M 173 -44.01 14.46 53.85
C LEU M 173 -42.68 14.18 54.53
N TYR M 174 -41.61 14.24 53.75
CA TYR M 174 -40.27 13.95 54.26
C TYR M 174 -39.41 15.20 54.27
N ALA M 176 -37.58 17.86 55.72
CA ALA M 176 -37.10 18.05 57.08
C ALA M 176 -37.59 16.93 57.98
N GLU M 177 -38.27 17.29 59.07
CA GLU M 177 -38.84 16.29 59.95
C GLU M 177 -40.10 15.71 59.31
N PRO M 178 -40.34 14.40 59.45
CA PRO M 178 -41.49 13.80 58.77
C PRO M 178 -42.82 14.33 59.31
N ILE M 179 -43.73 14.59 58.39
CA ILE M 179 -45.09 15.04 58.70
C ILE M 179 -46.06 14.14 57.94
N ASN M 180 -46.87 13.39 58.67
CA ASN M 180 -47.82 12.45 58.09
C ASN M 180 -49.22 12.82 58.57
N ALA M 181 -50.17 12.84 57.65
CA ALA M 181 -51.53 13.25 57.96
C ALA M 181 -52.50 12.53 57.04
N ILE M 182 -53.79 12.63 57.39
CA ILE M 182 -54.87 12.07 56.58
C ILE M 182 -55.84 13.20 56.25
N ILE M 183 -56.22 13.29 54.98
CA ILE M 183 -57.15 14.33 54.53
C ILE M 183 -58.29 13.68 53.76
N PRO M 184 -59.48 14.29 53.75
CA PRO M 184 -60.57 13.76 52.92
C PRO M 184 -60.27 14.01 51.44
N SER M 185 -60.94 13.21 50.61
CA SER M 185 -60.81 13.39 49.17
C SER M 185 -61.32 14.74 48.70
N GLU M 186 -62.23 15.36 49.44
CA GLU M 186 -62.83 16.63 49.06
C GLU M 186 -62.03 17.83 49.54
N ARG M 187 -60.82 17.62 50.07
CA ARG M 187 -60.00 18.73 50.53
C ARG M 187 -59.58 19.60 49.36
N ASP M 188 -59.78 20.92 49.50
CA ASP M 188 -59.49 21.85 48.42
C ASP M 188 -57.99 21.93 48.17
N GLY M 189 -57.63 22.23 46.93
CA GLY M 189 -56.26 22.35 46.51
C GLY M 189 -55.71 21.16 45.75
N LEU M 190 -56.37 20.00 45.84
CA LEU M 190 -55.90 18.79 45.18
C LEU M 190 -56.26 18.84 43.70
N ARG M 191 -55.25 18.80 42.84
CA ARG M 191 -55.42 18.81 41.39
C ARG M 191 -54.85 17.51 40.84
N PHE M 192 -55.72 16.70 40.24
CA PHE M 192 -55.33 15.38 39.73
C PHE M 192 -55.01 15.51 38.25
N ASN M 193 -53.72 15.45 37.92
CA ASN M 193 -53.28 15.56 36.54
C ASN M 193 -53.55 14.24 35.81
N ASP M 194 -54.11 14.34 34.61
CA ASP M 194 -54.36 13.17 33.76
C ASP M 194 -53.11 12.91 32.91
N ASP M 195 -52.03 12.53 33.60
CA ASP M 195 -50.75 12.26 32.95
C ASP M 195 -50.31 10.81 33.08
N TRP M 196 -51.19 9.92 33.52
CA TRP M 196 -50.85 8.50 33.67
C TRP M 196 -51.21 7.79 32.37
N ASP M 197 -50.19 7.45 31.58
CA ASP M 197 -50.32 6.74 30.31
C ASP M 197 -49.10 5.83 30.23
N ASN M 198 -49.17 4.71 30.95
CA ASN M 198 -48.01 3.91 31.28
C ASN M 198 -48.03 2.58 30.53
N LEU M 199 -46.89 1.91 30.53
CA LEU M 199 -46.78 0.59 29.92
C LEU M 199 -47.76 -0.39 30.56
N GLY M 200 -47.60 -0.63 31.86
CA GLY M 200 -48.49 -1.48 32.62
C GLY M 200 -49.01 -0.75 33.84
N GLN M 201 -49.81 -1.49 34.62
CA GLN M 201 -50.50 -0.91 35.79
C GLN M 201 -51.27 0.35 35.40
N ARG M 202 -51.91 0.29 34.23
CA ARG M 202 -52.50 1.48 33.65
C ARG M 202 -53.71 1.98 34.43
N LEU M 203 -54.40 1.09 35.14
CA LEU M 203 -55.62 1.43 35.84
C LEU M 203 -55.40 1.61 37.34
N THR M 204 -54.18 1.94 37.76
CA THR M 204 -53.87 2.15 39.16
C THR M 204 -54.04 3.59 39.60
N ALA M 205 -54.41 4.49 38.68
CA ALA M 205 -54.52 5.91 38.99
C ALA M 205 -53.24 6.46 39.60
N SER M 206 -52.10 6.08 39.01
CA SER M 206 -50.79 6.47 39.50
C SER M 206 -50.27 7.75 38.85
N GLY M 207 -51.16 8.64 38.44
CA GLY M 207 -50.76 9.92 37.91
C GLY M 207 -50.28 10.85 38.99
N SER M 208 -49.91 12.06 38.58
CA SER M 208 -49.38 13.06 39.50
C SER M 208 -50.52 13.86 40.13
N VAL M 209 -50.27 14.35 41.34
CA VAL M 209 -51.24 15.12 42.11
C VAL M 209 -50.60 16.45 42.46
N GLU M 210 -51.22 17.54 42.03
CA GLU M 210 -50.75 18.88 42.34
C GLU M 210 -51.34 19.34 43.66
N PHE M 211 -50.48 19.77 44.58
CA PHE M 211 -50.89 20.36 45.85
C PHE M 211 -50.79 21.88 45.71
N ASP M 212 -51.95 22.54 45.65
CA ASP M 212 -52.01 24.00 45.54
C ASP M 212 -52.48 24.55 46.88
N ASN M 213 -51.52 24.71 47.80
CA ASN M 213 -51.77 25.26 49.13
C ASN M 213 -52.85 24.45 49.86
N VAL M 214 -52.60 23.15 49.97
CA VAL M 214 -53.55 22.24 50.61
C VAL M 214 -53.38 22.33 52.13
N LEU M 215 -54.50 22.40 52.83
CA LEU M 215 -54.50 22.51 54.28
C LEU M 215 -54.36 21.14 54.93
N LEU M 216 -53.46 21.05 55.91
CA LEU M 216 -53.34 19.87 56.77
C LEU M 216 -53.66 20.35 58.19
N ARG M 217 -54.89 20.12 58.63
CA ARG M 217 -55.30 20.54 59.95
C ARG M 217 -54.51 19.77 61.02
N HIS M 218 -54.29 20.43 62.16
CA HIS M 218 -53.44 19.87 63.20
C HIS M 218 -54.01 18.56 63.75
N ASP M 219 -55.34 18.47 63.89
CA ASP M 219 -55.95 17.24 64.38
C ASP M 219 -55.90 16.12 63.35
N GLU M 220 -55.58 16.42 62.09
CA GLU M 220 -55.39 15.40 61.07
C GLU M 220 -53.97 14.85 61.03
N VAL M 221 -53.05 15.42 61.79
CA VAL M 221 -51.67 14.95 61.83
C VAL M 221 -51.60 13.67 62.66
N LEU M 222 -51.04 12.62 62.05
CA LEU M 222 -50.93 11.32 62.71
C LEU M 222 -49.80 11.36 63.73
N THR M 223 -50.09 10.98 64.97
CA THR M 223 -49.13 11.05 66.07
C THR M 223 -48.94 9.70 66.76
N GLY M 224 -49.21 8.60 66.05
CA GLY M 224 -49.09 7.28 66.66
C GLY M 224 -47.66 6.91 67.01
N LEU M 225 -46.68 7.46 66.30
CA LEU M 225 -45.27 7.16 66.58
C LEU M 225 -44.73 7.87 67.81
N ASP M 226 -45.51 8.77 68.41
CA ASP M 226 -45.00 9.55 69.54
C ASP M 226 -44.71 8.69 70.75
N GLU M 227 -45.44 7.60 70.93
CA GLU M 227 -45.22 6.76 72.11
C GLU M 227 -43.96 5.91 72.00
N TYR M 228 -43.41 5.76 70.80
CA TYR M 228 -42.17 5.01 70.61
C TYR M 228 -40.98 5.94 70.76
N SER M 229 -39.91 5.41 71.35
CA SER M 229 -38.74 6.22 71.67
C SER M 229 -38.07 6.70 70.39
N GLY M 230 -37.73 7.99 70.37
CA GLY M 230 -36.97 8.55 69.26
C GLY M 230 -35.50 8.63 69.57
N LEU M 231 -35.05 7.80 70.52
CA LEU M 231 -33.65 7.79 70.96
C LEU M 231 -32.95 6.47 70.64
N ASP M 232 -33.53 5.34 71.02
CA ASP M 232 -32.92 4.04 70.81
C ASP M 232 -33.26 3.41 69.47
N GLY M 233 -33.89 4.15 68.57
CA GLY M 233 -34.26 3.65 67.27
C GLY M 233 -35.60 2.92 67.22
N SER M 234 -36.34 2.88 68.32
CA SER M 234 -37.62 2.18 68.34
C SER M 234 -38.62 2.83 67.39
N ARG M 235 -38.62 4.16 67.30
CA ARG M 235 -39.55 4.84 66.42
C ARG M 235 -39.22 4.57 64.95
N GLU M 236 -37.93 4.57 64.61
CA GLU M 236 -37.53 4.34 63.23
C GLU M 236 -37.84 2.91 62.78
N ARG M 237 -37.69 1.94 63.69
CA ARG M 237 -38.00 0.56 63.33
C ARG M 237 -39.49 0.28 63.32
N ARG M 238 -40.24 0.91 64.24
CA ARG M 238 -41.69 0.80 64.19
C ARG M 238 -42.25 1.40 62.91
N ASP M 239 -41.79 2.60 62.56
CA ASP M 239 -42.19 3.21 61.29
C ASP M 239 -41.63 2.44 60.11
N GLY M 240 -40.47 1.81 60.26
CA GLY M 240 -39.87 1.05 59.18
C GLY M 240 -40.71 -0.12 58.73
N LEU M 241 -41.64 -0.59 59.58
CA LEU M 241 -42.51 -1.69 59.18
C LEU M 241 -43.37 -1.32 57.98
N ARG M 242 -43.69 -0.03 57.81
CA ARG M 242 -44.48 0.40 56.66
C ARG M 242 -43.77 0.07 55.36
N ALA M 243 -42.47 0.39 55.27
CA ALA M 243 -41.71 0.12 54.06
C ALA M 243 -41.55 -1.38 53.81
N LEU M 244 -41.44 -2.18 54.87
CA LEU M 244 -41.34 -3.62 54.69
C LEU M 244 -42.65 -4.21 54.18
N PHE M 245 -43.78 -3.72 54.68
CA PHE M 245 -45.06 -4.23 54.21
C PHE M 245 -45.31 -3.85 52.75
N SER M 246 -44.88 -2.66 52.35
CA SER M 246 -44.97 -2.27 50.95
C SER M 246 -44.21 -3.25 50.06
N GLN M 247 -42.99 -3.61 50.47
CA GLN M 247 -42.26 -4.65 49.75
C GLN M 247 -43.01 -5.96 49.75
N LEU M 248 -43.73 -6.25 50.83
CA LEU M 248 -44.47 -7.51 50.92
C LEU M 248 -45.65 -7.54 49.94
N ILE M 249 -46.40 -6.43 49.85
CA ILE M 249 -47.52 -6.39 48.93
C ILE M 249 -47.03 -6.45 47.49
N PHE M 250 -45.82 -5.94 47.21
CA PHE M 250 -45.25 -6.06 45.88
C PHE M 250 -44.98 -7.53 45.56
N VAL M 251 -44.51 -8.29 46.55
CA VAL M 251 -44.24 -9.71 46.36
C VAL M 251 -45.51 -10.44 45.94
N HIS M 252 -46.60 -10.25 46.68
CA HIS M 252 -47.84 -10.94 46.37
C HIS M 252 -48.44 -10.45 45.06
N LEU M 253 -48.22 -9.18 44.72
CA LEU M 253 -48.69 -8.65 43.45
C LEU M 253 -47.98 -9.32 42.27
N TYR M 254 -46.66 -9.47 42.38
CA TYR M 254 -45.90 -10.09 41.30
C TYR M 254 -46.27 -11.56 41.14
N LEU M 255 -46.45 -12.27 42.26
CA LEU M 255 -46.80 -13.68 42.19
C LEU M 255 -48.20 -13.87 41.62
N GLY M 256 -49.14 -13.01 42.01
CA GLY M 256 -50.48 -13.09 41.45
C GLY M 256 -50.51 -12.85 39.95
N ILE M 257 -49.78 -11.82 39.50
CA ILE M 257 -49.67 -11.56 38.06
C ILE M 257 -49.03 -12.75 37.36
N ALA M 258 -48.05 -13.39 37.99
CA ALA M 258 -47.41 -14.56 37.40
C ALA M 258 -48.39 -15.72 37.29
N GLU M 259 -49.26 -15.88 38.29
CA GLU M 259 -50.25 -16.95 38.23
C GLU M 259 -51.29 -16.69 37.15
N GLY M 260 -51.66 -15.42 36.94
CA GLY M 260 -52.59 -15.08 35.88
C GLY M 260 -52.00 -15.29 34.50
N ALA M 261 -50.72 -14.94 34.34
CA ALA M 261 -50.05 -15.14 33.06
C ALA M 261 -49.93 -16.62 32.72
N LEU M 262 -49.49 -17.43 33.68
CA LEU M 262 -49.34 -18.86 33.42
C LEU M 262 -50.68 -19.50 33.09
N ALA M 263 -51.74 -19.11 33.79
CA ALA M 263 -53.05 -19.67 33.51
C ALA M 263 -53.56 -19.23 32.15
N ALA M 264 -53.30 -17.97 31.77
CA ALA M 264 -53.76 -17.47 30.48
C ALA M 264 -53.02 -18.14 29.33
N GLY M 265 -51.71 -18.36 29.49
CA GLY M 265 -50.97 -19.06 28.46
C GLY M 265 -51.44 -20.49 28.28
N VAL M 266 -51.63 -21.20 29.39
CA VAL M 266 -52.16 -22.57 29.32
C VAL M 266 -53.53 -22.58 28.67
N ALA M 267 -54.39 -21.63 29.04
CA ALA M 267 -55.74 -21.60 28.47
C ALA M 267 -55.69 -21.36 26.97
N TYR M 268 -54.80 -20.48 26.51
CA TYR M 268 -54.67 -20.25 25.07
C TYR M 268 -54.20 -21.50 24.35
N ILE M 269 -53.22 -22.22 24.93
CA ILE M 269 -52.70 -23.41 24.27
C ILE M 269 -53.79 -24.48 24.14
N ARG M 270 -54.57 -24.68 25.20
CA ARG M 270 -55.61 -25.72 25.17
C ARG M 270 -56.73 -25.35 24.20
N ASP M 271 -56.99 -24.05 24.01
CA ASP M 271 -58.10 -23.60 23.19
C ASP M 271 -57.68 -23.29 21.76
N LYS M 272 -56.63 -22.50 21.57
CA LYS M 272 -56.23 -22.02 20.26
C LYS M 272 -54.91 -22.59 19.76
N GLY M 273 -54.20 -23.37 20.59
CA GLY M 273 -52.87 -23.82 20.21
C GLY M 273 -52.92 -24.81 19.06
N ARG M 274 -51.89 -24.74 18.22
CA ARG M 274 -51.73 -25.64 17.08
C ARG M 274 -50.38 -26.33 17.17
N PRO M 275 -50.29 -27.60 16.81
CA PRO M 275 -49.03 -28.33 16.95
C PRO M 275 -48.00 -27.84 15.93
N TRP M 276 -46.74 -27.98 16.30
CA TRP M 276 -45.64 -27.66 15.39
C TRP M 276 -45.37 -28.86 14.48
N PRO M 277 -45.21 -28.66 13.17
CA PRO M 277 -45.06 -29.81 12.26
C PRO M 277 -43.88 -30.72 12.58
N GLU M 278 -42.79 -30.17 13.11
CA GLU M 278 -41.65 -31.01 13.48
C GLU M 278 -41.90 -31.83 14.74
N ALA M 279 -42.97 -31.56 15.47
CA ALA M 279 -43.24 -32.29 16.70
C ALA M 279 -43.68 -33.72 16.40
N HIS M 280 -43.51 -34.58 17.40
CA HIS M 280 -43.92 -35.97 17.24
C HIS M 280 -45.44 -36.11 17.20
N SER M 281 -46.13 -35.44 18.11
CA SER M 281 -47.57 -35.58 18.24
C SER M 281 -48.30 -34.44 17.54
N THR M 282 -49.48 -34.75 17.01
CA THR M 282 -50.35 -33.75 16.44
C THR M 282 -51.19 -33.04 17.51
N ASP M 283 -51.00 -33.40 18.77
CA ASP M 283 -51.68 -32.76 19.89
C ASP M 283 -50.74 -31.70 20.45
N VAL M 284 -51.17 -30.44 20.40
CA VAL M 284 -50.32 -29.34 20.88
C VAL M 284 -50.06 -29.48 22.38
N THR M 285 -51.02 -30.05 23.12
CA THR M 285 -50.86 -30.22 24.56
C THR M 285 -49.89 -31.32 24.93
N GLU M 286 -49.36 -32.05 23.95
CA GLU M 286 -48.37 -33.10 24.19
C GLU M 286 -46.96 -32.66 23.78
N ASP M 287 -46.79 -31.39 23.43
CA ASP M 287 -45.46 -30.91 23.04
C ASP M 287 -44.53 -30.95 24.24
N PRO M 288 -43.36 -31.58 24.12
CA PRO M 288 -42.50 -31.75 25.30
C PRO M 288 -41.87 -30.46 25.78
N TYR M 289 -41.68 -29.48 24.91
CA TYR M 289 -41.09 -28.22 25.33
C TYR M 289 -42.12 -27.31 25.99
N HIS M 290 -43.36 -27.31 25.49
CA HIS M 290 -44.42 -26.59 26.20
C HIS M 290 -44.58 -27.12 27.61
N GLN M 291 -44.65 -28.45 27.77
CA GLN M 291 -44.83 -29.05 29.08
C GLN M 291 -43.67 -28.77 30.01
N GLN M 292 -42.44 -28.84 29.50
CA GLN M 292 -41.27 -28.56 30.34
C GLN M 292 -41.25 -27.11 30.78
N LEU M 293 -41.46 -26.19 29.84
CA LEU M 293 -41.43 -24.77 30.17
C LEU M 293 -42.51 -24.40 31.18
N LEU M 294 -43.74 -24.86 30.93
CA LEU M 294 -44.85 -24.52 31.83
C LEU M 294 -44.66 -25.14 33.21
N GLY M 295 -44.08 -26.33 33.27
CA GLY M 295 -43.84 -26.96 34.56
C GLY M 295 -42.75 -26.27 35.35
N ARG M 296 -41.70 -25.82 34.68
CA ARG M 296 -40.65 -25.07 35.35
C ARG M 296 -41.19 -23.77 35.92
N LEU M 297 -42.03 -23.07 35.15
CA LEU M 297 -42.62 -21.82 35.63
C LEU M 297 -43.57 -22.07 36.79
N SER M 298 -44.43 -23.08 36.66
CA SER M 298 -45.36 -23.40 37.74
C SER M 298 -44.60 -23.71 39.03
N ALA M 299 -43.48 -24.42 38.93
CA ALA M 299 -42.70 -24.75 40.11
C ALA M 299 -42.10 -23.49 40.75
N GLY M 300 -41.58 -22.58 39.91
CA GLY M 300 -41.01 -21.36 40.45
C GLY M 300 -42.04 -20.48 41.14
N ILE M 301 -43.25 -20.43 40.60
CA ILE M 301 -44.33 -19.67 41.24
C ILE M 301 -44.65 -20.26 42.60
N ALA M 302 -44.77 -21.59 42.67
CA ALA M 302 -45.11 -22.24 43.93
C ALA M 302 -44.06 -21.97 45.00
N ALA M 303 -42.78 -21.91 44.60
CA ALA M 303 -41.73 -21.60 45.56
C ALA M 303 -41.86 -20.16 46.06
N GLY M 304 -42.15 -19.23 45.16
CA GLY M 304 -42.31 -17.84 45.57
C GLY M 304 -43.49 -17.65 46.50
N VAL M 305 -44.59 -18.37 46.25
CA VAL M 305 -45.77 -18.26 47.10
C VAL M 305 -45.47 -18.78 48.50
N ALA M 306 -44.81 -19.94 48.60
CA ALA M 306 -44.48 -20.50 49.90
C ALA M 306 -43.60 -19.55 50.71
N LEU M 307 -42.62 -18.92 50.05
CA LEU M 307 -41.77 -17.96 50.75
C LEU M 307 -42.54 -16.69 51.10
N ALA M 308 -43.45 -16.26 50.21
CA ALA M 308 -44.19 -15.03 50.44
C ALA M 308 -45.12 -15.15 51.64
N ASP M 309 -45.89 -16.25 51.71
CA ASP M 309 -46.82 -16.42 52.81
C ASP M 309 -46.09 -16.59 54.14
N SER M 310 -44.90 -17.20 54.12
CA SER M 310 -44.10 -17.30 55.34
C SER M 310 -43.58 -15.93 55.77
N ALA M 311 -43.15 -15.12 54.82
CA ALA M 311 -42.63 -13.79 55.16
C ALA M 311 -43.75 -12.89 55.68
N THR M 312 -44.97 -13.04 55.15
CA THR M 312 -46.09 -12.24 55.65
C THR M 312 -46.46 -12.64 57.07
N LYS M 313 -46.39 -13.94 57.37
CA LYS M 313 -46.64 -14.40 58.73
C LYS M 313 -45.64 -13.78 59.71
N GLU M 314 -44.38 -13.68 59.30
CA GLU M 314 -43.38 -13.06 60.17
C GLU M 314 -43.61 -11.55 60.32
N PHE M 315 -44.19 -10.90 59.31
CA PHE M 315 -44.53 -9.49 59.46
C PHE M 315 -45.62 -9.31 60.50
N GLU M 316 -46.66 -10.14 60.44
CA GLU M 316 -47.76 -10.04 61.41
C GLU M 316 -47.24 -10.13 62.83
N GLN M 317 -46.30 -11.06 63.08
CA GLN M 317 -45.75 -11.21 64.42
C GLN M 317 -44.97 -9.97 64.85
N ALA M 318 -44.19 -9.39 63.93
CA ALA M 318 -43.44 -8.18 64.28
C ALA M 318 -44.38 -7.01 64.54
N LEU M 319 -45.46 -6.90 63.77
CA LEU M 319 -46.43 -5.83 64.00
C LEU M 319 -47.17 -6.02 65.32
N ALA M 320 -47.37 -7.27 65.73
CA ALA M 320 -48.08 -7.58 66.97
C ALA M 320 -47.18 -7.57 68.20
N PHE M 321 -45.90 -7.21 68.04
CA PHE M 321 -45.01 -7.11 69.20
C PHE M 321 -45.52 -6.06 70.17
N GLY M 322 -45.35 -6.34 71.47
CA GLY M 322 -45.72 -5.36 72.48
C GLY M 322 -44.87 -4.10 72.45
N GLU M 323 -43.68 -4.19 71.87
CA GLU M 323 -42.78 -3.06 71.69
C GLU M 323 -42.43 -2.95 70.21
N ALA M 324 -41.60 -1.96 69.89
CA ALA M 324 -41.07 -1.88 68.55
C ALA M 324 -40.09 -3.04 68.32
N PRO M 325 -39.96 -3.51 67.09
CA PRO M 325 -39.01 -4.61 66.83
C PRO M 325 -37.59 -4.16 67.11
N THR M 326 -36.79 -5.07 67.66
CA THR M 326 -35.39 -4.77 67.91
C THR M 326 -34.62 -4.70 66.60
N GLU M 327 -33.35 -4.29 66.70
CA GLU M 327 -32.50 -4.24 65.52
C GLU M 327 -32.38 -5.61 64.88
N ALA M 328 -32.27 -6.66 65.69
CA ALA M 328 -32.15 -8.01 65.15
C ALA M 328 -33.48 -8.49 64.58
N GLN M 329 -34.59 -8.18 65.24
CA GLN M 329 -35.90 -8.60 64.75
C GLN M 329 -36.28 -7.86 63.48
N TRP M 330 -36.03 -6.55 63.45
CA TRP M 330 -36.32 -5.77 62.25
C TRP M 330 -35.43 -6.20 61.08
N GLY M 331 -34.15 -6.45 61.36
CA GLY M 331 -33.26 -6.88 60.30
C GLY M 331 -33.57 -8.28 59.79
N ALA M 332 -33.94 -9.19 60.71
CA ALA M 332 -34.32 -10.53 60.29
C ALA M 332 -35.56 -10.50 59.40
N LEU M 333 -36.54 -9.66 59.76
CA LEU M 333 -37.72 -9.51 58.91
C LEU M 333 -37.37 -8.88 57.58
N ALA M 334 -36.47 -7.89 57.58
CA ALA M 334 -36.08 -7.22 56.34
C ALA M 334 -35.40 -8.20 55.39
N ILE M 335 -34.53 -9.06 55.91
CA ILE M 335 -33.89 -10.07 55.07
C ILE M 335 -34.92 -11.01 54.47
N ARG M 336 -35.88 -11.46 55.29
CA ARG M 336 -36.92 -12.35 54.80
C ARG M 336 -37.74 -11.70 53.71
N VAL M 337 -38.05 -10.42 53.87
CA VAL M 337 -38.82 -9.70 52.86
C VAL M 337 -37.97 -9.47 51.61
N ASP M 338 -36.68 -9.16 51.79
CA ASP M 338 -35.78 -9.02 50.65
C ASP M 338 -35.71 -10.31 49.84
N GLN M 339 -35.63 -11.46 50.54
CA GLN M 339 -35.58 -12.73 49.85
C GLN M 339 -36.85 -12.99 49.06
N ALA M 340 -38.01 -12.74 49.69
CA ALA M 340 -39.28 -12.90 48.99
C ALA M 340 -39.38 -11.93 47.81
N LYS M 341 -38.85 -10.71 47.97
CA LYS M 341 -38.89 -9.73 46.89
C LYS M 341 -38.02 -10.17 45.71
N SER M 342 -36.85 -10.75 46.00
CA SER M 342 -35.97 -11.21 44.94
C SER M 342 -36.60 -12.36 44.14
N VAL M 343 -37.15 -13.35 44.85
CA VAL M 343 -37.72 -14.51 44.18
C VAL M 343 -38.97 -14.12 43.39
N ALA M 344 -39.85 -13.30 43.99
CA ALA M 344 -41.09 -12.95 43.31
C ALA M 344 -40.85 -12.08 42.08
N THR M 345 -39.84 -11.20 42.15
CA THR M 345 -39.49 -10.39 40.98
C THR M 345 -38.99 -11.26 39.84
N GLU M 346 -38.09 -12.20 40.15
CA GLU M 346 -37.49 -13.02 39.10
C GLU M 346 -38.52 -13.93 38.43
N ILE M 347 -39.37 -14.59 39.22
CA ILE M 347 -40.31 -15.55 38.65
C ILE M 347 -41.38 -14.84 37.82
N SER M 348 -41.86 -13.69 38.29
CA SER M 348 -42.91 -12.98 37.56
C SER M 348 -42.40 -12.48 36.22
N LEU M 349 -41.19 -11.91 36.19
CA LEU M 349 -40.60 -11.53 34.91
C LEU M 349 -40.35 -12.75 34.04
N ASP M 350 -39.91 -13.85 34.65
CA ASP M 350 -39.68 -15.09 33.92
C ASP M 350 -40.96 -15.58 33.25
N VAL M 351 -42.05 -15.65 34.01
CA VAL M 351 -43.29 -16.22 33.49
C VAL M 351 -43.88 -15.35 32.39
N THR M 352 -44.10 -14.06 32.69
CA THR M 352 -44.82 -13.20 31.75
C THR M 352 -44.06 -12.98 30.45
N HIS M 353 -42.73 -13.11 30.49
CA HIS M 353 -41.88 -12.91 29.32
C HIS M 353 -41.76 -14.17 28.47
N ASN M 354 -41.56 -15.33 29.10
CA ASN M 354 -41.30 -16.57 28.38
C ASN M 354 -42.56 -17.33 28.01
N ILE M 355 -43.73 -16.89 28.46
CA ILE M 355 -44.97 -17.60 28.16
C ILE M 355 -45.23 -17.64 26.66
N TYR M 356 -44.78 -16.62 25.92
CA TYR M 356 -45.00 -16.56 24.48
C TYR M 356 -44.27 -17.65 23.72
N GLN M 357 -43.18 -18.20 24.28
CA GLN M 357 -42.47 -19.27 23.59
C GLN M 357 -43.34 -20.51 23.46
N ALA M 358 -44.31 -20.67 24.36
CA ALA M 358 -45.23 -21.80 24.31
C ALA M 358 -46.54 -21.48 23.59
N THR M 359 -46.98 -20.22 23.59
CA THR M 359 -48.28 -19.87 23.02
C THR M 359 -48.23 -19.65 21.51
N GLY M 360 -47.10 -19.18 20.98
CA GLY M 360 -46.90 -19.17 19.54
C GLY M 360 -47.15 -17.83 18.88
N ALA M 361 -47.08 -17.85 17.55
CA ALA M 361 -47.10 -16.62 16.77
C ALA M 361 -48.47 -15.94 16.79
N ARG M 362 -49.53 -16.72 16.56
CA ARG M 362 -50.87 -16.14 16.50
C ARG M 362 -51.32 -15.58 17.85
N SER M 363 -50.71 -16.02 18.96
CA SER M 363 -51.06 -15.46 20.26
C SER M 363 -50.62 -14.02 20.41
N THR M 364 -49.71 -13.54 19.55
CA THR M 364 -49.23 -12.17 19.65
C THR M 364 -50.21 -11.14 19.11
N ALA M 365 -51.37 -11.57 18.62
CA ALA M 365 -52.38 -10.61 18.18
C ALA M 365 -52.93 -9.85 19.38
N ASN M 366 -53.20 -8.56 19.18
CA ASN M 366 -53.72 -7.74 20.28
C ASN M 366 -55.11 -8.17 20.72
N SER M 367 -55.87 -8.85 19.86
CA SER M 367 -57.13 -9.43 20.30
C SER M 367 -56.91 -10.48 21.39
N VAL M 368 -55.75 -11.14 21.40
CA VAL M 368 -55.44 -12.09 22.45
C VAL M 368 -54.96 -11.35 23.71
N GLY M 369 -54.06 -10.39 23.54
CA GLY M 369 -53.59 -9.56 24.64
C GLY M 369 -52.90 -10.28 25.77
N LEU M 370 -52.06 -11.27 25.46
CA LEU M 370 -51.30 -11.96 26.50
C LEU M 370 -50.21 -11.09 27.11
N ASP M 371 -49.85 -9.98 26.45
CA ASP M 371 -48.77 -9.14 26.92
C ASP M 371 -49.15 -8.29 28.11
N ILE M 372 -50.43 -8.25 28.48
CA ILE M 372 -50.86 -7.39 29.60
C ILE M 372 -50.18 -7.80 30.89
N TYR M 373 -49.92 -9.09 31.08
CA TYR M 373 -49.23 -9.54 32.27
C TYR M 373 -47.79 -9.06 32.29
N TRP M 374 -47.09 -9.16 31.15
CA TRP M 374 -45.73 -8.67 31.06
C TRP M 374 -45.67 -7.17 31.29
N ARG M 375 -46.57 -6.43 30.64
CA ARG M 375 -46.60 -4.98 30.85
C ARG M 375 -46.83 -4.63 32.31
N ASN M 376 -47.66 -5.41 32.99
CA ASN M 376 -47.94 -5.16 34.40
C ASN M 376 -46.75 -5.51 35.28
N ALA M 377 -46.19 -6.71 35.10
CA ALA M 377 -45.07 -7.14 35.93
C ALA M 377 -43.80 -6.35 35.62
N ARG M 378 -43.49 -6.16 34.33
CA ARG M 378 -42.31 -5.38 33.97
C ARG M 378 -42.39 -3.95 34.50
N THR M 379 -43.59 -3.39 34.55
CA THR M 379 -43.73 -2.02 35.06
C THR M 379 -43.41 -1.93 36.54
N HIS M 380 -44.12 -2.70 37.36
CA HIS M 380 -43.99 -2.52 38.80
C HIS M 380 -42.69 -3.06 39.37
N THR M 381 -42.08 -4.04 38.71
CA THR M 381 -40.79 -4.55 39.19
C THR M 381 -39.68 -3.52 39.12
N THR M 382 -39.89 -2.39 38.44
CA THR M 382 -38.93 -1.29 38.43
C THR M 382 -39.16 -0.30 39.56
N HIS M 383 -40.08 -0.58 40.48
CA HIS M 383 -40.37 0.34 41.57
C HIS M 383 -39.11 0.69 42.35
N ASP M 384 -38.34 -0.32 42.76
CA ASP M 384 -37.01 -0.14 43.30
C ASP M 384 -36.12 -1.22 42.71
N PRO M 385 -34.84 -0.91 42.47
CA PRO M 385 -33.99 -1.84 41.71
C PRO M 385 -33.77 -3.16 42.43
N LEU M 386 -34.02 -4.25 41.71
CA LEU M 386 -33.83 -5.59 42.28
C LEU M 386 -32.43 -5.85 42.82
N PRO M 387 -31.33 -5.51 42.13
CA PRO M 387 -30.01 -5.86 42.66
C PRO M 387 -29.67 -5.23 44.00
N TYR M 388 -30.34 -4.14 44.39
CA TYR M 388 -30.05 -3.56 45.69
C TYR M 388 -30.73 -4.31 46.83
N ARG M 389 -31.85 -4.99 46.55
CA ARG M 389 -32.46 -5.85 47.57
C ARG M 389 -31.67 -7.14 47.74
N GLN M 390 -31.15 -7.69 46.65
CA GLN M 390 -30.27 -8.84 46.74
C GLN M 390 -28.96 -8.46 47.41
N ARG M 391 -28.44 -7.27 47.10
CA ARG M 391 -27.22 -6.79 47.73
C ARG M 391 -27.36 -6.73 49.25
N GLU M 392 -28.53 -6.29 49.73
CA GLU M 392 -28.71 -6.16 51.18
C GLU M 392 -28.64 -7.51 51.88
N ILE M 393 -29.10 -8.57 51.23
CA ILE M 393 -29.00 -9.91 51.80
C ILE M 393 -27.53 -10.34 51.86
N GLY M 394 -26.82 -10.22 50.74
CA GLY M 394 -25.43 -10.63 50.71
C GLY M 394 -24.56 -9.80 51.65
N ARG M 395 -24.88 -8.51 51.77
CA ARG M 395 -24.11 -7.65 52.68
C ARG M 395 -24.28 -8.10 54.13
N HIS M 396 -25.48 -8.53 54.50
CA HIS M 396 -25.68 -9.06 55.84
C HIS M 396 -24.87 -10.35 56.06
N LEU M 397 -24.87 -11.24 55.06
CA LEU M 397 -24.11 -12.48 55.17
C LEU M 397 -22.61 -12.21 55.32
N LEU M 398 -22.11 -11.17 54.69
CA LEU M 398 -20.67 -10.92 54.66
C LEU M 398 -20.18 -10.03 55.80
N THR M 399 -21.06 -9.18 56.36
CA THR M 399 -20.65 -8.23 57.38
C THR M 399 -21.42 -8.34 58.69
N ASP M 400 -22.39 -9.25 58.78
CA ASP M 400 -23.19 -9.46 59.98
C ASP M 400 -24.09 -8.27 60.31
N GLN M 401 -24.05 -7.23 59.48
CA GLN M 401 -24.80 -6.02 59.76
C GLN M 401 -26.23 -6.15 59.27
N TRP M 402 -27.18 -5.90 60.17
CA TRP M 402 -28.59 -6.02 59.83
C TRP M 402 -29.04 -4.83 59.00
N PRO M 403 -29.98 -5.06 58.07
CA PRO M 403 -30.65 -3.92 57.42
C PRO M 403 -31.33 -3.05 58.46
N SER M 404 -31.27 -1.73 58.23
CA SER M 404 -31.81 -0.77 59.17
C SER M 404 -32.76 0.16 58.43
N PRO M 405 -33.72 0.77 59.15
CA PRO M 405 -34.60 1.77 58.52
C PRO M 405 -33.81 2.94 57.95
N ARG M 406 -33.81 3.08 56.63
CA ARG M 406 -33.04 4.13 55.98
C ARG M 406 -33.88 5.39 55.78
N HIS N 11 7.39 -8.84 9.94
CA HIS N 11 7.49 -10.19 9.41
C HIS N 11 7.17 -11.21 10.48
N ALA N 12 6.68 -10.75 11.62
CA ALA N 12 6.27 -11.62 12.70
C ALA N 12 4.78 -11.92 12.59
N TYR N 13 4.44 -13.20 12.81
CA TYR N 13 3.04 -13.64 12.81
C TYR N 13 2.35 -13.37 11.46
N GLN N 14 3.03 -13.77 10.38
CA GLN N 14 2.48 -13.53 9.05
C GLN N 14 1.41 -14.56 8.66
N GLY N 15 1.52 -15.78 9.16
CA GLY N 15 0.53 -16.80 8.87
C GLY N 15 0.95 -17.73 7.76
N VAL N 16 0.53 -19.00 7.87
CA VAL N 16 0.78 -19.99 6.83
C VAL N 16 -0.39 -19.98 5.86
N SER N 17 -0.21 -20.59 4.69
CA SER N 17 -1.27 -20.63 3.69
C SER N 17 -2.46 -21.44 4.21
N ASP N 18 -3.58 -21.34 3.48
CA ASP N 18 -4.79 -22.06 3.90
C ASP N 18 -4.60 -23.56 3.82
N THR N 19 -3.92 -24.05 2.77
CA THR N 19 -3.72 -25.49 2.64
C THR N 19 -2.72 -26.01 3.67
N GLU N 20 -1.70 -25.23 3.97
CA GLU N 20 -0.73 -25.66 4.99
C GLU N 20 -1.33 -25.62 6.39
N PHE N 21 -2.26 -24.68 6.64
CA PHE N 21 -2.90 -24.64 7.95
C PHE N 21 -3.81 -25.84 8.17
N SER N 22 -4.44 -26.34 7.10
CA SER N 22 -5.21 -27.57 7.23
C SER N 22 -4.33 -28.73 7.69
N GLU N 23 -3.09 -28.77 7.21
CA GLU N 23 -2.15 -29.79 7.67
C GLU N 23 -1.76 -29.58 9.13
N TRP N 24 -1.65 -28.33 9.57
CA TRP N 24 -1.37 -28.07 10.98
C TRP N 24 -2.56 -28.42 11.86
N GLU N 25 -3.79 -28.20 11.37
CA GLU N 25 -4.96 -28.65 12.11
C GLU N 25 -4.96 -30.17 12.25
N GLN N 26 -4.47 -30.88 11.24
N GLN N 26 -4.48 -30.88 11.25
CA GLN N 26 -4.35 -32.32 11.35
CA GLN N 26 -4.36 -32.34 11.35
C GLN N 26 -3.28 -32.73 12.35
C GLN N 26 -3.27 -32.72 12.34
N VAL N 27 -2.19 -31.95 12.42
CA VAL N 27 -1.16 -32.18 13.43
C VAL N 27 -1.73 -31.96 14.82
N ALA N 28 -2.53 -30.90 15.00
CA ALA N 28 -3.11 -30.61 16.30
C ALA N 28 -4.13 -31.66 16.71
N ALA N 29 -4.89 -32.19 15.76
CA ALA N 29 -5.84 -33.25 16.07
C ALA N 29 -5.14 -34.54 16.49
N ARG N 30 -4.00 -34.85 15.85
CA ARG N 30 -3.23 -36.01 16.25
C ARG N 30 -2.73 -35.87 17.69
N VAL N 31 -2.17 -34.70 18.02
CA VAL N 31 -1.70 -34.46 19.38
C VAL N 31 -2.87 -34.46 20.36
N ALA N 32 -4.00 -33.84 19.98
CA ALA N 32 -5.16 -33.82 20.85
C ALA N 32 -5.65 -35.24 21.16
N GLY N 33 -5.69 -36.11 20.15
CA GLY N 33 -6.11 -37.48 20.38
C GLY N 33 -5.22 -38.19 21.39
N GLU N 34 -3.91 -38.04 21.23
CA GLU N 34 -2.97 -38.70 22.14
C GLU N 34 -3.07 -38.12 23.55
N LEU N 35 -3.26 -36.81 23.67
CA LEU N 35 -3.43 -36.20 24.99
C LEU N 35 -4.73 -36.65 25.63
N SER N 36 -5.81 -36.74 24.84
CA SER N 36 -7.11 -37.06 25.40
C SER N 36 -7.15 -38.44 26.01
N ALA N 37 -6.34 -39.38 25.50
CA ALA N 37 -6.40 -40.74 25.99
C ALA N 37 -5.82 -40.87 27.40
N THR N 38 -4.92 -39.96 27.77
CA THR N 38 -4.26 -40.02 29.06
C THR N 38 -4.57 -38.82 29.95
N ALA N 39 -5.55 -38.00 29.58
CA ALA N 39 -5.81 -36.77 30.34
C ALA N 39 -6.26 -37.08 31.77
N LEU N 40 -7.13 -38.07 31.94
CA LEU N 40 -7.61 -38.41 33.28
C LEU N 40 -6.50 -39.01 34.13
N THR N 41 -5.73 -39.94 33.57
CA THR N 41 -4.65 -40.56 34.34
C THR N 41 -3.60 -39.53 34.74
N ARG N 42 -3.21 -38.67 33.81
CA ARG N 42 -2.19 -37.66 34.10
C ARG N 42 -2.72 -36.61 35.09
N ASP N 43 -4.00 -36.25 34.97
CA ASP N 43 -4.56 -35.24 35.85
C ASP N 43 -4.51 -35.68 37.31
N ARG N 44 -4.78 -36.96 37.58
CA ARG N 44 -4.73 -37.46 38.94
C ARG N 44 -3.31 -37.60 39.46
N ALA N 45 -2.36 -37.91 38.58
CA ALA N 45 -0.96 -38.04 39.00
C ALA N 45 -0.36 -36.70 39.40
N ASN N 46 -0.81 -35.60 38.77
CA ASN N 46 -0.42 -34.24 39.17
C ASN N 46 1.08 -33.99 39.01
N GLN N 47 1.67 -34.56 37.96
CA GLN N 47 3.10 -34.42 37.70
C GLN N 47 3.36 -33.27 36.73
N ASN N 48 4.58 -32.73 36.80
CA ASN N 48 5.00 -31.72 35.84
C ASN N 48 4.95 -32.29 34.43
N PRO N 49 4.34 -31.60 33.48
CA PRO N 49 4.06 -32.17 32.15
C PRO N 49 5.25 -32.09 31.21
N ILE N 50 6.35 -32.73 31.60
CA ILE N 50 7.55 -32.72 30.77
C ILE N 50 7.32 -33.48 29.47
N ALA N 51 6.70 -34.66 29.55
CA ALA N 51 6.44 -35.45 28.36
C ALA N 51 5.46 -34.74 27.42
N GLU N 52 4.45 -34.08 27.98
CA GLU N 52 3.47 -33.39 27.14
C GLU N 52 4.10 -32.22 26.41
N ILE N 53 5.00 -31.50 27.08
CA ILE N 53 5.69 -30.39 26.42
C ILE N 53 6.61 -30.90 25.33
N GLU N 54 7.29 -32.03 25.57
CA GLU N 54 8.09 -32.63 24.51
C GLU N 54 7.22 -33.10 23.35
N LEU N 55 5.98 -33.49 23.63
CA LEU N 55 5.05 -33.84 22.56
C LEU N 55 4.69 -32.62 21.72
N LEU N 56 4.38 -31.49 22.38
CA LEU N 56 4.14 -30.26 21.65
C LEU N 56 5.39 -29.83 20.88
N ARG N 57 6.57 -30.02 21.48
CA ARG N 57 7.81 -29.62 20.82
C ARG N 57 8.07 -30.47 19.58
N ARG N 58 7.89 -31.79 19.67
CA ARG N 58 8.25 -32.67 18.57
C ARG N 58 7.36 -32.45 17.34
N TYR N 59 6.08 -32.21 17.56
CA TYR N 59 5.15 -31.98 16.45
C TYR N 59 5.22 -30.56 15.89
N GLY N 60 6.12 -29.72 16.41
CA GLY N 60 6.32 -28.39 15.87
C GLY N 60 5.33 -27.35 16.36
N LEU N 61 4.54 -27.67 17.38
CA LEU N 61 3.54 -26.72 17.86
C LEU N 61 4.14 -25.59 18.67
N LEU N 62 5.26 -25.84 19.36
CA LEU N 62 5.88 -24.77 20.14
C LEU N 62 6.47 -23.68 19.25
N SER N 63 6.97 -24.05 18.07
CA SER N 63 7.59 -23.11 17.15
C SER N 63 6.64 -22.66 16.04
N PHE N 64 5.34 -22.91 16.20
CA PHE N 64 4.40 -22.59 15.13
C PHE N 64 4.28 -21.08 14.90
N ALA N 65 4.29 -20.30 15.98
CA ALA N 65 4.12 -18.85 15.89
C ALA N 65 5.44 -18.11 15.69
N THR N 66 6.47 -18.81 15.24
CA THR N 66 7.78 -18.21 15.00
C THR N 66 8.06 -18.25 13.49
N ALA N 67 8.72 -17.20 12.99
CA ALA N 67 8.95 -17.06 11.56
C ALA N 67 9.79 -18.21 11.04
N ARG N 68 9.63 -18.50 9.74
CA ARG N 68 10.31 -19.62 9.11
C ARG N 68 11.82 -19.43 9.09
N GLU N 69 12.30 -18.18 9.09
CA GLU N 69 13.74 -17.94 9.06
C GLU N 69 14.44 -18.51 10.30
N PHE N 70 13.71 -18.63 11.41
CA PHE N 70 14.26 -19.20 12.64
C PHE N 70 13.98 -20.68 12.79
N GLY N 71 13.40 -21.32 11.78
CA GLY N 71 13.03 -22.72 11.87
C GLY N 71 11.59 -22.96 12.28
N GLY N 72 10.78 -21.92 12.44
CA GLY N 72 9.39 -22.06 12.80
C GLY N 72 8.50 -22.27 11.59
N ALA N 73 7.20 -22.35 11.86
CA ALA N 73 6.22 -22.53 10.79
C ALA N 73 5.83 -21.22 10.13
N GLY N 74 6.00 -20.09 10.82
CA GLY N 74 5.56 -18.82 10.29
C GLY N 74 4.09 -18.55 10.44
N GLY N 75 3.42 -19.21 11.37
CA GLY N 75 1.99 -19.02 11.55
C GLY N 75 1.64 -17.68 12.19
N SER N 76 0.36 -17.35 12.12
CA SER N 76 -0.16 -16.12 12.72
C SER N 76 -0.71 -16.41 14.10
N LEU N 77 -1.06 -15.33 14.82
CA LEU N 77 -1.68 -15.48 16.13
C LEU N 77 -3.08 -16.05 16.01
N VAL N 78 -3.82 -15.67 14.96
CA VAL N 78 -5.14 -16.25 14.72
C VAL N 78 -5.03 -17.76 14.57
N GLN N 79 -4.08 -18.22 13.77
CA GLN N 79 -3.90 -19.65 13.56
C GLN N 79 -3.36 -20.34 14.80
N ALA N 80 -2.43 -19.69 15.52
CA ALA N 80 -1.85 -20.30 16.71
C ALA N 80 -2.92 -20.56 17.77
N LEU N 81 -3.82 -19.60 17.99
CA LEU N 81 -4.84 -19.77 19.01
C LEU N 81 -5.91 -20.77 18.57
N GLN N 82 -6.17 -20.87 17.27
CA GLN N 82 -7.06 -21.92 16.76
C GLN N 82 -6.49 -23.30 17.02
N LEU N 83 -5.18 -23.47 16.78
CA LEU N 83 -4.53 -24.72 17.18
C LEU N 83 -4.56 -24.90 18.68
N GLY N 84 -4.50 -23.80 19.43
CA GLY N 84 -4.57 -23.90 20.88
C GLY N 84 -5.91 -24.43 21.36
N ARG N 85 -7.00 -24.03 20.68
CA ARG N 85 -8.32 -24.53 21.04
C ARG N 85 -8.41 -26.04 20.83
N ILE N 86 -7.77 -26.54 19.77
CA ILE N 86 -7.80 -27.98 19.50
C ILE N 86 -7.08 -28.74 20.61
N ILE N 87 -5.94 -28.23 21.07
CA ILE N 87 -5.24 -28.86 22.18
C ILE N 87 -6.05 -28.72 23.47
N ALA N 88 -6.63 -27.54 23.70
CA ALA N 88 -7.34 -27.28 24.94
C ALA N 88 -8.58 -28.16 25.08
N ALA N 89 -9.21 -28.52 23.97
CA ALA N 89 -10.38 -29.38 24.02
C ALA N 89 -10.02 -30.77 24.54
N ALA N 90 -8.80 -31.24 24.26
CA ALA N 90 -8.37 -32.55 24.72
C ALA N 90 -7.86 -32.51 26.15
N ASP N 91 -7.14 -31.45 26.51
CA ASP N 91 -6.52 -31.36 27.83
C ASP N 91 -6.40 -29.88 28.17
N GLY N 92 -7.24 -29.42 29.11
CA GLY N 92 -7.25 -28.01 29.47
C GLY N 92 -5.93 -27.52 30.05
N SER N 93 -5.21 -28.39 30.75
CA SER N 93 -3.92 -27.99 31.31
C SER N 93 -2.88 -27.78 30.21
N ILE N 94 -2.74 -28.77 29.32
CA ILE N 94 -1.78 -28.66 28.23
C ILE N 94 -2.18 -27.54 27.27
N GLY N 95 -3.48 -27.36 27.05
CA GLY N 95 -3.94 -26.25 26.24
C GLY N 95 -3.52 -24.91 26.81
N GLN N 96 -3.65 -24.75 28.14
CA GLN N 96 -3.22 -23.50 28.77
C GLN N 96 -1.73 -23.27 28.58
N LEU N 97 -0.92 -24.32 28.73
CA LEU N 97 0.53 -24.17 28.59
C LEU N 97 0.91 -23.73 27.19
N LEU N 98 0.28 -24.31 26.17
CA LEU N 98 0.60 -23.93 24.79
C LEU N 98 0.26 -22.46 24.53
N VAL N 99 -0.94 -22.03 24.93
CA VAL N 99 -1.32 -20.63 24.65
C VAL N 99 -0.55 -19.66 25.54
N TYR N 100 -0.22 -20.06 26.77
CA TYR N 100 0.67 -19.25 27.59
C TYR N 100 2.06 -19.13 26.94
N HIS N 101 2.52 -20.21 26.32
CA HIS N 101 3.79 -20.16 25.59
C HIS N 101 3.70 -19.19 24.42
N TYR N 102 2.60 -19.22 23.68
CA TYR N 102 2.40 -18.26 22.59
C TYR N 102 2.35 -16.83 23.12
N SER N 103 1.59 -16.61 24.20
CA SER N 103 1.49 -15.28 24.78
C SER N 103 2.84 -14.79 25.29
N ASN N 104 3.64 -15.69 25.88
CA ASN N 104 4.96 -15.29 26.33
C ASN N 104 5.84 -14.85 25.16
N GLY N 105 5.67 -15.46 23.99
CA GLY N 105 6.38 -14.99 22.81
C GLY N 105 5.91 -13.61 22.38
N VAL N 106 4.60 -13.38 22.42
CA VAL N 106 4.07 -12.04 22.12
C VAL N 106 4.59 -11.03 23.13
N TRP N 107 4.73 -11.45 24.39
CA TRP N 107 5.23 -10.54 25.42
C TRP N 107 6.65 -10.10 25.15
N THR N 108 7.56 -11.07 24.96
CA THR N 108 8.95 -10.72 24.69
C THR N 108 9.13 -10.03 23.35
N TYR N 109 8.21 -10.27 22.41
CA TYR N 109 8.23 -9.51 21.16
C TYR N 109 7.93 -8.05 21.41
N ILE N 110 6.95 -7.75 22.26
CA ILE N 110 6.61 -6.37 22.59
C ILE N 110 7.71 -5.73 23.43
N LEU N 111 8.32 -6.51 24.32
CA LEU N 111 9.26 -5.98 25.30
C LEU N 111 10.71 -6.03 24.85
N GLY N 112 11.03 -6.85 23.84
CA GLY N 112 12.42 -7.09 23.47
C GLY N 112 12.91 -6.15 22.38
N SER N 113 14.17 -5.74 22.53
CA SER N 113 14.84 -4.98 21.49
C SER N 113 15.03 -5.86 20.26
N PRO N 114 15.32 -5.27 19.10
CA PRO N 114 15.51 -6.10 17.89
C PRO N 114 16.55 -7.19 18.06
N THR N 115 17.67 -6.91 18.74
CA THR N 115 18.64 -7.96 19.01
C THR N 115 18.10 -8.96 20.02
N GLN N 116 17.36 -8.48 21.03
CA GLN N 116 16.74 -9.40 21.98
C GLN N 116 15.64 -10.25 21.34
N ARG N 117 14.96 -9.69 20.33
CA ARG N 117 13.93 -10.47 19.64
C ARG N 117 14.55 -11.64 18.88
N GLU N 118 15.69 -11.41 18.23
CA GLU N 118 16.31 -12.47 17.44
C GLU N 118 16.89 -13.56 18.34
N TYR N 119 17.42 -13.20 19.51
CA TYR N 119 17.92 -14.20 20.45
C TYR N 119 16.81 -15.14 20.89
N ILE N 120 15.61 -14.59 21.11
CA ILE N 120 14.50 -15.41 21.58
C ILE N 120 13.88 -16.20 20.43
N SER N 121 13.80 -15.59 19.25
CA SER N 121 13.20 -16.28 18.11
C SER N 121 14.05 -17.45 17.63
N ARG N 122 15.38 -17.33 17.71
CA ARG N 122 16.23 -18.42 17.27
C ARG N 122 16.13 -19.62 18.20
N GLY N 123 15.98 -19.38 19.50
CA GLY N 123 15.89 -20.44 20.47
C GLY N 123 14.54 -21.12 20.48
N VAL N 124 13.49 -20.34 20.29
CA VAL N 124 12.13 -20.88 20.23
C VAL N 124 11.89 -21.59 18.91
N GLY N 125 12.24 -20.95 17.81
CA GLY N 125 11.98 -21.54 16.50
C GLY N 125 12.93 -22.66 16.12
N GLY N 126 14.17 -22.61 16.62
CA GLY N 126 15.18 -23.54 16.18
C GLY N 126 15.72 -24.48 17.24
N HIS N 127 15.41 -24.24 18.51
CA HIS N 127 15.96 -25.05 19.59
C HIS N 127 14.92 -25.53 20.59
N GLY N 128 13.63 -25.36 20.30
CA GLY N 128 12.58 -25.95 21.12
C GLY N 128 12.38 -25.31 22.47
N TRP N 129 12.74 -24.03 22.63
CA TRP N 129 12.57 -23.37 23.91
C TRP N 129 11.08 -23.21 24.24
N PHE N 130 10.73 -23.53 25.49
CA PHE N 130 9.42 -23.24 26.04
C PHE N 130 9.53 -22.00 26.91
N GLN N 131 8.62 -21.05 26.73
CA GLN N 131 8.66 -19.77 27.43
C GLN N 131 7.68 -19.74 28.58
N GLY N 132 8.18 -19.44 29.78
CA GLY N 132 7.35 -19.25 30.96
C GLY N 132 7.50 -17.83 31.48
N SER N 133 6.60 -17.46 32.38
CA SER N 133 6.52 -16.08 32.84
C SER N 133 6.28 -16.04 34.34
N VAL N 134 6.95 -15.09 34.99
CA VAL N 134 6.72 -14.74 36.39
C VAL N 134 6.11 -13.35 36.36
N SER N 135 4.77 -13.26 36.42
CA SER N 135 4.10 -12.02 36.08
C SER N 135 2.87 -11.72 36.94
N ASN N 136 2.78 -12.25 38.15
CA ASN N 136 1.65 -11.95 39.01
C ASN N 136 1.88 -10.63 39.72
N PRO N 137 1.07 -9.60 39.45
CA PRO N 137 1.29 -8.28 40.08
C PRO N 137 0.76 -8.16 41.51
N ARG N 138 0.28 -9.25 42.10
CA ARG N 138 -0.30 -9.23 43.44
C ARG N 138 0.53 -10.02 44.43
N ASP N 139 1.86 -9.89 44.34
CA ASP N 139 2.77 -10.62 45.21
C ASP N 139 3.49 -9.65 46.13
N PRO N 140 3.28 -9.74 47.44
CA PRO N 140 3.96 -8.83 48.37
C PRO N 140 5.37 -9.30 48.69
N GLY N 141 6.16 -8.38 49.21
CA GLY N 141 7.51 -8.69 49.64
C GLY N 141 8.47 -9.05 48.52
N ILE N 142 8.33 -8.41 47.36
CA ILE N 142 9.21 -8.66 46.22
C ILE N 142 10.23 -7.53 46.20
N THR N 143 11.44 -7.82 46.67
CA THR N 143 12.52 -6.84 46.76
C THR N 143 13.47 -7.01 45.58
N VAL N 144 13.95 -5.88 45.06
CA VAL N 144 14.87 -5.85 43.93
C VAL N 144 16.04 -4.95 44.29
N THR N 145 17.25 -5.50 44.27
CA THR N 145 18.46 -4.77 44.58
C THR N 145 19.38 -4.76 43.37
N ARG N 146 20.08 -3.66 43.15
CA ARG N 146 20.93 -3.48 41.98
C ARG N 146 22.38 -3.82 42.31
N THR N 147 23.08 -4.34 41.30
CA THR N 147 24.50 -4.68 41.41
C THR N 147 25.18 -4.29 40.11
N GLU N 148 26.50 -4.48 40.05
CA GLU N 148 27.24 -4.21 38.82
C GLU N 148 26.84 -5.19 37.72
N GLU N 149 26.58 -6.45 38.07
CA GLU N 149 26.16 -7.43 37.09
C GLU N 149 24.74 -7.17 36.60
N GLY N 150 23.91 -6.57 37.44
CA GLY N 150 22.53 -6.28 37.06
C GLY N 150 21.62 -6.06 38.25
N TYR N 151 20.69 -6.98 38.48
CA TYR N 151 19.75 -6.89 39.59
C TYR N 151 19.72 -8.22 40.33
N ARG N 152 19.48 -8.13 41.63
CA ARG N 152 19.32 -9.29 42.51
C ARG N 152 17.88 -9.30 43.01
N VAL N 153 17.14 -10.36 42.66
CA VAL N 153 15.72 -10.45 42.96
C VAL N 153 15.51 -11.40 44.13
N ASN N 154 14.68 -10.98 45.08
CA ASN N 154 14.29 -11.81 46.22
C ASN N 154 12.78 -11.72 46.41
N GLY N 155 12.19 -12.84 46.82
CA GLY N 155 10.76 -12.89 47.06
C GLY N 155 10.10 -14.15 46.55
N LYS N 156 8.82 -14.31 46.86
CA LYS N 156 8.05 -15.48 46.47
C LYS N 156 6.94 -15.05 45.53
N ARG N 157 6.87 -15.68 44.36
CA ARG N 157 5.86 -15.39 43.35
C ARG N 157 4.95 -16.59 43.18
N THR N 158 3.67 -16.32 42.90
CA THR N 158 2.65 -17.35 42.81
C THR N 158 2.08 -17.41 41.40
N PHE N 159 1.39 -18.53 41.12
CA PHE N 159 0.76 -18.77 39.82
C PHE N 159 1.77 -18.68 38.67
N ALA N 160 2.97 -19.19 38.91
CA ALA N 160 4.05 -19.17 37.91
C ALA N 160 3.85 -20.29 36.89
N THR N 161 2.82 -20.10 36.06
CA THR N 161 2.43 -21.14 35.11
C THR N 161 3.56 -21.45 34.14
N GLY N 162 3.87 -22.74 34.00
CA GLY N 162 4.84 -23.21 33.04
C GLY N 162 6.29 -22.90 33.38
N VAL N 163 6.56 -22.20 34.48
CA VAL N 163 7.93 -21.79 34.79
C VAL N 163 8.79 -23.01 35.13
N ALA N 164 8.24 -23.96 35.87
CA ALA N 164 8.99 -25.15 36.27
C ALA N 164 9.38 -26.02 35.09
N VAL N 165 8.79 -25.82 33.91
CA VAL N 165 9.08 -26.59 32.72
C VAL N 165 9.59 -25.72 31.58
N ALA N 166 9.80 -24.43 31.83
CA ALA N 166 10.21 -23.50 30.79
C ALA N 166 11.73 -23.47 30.64
N ASP N 167 12.17 -23.20 29.42
CA ASP N 167 13.60 -23.02 29.13
C ASP N 167 14.03 -21.58 29.30
N LEU N 168 13.22 -20.63 28.83
CA LEU N 168 13.47 -19.22 29.00
C LEU N 168 12.35 -18.62 29.84
N ILE N 169 12.72 -17.94 30.93
CA ILE N 169 11.77 -17.39 31.89
C ILE N 169 11.80 -15.88 31.80
N THR N 170 10.62 -15.27 31.61
CA THR N 170 10.47 -13.83 31.60
C THR N 170 10.07 -13.37 32.99
N VAL N 171 10.92 -12.59 33.63
CA VAL N 171 10.65 -12.06 34.96
C VAL N 171 10.15 -10.63 34.81
N LEU N 172 8.93 -10.39 35.27
CA LEU N 172 8.32 -9.06 35.22
C LEU N 172 8.10 -8.58 36.65
N LEU N 173 8.68 -7.44 36.98
CA LEU N 173 8.61 -6.91 38.34
C LEU N 173 7.74 -5.65 38.38
N GLU N 177 7.15 2.25 36.45
CA GLU N 177 8.49 1.86 36.03
C GLU N 177 8.69 0.36 36.17
N PRO N 178 8.72 -0.35 35.05
CA PRO N 178 8.83 -1.81 35.10
C PRO N 178 10.28 -2.28 35.01
N ILE N 179 10.48 -3.52 35.43
CA ILE N 179 11.76 -4.21 35.31
C ILE N 179 11.44 -5.57 34.70
N ASN N 180 11.73 -5.73 33.41
CA ASN N 180 11.42 -6.95 32.67
C ASN N 180 12.72 -7.53 32.11
N ALA N 181 12.93 -8.83 32.35
CA ALA N 181 14.15 -9.48 31.93
C ALA N 181 13.87 -10.94 31.61
N ILE N 182 14.79 -11.55 30.86
CA ILE N 182 14.72 -12.97 30.50
C ILE N 182 15.93 -13.68 31.10
N ILE N 183 15.67 -14.78 31.80
CA ILE N 183 16.75 -15.55 32.41
C ILE N 183 16.61 -17.02 31.99
N PRO N 184 17.72 -17.74 31.85
CA PRO N 184 17.62 -19.17 31.54
C PRO N 184 17.06 -19.95 32.72
N SER N 185 16.54 -21.14 32.42
CA SER N 185 16.03 -22.00 33.48
C SER N 185 17.11 -22.45 34.45
N GLU N 186 18.38 -22.35 34.05
CA GLU N 186 19.51 -22.79 34.86
C GLU N 186 20.06 -21.71 35.77
N ARG N 187 19.40 -20.55 35.85
CA ARG N 187 19.89 -19.46 36.68
C ARG N 187 19.78 -19.83 38.15
N ASP N 188 20.87 -19.62 38.89
CA ASP N 188 20.90 -20.00 40.30
C ASP N 188 19.95 -19.16 41.13
N GLY N 189 19.33 -19.78 42.13
CA GLY N 189 18.46 -19.10 43.05
C GLY N 189 16.99 -19.40 42.86
N LEU N 190 16.60 -20.08 41.80
CA LEU N 190 15.19 -20.36 41.50
C LEU N 190 14.79 -21.66 42.18
N ARG N 191 13.90 -21.55 43.17
CA ARG N 191 13.36 -22.70 43.88
C ARG N 191 11.91 -22.90 43.48
N PHE N 192 11.57 -24.13 43.09
CA PHE N 192 10.22 -24.47 42.64
C PHE N 192 9.53 -25.26 43.75
N ASN N 193 8.54 -24.63 44.39
CA ASN N 193 7.82 -25.25 45.48
C ASN N 193 6.78 -26.23 44.93
N ASP N 194 6.47 -27.25 45.73
CA ASP N 194 5.48 -28.26 45.37
C ASP N 194 4.15 -27.98 46.07
N ASP N 195 3.62 -26.80 45.81
CA ASP N 195 2.40 -26.33 46.45
C ASP N 195 1.25 -26.14 45.47
N TRP N 196 1.24 -26.92 44.39
CA TRP N 196 0.19 -26.84 43.38
C TRP N 196 -0.59 -28.16 43.40
N ASP N 197 -1.70 -28.16 44.14
CA ASP N 197 -2.64 -29.28 44.22
C ASP N 197 -4.02 -28.66 44.09
N ASN N 198 -4.44 -28.43 42.85
CA ASN N 198 -5.55 -27.55 42.55
C ASN N 198 -6.76 -28.33 42.04
N LEU N 199 -7.91 -27.68 42.06
CA LEU N 199 -9.14 -28.27 41.52
C LEU N 199 -8.97 -28.63 40.06
N GLY N 200 -8.68 -27.64 39.22
CA GLY N 200 -8.40 -27.86 37.83
C GLY N 200 -7.11 -27.16 37.42
N GLN N 201 -6.84 -27.24 36.12
CA GLN N 201 -5.56 -26.76 35.55
C GLN N 201 -4.39 -27.33 36.34
N ARG N 202 -4.48 -28.61 36.68
CA ARG N 202 -3.54 -29.22 37.62
C ARG N 202 -2.16 -29.39 37.00
N LEU N 203 -2.08 -29.62 35.70
CA LEU N 203 -0.81 -29.90 35.03
C LEU N 203 -0.24 -28.66 34.33
N THR N 204 -0.54 -27.48 34.84
CA THR N 204 -0.01 -26.24 34.29
C THR N 204 1.25 -25.76 35.00
N ALA N 205 1.72 -26.50 36.01
CA ALA N 205 2.88 -26.10 36.79
C ALA N 205 2.73 -24.68 37.34
N SER N 206 1.56 -24.41 37.89
CA SER N 206 1.21 -23.07 38.40
C SER N 206 1.53 -22.90 39.89
N GLY N 207 2.52 -23.60 40.40
CA GLY N 207 2.92 -23.45 41.78
C GLY N 207 3.71 -22.17 41.99
N SER N 208 4.23 -22.02 43.20
CA SER N 208 4.99 -20.85 43.58
C SER N 208 6.48 -21.07 43.33
N VAL N 209 7.19 -19.97 43.08
CA VAL N 209 8.62 -19.99 42.82
C VAL N 209 9.29 -19.04 43.79
N GLU N 210 10.32 -19.52 44.47
CA GLU N 210 11.10 -18.70 45.38
C GLU N 210 12.29 -18.10 44.64
N PHE N 211 12.52 -16.82 44.84
CA PHE N 211 13.67 -16.12 44.28
C PHE N 211 14.66 -15.85 45.40
N ASP N 212 15.77 -16.60 45.42
CA ASP N 212 16.80 -16.47 46.45
C ASP N 212 18.01 -15.80 45.80
N ASN N 213 18.03 -14.47 45.83
CA ASN N 213 19.14 -13.67 45.32
C ASN N 213 19.39 -13.97 43.83
N VAL N 214 18.31 -14.04 43.05
CA VAL N 214 18.42 -14.40 41.64
C VAL N 214 18.98 -13.22 40.86
N LEU N 215 19.95 -13.49 40.00
CA LEU N 215 20.61 -12.45 39.22
C LEU N 215 19.91 -12.24 37.89
N LEU N 216 19.75 -10.97 37.51
CA LEU N 216 19.29 -10.58 36.19
C LEU N 216 20.37 -9.69 35.58
N ARG N 217 21.12 -10.22 34.62
CA ARG N 217 22.20 -9.46 34.02
C ARG N 217 21.67 -8.30 33.21
N HIS N 218 22.48 -7.25 33.08
CA HIS N 218 22.08 -6.08 32.30
C HIS N 218 21.80 -6.45 30.85
N ASP N 219 22.56 -7.41 30.31
CA ASP N 219 22.33 -7.88 28.95
C ASP N 219 20.95 -8.52 28.78
N GLU N 220 20.32 -8.91 29.89
CA GLU N 220 19.06 -9.64 29.84
C GLU N 220 17.84 -8.75 30.12
N VAL N 221 18.04 -7.46 30.38
CA VAL N 221 16.93 -6.55 30.65
C VAL N 221 16.29 -6.15 29.33
N LEU N 222 14.98 -6.39 29.21
CA LEU N 222 14.27 -6.09 27.98
C LEU N 222 14.10 -4.58 27.82
N THR N 223 14.49 -4.06 26.66
CA THR N 223 14.49 -2.62 26.39
C THR N 223 13.71 -2.26 25.13
N GLY N 224 12.77 -3.12 24.71
CA GLY N 224 12.04 -2.83 23.49
C GLY N 224 11.07 -1.66 23.61
N LEU N 225 10.58 -1.40 24.82
CA LEU N 225 9.66 -0.31 25.05
C LEU N 225 10.31 1.06 25.08
N ASP N 226 11.65 1.14 24.93
CA ASP N 226 12.32 2.43 25.01
C ASP N 226 11.98 3.33 23.83
N GLU N 227 11.74 2.75 22.65
CA GLU N 227 11.46 3.54 21.47
C GLU N 227 10.06 4.13 21.46
N TYR N 228 9.24 3.85 22.48
CA TYR N 228 7.90 4.42 22.58
C TYR N 228 7.89 5.54 23.61
N SER N 229 7.14 6.59 23.31
CA SER N 229 7.13 7.78 24.14
C SER N 229 6.48 7.49 25.49
N GLY N 230 7.14 7.91 26.56
CA GLY N 230 6.61 7.71 27.90
C GLY N 230 5.90 8.95 28.41
N LEU N 231 5.54 9.84 27.49
CA LEU N 231 4.84 11.09 27.83
C LEU N 231 3.42 11.15 27.27
N ASP N 232 3.19 10.61 26.09
CA ASP N 232 1.88 10.67 25.45
C ASP N 232 1.05 9.40 25.65
N GLY N 233 1.57 8.44 26.42
CA GLY N 233 0.87 7.18 26.64
C GLY N 233 1.12 6.12 25.61
N SER N 234 2.04 6.35 24.66
CA SER N 234 2.32 5.34 23.65
C SER N 234 2.95 4.10 24.26
N ARG N 235 3.87 4.28 25.21
CA ARG N 235 4.54 3.14 25.83
C ARG N 235 3.56 2.30 26.65
N GLU N 236 2.67 2.95 27.38
CA GLU N 236 1.71 2.21 28.20
C GLU N 236 0.72 1.43 27.35
N ARG N 237 0.27 2.02 26.24
CA ARG N 237 -0.67 1.32 25.37
C ARG N 237 0.03 0.21 24.59
N ARG N 238 1.26 0.45 24.14
CA ARG N 238 2.04 -0.61 23.50
C ARG N 238 2.25 -1.77 24.47
N ASP N 239 2.65 -1.47 25.71
CA ASP N 239 2.82 -2.53 26.71
C ASP N 239 1.48 -3.12 27.13
N GLY N 240 0.41 -2.33 27.09
CA GLY N 240 -0.90 -2.83 27.47
C GLY N 240 -1.41 -3.93 26.58
N LEU N 241 -0.86 -4.06 25.37
CA LEU N 241 -1.25 -5.16 24.49
C LEU N 241 -0.93 -6.52 25.11
N ARG N 242 0.07 -6.57 26.00
CA ARG N 242 0.39 -7.83 26.67
C ARG N 242 -0.80 -8.35 27.48
N ALA N 243 -1.38 -7.49 28.31
CA ALA N 243 -2.51 -7.91 29.14
C ALA N 243 -3.75 -8.21 28.30
N LEU N 244 -3.94 -7.48 27.20
CA LEU N 244 -5.07 -7.76 26.32
C LEU N 244 -4.94 -9.13 25.66
N PHE N 245 -3.72 -9.50 25.27
CA PHE N 245 -3.53 -10.81 24.66
C PHE N 245 -3.69 -11.94 25.65
N SER N 246 -3.33 -11.70 26.92
CA SER N 246 -3.57 -12.70 27.97
C SER N 246 -5.06 -12.99 28.10
N GLN N 247 -5.88 -11.94 28.18
CA GLN N 247 -7.32 -12.13 28.21
C GLN N 247 -7.79 -12.90 26.98
N LEU N 248 -7.15 -12.65 25.83
CA LEU N 248 -7.56 -13.31 24.60
C LEU N 248 -7.25 -14.81 24.63
N ILE N 249 -6.07 -15.19 25.13
CA ILE N 249 -5.76 -16.62 25.22
C ILE N 249 -6.68 -17.31 26.21
N PHE N 250 -7.14 -16.59 27.24
CA PHE N 250 -8.12 -17.16 28.17
C PHE N 250 -9.43 -17.46 27.44
N VAL N 251 -9.85 -16.55 26.56
CA VAL N 251 -11.05 -16.77 25.76
C VAL N 251 -10.95 -18.09 24.99
N HIS N 252 -9.84 -18.28 24.28
CA HIS N 252 -9.69 -19.47 23.46
C HIS N 252 -9.54 -20.73 24.32
N LEU N 253 -8.88 -20.60 25.47
CA LEU N 253 -8.80 -21.73 26.39
C LEU N 253 -10.18 -22.17 26.85
N TYR N 254 -11.02 -21.20 27.26
CA TYR N 254 -12.35 -21.53 27.77
C TYR N 254 -13.21 -22.16 26.69
N LEU N 255 -13.17 -21.61 25.47
CA LEU N 255 -13.97 -22.16 24.38
C LEU N 255 -13.49 -23.54 23.98
N GLY N 256 -12.17 -23.75 24.01
CA GLY N 256 -11.64 -25.08 23.75
C GLY N 256 -12.12 -26.09 24.78
N ILE N 257 -12.06 -25.73 26.06
CA ILE N 257 -12.55 -26.63 27.11
C ILE N 257 -14.03 -26.93 26.91
N ALA N 258 -14.81 -25.91 26.52
CA ALA N 258 -16.24 -26.12 26.31
C ALA N 258 -16.49 -27.06 25.13
N GLU N 259 -15.72 -26.90 24.04
CA GLU N 259 -15.85 -27.83 22.92
C GLU N 259 -15.51 -29.25 23.34
N GLY N 260 -14.47 -29.42 24.16
CA GLY N 260 -14.11 -30.75 24.61
C GLY N 260 -15.16 -31.38 25.50
N ALA N 261 -15.76 -30.59 26.40
CA ALA N 261 -16.81 -31.08 27.26
C ALA N 261 -18.04 -31.50 26.45
N LEU N 262 -18.45 -30.68 25.49
CA LEU N 262 -19.62 -31.01 24.69
C LEU N 262 -19.38 -32.27 23.88
N ALA N 263 -18.20 -32.39 23.26
CA ALA N 263 -17.87 -33.60 22.51
C ALA N 263 -17.81 -34.83 23.42
N ALA N 264 -17.29 -34.65 24.64
CA ALA N 264 -17.22 -35.78 25.57
C ALA N 264 -18.60 -36.20 26.06
N GLY N 265 -19.46 -35.23 26.37
CA GLY N 265 -20.82 -35.56 26.75
C GLY N 265 -21.58 -36.26 25.64
N VAL N 266 -21.44 -35.75 24.41
CA VAL N 266 -22.09 -36.39 23.27
C VAL N 266 -21.59 -37.81 23.08
N ALA N 267 -20.26 -38.00 23.20
CA ALA N 267 -19.69 -39.33 23.01
C ALA N 267 -20.20 -40.31 24.07
N TYR N 268 -20.41 -39.84 25.30
CA TYR N 268 -20.91 -40.72 26.34
C TYR N 268 -22.36 -41.14 26.06
N ILE N 269 -23.21 -40.19 25.68
CA ILE N 269 -24.61 -40.49 25.41
C ILE N 269 -24.73 -41.50 24.28
N ARG N 270 -23.96 -41.32 23.21
CA ARG N 270 -24.04 -42.22 22.07
C ARG N 270 -23.52 -43.61 22.41
N ASP N 271 -22.63 -43.72 23.39
CA ASP N 271 -22.04 -45.01 23.76
C ASP N 271 -22.77 -45.65 24.94
N LYS N 272 -22.82 -44.95 26.08
CA LYS N 272 -23.34 -45.54 27.31
C LYS N 272 -24.75 -45.07 27.65
N GLY N 273 -25.27 -44.08 26.95
CA GLY N 273 -26.57 -43.53 27.31
C GLY N 273 -27.70 -44.52 27.09
N ARG N 274 -28.71 -44.43 27.93
CA ARG N 274 -29.91 -45.26 27.80
C ARG N 274 -31.12 -44.38 28.02
N PRO N 275 -32.25 -44.70 27.37
CA PRO N 275 -33.41 -43.80 27.44
C PRO N 275 -34.05 -43.81 28.81
N TRP N 276 -34.64 -42.67 29.16
CA TRP N 276 -35.44 -42.57 30.38
C TRP N 276 -36.80 -43.23 30.15
N PRO N 277 -37.27 -44.07 31.07
CA PRO N 277 -38.50 -44.84 30.81
C PRO N 277 -39.72 -43.98 30.50
N GLU N 278 -39.76 -42.75 30.99
CA GLU N 278 -40.87 -41.85 30.66
C GLU N 278 -40.74 -41.25 29.26
N ALA N 279 -39.60 -41.42 28.59
CA ALA N 279 -39.42 -40.86 27.25
C ALA N 279 -40.31 -41.58 26.25
N HIS N 280 -40.65 -40.86 25.18
CA HIS N 280 -41.47 -41.43 24.12
C HIS N 280 -40.72 -42.47 23.31
N SER N 281 -39.41 -42.27 23.11
CA SER N 281 -38.61 -43.16 22.29
C SER N 281 -37.71 -44.02 23.17
N THR N 282 -37.45 -45.25 22.70
CA THR N 282 -36.49 -46.13 23.34
C THR N 282 -35.06 -45.86 22.90
N ASP N 283 -34.84 -44.86 22.04
CA ASP N 283 -33.52 -44.47 21.60
C ASP N 283 -33.11 -43.24 22.41
N VAL N 284 -31.99 -43.36 23.13
CA VAL N 284 -31.53 -42.25 23.97
C VAL N 284 -31.19 -41.03 23.13
N THR N 285 -30.72 -41.24 21.90
CA THR N 285 -30.34 -40.12 21.04
C THR N 285 -31.54 -39.34 20.51
N GLU N 286 -32.76 -39.83 20.71
CA GLU N 286 -33.97 -39.15 20.28
C GLU N 286 -34.66 -38.41 21.42
N ASP N 287 -34.06 -38.39 22.60
CA ASP N 287 -34.65 -37.67 23.73
C ASP N 287 -34.74 -36.19 23.40
N PRO N 288 -35.91 -35.56 23.51
CA PRO N 288 -36.03 -34.16 23.08
C PRO N 288 -35.29 -33.19 23.96
N TYR N 289 -35.07 -33.53 25.24
CA TYR N 289 -34.40 -32.60 26.14
C TYR N 289 -32.88 -32.68 26.01
N HIS N 290 -32.34 -33.89 25.82
CA HIS N 290 -30.93 -34.01 25.45
C HIS N 290 -30.64 -33.20 24.19
N GLN N 291 -31.46 -33.36 23.15
CA GLN N 291 -31.21 -32.69 21.88
C GLN N 291 -31.27 -31.17 22.04
N GLN N 292 -32.32 -30.67 22.71
CA GLN N 292 -32.46 -29.24 22.89
C GLN N 292 -31.30 -28.66 23.70
N LEU N 293 -30.88 -29.36 24.76
CA LEU N 293 -29.82 -28.84 25.62
C LEU N 293 -28.49 -28.80 24.89
N LEU N 294 -28.13 -29.90 24.21
CA LEU N 294 -26.87 -29.95 23.49
C LEU N 294 -26.86 -28.95 22.33
N GLY N 295 -28.01 -28.73 21.69
CA GLY N 295 -28.08 -27.75 20.63
C GLY N 295 -27.89 -26.33 21.13
N ARG N 296 -28.48 -26.00 22.28
CA ARG N 296 -28.30 -24.67 22.84
C ARG N 296 -26.85 -24.44 23.22
N LEU N 297 -26.21 -25.45 23.83
CA LEU N 297 -24.79 -25.33 24.17
C LEU N 297 -23.92 -25.22 22.93
N SER N 298 -24.19 -26.04 21.91
CA SER N 298 -23.41 -25.96 20.68
C SER N 298 -23.50 -24.57 20.07
N ALA N 299 -24.70 -23.98 20.04
CA ALA N 299 -24.86 -22.66 19.46
C ALA N 299 -24.09 -21.61 20.25
N GLY N 300 -24.13 -21.68 21.58
CA GLY N 300 -23.40 -20.72 22.39
C GLY N 300 -21.90 -20.79 22.16
N ILE N 301 -21.37 -22.01 22.00
CA ILE N 301 -19.95 -22.16 21.70
C ILE N 301 -19.61 -21.56 20.34
N ALA N 302 -20.48 -21.79 19.35
CA ALA N 302 -20.22 -21.27 18.01
C ALA N 302 -20.17 -19.75 18.01
N ALA N 303 -21.04 -19.11 18.79
CA ALA N 303 -21.00 -17.65 18.89
C ALA N 303 -19.72 -17.19 19.57
N GLY N 304 -19.30 -17.87 20.63
CA GLY N 304 -18.08 -17.48 21.31
C GLY N 304 -16.86 -17.60 20.42
N VAL N 305 -16.79 -18.68 19.63
CA VAL N 305 -15.67 -18.88 18.72
C VAL N 305 -15.65 -17.81 17.64
N ALA N 306 -16.82 -17.45 17.10
CA ALA N 306 -16.88 -16.41 16.08
C ALA N 306 -16.38 -15.08 16.63
N LEU N 307 -16.75 -14.74 17.87
CA LEU N 307 -16.27 -13.50 18.45
C LEU N 307 -14.78 -13.59 18.81
N ALA N 308 -14.35 -14.75 19.29
CA ALA N 308 -12.96 -14.92 19.70
C ALA N 308 -12.01 -14.73 18.53
N ASP N 309 -12.31 -15.38 17.40
CA ASP N 309 -11.43 -15.26 16.24
C ASP N 309 -11.49 -13.85 15.65
N SER N 310 -12.64 -13.19 15.74
CA SER N 310 -12.72 -11.80 15.31
C SER N 310 -11.86 -10.90 16.19
N ALA N 311 -11.94 -11.09 17.51
CA ALA N 311 -11.12 -10.28 18.42
C ALA N 311 -9.63 -10.55 18.22
N THR N 312 -9.27 -11.79 17.90
CA THR N 312 -7.86 -12.12 17.69
C THR N 312 -7.33 -11.44 16.43
N LYS N 313 -8.13 -11.44 15.36
CA LYS N 313 -7.74 -10.73 14.15
C LYS N 313 -7.52 -9.25 14.43
N GLU N 314 -8.40 -8.64 15.23
CA GLU N 314 -8.23 -7.24 15.58
C GLU N 314 -6.98 -7.01 16.42
N PHE N 315 -6.58 -8.00 17.23
CA PHE N 315 -5.35 -7.85 18.00
C PHE N 315 -4.12 -7.85 17.10
N GLU N 316 -4.11 -8.73 16.10
CA GLU N 316 -2.98 -8.78 15.16
C GLU N 316 -2.81 -7.45 14.44
N GLN N 317 -3.91 -6.80 14.08
CA GLN N 317 -3.82 -5.52 13.40
C GLN N 317 -3.27 -4.44 14.33
N ALA N 318 -3.65 -4.49 15.61
CA ALA N 318 -3.13 -3.52 16.56
C ALA N 318 -1.65 -3.75 16.82
N LEU N 319 -1.22 -5.02 16.93
CA LEU N 319 0.19 -5.32 17.14
C LEU N 319 1.04 -4.93 15.94
N ALA N 320 0.50 -5.08 14.73
CA ALA N 320 1.23 -4.75 13.51
C ALA N 320 1.16 -3.27 13.15
N PHE N 321 0.56 -2.43 13.98
CA PHE N 321 0.50 -1.01 13.68
C PHE N 321 1.88 -0.38 13.63
N GLY N 322 2.85 -0.96 14.35
CA GLY N 322 4.13 -0.32 14.51
C GLY N 322 4.03 0.82 15.49
N GLU N 323 3.34 1.89 15.09
CA GLU N 323 2.95 2.93 16.03
C GLU N 323 2.10 2.31 17.14
N ALA N 324 2.27 2.81 18.35
CA ALA N 324 1.41 2.36 19.44
C ALA N 324 -0.03 2.74 19.12
N PRO N 325 -1.01 1.91 19.48
CA PRO N 325 -2.40 2.26 19.22
C PRO N 325 -2.81 3.50 20.00
N THR N 326 -3.74 4.25 19.43
CA THR N 326 -4.25 5.44 20.09
C THR N 326 -5.14 5.05 21.26
N GLU N 327 -5.68 6.06 21.96
CA GLU N 327 -6.61 5.77 23.05
C GLU N 327 -7.87 5.12 22.53
N ALA N 328 -8.32 5.51 21.34
CA ALA N 328 -9.53 4.92 20.77
C ALA N 328 -9.28 3.51 20.27
N GLN N 329 -8.15 3.29 19.58
CA GLN N 329 -7.83 1.96 19.08
C GLN N 329 -7.62 0.98 20.23
N TRP N 330 -6.87 1.39 21.25
CA TRP N 330 -6.63 0.50 22.39
C TRP N 330 -7.93 0.21 23.13
N GLY N 331 -8.78 1.23 23.32
CA GLY N 331 -10.03 1.02 24.02
C GLY N 331 -11.00 0.15 23.25
N ALA N 332 -11.11 0.37 21.94
CA ALA N 332 -12.00 -0.47 21.13
C ALA N 332 -11.55 -1.92 21.15
N LEU N 333 -10.24 -2.15 21.13
CA LEU N 333 -9.73 -3.51 21.22
C LEU N 333 -10.00 -4.11 22.59
N ALA N 334 -9.81 -3.31 23.65
CA ALA N 334 -10.07 -3.80 25.01
C ALA N 334 -11.53 -4.15 25.20
N ILE N 335 -12.43 -3.35 24.64
CA ILE N 335 -13.87 -3.65 24.74
C ILE N 335 -14.18 -4.96 24.03
N ARG N 336 -13.61 -5.18 22.84
CA ARG N 336 -13.88 -6.41 22.11
C ARG N 336 -13.32 -7.62 22.85
N VAL N 337 -12.16 -7.46 23.48
CA VAL N 337 -11.61 -8.56 24.27
C VAL N 337 -12.44 -8.80 25.52
N ASP N 338 -12.92 -7.73 26.16
CA ASP N 338 -13.82 -7.87 27.29
C ASP N 338 -15.08 -8.63 26.89
N GLN N 339 -15.66 -8.28 25.75
CA GLN N 339 -16.86 -8.97 25.27
C GLN N 339 -16.58 -10.44 25.02
N ALA N 340 -15.45 -10.74 24.37
CA ALA N 340 -15.07 -12.13 24.17
C ALA N 340 -14.83 -12.84 25.50
N LYS N 341 -14.21 -12.15 26.46
CA LYS N 341 -13.97 -12.73 27.77
C LYS N 341 -15.27 -13.04 28.49
N SER N 342 -16.27 -12.15 28.39
CA SER N 342 -17.54 -12.37 29.07
C SER N 342 -18.29 -13.55 28.47
N VAL N 343 -18.36 -13.60 27.14
CA VAL N 343 -19.10 -14.68 26.48
C VAL N 343 -18.40 -16.02 26.70
N ALA N 344 -17.08 -16.06 26.55
CA ALA N 344 -16.35 -17.32 26.72
C ALA N 344 -16.47 -17.86 28.13
N THR N 345 -16.44 -16.97 29.13
CA THR N 345 -16.60 -17.42 30.52
C THR N 345 -17.97 -18.04 30.72
N GLU N 346 -19.03 -17.36 30.26
CA GLU N 346 -20.39 -17.82 30.51
C GLU N 346 -20.64 -19.17 29.85
N ILE N 347 -20.26 -19.30 28.57
CA ILE N 347 -20.58 -20.53 27.84
C ILE N 347 -19.78 -21.72 28.36
N SER N 348 -18.49 -21.52 28.65
CA SER N 348 -17.69 -22.63 29.15
C SER N 348 -18.22 -23.15 30.48
N LEU N 349 -18.60 -22.23 31.37
CA LEU N 349 -19.22 -22.62 32.63
C LEU N 349 -20.57 -23.29 32.38
N ASP N 350 -21.36 -22.74 31.45
CA ASP N 350 -22.65 -23.34 31.10
C ASP N 350 -22.49 -24.77 30.59
N VAL N 351 -21.57 -24.97 29.64
CA VAL N 351 -21.40 -26.28 29.03
C VAL N 351 -20.90 -27.29 30.06
N THR N 352 -19.81 -26.97 30.76
CA THR N 352 -19.19 -27.97 31.62
C THR N 352 -20.05 -28.31 32.83
N HIS N 353 -20.92 -27.39 33.25
CA HIS N 353 -21.79 -27.64 34.40
C HIS N 353 -23.02 -28.45 34.00
N ASN N 354 -23.68 -28.06 32.90
CA ASN N 354 -24.97 -28.62 32.54
C ASN N 354 -24.88 -29.88 31.67
N ILE N 355 -23.68 -30.27 31.23
CA ILE N 355 -23.56 -31.47 30.40
C ILE N 355 -24.07 -32.70 31.15
N TYR N 356 -23.95 -32.71 32.48
CA TYR N 356 -24.35 -33.87 33.26
C TYR N 356 -25.85 -34.11 33.22
N GLN N 357 -26.65 -33.06 32.99
CA GLN N 357 -28.09 -33.24 32.89
C GLN N 357 -28.45 -34.18 31.73
N ALA N 358 -27.63 -34.19 30.68
CA ALA N 358 -27.88 -35.06 29.54
C ALA N 358 -27.19 -36.41 29.67
N THR N 359 -26.07 -36.49 30.40
CA THR N 359 -25.30 -37.73 30.46
C THR N 359 -25.81 -38.72 31.51
N GLY N 360 -26.36 -38.25 32.62
CA GLY N 360 -27.05 -39.12 33.55
C GLY N 360 -26.22 -39.54 34.75
N ALA N 361 -26.82 -40.45 35.54
CA ALA N 361 -26.27 -40.82 36.84
C ALA N 361 -25.00 -41.65 36.71
N ARG N 362 -24.99 -42.64 35.80
CA ARG N 362 -23.80 -43.49 35.66
C ARG N 362 -22.58 -42.72 35.17
N SER N 363 -22.78 -41.58 34.50
CA SER N 363 -21.66 -40.80 33.99
C SER N 363 -20.90 -40.08 35.09
N THR N 364 -21.44 -40.00 36.31
CA THR N 364 -20.73 -39.35 37.40
C THR N 364 -19.64 -40.21 38.00
N ALA N 365 -19.44 -41.43 37.49
CA ALA N 365 -18.34 -42.27 37.96
C ALA N 365 -17.01 -41.67 37.54
N ASN N 366 -16.01 -41.76 38.42
CA ASN N 366 -14.71 -41.20 38.12
C ASN N 366 -14.00 -41.92 36.98
N SER N 367 -14.37 -43.18 36.71
CA SER N 367 -13.84 -43.84 35.51
C SER N 367 -14.27 -43.11 34.25
N VAL N 368 -15.41 -42.42 34.29
CA VAL N 368 -15.82 -41.58 33.16
C VAL N 368 -15.07 -40.26 33.16
N GLY N 369 -15.02 -39.60 34.31
CA GLY N 369 -14.21 -38.39 34.45
C GLY N 369 -14.71 -37.19 33.69
N LEU N 370 -16.02 -37.07 33.51
CA LEU N 370 -16.58 -35.95 32.75
C LEU N 370 -16.40 -34.62 33.47
N ASP N 371 -16.05 -34.62 34.75
CA ASP N 371 -15.92 -33.39 35.51
C ASP N 371 -14.61 -32.65 35.26
N ILE N 372 -13.65 -33.27 34.56
CA ILE N 372 -12.36 -32.63 34.36
C ILE N 372 -12.51 -31.33 33.60
N TYR N 373 -13.50 -31.25 32.69
CA TYR N 373 -13.73 -30.01 31.95
C TYR N 373 -14.24 -28.91 32.88
N TRP N 374 -15.21 -29.24 33.73
CA TRP N 374 -15.69 -28.26 34.71
C TRP N 374 -14.58 -27.83 35.66
N ARG N 375 -13.82 -28.78 36.19
CA ARG N 375 -12.73 -28.44 37.10
C ARG N 375 -11.75 -27.46 36.44
N ASN N 376 -11.43 -27.69 35.16
CA ASN N 376 -10.52 -26.80 34.45
C ASN N 376 -11.15 -25.44 34.19
N ALA N 377 -12.37 -25.43 33.65
CA ALA N 377 -13.05 -24.17 33.34
C ALA N 377 -13.38 -23.41 34.62
N ARG N 378 -13.92 -24.10 35.64
CA ARG N 378 -14.27 -23.42 36.87
C ARG N 378 -13.05 -22.82 37.54
N THR N 379 -11.88 -23.45 37.39
CA THR N 379 -10.66 -22.93 37.97
C THR N 379 -10.22 -21.64 37.28
N HIS N 380 -9.96 -21.71 35.97
CA HIS N 380 -9.30 -20.57 35.31
C HIS N 380 -10.23 -19.36 35.20
N THR N 381 -11.54 -19.56 35.11
CA THR N 381 -12.47 -18.44 35.03
C THR N 381 -12.42 -17.54 36.25
N THR N 382 -11.81 -17.98 37.35
CA THR N 382 -11.61 -17.16 38.54
C THR N 382 -10.30 -16.38 38.49
N HIS N 383 -9.59 -16.41 37.37
CA HIS N 383 -8.35 -15.66 37.24
C HIS N 383 -8.56 -14.18 37.56
N ASP N 384 -9.54 -13.57 36.90
CA ASP N 384 -9.98 -12.22 37.24
C ASP N 384 -11.51 -12.24 37.20
N PRO N 385 -12.17 -11.49 38.09
CA PRO N 385 -13.62 -11.65 38.25
C PRO N 385 -14.39 -11.21 37.01
N LEU N 386 -15.32 -12.08 36.58
CA LEU N 386 -16.14 -11.79 35.41
C LEU N 386 -16.92 -10.49 35.51
N PRO N 387 -17.64 -10.19 36.60
CA PRO N 387 -18.46 -8.96 36.61
C PRO N 387 -17.66 -7.67 36.42
N TYR N 388 -16.35 -7.68 36.66
CA TYR N 388 -15.57 -6.46 36.43
C TYR N 388 -15.19 -6.29 34.97
N ARG N 389 -15.07 -7.39 34.22
CA ARG N 389 -14.89 -7.27 32.78
C ARG N 389 -16.17 -6.82 32.10
N GLN N 390 -17.32 -7.30 32.59
CA GLN N 390 -18.60 -6.83 32.07
C GLN N 390 -18.85 -5.38 32.47
N ARG N 391 -18.43 -5.01 33.69
CA ARG N 391 -18.63 -3.63 34.15
C ARG N 391 -17.87 -2.64 33.27
N GLU N 392 -16.68 -3.03 32.81
CA GLU N 392 -15.88 -2.14 31.97
C GLU N 392 -16.58 -1.84 30.65
N ILE N 393 -17.32 -2.81 30.11
CA ILE N 393 -18.07 -2.58 28.88
C ILE N 393 -19.20 -1.58 29.11
N GLY N 394 -20.00 -1.83 30.16
CA GLY N 394 -21.11 -0.93 30.45
C GLY N 394 -20.67 0.45 30.84
N ARG N 395 -19.52 0.56 31.53
CA ARG N 395 -18.99 1.87 31.88
C ARG N 395 -18.65 2.69 30.65
N HIS N 396 -18.09 2.04 29.62
CA HIS N 396 -17.81 2.76 28.38
C HIS N 396 -19.08 3.20 27.68
N LEU N 397 -20.12 2.38 27.70
CA LEU N 397 -21.39 2.76 27.10
C LEU N 397 -22.03 3.93 27.86
N LEU N 398 -21.87 3.95 29.18
CA LEU N 398 -22.53 4.95 30.01
C LEU N 398 -21.75 6.25 30.13
N THR N 399 -20.41 6.22 30.02
CA THR N 399 -19.60 7.40 30.23
C THR N 399 -18.74 7.80 29.04
N ASP N 400 -18.70 7.00 27.97
CA ASP N 400 -17.86 7.21 26.79
C ASP N 400 -16.37 7.09 27.07
N GLN N 401 -15.98 6.66 28.27
CA GLN N 401 -14.58 6.55 28.63
C GLN N 401 -14.04 5.20 28.20
N TRP N 402 -13.03 5.21 27.33
CA TRP N 402 -12.42 3.98 26.88
C TRP N 402 -11.65 3.33 28.04
N PRO N 403 -11.54 2.00 28.03
CA PRO N 403 -10.56 1.35 28.91
C PRO N 403 -9.16 1.75 28.51
N SER N 404 -8.27 1.82 29.48
CA SER N 404 -6.90 2.26 29.24
C SER N 404 -5.98 1.52 30.19
N PRO N 405 -4.68 1.44 29.87
CA PRO N 405 -3.71 0.96 30.86
C PRO N 405 -3.57 1.95 32.00
N ARG N 406 -2.91 1.50 33.05
CA ARG N 406 -2.71 2.35 34.23
C ARG N 406 -1.56 3.33 34.01
N HIS O 11 -22.01 -13.70 -10.77
CA HIS O 11 -21.50 -12.35 -10.52
C HIS O 11 -22.42 -11.57 -9.60
N ALA O 12 -23.40 -12.25 -9.02
CA ALA O 12 -24.37 -11.61 -8.15
C ALA O 12 -23.80 -11.45 -6.74
N TYR O 13 -24.20 -10.37 -6.07
CA TYR O 13 -23.84 -10.10 -4.68
C TYR O 13 -22.31 -10.02 -4.51
N GLN O 14 -21.67 -9.31 -5.43
CA GLN O 14 -20.21 -9.23 -5.41
C GLN O 14 -19.70 -8.42 -4.23
N GLY O 15 -20.41 -7.36 -3.86
CA GLY O 15 -20.02 -6.53 -2.74
C GLY O 15 -19.30 -5.27 -3.18
N VAL O 16 -19.33 -4.28 -2.29
CA VAL O 16 -18.68 -2.99 -2.53
C VAL O 16 -17.41 -2.93 -1.68
N SER O 17 -16.53 -1.99 -2.04
CA SER O 17 -15.29 -1.82 -1.30
C SER O 17 -15.57 -1.39 0.13
N ASP O 18 -14.57 -1.62 1.00
CA ASP O 18 -14.72 -1.24 2.41
C ASP O 18 -14.90 0.26 2.57
N THR O 19 -14.28 1.06 1.70
CA THR O 19 -14.42 2.51 1.82
C THR O 19 -15.78 2.98 1.33
N GLU O 20 -16.35 2.31 0.32
CA GLU O 20 -17.68 2.67 -0.13
C GLU O 20 -18.74 2.20 0.85
N PHE O 21 -18.54 1.03 1.47
CA PHE O 21 -19.53 0.54 2.43
C PHE O 21 -19.65 1.48 3.62
N SER O 22 -18.55 2.13 4.01
CA SER O 22 -18.62 3.15 5.06
C SER O 22 -19.59 4.26 4.68
N GLU O 23 -19.68 4.60 3.40
CA GLU O 23 -20.63 5.63 2.97
C GLU O 23 -22.06 5.13 3.07
N TRP O 24 -22.29 3.86 2.76
CA TRP O 24 -23.64 3.30 2.89
C TRP O 24 -24.07 3.17 4.34
N GLU O 25 -23.13 2.89 5.24
CA GLU O 25 -23.44 2.90 6.66
C GLU O 25 -23.85 4.31 7.10
N GLN O 26 -23.22 5.33 6.53
CA GLN O 26 -23.63 6.70 6.81
C GLN O 26 -25.02 6.98 6.26
N VAL O 27 -25.34 6.42 5.10
CA VAL O 27 -26.69 6.52 4.55
C VAL O 27 -27.69 5.83 5.47
N ALA O 28 -27.37 4.61 5.90
CA ALA O 28 -28.29 3.86 6.75
C ALA O 28 -28.51 4.57 8.08
N ALA O 29 -27.46 5.17 8.63
CA ALA O 29 -27.60 5.93 9.87
C ALA O 29 -28.53 7.12 9.67
N ARG O 30 -28.42 7.80 8.53
CA ARG O 30 -29.34 8.90 8.23
C ARG O 30 -30.78 8.39 8.17
N VAL O 31 -31.00 7.24 7.51
CA VAL O 31 -32.34 6.67 7.44
C VAL O 31 -32.79 6.22 8.83
N ALA O 32 -31.89 5.57 9.58
CA ALA O 32 -32.25 5.09 10.91
C ALA O 32 -32.64 6.23 11.83
N GLY O 33 -31.96 7.38 11.72
CA GLY O 33 -32.30 8.51 12.56
C GLY O 33 -33.72 9.01 12.33
N GLU O 34 -34.13 9.12 11.06
CA GLU O 34 -35.47 9.58 10.76
C GLU O 34 -36.52 8.56 11.18
N LEU O 35 -36.24 7.28 10.95
CA LEU O 35 -37.18 6.23 11.36
C LEU O 35 -37.31 6.17 12.88
N SER O 36 -36.20 6.31 13.60
CA SER O 36 -36.23 6.19 15.05
C SER O 36 -37.05 7.30 15.70
N ALA O 37 -37.03 8.50 15.11
CA ALA O 37 -37.74 9.62 15.74
C ALA O 37 -39.24 9.48 15.64
N THR O 38 -39.75 8.79 14.61
CA THR O 38 -41.18 8.63 14.41
C THR O 38 -41.66 7.21 14.67
N ALA O 39 -40.83 6.37 15.30
CA ALA O 39 -41.16 4.95 15.43
C ALA O 39 -42.36 4.74 16.34
N LEU O 40 -42.38 5.40 17.50
CA LEU O 40 -43.51 5.27 18.41
C LEU O 40 -44.80 5.80 17.79
N THR O 41 -44.74 6.97 17.16
CA THR O 41 -45.94 7.56 16.58
C THR O 41 -46.51 6.68 15.47
N ARG O 42 -45.64 6.21 14.57
CA ARG O 42 -46.10 5.37 13.47
C ARG O 42 -46.58 4.02 13.97
N ASP O 43 -45.96 3.50 15.05
CA ASP O 43 -46.38 2.20 15.57
C ASP O 43 -47.81 2.24 16.08
N ARG O 44 -48.19 3.32 16.77
CA ARG O 44 -49.54 3.42 17.29
C ARG O 44 -50.57 3.66 16.19
N ALA O 45 -50.19 4.35 15.11
CA ALA O 45 -51.14 4.60 14.03
C ALA O 45 -51.45 3.34 13.24
N ASN O 46 -50.52 2.39 13.17
CA ASN O 46 -50.75 1.08 12.56
C ASN O 46 -51.10 1.19 11.08
N GLN O 47 -50.52 2.15 10.38
CA GLN O 47 -50.79 2.36 8.97
C GLN O 47 -49.75 1.66 8.10
N ASN O 48 -50.14 1.40 6.85
CA ASN O 48 -49.24 0.76 5.91
C ASN O 48 -47.99 1.63 5.72
N PRO O 49 -46.80 1.04 5.74
CA PRO O 49 -45.55 1.81 5.71
C PRO O 49 -45.14 2.28 4.31
N ILE O 50 -46.08 2.91 3.61
CA ILE O 50 -45.81 3.37 2.25
C ILE O 50 -44.73 4.45 2.25
N ALA O 51 -44.85 5.43 3.14
CA ALA O 51 -43.84 6.49 3.21
C ALA O 51 -42.48 5.94 3.66
N GLU O 52 -42.49 4.94 4.55
CA GLU O 52 -41.23 4.36 5.01
C GLU O 52 -40.53 3.59 3.89
N ILE O 53 -41.29 2.92 3.03
CA ILE O 53 -40.71 2.22 1.90
C ILE O 53 -40.10 3.23 0.92
N GLU O 54 -40.81 4.32 0.64
CA GLU O 54 -40.26 5.37 -0.21
C GLU O 54 -38.99 5.93 0.38
N LEU O 55 -38.88 5.99 1.71
CA LEU O 55 -37.66 6.47 2.35
C LEU O 55 -36.48 5.56 2.02
N LEU O 56 -36.68 4.25 2.16
CA LEU O 56 -35.62 3.31 1.78
C LEU O 56 -35.30 3.40 0.30
N ARG O 57 -36.26 3.82 -0.51
CA ARG O 57 -36.06 3.88 -1.95
C ARG O 57 -35.17 5.06 -2.35
N ARG O 58 -35.47 6.26 -1.85
CA ARG O 58 -34.70 7.42 -2.28
C ARG O 58 -33.26 7.40 -1.77
N TYR O 59 -32.98 6.65 -0.71
CA TYR O 59 -31.62 6.54 -0.19
C TYR O 59 -30.85 5.36 -0.77
N GLY O 60 -31.40 4.70 -1.79
CA GLY O 60 -30.69 3.64 -2.48
C GLY O 60 -30.60 2.33 -1.74
N LEU O 61 -31.38 2.14 -0.67
CA LEU O 61 -31.27 0.91 0.12
C LEU O 61 -32.00 -0.26 -0.53
N LEU O 62 -33.13 -0.02 -1.20
CA LEU O 62 -33.86 -1.12 -1.83
C LEU O 62 -33.06 -1.74 -2.97
N SER O 63 -32.19 -0.98 -3.61
CA SER O 63 -31.40 -1.46 -4.73
C SER O 63 -29.95 -1.78 -4.35
N PHE O 64 -29.65 -1.80 -3.05
CA PHE O 64 -28.27 -1.98 -2.62
C PHE O 64 -27.71 -3.34 -3.03
N ALA O 65 -28.52 -4.40 -2.92
CA ALA O 65 -28.08 -5.75 -3.20
C ALA O 65 -28.26 -6.15 -4.66
N THR O 66 -28.30 -5.18 -5.57
CA THR O 66 -28.45 -5.44 -7.00
C THR O 66 -27.18 -4.97 -7.71
N ALA O 67 -26.76 -5.74 -8.72
CA ALA O 67 -25.53 -5.45 -9.44
C ALA O 67 -25.59 -4.06 -10.07
N ARG O 68 -24.42 -3.43 -10.19
CA ARG O 68 -24.34 -2.07 -10.72
C ARG O 68 -24.79 -1.98 -12.17
N GLU O 69 -24.71 -3.07 -12.92
CA GLU O 69 -25.15 -3.04 -14.32
C GLU O 69 -26.66 -2.84 -14.43
N PHE O 70 -27.41 -3.07 -13.36
CA PHE O 70 -28.85 -2.84 -13.34
C PHE O 70 -29.23 -1.55 -12.62
N GLY O 71 -28.24 -0.77 -12.19
CA GLY O 71 -28.49 0.45 -11.44
C GLY O 71 -28.38 0.31 -9.94
N GLY O 72 -28.09 -0.89 -9.44
CA GLY O 72 -27.94 -1.10 -8.02
C GLY O 72 -26.55 -0.75 -7.52
N ALA O 73 -26.38 -0.86 -6.20
CA ALA O 73 -25.10 -0.53 -5.59
C ALA O 73 -24.06 -1.63 -5.75
N GLY O 74 -24.48 -2.85 -6.07
CA GLY O 74 -23.54 -3.94 -6.18
C GLY O 74 -23.09 -4.53 -4.86
N GLY O 75 -23.84 -4.29 -3.78
CA GLY O 75 -23.45 -4.80 -2.49
C GLY O 75 -23.65 -6.30 -2.36
N SER O 76 -23.05 -6.86 -1.31
CA SER O 76 -23.14 -8.28 -1.04
C SER O 76 -24.26 -8.56 -0.03
N LEU O 77 -24.55 -9.85 0.15
CA LEU O 77 -25.57 -10.22 1.13
C LEU O 77 -25.09 -9.92 2.55
N VAL O 78 -23.80 -10.12 2.82
CA VAL O 78 -23.25 -9.78 4.14
C VAL O 78 -23.44 -8.28 4.39
N GLN O 79 -23.11 -7.46 3.40
CA GLN O 79 -23.26 -6.01 3.54
C GLN O 79 -24.74 -5.62 3.62
N ALA O 80 -25.59 -6.27 2.82
CA ALA O 80 -27.01 -5.93 2.81
C ALA O 80 -27.64 -6.19 4.18
N LEU O 81 -27.32 -7.34 4.79
CA LEU O 81 -27.90 -7.63 6.10
C LEU O 81 -27.28 -6.77 7.19
N GLN O 82 -26.02 -6.37 7.03
CA GLN O 82 -25.44 -5.41 7.96
C GLN O 82 -26.17 -4.08 7.92
N LEU O 83 -26.52 -3.60 6.73
CA LEU O 83 -27.34 -2.41 6.64
C LEU O 83 -28.72 -2.64 7.23
N GLY O 84 -29.25 -3.85 7.08
CA GLY O 84 -30.55 -4.16 7.65
C GLY O 84 -30.57 -4.05 9.16
N ARG O 85 -29.47 -4.43 9.82
CA ARG O 85 -29.41 -4.31 11.27
C ARG O 85 -29.49 -2.86 11.71
N ILE O 86 -28.82 -1.96 10.97
CA ILE O 86 -28.90 -0.53 11.28
C ILE O 86 -30.34 -0.04 11.21
N ILE O 87 -31.07 -0.45 10.17
CA ILE O 87 -32.47 -0.08 10.04
C ILE O 87 -33.30 -0.75 11.13
N ALA O 88 -33.06 -2.04 11.38
CA ALA O 88 -33.85 -2.77 12.37
C ALA O 88 -33.68 -2.20 13.76
N ALA O 89 -32.52 -1.63 14.07
CA ALA O 89 -32.32 -1.02 15.38
C ALA O 89 -33.19 0.21 15.57
N ALA O 90 -33.47 0.94 14.50
CA ALA O 90 -34.30 2.13 14.61
C ALA O 90 -35.78 1.78 14.62
N ASP O 91 -36.18 0.78 13.83
CA ASP O 91 -37.58 0.40 13.68
C ASP O 91 -37.62 -1.06 13.30
N GLY O 92 -38.12 -1.90 14.21
CA GLY O 92 -38.15 -3.33 13.94
C GLY O 92 -39.03 -3.69 12.76
N SER O 93 -40.14 -2.97 12.58
CA SER O 93 -41.05 -3.26 11.48
C SER O 93 -40.42 -2.91 10.14
N ILE O 94 -39.83 -1.73 10.03
CA ILE O 94 -39.21 -1.32 8.78
C ILE O 94 -37.95 -2.13 8.51
N GLY O 95 -37.20 -2.48 9.56
CA GLY O 95 -36.06 -3.35 9.38
C GLY O 95 -36.47 -4.71 8.84
N GLN O 96 -37.61 -5.24 9.29
CA GLN O 96 -38.08 -6.53 8.79
C GLN O 96 -38.45 -6.43 7.31
N LEU O 97 -39.15 -5.35 6.92
CA LEU O 97 -39.49 -5.16 5.52
C LEU O 97 -38.26 -5.13 4.63
N LEU O 98 -37.20 -4.45 5.08
CA LEU O 98 -36.01 -4.30 4.24
C LEU O 98 -35.31 -5.64 4.04
N VAL O 99 -35.15 -6.41 5.11
CA VAL O 99 -34.48 -7.71 4.96
C VAL O 99 -35.39 -8.72 4.26
N TYR O 100 -36.70 -8.63 4.45
CA TYR O 100 -37.60 -9.46 3.66
C TYR O 100 -37.51 -9.11 2.18
N HIS O 101 -37.35 -7.82 1.88
CA HIS O 101 -37.12 -7.41 0.49
C HIS O 101 -35.84 -8.03 -0.06
N TYR O 102 -34.74 -7.92 0.69
CA TYR O 102 -33.50 -8.55 0.26
C TYR O 102 -33.67 -10.05 0.09
N SER O 103 -34.34 -10.70 1.04
CA SER O 103 -34.54 -12.13 0.96
C SER O 103 -35.35 -12.52 -0.28
N ASN O 104 -36.40 -11.74 -0.58
CA ASN O 104 -37.19 -12.01 -1.78
C ASN O 104 -36.35 -11.89 -3.04
N GLY O 105 -35.37 -10.98 -3.05
CA GLY O 105 -34.44 -10.93 -4.16
C GLY O 105 -33.59 -12.18 -4.26
N VAL O 106 -33.14 -12.72 -3.12
CA VAL O 106 -32.44 -13.99 -3.13
C VAL O 106 -33.36 -15.11 -3.60
N TRP O 107 -34.62 -15.07 -3.16
CA TRP O 107 -35.58 -16.09 -3.57
C TRP O 107 -35.77 -16.10 -5.09
N THR O 108 -36.06 -14.93 -5.67
CA THR O 108 -36.31 -14.89 -7.11
C THR O 108 -35.03 -15.17 -7.92
N TYR O 109 -33.86 -14.84 -7.36
CA TYR O 109 -32.62 -15.22 -8.01
C TYR O 109 -32.45 -16.74 -8.05
N ILE O 110 -32.86 -17.43 -6.99
CA ILE O 110 -32.76 -18.88 -6.96
C ILE O 110 -33.83 -19.50 -7.87
N LEU O 111 -35.04 -18.95 -7.85
CA LEU O 111 -36.17 -19.53 -8.55
C LEU O 111 -36.25 -19.10 -10.02
N GLY O 112 -35.69 -17.95 -10.37
CA GLY O 112 -35.89 -17.38 -11.69
C GLY O 112 -34.88 -17.85 -12.73
N SER O 113 -35.35 -17.97 -13.98
CA SER O 113 -34.50 -18.27 -15.11
C SER O 113 -33.58 -17.09 -15.37
N PRO O 114 -32.52 -17.28 -16.19
CA PRO O 114 -31.64 -16.14 -16.50
C PRO O 114 -32.37 -14.91 -17.04
N THR O 115 -33.38 -15.09 -17.89
N THR O 115 -33.38 -15.09 -17.89
CA THR O 115 -34.15 -13.95 -18.37
CA THR O 115 -34.15 -13.95 -18.37
C THR O 115 -35.05 -13.37 -17.29
C THR O 115 -35.02 -13.36 -17.27
N GLN O 116 -35.59 -14.22 -16.42
CA GLN O 116 -36.44 -13.72 -15.33
C GLN O 116 -35.63 -12.98 -14.28
N ARG O 117 -34.39 -13.44 -14.03
CA ARG O 117 -33.50 -12.71 -13.12
C ARG O 117 -33.24 -11.30 -13.63
N GLU O 118 -32.95 -11.16 -14.92
CA GLU O 118 -32.67 -9.85 -15.48
C GLU O 118 -33.89 -8.94 -15.40
N TYR O 119 -35.07 -9.48 -15.72
CA TYR O 119 -36.29 -8.69 -15.60
C TYR O 119 -36.46 -8.14 -14.19
N ILE O 120 -36.28 -9.00 -13.18
CA ILE O 120 -36.44 -8.56 -11.81
C ILE O 120 -35.31 -7.62 -11.39
N SER O 121 -34.07 -7.94 -11.78
CA SER O 121 -32.94 -7.10 -11.39
C SER O 121 -33.04 -5.70 -11.98
N ARG O 122 -33.51 -5.59 -13.23
CA ARG O 122 -33.67 -4.27 -13.82
C ARG O 122 -34.75 -3.47 -13.10
N GLY O 123 -35.84 -4.13 -12.70
CA GLY O 123 -36.89 -3.43 -11.97
C GLY O 123 -36.44 -3.03 -10.58
N VAL O 124 -35.84 -3.96 -9.84
CA VAL O 124 -35.39 -3.65 -8.49
C VAL O 124 -34.21 -2.68 -8.51
N GLY O 125 -33.32 -2.84 -9.49
CA GLY O 125 -32.12 -2.02 -9.57
C GLY O 125 -32.36 -0.59 -10.02
N GLY O 126 -33.15 -0.41 -11.08
CA GLY O 126 -33.30 0.91 -11.65
C GLY O 126 -34.71 1.49 -11.62
N HIS O 127 -35.67 0.76 -11.06
CA HIS O 127 -37.04 1.25 -11.02
C HIS O 127 -37.65 1.22 -9.62
N GLY O 128 -36.85 0.97 -8.59
CA GLY O 128 -37.32 1.07 -7.22
C GLY O 128 -38.33 0.03 -6.79
N TRP O 129 -38.40 -1.11 -7.47
CA TRP O 129 -39.39 -2.13 -7.11
C TRP O 129 -39.14 -2.66 -5.71
N PHE O 130 -40.22 -2.82 -4.95
CA PHE O 130 -40.18 -3.50 -3.65
C PHE O 130 -40.75 -4.90 -3.84
N GLN O 131 -40.02 -5.92 -3.38
CA GLN O 131 -40.40 -7.31 -3.57
C GLN O 131 -41.09 -7.83 -2.32
N GLY O 132 -42.33 -8.29 -2.48
CA GLY O 132 -43.06 -8.97 -1.44
C GLY O 132 -43.31 -10.42 -1.82
N SER O 133 -43.75 -11.20 -0.84
CA SER O 133 -43.91 -12.63 -1.02
C SER O 133 -45.14 -13.12 -0.29
N VAL O 134 -45.77 -14.16 -0.86
CA VAL O 134 -46.90 -14.85 -0.27
C VAL O 134 -46.48 -16.31 -0.17
N SER O 135 -46.02 -16.74 1.01
CA SER O 135 -45.32 -18.01 1.11
C SER O 135 -45.59 -18.78 2.41
N ASN O 136 -46.69 -18.50 3.10
CA ASN O 136 -46.99 -19.26 4.33
C ASN O 136 -47.45 -20.66 3.95
N PRO O 137 -46.70 -21.71 4.33
CA PRO O 137 -47.06 -23.07 3.90
C PRO O 137 -48.18 -23.71 4.71
N ARG O 138 -48.68 -23.05 5.75
CA ARG O 138 -49.70 -23.60 6.63
C ARG O 138 -51.09 -23.05 6.33
N ASP O 139 -51.33 -22.64 5.08
CA ASP O 139 -52.62 -22.05 4.71
C ASP O 139 -53.48 -23.11 4.04
N PRO O 140 -54.68 -23.37 4.56
CA PRO O 140 -55.58 -24.34 3.92
C PRO O 140 -56.49 -23.67 2.89
N GLY O 141 -57.16 -24.51 2.11
CA GLY O 141 -58.13 -24.03 1.14
C GLY O 141 -57.54 -23.22 0.00
N ILE O 142 -56.29 -23.51 -0.38
CA ILE O 142 -55.64 -22.82 -1.48
C ILE O 142 -55.79 -23.68 -2.74
N THR O 143 -56.49 -23.15 -3.74
CA THR O 143 -56.73 -23.86 -4.99
C THR O 143 -56.12 -23.08 -6.14
N VAL O 144 -55.68 -23.81 -7.17
CA VAL O 144 -55.13 -23.22 -8.38
C VAL O 144 -55.60 -24.05 -9.58
N THR O 145 -56.13 -23.38 -10.59
CA THR O 145 -56.61 -24.02 -11.80
C THR O 145 -55.77 -23.54 -12.97
N ARG O 146 -55.27 -24.48 -13.77
CA ARG O 146 -54.46 -24.15 -14.94
C ARG O 146 -55.37 -23.88 -16.13
N THR O 147 -55.18 -22.72 -16.74
CA THR O 147 -55.95 -22.30 -17.92
C THR O 147 -55.00 -22.04 -19.08
N GLU O 148 -55.57 -21.56 -20.19
CA GLU O 148 -54.75 -21.22 -21.35
C GLU O 148 -53.80 -20.08 -21.04
N GLU O 149 -54.30 -19.05 -20.34
CA GLU O 149 -53.45 -17.91 -19.98
C GLU O 149 -52.34 -18.35 -19.03
N GLY O 150 -52.68 -19.13 -18.02
CA GLY O 150 -51.69 -19.61 -17.06
C GLY O 150 -52.30 -20.36 -15.90
N TYR O 151 -52.41 -19.70 -14.74
CA TYR O 151 -52.98 -20.31 -13.55
C TYR O 151 -53.89 -19.30 -12.86
N ARG O 152 -55.01 -19.79 -12.33
CA ARG O 152 -55.96 -18.98 -11.58
C ARG O 152 -55.96 -19.43 -10.13
N VAL O 153 -55.63 -18.52 -9.21
CA VAL O 153 -55.42 -18.85 -7.81
C VAL O 153 -56.60 -18.34 -6.99
N ASN O 154 -57.03 -19.16 -6.03
CA ASN O 154 -58.08 -18.79 -5.10
C ASN O 154 -57.68 -19.23 -3.69
N GLY O 155 -58.16 -18.49 -2.71
CA GLY O 155 -57.92 -18.82 -1.32
C GLY O 155 -57.54 -17.58 -0.53
N LYS O 156 -57.19 -17.79 0.73
CA LYS O 156 -56.80 -16.73 1.65
C LYS O 156 -55.45 -17.08 2.25
N ARG O 157 -54.51 -16.13 2.21
CA ARG O 157 -53.16 -16.34 2.70
C ARG O 157 -52.86 -15.33 3.79
N THR O 158 -52.30 -15.80 4.90
CA THR O 158 -52.03 -14.99 6.07
C THR O 158 -50.53 -14.69 6.18
N PHE O 159 -50.20 -13.77 7.09
CA PHE O 159 -48.83 -13.37 7.36
C PHE O 159 -48.10 -12.94 6.07
N ALA O 160 -48.83 -12.28 5.19
CA ALA O 160 -48.28 -11.84 3.90
C ALA O 160 -47.52 -10.54 4.12
N THR O 161 -46.32 -10.66 4.68
CA THR O 161 -45.52 -9.50 5.03
C THR O 161 -45.13 -8.71 3.79
N GLY O 162 -45.42 -7.41 3.82
CA GLY O 162 -44.98 -6.50 2.78
C GLY O 162 -45.72 -6.59 1.46
N VAL O 163 -46.72 -7.46 1.33
CA VAL O 163 -47.40 -7.62 0.06
C VAL O 163 -48.21 -6.37 -0.30
N ALA O 164 -48.86 -5.77 0.70
CA ALA O 164 -49.70 -4.60 0.43
C ALA O 164 -48.88 -3.40 -0.06
N VAL O 165 -47.58 -3.39 0.22
CA VAL O 165 -46.70 -2.29 -0.20
C VAL O 165 -45.74 -2.71 -1.30
N ALA O 166 -45.86 -3.93 -1.81
CA ALA O 166 -44.92 -4.45 -2.78
C ALA O 166 -45.35 -4.10 -4.20
N ASP O 167 -44.34 -3.90 -5.06
CA ASP O 167 -44.57 -3.70 -6.49
C ASP O 167 -44.55 -5.03 -7.25
N LEU O 168 -43.65 -5.93 -6.87
CA LEU O 168 -43.57 -7.27 -7.44
C LEU O 168 -43.81 -8.27 -6.34
N ILE O 169 -44.79 -9.15 -6.55
CA ILE O 169 -45.21 -10.13 -5.55
C ILE O 169 -44.82 -11.52 -6.04
N THR O 170 -44.15 -12.29 -5.19
CA THR O 170 -43.82 -13.67 -5.49
C THR O 170 -44.87 -14.56 -4.84
N VAL O 171 -45.53 -15.39 -5.65
CA VAL O 171 -46.55 -16.32 -5.18
C VAL O 171 -45.94 -17.71 -5.19
N LEU O 172 -45.84 -18.32 -4.01
CA LEU O 172 -45.31 -19.67 -3.86
C LEU O 172 -46.43 -20.58 -3.38
N LEU O 173 -46.76 -21.59 -4.19
CA LEU O 173 -47.88 -22.48 -3.92
C LEU O 173 -47.37 -23.91 -3.74
N TYR O 174 -47.82 -24.56 -2.68
CA TYR O 174 -47.55 -25.97 -2.41
C TYR O 174 -46.07 -26.26 -2.18
N GLU O 175 -45.75 -27.52 -1.93
CA GLU O 175 -44.38 -27.95 -1.62
C GLU O 175 -43.91 -29.09 -2.52
N ALA O 176 -44.77 -30.06 -2.81
CA ALA O 176 -44.37 -31.20 -3.64
C ALA O 176 -44.18 -30.78 -5.10
N GLU O 177 -45.26 -30.29 -5.72
CA GLU O 177 -45.18 -29.80 -7.09
C GLU O 177 -45.41 -28.29 -7.06
N PRO O 178 -44.37 -27.51 -6.81
CA PRO O 178 -44.57 -26.09 -6.52
C PRO O 178 -44.91 -25.28 -7.76
N ILE O 179 -45.71 -24.25 -7.56
CA ILE O 179 -46.03 -23.26 -8.59
C ILE O 179 -45.57 -21.92 -8.05
N ASN O 180 -44.41 -21.46 -8.51
CA ASN O 180 -43.82 -20.19 -8.08
C ASN O 180 -43.84 -19.21 -9.24
N ALA O 181 -44.40 -18.02 -9.00
CA ALA O 181 -44.56 -17.03 -10.05
C ALA O 181 -44.43 -15.63 -9.46
N ILE O 182 -44.15 -14.67 -10.34
CA ILE O 182 -44.06 -13.26 -9.98
C ILE O 182 -45.19 -12.50 -10.66
N ILE O 183 -45.91 -11.70 -9.90
CA ILE O 183 -47.02 -10.92 -10.45
C ILE O 183 -46.87 -9.44 -10.05
N PRO O 184 -47.28 -8.52 -10.90
CA PRO O 184 -47.25 -7.10 -10.51
C PRO O 184 -48.32 -6.81 -9.47
N SER O 185 -48.12 -5.70 -8.75
CA SER O 185 -49.11 -5.27 -7.77
C SER O 185 -50.44 -4.91 -8.42
N GLU O 186 -50.43 -4.56 -9.70
CA GLU O 186 -51.65 -4.16 -10.41
C GLU O 186 -52.50 -5.35 -10.85
N ARG O 187 -52.08 -6.58 -10.57
CA ARG O 187 -52.82 -7.75 -11.02
C ARG O 187 -54.17 -7.82 -10.31
N ASP O 188 -55.24 -8.00 -11.08
CA ASP O 188 -56.58 -8.03 -10.53
C ASP O 188 -56.79 -9.27 -9.69
N GLY O 189 -57.75 -9.17 -8.77
CA GLY O 189 -58.13 -10.27 -7.91
C GLY O 189 -57.49 -10.27 -6.54
N LEU O 190 -56.61 -9.32 -6.26
CA LEU O 190 -55.92 -9.25 -4.98
C LEU O 190 -56.68 -8.33 -4.04
N ARG O 191 -57.07 -8.87 -2.87
CA ARG O 191 -57.73 -8.10 -1.83
C ARG O 191 -56.87 -8.18 -0.57
N PHE O 192 -56.66 -7.04 0.08
CA PHE O 192 -55.83 -6.94 1.27
C PHE O 192 -56.73 -6.65 2.46
N ASN O 193 -56.88 -7.62 3.35
CA ASN O 193 -57.72 -7.45 4.53
C ASN O 193 -56.99 -6.61 5.58
N ASP O 194 -57.78 -5.86 6.34
CA ASP O 194 -57.25 -5.02 7.43
C ASP O 194 -57.41 -5.74 8.77
N ASP O 195 -56.71 -6.87 8.88
CA ASP O 195 -56.79 -7.74 10.05
C ASP O 195 -55.45 -7.89 10.75
N TRP O 196 -54.61 -6.86 10.69
CA TRP O 196 -53.28 -6.89 11.32
C TRP O 196 -53.26 -5.83 12.41
N ASP O 197 -53.46 -6.26 13.66
CA ASP O 197 -53.39 -5.42 14.86
C ASP O 197 -52.65 -6.25 15.89
N ASN O 198 -51.32 -6.21 15.84
CA ASN O 198 -50.47 -7.16 16.53
C ASN O 198 -49.73 -6.50 17.67
N LEU O 199 -49.12 -7.34 18.51
CA LEU O 199 -48.30 -6.85 19.61
C LEU O 199 -47.10 -6.08 19.09
N GLY O 200 -46.30 -6.72 18.23
CA GLY O 200 -45.15 -6.10 17.63
C GLY O 200 -45.12 -6.36 16.13
N GLN O 201 -44.07 -5.84 15.50
CA GLN O 201 -43.94 -5.86 14.03
C GLN O 201 -45.21 -5.34 13.37
N ARG O 202 -45.77 -4.27 13.95
CA ARG O 202 -47.09 -3.79 13.56
C ARG O 202 -47.11 -3.14 12.19
N LEU O 203 -45.97 -2.64 11.71
CA LEU O 203 -45.92 -1.94 10.44
C LEU O 203 -45.29 -2.78 9.33
N THR O 204 -45.45 -4.10 9.40
CA THR O 204 -44.89 -5.01 8.41
C THR O 204 -45.91 -5.40 7.34
N ALA O 205 -47.14 -4.89 7.43
CA ALA O 205 -48.21 -5.23 6.49
C ALA O 205 -48.44 -6.74 6.44
N SER O 206 -48.39 -7.38 7.61
CA SER O 206 -48.50 -8.83 7.72
C SER O 206 -49.94 -9.31 7.82
N GLY O 207 -50.89 -8.58 7.27
CA GLY O 207 -52.28 -9.01 7.26
C GLY O 207 -52.49 -10.15 6.28
N SER O 208 -53.76 -10.47 6.08
CA SER O 208 -54.15 -11.54 5.17
C SER O 208 -54.48 -10.98 3.79
N VAL O 209 -54.26 -11.80 2.77
CA VAL O 209 -54.50 -11.42 1.38
C VAL O 209 -55.46 -12.44 0.77
N GLU O 210 -56.50 -11.92 0.11
CA GLU O 210 -57.49 -12.75 -0.56
C GLU O 210 -57.14 -12.88 -2.03
N PHE O 211 -57.18 -14.10 -2.55
CA PHE O 211 -56.97 -14.38 -3.97
C PHE O 211 -58.31 -14.73 -4.58
N ASP O 212 -58.79 -13.87 -5.47
CA ASP O 212 -60.08 -14.06 -6.14
C ASP O 212 -59.80 -14.24 -7.63
N ASN O 213 -59.53 -15.49 -8.02
CA ASN O 213 -59.29 -15.85 -9.42
C ASN O 213 -58.11 -15.07 -10.01
N VAL O 214 -57.02 -15.02 -9.24
CA VAL O 214 -55.85 -14.23 -9.62
C VAL O 214 -55.07 -14.98 -10.69
N LEU O 215 -54.75 -14.29 -11.79
CA LEU O 215 -54.06 -14.91 -12.91
C LEU O 215 -52.56 -14.91 -12.67
N LEU O 216 -51.93 -16.06 -12.93
CA LEU O 216 -50.48 -16.18 -13.00
C LEU O 216 -50.15 -16.58 -14.43
N ARG O 217 -49.63 -15.63 -15.21
CA ARG O 217 -49.31 -15.91 -16.60
C ARG O 217 -48.18 -16.93 -16.69
N HIS O 218 -48.23 -17.76 -17.74
CA HIS O 218 -47.17 -18.73 -17.97
C HIS O 218 -45.81 -18.05 -18.09
N ASP O 219 -45.77 -16.85 -18.66
CA ASP O 219 -44.53 -16.10 -18.77
C ASP O 219 -43.96 -15.74 -17.41
N GLU O 220 -44.79 -15.72 -16.38
CA GLU O 220 -44.39 -15.29 -15.05
C GLU O 220 -44.04 -16.44 -14.13
N VAL O 221 -44.16 -17.68 -14.58
CA VAL O 221 -43.83 -18.84 -13.75
C VAL O 221 -42.32 -19.03 -13.73
N LEU O 222 -41.76 -19.14 -12.53
CA LEU O 222 -40.31 -19.24 -12.37
C LEU O 222 -39.84 -20.65 -12.72
N THR O 223 -38.75 -20.74 -13.49
CA THR O 223 -38.24 -22.01 -13.98
C THR O 223 -36.75 -22.18 -13.76
N GLY O 224 -36.17 -21.42 -12.81
CA GLY O 224 -34.73 -21.53 -12.58
C GLY O 224 -34.32 -22.85 -11.96
N LEU O 225 -35.22 -23.48 -11.21
CA LEU O 225 -34.93 -24.76 -10.58
C LEU O 225 -34.98 -25.93 -11.57
N ASP O 226 -35.39 -25.69 -12.81
CA ASP O 226 -35.51 -26.78 -13.77
C ASP O 226 -34.16 -27.40 -14.10
N GLU O 227 -33.08 -26.61 -14.08
CA GLU O 227 -31.76 -27.12 -14.42
C GLU O 227 -31.11 -27.93 -13.31
N TYR O 228 -31.74 -28.02 -12.14
CA TYR O 228 -31.24 -28.84 -11.05
C TYR O 228 -31.98 -30.17 -11.01
N SER O 229 -31.25 -31.23 -10.69
CA SER O 229 -31.79 -32.58 -10.79
C SER O 229 -32.92 -32.80 -9.81
N GLY O 230 -34.01 -33.41 -10.29
CA GLY O 230 -35.11 -33.83 -9.45
C GLY O 230 -35.03 -35.26 -8.96
N LEU O 231 -33.88 -35.92 -9.16
CA LEU O 231 -33.71 -37.30 -8.75
C LEU O 231 -32.75 -37.50 -7.57
N ASP O 232 -31.74 -36.64 -7.44
CA ASP O 232 -30.74 -36.78 -6.38
C ASP O 232 -30.88 -35.75 -5.27
N GLY O 233 -31.97 -34.98 -5.27
CA GLY O 233 -32.19 -33.98 -4.25
C GLY O 233 -31.51 -32.65 -4.48
N SER O 234 -30.85 -32.47 -5.62
CA SER O 234 -30.18 -31.20 -5.90
C SER O 234 -31.18 -30.05 -5.92
N ARG O 235 -32.31 -30.24 -6.59
CA ARG O 235 -33.31 -29.18 -6.68
C ARG O 235 -33.87 -28.83 -5.31
N GLU O 236 -34.08 -29.84 -4.46
CA GLU O 236 -34.59 -29.59 -3.12
C GLU O 236 -33.60 -28.78 -2.29
N ARG O 237 -32.31 -29.13 -2.36
CA ARG O 237 -31.32 -28.40 -1.58
C ARG O 237 -31.06 -27.02 -2.15
N ARG O 238 -31.08 -26.88 -3.48
CA ARG O 238 -30.97 -25.56 -4.09
C ARG O 238 -32.14 -24.67 -3.67
N ASP O 239 -33.37 -25.19 -3.79
CA ASP O 239 -34.52 -24.45 -3.33
C ASP O 239 -34.50 -24.24 -1.82
N GLY O 240 -33.95 -25.22 -1.07
CA GLY O 240 -33.88 -25.10 0.38
C GLY O 240 -33.06 -23.92 0.87
N LEU O 241 -32.19 -23.37 0.02
CA LEU O 241 -31.46 -22.17 0.39
C LEU O 241 -32.38 -20.99 0.68
N ARG O 242 -33.61 -21.01 0.15
CA ARG O 242 -34.56 -19.94 0.45
C ARG O 242 -34.95 -19.96 1.92
N ALA O 243 -35.32 -21.14 2.44
CA ALA O 243 -35.73 -21.23 3.84
C ALA O 243 -34.57 -20.89 4.78
N LEU O 244 -33.35 -21.26 4.41
CA LEU O 244 -32.20 -20.96 5.26
C LEU O 244 -31.91 -19.45 5.30
N PHE O 245 -32.06 -18.76 4.17
CA PHE O 245 -31.87 -17.32 4.17
C PHE O 245 -32.94 -16.62 4.98
N SER O 246 -34.17 -17.13 4.95
CA SER O 246 -35.22 -16.57 5.79
C SER O 246 -34.85 -16.64 7.27
N GLN O 247 -34.39 -17.81 7.70
CA GLN O 247 -33.88 -17.93 9.07
C GLN O 247 -32.70 -16.98 9.30
N LEU O 248 -31.89 -16.77 8.28
CA LEU O 248 -30.72 -15.90 8.43
C LEU O 248 -31.13 -14.44 8.61
N ILE O 249 -32.12 -13.97 7.84
CA ILE O 249 -32.55 -12.57 8.00
C ILE O 249 -33.23 -12.37 9.35
N PHE O 250 -33.85 -13.42 9.90
CA PHE O 250 -34.43 -13.30 11.23
C PHE O 250 -33.35 -13.06 12.27
N VAL O 251 -32.20 -13.73 12.10
CA VAL O 251 -31.07 -13.54 13.01
C VAL O 251 -30.65 -12.08 13.06
N HIS O 252 -30.45 -11.47 11.89
CA HIS O 252 -30.02 -10.08 11.85
C HIS O 252 -31.13 -9.14 12.33
N LEU O 253 -32.39 -9.45 12.04
CA LEU O 253 -33.49 -8.65 12.55
C LEU O 253 -33.49 -8.62 14.07
N TYR O 254 -33.33 -9.79 14.70
CA TYR O 254 -33.32 -9.84 16.16
C TYR O 254 -32.11 -9.11 16.73
N LEU O 255 -30.94 -9.30 16.14
CA LEU O 255 -29.74 -8.64 16.65
C LEU O 255 -29.82 -7.13 16.47
N GLY O 256 -30.40 -6.67 15.36
CA GLY O 256 -30.59 -5.25 15.18
C GLY O 256 -31.55 -4.66 16.19
N ILE O 257 -32.68 -5.34 16.43
CA ILE O 257 -33.62 -4.90 17.46
C ILE O 257 -32.93 -4.84 18.82
N ALA O 258 -32.13 -5.85 19.14
CA ALA O 258 -31.40 -5.86 20.40
C ALA O 258 -30.43 -4.70 20.50
N GLU O 259 -29.73 -4.39 19.39
CA GLU O 259 -28.82 -3.25 19.40
C GLU O 259 -29.57 -1.95 19.63
N GLY O 260 -30.75 -1.81 19.03
CA GLY O 260 -31.53 -0.60 19.24
C GLY O 260 -32.06 -0.48 20.66
N ALA O 261 -32.48 -1.60 21.24
CA ALA O 261 -32.95 -1.59 22.63
C ALA O 261 -31.83 -1.20 23.58
N LEU O 262 -30.65 -1.77 23.41
CA LEU O 262 -29.53 -1.45 24.29
C LEU O 262 -29.14 0.02 24.16
N ALA O 263 -29.08 0.53 22.93
CA ALA O 263 -28.76 1.94 22.73
C ALA O 263 -29.82 2.84 23.32
N ALA O 264 -31.09 2.45 23.20
CA ALA O 264 -32.18 3.27 23.73
C ALA O 264 -32.16 3.29 25.25
N GLY O 265 -31.86 2.15 25.88
CA GLY O 265 -31.75 2.12 27.32
C GLY O 265 -30.55 2.89 27.84
N VAL O 266 -29.43 2.78 27.13
CA VAL O 266 -28.25 3.57 27.51
C VAL O 266 -28.54 5.06 27.37
N ALA O 267 -29.21 5.45 26.29
CA ALA O 267 -29.52 6.86 26.08
C ALA O 267 -30.43 7.40 27.17
N TYR O 268 -31.39 6.59 27.64
CA TYR O 268 -32.30 7.05 28.67
C TYR O 268 -31.57 7.27 29.99
N ILE O 269 -30.68 6.34 30.36
CA ILE O 269 -29.96 6.47 31.63
C ILE O 269 -29.11 7.73 31.65
N ARG O 270 -28.39 8.00 30.55
CA ARG O 270 -27.52 9.18 30.52
C ARG O 270 -28.34 10.47 30.45
N ASP O 271 -29.53 10.42 29.85
CA ASP O 271 -30.35 11.62 29.71
C ASP O 271 -31.26 11.84 30.92
N LYS O 272 -32.02 10.81 31.31
CA LYS O 272 -33.05 10.96 32.34
C LYS O 272 -32.77 10.16 33.61
N GLY O 273 -31.77 9.30 33.62
CA GLY O 273 -31.55 8.44 34.77
C GLY O 273 -31.10 9.21 36.00
N ARG O 274 -31.54 8.74 37.15
CA ARG O 274 -31.13 9.30 38.42
C ARG O 274 -30.62 8.19 39.33
N PRO O 275 -29.68 8.50 40.22
CA PRO O 275 -29.04 7.45 41.01
C PRO O 275 -29.98 6.92 42.09
N TRP O 276 -29.85 5.63 42.37
CA TRP O 276 -30.60 5.04 43.47
C TRP O 276 -29.96 5.47 44.79
N PRO O 277 -30.75 5.91 45.77
CA PRO O 277 -30.15 6.48 47.00
C PRO O 277 -29.22 5.54 47.75
N GLU O 278 -29.39 4.23 47.61
CA GLU O 278 -28.50 3.29 48.28
C GLU O 278 -27.17 3.12 47.56
N ALA O 279 -27.00 3.71 46.37
CA ALA O 279 -25.77 3.56 45.62
C ALA O 279 -24.64 4.36 46.27
N HIS O 280 -23.41 3.91 46.05
CA HIS O 280 -22.24 4.59 46.60
C HIS O 280 -21.99 5.93 45.92
N SER O 281 -22.52 6.13 44.72
CA SER O 281 -22.26 7.33 43.94
C SER O 281 -23.57 8.04 43.61
N THR O 282 -23.52 9.37 43.57
CA THR O 282 -24.63 10.19 43.12
C THR O 282 -24.68 10.32 41.60
N ASP O 283 -23.77 9.67 40.89
CA ASP O 283 -23.74 9.65 39.43
C ASP O 283 -24.35 8.33 38.97
N VAL O 284 -25.47 8.42 38.24
CA VAL O 284 -26.18 7.22 37.82
C VAL O 284 -25.33 6.36 36.89
N THR O 285 -24.45 6.99 36.10
CA THR O 285 -23.61 6.24 35.17
C THR O 285 -22.53 5.43 35.88
N GLU O 286 -22.31 5.65 37.17
CA GLU O 286 -21.34 4.89 37.94
C GLU O 286 -21.97 3.75 38.72
N ASP O 287 -23.25 3.48 38.51
CA ASP O 287 -23.93 2.41 39.23
C ASP O 287 -23.32 1.06 38.83
N PRO O 288 -22.80 0.28 39.78
CA PRO O 288 -22.11 -0.96 39.39
C PRO O 288 -23.03 -1.98 38.74
N TYR O 289 -24.31 -2.02 39.11
CA TYR O 289 -25.21 -3.02 38.55
C TYR O 289 -25.71 -2.62 37.16
N HIS O 290 -25.87 -1.32 36.91
CA HIS O 290 -26.18 -0.88 35.55
C HIS O 290 -25.03 -1.23 34.60
N GLN O 291 -23.80 -0.91 35.01
CA GLN O 291 -22.64 -1.17 34.16
C GLN O 291 -22.49 -2.66 33.86
N GLN O 292 -22.61 -3.51 34.88
CA GLN O 292 -22.45 -4.94 34.67
C GLN O 292 -23.54 -5.50 33.76
N LEU O 293 -24.79 -5.07 33.94
CA LEU O 293 -25.87 -5.59 33.11
C LEU O 293 -25.71 -5.15 31.67
N LEU O 294 -25.45 -3.86 31.45
CA LEU O 294 -25.28 -3.37 30.09
C LEU O 294 -24.07 -4.01 29.41
N GLY O 295 -23.00 -4.24 30.18
CA GLY O 295 -21.83 -4.89 29.61
C GLY O 295 -22.10 -6.34 29.23
N ARG O 296 -22.83 -7.07 30.07
CA ARG O 296 -23.19 -8.44 29.73
C ARG O 296 -24.06 -8.48 28.47
N LEU O 297 -25.03 -7.57 28.37
CA LEU O 297 -25.89 -7.52 27.19
C LEU O 297 -25.09 -7.16 25.95
N SER O 298 -24.23 -6.15 26.04
CA SER O 298 -23.40 -5.76 24.91
C SER O 298 -22.53 -6.91 24.42
N ALA O 299 -21.91 -7.64 25.35
CA ALA O 299 -21.08 -8.77 24.96
C ALA O 299 -21.91 -9.83 24.24
N GLY O 300 -23.13 -10.10 24.72
CA GLY O 300 -23.95 -11.11 24.09
C GLY O 300 -24.39 -10.73 22.69
N ILE O 301 -24.64 -9.43 22.47
CA ILE O 301 -24.96 -8.96 21.12
C ILE O 301 -23.75 -9.11 20.20
N ALA O 302 -22.57 -8.72 20.68
CA ALA O 302 -21.37 -8.82 19.86
C ALA O 302 -21.12 -10.26 19.41
N ALA O 303 -21.33 -11.23 20.31
CA ALA O 303 -21.14 -12.63 19.94
C ALA O 303 -22.15 -13.06 18.89
N GLY O 304 -23.42 -12.66 19.05
CA GLY O 304 -24.42 -13.00 18.06
C GLY O 304 -24.14 -12.39 16.71
N VAL O 305 -23.63 -11.16 16.70
CA VAL O 305 -23.33 -10.49 15.42
C VAL O 305 -22.18 -11.19 14.71
N ALA O 306 -21.13 -11.55 15.44
CA ALA O 306 -19.99 -12.25 14.83
C ALA O 306 -20.42 -13.57 14.21
N LEU O 307 -21.30 -14.30 14.90
CA LEU O 307 -21.80 -15.56 14.34
C LEU O 307 -22.72 -15.30 13.15
N ALA O 308 -23.56 -14.26 13.23
CA ALA O 308 -24.48 -13.95 12.15
C ALA O 308 -23.74 -13.60 10.86
N ASP O 309 -22.77 -12.70 10.95
CA ASP O 309 -22.03 -12.30 9.75
C ASP O 309 -21.22 -13.45 9.19
N SER O 310 -20.72 -14.34 10.06
CA SER O 310 -20.04 -15.54 9.60
C SER O 310 -20.98 -16.47 8.87
N ALA O 311 -22.22 -16.61 9.37
CA ALA O 311 -23.18 -17.48 8.71
C ALA O 311 -23.64 -16.91 7.39
N THR O 312 -23.76 -15.58 7.29
CA THR O 312 -24.13 -14.96 6.02
C THR O 312 -23.05 -15.17 4.97
N LYS O 313 -21.78 -15.06 5.37
CA LYS O 313 -20.69 -15.36 4.44
C LYS O 313 -20.76 -16.80 3.96
N GLU O 314 -21.08 -17.73 4.86
CA GLU O 314 -21.21 -19.13 4.46
C GLU O 314 -22.39 -19.34 3.53
N PHE O 315 -23.47 -18.58 3.71
CA PHE O 315 -24.60 -18.66 2.78
C PHE O 315 -24.21 -18.17 1.40
N GLU O 316 -23.49 -17.05 1.33
CA GLU O 316 -23.04 -16.52 0.04
C GLU O 316 -22.22 -17.56 -0.73
N GLN O 317 -21.35 -18.29 -0.02
CA GLN O 317 -20.54 -19.29 -0.67
C GLN O 317 -21.38 -20.44 -1.23
N ALA O 318 -22.39 -20.87 -0.47
CA ALA O 318 -23.26 -21.95 -0.94
C ALA O 318 -24.14 -21.48 -2.08
N LEU O 319 -24.59 -20.22 -2.03
CA LEU O 319 -25.39 -19.68 -3.12
C LEU O 319 -24.58 -19.57 -4.40
N ALA O 320 -23.27 -19.39 -4.28
CA ALA O 320 -22.39 -19.23 -5.44
C ALA O 320 -21.74 -20.55 -5.86
N PHE O 321 -22.13 -21.68 -5.27
CA PHE O 321 -21.59 -22.96 -5.70
C PHE O 321 -21.97 -23.22 -7.16
N GLY O 322 -21.07 -23.90 -7.87
CA GLY O 322 -21.36 -24.25 -9.26
C GLY O 322 -22.53 -25.21 -9.39
N GLU O 323 -22.79 -26.02 -8.38
CA GLU O 323 -23.91 -26.94 -8.33
C GLU O 323 -24.67 -26.73 -7.03
N ALA O 324 -25.74 -27.50 -6.85
CA ALA O 324 -26.46 -27.46 -5.58
C ALA O 324 -25.55 -27.95 -4.47
N PRO O 325 -25.70 -27.42 -3.25
CA PRO O 325 -24.90 -27.93 -2.14
C PRO O 325 -25.24 -29.38 -1.87
N THR O 326 -24.21 -30.16 -1.54
CA THR O 326 -24.43 -31.55 -1.18
C THR O 326 -25.24 -31.63 0.11
N GLU O 327 -25.63 -32.85 0.47
CA GLU O 327 -26.33 -33.06 1.73
C GLU O 327 -25.52 -32.54 2.91
N ALA O 328 -24.19 -32.69 2.85
CA ALA O 328 -23.32 -32.26 3.93
C ALA O 328 -23.13 -30.75 3.94
N GLN O 329 -22.93 -30.15 2.75
CA GLN O 329 -22.80 -28.69 2.69
C GLN O 329 -24.10 -28.01 3.11
N TRP O 330 -25.24 -28.53 2.67
CA TRP O 330 -26.52 -27.97 3.08
C TRP O 330 -26.74 -28.15 4.58
N GLY O 331 -26.47 -29.34 5.10
CA GLY O 331 -26.65 -29.58 6.52
C GLY O 331 -25.74 -28.72 7.38
N ALA O 332 -24.48 -28.57 6.97
CA ALA O 332 -23.56 -27.74 7.74
C ALA O 332 -24.02 -26.28 7.75
N LEU O 333 -24.54 -25.80 6.62
CA LEU O 333 -25.07 -24.44 6.58
C LEU O 333 -26.31 -24.30 7.45
N ALA O 334 -27.21 -25.29 7.40
CA ALA O 334 -28.41 -25.24 8.22
C ALA O 334 -28.09 -25.25 9.70
N ILE O 335 -27.11 -26.08 10.12
CA ILE O 335 -26.70 -26.09 11.51
C ILE O 335 -26.16 -24.72 11.93
N ARG O 336 -25.28 -24.15 11.09
CA ARG O 336 -24.74 -22.83 11.36
C ARG O 336 -25.84 -21.79 11.49
N VAL O 337 -26.85 -21.86 10.63
CA VAL O 337 -27.96 -20.90 10.70
C VAL O 337 -28.83 -21.18 11.93
N ASP O 338 -29.04 -22.47 12.26
CA ASP O 338 -29.71 -22.80 13.51
C ASP O 338 -28.99 -22.21 14.71
N GLN O 339 -27.67 -22.36 14.76
CA GLN O 339 -26.89 -21.82 15.87
C GLN O 339 -27.04 -20.31 15.96
N ALA O 340 -26.98 -19.63 14.82
CA ALA O 340 -27.18 -18.18 14.83
C ALA O 340 -28.59 -17.82 15.26
N LYS O 341 -29.58 -18.59 14.83
CA LYS O 341 -30.96 -18.33 15.22
C LYS O 341 -31.16 -18.51 16.72
N SER O 342 -30.52 -19.53 17.30
CA SER O 342 -30.66 -19.76 18.73
C SER O 342 -30.05 -18.61 19.53
N VAL O 343 -28.83 -18.20 19.19
CA VAL O 343 -28.16 -17.15 19.95
C VAL O 343 -28.84 -15.80 19.77
N ALA O 344 -29.27 -15.50 18.53
CA ALA O 344 -29.92 -14.21 18.27
C ALA O 344 -31.28 -14.11 18.95
N THR O 345 -32.03 -15.22 19.00
CA THR O 345 -33.30 -15.21 19.70
C THR O 345 -33.10 -14.95 21.18
N GLU O 346 -32.16 -15.67 21.80
CA GLU O 346 -31.96 -15.57 23.23
C GLU O 346 -31.47 -14.18 23.64
N ILE O 347 -30.46 -13.64 22.94
CA ILE O 347 -29.92 -12.36 23.35
C ILE O 347 -30.93 -11.23 23.10
N SER O 348 -31.69 -11.30 22.00
CA SER O 348 -32.64 -10.24 21.72
C SER O 348 -33.78 -10.22 22.74
N LEU O 349 -34.25 -11.39 23.16
CA LEU O 349 -35.23 -11.44 24.24
C LEU O 349 -34.63 -10.99 25.57
N ASP O 350 -33.36 -11.34 25.80
CA ASP O 350 -32.68 -10.94 27.04
C ASP O 350 -32.53 -9.42 27.12
N VAL O 351 -32.06 -8.80 26.03
CA VAL O 351 -31.80 -7.37 26.05
C VAL O 351 -33.10 -6.57 26.21
N THR O 352 -34.09 -6.88 25.38
CA THR O 352 -35.30 -6.05 25.35
C THR O 352 -36.12 -6.18 26.63
N HIS O 353 -36.01 -7.32 27.31
CA HIS O 353 -36.73 -7.60 28.54
C HIS O 353 -36.03 -7.01 29.76
N ASN O 354 -34.72 -7.24 29.88
CA ASN O 354 -33.98 -6.85 31.07
C ASN O 354 -33.47 -5.41 31.04
N ILE O 355 -33.63 -4.70 29.92
CA ILE O 355 -33.16 -3.32 29.86
C ILE O 355 -33.86 -2.45 30.88
N TYR O 356 -35.12 -2.78 31.21
CA TYR O 356 -35.88 -1.99 32.17
C TYR O 356 -35.30 -2.04 33.57
N GLN O 357 -34.54 -3.10 33.92
CA GLN O 357 -33.93 -3.15 35.23
C GLN O 357 -32.95 -1.99 35.44
N ALA O 358 -32.34 -1.51 34.35
CA ALA O 358 -31.40 -0.41 34.46
C ALA O 358 -32.05 0.95 34.20
N THR O 359 -33.15 0.99 33.45
CA THR O 359 -33.76 2.29 33.10
C THR O 359 -34.67 2.81 34.21
N GLY O 360 -35.39 1.93 34.90
CA GLY O 360 -36.12 2.33 36.08
C GLY O 360 -37.60 2.58 35.85
N ALA O 361 -38.23 3.13 36.90
CA ALA O 361 -39.69 3.22 36.94
C ALA O 361 -40.23 4.27 35.98
N ARG O 362 -39.62 5.45 35.94
CA ARG O 362 -40.13 6.50 35.07
C ARG O 362 -40.01 6.14 33.60
N SER O 363 -39.12 5.22 33.24
CA SER O 363 -38.96 4.82 31.85
C SER O 363 -40.12 3.98 31.33
N THR O 364 -40.98 3.47 32.21
CA THR O 364 -42.12 2.68 31.79
C THR O 364 -43.28 3.53 31.27
N ALA O 365 -43.13 4.85 31.23
CA ALA O 365 -44.14 5.70 30.63
C ALA O 365 -44.17 5.47 29.13
N ASN O 366 -45.38 5.47 28.55
CA ASN O 366 -45.53 5.27 27.11
C ASN O 366 -44.91 6.39 26.29
N SER O 367 -44.73 7.58 26.88
CA SER O 367 -44.01 8.63 26.17
C SER O 367 -42.56 8.25 25.94
N VAL O 368 -41.99 7.41 26.80
CA VAL O 368 -40.66 6.86 26.55
C VAL O 368 -40.73 5.72 25.54
N GLY O 369 -41.69 4.80 25.71
CA GLY O 369 -41.91 3.76 24.72
C GLY O 369 -40.78 2.77 24.58
N LEU O 370 -40.12 2.43 25.69
CA LEU O 370 -39.00 1.50 25.65
C LEU O 370 -39.44 0.08 25.35
N ASP O 371 -40.74 -0.22 25.43
CA ASP O 371 -41.24 -1.57 25.23
C ASP O 371 -41.36 -1.95 23.75
N ILE O 372 -41.29 -0.98 22.83
CA ILE O 372 -41.47 -1.30 21.42
C ILE O 372 -40.44 -2.32 20.95
N TYR O 373 -39.23 -2.28 21.52
CA TYR O 373 -38.21 -3.26 21.16
C TYR O 373 -38.61 -4.65 21.60
N TRP O 374 -39.09 -4.78 22.85
CA TRP O 374 -39.55 -6.07 23.34
C TRP O 374 -40.74 -6.58 22.53
N ARG O 375 -41.72 -5.71 22.30
CA ARG O 375 -42.89 -6.11 21.53
C ARG O 375 -42.48 -6.65 20.16
N ASN O 376 -41.56 -5.96 19.49
CA ASN O 376 -41.09 -6.41 18.18
C ASN O 376 -40.33 -7.73 18.29
N ALA O 377 -39.40 -7.81 19.24
CA ALA O 377 -38.60 -9.02 19.40
C ALA O 377 -39.45 -10.19 19.88
N ARG O 378 -40.28 -9.97 20.91
CA ARG O 378 -41.12 -11.02 21.44
C ARG O 378 -42.09 -11.55 20.38
N THR O 379 -42.53 -10.69 19.46
CA THR O 379 -43.45 -11.11 18.42
C THR O 379 -42.76 -12.05 17.42
N HIS O 380 -41.66 -11.58 16.82
CA HIS O 380 -41.09 -12.32 15.70
C HIS O 380 -40.37 -13.59 16.14
N THR O 381 -39.84 -13.63 17.37
CA THR O 381 -39.19 -14.83 17.86
C THR O 381 -40.14 -16.02 17.97
N THR O 382 -41.45 -15.79 17.90
CA THR O 382 -42.44 -16.86 17.87
C THR O 382 -42.77 -17.34 16.46
N HIS O 383 -42.10 -16.80 15.44
CA HIS O 383 -42.35 -17.21 14.06
C HIS O 383 -42.25 -18.73 13.92
N ASP O 384 -41.16 -19.31 14.39
CA ASP O 384 -41.01 -20.74 14.55
C ASP O 384 -40.39 -20.99 15.92
N PRO O 385 -40.77 -22.08 16.60
CA PRO O 385 -40.38 -22.26 18.00
C PRO O 385 -38.88 -22.49 18.17
N LEU O 386 -38.27 -21.72 19.07
CA LEU O 386 -36.84 -21.83 19.39
C LEU O 386 -36.39 -23.23 19.77
N PRO O 387 -37.07 -23.98 20.64
CA PRO O 387 -36.53 -25.29 21.04
C PRO O 387 -36.35 -26.27 19.89
N TYR O 388 -37.14 -26.17 18.83
CA TYR O 388 -36.98 -27.09 17.70
C TYR O 388 -35.77 -26.74 16.84
N ARG O 389 -35.35 -25.48 16.81
CA ARG O 389 -34.12 -25.14 16.12
C ARG O 389 -32.90 -25.58 16.93
N GLN O 390 -32.99 -25.48 18.26
CA GLN O 390 -31.95 -26.03 19.11
C GLN O 390 -31.95 -27.56 19.04
N ARG O 391 -33.13 -28.16 19.02
CA ARG O 391 -33.23 -29.61 18.92
C ARG O 391 -32.54 -30.13 17.66
N GLU O 392 -32.64 -29.38 16.56
CA GLU O 392 -32.05 -29.83 15.31
C GLU O 392 -30.53 -29.90 15.39
N ILE O 393 -29.92 -28.95 16.10
CA ILE O 393 -28.47 -28.99 16.32
C ILE O 393 -28.10 -30.19 17.17
N GLY O 394 -28.79 -30.37 18.30
CA GLY O 394 -28.48 -31.49 19.18
C GLY O 394 -28.70 -32.83 18.53
N ARG O 395 -29.75 -32.94 17.70
CA ARG O 395 -30.01 -34.19 17.00
C ARG O 395 -28.86 -34.55 16.05
N HIS O 396 -28.29 -33.54 15.39
CA HIS O 396 -27.15 -33.81 14.50
C HIS O 396 -25.93 -34.27 15.30
N LEU O 397 -25.73 -33.72 16.49
CA LEU O 397 -24.59 -34.14 17.31
C LEU O 397 -24.75 -35.59 17.76
N LEU O 398 -25.98 -36.00 18.07
CA LEU O 398 -26.22 -37.30 18.68
C LEU O 398 -26.43 -38.42 17.65
N THR O 399 -26.95 -38.09 16.46
CA THR O 399 -27.27 -39.10 15.46
C THR O 399 -26.49 -38.95 14.17
N ASP O 400 -25.74 -37.87 13.98
CA ASP O 400 -25.02 -37.54 12.75
C ASP O 400 -25.93 -37.25 11.57
N GLN O 401 -27.23 -37.08 11.81
CA GLN O 401 -28.18 -36.80 10.74
C GLN O 401 -28.19 -35.30 10.45
N TRP O 402 -27.86 -34.95 9.21
CA TRP O 402 -27.86 -33.56 8.81
C TRP O 402 -29.30 -33.05 8.71
N PRO O 403 -29.52 -31.76 8.94
CA PRO O 403 -30.80 -31.15 8.56
C PRO O 403 -30.98 -31.24 7.05
N SER O 404 -32.21 -31.49 6.63
CA SER O 404 -32.55 -31.63 5.23
C SER O 404 -33.69 -30.69 4.89
N PRO O 405 -33.83 -30.30 3.62
CA PRO O 405 -34.96 -29.47 3.23
C PRO O 405 -36.29 -30.15 3.54
N ARG O 406 -37.24 -29.36 4.04
CA ARG O 406 -38.56 -29.89 4.40
C ARG O 406 -39.25 -30.58 3.24
N SER O 407 -38.86 -30.27 2.00
CA SER O 407 -39.38 -30.94 0.83
C SER O 407 -38.67 -32.27 0.61
N ALA P 12 -47.81 -43.19 64.49
CA ALA P 12 -46.55 -43.15 63.75
C ALA P 12 -46.25 -41.76 63.24
N TYR P 13 -44.98 -41.36 63.34
CA TYR P 13 -44.52 -40.04 62.88
C TYR P 13 -45.33 -38.92 63.49
N GLN P 14 -45.55 -39.01 64.81
CA GLN P 14 -46.40 -38.04 65.49
C GLN P 14 -45.72 -36.69 65.60
N GLY P 15 -44.45 -36.68 65.97
CA GLY P 15 -43.70 -35.43 66.10
C GLY P 15 -43.40 -35.11 67.55
N VAL P 16 -42.24 -34.48 67.78
CA VAL P 16 -41.83 -34.05 69.11
C VAL P 16 -42.32 -32.63 69.34
N SER P 17 -42.24 -32.17 70.59
CA SER P 17 -42.68 -30.82 70.91
C SER P 17 -41.69 -29.79 70.35
N ASP P 18 -42.07 -28.52 70.45
CA ASP P 18 -41.22 -27.46 69.93
C ASP P 18 -39.93 -27.34 70.74
N THR P 19 -40.02 -27.43 72.07
CA THR P 19 -38.82 -27.35 72.89
C THR P 19 -37.91 -28.54 72.64
N GLU P 20 -38.48 -29.72 72.44
CA GLU P 20 -37.68 -30.90 72.18
C GLU P 20 -37.07 -30.90 70.78
N PHE P 21 -37.75 -30.30 69.79
CA PHE P 21 -37.15 -30.21 68.47
C PHE P 21 -35.98 -29.25 68.44
N SER P 22 -36.03 -28.18 69.24
CA SER P 22 -34.89 -27.29 69.36
C SER P 22 -33.68 -28.02 69.93
N GLU P 23 -33.90 -28.90 70.91
CA GLU P 23 -32.80 -29.71 71.43
C GLU P 23 -32.24 -30.62 70.35
N TRP P 24 -33.12 -31.24 69.56
CA TRP P 24 -32.65 -32.12 68.48
C TRP P 24 -31.92 -31.35 67.39
N GLU P 25 -32.28 -30.08 67.17
CA GLU P 25 -31.53 -29.27 66.21
C GLU P 25 -30.11 -29.01 66.71
N GLN P 26 -29.96 -28.73 68.02
CA GLN P 26 -28.64 -28.55 68.59
C GLN P 26 -27.82 -29.83 68.51
N VAL P 27 -28.48 -30.98 68.70
CA VAL P 27 -27.79 -32.26 68.55
C VAL P 27 -27.29 -32.44 67.12
N ALA P 28 -28.16 -32.13 66.14
CA ALA P 28 -27.77 -32.25 64.74
C ALA P 28 -26.66 -31.27 64.39
N ALA P 29 -26.70 -30.06 64.96
CA ALA P 29 -25.63 -29.10 64.71
C ALA P 29 -24.30 -29.57 65.28
N ARG P 30 -24.33 -30.22 66.46
CA ARG P 30 -23.11 -30.76 67.03
C ARG P 30 -22.55 -31.89 66.18
N VAL P 31 -23.43 -32.78 65.70
CA VAL P 31 -23.00 -33.85 64.81
C VAL P 31 -22.44 -33.28 63.51
N ALA P 32 -23.10 -32.25 62.97
CA ALA P 32 -22.63 -31.63 61.74
C ALA P 32 -21.26 -31.00 61.93
N GLY P 33 -21.03 -30.35 63.07
CA GLY P 33 -19.73 -29.74 63.32
C GLY P 33 -18.61 -30.75 63.34
N GLU P 34 -18.88 -31.96 63.84
CA GLU P 34 -17.86 -33.00 63.86
C GLU P 34 -17.65 -33.58 62.46
N LEU P 35 -18.73 -33.81 61.72
CA LEU P 35 -18.59 -34.30 60.35
C LEU P 35 -17.91 -33.27 59.46
N SER P 36 -18.13 -31.98 59.70
CA SER P 36 -17.55 -30.94 58.86
C SER P 36 -16.03 -30.89 59.00
N ALA P 37 -15.50 -31.19 60.19
CA ALA P 37 -14.07 -31.08 60.43
C ALA P 37 -13.27 -32.14 59.66
N THR P 38 -13.90 -33.25 59.27
CA THR P 38 -13.22 -34.33 58.58
C THR P 38 -13.82 -34.61 57.21
N ALA P 39 -14.65 -33.70 56.70
CA ALA P 39 -15.38 -33.95 55.46
C ALA P 39 -14.44 -34.17 54.28
N LEU P 40 -13.49 -33.26 54.08
CA LEU P 40 -12.58 -33.37 52.95
C LEU P 40 -11.67 -34.58 53.07
N THR P 41 -11.17 -34.85 54.28
CA THR P 41 -10.27 -35.99 54.47
C THR P 41 -10.99 -37.30 54.19
N ARG P 42 -12.20 -37.46 54.72
CA ARG P 42 -12.94 -38.71 54.52
C ARG P 42 -13.41 -38.87 53.08
N ASP P 43 -13.80 -37.76 52.44
CA ASP P 43 -14.18 -37.83 51.04
C ASP P 43 -13.04 -38.36 50.19
N ARG P 44 -11.84 -37.82 50.40
CA ARG P 44 -10.66 -38.27 49.66
C ARG P 44 -10.38 -39.74 49.93
N ALA P 45 -10.52 -40.18 51.19
CA ALA P 45 -10.17 -41.55 51.56
C ALA P 45 -11.12 -42.58 50.97
N ASN P 46 -12.38 -42.17 50.71
CA ASN P 46 -13.36 -43.00 50.01
C ASN P 46 -13.68 -44.31 50.75
N GLN P 47 -13.66 -44.28 52.07
CA GLN P 47 -13.93 -45.47 52.86
C GLN P 47 -15.42 -45.56 53.23
N ASN P 48 -15.84 -46.77 53.56
CA ASN P 48 -17.22 -46.98 53.97
C ASN P 48 -17.50 -46.20 55.26
N PRO P 49 -18.66 -45.54 55.36
CA PRO P 49 -18.95 -44.64 56.48
C PRO P 49 -19.39 -45.35 57.76
N ILE P 50 -18.63 -46.36 58.17
CA ILE P 50 -18.97 -47.12 59.37
C ILE P 50 -18.97 -46.23 60.60
N ALA P 51 -17.89 -45.48 60.81
CA ALA P 51 -17.80 -44.63 61.98
C ALA P 51 -18.83 -43.50 61.95
N GLU P 52 -19.24 -43.05 60.77
CA GLU P 52 -20.19 -41.94 60.67
C GLU P 52 -21.62 -42.41 60.94
N ILE P 53 -21.95 -43.62 60.51
CA ILE P 53 -23.25 -44.21 60.87
C ILE P 53 -23.33 -44.42 62.37
N GLU P 54 -22.22 -44.85 62.98
CA GLU P 54 -22.20 -45.00 64.43
C GLU P 54 -22.30 -43.65 65.14
N LEU P 55 -21.80 -42.59 64.51
CA LEU P 55 -21.97 -41.25 65.06
C LEU P 55 -23.44 -40.84 65.07
N LEU P 56 -24.13 -41.08 63.95
CA LEU P 56 -25.57 -40.81 63.90
C LEU P 56 -26.32 -41.67 64.89
N ARG P 57 -25.90 -42.93 65.06
CA ARG P 57 -26.55 -43.83 66.00
C ARG P 57 -26.36 -43.37 67.44
N ARG P 58 -25.16 -42.88 67.77
CA ARG P 58 -24.88 -42.52 69.16
C ARG P 58 -25.73 -41.34 69.62
N TYR P 59 -25.91 -40.33 68.77
CA TYR P 59 -26.65 -39.14 69.13
C TYR P 59 -28.16 -39.27 68.89
N GLY P 60 -28.64 -40.47 68.59
CA GLY P 60 -30.07 -40.70 68.46
C GLY P 60 -30.70 -40.21 67.19
N LEU P 61 -29.91 -39.98 66.14
CA LEU P 61 -30.47 -39.49 64.89
C LEU P 61 -31.09 -40.62 64.07
N LEU P 62 -30.60 -41.86 64.22
CA LEU P 62 -31.17 -42.96 63.46
C LEU P 62 -32.55 -43.35 63.95
N SER P 63 -32.84 -43.13 65.24
CA SER P 63 -34.12 -43.49 65.82
C SER P 63 -35.06 -42.32 66.01
N PHE P 64 -34.71 -41.14 65.46
CA PHE P 64 -35.51 -39.94 65.69
C PHE P 64 -36.93 -40.10 65.16
N ALA P 65 -37.10 -40.73 64.00
CA ALA P 65 -38.39 -40.87 63.36
C ALA P 65 -39.14 -42.13 63.75
N THR P 66 -38.89 -42.66 64.95
CA THR P 66 -39.55 -43.85 65.45
C THR P 66 -40.26 -43.53 66.74
N ALA P 67 -41.45 -44.11 66.93
CA ALA P 67 -42.27 -43.83 68.09
C ALA P 67 -41.51 -44.12 69.38
N ARG P 68 -41.79 -43.32 70.41
CA ARG P 68 -41.05 -43.42 71.67
C ARG P 68 -41.28 -44.75 72.37
N GLU P 69 -42.40 -45.43 72.09
CA GLU P 69 -42.64 -46.74 72.69
C GLU P 69 -41.59 -47.75 72.27
N PHE P 70 -41.00 -47.58 71.09
CA PHE P 70 -39.95 -48.47 70.60
C PHE P 70 -38.56 -47.98 71.02
N GLY P 71 -38.46 -46.90 71.77
CA GLY P 71 -37.19 -46.34 72.16
C GLY P 71 -36.68 -45.20 71.30
N GLY P 72 -37.51 -44.68 70.38
CA GLY P 72 -37.12 -43.58 69.53
C GLY P 72 -37.55 -42.24 70.10
N ALA P 73 -37.29 -41.19 69.31
CA ALA P 73 -37.65 -39.84 69.73
C ALA P 73 -39.11 -39.51 69.50
N GLY P 74 -39.76 -40.18 68.55
CA GLY P 74 -41.14 -39.88 68.23
C GLY P 74 -41.32 -38.72 67.29
N GLY P 75 -40.30 -38.36 66.53
CA GLY P 75 -40.38 -37.21 65.64
C GLY P 75 -41.20 -37.48 64.39
N SER P 76 -41.54 -36.39 63.71
CA SER P 76 -42.30 -36.45 62.48
C SER P 76 -41.36 -36.51 61.28
N LEU P 77 -41.94 -36.71 60.10
CA LEU P 77 -41.16 -36.71 58.87
C LEU P 77 -40.68 -35.30 58.53
N VAL P 78 -41.53 -34.29 58.78
CA VAL P 78 -41.12 -32.91 58.59
C VAL P 78 -39.91 -32.59 59.45
N GLN P 79 -39.94 -32.99 60.71
CA GLN P 79 -38.82 -32.75 61.61
C GLN P 79 -37.59 -33.56 61.20
N ALA P 80 -37.80 -34.80 60.75
CA ALA P 80 -36.68 -35.66 60.40
C ALA P 80 -35.90 -35.11 59.21
N LEU P 81 -36.61 -34.69 58.15
CA LEU P 81 -35.95 -34.14 56.98
C LEU P 81 -35.32 -32.79 57.26
N GLN P 82 -35.82 -32.05 58.25
CA GLN P 82 -35.16 -30.81 58.64
C GLN P 82 -33.84 -31.08 59.34
N LEU P 83 -33.79 -32.10 60.21
CA LEU P 83 -32.52 -32.52 60.76
C LEU P 83 -31.60 -33.03 59.65
N GLY P 84 -32.17 -33.69 58.64
CA GLY P 84 -31.36 -34.17 57.53
C GLY P 84 -30.67 -33.04 56.79
N ARG P 85 -31.35 -31.91 56.60
CA ARG P 85 -30.73 -30.76 55.94
C ARG P 85 -29.53 -30.26 56.74
N ILE P 86 -29.64 -30.25 58.07
CA ILE P 86 -28.53 -29.81 58.90
C ILE P 86 -27.31 -30.72 58.71
N ILE P 87 -27.53 -32.02 58.68
CA ILE P 87 -26.42 -32.95 58.45
C ILE P 87 -25.92 -32.84 57.02
N ALA P 88 -26.84 -32.73 56.06
CA ALA P 88 -26.44 -32.67 54.66
C ALA P 88 -25.60 -31.43 54.36
N ALA P 89 -25.81 -30.34 55.10
CA ALA P 89 -25.02 -29.14 54.89
C ALA P 89 -23.56 -29.35 55.26
N ALA P 90 -23.28 -30.15 56.29
CA ALA P 90 -21.90 -30.41 56.68
C ALA P 90 -21.25 -31.49 55.84
N ASP P 91 -22.02 -32.50 55.41
CA ASP P 91 -21.48 -33.62 54.65
C ASP P 91 -22.59 -34.14 53.76
N GLY P 92 -22.45 -33.97 52.45
CA GLY P 92 -23.49 -34.40 51.54
C GLY P 92 -23.70 -35.91 51.57
N SER P 93 -22.61 -36.67 51.71
CA SER P 93 -22.74 -38.13 51.71
C SER P 93 -23.47 -38.62 52.95
N ILE P 94 -23.06 -38.14 54.14
CA ILE P 94 -23.68 -38.60 55.37
C ILE P 94 -25.12 -38.10 55.46
N GLY P 95 -25.40 -36.91 54.92
CA GLY P 95 -26.77 -36.43 54.86
C GLY P 95 -27.67 -37.32 54.02
N GLN P 96 -27.16 -37.77 52.87
CA GLN P 96 -27.95 -38.67 52.03
C GLN P 96 -28.25 -39.96 52.76
N LEU P 97 -27.26 -40.52 53.46
CA LEU P 97 -27.47 -41.77 54.19
C LEU P 97 -28.55 -41.61 55.25
N LEU P 98 -28.54 -40.51 55.98
CA LEU P 98 -29.54 -40.28 57.02
C LEU P 98 -30.95 -40.21 56.42
N VAL P 99 -31.13 -39.42 55.37
CA VAL P 99 -32.46 -39.28 54.79
C VAL P 99 -32.89 -40.53 54.05
N TYR P 100 -31.94 -41.24 53.43
CA TYR P 100 -32.28 -42.55 52.86
C TYR P 100 -32.72 -43.52 53.95
N HIS P 101 -32.11 -43.45 55.13
CA HIS P 101 -32.50 -44.29 56.24
C HIS P 101 -33.93 -43.97 56.68
N TYR P 102 -34.24 -42.68 56.82
CA TYR P 102 -35.61 -42.27 57.17
C TYR P 102 -36.59 -42.75 56.11
N SER P 103 -36.25 -42.56 54.84
CA SER P 103 -37.14 -42.98 53.76
C SER P 103 -37.32 -44.49 53.76
N ASN P 104 -36.24 -45.23 54.00
CA ASN P 104 -36.36 -46.69 54.06
C ASN P 104 -37.31 -47.13 55.16
N GLY P 105 -37.40 -46.38 56.25
CA GLY P 105 -38.39 -46.68 57.27
C GLY P 105 -39.81 -46.37 56.83
N VAL P 106 -39.98 -45.27 56.09
CA VAL P 106 -41.27 -44.96 55.49
C VAL P 106 -41.68 -46.07 54.52
N TRP P 107 -40.72 -46.59 53.76
CA TRP P 107 -41.01 -47.66 52.81
C TRP P 107 -41.52 -48.91 53.52
N THR P 108 -40.79 -49.39 54.52
CA THR P 108 -41.22 -50.57 55.25
C THR P 108 -42.48 -50.32 56.07
N TYR P 109 -42.74 -49.07 56.42
CA TYR P 109 -44.02 -48.75 57.07
C TYR P 109 -45.17 -48.93 56.09
N ILE P 110 -44.97 -48.54 54.83
CA ILE P 110 -46.01 -48.71 53.82
C ILE P 110 -46.11 -50.17 53.40
N LEU P 111 -44.97 -50.85 53.24
CA LEU P 111 -44.95 -52.20 52.71
C LEU P 111 -45.18 -53.27 53.77
N GLY P 112 -44.93 -52.98 55.04
CA GLY P 112 -44.94 -54.00 56.07
C GLY P 112 -46.31 -54.23 56.68
N SER P 113 -46.58 -55.49 57.01
CA SER P 113 -47.76 -55.83 57.77
C SER P 113 -47.62 -55.27 59.20
N PRO P 114 -48.71 -55.20 59.96
CA PRO P 114 -48.58 -54.70 61.34
C PRO P 114 -47.57 -55.46 62.18
N THR P 115 -47.49 -56.78 61.99
CA THR P 115 -46.46 -57.55 62.69
C THR P 115 -45.07 -57.19 62.19
N GLN P 116 -44.93 -56.99 60.88
CA GLN P 116 -43.62 -56.62 60.33
C GLN P 116 -43.22 -55.20 60.72
N ARG P 117 -44.21 -54.31 60.89
CA ARG P 117 -43.90 -52.94 61.31
C ARG P 117 -43.29 -52.92 62.70
N GLU P 118 -43.82 -53.71 63.63
CA GLU P 118 -43.31 -53.70 65.00
C GLU P 118 -41.91 -54.31 65.07
N TYR P 119 -41.66 -55.37 64.30
CA TYR P 119 -40.33 -55.97 64.28
C TYR P 119 -39.28 -54.96 63.84
N ILE P 120 -39.59 -54.15 62.83
CA ILE P 120 -38.64 -53.17 62.34
C ILE P 120 -38.53 -52.00 63.30
N SER P 121 -39.67 -51.54 63.84
CA SER P 121 -39.65 -50.41 64.76
C SER P 121 -38.90 -50.73 66.05
N ARG P 122 -39.02 -51.98 66.53
CA ARG P 122 -38.24 -52.37 67.70
C ARG P 122 -36.75 -52.34 67.41
N GLY P 123 -36.35 -52.78 66.23
CA GLY P 123 -34.94 -52.81 65.88
C GLY P 123 -34.36 -51.43 65.60
N VAL P 124 -35.08 -50.62 64.82
CA VAL P 124 -34.60 -49.28 64.51
C VAL P 124 -34.67 -48.39 65.73
N GLY P 125 -35.69 -48.58 66.57
CA GLY P 125 -35.91 -47.70 67.71
C GLY P 125 -35.01 -47.94 68.90
N GLY P 126 -34.74 -49.21 69.22
CA GLY P 126 -33.99 -49.52 70.41
C GLY P 126 -32.76 -50.37 70.19
N HIS P 127 -32.40 -50.63 68.94
CA HIS P 127 -31.22 -51.42 68.65
C HIS P 127 -30.33 -50.84 67.57
N GLY P 128 -30.55 -49.60 67.15
CA GLY P 128 -29.64 -48.93 66.25
C GLY P 128 -29.59 -49.46 64.83
N TRP P 129 -30.61 -50.19 64.40
CA TRP P 129 -30.61 -50.72 63.03
C TRP P 129 -30.57 -49.59 62.02
N PHE P 130 -29.66 -49.70 61.06
CA PHE P 130 -29.61 -48.80 59.91
C PHE P 130 -30.26 -49.50 58.73
N GLN P 131 -31.19 -48.82 58.07
CA GLN P 131 -32.00 -49.41 57.01
C GLN P 131 -31.43 -49.01 55.64
N GLY P 132 -30.94 -49.99 54.90
CA GLY P 132 -30.54 -49.78 53.53
C GLY P 132 -31.50 -50.51 52.60
N SER P 133 -31.45 -50.18 51.31
CA SER P 133 -32.39 -50.74 50.35
C SER P 133 -31.70 -51.01 49.03
N VAL P 134 -32.14 -52.06 48.36
CA VAL P 134 -31.75 -52.39 47.00
C VAL P 134 -33.00 -52.21 46.15
N SER P 135 -33.09 -51.09 45.43
CA SER P 135 -34.35 -50.70 44.81
C SER P 135 -34.22 -50.21 43.38
N ASN P 136 -33.06 -50.33 42.75
CA ASN P 136 -32.89 -49.84 41.39
C ASN P 136 -33.74 -50.68 40.44
N PRO P 137 -34.72 -50.10 39.76
CA PRO P 137 -35.58 -50.86 38.85
C PRO P 137 -35.00 -51.07 37.45
N ARG P 138 -33.75 -50.66 37.21
CA ARG P 138 -33.15 -50.74 35.90
C ARG P 138 -32.04 -51.77 35.81
N ASP P 139 -31.88 -52.62 36.82
CA ASP P 139 -30.82 -53.61 36.83
C ASP P 139 -31.22 -54.81 35.98
N PRO P 140 -30.46 -55.16 34.95
CA PRO P 140 -30.80 -56.31 34.11
C PRO P 140 -30.19 -57.60 34.68
N GLY P 141 -30.68 -58.72 34.17
CA GLY P 141 -30.20 -60.01 34.59
C GLY P 141 -30.49 -60.35 36.03
N ILE P 142 -31.61 -59.87 36.56
CA ILE P 142 -32.00 -60.11 37.95
C ILE P 142 -33.05 -61.22 37.93
N THR P 143 -32.64 -62.42 38.33
CA THR P 143 -33.51 -63.58 38.35
C THR P 143 -33.88 -63.92 39.78
N VAL P 144 -35.15 -64.27 39.99
CA VAL P 144 -35.65 -64.70 41.29
C VAL P 144 -36.42 -66.00 41.07
N THR P 145 -35.92 -67.09 41.65
CA THR P 145 -36.52 -68.40 41.52
C THR P 145 -37.14 -68.82 42.84
N ARG P 146 -38.27 -69.50 42.79
CA ARG P 146 -39.02 -69.87 43.97
C ARG P 146 -38.62 -71.26 44.46
N THR P 147 -38.45 -71.38 45.77
CA THR P 147 -38.16 -72.65 46.42
C THR P 147 -39.19 -72.87 47.52
N GLU P 148 -39.19 -74.09 48.08
CA GLU P 148 -40.09 -74.38 49.19
C GLU P 148 -39.84 -73.45 50.37
N GLU P 149 -38.59 -73.05 50.58
CA GLU P 149 -38.25 -72.17 51.70
C GLU P 149 -38.56 -70.72 51.40
N GLY P 150 -38.63 -70.33 50.13
CA GLY P 150 -38.94 -68.96 49.76
C GLY P 150 -38.53 -68.61 48.35
N TYR P 151 -37.74 -67.56 48.20
CA TYR P 151 -37.25 -67.10 46.91
C TYR P 151 -35.73 -67.02 46.95
N ARG P 152 -35.10 -67.48 45.87
CA ARG P 152 -33.66 -67.37 45.69
C ARG P 152 -33.38 -66.31 44.63
N VAL P 153 -32.58 -65.30 44.99
CA VAL P 153 -32.36 -64.13 44.16
C VAL P 153 -30.93 -64.16 43.63
N ASN P 154 -30.78 -63.93 42.34
CA ASN P 154 -29.48 -63.87 41.68
C ASN P 154 -29.42 -62.63 40.81
N GLY P 155 -28.25 -62.02 40.75
CA GLY P 155 -28.01 -60.90 39.87
C GLY P 155 -27.23 -59.79 40.54
N LYS P 156 -26.72 -58.88 39.73
CA LYS P 156 -25.93 -57.74 40.21
C LYS P 156 -26.85 -56.53 40.30
N ARG P 157 -26.94 -55.94 41.49
CA ARG P 157 -27.73 -54.74 41.73
C ARG P 157 -26.79 -53.59 42.03
N THR P 158 -27.08 -52.42 41.46
CA THR P 158 -26.20 -51.26 41.57
C THR P 158 -26.91 -50.11 42.26
N PHE P 159 -26.13 -49.08 42.59
CA PHE P 159 -26.62 -47.89 43.30
C PHE P 159 -27.33 -48.28 44.60
N ALA P 160 -26.80 -49.31 45.27
CA ALA P 160 -27.39 -49.83 46.50
C ALA P 160 -26.88 -49.00 47.68
N THR P 161 -27.44 -47.79 47.80
CA THR P 161 -26.97 -46.82 48.79
C THR P 161 -27.15 -47.36 50.21
N GLY P 162 -26.07 -47.30 50.99
CA GLY P 162 -26.11 -47.66 52.39
C GLY P 162 -26.21 -49.14 52.70
N VAL P 163 -26.27 -50.00 51.68
CA VAL P 163 -26.50 -51.42 51.93
C VAL P 163 -25.30 -52.06 52.61
N ALA P 164 -24.08 -51.65 52.23
CA ALA P 164 -22.87 -52.21 52.83
C ALA P 164 -22.72 -51.85 54.31
N VAL P 165 -23.47 -50.87 54.80
CA VAL P 165 -23.42 -50.46 56.20
C VAL P 165 -24.77 -50.62 56.88
N ALA P 166 -25.70 -51.33 56.26
CA ALA P 166 -27.06 -51.47 56.77
C ALA P 166 -27.21 -52.73 57.61
N ASP P 167 -28.03 -52.63 58.65
CA ASP P 167 -28.36 -53.78 59.49
C ASP P 167 -29.56 -54.55 58.98
N LEU P 168 -30.54 -53.86 58.38
CA LEU P 168 -31.71 -54.48 57.78
C LEU P 168 -31.81 -53.97 56.34
N ILE P 169 -31.92 -54.89 55.40
CA ILE P 169 -31.88 -54.57 53.97
C ILE P 169 -33.23 -54.90 53.36
N THR P 170 -33.89 -53.88 52.81
CA THR P 170 -35.14 -54.07 52.09
C THR P 170 -34.80 -54.38 50.63
N VAL P 171 -35.13 -55.57 50.17
CA VAL P 171 -34.90 -55.99 48.80
C VAL P 171 -36.19 -55.81 48.02
N LEU P 172 -36.13 -55.03 46.94
CA LEU P 172 -37.29 -54.77 46.10
C LEU P 172 -37.04 -55.36 44.71
N LEU P 173 -37.94 -56.23 44.27
CA LEU P 173 -37.83 -56.90 42.98
C LEU P 173 -39.05 -56.56 42.13
N TYR P 174 -38.81 -56.07 40.92
CA TYR P 174 -39.89 -55.61 40.06
C TYR P 174 -40.10 -56.58 38.89
N PRO P 178 -44.74 -57.89 41.84
CA PRO P 178 -43.54 -57.44 42.56
C PRO P 178 -43.33 -58.22 43.84
N ILE P 179 -42.09 -58.27 44.32
CA ILE P 179 -41.72 -58.98 45.53
C ILE P 179 -40.81 -58.09 46.36
N ASN P 180 -41.25 -57.72 47.56
CA ASN P 180 -40.49 -56.87 48.46
C ASN P 180 -40.30 -57.62 49.77
N ALA P 181 -39.06 -57.65 50.26
CA ALA P 181 -38.73 -58.43 51.45
C ALA P 181 -37.60 -57.75 52.22
N ILE P 182 -37.50 -58.10 53.50
CA ILE P 182 -36.44 -57.61 54.37
C ILE P 182 -35.56 -58.78 54.77
N ILE P 183 -34.25 -58.57 54.74
CA ILE P 183 -33.28 -59.59 55.13
C ILE P 183 -32.26 -58.98 56.07
N PRO P 184 -31.69 -59.76 57.00
CA PRO P 184 -30.61 -59.24 57.84
C PRO P 184 -29.34 -59.04 57.03
N SER P 185 -28.41 -58.28 57.62
CA SER P 185 -27.13 -58.04 56.97
C SER P 185 -26.29 -59.31 56.87
N GLU P 186 -26.52 -60.27 57.77
CA GLU P 186 -25.74 -61.51 57.82
C GLU P 186 -26.22 -62.55 56.81
N ARG P 187 -27.22 -62.24 55.99
CA ARG P 187 -27.74 -63.20 55.03
C ARG P 187 -26.66 -63.57 54.02
N ASP P 188 -26.38 -64.87 53.91
CA ASP P 188 -25.32 -65.34 53.02
C ASP P 188 -25.67 -65.07 51.57
N GLY P 189 -24.63 -64.96 50.74
CA GLY P 189 -24.79 -64.72 49.32
C GLY P 189 -24.65 -63.28 48.89
N LEU P 190 -24.51 -62.34 49.83
CA LEU P 190 -24.36 -60.93 49.51
C LEU P 190 -22.88 -60.61 49.34
N ARG P 191 -22.49 -60.14 48.16
CA ARG P 191 -21.13 -59.74 47.87
C ARG P 191 -21.13 -58.25 47.55
N PHE P 192 -20.46 -57.46 48.39
CA PHE P 192 -20.38 -56.02 48.20
C PHE P 192 -19.16 -55.69 47.35
N ASN P 193 -19.39 -55.29 46.11
CA ASN P 193 -18.30 -54.91 45.23
C ASN P 193 -17.69 -53.59 45.67
N ASP P 194 -16.38 -53.47 45.48
CA ASP P 194 -15.67 -52.24 45.79
C ASP P 194 -15.48 -51.41 44.52
N ASP P 195 -16.62 -51.13 43.87
CA ASP P 195 -16.62 -50.42 42.58
C ASP P 195 -17.27 -49.04 42.68
N TRP P 196 -17.31 -48.45 43.87
CA TRP P 196 -17.85 -47.11 44.05
C TRP P 196 -16.68 -46.14 44.18
N ASP P 197 -16.46 -45.36 43.12
CA ASP P 197 -15.39 -44.35 43.05
C ASP P 197 -15.96 -43.22 42.17
N ASN P 198 -16.72 -42.34 42.81
CA ASN P 198 -17.62 -41.44 42.12
C ASN P 198 -17.17 -40.00 42.25
N LEU P 199 -17.79 -39.14 41.43
CA LEU P 199 -17.54 -37.71 41.50
C LEU P 199 -17.91 -37.16 42.87
N GLY P 200 -19.18 -37.29 43.23
CA GLY P 200 -19.65 -36.89 44.54
C GLY P 200 -20.48 -38.00 45.16
N GLN P 201 -21.01 -37.70 46.35
CA GLN P 201 -21.71 -38.70 47.16
C GLN P 201 -20.82 -39.95 47.34
N ARG P 202 -19.53 -39.71 47.57
CA ARG P 202 -18.55 -40.78 47.56
C ARG P 202 -18.70 -41.69 48.78
N LEU P 203 -19.15 -41.16 49.91
CA LEU P 203 -19.25 -41.92 51.15
C LEU P 203 -20.67 -42.43 51.41
N THR P 204 -21.45 -42.64 50.35
CA THR P 204 -22.81 -43.16 50.47
C THR P 204 -22.86 -44.67 50.26
N ALA P 205 -21.73 -45.32 50.02
CA ALA P 205 -21.66 -46.76 49.79
C ALA P 205 -22.65 -47.20 48.71
N SER P 206 -22.65 -46.45 47.60
CA SER P 206 -23.58 -46.68 46.49
C SER P 206 -23.02 -47.62 45.43
N GLY P 207 -22.06 -48.46 45.78
CA GLY P 207 -21.54 -49.44 44.84
C GLY P 207 -22.55 -50.53 44.57
N SER P 208 -22.10 -51.53 43.80
CA SER P 208 -22.95 -52.62 43.39
C SER P 208 -22.90 -53.77 44.39
N VAL P 209 -23.97 -54.56 44.43
CA VAL P 209 -24.09 -55.71 45.32
C VAL P 209 -24.43 -56.93 44.46
N GLU P 210 -23.65 -58.00 44.63
CA GLU P 210 -23.90 -59.25 43.94
C GLU P 210 -24.78 -60.15 44.81
N PHE P 211 -25.84 -60.69 44.20
CA PHE P 211 -26.72 -61.64 44.87
C PHE P 211 -26.37 -63.04 44.38
N ASP P 212 -25.71 -63.82 45.23
CA ASP P 212 -25.27 -65.17 44.89
C ASP P 212 -26.23 -66.15 45.56
N ASN P 213 -27.34 -66.41 44.86
CA ASN P 213 -28.37 -67.33 45.33
C ASN P 213 -28.84 -66.98 46.74
N VAL P 214 -29.21 -65.72 46.91
CA VAL P 214 -29.63 -65.20 48.21
C VAL P 214 -31.07 -65.63 48.47
N LEU P 215 -31.33 -66.11 49.69
CA LEU P 215 -32.64 -66.61 50.06
C LEU P 215 -33.50 -65.48 50.64
N LEU P 216 -34.74 -65.38 50.17
CA LEU P 216 -35.76 -64.55 50.79
C LEU P 216 -36.83 -65.48 51.33
N ARG P 217 -36.93 -65.57 52.65
CA ARG P 217 -37.89 -66.48 53.26
C ARG P 217 -39.31 -65.95 53.12
N HIS P 218 -40.28 -66.86 53.18
CA HIS P 218 -41.68 -66.48 53.01
C HIS P 218 -42.13 -65.50 54.07
N ASP P 219 -41.70 -65.70 55.31
CA ASP P 219 -42.09 -64.80 56.41
C ASP P 219 -41.45 -63.42 56.28
N GLU P 220 -40.43 -63.26 55.45
CA GLU P 220 -39.77 -61.97 55.27
C GLU P 220 -40.38 -61.14 54.14
N VAL P 221 -41.32 -61.69 53.39
CA VAL P 221 -41.96 -60.96 52.29
C VAL P 221 -42.97 -59.98 52.89
N LEU P 222 -42.82 -58.70 52.57
CA LEU P 222 -43.70 -57.68 53.12
C LEU P 222 -45.07 -57.78 52.48
N THR P 223 -46.12 -57.78 53.32
CA THR P 223 -47.49 -57.97 52.86
C THR P 223 -48.42 -56.84 53.27
N GLY P 224 -47.89 -55.66 53.62
CA GLY P 224 -48.74 -54.58 54.08
C GLY P 224 -49.67 -54.04 53.02
N LEU P 225 -49.29 -54.15 51.75
CA LEU P 225 -50.14 -53.67 50.66
C LEU P 225 -51.34 -54.55 50.38
N ASP P 226 -51.43 -55.73 51.00
CA ASP P 226 -52.51 -56.65 50.68
C ASP P 226 -53.86 -56.14 51.15
N GLU P 227 -53.91 -55.27 52.16
CA GLU P 227 -55.16 -54.73 52.64
C GLU P 227 -55.71 -53.60 51.76
N TYR P 228 -54.96 -53.18 50.73
CA TYR P 228 -55.41 -52.16 49.82
C TYR P 228 -55.89 -52.80 48.52
N SER P 229 -56.97 -52.24 47.96
CA SER P 229 -57.61 -52.84 46.80
C SER P 229 -56.70 -52.75 45.58
N GLY P 230 -56.59 -53.86 44.84
CA GLY P 230 -55.85 -53.88 43.60
C GLY P 230 -56.76 -53.75 42.39
N LEU P 231 -57.96 -53.22 42.61
CA LEU P 231 -58.94 -53.01 41.56
C LEU P 231 -59.20 -51.54 41.26
N ASP P 232 -59.20 -50.69 42.29
CA ASP P 232 -59.50 -49.26 42.12
C ASP P 232 -58.26 -48.38 42.10
N GLY P 233 -57.07 -48.97 42.13
CA GLY P 233 -55.84 -48.21 42.14
C GLY P 233 -55.36 -47.80 43.52
N SER P 234 -56.04 -48.22 44.58
CA SER P 234 -55.64 -47.82 45.93
C SER P 234 -54.26 -48.39 46.28
N ARG P 235 -54.03 -49.67 45.97
CA ARG P 235 -52.75 -50.29 46.30
C ARG P 235 -51.61 -49.63 45.54
N GLU P 236 -51.84 -49.30 44.27
CA GLU P 236 -50.80 -48.63 43.49
C GLU P 236 -50.49 -47.25 44.04
N ARG P 237 -51.51 -46.50 44.45
CA ARG P 237 -51.29 -45.15 44.96
C ARG P 237 -50.68 -45.18 46.36
N ARG P 238 -51.11 -46.12 47.20
CA ARG P 238 -50.51 -46.27 48.52
C ARG P 238 -49.04 -46.63 48.40
N ASP P 239 -48.71 -47.60 47.54
CA ASP P 239 -47.32 -47.92 47.26
C ASP P 239 -46.60 -46.75 46.60
N GLY P 240 -47.31 -45.98 45.77
CA GLY P 240 -46.72 -44.85 45.10
C GLY P 240 -46.21 -43.78 46.03
N LEU P 241 -46.67 -43.77 47.28
CA LEU P 241 -46.16 -42.81 48.26
C LEU P 241 -44.69 -43.03 48.54
N ARG P 242 -44.17 -44.25 48.34
CA ARG P 242 -42.75 -44.50 48.55
C ARG P 242 -41.90 -43.64 47.61
N ALA P 243 -42.25 -43.65 46.32
CA ALA P 243 -41.47 -42.87 45.35
C ALA P 243 -41.63 -41.38 45.57
N LEU P 244 -42.80 -40.94 46.03
CA LEU P 244 -42.98 -39.52 46.32
C LEU P 244 -42.11 -39.07 47.48
N PHE P 245 -41.95 -39.93 48.50
CA PHE P 245 -41.08 -39.56 49.61
C PHE P 245 -39.61 -39.58 49.20
N SER P 246 -39.23 -40.47 48.28
CA SER P 246 -37.85 -40.47 47.77
C SER P 246 -37.53 -39.13 47.13
N GLN P 247 -38.43 -38.63 46.28
CA GLN P 247 -38.21 -37.31 45.68
C GLN P 247 -38.12 -36.23 46.75
N LEU P 248 -38.90 -36.36 47.83
CA LEU P 248 -38.86 -35.35 48.89
C LEU P 248 -37.51 -35.32 49.60
N ILE P 249 -36.95 -36.49 49.91
CA ILE P 249 -35.66 -36.50 50.60
C ILE P 249 -34.55 -35.98 49.70
N PHE P 250 -34.70 -36.16 48.39
CA PHE P 250 -33.75 -35.55 47.46
C PHE P 250 -33.82 -34.03 47.56
N VAL P 251 -35.04 -33.49 47.64
CA VAL P 251 -35.23 -32.05 47.78
C VAL P 251 -34.47 -31.52 48.99
N HIS P 252 -34.69 -32.14 50.15
CA HIS P 252 -34.02 -31.69 51.37
C HIS P 252 -32.52 -31.93 51.30
N LEU P 253 -32.08 -33.01 50.67
CA LEU P 253 -30.66 -33.23 50.46
C LEU P 253 -30.04 -32.12 49.62
N TYR P 254 -30.71 -31.74 48.52
CA TYR P 254 -30.15 -30.70 47.66
C TYR P 254 -30.12 -29.35 48.38
N LEU P 255 -31.19 -29.00 49.08
CA LEU P 255 -31.23 -27.72 49.78
C LEU P 255 -30.21 -27.66 50.91
N GLY P 256 -29.97 -28.78 51.59
CA GLY P 256 -28.94 -28.80 52.62
C GLY P 256 -27.55 -28.63 52.05
N ILE P 257 -27.26 -29.31 50.93
CA ILE P 257 -25.97 -29.13 50.27
C ILE P 257 -25.79 -27.68 49.83
N ALA P 258 -26.85 -27.09 49.28
CA ALA P 258 -26.80 -25.68 48.87
C ALA P 258 -26.50 -24.77 50.06
N GLU P 259 -27.17 -25.02 51.19
CA GLU P 259 -26.94 -24.21 52.38
C GLU P 259 -25.50 -24.33 52.86
N GLY P 260 -24.94 -25.54 52.82
CA GLY P 260 -23.55 -25.71 53.21
C GLY P 260 -22.59 -25.03 52.26
N ALA P 261 -22.90 -25.06 50.95
CA ALA P 261 -22.04 -24.40 49.98
C ALA P 261 -22.04 -22.89 50.17
N LEU P 262 -23.22 -22.30 50.37
CA LEU P 262 -23.32 -20.86 50.56
C LEU P 262 -22.58 -20.41 51.81
N ALA P 263 -22.72 -21.17 52.91
CA ALA P 263 -22.03 -20.79 54.14
C ALA P 263 -20.52 -20.94 54.01
N ALA P 264 -20.06 -22.00 53.33
CA ALA P 264 -18.63 -22.19 53.13
C ALA P 264 -18.04 -21.09 52.25
N GLY P 265 -18.76 -20.69 51.20
CA GLY P 265 -18.29 -19.59 50.38
C GLY P 265 -18.24 -18.28 51.15
N VAL P 266 -19.31 -17.98 51.90
CA VAL P 266 -19.35 -16.77 52.71
C VAL P 266 -18.22 -16.78 53.74
N ALA P 267 -17.99 -17.93 54.38
CA ALA P 267 -16.93 -18.01 55.38
C ALA P 267 -15.54 -17.83 54.75
N TYR P 268 -15.35 -18.33 53.53
CA TYR P 268 -14.05 -18.16 52.89
C TYR P 268 -13.78 -16.69 52.57
N ILE P 269 -14.79 -15.99 52.06
CA ILE P 269 -14.62 -14.59 51.68
C ILE P 269 -14.26 -13.75 52.91
N ARG P 270 -14.97 -13.95 54.02
CA ARG P 270 -14.72 -13.17 55.22
C ARG P 270 -13.35 -13.48 55.81
N ASP P 271 -12.91 -14.73 55.72
CA ASP P 271 -11.66 -15.13 56.37
C ASP P 271 -10.45 -14.99 55.45
N LYS P 272 -10.56 -15.44 54.20
CA LYS P 272 -9.43 -15.45 53.29
C LYS P 272 -9.57 -14.50 52.11
N GLY P 273 -10.74 -13.91 51.91
CA GLY P 273 -10.97 -13.13 50.71
C GLY P 273 -10.12 -11.89 50.65
N ARG P 274 -9.77 -11.50 49.42
CA ARG P 274 -8.98 -10.30 49.16
C ARG P 274 -9.69 -9.45 48.11
N PRO P 275 -9.66 -8.14 48.25
CA PRO P 275 -10.42 -7.29 47.34
C PRO P 275 -9.79 -7.24 45.95
N TRP P 276 -10.64 -7.01 44.95
CA TRP P 276 -10.16 -6.83 43.59
C TRP P 276 -9.69 -5.39 43.41
N PRO P 277 -8.53 -5.18 42.78
CA PRO P 277 -7.99 -3.81 42.65
C PRO P 277 -8.93 -2.84 41.96
N GLU P 278 -9.74 -3.29 41.01
CA GLU P 278 -10.69 -2.40 40.34
C GLU P 278 -11.87 -2.02 41.22
N ALA P 279 -12.00 -2.63 42.40
CA ALA P 279 -13.16 -2.36 43.24
C ALA P 279 -13.07 -0.98 43.88
N HIS P 280 -14.24 -0.45 44.25
CA HIS P 280 -14.30 0.87 44.88
C HIS P 280 -13.78 0.83 46.30
N SER P 281 -13.90 -0.31 46.98
CA SER P 281 -13.51 -0.43 48.38
C SER P 281 -12.38 -1.44 48.52
N THR P 282 -11.51 -1.19 49.49
CA THR P 282 -10.45 -2.15 49.83
C THR P 282 -10.94 -3.25 50.77
N ASP P 283 -12.23 -3.27 51.11
CA ASP P 283 -12.82 -4.30 51.94
C ASP P 283 -13.53 -5.29 51.03
N VAL P 284 -13.08 -6.55 51.05
CA VAL P 284 -13.66 -7.56 50.17
C VAL P 284 -15.14 -7.78 50.47
N THR P 285 -15.55 -7.58 51.73
CA THR P 285 -16.94 -7.79 52.11
C THR P 285 -17.87 -6.70 51.55
N GLU P 286 -17.32 -5.62 51.01
CA GLU P 286 -18.12 -4.53 50.46
C GLU P 286 -18.24 -4.59 48.93
N ASP P 287 -17.67 -5.61 48.30
CA ASP P 287 -17.76 -5.73 46.85
C ASP P 287 -19.22 -5.87 46.44
N PRO P 288 -19.72 -5.02 45.54
CA PRO P 288 -21.15 -5.06 45.22
C PRO P 288 -21.57 -6.33 44.50
N TYR P 289 -20.68 -6.95 43.72
CA TYR P 289 -21.05 -8.16 42.99
C TYR P 289 -21.05 -9.39 43.88
N HIS P 290 -20.15 -9.45 44.86
CA HIS P 290 -20.23 -10.52 45.86
C HIS P 290 -21.56 -10.47 46.60
N GLN P 291 -21.92 -9.28 47.10
CA GLN P 291 -23.16 -9.12 47.85
C GLN P 291 -24.37 -9.49 47.01
N GLN P 292 -24.42 -9.04 45.75
CA GLN P 292 -25.57 -9.32 44.90
C GLN P 292 -25.70 -10.82 44.63
N LEU P 293 -24.57 -11.47 44.29
CA LEU P 293 -24.62 -12.90 43.98
C LEU P 293 -25.05 -13.70 45.20
N LEU P 294 -24.42 -13.47 46.35
CA LEU P 294 -24.75 -14.22 47.55
C LEU P 294 -26.18 -13.96 48.00
N GLY P 295 -26.64 -12.71 47.85
CA GLY P 295 -28.02 -12.40 48.20
C GLY P 295 -29.03 -13.11 47.32
N ARG P 296 -28.76 -13.17 46.01
CA ARG P 296 -29.67 -13.88 45.11
C ARG P 296 -29.72 -15.37 45.45
N LEU P 297 -28.55 -15.97 45.71
CA LEU P 297 -28.51 -17.38 46.06
C LEU P 297 -29.22 -17.66 47.38
N SER P 298 -28.99 -16.80 48.38
CA SER P 298 -29.68 -16.96 49.66
C SER P 298 -31.19 -16.93 49.50
N ALA P 299 -31.70 -15.99 48.69
CA ALA P 299 -33.13 -15.89 48.47
C ALA P 299 -33.67 -17.13 47.78
N GLY P 300 -32.90 -17.69 46.83
CA GLY P 300 -33.35 -18.89 46.15
C GLY P 300 -33.44 -20.09 47.08
N ILE P 301 -32.48 -20.23 47.99
CA ILE P 301 -32.53 -21.30 48.97
C ILE P 301 -33.74 -21.15 49.88
N ALA P 302 -33.99 -19.92 50.35
CA ALA P 302 -35.10 -19.69 51.26
C ALA P 302 -36.44 -20.06 50.62
N ALA P 303 -36.58 -19.77 49.32
CA ALA P 303 -37.81 -20.17 48.63
C ALA P 303 -37.90 -21.68 48.50
N GLY P 304 -36.78 -22.35 48.22
CA GLY P 304 -36.81 -23.80 48.11
C GLY P 304 -37.13 -24.47 49.43
N VAL P 305 -36.57 -23.97 50.53
CA VAL P 305 -36.85 -24.55 51.84
C VAL P 305 -38.32 -24.37 52.21
N ALA P 306 -38.89 -23.19 51.92
CA ALA P 306 -40.29 -22.96 52.23
C ALA P 306 -41.21 -23.93 51.50
N LEU P 307 -40.93 -24.18 50.21
CA LEU P 307 -41.74 -25.11 49.45
C LEU P 307 -41.50 -26.56 49.89
N ALA P 308 -40.26 -26.90 50.26
CA ALA P 308 -39.96 -28.26 50.68
C ALA P 308 -40.71 -28.64 51.95
N ASP P 309 -40.64 -27.78 52.97
CA ASP P 309 -41.32 -28.10 54.23
C ASP P 309 -42.84 -28.12 54.06
N SER P 310 -43.36 -27.30 53.16
CA SER P 310 -44.79 -27.34 52.87
C SER P 310 -45.17 -28.65 52.20
N ALA P 311 -44.38 -29.08 51.21
CA ALA P 311 -44.68 -30.32 50.51
C ALA P 311 -44.51 -31.55 51.40
N THR P 312 -43.57 -31.49 52.34
CA THR P 312 -43.38 -32.59 53.26
C THR P 312 -44.57 -32.72 54.22
N LYS P 313 -45.11 -31.59 54.68
CA LYS P 313 -46.29 -31.62 55.53
C LYS P 313 -47.48 -32.22 54.79
N GLU P 314 -47.61 -31.91 53.50
CA GLU P 314 -48.70 -32.48 52.71
C GLU P 314 -48.51 -33.98 52.50
N PHE P 315 -47.26 -34.44 52.40
CA PHE P 315 -47.01 -35.88 52.30
C PHE P 315 -47.46 -36.60 53.57
N GLU P 316 -47.11 -36.04 54.74
CA GLU P 316 -47.50 -36.65 56.00
C GLU P 316 -49.01 -36.79 56.13
N GLN P 317 -49.75 -35.78 55.66
CA GLN P 317 -51.21 -35.85 55.71
C GLN P 317 -51.73 -36.95 54.80
N ALA P 318 -51.13 -37.11 53.61
CA ALA P 318 -51.54 -38.17 52.71
C ALA P 318 -51.19 -39.54 53.27
N LEU P 319 -50.02 -39.65 53.92
CA LEU P 319 -49.62 -40.93 54.52
C LEU P 319 -50.53 -41.31 55.68
N ALA P 320 -51.09 -40.31 56.38
CA ALA P 320 -51.98 -40.56 57.51
C ALA P 320 -53.44 -40.61 57.11
N PHE P 321 -53.74 -40.66 55.81
CA PHE P 321 -55.13 -40.77 55.38
C PHE P 321 -55.77 -42.07 55.85
N GLY P 322 -54.98 -43.13 56.02
CA GLY P 322 -55.53 -44.45 56.26
C GLY P 322 -55.94 -45.08 54.95
N GLU P 323 -57.07 -44.62 54.40
CA GLU P 323 -57.41 -44.96 53.02
C GLU P 323 -56.35 -44.42 52.09
N ALA P 324 -56.15 -45.10 50.97
CA ALA P 324 -55.21 -44.59 49.98
C ALA P 324 -55.75 -43.29 49.40
N PRO P 325 -54.87 -42.35 49.04
CA PRO P 325 -55.35 -41.11 48.41
C PRO P 325 -55.99 -41.40 47.07
N THR P 326 -56.94 -40.57 46.68
CA THR P 326 -57.59 -40.72 45.39
C THR P 326 -56.62 -40.36 44.27
N GLU P 327 -57.07 -40.58 43.03
CA GLU P 327 -56.25 -40.24 41.88
C GLU P 327 -55.90 -38.76 41.85
N ALA P 328 -56.86 -37.91 42.22
CA ALA P 328 -56.62 -36.47 42.22
C ALA P 328 -55.79 -36.04 43.43
N GLN P 329 -56.02 -36.66 44.59
CA GLN P 329 -55.23 -36.33 45.77
C GLN P 329 -53.77 -36.75 45.58
N TRP P 330 -53.55 -37.97 45.09
CA TRP P 330 -52.19 -38.44 44.85
C TRP P 330 -51.50 -37.59 43.78
N GLY P 331 -52.23 -37.23 42.73
CA GLY P 331 -51.64 -36.42 41.68
C GLY P 331 -51.31 -35.01 42.14
N ALA P 332 -52.19 -34.41 42.94
CA ALA P 332 -51.91 -33.08 43.48
C ALA P 332 -50.67 -33.09 44.36
N LEU P 333 -50.51 -34.13 45.18
CA LEU P 333 -49.30 -34.25 45.98
C LEU P 333 -48.08 -34.46 45.09
N ALA P 334 -48.21 -35.32 44.07
CA ALA P 334 -47.10 -35.57 43.15
C ALA P 334 -46.67 -34.29 42.44
N ILE P 335 -47.64 -33.45 42.06
CA ILE P 335 -47.33 -32.16 41.44
C ILE P 335 -46.51 -31.30 42.41
N ARG P 336 -46.94 -31.27 43.68
CA ARG P 336 -46.26 -30.45 44.67
C ARG P 336 -44.84 -30.97 44.91
N VAL P 337 -44.66 -32.28 44.90
CA VAL P 337 -43.34 -32.85 45.06
C VAL P 337 -42.46 -32.55 43.84
N ASP P 338 -43.05 -32.60 42.65
CA ASP P 338 -42.31 -32.25 41.43
C ASP P 338 -41.83 -30.80 41.49
N GLN P 339 -42.71 -29.89 41.91
CA GLN P 339 -42.33 -28.49 42.03
C GLN P 339 -41.17 -28.31 42.98
N ALA P 340 -41.23 -28.97 44.14
CA ALA P 340 -40.12 -28.89 45.09
C ALA P 340 -38.86 -29.51 44.50
N LYS P 341 -39.00 -30.59 43.75
CA LYS P 341 -37.85 -31.22 43.11
C LYS P 341 -37.21 -30.29 42.08
N SER P 342 -38.03 -29.62 41.27
CA SER P 342 -37.51 -28.73 40.24
C SER P 342 -36.75 -27.55 40.88
N VAL P 343 -37.37 -26.93 41.89
CA VAL P 343 -36.77 -25.76 42.53
C VAL P 343 -35.49 -26.15 43.27
N ALA P 344 -35.53 -27.26 44.02
CA ALA P 344 -34.36 -27.66 44.81
C ALA P 344 -33.19 -28.07 43.91
N THR P 345 -33.48 -28.70 42.77
CA THR P 345 -32.41 -29.05 41.84
C THR P 345 -31.75 -27.80 41.27
N GLU P 346 -32.56 -26.81 40.87
CA GLU P 346 -32.01 -25.64 40.21
C GLU P 346 -31.19 -24.78 41.16
N ILE P 347 -31.67 -24.56 42.38
CA ILE P 347 -30.94 -23.68 43.30
C ILE P 347 -29.67 -24.36 43.80
N SER P 348 -29.72 -25.68 44.03
CA SER P 348 -28.54 -26.37 44.53
C SER P 348 -27.42 -26.40 43.49
N LEU P 349 -27.77 -26.63 42.22
CA LEU P 349 -26.78 -26.53 41.16
C LEU P 349 -26.28 -25.10 41.00
N ASP P 350 -27.19 -24.13 41.10
CA ASP P 350 -26.82 -22.73 40.93
C ASP P 350 -25.85 -22.28 42.02
N VAL P 351 -26.15 -22.61 43.28
CA VAL P 351 -25.31 -22.17 44.39
C VAL P 351 -23.92 -22.80 44.30
N THR P 352 -23.86 -24.14 44.21
CA THR P 352 -22.57 -24.84 44.25
C THR P 352 -21.68 -24.52 43.07
N HIS P 353 -22.26 -24.13 41.93
CA HIS P 353 -21.50 -23.80 40.74
C HIS P 353 -20.99 -22.37 40.76
N ASN P 354 -21.85 -21.42 41.10
CA ASN P 354 -21.53 -20.01 40.98
C ASN P 354 -20.83 -19.44 42.22
N ILE P 355 -20.72 -20.21 43.30
CA ILE P 355 -20.06 -19.71 44.50
C ILE P 355 -18.62 -19.32 44.22
N TYR P 356 -17.96 -20.01 43.28
CA TYR P 356 -16.57 -19.74 42.98
C TYR P 356 -16.37 -18.35 42.38
N GLN P 357 -17.38 -17.81 41.71
CA GLN P 357 -17.24 -16.46 41.15
C GLN P 357 -16.98 -15.43 42.23
N ALA P 358 -17.47 -15.67 43.45
CA ALA P 358 -17.24 -14.76 44.55
C ALA P 358 -16.06 -15.15 45.43
N THR P 359 -15.65 -16.43 45.42
CA THR P 359 -14.60 -16.86 46.33
C THR P 359 -13.21 -16.57 45.78
N GLY P 360 -13.00 -16.69 44.47
CA GLY P 360 -11.79 -16.21 43.84
C GLY P 360 -10.86 -17.34 43.41
N ALA P 361 -9.67 -16.93 42.94
CA ALA P 361 -8.73 -17.87 42.33
C ALA P 361 -8.09 -18.77 43.37
N ARG P 362 -7.61 -18.19 44.47
CA ARG P 362 -6.95 -19.01 45.50
C ARG P 362 -7.89 -20.03 46.12
N SER P 363 -9.20 -19.79 46.08
CA SER P 363 -10.16 -20.72 46.66
C SER P 363 -10.25 -22.03 45.89
N THR P 364 -9.70 -22.10 44.67
CA THR P 364 -9.76 -23.32 43.87
C THR P 364 -8.72 -24.35 44.29
N ALA P 365 -7.87 -24.05 45.26
CA ALA P 365 -6.92 -25.04 45.75
C ALA P 365 -7.66 -26.15 46.47
N ASN P 366 -7.18 -27.39 46.30
CA ASN P 366 -7.82 -28.52 46.94
C ASN P 366 -7.72 -28.49 48.46
N SER P 367 -6.78 -27.73 49.01
CA SER P 367 -6.74 -27.54 50.46
C SER P 367 -7.96 -26.76 50.95
N VAL P 368 -8.59 -25.99 50.07
CA VAL P 368 -9.83 -25.31 50.41
C VAL P 368 -11.03 -26.25 50.20
N GLY P 369 -11.09 -26.88 49.03
CA GLY P 369 -12.08 -27.92 48.79
C GLY P 369 -13.51 -27.45 48.68
N LEU P 370 -13.74 -26.24 48.18
CA LEU P 370 -15.09 -25.73 47.99
C LEU P 370 -15.88 -26.52 46.95
N ASP P 371 -15.21 -27.36 46.15
CA ASP P 371 -15.89 -28.07 45.07
C ASP P 371 -16.66 -29.29 45.53
N ILE P 372 -16.47 -29.73 46.79
CA ILE P 372 -17.17 -30.93 47.26
C ILE P 372 -18.68 -30.74 47.22
N TYR P 373 -19.15 -29.51 47.45
CA TYR P 373 -20.59 -29.26 47.39
C TYR P 373 -21.11 -29.44 45.97
N TRP P 374 -20.38 -28.92 44.98
CA TRP P 374 -20.77 -29.12 43.59
C TRP P 374 -20.73 -30.60 43.22
N ARG P 375 -19.62 -31.27 43.52
CA ARG P 375 -19.53 -32.70 43.22
C ARG P 375 -20.70 -33.47 43.83
N ASN P 376 -21.07 -33.11 45.06
CA ASN P 376 -22.16 -33.81 45.73
C ASN P 376 -23.50 -33.52 45.06
N ALA P 377 -23.80 -32.25 44.83
CA ALA P 377 -25.08 -31.87 44.24
C ALA P 377 -25.14 -32.23 42.76
N ARG P 378 -24.06 -32.04 42.02
CA ARG P 378 -24.06 -32.39 40.61
C ARG P 378 -24.23 -33.89 40.42
N THR P 379 -23.70 -34.70 41.35
CA THR P 379 -23.84 -36.14 41.25
C THR P 379 -25.29 -36.57 41.45
N HIS P 380 -25.90 -36.18 42.56
CA HIS P 380 -27.19 -36.78 42.88
C HIS P 380 -28.33 -36.17 42.08
N THR P 381 -28.19 -34.94 41.60
CA THR P 381 -29.23 -34.35 40.77
C THR P 381 -29.45 -35.10 39.46
N THR P 382 -28.52 -35.98 39.08
CA THR P 382 -28.68 -36.84 37.91
C THR P 382 -29.42 -38.13 38.22
N HIS P 383 -29.94 -38.30 39.44
CA HIS P 383 -30.63 -39.53 39.81
C HIS P 383 -31.78 -39.82 38.85
N ASP P 384 -32.64 -38.84 38.61
CA ASP P 384 -33.64 -38.88 37.57
C ASP P 384 -33.65 -37.53 36.87
N PRO P 385 -33.89 -37.51 35.55
CA PRO P 385 -33.70 -36.27 34.80
C PRO P 385 -34.68 -35.18 35.20
N LEU P 386 -34.14 -33.98 35.42
CA LEU P 386 -34.95 -32.83 35.80
C LEU P 386 -36.06 -32.47 34.82
N PRO P 387 -35.82 -32.38 33.50
CA PRO P 387 -36.90 -31.94 32.61
C PRO P 387 -38.13 -32.83 32.60
N TYR P 388 -38.00 -34.11 32.95
CA TYR P 388 -39.17 -34.98 33.00
C TYR P 388 -40.04 -34.72 34.22
N ARG P 389 -39.46 -34.25 35.33
CA ARG P 389 -40.28 -33.85 36.47
C ARG P 389 -41.00 -32.53 36.19
N GLN P 390 -40.33 -31.60 35.53
CA GLN P 390 -40.99 -30.38 35.07
C GLN P 390 -42.06 -30.70 34.04
N ARG P 391 -41.77 -31.64 33.14
CA ARG P 391 -42.75 -32.03 32.12
C ARG P 391 -44.04 -32.52 32.75
N GLU P 392 -43.94 -33.28 33.84
CA GLU P 392 -45.13 -33.83 34.48
C GLU P 392 -46.06 -32.73 34.99
N ILE P 393 -45.48 -31.64 35.51
CA ILE P 393 -46.28 -30.51 35.95
C ILE P 393 -46.98 -29.86 34.77
N GLY P 394 -46.22 -29.52 33.72
CA GLY P 394 -46.81 -28.88 32.56
C GLY P 394 -47.79 -29.78 31.81
N ARG P 395 -47.61 -31.09 31.91
CA ARG P 395 -48.56 -32.00 31.27
C ARG P 395 -49.90 -31.97 31.99
N HIS P 396 -49.88 -31.88 33.32
CA HIS P 396 -51.13 -31.78 34.06
C HIS P 396 -51.88 -30.48 33.74
N LEU P 397 -51.14 -29.37 33.61
CA LEU P 397 -51.78 -28.11 33.27
C LEU P 397 -52.45 -28.16 31.90
N LEU P 398 -51.81 -28.82 30.94
CA LEU P 398 -52.28 -28.81 29.56
C LEU P 398 -53.30 -29.88 29.24
N THR P 399 -53.28 -31.01 29.96
CA THR P 399 -54.13 -32.14 29.62
C THR P 399 -55.09 -32.56 30.73
N ASP P 400 -55.00 -31.94 31.92
CA ASP P 400 -55.78 -32.28 33.10
C ASP P 400 -55.46 -33.65 33.68
N GLN P 401 -54.57 -34.41 33.06
CA GLN P 401 -54.23 -35.74 33.56
C GLN P 401 -53.27 -35.62 34.74
N TRP P 402 -53.61 -36.29 35.83
CA TRP P 402 -52.78 -36.26 37.03
C TRP P 402 -51.57 -37.17 36.85
N PRO P 403 -50.46 -36.87 37.53
CA PRO P 403 -49.37 -37.85 37.61
C PRO P 403 -49.88 -39.15 38.23
N SER P 404 -49.26 -40.25 37.82
CA SER P 404 -49.73 -41.57 38.23
C SER P 404 -48.56 -42.38 38.76
N PRO P 405 -48.83 -43.30 39.70
CA PRO P 405 -47.80 -44.26 40.11
C PRO P 405 -47.35 -45.11 38.93
N ARG P 406 -46.09 -44.95 38.51
CA ARG P 406 -45.59 -45.63 37.33
C ARG P 406 -45.58 -47.14 37.50
P PO4 Q . 31.37 62.96 -16.71
O1 PO4 Q . 32.76 63.53 -16.84
O2 PO4 Q . 30.62 63.72 -15.64
O3 PO4 Q . 30.65 63.11 -18.04
O4 PO4 Q . 31.45 61.51 -16.34
P PO4 R . 24.39 33.64 -38.72
O1 PO4 R . 25.62 34.17 -38.04
O2 PO4 R . 23.25 34.60 -38.52
O3 PO4 R . 24.67 33.49 -40.20
O4 PO4 R . 24.03 32.31 -38.13
P PO4 S . 62.06 47.67 -8.76
O1 PO4 S . 61.49 48.57 -7.69
O2 PO4 S . 62.37 46.31 -8.16
O3 PO4 S . 63.32 48.26 -9.31
O4 PO4 S . 61.04 47.49 -9.87
C1 GOL T . 79.03 46.94 -34.11
O1 GOL T . 79.69 45.78 -33.72
C2 GOL T . 80.13 47.97 -34.50
O2 GOL T . 80.88 47.55 -35.59
C3 GOL T . 79.36 49.28 -34.80
O3 GOL T . 80.30 50.22 -35.20
P PO4 U . 46.55 15.24 -18.17
O1 PO4 U . 46.04 16.60 -17.78
O2 PO4 U . 46.01 14.21 -17.20
O3 PO4 U . 48.05 15.25 -18.12
O4 PO4 U . 46.08 14.90 -19.56
P PO4 V . -1.96 -71.74 6.83
O1 PO4 V . -1.32 -70.50 6.25
O2 PO4 V . -1.56 -71.86 8.29
O3 PO4 V . -3.45 -71.66 6.72
O4 PO4 V . -1.47 -72.96 6.09
P PO4 W . 21.09 -47.20 23.33
O1 PO4 W . 21.30 -45.73 23.05
O2 PO4 W . 22.00 -47.65 24.44
O3 PO4 W . 21.37 -47.99 22.07
O4 PO4 W . 19.65 -47.42 23.76
P PO4 X . -34.59 -62.33 14.20
O1 PO4 X . -34.36 -61.15 13.28
O2 PO4 X . -35.58 -61.95 15.28
O3 PO4 X . -33.28 -62.74 14.84
O4 PO4 X . -35.15 -63.49 13.40
P PO4 Y . 21.04 -73.10 -20.10
O1 PO4 Y . 20.99 -71.77 -20.80
O2 PO4 Y . 19.88 -73.22 -19.14
O3 PO4 Y . 22.34 -73.21 -19.34
O4 PO4 Y . 20.98 -74.22 -21.11
P PO4 Z . 33.05 -39.31 -9.33
O1 PO4 Z . 33.81 -38.92 -8.10
O2 PO4 Z . 31.78 -40.04 -8.94
O3 PO4 Z . 32.68 -38.07 -10.11
O4 PO4 Z . 33.89 -40.21 -10.20
P PO4 AA . -15.77 56.58 -19.33
O1 PO4 AA . -15.23 56.90 -17.97
O2 PO4 AA . -16.01 57.87 -20.10
O3 PO4 AA . -14.78 55.73 -20.09
O4 PO4 AA . -17.08 55.83 -19.20
C1 GOL BA . -12.05 23.58 22.37
O1 GOL BA . -13.25 23.50 23.10
C2 GOL BA . -10.89 23.75 23.40
O2 GOL BA . -10.36 22.53 23.80
C3 GOL BA . -9.86 24.65 22.68
O3 GOL BA . -8.86 24.95 23.61
P PO4 CA . -48.19 19.74 -9.42
O1 PO4 CA . -47.38 20.96 -9.81
O2 PO4 CA . -47.96 19.40 -7.97
O3 PO4 CA . -49.66 20.02 -9.64
O4 PO4 CA . -47.76 18.56 -10.26
C1 GOL DA . -69.68 39.35 -16.67
O1 GOL DA . -70.13 39.34 -15.35
C2 GOL DA . -70.92 39.06 -17.56
O2 GOL DA . -71.91 40.03 -17.42
C3 GOL DA . -70.37 38.98 -19.00
O3 GOL DA . -71.42 38.55 -19.82
P PO4 EA . -30.40 45.75 10.75
O1 PO4 EA . -30.21 47.18 10.32
O2 PO4 EA . -29.71 45.51 12.06
O3 PO4 EA . -29.83 44.82 9.70
O4 PO4 EA . -31.88 45.47 10.90
C1 GOL FA . -37.87 70.19 -35.92
O1 GOL FA . -39.01 70.96 -35.68
C2 GOL FA . -38.29 69.08 -36.93
O2 GOL FA . -38.72 69.62 -38.14
C3 GOL FA . -37.03 68.19 -37.09
O3 GOL FA . -37.33 67.24 -38.06
P PO4 GA . -22.16 22.47 -33.22
O1 PO4 GA . -21.77 23.72 -33.97
O2 PO4 GA . -22.15 22.75 -31.73
O3 PO4 GA . -21.17 21.38 -33.52
O4 PO4 GA . -23.55 22.05 -33.63
C1 GOL HA . -56.50 -1.01 61.31
O1 GOL HA . -56.82 -0.93 62.66
C2 GOL HA . -57.66 -1.72 60.60
O2 GOL HA . -58.89 -1.17 60.92
C3 GOL HA . -57.33 -1.61 59.10
O3 GOL HA . -58.54 -1.76 58.42
P PO4 IA . -48.64 -20.76 15.66
O1 PO4 IA . -47.21 -20.43 16.04
O2 PO4 IA . -49.58 -19.72 16.22
O3 PO4 IA . -48.77 -20.79 14.15
O4 PO4 IA . -49.01 -22.11 16.23
P PO4 JA . -28.60 -43.29 33.94
O1 PO4 JA . -28.96 -41.84 34.18
O2 PO4 JA . -29.17 -44.15 35.05
O3 PO4 JA . -27.10 -43.44 33.92
O4 PO4 JA . -29.18 -43.73 32.62
P PO4 KA . -36.70 5.95 38.75
O1 PO4 KA . -35.37 6.61 38.98
O2 PO4 KA . -37.68 6.41 39.80
O3 PO4 KA . -37.22 6.32 37.38
O4 PO4 KA . -36.54 4.45 38.82
C1 GOL LA . -42.78 -46.59 61.43
O1 GOL LA . -43.02 -47.97 61.41
C2 GOL LA . -41.52 -46.35 62.28
O2 GOL LA . -41.26 -47.41 63.14
C3 GOL LA . -40.38 -46.13 61.26
O3 GOL LA . -39.19 -46.07 61.99
P PO4 MA . -7.95 -14.05 44.54
O1 PO4 MA . -8.18 -12.94 45.55
O2 PO4 MA . -6.57 -13.90 43.96
O3 PO4 MA . -8.98 -13.95 43.45
O4 PO4 MA . -8.07 -15.38 45.23
#